data_6OJ6
#
_entry.id   6OJ6
#
_cell.length_a   1
_cell.length_b   1
_cell.length_c   1
_cell.angle_alpha   90.000
_cell.angle_beta   90.000
_cell.angle_gamma   90.000
#
_symmetry.space_group_name_H-M   'P 1'
#
loop_
_entity.id
_entity.type
_entity.pdbx_description
1 polymer 'Inner capsid protein VP2'
2 polymer 'RNA-directed RNA polymerase'
3 polymer Template
4 polymer Transcript
#
loop_
_entity_poly.entity_id
_entity_poly.type
_entity_poly.pdbx_seq_one_letter_code
_entity_poly.pdbx_strand_id
1 'polypeptide(L)'
;MAYRKRGARRETNLKQDDRMQEKEENKNVNTNSENKNATKPQLSEKVLSQKEEVITDNQEEIKIADEVKKSNKEESKQLL
EVLKTKEEHQKEVQYEILQKTIPTFEPKESILKKLEDIKPEQVKKQTKLFRIFEPRQLPVYRANGEKELRNRWYWKLKRD
TLPDGDYDVREYFLNLYDQVLTEMPDYLLLKDMAVENKNSRDAGKVVDSETAAICDAIFQDEETEGVVRRFIAEMRQRVQ
ADRNVVNYPSILHPIDHAFNEYFLQHQLVEPLNNDIIFNYIPERIRNDVNYILNMDRNLPSTARYIRPNLLQDRLNLHDN
FESLWDTITTSNYILARSVVPDLKELVSTEAQIQKMSQDLQLEALTIQSETQFLTGINSQAANDCFKTLIAAMLSQRTMS
LDFVTTNYMSLISGMWLLTVVPNDMFIRESLVACQLAIINTIIYPAFGMQRMHYRNGDPQTPFQIAEQQIQNFQVANWLH
FVNNNQFRQVVIDGVLNQVLNDNIRNGHVVNQLMEALMQLSRQQFPTMPVDYKRSIQRGILLLSNRLGQLVDLTRLLAYN
YETLMACITMNMQHVQTLTTEKLQLTSVTSLCMLIGNATVIPSPQTLFHYYNVNVNFHSNYNERINDAVAIITAANRLNL
YQKKMKSIVEDFLKRLQIFDISRVPDDQMYRLRDRLRLLPVEIRRLDIFNLILMNMEQIERASDKIAQGVIIAYRDMQLE
RDEMYGYVNIARNLDGFQQINLEELMRTGDYAQITNMLLNNQPVALVGALPFITDSSVISLVAKLDATVFAQIVKLRKVD
TLKPILYKINSDSNDFYLVANYDWVPTSTTKVYKQIPQQFDFRASMHMLTSNLTFTVYSDLLAFVSADTVEPINAVAFDN
MRIMNEL
;
A,B,C,D,E,F,G,H,I,J
2 'polypeptide(L)'
;MGKYNLILSEYLSFIYNSQSAVQIPIYYSSNSELENRCIEFHSKCLENSKNGLSLKKLFVEYSDVIENATLLSILSYSYD
KYNAVERKLVKYAKGKPLEADLTVNELDYENNKITSELFPTAEEYTDLLMDPAILTSLSSNLNAVMFWLEKHENDVAEKL
KIYKRRLDLFTIVASTVNKYGVPRHNAKYRYEYEVMKDKPYYLVTWANSSIEMLMSVFSHEDYLIARELIVLSYSNRSTL
AKLVSSPMSILVALVDINGTFITNEELELEFSNKYVRAIVPDQTFDELKQMLDNMRKAGLTDIPKMIQDWLVDCSIEKFP
LMAKIYSWSFHVGFRKQKMLDAALDQLKTEYTEDVDDEMYREYTMLIRDEVVKMLEEPVKHDDHLLQDSELAGLLSMSSA
SNGESRQLKFGRKTIFSTKKNMHVMDDMANGRYTPGIIPPVNVDKPIPLGRRDVPGRRTRIIFILPYEYFIAQHAVVEKM
LIYAKHTREYAEFYSQSNQLLSYGDVTRFLSNNSMVLYTDVSQWDSSQHNTQPFRKGIIMGLDMLANMTNDARVIQTLNL
YKQTQINLMDSYVQIPDGNVIKKIQYGAVASGEKQTKAANSIANLALIKTVLSRISNKYSFATKIIRVDGDDNYAVLQFN
TEVTKQMVQDVSNDVRETYARMNTKVKALVSTVGIEIAKRYIAGGKIFFRAGINLLNNEKKGQSTQWDQAAVLYSNYIVN
RLRGFETDREFILTKIMQMTSVAITGSLRLFPSERVLTTNSTFKVFDSEDFIIEYGTTDDEVYIQRAFMSLSSQKSGIAD
EIAASSTFKNYVSRLSEQLLFSKNNIVSRGIALTEKAKLNSYAPISLEKRRAQISALLTMLQKPVTFKSSKITINDILRD
IKPFFTVNEAHLPIQYQKFMPTLPDNVQYIIQCIGSRTYQIEDDGSKSAISRLISKYSVYKPSIEELYKVISLHENEIQL
YLISLGIPKIDADTYVGSKIYSQDKYRILESYVYNLLSINYGCYQLFDFNSPDLEKLIRIPFKGKIPAVTFILHLYAKLE
VINHAIKNGSWISLFCNYPKSEMIKLWKKMWNITSLRSPYTNANFFQD
;
P
3 'polyribonucleotide' UGUGGCAGAGAGCG T
4 'polyribonucleotide' CGCUCUCUGC U
#
loop_
_chem_comp.id
_chem_comp.type
_chem_comp.name
_chem_comp.formula
A RNA linking ADENOSINE-5'-MONOPHOSPHATE 'C10 H14 N5 O7 P'
C RNA linking CYTIDINE-5'-MONOPHOSPHATE 'C9 H14 N3 O8 P'
G RNA linking GUANOSINE-5'-MONOPHOSPHATE 'C10 H14 N5 O8 P'
U RNA linking URIDINE-5'-MONOPHOSPHATE 'C9 H13 N2 O9 P'
#
# COMPACT_ATOMS: atom_id res chain seq x y z
N PRO A 107 -27.76 -33.00 -21.40
CA PRO A 107 -28.06 -33.16 -22.83
C PRO A 107 -26.82 -33.42 -23.66
N LYS A 108 -25.71 -32.76 -23.30
CA LYS A 108 -24.49 -32.86 -24.08
C LYS A 108 -23.93 -34.28 -24.01
N GLU A 109 -23.73 -34.78 -22.80
CA GLU A 109 -23.16 -36.11 -22.58
C GLU A 109 -24.03 -37.22 -23.18
N SER A 110 -25.35 -36.98 -23.26
CA SER A 110 -26.29 -37.95 -23.81
C SER A 110 -25.98 -38.20 -25.28
N ILE A 111 -25.60 -37.15 -26.01
CA ILE A 111 -25.33 -37.27 -27.44
C ILE A 111 -24.17 -38.21 -27.68
N LEU A 112 -23.11 -38.09 -26.88
CA LEU A 112 -21.98 -38.98 -27.02
C LEU A 112 -22.32 -40.38 -26.57
N LYS A 113 -23.18 -40.51 -25.55
CA LYS A 113 -23.68 -41.83 -25.17
C LYS A 113 -24.44 -42.49 -26.32
N LYS A 114 -25.17 -41.71 -27.10
CA LYS A 114 -25.91 -42.29 -28.21
C LYS A 114 -24.97 -42.69 -29.32
N LEU A 115 -24.04 -41.79 -29.67
CA LEU A 115 -23.07 -42.06 -30.72
C LEU A 115 -22.24 -43.29 -30.44
N GLU A 116 -21.59 -43.33 -29.29
CA GLU A 116 -20.67 -44.43 -29.02
C GLU A 116 -21.40 -45.75 -28.73
N ASP A 117 -22.72 -45.74 -28.57
CA ASP A 117 -23.53 -46.93 -28.50
C ASP A 117 -24.10 -47.30 -29.86
N ILE A 118 -23.61 -46.69 -30.95
CA ILE A 118 -24.00 -47.12 -32.29
C ILE A 118 -23.18 -48.37 -32.57
N LYS A 119 -23.81 -49.51 -32.36
CA LYS A 119 -23.23 -50.76 -32.80
C LYS A 119 -23.31 -50.77 -34.33
N PRO A 120 -22.41 -51.50 -35.01
CA PRO A 120 -22.54 -51.59 -36.47
C PRO A 120 -23.79 -52.33 -36.90
N GLU A 121 -23.96 -52.44 -38.21
CA GLU A 121 -25.13 -53.09 -38.76
C GLU A 121 -24.95 -54.56 -38.49
N GLN A 122 -25.91 -55.13 -37.76
CA GLN A 122 -25.75 -56.47 -37.24
C GLN A 122 -25.76 -57.48 -38.37
N VAL A 123 -24.70 -58.28 -38.41
CA VAL A 123 -24.49 -59.21 -39.50
C VAL A 123 -25.54 -60.31 -39.41
N LYS A 124 -26.11 -60.62 -40.55
CA LYS A 124 -27.21 -61.56 -40.64
C LYS A 124 -26.73 -62.92 -41.08
N LYS A 125 -27.49 -63.94 -40.69
CA LYS A 125 -27.18 -65.31 -41.06
C LYS A 125 -28.45 -66.08 -40.80
N GLN A 126 -29.04 -66.61 -41.87
CA GLN A 126 -30.32 -67.29 -41.77
C GLN A 126 -30.09 -68.76 -41.45
N THR A 127 -31.08 -69.35 -40.79
CA THR A 127 -31.08 -70.75 -40.40
C THR A 127 -31.95 -71.60 -41.32
N LYS A 128 -32.86 -70.97 -42.08
CA LYS A 128 -33.75 -71.63 -43.02
C LYS A 128 -33.77 -70.81 -44.29
N LEU A 129 -34.59 -71.25 -45.24
CA LEU A 129 -34.70 -70.65 -46.56
C LEU A 129 -36.01 -69.90 -46.71
N PHE A 130 -35.96 -68.78 -47.40
CA PHE A 130 -37.17 -68.05 -47.73
C PHE A 130 -38.02 -68.89 -48.68
N ARG A 131 -39.28 -69.06 -48.28
CA ARG A 131 -40.27 -69.82 -49.03
C ARG A 131 -41.58 -69.08 -49.00
N ILE A 132 -42.29 -69.20 -50.13
CA ILE A 132 -43.64 -68.66 -50.30
C ILE A 132 -44.60 -69.81 -50.59
N PHE A 133 -44.11 -70.89 -51.20
CA PHE A 133 -44.90 -72.00 -51.68
C PHE A 133 -44.61 -73.26 -50.88
N GLU A 134 -45.51 -74.24 -51.02
CA GLU A 134 -45.33 -75.56 -50.42
C GLU A 134 -46.12 -76.55 -51.26
N PRO A 135 -45.69 -77.81 -51.35
CA PRO A 135 -46.55 -78.83 -51.96
C PRO A 135 -47.72 -79.15 -51.05
N ARG A 136 -48.78 -79.66 -51.67
CA ARG A 136 -49.97 -80.05 -50.91
C ARG A 136 -50.70 -81.11 -51.72
N GLN A 137 -51.12 -82.18 -51.04
CA GLN A 137 -51.92 -83.21 -51.67
C GLN A 137 -53.34 -82.72 -51.85
N LEU A 138 -53.83 -82.74 -53.08
CA LEU A 138 -55.24 -82.60 -53.40
C LEU A 138 -55.62 -83.89 -54.13
N PRO A 139 -56.90 -84.15 -54.39
CA PRO A 139 -57.27 -85.27 -55.25
C PRO A 139 -57.10 -84.91 -56.71
N VAL A 140 -57.49 -85.83 -57.58
CA VAL A 140 -57.54 -85.58 -59.02
C VAL A 140 -58.77 -86.28 -59.57
N TYR A 141 -59.57 -85.53 -60.31
CA TYR A 141 -60.87 -85.97 -60.81
C TYR A 141 -60.72 -86.15 -62.31
N ARG A 142 -60.79 -87.40 -62.76
CA ARG A 142 -60.63 -87.70 -64.17
C ARG A 142 -61.76 -87.08 -64.98
N ALA A 143 -61.45 -86.70 -66.22
CA ALA A 143 -62.42 -86.04 -67.08
C ALA A 143 -63.62 -86.95 -67.30
N ASN A 144 -64.78 -86.32 -67.40
CA ASN A 144 -66.16 -86.69 -67.09
C ASN A 144 -66.54 -86.45 -65.61
N GLY A 145 -65.59 -86.07 -64.75
CA GLY A 145 -65.86 -85.60 -63.40
C GLY A 145 -65.49 -86.53 -62.28
N GLU A 146 -65.59 -87.84 -62.48
CA GLU A 146 -65.44 -88.77 -61.37
C GLU A 146 -63.99 -88.83 -60.91
N LYS A 147 -63.79 -89.52 -59.78
CA LYS A 147 -62.63 -89.33 -58.93
C LYS A 147 -61.70 -90.54 -59.02
N GLU A 148 -60.42 -90.27 -59.20
CA GLU A 148 -59.39 -91.29 -59.14
C GLU A 148 -59.19 -91.78 -57.72
N LEU A 149 -58.78 -93.05 -57.58
CA LEU A 149 -58.28 -93.51 -56.29
C LEU A 149 -57.00 -92.80 -55.90
N ARG A 150 -56.22 -92.37 -56.89
CA ARG A 150 -54.95 -91.68 -56.71
C ARG A 150 -55.19 -90.20 -56.45
N ASN A 151 -54.22 -89.59 -55.78
CA ASN A 151 -54.19 -88.18 -55.44
C ASN A 151 -52.96 -87.56 -56.10
N ARG A 152 -52.67 -86.29 -55.79
CA ARG A 152 -51.61 -85.61 -56.51
C ARG A 152 -51.19 -84.37 -55.74
N TRP A 153 -49.92 -84.03 -55.88
CA TRP A 153 -49.32 -82.89 -55.24
C TRP A 153 -49.45 -81.66 -56.14
N TYR A 154 -49.61 -80.51 -55.51
CA TYR A 154 -49.70 -79.23 -56.23
C TYR A 154 -48.99 -78.17 -55.42
N TRP A 155 -48.48 -77.17 -56.12
CA TRP A 155 -47.95 -75.99 -55.46
C TRP A 155 -49.09 -75.13 -54.94
N LYS A 156 -49.02 -74.80 -53.66
CA LYS A 156 -49.95 -73.88 -53.01
C LYS A 156 -49.11 -72.91 -52.22
N LEU A 157 -49.75 -71.83 -51.76
CA LEU A 157 -49.09 -70.80 -50.99
C LEU A 157 -49.12 -71.11 -49.50
N LYS A 158 -47.96 -70.96 -48.87
CA LYS A 158 -47.87 -70.79 -47.44
C LYS A 158 -48.49 -69.47 -47.04
N ARG A 159 -49.33 -69.51 -45.99
CA ARG A 159 -49.88 -68.32 -45.35
C ARG A 159 -50.69 -67.49 -46.34
N ASP A 160 -51.81 -68.06 -46.78
CA ASP A 160 -52.77 -67.25 -47.51
C ASP A 160 -53.31 -66.16 -46.60
N THR A 161 -52.87 -64.93 -46.89
CA THR A 161 -53.21 -63.74 -46.11
C THR A 161 -53.49 -62.57 -47.05
N LEU A 162 -53.77 -62.83 -48.32
CA LEU A 162 -53.90 -61.77 -49.29
C LEU A 162 -55.18 -60.98 -49.02
N PRO A 163 -55.16 -59.65 -48.95
CA PRO A 163 -56.41 -58.93 -48.72
C PRO A 163 -57.25 -58.89 -49.99
N ASP A 164 -58.39 -58.21 -49.87
CA ASP A 164 -59.28 -57.94 -50.97
C ASP A 164 -59.02 -56.55 -51.54
N GLY A 165 -59.21 -56.41 -52.84
CA GLY A 165 -58.90 -55.17 -53.51
C GLY A 165 -57.47 -55.13 -54.00
N ASP A 166 -57.24 -54.39 -55.07
CA ASP A 166 -55.94 -54.41 -55.71
C ASP A 166 -54.94 -53.56 -54.94
N TYR A 167 -55.39 -52.41 -54.43
CA TYR A 167 -54.52 -51.54 -53.63
C TYR A 167 -53.99 -52.26 -52.39
N ASP A 168 -54.84 -52.99 -51.71
CA ASP A 168 -54.42 -53.72 -50.52
C ASP A 168 -53.46 -54.84 -50.88
N VAL A 169 -53.62 -55.42 -52.07
CA VAL A 169 -52.72 -56.48 -52.53
C VAL A 169 -51.35 -55.92 -52.86
N ARG A 170 -51.30 -54.74 -53.48
CA ARG A 170 -50.01 -54.13 -53.74
C ARG A 170 -49.32 -53.74 -52.43
N GLU A 171 -50.09 -53.32 -51.43
CA GLU A 171 -49.54 -53.17 -50.09
C GLU A 171 -49.00 -54.49 -49.55
N TYR A 172 -49.72 -55.59 -49.78
CA TYR A 172 -49.25 -56.90 -49.34
C TYR A 172 -47.90 -57.25 -49.97
N PHE A 173 -47.74 -56.96 -51.25
CA PHE A 173 -46.47 -57.31 -51.90
C PHE A 173 -45.38 -56.36 -51.44
N LEU A 174 -45.72 -55.14 -51.06
CA LEU A 174 -44.74 -54.28 -50.41
C LEU A 174 -44.34 -54.87 -49.06
N ASN A 175 -45.30 -55.41 -48.32
CA ASN A 175 -44.99 -56.06 -47.05
C ASN A 175 -44.12 -57.29 -47.28
N LEU A 176 -44.37 -58.01 -48.37
CA LEU A 176 -43.55 -59.15 -48.73
C LEU A 176 -42.13 -58.71 -49.05
N TYR A 177 -42.01 -57.56 -49.71
CA TYR A 177 -40.72 -56.98 -50.00
C TYR A 177 -40.02 -56.62 -48.70
N ASP A 178 -40.78 -56.09 -47.74
CA ASP A 178 -40.24 -55.77 -46.42
C ASP A 178 -39.74 -57.02 -45.71
N GLN A 179 -40.51 -58.11 -45.78
CA GLN A 179 -40.09 -59.38 -45.20
C GLN A 179 -38.79 -59.85 -45.82
N VAL A 180 -38.71 -59.82 -47.15
CA VAL A 180 -37.53 -60.32 -47.83
C VAL A 180 -36.32 -59.44 -47.54
N LEU A 181 -36.52 -58.12 -47.45
CA LEU A 181 -35.42 -57.24 -47.05
C LEU A 181 -34.97 -57.50 -45.62
N THR A 182 -35.91 -57.70 -44.72
CA THR A 182 -35.55 -57.93 -43.33
C THR A 182 -34.85 -59.26 -43.16
N GLU A 183 -35.25 -60.26 -43.95
CA GLU A 183 -34.57 -61.53 -44.03
C GLU A 183 -33.27 -61.49 -44.83
N MET A 184 -33.10 -60.49 -45.75
CA MET A 184 -32.02 -60.42 -46.76
C MET A 184 -30.65 -60.52 -46.07
N PRO A 185 -29.94 -61.65 -46.14
CA PRO A 185 -28.74 -61.80 -45.32
C PRO A 185 -27.48 -61.24 -45.96
N ASP A 186 -26.41 -61.26 -45.17
CA ASP A 186 -25.08 -60.82 -45.57
C ASP A 186 -24.15 -61.98 -45.85
N TYR A 187 -24.42 -63.15 -45.30
CA TYR A 187 -23.67 -64.37 -45.61
C TYR A 187 -24.48 -65.54 -45.09
N LEU A 188 -23.96 -66.74 -45.31
CA LEU A 188 -24.59 -67.95 -44.82
C LEU A 188 -23.66 -69.13 -45.05
N LEU A 189 -23.75 -70.12 -44.15
CA LEU A 189 -23.07 -71.40 -44.29
C LEU A 189 -24.12 -72.50 -44.26
N LEU A 190 -24.26 -73.20 -45.38
CA LEU A 190 -25.37 -74.14 -45.54
C LEU A 190 -25.24 -75.36 -44.64
N LYS A 191 -24.03 -75.71 -44.19
CA LYS A 191 -23.88 -76.87 -43.33
C LYS A 191 -24.56 -76.68 -41.99
N ASP A 192 -24.68 -75.44 -41.52
CA ASP A 192 -25.26 -75.19 -40.22
C ASP A 192 -26.77 -75.38 -40.22
N MET A 193 -27.41 -75.30 -41.40
CA MET A 193 -28.84 -75.60 -41.57
C MET A 193 -29.11 -76.95 -42.19
N ALA A 194 -28.10 -77.61 -42.78
CA ALA A 194 -28.28 -78.90 -43.43
C ALA A 194 -28.79 -79.94 -42.44
N VAL A 195 -29.46 -80.95 -42.98
CA VAL A 195 -30.02 -82.05 -42.19
C VAL A 195 -29.91 -83.32 -43.01
N GLU A 196 -30.12 -84.44 -42.34
CA GLU A 196 -30.05 -85.73 -42.99
C GLU A 196 -31.26 -85.96 -43.89
N ASN A 197 -31.09 -86.89 -44.81
CA ASN A 197 -32.16 -87.45 -45.62
C ASN A 197 -32.35 -88.90 -45.17
N LYS A 198 -33.55 -89.23 -44.71
CA LYS A 198 -33.77 -90.54 -44.11
C LYS A 198 -33.92 -91.67 -45.12
N ASN A 199 -33.79 -91.42 -46.43
CA ASN A 199 -34.02 -92.41 -47.48
C ASN A 199 -32.95 -92.34 -48.58
N SER A 200 -31.81 -91.69 -48.32
CA SER A 200 -30.76 -91.51 -49.31
C SER A 200 -29.87 -92.74 -49.31
N ARG A 201 -29.49 -93.17 -50.53
CA ARG A 201 -28.57 -94.30 -50.70
C ARG A 201 -27.29 -94.09 -49.91
N ASP A 202 -26.72 -92.89 -49.99
CA ASP A 202 -25.37 -92.64 -49.51
C ASP A 202 -25.34 -91.95 -48.15
N ALA A 203 -26.46 -91.96 -47.41
CA ALA A 203 -26.60 -91.20 -46.17
C ALA A 203 -26.22 -89.73 -46.34
N GLY A 204 -26.77 -89.11 -47.36
CA GLY A 204 -26.43 -87.74 -47.69
C GLY A 204 -27.21 -86.78 -46.80
N LYS A 205 -27.30 -85.53 -47.26
CA LYS A 205 -27.97 -84.49 -46.52
C LYS A 205 -28.71 -83.58 -47.49
N VAL A 206 -29.59 -82.75 -46.94
CA VAL A 206 -30.30 -81.72 -47.69
C VAL A 206 -30.40 -80.47 -46.82
N VAL A 207 -30.68 -79.35 -47.49
CA VAL A 207 -30.42 -78.05 -46.91
C VAL A 207 -31.39 -77.71 -45.78
N ASP A 208 -32.69 -77.94 -45.97
CA ASP A 208 -33.75 -77.48 -45.07
C ASP A 208 -34.48 -78.68 -44.47
N SER A 209 -35.06 -78.45 -43.29
CA SER A 209 -35.86 -79.49 -42.65
C SER A 209 -37.12 -79.79 -43.44
N GLU A 210 -37.76 -78.78 -44.03
CA GLU A 210 -39.01 -79.02 -44.75
C GLU A 210 -38.77 -79.78 -46.04
N THR A 211 -37.66 -79.48 -46.72
CA THR A 211 -37.24 -80.28 -47.88
C THR A 211 -37.09 -81.74 -47.50
N ALA A 212 -36.49 -82.00 -46.34
CA ALA A 212 -36.31 -83.36 -45.88
C ALA A 212 -37.64 -84.00 -45.53
N ALA A 213 -38.54 -83.22 -44.93
CA ALA A 213 -39.87 -83.71 -44.61
C ALA A 213 -40.63 -84.13 -45.85
N ILE A 214 -40.55 -83.31 -46.90
CA ILE A 214 -41.15 -83.65 -48.20
C ILE A 214 -40.56 -84.96 -48.70
N CYS A 215 -39.22 -85.06 -48.73
CA CYS A 215 -38.56 -86.23 -49.29
C CYS A 215 -38.90 -87.49 -48.50
N ASP A 216 -39.13 -87.35 -47.20
CA ASP A 216 -39.44 -88.47 -46.32
C ASP A 216 -40.93 -88.78 -46.28
N ALA A 217 -41.78 -87.85 -46.74
CA ALA A 217 -43.21 -88.08 -46.89
C ALA A 217 -43.58 -88.70 -48.23
N ILE A 218 -42.84 -88.36 -49.29
CA ILE A 218 -43.12 -88.93 -50.60
C ILE A 218 -42.63 -90.36 -50.69
N PHE A 219 -41.59 -90.73 -49.95
CA PHE A 219 -41.16 -92.12 -49.96
C PHE A 219 -42.20 -93.04 -49.34
N GLN A 220 -43.05 -92.53 -48.43
CA GLN A 220 -43.98 -93.38 -47.69
C GLN A 220 -45.30 -93.60 -48.39
N ASP A 221 -45.75 -92.63 -49.20
CA ASP A 221 -47.05 -92.73 -49.83
C ASP A 221 -47.12 -93.91 -50.80
N GLU A 222 -48.24 -94.62 -50.78
CA GLU A 222 -48.49 -95.66 -51.80
C GLU A 222 -48.46 -95.08 -53.20
N GLU A 223 -48.96 -93.86 -53.37
CA GLU A 223 -49.40 -93.32 -54.65
C GLU A 223 -48.33 -92.45 -55.29
N THR A 224 -47.08 -92.86 -55.16
CA THR A 224 -45.92 -92.18 -55.72
C THR A 224 -45.20 -93.14 -56.65
N GLU A 225 -44.74 -92.61 -57.78
CA GLU A 225 -43.94 -93.38 -58.72
C GLU A 225 -42.65 -93.90 -58.10
N GLY A 226 -42.07 -94.90 -58.74
CA GLY A 226 -40.75 -95.38 -58.35
C GLY A 226 -39.59 -94.49 -58.74
N VAL A 227 -39.76 -93.68 -59.80
CA VAL A 227 -38.68 -92.80 -60.27
C VAL A 227 -38.30 -91.78 -59.22
N VAL A 228 -39.29 -91.22 -58.53
CA VAL A 228 -39.01 -90.22 -57.51
C VAL A 228 -38.32 -90.87 -56.33
N ARG A 229 -38.67 -92.12 -56.02
CA ARG A 229 -38.00 -92.82 -54.93
C ARG A 229 -36.54 -93.09 -55.27
N ARG A 230 -36.25 -93.45 -56.53
CA ARG A 230 -34.85 -93.57 -56.96
C ARG A 230 -34.13 -92.25 -56.82
N PHE A 231 -34.75 -91.18 -57.34
CA PHE A 231 -34.22 -89.83 -57.27
C PHE A 231 -33.93 -89.42 -55.82
N ILE A 232 -34.77 -89.86 -54.88
CA ILE A 232 -34.55 -89.58 -53.47
C ILE A 232 -33.40 -90.42 -52.96
N ALA A 233 -33.26 -91.64 -53.48
CA ALA A 233 -32.13 -92.45 -53.06
C ALA A 233 -30.81 -91.88 -53.58
N GLU A 234 -30.83 -91.15 -54.70
CA GLU A 234 -29.62 -90.69 -55.35
C GLU A 234 -29.32 -89.21 -55.10
N MET A 235 -30.18 -88.49 -54.38
CA MET A 235 -29.93 -87.08 -54.07
C MET A 235 -29.18 -86.98 -52.75
N ARG A 236 -28.04 -86.31 -52.77
CA ARG A 236 -27.15 -86.27 -51.64
C ARG A 236 -26.37 -84.98 -51.74
N GLN A 237 -25.59 -84.71 -50.71
CA GLN A 237 -24.67 -83.58 -50.73
C GLN A 237 -23.40 -83.96 -51.47
N ARG A 238 -22.63 -82.94 -51.83
CA ARG A 238 -21.29 -83.12 -52.37
C ARG A 238 -20.45 -81.94 -51.95
N VAL A 239 -19.14 -82.21 -51.86
CA VAL A 239 -18.14 -81.24 -51.45
C VAL A 239 -16.96 -81.27 -52.39
N GLN A 240 -16.24 -80.16 -52.41
CA GLN A 240 -14.92 -80.10 -53.00
C GLN A 240 -14.13 -79.18 -52.09
N ALA A 241 -13.25 -79.79 -51.31
CA ALA A 241 -12.60 -79.17 -50.18
C ALA A 241 -11.35 -78.40 -50.55
N ASP A 242 -10.72 -78.75 -51.69
CA ASP A 242 -9.61 -77.96 -52.21
C ASP A 242 -10.02 -76.51 -52.45
N ARG A 243 -11.27 -76.29 -52.86
CA ARG A 243 -11.84 -74.98 -53.11
C ARG A 243 -12.73 -74.45 -51.98
N ASN A 244 -13.00 -75.27 -50.95
CA ASN A 244 -13.96 -74.98 -49.90
C ASN A 244 -15.31 -74.59 -50.48
N VAL A 245 -15.87 -75.52 -51.27
CA VAL A 245 -17.16 -75.31 -51.93
C VAL A 245 -18.00 -76.54 -51.67
N VAL A 246 -19.30 -76.34 -51.50
CA VAL A 246 -20.28 -77.38 -51.21
C VAL A 246 -21.47 -77.19 -52.14
N ASN A 247 -22.12 -78.31 -52.46
CA ASN A 247 -23.30 -78.35 -53.32
C ASN A 247 -24.27 -79.26 -52.59
N TYR A 248 -25.40 -78.68 -52.12
CA TYR A 248 -26.43 -79.39 -51.37
C TYR A 248 -27.70 -79.48 -52.22
N PRO A 249 -28.51 -80.53 -52.11
CA PRO A 249 -29.79 -80.52 -52.79
C PRO A 249 -30.82 -79.66 -52.09
N SER A 250 -31.88 -79.37 -52.83
CA SER A 250 -32.96 -78.54 -52.35
C SER A 250 -34.14 -78.75 -53.29
N ILE A 251 -35.33 -78.51 -52.76
CA ILE A 251 -36.58 -78.64 -53.49
C ILE A 251 -37.30 -77.33 -53.25
N LEU A 252 -37.52 -76.59 -54.33
CA LEU A 252 -37.79 -75.17 -54.22
C LEU A 252 -38.64 -74.76 -55.40
N HIS A 253 -39.67 -73.99 -55.11
CA HIS A 253 -40.42 -73.33 -56.16
C HIS A 253 -39.47 -72.40 -56.93
N PRO A 254 -39.71 -72.15 -58.24
CA PRO A 254 -38.77 -71.29 -59.00
C PRO A 254 -38.56 -69.90 -58.46
N ILE A 255 -39.61 -69.23 -57.98
CA ILE A 255 -39.45 -67.92 -57.35
C ILE A 255 -38.61 -68.04 -56.09
N ASP A 256 -38.84 -69.11 -55.31
CA ASP A 256 -38.07 -69.33 -54.10
C ASP A 256 -36.61 -69.57 -54.45
N HIS A 257 -36.38 -70.37 -55.49
CA HIS A 257 -35.04 -70.60 -55.99
C HIS A 257 -34.40 -69.30 -56.44
N ALA A 258 -35.18 -68.41 -57.05
CA ALA A 258 -34.66 -67.13 -57.50
C ALA A 258 -34.15 -66.29 -56.33
N PHE A 259 -34.99 -66.14 -55.30
CA PHE A 259 -34.60 -65.39 -54.10
C PHE A 259 -33.39 -66.01 -53.42
N ASN A 260 -33.44 -67.33 -53.17
CA ASN A 260 -32.35 -68.00 -52.48
C ASN A 260 -31.06 -67.95 -53.27
N GLU A 261 -31.14 -68.14 -54.59
CA GLU A 261 -29.96 -68.09 -55.44
C GLU A 261 -29.37 -66.69 -55.45
N TYR A 262 -30.22 -65.67 -55.40
CA TYR A 262 -29.68 -64.32 -55.32
C TYR A 262 -28.93 -64.14 -54.01
N PHE A 263 -29.50 -64.63 -52.90
CA PHE A 263 -28.82 -64.52 -51.61
C PHE A 263 -27.52 -65.31 -51.59
N LEU A 264 -27.43 -66.39 -52.36
CA LEU A 264 -26.16 -67.10 -52.46
C LEU A 264 -25.17 -66.25 -53.23
N GLN A 265 -25.50 -65.92 -54.48
CA GLN A 265 -24.53 -65.33 -55.38
C GLN A 265 -24.17 -63.88 -55.04
N HIS A 266 -24.98 -63.20 -54.22
CA HIS A 266 -24.83 -61.78 -53.95
C HIS A 266 -24.76 -61.51 -52.46
N GLN A 267 -23.99 -62.33 -51.76
CA GLN A 267 -23.80 -62.19 -50.32
C GLN A 267 -22.51 -61.43 -50.10
N LEU A 268 -22.58 -60.41 -49.25
CA LEU A 268 -21.52 -59.43 -49.15
C LEU A 268 -20.52 -59.93 -48.10
N VAL A 269 -19.37 -60.38 -48.60
CA VAL A 269 -18.19 -60.74 -47.83
C VAL A 269 -17.03 -60.47 -48.77
N GLU A 270 -15.81 -60.48 -48.22
CA GLU A 270 -14.59 -60.23 -48.95
C GLU A 270 -13.47 -61.05 -48.32
N PRO A 271 -12.55 -61.66 -49.10
CA PRO A 271 -11.47 -62.44 -48.47
C PRO A 271 -10.58 -61.60 -47.58
N LEU A 272 -10.44 -62.02 -46.33
CA LEU A 272 -9.61 -61.37 -45.34
C LEU A 272 -8.20 -61.93 -45.30
N ASN A 273 -7.23 -61.03 -45.15
CA ASN A 273 -5.82 -61.35 -45.08
C ASN A 273 -5.20 -60.37 -44.09
N ASN A 274 -3.87 -60.41 -43.97
CA ASN A 274 -3.15 -59.51 -43.08
C ASN A 274 -2.82 -58.16 -43.72
N ASP A 275 -2.89 -58.06 -45.05
CA ASP A 275 -2.62 -56.81 -45.75
C ASP A 275 -3.81 -55.87 -45.69
N ILE A 276 -5.01 -56.40 -45.85
CA ILE A 276 -6.24 -55.60 -45.81
C ILE A 276 -6.44 -54.94 -44.44
N ILE A 277 -5.88 -55.54 -43.37
CA ILE A 277 -5.94 -54.93 -42.04
C ILE A 277 -5.25 -53.59 -42.05
N PHE A 278 -4.02 -53.58 -42.55
CA PHE A 278 -3.28 -52.35 -42.78
C PHE A 278 -4.04 -51.41 -43.70
N ASN A 279 -4.53 -51.92 -44.84
CA ASN A 279 -5.22 -51.07 -45.82
C ASN A 279 -6.52 -50.45 -45.30
N TYR A 280 -7.10 -50.98 -44.21
CA TYR A 280 -8.26 -50.37 -43.60
C TYR A 280 -7.93 -49.10 -42.84
N ILE A 281 -6.66 -48.90 -42.48
CA ILE A 281 -6.18 -47.72 -41.77
C ILE A 281 -5.94 -46.64 -42.83
N PRO A 282 -6.08 -45.35 -42.52
CA PRO A 282 -5.75 -44.31 -43.51
C PRO A 282 -4.28 -44.34 -43.88
N GLU A 283 -3.99 -43.84 -45.09
CA GLU A 283 -2.61 -43.81 -45.58
C GLU A 283 -1.73 -42.90 -44.74
N ARG A 284 -2.29 -41.83 -44.18
CA ARG A 284 -1.45 -40.87 -43.47
C ARG A 284 -0.90 -41.47 -42.20
N ILE A 285 -1.74 -42.21 -41.47
CA ILE A 285 -1.33 -42.82 -40.21
C ILE A 285 -0.28 -43.88 -40.48
N ARG A 286 -0.47 -44.68 -41.52
CA ARG A 286 0.53 -45.68 -41.88
C ARG A 286 1.84 -45.00 -42.27
N ASN A 287 1.75 -43.86 -42.96
CA ASN A 287 2.90 -43.09 -43.40
C ASN A 287 3.40 -42.08 -42.37
N ASP A 288 2.76 -41.95 -41.20
CA ASP A 288 3.23 -41.06 -40.13
C ASP A 288 4.23 -41.79 -39.26
N VAL A 289 5.47 -41.28 -39.24
CA VAL A 289 6.54 -41.98 -38.54
C VAL A 289 6.42 -41.91 -37.02
N ASN A 290 5.48 -41.13 -36.47
CA ASN A 290 5.31 -41.02 -35.04
C ASN A 290 4.53 -42.17 -34.44
N TYR A 291 4.12 -43.16 -35.25
CA TYR A 291 3.29 -44.27 -34.82
C TYR A 291 3.91 -45.54 -35.36
N ILE A 292 3.85 -46.59 -34.55
CA ILE A 292 4.38 -47.90 -34.86
C ILE A 292 3.27 -48.91 -34.63
N LEU A 293 3.05 -49.78 -35.61
CA LEU A 293 1.92 -50.69 -35.67
C LEU A 293 2.45 -52.11 -35.78
N ASN A 294 1.69 -53.06 -35.25
CA ASN A 294 2.00 -54.47 -35.39
C ASN A 294 0.78 -55.30 -35.02
N MET A 295 0.96 -56.62 -35.07
CA MET A 295 -0.07 -57.56 -34.69
C MET A 295 0.58 -58.87 -34.30
N ASP A 296 -0.17 -59.65 -33.53
CA ASP A 296 0.29 -60.88 -32.91
C ASP A 296 -0.40 -62.12 -33.49
N ARG A 297 -0.99 -61.99 -34.68
CA ARG A 297 -1.75 -63.07 -35.31
C ARG A 297 -1.56 -62.95 -36.81
N ASN A 298 -1.43 -64.10 -37.47
CA ASN A 298 -1.59 -64.21 -38.92
C ASN A 298 -2.99 -64.74 -39.15
N LEU A 299 -3.70 -64.14 -40.14
CA LEU A 299 -5.09 -64.50 -40.40
C LEU A 299 -5.17 -65.40 -41.64
N PRO A 300 -5.89 -66.54 -41.63
CA PRO A 300 -5.89 -67.41 -42.81
C PRO A 300 -6.64 -66.84 -44.00
N SER A 301 -6.62 -67.60 -45.10
CA SER A 301 -7.47 -67.33 -46.26
C SER A 301 -8.85 -67.95 -46.14
N THR A 302 -9.07 -68.82 -45.13
CA THR A 302 -10.40 -69.27 -44.74
C THR A 302 -11.28 -68.16 -44.18
N ALA A 303 -10.71 -67.01 -43.82
CA ALA A 303 -11.41 -65.98 -43.11
C ALA A 303 -12.16 -65.08 -44.08
N ARG A 304 -13.02 -64.23 -43.52
CA ARG A 304 -13.82 -63.30 -44.27
C ARG A 304 -14.01 -62.06 -43.42
N TYR A 305 -14.57 -61.04 -44.04
CA TYR A 305 -14.84 -59.75 -43.40
C TYR A 305 -15.79 -59.01 -44.32
N ILE A 306 -16.63 -58.19 -43.72
CA ILE A 306 -17.62 -57.39 -44.42
C ILE A 306 -17.14 -55.95 -44.45
N ARG A 307 -17.34 -55.30 -45.59
CA ARG A 307 -16.90 -53.94 -45.82
C ARG A 307 -18.04 -52.97 -45.51
N PRO A 308 -17.84 -51.86 -44.82
CA PRO A 308 -18.94 -50.91 -44.65
C PRO A 308 -19.25 -50.20 -45.95
N ASN A 309 -20.44 -49.61 -46.00
CA ASN A 309 -20.83 -48.75 -47.10
C ASN A 309 -20.46 -47.34 -46.69
N LEU A 310 -19.42 -46.81 -47.33
CA LEU A 310 -18.84 -45.51 -47.05
C LEU A 310 -19.04 -44.60 -48.24
N LEU A 311 -20.22 -44.71 -48.84
CA LEU A 311 -20.58 -43.91 -50.00
C LEU A 311 -21.00 -42.54 -49.49
N GLN A 312 -20.45 -41.49 -50.11
CA GLN A 312 -20.55 -40.13 -49.61
C GLN A 312 -22.02 -39.66 -49.64
N ASP A 313 -22.26 -38.45 -49.11
CA ASP A 313 -23.63 -37.93 -48.97
C ASP A 313 -24.38 -37.83 -50.29
N ARG A 314 -25.37 -38.71 -50.48
CA ARG A 314 -26.26 -38.62 -51.63
C ARG A 314 -27.33 -37.55 -51.50
N LEU A 315 -27.42 -36.86 -50.35
CA LEU A 315 -28.54 -35.98 -50.04
C LEU A 315 -28.19 -34.51 -50.01
N ASN A 316 -26.92 -34.18 -49.78
CA ASN A 316 -26.44 -32.80 -49.70
C ASN A 316 -27.18 -32.05 -48.60
N LEU A 317 -27.06 -32.57 -47.37
CA LEU A 317 -27.68 -31.93 -46.21
C LEU A 317 -27.05 -30.59 -45.84
N HIS A 318 -25.87 -30.27 -46.37
CA HIS A 318 -25.33 -28.93 -46.33
C HIS A 318 -25.92 -27.99 -47.38
N ASP A 319 -27.02 -28.35 -48.05
CA ASP A 319 -27.77 -27.51 -48.98
C ASP A 319 -29.21 -27.46 -48.49
N ASN A 320 -29.47 -26.56 -47.53
CA ASN A 320 -30.82 -26.22 -47.11
C ASN A 320 -31.50 -27.39 -46.39
N PHE A 321 -30.78 -27.99 -45.45
CA PHE A 321 -31.33 -28.81 -44.39
C PHE A 321 -30.67 -28.42 -43.08
N GLU A 322 -30.70 -27.11 -42.82
CA GLU A 322 -29.88 -26.49 -41.80
C GLU A 322 -30.18 -26.98 -40.39
N SER A 323 -31.44 -27.35 -40.13
CA SER A 323 -31.79 -27.83 -38.80
C SER A 323 -31.18 -29.19 -38.50
N LEU A 324 -31.04 -30.02 -39.53
CA LEU A 324 -30.39 -31.31 -39.38
C LEU A 324 -28.88 -31.18 -39.36
N TRP A 325 -28.35 -30.31 -40.21
CA TRP A 325 -26.91 -30.12 -40.27
C TRP A 325 -26.37 -29.49 -39.00
N ASP A 326 -27.16 -28.66 -38.34
CA ASP A 326 -26.77 -28.11 -37.05
C ASP A 326 -26.58 -29.21 -36.03
N THR A 327 -27.54 -30.14 -35.97
CA THR A 327 -27.45 -31.25 -35.03
C THR A 327 -26.29 -32.18 -35.36
N ILE A 328 -26.14 -32.50 -36.65
CA ILE A 328 -25.04 -33.36 -37.12
C ILE A 328 -23.70 -32.75 -36.77
N THR A 329 -23.51 -31.47 -37.09
CA THR A 329 -22.26 -30.80 -36.86
C THR A 329 -21.98 -30.69 -35.36
N THR A 330 -23.03 -30.50 -34.56
CA THR A 330 -22.88 -30.46 -33.12
C THR A 330 -22.46 -31.82 -32.57
N SER A 331 -23.09 -32.89 -33.09
CA SER A 331 -22.75 -34.26 -32.73
C SER A 331 -21.29 -34.58 -33.03
N ASN A 332 -20.81 -34.19 -34.21
CA ASN A 332 -19.43 -34.51 -34.56
C ASN A 332 -18.45 -33.67 -33.77
N TYR A 333 -18.82 -32.42 -33.48
CA TYR A 333 -18.02 -31.56 -32.61
C TYR A 333 -17.84 -32.17 -31.23
N ILE A 334 -18.94 -32.57 -30.60
CA ILE A 334 -18.86 -33.10 -29.24
C ILE A 334 -18.16 -34.45 -29.25
N LEU A 335 -18.29 -35.22 -30.33
CA LEU A 335 -17.49 -36.44 -30.43
C LEU A 335 -16.01 -36.11 -30.48
N ALA A 336 -15.65 -35.09 -31.26
CA ALA A 336 -14.25 -34.75 -31.40
C ALA A 336 -13.68 -34.21 -30.10
N ARG A 337 -14.50 -33.56 -29.28
CA ARG A 337 -14.03 -33.12 -27.98
C ARG A 337 -13.62 -34.27 -27.08
N SER A 338 -14.20 -35.46 -27.27
CA SER A 338 -13.88 -36.58 -26.40
C SER A 338 -12.58 -37.30 -26.77
N VAL A 339 -11.88 -36.86 -27.81
CA VAL A 339 -10.67 -37.51 -28.31
C VAL A 339 -9.52 -36.55 -28.51
N VAL A 340 -9.76 -35.25 -28.55
CA VAL A 340 -8.68 -34.27 -28.52
C VAL A 340 -7.96 -34.42 -27.19
N PRO A 341 -6.62 -34.46 -27.14
CA PRO A 341 -6.00 -34.71 -25.85
C PRO A 341 -6.15 -33.54 -24.92
N ASP A 342 -6.19 -33.87 -23.65
CA ASP A 342 -6.10 -32.88 -22.60
C ASP A 342 -4.67 -32.39 -22.54
N LEU A 343 -4.49 -31.10 -22.23
CA LEU A 343 -3.13 -30.59 -22.15
C LEU A 343 -2.60 -31.09 -20.82
N LYS A 344 -1.97 -32.26 -20.91
CA LYS A 344 -1.57 -33.05 -19.76
C LYS A 344 -0.48 -32.37 -18.96
N GLU A 345 0.40 -31.60 -19.62
CA GLU A 345 1.60 -31.02 -19.05
C GLU A 345 1.65 -29.57 -19.48
N LEU A 346 1.98 -28.69 -18.54
CA LEU A 346 2.00 -27.25 -18.74
C LEU A 346 3.21 -26.62 -18.06
N VAL A 347 3.38 -25.31 -18.34
CA VAL A 347 4.10 -24.40 -17.47
C VAL A 347 3.14 -23.93 -16.39
N SER A 348 3.70 -23.51 -15.25
CA SER A 348 2.93 -23.12 -14.09
C SER A 348 2.06 -21.90 -14.37
N THR A 349 1.17 -21.63 -13.41
CA THR A 349 0.21 -20.52 -13.47
C THR A 349 0.59 -19.38 -12.54
N GLU A 350 0.91 -19.69 -11.28
CA GLU A 350 1.23 -18.63 -10.32
C GLU A 350 2.53 -17.93 -10.68
N ALA A 351 3.54 -18.70 -11.10
CA ALA A 351 4.82 -18.11 -11.43
C ALA A 351 4.73 -17.30 -12.72
N GLN A 352 3.99 -17.82 -13.71
CA GLN A 352 3.78 -17.10 -14.96
C GLN A 352 3.08 -15.78 -14.71
N ILE A 353 2.04 -15.81 -13.87
CA ILE A 353 1.29 -14.60 -13.55
C ILE A 353 2.17 -13.64 -12.77
N GLN A 354 3.08 -14.15 -11.94
CA GLN A 354 4.03 -13.27 -11.29
C GLN A 354 5.01 -12.65 -12.27
N LYS A 355 5.38 -13.36 -13.34
CA LYS A 355 6.19 -12.72 -14.38
C LYS A 355 5.41 -11.61 -15.05
N MET A 356 4.11 -11.83 -15.25
CA MET A 356 3.27 -10.79 -15.84
C MET A 356 3.18 -9.58 -14.92
N SER A 357 3.05 -9.82 -13.61
CA SER A 357 2.90 -8.75 -12.63
C SER A 357 4.22 -8.12 -12.19
N GLN A 358 5.37 -8.74 -12.48
CA GLN A 358 6.68 -8.13 -12.29
C GLN A 358 7.16 -7.42 -13.55
N ASP A 359 6.69 -7.81 -14.72
CA ASP A 359 6.98 -7.05 -15.95
C ASP A 359 6.08 -5.83 -16.03
N LEU A 360 4.78 -6.05 -16.11
CA LEU A 360 3.82 -4.97 -15.93
C LEU A 360 3.77 -4.60 -14.47
N GLN A 361 3.95 -3.32 -14.17
CA GLN A 361 4.08 -2.84 -12.81
C GLN A 361 2.73 -2.55 -12.16
N LEU A 362 1.65 -3.19 -12.61
CA LEU A 362 0.43 -3.27 -11.81
C LEU A 362 0.77 -4.13 -10.61
N GLU A 363 1.03 -3.49 -9.48
CA GLU A 363 1.56 -4.11 -8.27
C GLU A 363 1.08 -3.33 -7.05
N ALA A 364 1.04 -3.97 -5.86
CA ALA A 364 1.04 -5.41 -5.57
C ALA A 364 -0.40 -5.93 -5.69
N LEU A 365 -0.56 -7.24 -5.55
CA LEU A 365 -1.85 -7.91 -5.37
C LEU A 365 -2.84 -7.61 -6.49
N THR A 366 -2.35 -7.66 -7.73
CA THR A 366 -3.19 -7.77 -8.91
C THR A 366 -3.62 -9.23 -9.19
N ILE A 367 -3.34 -10.18 -8.26
CA ILE A 367 -3.89 -11.52 -8.36
C ILE A 367 -5.40 -11.46 -8.27
N GLN A 368 -5.91 -10.65 -7.36
CA GLN A 368 -7.34 -10.57 -7.08
C GLN A 368 -8.03 -9.52 -7.93
N SER A 369 -7.44 -8.33 -8.04
CA SER A 369 -7.93 -7.33 -8.97
C SER A 369 -7.65 -7.79 -10.39
N GLU A 370 -8.71 -7.95 -11.18
CA GLU A 370 -8.66 -8.65 -12.47
C GLU A 370 -9.55 -7.89 -13.45
N THR A 371 -8.96 -6.95 -14.21
CA THR A 371 -9.62 -6.33 -15.36
C THR A 371 -8.75 -6.19 -16.59
N GLN A 372 -7.43 -6.04 -16.47
CA GLN A 372 -6.54 -5.65 -17.56
C GLN A 372 -5.51 -6.75 -17.79
N PHE A 373 -5.41 -7.22 -19.04
CA PHE A 373 -4.41 -8.19 -19.50
C PHE A 373 -4.54 -9.57 -18.86
N LEU A 374 -5.66 -9.84 -18.19
CA LEU A 374 -5.76 -10.92 -17.21
C LEU A 374 -7.22 -11.40 -17.22
N THR A 375 -7.70 -11.97 -16.09
CA THR A 375 -9.08 -12.31 -15.75
C THR A 375 -9.55 -13.65 -16.32
N GLY A 376 -8.82 -14.22 -17.28
CA GLY A 376 -9.12 -15.53 -17.83
C GLY A 376 -7.85 -16.25 -18.21
N ILE A 377 -6.83 -16.14 -17.35
CA ILE A 377 -5.54 -16.79 -17.61
C ILE A 377 -5.53 -18.29 -17.31
N ASN A 378 -6.46 -18.80 -16.51
CA ASN A 378 -6.46 -20.18 -15.98
C ASN A 378 -6.28 -21.30 -17.00
N SER A 379 -5.84 -22.48 -16.56
CA SER A 379 -6.04 -23.78 -17.23
C SER A 379 -7.38 -23.95 -17.95
N GLN A 380 -8.50 -23.75 -17.23
CA GLN A 380 -9.85 -24.23 -17.56
C GLN A 380 -10.45 -23.58 -18.82
N ALA A 381 -9.75 -22.63 -19.43
CA ALA A 381 -10.04 -21.97 -20.68
C ALA A 381 -9.00 -22.29 -21.73
N ALA A 382 -7.72 -22.38 -21.36
CA ALA A 382 -6.67 -22.80 -22.29
C ALA A 382 -7.01 -24.16 -22.89
N ASN A 383 -7.38 -25.12 -22.03
CA ASN A 383 -7.85 -26.41 -22.53
C ASN A 383 -9.08 -26.29 -23.39
N ASP A 384 -9.98 -25.38 -23.02
CA ASP A 384 -11.20 -25.18 -23.78
C ASP A 384 -10.90 -24.69 -25.18
N CYS A 385 -9.98 -23.75 -25.31
CA CYS A 385 -9.59 -23.26 -26.63
C CYS A 385 -8.91 -24.34 -27.44
N PHE A 386 -7.93 -25.03 -26.83
CA PHE A 386 -7.22 -26.13 -27.49
C PHE A 386 -8.17 -27.18 -28.02
N LYS A 387 -9.21 -27.49 -27.24
CA LYS A 387 -10.19 -28.49 -27.63
C LYS A 387 -11.14 -27.95 -28.69
N THR A 388 -11.58 -26.71 -28.49
CA THR A 388 -12.59 -26.08 -29.32
C THR A 388 -12.11 -25.84 -30.74
N LEU A 389 -10.90 -25.29 -30.92
CA LEU A 389 -10.37 -25.01 -32.26
C LEU A 389 -10.31 -26.26 -33.11
N ILE A 390 -9.75 -27.32 -32.55
CA ILE A 390 -9.55 -28.54 -33.30
C ILE A 390 -10.89 -29.19 -33.60
N ALA A 391 -11.75 -29.28 -32.57
CA ALA A 391 -13.05 -29.91 -32.75
C ALA A 391 -13.95 -29.13 -33.70
N ALA A 392 -13.85 -27.81 -33.69
CA ALA A 392 -14.65 -27.00 -34.59
C ALA A 392 -14.18 -27.13 -36.02
N MET A 393 -12.88 -27.02 -36.26
CA MET A 393 -12.36 -27.19 -37.62
C MET A 393 -12.61 -28.59 -38.15
N LEU A 394 -12.59 -29.60 -37.29
CA LEU A 394 -12.87 -30.96 -37.75
C LEU A 394 -14.34 -31.14 -38.08
N SER A 395 -15.21 -30.79 -37.14
CA SER A 395 -16.64 -30.85 -37.38
C SER A 395 -17.14 -29.77 -38.32
N GLN A 396 -16.34 -28.74 -38.63
CA GLN A 396 -16.77 -27.57 -39.39
C GLN A 396 -17.98 -26.89 -38.77
N ARG A 397 -17.76 -26.37 -37.57
CA ARG A 397 -18.76 -25.68 -36.77
C ARG A 397 -18.27 -24.27 -36.47
N THR A 398 -19.12 -23.29 -36.76
CA THR A 398 -18.72 -21.90 -36.57
C THR A 398 -18.77 -21.56 -35.09
N MET A 399 -17.83 -20.72 -34.66
CA MET A 399 -17.65 -20.37 -33.26
C MET A 399 -17.62 -18.86 -33.07
N SER A 400 -18.44 -18.38 -32.14
CA SER A 400 -18.61 -16.96 -31.86
C SER A 400 -17.79 -16.59 -30.63
N LEU A 401 -17.45 -15.31 -30.54
CA LEU A 401 -16.50 -14.79 -29.56
C LEU A 401 -17.19 -13.87 -28.57
N ASP A 402 -17.00 -14.13 -27.28
CA ASP A 402 -17.51 -13.29 -26.20
C ASP A 402 -16.29 -12.79 -25.42
N PHE A 403 -15.89 -11.54 -25.69
CA PHE A 403 -14.73 -10.94 -25.05
C PHE A 403 -15.11 -9.59 -24.49
N VAL A 404 -14.10 -8.85 -24.02
CA VAL A 404 -14.25 -7.53 -23.44
C VAL A 404 -13.16 -6.69 -24.08
N THR A 405 -13.44 -5.40 -24.25
CA THR A 405 -12.51 -4.47 -24.88
C THR A 405 -11.51 -3.85 -23.91
N THR A 406 -11.86 -3.72 -22.63
CA THR A 406 -10.90 -3.30 -21.61
C THR A 406 -9.67 -4.20 -21.54
N ASN A 407 -9.81 -5.49 -21.87
CA ASN A 407 -8.71 -6.45 -21.77
C ASN A 407 -8.01 -6.48 -23.11
N TYR A 408 -6.82 -5.89 -23.15
CA TYR A 408 -6.05 -5.74 -24.38
C TYR A 408 -5.19 -6.94 -24.71
N MET A 409 -4.85 -7.77 -23.73
CA MET A 409 -4.12 -8.99 -24.05
C MET A 409 -5.00 -9.95 -24.83
N SER A 410 -6.30 -9.92 -24.55
CA SER A 410 -7.24 -10.72 -25.34
C SER A 410 -7.21 -10.26 -26.79
N LEU A 411 -7.14 -8.95 -27.01
CA LEU A 411 -7.05 -8.41 -28.35
C LEU A 411 -5.74 -8.79 -29.01
N ILE A 412 -4.67 -8.90 -28.21
CA ILE A 412 -3.37 -9.25 -28.77
C ILE A 412 -3.33 -10.72 -29.15
N SER A 413 -3.89 -11.58 -28.32
CA SER A 413 -3.88 -13.00 -28.65
C SER A 413 -4.92 -13.35 -29.71
N GLY A 414 -5.88 -12.46 -29.93
CA GLY A 414 -6.75 -12.63 -31.08
C GLY A 414 -6.04 -12.47 -32.41
N MET A 415 -4.88 -11.79 -32.42
CA MET A 415 -4.12 -11.65 -33.66
C MET A 415 -3.61 -13.02 -34.07
N TRP A 416 -2.92 -13.68 -33.14
CA TRP A 416 -2.44 -15.04 -33.29
C TRP A 416 -3.56 -15.97 -33.70
N LEU A 417 -4.74 -15.77 -33.11
CA LEU A 417 -5.90 -16.60 -33.42
C LEU A 417 -6.33 -16.38 -34.86
N LEU A 418 -6.57 -15.12 -35.25
CA LEU A 418 -7.01 -14.78 -36.59
C LEU A 418 -5.96 -15.03 -37.67
N THR A 419 -4.72 -15.31 -37.30
CA THR A 419 -3.68 -15.72 -38.25
C THR A 419 -3.67 -17.23 -38.40
N VAL A 420 -3.50 -17.95 -37.29
CA VAL A 420 -3.40 -19.41 -37.40
C VAL A 420 -4.70 -20.07 -37.85
N VAL A 421 -5.84 -19.41 -37.65
CA VAL A 421 -7.17 -19.93 -37.98
C VAL A 421 -7.76 -19.05 -39.08
N PRO A 422 -8.38 -19.60 -40.13
CA PRO A 422 -9.05 -18.74 -41.11
C PRO A 422 -10.18 -17.92 -40.53
N ASN A 423 -10.50 -16.86 -41.26
CA ASN A 423 -11.49 -15.88 -40.83
C ASN A 423 -12.89 -16.24 -41.30
N ASP A 424 -12.99 -16.92 -42.45
CA ASP A 424 -14.25 -17.51 -42.90
C ASP A 424 -14.75 -18.67 -42.02
N MET A 425 -13.94 -19.17 -41.08
CA MET A 425 -14.32 -20.19 -40.11
C MET A 425 -15.07 -19.65 -38.91
N PHE A 426 -14.94 -18.37 -38.61
CA PHE A 426 -15.66 -17.76 -37.49
C PHE A 426 -17.04 -17.31 -37.99
N ILE A 427 -17.74 -16.51 -37.17
CA ILE A 427 -18.98 -15.84 -37.54
C ILE A 427 -18.72 -14.35 -37.57
N ARG A 428 -19.44 -13.68 -38.47
CA ARG A 428 -18.95 -12.42 -39.02
C ARG A 428 -18.91 -11.27 -38.02
N GLU A 429 -20.00 -11.03 -37.29
CA GLU A 429 -20.09 -9.85 -36.42
C GLU A 429 -19.04 -9.86 -35.32
N SER A 430 -18.71 -11.04 -34.80
CA SER A 430 -17.76 -11.13 -33.70
C SER A 430 -16.36 -10.73 -34.13
N LEU A 431 -15.83 -11.37 -35.19
CA LEU A 431 -14.49 -10.99 -35.63
C LEU A 431 -14.47 -9.62 -36.27
N VAL A 432 -15.59 -9.15 -36.82
CA VAL A 432 -15.66 -7.77 -37.28
C VAL A 432 -15.42 -6.83 -36.11
N ALA A 433 -16.12 -7.05 -34.99
CA ALA A 433 -15.91 -6.28 -33.77
C ALA A 433 -14.45 -6.37 -33.31
N CYS A 434 -13.88 -7.58 -33.35
CA CYS A 434 -12.54 -7.78 -32.81
C CYS A 434 -11.50 -7.10 -33.68
N GLN A 435 -11.57 -7.29 -35.00
CA GLN A 435 -10.67 -6.62 -35.94
C GLN A 435 -10.79 -5.11 -35.82
N LEU A 436 -12.03 -4.62 -35.77
CA LEU A 436 -12.29 -3.20 -35.57
C LEU A 436 -11.61 -2.67 -34.32
N ALA A 437 -11.77 -3.39 -33.20
CA ALA A 437 -11.16 -3.00 -31.94
C ALA A 437 -9.63 -2.95 -32.05
N ILE A 438 -9.04 -4.01 -32.59
CA ILE A 438 -7.58 -4.12 -32.76
C ILE A 438 -7.06 -2.96 -33.59
N ILE A 439 -7.70 -2.70 -34.73
CA ILE A 439 -7.32 -1.61 -35.62
C ILE A 439 -7.42 -0.28 -34.89
N ASN A 440 -8.49 -0.11 -34.11
CA ASN A 440 -8.74 1.20 -33.53
C ASN A 440 -7.79 1.51 -32.38
N THR A 441 -7.24 0.49 -31.70
CA THR A 441 -6.41 0.72 -30.51
C THR A 441 -5.03 0.07 -30.46
N ILE A 442 -4.55 -0.57 -31.54
CA ILE A 442 -3.16 -1.04 -31.59
C ILE A 442 -2.42 -0.56 -32.85
N ILE A 443 -3.13 -0.36 -33.96
CA ILE A 443 -2.51 -0.27 -35.29
C ILE A 443 -2.55 1.16 -35.80
N TYR A 444 -3.75 1.69 -36.04
CA TYR A 444 -3.86 3.07 -36.51
C TYR A 444 -3.30 4.07 -35.51
N PRO A 445 -3.48 3.94 -34.17
CA PRO A 445 -2.76 4.83 -33.25
C PRO A 445 -1.23 4.69 -33.31
N ALA A 446 -0.70 3.63 -33.90
CA ALA A 446 0.74 3.44 -33.99
C ALA A 446 1.33 4.20 -35.17
N PHE A 447 0.52 4.93 -35.96
CA PHE A 447 1.01 5.74 -37.05
C PHE A 447 0.33 7.11 -37.07
N GLY A 448 -0.33 7.51 -35.97
CA GLY A 448 -1.03 8.77 -35.91
C GLY A 448 -2.25 8.86 -36.80
N MET A 449 -2.70 7.75 -37.37
CA MET A 449 -3.92 7.71 -38.14
C MET A 449 -5.11 7.98 -37.25
N GLN A 450 -6.22 8.36 -37.86
CA GLN A 450 -7.48 8.46 -37.15
C GLN A 450 -7.88 7.10 -36.57
N ARG A 451 -8.88 7.13 -35.68
CA ARG A 451 -9.32 5.94 -34.97
C ARG A 451 -9.85 4.94 -35.99
N MET A 452 -10.99 5.24 -36.61
CA MET A 452 -11.53 4.65 -37.82
C MET A 452 -12.86 5.38 -37.99
N HIS A 453 -13.51 5.16 -39.12
CA HIS A 453 -14.92 5.48 -39.30
C HIS A 453 -15.44 4.25 -40.03
N TYR A 454 -15.95 3.30 -39.25
CA TYR A 454 -16.48 2.04 -39.73
C TYR A 454 -18.00 2.12 -39.77
N ARG A 455 -18.56 1.33 -40.68
CA ARG A 455 -19.98 1.30 -40.97
C ARG A 455 -20.44 -0.11 -40.61
N ASN A 456 -21.66 -0.21 -40.07
CA ASN A 456 -22.14 -1.48 -39.54
C ASN A 456 -22.25 -2.54 -40.63
N GLY A 457 -23.11 -2.30 -41.61
CA GLY A 457 -23.29 -3.16 -42.75
C GLY A 457 -22.38 -2.89 -43.92
N ASP A 458 -21.11 -3.26 -43.79
CA ASP A 458 -20.07 -2.99 -44.76
C ASP A 458 -19.66 -4.33 -45.36
N PRO A 459 -19.57 -4.51 -46.70
CA PRO A 459 -19.25 -5.86 -47.22
C PRO A 459 -17.88 -6.38 -46.85
N GLN A 460 -16.93 -5.51 -46.53
CA GLN A 460 -15.54 -5.84 -46.28
C GLN A 460 -15.30 -5.73 -44.78
N THR A 461 -14.39 -6.55 -44.31
CA THR A 461 -14.00 -6.57 -42.91
C THR A 461 -12.90 -5.54 -42.71
N PRO A 462 -12.70 -5.03 -41.47
CA PRO A 462 -11.70 -3.97 -41.27
C PRO A 462 -10.28 -4.26 -41.69
N PHE A 463 -9.82 -5.51 -41.58
CA PHE A 463 -8.47 -5.81 -42.02
C PHE A 463 -8.32 -5.67 -43.54
N GLN A 464 -9.35 -5.99 -44.31
CA GLN A 464 -9.27 -5.80 -45.76
C GLN A 464 -9.10 -4.33 -46.11
N ILE A 465 -10.04 -3.50 -45.66
CA ILE A 465 -10.02 -2.07 -45.95
C ILE A 465 -8.92 -1.31 -45.21
N ALA A 466 -8.22 -1.96 -44.27
CA ALA A 466 -7.07 -1.42 -43.57
C ALA A 466 -5.75 -1.83 -44.23
N GLU A 467 -5.74 -2.94 -44.98
CA GLU A 467 -4.54 -3.44 -45.63
C GLU A 467 -3.95 -2.43 -46.61
N GLN A 468 -4.79 -1.61 -47.24
CA GLN A 468 -4.41 -0.65 -48.24
C GLN A 468 -4.14 0.74 -47.68
N GLN A 469 -4.72 1.09 -46.52
CA GLN A 469 -4.54 2.43 -45.99
C GLN A 469 -3.13 2.64 -45.45
N ILE A 470 -2.73 1.83 -44.46
CA ILE A 470 -1.46 2.07 -43.77
C ILE A 470 -0.31 1.68 -44.68
N GLN A 471 0.83 2.34 -44.48
CA GLN A 471 2.05 2.11 -45.25
C GLN A 471 3.15 1.62 -44.31
N ASN A 472 3.13 0.31 -44.05
CA ASN A 472 4.24 -0.40 -43.46
C ASN A 472 4.29 -1.80 -44.04
N PHE A 473 5.49 -2.25 -44.40
CA PHE A 473 5.66 -3.50 -45.15
C PHE A 473 5.22 -4.70 -44.32
N GLN A 474 5.69 -4.75 -43.08
CA GLN A 474 5.48 -5.87 -42.18
C GLN A 474 4.00 -6.10 -41.94
N VAL A 475 3.33 -5.07 -41.43
CA VAL A 475 1.92 -5.17 -41.06
C VAL A 475 1.09 -5.40 -42.31
N ALA A 476 1.45 -4.76 -43.42
CA ALA A 476 0.72 -4.93 -44.67
C ALA A 476 0.74 -6.38 -45.13
N ASN A 477 1.91 -7.02 -45.06
CA ASN A 477 1.98 -8.39 -45.54
C ASN A 477 1.35 -9.35 -44.54
N TRP A 478 1.44 -9.01 -43.24
CA TRP A 478 0.71 -9.74 -42.21
C TRP A 478 -0.81 -9.70 -42.46
N LEU A 479 -1.36 -8.50 -42.65
CA LEU A 479 -2.78 -8.35 -42.90
C LEU A 479 -3.19 -8.96 -44.22
N HIS A 480 -2.31 -8.90 -45.22
CA HIS A 480 -2.56 -9.57 -46.48
C HIS A 480 -2.73 -11.05 -46.28
N PHE A 481 -1.82 -11.65 -45.49
CA PHE A 481 -1.89 -13.07 -45.18
C PHE A 481 -3.20 -13.39 -44.47
N VAL A 482 -3.53 -12.59 -43.44
CA VAL A 482 -4.75 -12.77 -42.66
C VAL A 482 -5.98 -12.74 -43.55
N ASN A 483 -6.09 -11.70 -44.38
CA ASN A 483 -7.27 -11.49 -45.19
C ASN A 483 -7.41 -12.61 -46.20
N ASN A 484 -6.29 -13.05 -46.77
CA ASN A 484 -6.25 -14.11 -47.76
C ASN A 484 -5.94 -15.46 -47.14
N ASN A 485 -5.89 -15.55 -45.81
CA ASN A 485 -5.88 -16.87 -45.18
C ASN A 485 -7.23 -17.50 -45.39
N GLN A 486 -7.22 -18.73 -45.86
CA GLN A 486 -8.43 -19.51 -45.97
C GLN A 486 -8.05 -20.96 -46.11
N PHE A 487 -9.06 -21.81 -46.04
CA PHE A 487 -8.83 -23.23 -46.14
C PHE A 487 -8.46 -23.57 -47.57
N ARG A 488 -7.91 -24.76 -47.74
CA ARG A 488 -7.63 -25.32 -49.05
C ARG A 488 -8.47 -26.58 -49.13
N GLN A 489 -9.44 -26.56 -50.04
CA GLN A 489 -10.22 -27.75 -50.32
C GLN A 489 -9.37 -28.72 -51.09
N VAL A 490 -9.47 -30.01 -50.76
CA VAL A 490 -8.73 -31.00 -51.51
C VAL A 490 -9.34 -32.34 -51.21
N VAL A 491 -9.50 -33.15 -52.25
CA VAL A 491 -10.06 -34.49 -52.11
C VAL A 491 -8.88 -35.43 -51.97
N ILE A 492 -8.87 -36.18 -50.89
CA ILE A 492 -7.83 -37.16 -50.58
C ILE A 492 -8.55 -38.37 -50.04
N ASP A 493 -8.10 -39.55 -50.49
CA ASP A 493 -8.71 -40.85 -50.15
C ASP A 493 -10.22 -40.88 -50.41
N GLY A 494 -10.68 -40.13 -51.43
CA GLY A 494 -12.08 -40.01 -51.77
C GLY A 494 -12.78 -38.85 -51.07
N VAL A 495 -12.36 -38.52 -49.83
CA VAL A 495 -13.04 -37.52 -49.01
C VAL A 495 -12.49 -36.13 -49.24
N LEU A 496 -13.38 -35.16 -49.39
CA LEU A 496 -12.99 -33.77 -49.33
C LEU A 496 -12.42 -33.47 -47.95
N ASN A 497 -11.53 -32.49 -47.89
CA ASN A 497 -10.86 -32.09 -46.66
C ASN A 497 -10.57 -30.61 -46.77
N GLN A 498 -10.73 -29.91 -45.64
CA GLN A 498 -10.37 -28.50 -45.49
C GLN A 498 -9.02 -28.50 -44.80
N VAL A 499 -7.99 -28.09 -45.52
CA VAL A 499 -6.60 -28.21 -45.10
C VAL A 499 -6.08 -26.80 -44.86
N LEU A 500 -5.07 -26.69 -44.01
CA LEU A 500 -4.47 -25.42 -43.70
C LEU A 500 -3.47 -25.09 -44.80
N ASN A 501 -2.80 -23.94 -44.67
CA ASN A 501 -2.17 -23.34 -45.83
C ASN A 501 -0.94 -24.10 -46.31
N ASP A 502 -0.24 -24.81 -45.41
CA ASP A 502 1.12 -25.39 -45.52
C ASP A 502 2.17 -24.33 -45.17
N ASN A 503 1.78 -23.12 -44.77
CA ASN A 503 2.65 -22.16 -44.12
C ASN A 503 2.32 -22.00 -42.65
N ILE A 504 1.04 -22.07 -42.31
CA ILE A 504 0.62 -22.19 -40.93
C ILE A 504 1.21 -23.45 -40.29
N ARG A 505 1.22 -24.56 -41.04
CA ARG A 505 1.66 -25.86 -40.53
C ARG A 505 3.10 -25.80 -40.08
N ASN A 506 4.04 -25.58 -41.02
CA ASN A 506 5.43 -25.29 -40.65
C ASN A 506 5.51 -23.83 -40.21
N GLY A 507 5.27 -23.61 -38.92
CA GLY A 507 4.96 -22.29 -38.40
C GLY A 507 5.99 -21.20 -38.66
N HIS A 508 5.65 -20.37 -39.65
CA HIS A 508 6.36 -19.15 -39.97
C HIS A 508 5.47 -17.93 -40.06
N VAL A 509 4.14 -18.09 -40.05
CA VAL A 509 3.21 -16.97 -39.95
C VAL A 509 3.50 -16.12 -38.72
N VAL A 510 3.86 -16.79 -37.62
CA VAL A 510 4.18 -16.12 -36.38
C VAL A 510 5.39 -15.20 -36.54
N ASN A 511 6.28 -15.47 -37.50
CA ASN A 511 7.39 -14.57 -37.70
C ASN A 511 6.93 -13.26 -38.34
N GLN A 512 6.03 -13.32 -39.33
CA GLN A 512 5.39 -12.10 -39.82
C GLN A 512 4.65 -11.36 -38.73
N LEU A 513 3.94 -12.09 -37.86
CA LEU A 513 3.27 -11.47 -36.73
C LEU A 513 4.24 -10.72 -35.82
N MET A 514 5.34 -11.39 -35.44
CA MET A 514 6.36 -10.75 -34.61
C MET A 514 6.98 -9.54 -35.28
N GLU A 515 7.18 -9.62 -36.60
CA GLU A 515 7.70 -8.48 -37.35
C GLU A 515 6.79 -7.28 -37.20
N ALA A 516 5.49 -7.49 -37.43
CA ALA A 516 4.49 -6.43 -37.27
C ALA A 516 4.48 -5.87 -35.86
N LEU A 517 4.47 -6.75 -34.86
CA LEU A 517 4.38 -6.30 -33.47
C LEU A 517 5.61 -5.54 -33.05
N MET A 518 6.79 -6.00 -33.48
CA MET A 518 8.03 -5.29 -33.19
C MET A 518 8.03 -3.92 -33.84
N GLN A 519 7.55 -3.82 -35.08
CA GLN A 519 7.38 -2.52 -35.73
C GLN A 519 6.50 -1.60 -34.89
N LEU A 520 5.35 -2.11 -34.43
CA LEU A 520 4.43 -1.27 -33.65
C LEU A 520 5.05 -0.84 -32.33
N SER A 521 5.88 -1.70 -31.73
CA SER A 521 6.71 -1.27 -30.60
C SER A 521 7.62 -0.12 -31.02
N ARG A 522 8.19 -0.18 -32.23
CA ARG A 522 9.18 0.82 -32.61
C ARG A 522 8.56 2.18 -32.92
N GLN A 523 7.25 2.25 -33.16
CA GLN A 523 6.58 3.52 -33.47
C GLN A 523 6.47 4.34 -32.18
N GLN A 524 5.88 5.54 -32.32
CA GLN A 524 5.35 6.30 -31.21
C GLN A 524 3.85 6.46 -31.39
N PHE A 525 3.18 6.82 -30.29
CA PHE A 525 1.76 7.06 -30.21
C PHE A 525 1.58 8.56 -29.96
N PRO A 526 1.55 9.42 -31.01
CA PRO A 526 1.57 10.87 -30.73
C PRO A 526 0.28 11.35 -30.11
N THR A 527 -0.85 10.85 -30.62
CA THR A 527 -2.16 11.27 -30.15
C THR A 527 -2.39 10.92 -28.67
N MET A 528 -1.68 9.95 -28.11
CA MET A 528 -2.00 9.36 -26.82
C MET A 528 -0.85 9.53 -25.82
N PRO A 529 -1.12 9.39 -24.49
CA PRO A 529 -0.07 9.65 -23.51
C PRO A 529 0.99 8.56 -23.48
N VAL A 530 1.89 8.66 -22.51
CA VAL A 530 3.01 7.72 -22.41
C VAL A 530 2.56 6.43 -21.73
N ASP A 531 1.71 6.53 -20.68
CA ASP A 531 1.28 5.35 -19.94
C ASP A 531 0.55 4.34 -20.81
N TYR A 532 -0.28 4.83 -21.74
CA TYR A 532 -1.05 3.93 -22.61
C TYR A 532 -0.14 3.14 -23.52
N LYS A 533 0.77 3.85 -24.22
CA LYS A 533 1.77 3.23 -25.08
C LYS A 533 2.59 2.24 -24.28
N ARG A 534 2.97 2.62 -23.07
CA ARG A 534 3.79 1.77 -22.21
C ARG A 534 3.06 0.47 -21.93
N SER A 535 1.77 0.57 -21.60
CA SER A 535 0.95 -0.60 -21.31
C SER A 535 0.86 -1.53 -22.52
N ILE A 536 0.53 -0.96 -23.69
CA ILE A 536 0.41 -1.74 -24.93
C ILE A 536 1.73 -2.41 -25.29
N GLN A 537 2.83 -1.65 -25.26
CA GLN A 537 4.10 -2.19 -25.72
C GLN A 537 4.58 -3.29 -24.79
N ARG A 538 4.30 -3.17 -23.49
CA ARG A 538 4.60 -4.27 -22.59
C ARG A 538 3.71 -5.47 -22.88
N GLY A 539 2.43 -5.22 -23.19
CA GLY A 539 1.50 -6.31 -23.50
C GLY A 539 1.93 -7.15 -24.69
N ILE A 540 2.59 -6.52 -25.67
CA ILE A 540 3.08 -7.26 -26.85
C ILE A 540 4.52 -7.76 -26.69
N LEU A 541 5.32 -7.16 -25.80
CA LEU A 541 6.59 -7.77 -25.44
C LEU A 541 6.38 -9.08 -24.70
N LEU A 542 5.31 -9.17 -23.92
CA LEU A 542 4.93 -10.40 -23.23
C LEU A 542 4.58 -11.54 -24.19
N LEU A 543 4.27 -11.24 -25.46
CA LEU A 543 4.01 -12.23 -26.49
C LEU A 543 5.28 -12.55 -27.27
N SER A 544 6.06 -11.50 -27.55
CA SER A 544 7.41 -11.66 -28.10
C SER A 544 8.24 -12.63 -27.28
N ASN A 545 8.17 -12.53 -25.95
CA ASN A 545 8.94 -13.44 -25.11
C ASN A 545 8.42 -14.87 -25.18
N ARG A 546 7.17 -15.09 -25.61
CA ARG A 546 6.59 -16.41 -25.77
C ARG A 546 6.58 -16.93 -27.21
N LEU A 547 7.20 -16.19 -28.15
CA LEU A 547 7.31 -16.52 -29.58
C LEU A 547 7.52 -17.99 -29.96
N GLY A 548 8.61 -18.59 -29.48
CA GLY A 548 8.93 -19.95 -29.87
C GLY A 548 7.88 -20.94 -29.40
N GLN A 549 7.31 -20.69 -28.22
CA GLN A 549 6.25 -21.54 -27.71
C GLN A 549 4.99 -21.37 -28.55
N LEU A 550 4.74 -20.16 -29.06
CA LEU A 550 3.59 -19.96 -29.94
C LEU A 550 3.74 -20.73 -31.25
N VAL A 551 4.95 -20.65 -31.83
CA VAL A 551 5.27 -21.41 -33.04
C VAL A 551 5.02 -22.89 -32.81
N ASP A 552 5.54 -23.40 -31.69
CA ASP A 552 5.39 -24.82 -31.36
C ASP A 552 3.92 -25.18 -31.19
N LEU A 553 3.15 -24.30 -30.56
CA LEU A 553 1.73 -24.51 -30.38
C LEU A 553 1.04 -24.62 -31.73
N THR A 554 1.36 -23.70 -32.64
CA THR A 554 0.78 -23.71 -33.98
C THR A 554 1.07 -25.01 -34.71
N ARG A 555 2.32 -25.47 -34.65
CA ARG A 555 2.70 -26.72 -35.31
C ARG A 555 1.97 -27.90 -34.68
N LEU A 556 1.78 -27.85 -33.35
CA LEU A 556 1.12 -28.93 -32.63
C LEU A 556 -0.35 -29.02 -32.98
N LEU A 557 -1.04 -27.87 -33.04
CA LEU A 557 -2.43 -27.84 -33.46
C LEU A 557 -2.60 -28.38 -34.86
N ALA A 558 -1.72 -27.94 -35.78
CA ALA A 558 -1.82 -28.41 -37.16
C ALA A 558 -1.63 -29.92 -37.26
N TYR A 559 -0.67 -30.44 -36.49
CA TYR A 559 -0.39 -31.87 -36.52
C TYR A 559 -1.55 -32.67 -35.97
N ASN A 560 -2.06 -32.29 -34.80
CA ASN A 560 -3.16 -33.03 -34.20
C ASN A 560 -4.41 -32.93 -35.06
N TYR A 561 -4.62 -31.78 -35.68
CA TYR A 561 -5.77 -31.57 -36.55
C TYR A 561 -5.72 -32.49 -37.75
N GLU A 562 -4.58 -32.56 -38.44
CA GLU A 562 -4.51 -33.45 -39.61
C GLU A 562 -4.58 -34.91 -39.19
N THR A 563 -3.98 -35.24 -38.04
CA THR A 563 -4.01 -36.59 -37.53
C THR A 563 -5.44 -37.05 -37.26
N LEU A 564 -6.28 -36.17 -36.71
CA LEU A 564 -7.66 -36.53 -36.44
C LEU A 564 -8.53 -36.43 -37.70
N MET A 565 -8.18 -35.51 -38.61
CA MET A 565 -8.80 -35.46 -39.93
C MET A 565 -8.67 -36.79 -40.67
N ALA A 566 -7.53 -37.47 -40.48
CA ALA A 566 -7.32 -38.79 -41.08
C ALA A 566 -8.44 -39.78 -40.78
N CYS A 567 -9.04 -39.71 -39.60
CA CYS A 567 -10.08 -40.65 -39.17
C CYS A 567 -11.47 -40.13 -39.47
N ILE A 568 -11.70 -39.70 -40.71
CA ILE A 568 -12.99 -39.18 -41.16
C ILE A 568 -13.34 -39.83 -42.49
N THR A 569 -14.63 -40.17 -42.63
CA THR A 569 -15.19 -40.86 -43.76
C THR A 569 -16.16 -40.01 -44.56
N MET A 570 -16.87 -39.11 -43.88
CA MET A 570 -17.84 -38.22 -44.51
C MET A 570 -17.15 -36.91 -44.81
N ASN A 571 -17.38 -36.40 -46.03
CA ASN A 571 -16.76 -35.17 -46.48
C ASN A 571 -17.14 -34.00 -45.59
N MET A 572 -16.20 -33.08 -45.42
CA MET A 572 -16.25 -32.06 -44.38
C MET A 572 -16.34 -30.73 -45.10
N GLN A 573 -17.56 -30.21 -45.15
CA GLN A 573 -17.93 -29.02 -45.89
C GLN A 573 -17.81 -27.79 -45.01
N HIS A 574 -17.58 -26.64 -45.66
CA HIS A 574 -17.36 -25.36 -44.99
C HIS A 574 -18.59 -24.49 -45.20
N VAL A 575 -19.50 -24.54 -44.22
CA VAL A 575 -20.82 -23.92 -44.29
C VAL A 575 -21.13 -23.38 -42.91
N GLN A 576 -21.64 -22.16 -42.85
CA GLN A 576 -22.03 -21.58 -41.57
C GLN A 576 -23.27 -22.26 -41.00
N THR A 577 -23.48 -22.08 -39.70
CA THR A 577 -24.46 -22.86 -38.93
C THR A 577 -25.27 -21.95 -38.03
N LEU A 578 -26.45 -22.44 -37.64
CA LEU A 578 -27.35 -21.74 -36.73
C LEU A 578 -26.72 -21.47 -35.38
N THR A 579 -26.43 -22.54 -34.66
CA THR A 579 -25.89 -22.48 -33.33
C THR A 579 -24.38 -22.52 -33.42
N THR A 580 -23.74 -21.84 -32.48
CA THR A 580 -22.30 -21.67 -32.47
C THR A 580 -21.72 -22.31 -31.21
N GLU A 581 -20.44 -22.05 -31.00
CA GLU A 581 -19.71 -22.45 -29.81
C GLU A 581 -18.98 -21.23 -29.32
N LYS A 582 -19.20 -20.86 -28.06
CA LYS A 582 -18.59 -19.66 -27.53
C LYS A 582 -17.08 -19.85 -27.43
N LEU A 583 -16.35 -18.76 -27.60
CA LEU A 583 -14.90 -18.74 -27.46
C LEU A 583 -14.46 -17.41 -26.84
N GLN A 584 -14.25 -17.40 -25.54
CA GLN A 584 -13.68 -16.22 -24.91
C GLN A 584 -12.23 -16.06 -25.35
N LEU A 585 -11.84 -14.83 -25.70
CA LEU A 585 -10.48 -14.63 -26.18
C LEU A 585 -9.44 -14.77 -25.08
N THR A 586 -9.87 -14.64 -23.82
CA THR A 586 -9.03 -14.97 -22.68
C THR A 586 -8.66 -16.46 -22.65
N SER A 587 -9.47 -17.31 -23.29
CA SER A 587 -9.15 -18.71 -23.44
C SER A 587 -8.09 -18.98 -24.49
N VAL A 588 -7.75 -18.00 -25.32
CA VAL A 588 -6.60 -18.09 -26.22
C VAL A 588 -5.37 -17.61 -25.49
N THR A 589 -5.50 -16.40 -24.92
CA THR A 589 -4.48 -15.78 -24.08
C THR A 589 -3.96 -16.73 -23.01
N SER A 590 -4.84 -17.51 -22.40
CA SER A 590 -4.41 -18.53 -21.44
C SER A 590 -3.51 -19.54 -22.11
N LEU A 591 -3.99 -20.10 -23.23
CA LEU A 591 -3.27 -21.12 -23.99
C LEU A 591 -1.95 -20.57 -24.48
N CYS A 592 -1.97 -19.35 -25.01
CA CYS A 592 -0.77 -18.67 -25.48
C CYS A 592 0.19 -18.28 -24.36
N MET A 593 -0.23 -18.35 -23.09
CA MET A 593 0.57 -17.94 -21.94
C MET A 593 0.87 -19.08 -20.98
N LEU A 594 0.11 -20.17 -21.02
CA LEU A 594 0.33 -21.37 -20.20
C LEU A 594 0.59 -22.52 -21.16
N ILE A 595 1.84 -22.68 -21.58
CA ILE A 595 2.19 -23.70 -22.57
C ILE A 595 3.70 -23.81 -22.65
N GLY A 596 4.23 -25.01 -22.88
CA GLY A 596 5.65 -25.16 -23.11
C GLY A 596 6.16 -26.56 -22.92
N ASN A 597 7.13 -26.95 -23.75
CA ASN A 597 7.94 -28.19 -23.77
C ASN A 597 7.18 -29.42 -23.30
N ALA A 598 5.98 -29.58 -23.86
CA ALA A 598 5.03 -30.61 -23.47
C ALA A 598 4.21 -30.95 -24.70
N THR A 599 4.63 -31.98 -25.40
CA THR A 599 3.93 -32.46 -26.57
C THR A 599 2.86 -33.46 -26.19
N VAL A 600 1.76 -33.42 -26.93
CA VAL A 600 0.63 -34.31 -26.75
C VAL A 600 0.28 -34.85 -28.13
N ILE A 601 0.40 -36.17 -28.28
CA ILE A 601 0.07 -36.92 -29.49
C ILE A 601 -1.17 -37.74 -29.22
N PRO A 602 -2.21 -37.71 -30.08
CA PRO A 602 -3.34 -38.62 -29.87
C PRO A 602 -2.89 -40.07 -29.91
N SER A 603 -3.32 -40.82 -28.92
CA SER A 603 -3.00 -42.23 -28.88
C SER A 603 -3.60 -42.91 -30.11
N PRO A 604 -3.01 -44.00 -30.61
CA PRO A 604 -3.62 -44.69 -31.77
C PRO A 604 -4.99 -45.24 -31.47
N GLN A 605 -5.25 -45.57 -30.21
CA GLN A 605 -6.50 -46.20 -29.84
C GLN A 605 -7.63 -45.18 -29.89
N THR A 606 -7.35 -43.93 -29.50
CA THR A 606 -8.32 -42.87 -29.69
C THR A 606 -8.65 -42.69 -31.16
N LEU A 607 -7.62 -42.76 -32.01
CA LEU A 607 -7.82 -42.63 -33.44
C LEU A 607 -8.68 -43.76 -33.98
N PHE A 608 -8.37 -44.99 -33.57
CA PHE A 608 -9.11 -46.15 -34.05
C PHE A 608 -10.54 -46.11 -33.57
N HIS A 609 -10.74 -45.66 -32.33
CA HIS A 609 -12.05 -45.49 -31.75
C HIS A 609 -12.87 -44.48 -32.55
N TYR A 610 -12.27 -43.31 -32.81
CA TYR A 610 -12.93 -42.24 -33.54
C TYR A 610 -13.23 -42.65 -34.97
N TYR A 611 -12.31 -43.37 -35.59
CA TYR A 611 -12.49 -43.83 -36.97
C TYR A 611 -13.61 -44.84 -37.05
N ASN A 612 -13.65 -45.78 -36.10
CA ASN A 612 -14.68 -46.79 -36.13
C ASN A 612 -16.05 -46.19 -35.85
N VAL A 613 -16.10 -45.20 -34.95
CA VAL A 613 -17.35 -44.49 -34.69
C VAL A 613 -17.87 -43.81 -35.95
N ASN A 614 -16.99 -43.08 -36.64
CA ASN A 614 -17.40 -42.36 -37.84
C ASN A 614 -17.80 -43.33 -38.94
N VAL A 615 -17.07 -44.44 -39.06
CA VAL A 615 -17.41 -45.51 -40.00
C VAL A 615 -18.81 -46.04 -39.70
N ASN A 616 -19.12 -46.28 -38.44
CA ASN A 616 -20.38 -46.90 -38.10
C ASN A 616 -21.53 -45.95 -38.34
N PHE A 617 -21.33 -44.66 -38.01
CA PHE A 617 -22.33 -43.65 -38.30
C PHE A 617 -22.59 -43.53 -39.79
N HIS A 618 -21.51 -43.47 -40.57
CA HIS A 618 -21.60 -43.34 -42.01
C HIS A 618 -22.28 -44.55 -42.63
N SER A 619 -21.93 -45.75 -42.18
CA SER A 619 -22.52 -46.98 -42.70
C SER A 619 -24.00 -47.05 -42.38
N ASN A 620 -24.36 -46.75 -41.14
CA ASN A 620 -25.77 -46.67 -40.74
C ASN A 620 -26.52 -45.68 -41.62
N TYR A 621 -25.93 -44.50 -41.83
CA TYR A 621 -26.52 -43.45 -42.66
C TYR A 621 -26.80 -43.96 -44.06
N ASN A 622 -25.79 -44.54 -44.73
CA ASN A 622 -25.98 -45.01 -46.10
C ASN A 622 -26.96 -46.17 -46.17
N GLU A 623 -26.88 -47.11 -45.23
CA GLU A 623 -27.76 -48.27 -45.25
C GLU A 623 -29.22 -47.87 -45.07
N ARG A 624 -29.49 -46.99 -44.12
CA ARG A 624 -30.87 -46.55 -43.91
C ARG A 624 -31.36 -45.70 -45.08
N ILE A 625 -30.48 -44.91 -45.69
CA ILE A 625 -30.80 -44.22 -46.94
C ILE A 625 -31.24 -45.23 -47.99
N ASN A 626 -30.48 -46.32 -48.14
CA ASN A 626 -30.82 -47.33 -49.14
C ASN A 626 -32.16 -47.98 -48.84
N ASP A 627 -32.45 -48.23 -47.56
CA ASP A 627 -33.76 -48.72 -47.12
C ASP A 627 -34.87 -47.80 -47.60
N ALA A 628 -34.76 -46.52 -47.21
CA ALA A 628 -35.79 -45.53 -47.54
C ALA A 628 -35.95 -45.36 -49.04
N VAL A 629 -34.85 -45.34 -49.78
CA VAL A 629 -34.91 -45.19 -51.23
C VAL A 629 -35.58 -46.40 -51.86
N ALA A 630 -35.31 -47.59 -51.31
CA ALA A 630 -35.92 -48.81 -51.81
C ALA A 630 -37.43 -48.77 -51.65
N ILE A 631 -37.90 -48.44 -50.45
CA ILE A 631 -39.34 -48.42 -50.21
C ILE A 631 -40.01 -47.31 -51.01
N ILE A 632 -39.37 -46.14 -51.15
CA ILE A 632 -39.96 -45.04 -51.90
C ILE A 632 -40.13 -45.40 -53.38
N THR A 633 -39.05 -45.86 -54.01
CA THR A 633 -39.11 -46.29 -55.40
C THR A 633 -40.14 -47.40 -55.61
N ALA A 634 -40.17 -48.38 -54.70
CA ALA A 634 -41.12 -49.48 -54.84
C ALA A 634 -42.56 -49.00 -54.71
N ALA A 635 -42.80 -48.11 -53.74
CA ALA A 635 -44.13 -47.55 -53.55
C ALA A 635 -44.57 -46.74 -54.76
N ASN A 636 -43.62 -46.02 -55.39
CA ASN A 636 -43.98 -45.19 -56.53
C ASN A 636 -44.24 -46.03 -57.77
N ARG A 637 -43.57 -47.19 -57.89
CA ARG A 637 -43.76 -48.06 -59.04
C ARG A 637 -44.93 -49.03 -58.88
N LEU A 638 -45.48 -49.18 -57.67
CA LEU A 638 -46.69 -49.93 -57.41
C LEU A 638 -47.94 -49.03 -57.28
N ASN A 639 -47.87 -47.76 -57.73
CA ASN A 639 -49.04 -46.90 -57.84
C ASN A 639 -49.70 -46.60 -56.47
N LEU A 640 -49.00 -46.82 -55.37
CA LEU A 640 -49.58 -46.57 -54.05
C LEU A 640 -49.80 -45.08 -53.85
N TYR A 641 -51.08 -44.67 -53.95
CA TYR A 641 -51.44 -43.25 -53.95
C TYR A 641 -52.02 -42.77 -52.63
N GLN A 642 -52.56 -43.66 -51.80
CA GLN A 642 -53.08 -43.26 -50.49
C GLN A 642 -52.00 -43.28 -49.42
N LYS A 643 -50.75 -43.60 -49.77
CA LYS A 643 -49.71 -43.87 -48.79
C LYS A 643 -48.92 -42.59 -48.55
N LYS A 644 -48.90 -42.16 -47.30
CA LYS A 644 -48.23 -40.92 -46.92
C LYS A 644 -46.84 -41.29 -46.45
N MET A 645 -45.83 -40.81 -47.17
CA MET A 645 -44.47 -41.32 -47.02
C MET A 645 -43.79 -40.39 -46.01
N LYS A 646 -44.27 -40.53 -44.78
CA LYS A 646 -43.79 -39.76 -43.63
C LYS A 646 -43.27 -40.65 -42.53
N SER A 647 -44.06 -41.65 -42.13
CA SER A 647 -43.68 -42.55 -41.04
C SER A 647 -42.41 -43.32 -41.37
N ILE A 648 -42.20 -43.61 -42.64
CA ILE A 648 -40.97 -44.22 -43.11
C ILE A 648 -39.80 -43.29 -42.83
N VAL A 649 -39.98 -42.00 -43.13
CA VAL A 649 -38.91 -41.03 -42.90
C VAL A 649 -38.76 -40.75 -41.42
N GLU A 650 -39.84 -40.83 -40.66
CA GLU A 650 -39.73 -40.75 -39.20
C GLU A 650 -38.88 -41.89 -38.66
N ASP A 651 -39.10 -43.11 -39.16
CA ASP A 651 -38.28 -44.25 -38.77
C ASP A 651 -36.83 -44.04 -39.18
N PHE A 652 -36.62 -43.49 -40.39
CA PHE A 652 -35.29 -43.19 -40.91
C PHE A 652 -34.55 -42.26 -39.97
N LEU A 653 -35.22 -41.22 -39.48
CA LEU A 653 -34.59 -40.29 -38.56
C LEU A 653 -34.43 -40.88 -37.15
N LYS A 654 -35.33 -41.81 -36.76
CA LYS A 654 -35.21 -42.45 -35.46
C LYS A 654 -34.03 -43.41 -35.40
N ARG A 655 -33.79 -44.16 -36.47
CA ARG A 655 -32.64 -45.06 -36.51
C ARG A 655 -31.30 -44.33 -36.51
N LEU A 656 -31.29 -43.04 -36.86
CA LEU A 656 -30.13 -42.18 -36.67
C LEU A 656 -30.24 -41.57 -35.28
N GLN A 657 -29.42 -42.06 -34.37
CA GLN A 657 -29.59 -41.85 -32.93
C GLN A 657 -28.96 -40.52 -32.50
N ILE A 658 -29.34 -39.42 -33.15
CA ILE A 658 -28.91 -38.08 -32.75
C ILE A 658 -30.02 -37.03 -32.79
N PHE A 659 -31.16 -37.32 -33.41
CA PHE A 659 -32.20 -36.34 -33.61
C PHE A 659 -33.24 -36.37 -32.50
N ASP A 660 -34.10 -35.37 -32.55
CA ASP A 660 -35.24 -35.17 -31.66
C ASP A 660 -36.46 -35.06 -32.57
N ILE A 661 -37.17 -36.18 -32.75
CA ILE A 661 -38.29 -36.20 -33.67
C ILE A 661 -39.46 -35.38 -33.12
N SER A 662 -39.49 -35.14 -31.80
CA SER A 662 -40.52 -34.32 -31.18
C SER A 662 -40.58 -32.89 -31.73
N ARG A 663 -39.49 -32.38 -32.37
CA ARG A 663 -39.41 -31.00 -32.83
C ARG A 663 -38.87 -30.88 -34.24
N VAL A 664 -39.09 -31.88 -35.10
CA VAL A 664 -38.76 -31.81 -36.53
C VAL A 664 -40.06 -31.83 -37.33
N PRO A 665 -40.26 -30.93 -38.37
CA PRO A 665 -41.58 -30.86 -39.02
C PRO A 665 -41.78 -31.85 -40.14
N ASP A 666 -42.93 -31.70 -40.80
CA ASP A 666 -43.28 -32.51 -41.95
C ASP A 666 -42.60 -32.02 -43.23
N ASP A 667 -42.28 -30.73 -43.31
CA ASP A 667 -41.75 -30.18 -44.56
C ASP A 667 -40.34 -30.67 -44.85
N GLN A 668 -39.48 -30.68 -43.83
CA GLN A 668 -38.15 -31.25 -43.97
C GLN A 668 -38.22 -32.70 -44.37
N MET A 669 -39.19 -33.44 -43.81
CA MET A 669 -39.35 -34.85 -44.14
C MET A 669 -39.71 -35.02 -45.61
N TYR A 670 -40.63 -34.17 -46.10
CA TYR A 670 -41.07 -34.28 -47.48
C TYR A 670 -40.00 -33.81 -48.47
N ARG A 671 -39.23 -32.79 -48.11
CA ARG A 671 -38.09 -32.41 -48.95
C ARG A 671 -37.04 -33.50 -49.00
N LEU A 672 -36.76 -34.10 -47.83
CA LEU A 672 -35.84 -35.22 -47.77
C LEU A 672 -36.35 -36.36 -48.64
N ARG A 673 -37.66 -36.58 -48.64
CA ARG A 673 -38.28 -37.55 -49.54
C ARG A 673 -38.11 -37.14 -50.99
N ASP A 674 -38.26 -35.85 -51.30
CA ASP A 674 -38.13 -35.39 -52.67
C ASP A 674 -36.71 -35.63 -53.18
N ARG A 675 -35.72 -35.47 -52.30
CA ARG A 675 -34.36 -35.82 -52.69
C ARG A 675 -34.19 -37.33 -52.80
N LEU A 676 -34.76 -38.09 -51.87
CA LEU A 676 -34.64 -39.54 -51.87
C LEU A 676 -35.29 -40.19 -53.09
N ARG A 677 -36.27 -39.52 -53.70
CA ARG A 677 -36.87 -40.06 -54.92
C ARG A 677 -35.84 -40.23 -56.04
N LEU A 678 -34.79 -39.39 -56.06
CA LEU A 678 -33.90 -39.22 -57.17
C LEU A 678 -32.59 -39.99 -57.02
N LEU A 679 -32.54 -40.98 -56.12
CA LEU A 679 -31.36 -41.79 -55.81
C LEU A 679 -31.46 -43.16 -56.46
N PRO A 680 -30.42 -43.71 -57.11
CA PRO A 680 -30.53 -45.08 -57.61
C PRO A 680 -30.57 -46.07 -56.45
N VAL A 681 -31.38 -47.10 -56.61
CA VAL A 681 -31.45 -48.17 -55.64
C VAL A 681 -30.22 -49.05 -55.79
N GLU A 682 -29.71 -49.54 -54.66
CA GLU A 682 -28.56 -50.44 -54.67
C GLU A 682 -28.92 -51.75 -55.34
N ILE A 683 -27.89 -52.54 -55.62
CA ILE A 683 -28.02 -53.69 -56.51
C ILE A 683 -28.91 -54.75 -55.91
N ARG A 684 -28.76 -54.99 -54.60
CA ARG A 684 -29.50 -56.04 -53.90
C ARG A 684 -30.99 -55.79 -53.98
N ARG A 685 -31.38 -54.62 -53.51
CA ARG A 685 -32.77 -54.22 -53.40
C ARG A 685 -33.40 -54.10 -54.77
N LEU A 686 -32.64 -53.58 -55.73
CA LEU A 686 -33.14 -53.40 -57.09
C LEU A 686 -33.43 -54.74 -57.74
N ASP A 687 -32.53 -55.70 -57.56
CA ASP A 687 -32.75 -57.01 -58.16
C ASP A 687 -33.93 -57.71 -57.49
N ILE A 688 -34.04 -57.59 -56.17
CA ILE A 688 -35.17 -58.21 -55.48
C ILE A 688 -36.50 -57.58 -55.88
N PHE A 689 -36.49 -56.28 -56.20
CA PHE A 689 -37.73 -55.66 -56.63
C PHE A 689 -38.06 -56.04 -58.05
N ASN A 690 -37.06 -56.16 -58.93
CA ASN A 690 -37.40 -56.55 -60.30
C ASN A 690 -37.71 -58.03 -60.40
N LEU A 691 -37.30 -58.83 -59.41
CA LEU A 691 -37.77 -60.21 -59.26
C LEU A 691 -39.17 -60.30 -58.65
N ILE A 692 -39.69 -59.21 -58.08
CA ILE A 692 -41.03 -59.21 -57.49
C ILE A 692 -42.05 -58.61 -58.45
N LEU A 693 -41.67 -57.58 -59.23
CA LEU A 693 -42.59 -57.03 -60.23
C LEU A 693 -42.95 -58.05 -61.30
N MET A 694 -42.08 -59.01 -61.57
CA MET A 694 -42.30 -60.05 -62.57
C MET A 694 -42.96 -61.30 -62.01
N ASN A 695 -43.24 -61.35 -60.68
CA ASN A 695 -43.83 -62.51 -60.04
C ASN A 695 -44.91 -62.17 -59.03
N MET A 696 -45.22 -60.90 -58.79
CA MET A 696 -46.33 -60.57 -57.90
C MET A 696 -47.65 -61.11 -58.45
N GLU A 697 -47.81 -61.07 -59.78
CA GLU A 697 -49.06 -61.56 -60.35
C GLU A 697 -49.13 -63.08 -60.24
N GLN A 698 -48.01 -63.76 -60.53
CA GLN A 698 -47.94 -65.21 -60.47
C GLN A 698 -48.15 -65.75 -59.07
N ILE A 699 -47.81 -64.97 -58.06
CA ILE A 699 -48.21 -65.28 -56.70
C ILE A 699 -49.69 -64.98 -56.50
N GLU A 700 -50.17 -63.91 -57.15
CA GLU A 700 -51.55 -63.50 -57.03
C GLU A 700 -52.48 -64.32 -57.92
N ARG A 701 -51.94 -65.01 -58.95
CA ARG A 701 -52.77 -65.96 -59.68
C ARG A 701 -53.11 -67.17 -58.82
N ALA A 702 -52.27 -67.48 -57.83
CA ALA A 702 -52.45 -68.52 -56.85
C ALA A 702 -53.38 -67.99 -55.76
N SER A 703 -53.33 -68.56 -54.55
CA SER A 703 -54.08 -68.06 -53.40
C SER A 703 -55.59 -68.22 -53.58
N ASP A 704 -56.10 -69.44 -53.42
CA ASP A 704 -57.54 -69.66 -53.52
C ASP A 704 -58.36 -69.10 -52.35
N LYS A 705 -58.33 -67.78 -52.18
CA LYS A 705 -59.23 -67.00 -51.33
C LYS A 705 -59.69 -65.72 -52.01
N ILE A 706 -59.03 -65.27 -53.08
CA ILE A 706 -59.40 -64.13 -53.89
C ILE A 706 -59.39 -64.62 -55.32
N ALA A 707 -59.98 -63.81 -56.20
CA ALA A 707 -59.97 -64.06 -57.63
C ALA A 707 -59.72 -62.76 -58.37
N GLN A 708 -59.08 -62.87 -59.51
CA GLN A 708 -58.64 -61.70 -60.26
C GLN A 708 -59.76 -61.06 -61.07
N GLY A 709 -60.98 -61.57 -61.00
CA GLY A 709 -62.10 -60.96 -61.67
C GLY A 709 -63.24 -61.95 -61.80
N VAL A 710 -64.29 -61.46 -62.46
CA VAL A 710 -65.43 -62.29 -62.81
C VAL A 710 -65.99 -61.76 -64.12
N ILE A 711 -66.25 -62.67 -65.02
CA ILE A 711 -66.86 -62.35 -66.30
C ILE A 711 -68.36 -62.52 -66.11
N ILE A 712 -69.14 -61.63 -66.71
CA ILE A 712 -70.59 -61.67 -66.70
C ILE A 712 -71.02 -61.54 -68.14
N ALA A 713 -71.38 -62.67 -68.76
CA ALA A 713 -71.81 -62.72 -70.15
C ALA A 713 -73.05 -63.60 -70.16
N TYR A 714 -74.21 -62.98 -70.39
CA TYR A 714 -75.48 -63.68 -70.27
C TYR A 714 -75.76 -64.63 -71.43
N ARG A 715 -74.96 -65.68 -71.49
CA ARG A 715 -74.94 -66.62 -72.60
C ARG A 715 -74.55 -67.94 -71.95
N ASP A 716 -75.31 -68.98 -72.21
CA ASP A 716 -75.11 -70.24 -71.49
C ASP A 716 -73.85 -70.94 -71.99
N MET A 717 -72.71 -70.51 -71.42
CA MET A 717 -71.39 -70.97 -71.82
C MET A 717 -70.98 -72.20 -71.00
N GLN A 718 -70.00 -72.92 -71.54
CA GLN A 718 -69.54 -74.19 -71.00
C GLN A 718 -68.56 -74.01 -69.84
N LEU A 719 -68.55 -75.01 -68.94
CA LEU A 719 -67.56 -75.10 -67.86
C LEU A 719 -66.36 -75.92 -68.30
N GLU A 720 -65.23 -75.67 -67.66
CA GLU A 720 -63.95 -76.19 -68.11
C GLU A 720 -63.56 -77.44 -67.33
N ARG A 721 -63.01 -78.40 -68.06
CA ARG A 721 -62.52 -79.68 -67.53
C ARG A 721 -61.11 -79.52 -67.00
N ASP A 722 -61.01 -78.90 -65.84
CA ASP A 722 -59.79 -78.97 -65.04
C ASP A 722 -59.74 -80.35 -64.37
N GLU A 723 -58.69 -80.57 -63.58
CA GLU A 723 -58.40 -81.88 -62.99
C GLU A 723 -58.10 -81.88 -61.51
N MET A 724 -57.67 -80.77 -60.91
CA MET A 724 -57.71 -80.68 -59.46
C MET A 724 -59.14 -80.46 -58.98
N TYR A 725 -59.90 -79.68 -59.74
CA TYR A 725 -61.35 -79.71 -59.72
C TYR A 725 -61.83 -80.67 -60.80
N GLY A 726 -63.14 -80.75 -61.00
CA GLY A 726 -63.74 -81.42 -62.14
C GLY A 726 -64.18 -80.43 -63.18
N TYR A 727 -65.47 -80.11 -63.17
CA TYR A 727 -66.02 -79.02 -63.94
C TYR A 727 -66.04 -77.76 -63.08
N VAL A 728 -65.59 -76.65 -63.67
CA VAL A 728 -65.57 -75.35 -62.99
C VAL A 728 -65.98 -74.24 -63.95
N ASN A 729 -66.49 -73.14 -63.38
CA ASN A 729 -66.86 -71.95 -64.14
C ASN A 729 -65.71 -70.96 -64.24
N ILE A 730 -64.57 -71.47 -64.68
CA ILE A 730 -63.30 -70.75 -64.59
C ILE A 730 -62.91 -70.24 -65.97
N ALA A 731 -62.15 -69.17 -65.97
CA ALA A 731 -61.63 -68.54 -67.18
C ALA A 731 -60.23 -68.06 -66.85
N ARG A 732 -59.35 -68.13 -67.85
CA ARG A 732 -57.92 -67.96 -67.65
C ARG A 732 -57.25 -67.01 -68.64
N ASN A 733 -58.01 -66.33 -69.49
CA ASN A 733 -57.48 -65.42 -70.52
C ASN A 733 -58.04 -64.02 -70.40
N LEU A 734 -59.34 -63.89 -70.14
CA LEU A 734 -60.05 -62.61 -70.10
C LEU A 734 -59.89 -61.88 -71.44
N ASP A 735 -60.45 -62.50 -72.48
CA ASP A 735 -60.42 -61.99 -73.84
C ASP A 735 -61.80 -62.01 -74.44
N GLY A 736 -62.02 -61.10 -75.40
CA GLY A 736 -63.35 -60.82 -75.87
C GLY A 736 -63.96 -59.64 -75.14
N PHE A 737 -64.67 -59.99 -74.08
CA PHE A 737 -65.53 -59.06 -73.36
C PHE A 737 -64.73 -57.90 -72.77
N GLN A 738 -65.39 -56.75 -72.69
CA GLN A 738 -64.79 -55.55 -72.16
C GLN A 738 -64.79 -55.54 -70.64
N GLN A 739 -63.74 -54.95 -70.09
CA GLN A 739 -63.39 -55.02 -68.69
C GLN A 739 -63.55 -53.70 -67.97
N ILE A 740 -63.79 -53.80 -66.67
CA ILE A 740 -63.99 -52.67 -65.77
C ILE A 740 -63.09 -52.89 -64.57
N ASN A 741 -62.20 -51.94 -64.32
CA ASN A 741 -61.34 -52.01 -63.16
C ASN A 741 -62.10 -51.46 -61.98
N LEU A 742 -62.02 -52.15 -60.84
CA LEU A 742 -62.82 -51.78 -59.68
C LEU A 742 -62.14 -50.75 -58.78
N GLU A 743 -60.81 -50.69 -58.78
CA GLU A 743 -60.16 -49.67 -57.97
C GLU A 743 -60.38 -48.29 -58.57
N GLU A 744 -60.46 -48.23 -59.90
CA GLU A 744 -60.92 -47.05 -60.60
C GLU A 744 -62.33 -46.69 -60.16
N LEU A 745 -63.20 -47.69 -60.05
CA LEU A 745 -64.58 -47.43 -59.71
C LEU A 745 -64.76 -46.99 -58.27
N MET A 746 -63.86 -47.39 -57.37
CA MET A 746 -63.91 -47.08 -55.95
C MET A 746 -63.13 -45.84 -55.56
N ARG A 747 -62.26 -45.33 -56.42
CA ARG A 747 -61.76 -43.97 -56.22
C ARG A 747 -62.86 -42.97 -56.48
N THR A 748 -63.29 -42.87 -57.73
CA THR A 748 -64.34 -41.96 -58.16
C THR A 748 -65.57 -42.83 -58.29
N GLY A 749 -66.42 -42.82 -57.26
CA GLY A 749 -67.67 -43.54 -57.31
C GLY A 749 -68.55 -43.05 -58.43
N ASP A 750 -68.57 -43.80 -59.52
CA ASP A 750 -69.49 -43.59 -60.63
C ASP A 750 -70.04 -44.97 -60.96
N TYR A 751 -71.10 -45.36 -60.26
CA TYR A 751 -71.82 -46.59 -60.55
C TYR A 751 -72.94 -46.40 -61.57
N ALA A 752 -72.81 -45.42 -62.46
CA ALA A 752 -73.78 -45.17 -63.52
C ALA A 752 -73.57 -46.15 -64.67
N GLN A 753 -72.31 -46.23 -65.13
CA GLN A 753 -71.90 -47.16 -66.18
C GLN A 753 -72.30 -48.57 -65.82
N ILE A 754 -71.78 -49.06 -64.69
CA ILE A 754 -71.99 -50.45 -64.29
C ILE A 754 -73.46 -50.75 -64.06
N THR A 755 -74.22 -49.77 -63.54
CA THR A 755 -75.63 -50.01 -63.31
C THR A 755 -76.39 -50.12 -64.61
N ASN A 756 -76.11 -49.20 -65.55
CA ASN A 756 -76.60 -49.29 -66.93
C ASN A 756 -76.30 -50.65 -67.54
N MET A 757 -75.09 -51.16 -67.32
CA MET A 757 -74.68 -52.40 -67.95
C MET A 757 -75.34 -53.61 -67.32
N LEU A 758 -75.64 -53.55 -66.01
CA LEU A 758 -76.31 -54.67 -65.35
C LEU A 758 -77.81 -54.71 -65.62
N LEU A 759 -78.48 -53.56 -65.63
CA LEU A 759 -79.92 -53.55 -65.89
C LEU A 759 -80.28 -54.01 -67.29
N ASN A 760 -79.38 -53.83 -68.26
CA ASN A 760 -79.62 -54.18 -69.65
C ASN A 760 -78.95 -55.50 -70.06
N ASN A 761 -78.41 -56.28 -69.10
CA ASN A 761 -77.91 -57.65 -69.34
C ASN A 761 -76.83 -57.65 -70.42
N GLN A 762 -75.96 -56.67 -70.36
CA GLN A 762 -74.92 -56.42 -71.35
C GLN A 762 -73.66 -57.19 -70.95
N PRO A 763 -72.93 -57.85 -71.86
CA PRO A 763 -71.70 -58.55 -71.45
C PRO A 763 -70.62 -57.60 -70.94
N VAL A 764 -69.86 -58.07 -69.95
CA VAL A 764 -68.89 -57.23 -69.27
C VAL A 764 -67.96 -58.17 -68.50
N ALA A 765 -66.81 -57.65 -68.11
CA ALA A 765 -65.91 -58.28 -67.15
C ALA A 765 -65.56 -57.29 -66.05
N LEU A 766 -65.35 -57.84 -64.86
CA LEU A 766 -64.97 -57.08 -63.68
C LEU A 766 -63.61 -57.56 -63.21
N VAL A 767 -62.70 -56.61 -62.99
CA VAL A 767 -61.29 -56.89 -62.79
C VAL A 767 -60.92 -56.32 -61.42
N GLY A 768 -60.26 -57.13 -60.63
CA GLY A 768 -59.88 -56.74 -59.28
C GLY A 768 -59.89 -57.96 -58.39
N ALA A 769 -59.10 -57.90 -57.33
CA ALA A 769 -59.06 -58.99 -56.37
C ALA A 769 -60.42 -59.12 -55.69
N LEU A 770 -61.12 -60.22 -55.97
CA LEU A 770 -62.47 -60.50 -55.51
C LEU A 770 -62.43 -61.77 -54.68
N PRO A 771 -63.08 -61.85 -53.51
CA PRO A 771 -63.27 -63.17 -52.88
C PRO A 771 -64.14 -64.10 -53.70
N PHE A 772 -64.25 -65.33 -53.22
CA PHE A 772 -65.16 -66.28 -53.83
C PHE A 772 -65.49 -67.36 -52.82
N ILE A 773 -66.54 -68.11 -53.12
CA ILE A 773 -66.99 -69.22 -52.29
C ILE A 773 -67.33 -70.40 -53.19
N THR A 774 -66.78 -71.56 -52.86
CA THR A 774 -67.01 -72.74 -53.66
C THR A 774 -68.37 -73.28 -53.27
N ASP A 775 -69.10 -73.80 -54.25
CA ASP A 775 -70.40 -74.40 -54.05
C ASP A 775 -70.42 -75.72 -54.83
N SER A 776 -70.36 -76.82 -54.09
CA SER A 776 -70.37 -78.17 -54.65
C SER A 776 -71.77 -78.76 -54.71
N SER A 777 -72.79 -77.93 -54.94
CA SER A 777 -74.16 -78.36 -55.13
C SER A 777 -74.50 -78.16 -56.59
N VAL A 778 -74.87 -79.25 -57.27
CA VAL A 778 -75.30 -79.15 -58.66
C VAL A 778 -76.62 -78.37 -58.75
N ILE A 779 -77.43 -78.38 -57.69
CA ILE A 779 -78.70 -77.68 -57.72
C ILE A 779 -78.49 -76.17 -57.74
N SER A 780 -77.33 -75.69 -57.27
CA SER A 780 -76.99 -74.29 -57.40
C SER A 780 -76.53 -73.91 -58.81
N LEU A 781 -76.35 -74.88 -59.71
CA LEU A 781 -75.93 -74.61 -61.08
C LEU A 781 -77.16 -74.37 -61.94
N VAL A 782 -78.12 -75.30 -61.88
CA VAL A 782 -79.34 -75.16 -62.66
C VAL A 782 -80.21 -74.06 -62.10
N ALA A 783 -80.13 -73.80 -60.79
CA ALA A 783 -80.89 -72.71 -60.19
C ALA A 783 -80.26 -71.36 -60.50
N LYS A 784 -79.00 -71.33 -60.91
CA LYS A 784 -78.31 -70.11 -61.33
C LYS A 784 -78.26 -69.07 -60.22
N LEU A 785 -77.55 -69.42 -59.14
CA LEU A 785 -77.37 -68.52 -58.02
C LEU A 785 -76.22 -67.56 -58.25
N ASP A 786 -75.27 -67.89 -59.12
CA ASP A 786 -74.16 -66.99 -59.33
C ASP A 786 -74.61 -65.71 -60.05
N ALA A 787 -75.70 -65.78 -60.82
CA ALA A 787 -76.31 -64.60 -61.39
C ALA A 787 -77.13 -63.79 -60.38
N THR A 788 -77.29 -64.27 -59.14
CA THR A 788 -78.12 -63.64 -58.13
C THR A 788 -77.37 -62.66 -57.25
N VAL A 789 -76.09 -62.42 -57.51
CA VAL A 789 -75.22 -61.74 -56.56
C VAL A 789 -75.11 -60.26 -56.89
N PHE A 790 -75.46 -59.85 -58.11
CA PHE A 790 -75.14 -58.52 -58.60
C PHE A 790 -76.31 -57.54 -58.49
N ALA A 791 -77.40 -57.92 -57.82
CA ALA A 791 -78.52 -57.01 -57.62
C ALA A 791 -78.25 -56.05 -56.48
N GLN A 792 -77.47 -56.47 -55.47
CA GLN A 792 -77.05 -55.55 -54.41
C GLN A 792 -76.10 -54.46 -54.88
N ILE A 793 -75.55 -54.54 -56.10
CA ILE A 793 -74.68 -53.48 -56.62
C ILE A 793 -75.49 -52.29 -57.14
N VAL A 794 -76.73 -52.50 -57.53
CA VAL A 794 -77.58 -51.42 -58.02
C VAL A 794 -78.35 -50.76 -56.87
N LYS A 795 -78.65 -51.51 -55.80
CA LYS A 795 -79.39 -50.97 -54.67
C LYS A 795 -78.48 -50.18 -53.74
N LEU A 796 -77.55 -50.86 -53.08
CA LEU A 796 -76.54 -50.27 -52.20
C LEU A 796 -75.26 -50.23 -53.03
N ARG A 797 -74.88 -49.06 -53.51
CA ARG A 797 -73.89 -48.96 -54.59
C ARG A 797 -72.48 -49.39 -54.20
N LYS A 798 -72.20 -49.68 -52.93
CA LYS A 798 -70.93 -50.23 -52.49
C LYS A 798 -70.61 -51.53 -53.25
N VAL A 799 -69.32 -51.78 -53.45
CA VAL A 799 -68.83 -53.10 -53.87
C VAL A 799 -67.72 -53.53 -52.91
N ASP A 800 -68.12 -54.15 -51.79
CA ASP A 800 -67.17 -54.70 -50.83
C ASP A 800 -67.53 -56.11 -50.37
N THR A 801 -68.82 -56.39 -50.20
CA THR A 801 -69.31 -57.71 -49.77
C THR A 801 -69.73 -58.50 -51.01
N LEU A 802 -68.83 -58.54 -51.98
CA LEU A 802 -69.05 -59.11 -53.31
C LEU A 802 -68.28 -60.42 -53.41
N LYS A 803 -69.03 -61.51 -53.50
CA LYS A 803 -68.50 -62.86 -53.40
C LYS A 803 -69.11 -63.73 -54.50
N PRO A 804 -68.52 -63.76 -55.70
CA PRO A 804 -69.00 -64.67 -56.74
C PRO A 804 -68.85 -66.13 -56.33
N ILE A 805 -69.38 -66.99 -57.18
CA ILE A 805 -69.47 -68.43 -56.91
C ILE A 805 -68.50 -69.12 -57.83
N LEU A 806 -67.93 -70.22 -57.32
CA LEU A 806 -67.13 -71.15 -58.10
C LEU A 806 -67.86 -72.48 -58.05
N TYR A 807 -68.20 -72.98 -59.22
CA TYR A 807 -69.03 -74.18 -59.37
C TYR A 807 -68.13 -75.39 -59.57
N LYS A 808 -67.46 -75.80 -58.49
CA LYS A 808 -66.65 -77.00 -58.52
C LYS A 808 -67.57 -78.21 -58.40
N ILE A 809 -67.53 -79.07 -59.40
CA ILE A 809 -68.40 -80.24 -59.51
C ILE A 809 -67.53 -81.47 -59.63
N ASN A 810 -67.97 -82.54 -59.01
CA ASN A 810 -67.20 -83.76 -58.86
C ASN A 810 -68.13 -84.76 -58.19
N SER A 811 -67.66 -86.00 -58.03
CA SER A 811 -68.43 -87.03 -57.35
C SER A 811 -68.70 -86.73 -55.87
N ASP A 812 -68.03 -85.75 -55.26
CA ASP A 812 -68.19 -85.40 -53.85
C ASP A 812 -69.27 -84.35 -53.63
N SER A 813 -70.24 -84.25 -54.54
CA SER A 813 -71.20 -83.14 -54.59
C SER A 813 -72.63 -83.54 -54.22
N ASN A 814 -72.92 -84.84 -54.10
CA ASN A 814 -74.15 -85.44 -53.60
C ASN A 814 -75.27 -85.41 -54.65
N ASP A 815 -75.09 -84.75 -55.80
CA ASP A 815 -76.03 -84.76 -56.92
C ASP A 815 -75.32 -84.99 -58.25
N PHE A 816 -74.06 -85.44 -58.23
CA PHE A 816 -73.26 -85.60 -59.44
C PHE A 816 -73.84 -86.62 -60.41
N TYR A 817 -74.67 -87.56 -59.91
CA TYR A 817 -75.16 -88.70 -60.67
C TYR A 817 -75.90 -88.29 -61.93
N LEU A 818 -76.53 -87.11 -61.90
CA LEU A 818 -77.26 -86.55 -63.03
C LEU A 818 -76.36 -86.45 -64.24
N VAL A 819 -75.15 -85.91 -64.03
CA VAL A 819 -74.15 -85.79 -65.10
C VAL A 819 -73.87 -87.16 -65.70
N ALA A 820 -73.81 -88.18 -64.85
CA ALA A 820 -73.55 -89.54 -65.27
C ALA A 820 -74.83 -90.32 -65.54
N ASN A 821 -75.95 -89.62 -65.81
CA ASN A 821 -77.20 -90.29 -66.17
C ASN A 821 -77.97 -89.63 -67.29
N TYR A 822 -77.66 -88.38 -67.68
CA TYR A 822 -78.54 -87.54 -68.50
C TYR A 822 -77.85 -86.87 -69.67
N ASP A 823 -76.54 -87.04 -69.84
CA ASP A 823 -75.80 -86.58 -71.02
C ASP A 823 -75.91 -85.06 -71.20
N TRP A 824 -75.39 -84.33 -70.21
CA TRP A 824 -75.31 -82.87 -70.25
C TRP A 824 -73.94 -82.45 -69.78
N VAL A 825 -73.23 -81.74 -70.65
CA VAL A 825 -72.00 -81.06 -70.21
C VAL A 825 -72.42 -79.85 -69.38
N PRO A 826 -71.80 -79.57 -68.21
CA PRO A 826 -72.22 -78.37 -67.48
C PRO A 826 -72.00 -77.07 -68.22
N THR A 827 -73.11 -76.46 -68.61
CA THR A 827 -73.17 -75.14 -69.20
C THR A 827 -73.66 -74.18 -68.13
N SER A 828 -73.32 -72.92 -68.28
CA SER A 828 -73.54 -71.97 -67.19
C SER A 828 -73.39 -70.56 -67.73
N THR A 829 -73.43 -69.60 -66.79
CA THR A 829 -73.38 -68.19 -67.06
C THR A 829 -72.54 -67.60 -65.95
N THR A 830 -71.88 -66.48 -66.25
CA THR A 830 -71.11 -65.72 -65.28
C THR A 830 -69.93 -66.53 -64.76
N LYS A 831 -69.01 -66.81 -65.69
CA LYS A 831 -67.75 -67.46 -65.36
C LYS A 831 -66.91 -66.57 -64.46
N VAL A 832 -65.82 -67.14 -63.96
CA VAL A 832 -64.88 -66.48 -63.06
C VAL A 832 -63.52 -66.49 -63.70
N TYR A 833 -62.77 -65.39 -63.50
CA TYR A 833 -61.45 -65.19 -64.08
C TYR A 833 -60.43 -65.60 -63.04
N LYS A 834 -59.84 -66.77 -63.23
CA LYS A 834 -58.96 -67.32 -62.23
C LYS A 834 -58.10 -68.39 -62.87
N GLN A 835 -56.88 -68.54 -62.34
CA GLN A 835 -55.93 -69.54 -62.78
C GLN A 835 -55.99 -70.73 -61.85
N ILE A 836 -55.32 -71.80 -62.27
CA ILE A 836 -55.27 -73.08 -61.57
C ILE A 836 -53.96 -73.21 -60.80
N PRO A 837 -53.86 -74.06 -59.78
CA PRO A 837 -52.55 -74.28 -59.17
C PRO A 837 -51.66 -75.00 -60.14
N GLN A 838 -50.36 -74.90 -59.89
CA GLN A 838 -49.38 -75.60 -60.70
C GLN A 838 -49.12 -76.95 -60.06
N GLN A 839 -48.63 -77.85 -60.89
CA GLN A 839 -48.49 -79.26 -60.56
C GLN A 839 -47.06 -79.52 -60.12
N PHE A 840 -46.92 -80.34 -59.10
CA PHE A 840 -45.65 -80.53 -58.43
C PHE A 840 -44.89 -81.60 -59.18
N ASP A 841 -43.82 -81.21 -59.85
CA ASP A 841 -42.90 -82.11 -60.53
C ASP A 841 -41.69 -82.20 -59.62
N PHE A 842 -41.51 -83.37 -59.02
CA PHE A 842 -40.46 -83.58 -58.04
C PHE A 842 -39.08 -83.40 -58.64
N ARG A 843 -38.86 -83.99 -59.82
CA ARG A 843 -37.55 -83.94 -60.44
C ARG A 843 -37.21 -82.53 -60.88
N ALA A 844 -38.13 -81.91 -61.63
CA ALA A 844 -37.92 -80.56 -62.13
C ALA A 844 -37.89 -79.50 -61.04
N SER A 845 -38.46 -79.77 -59.87
CA SER A 845 -38.43 -78.85 -58.75
C SER A 845 -37.14 -78.91 -57.94
N MET A 846 -36.27 -79.87 -58.23
CA MET A 846 -35.06 -80.10 -57.46
C MET A 846 -33.94 -79.26 -58.06
N HIS A 847 -33.13 -78.69 -57.17
CA HIS A 847 -31.99 -77.88 -57.55
C HIS A 847 -30.85 -78.22 -56.61
N MET A 848 -29.66 -77.78 -57.02
CA MET A 848 -28.45 -77.89 -56.24
C MET A 848 -27.99 -76.48 -55.90
N LEU A 849 -27.88 -76.21 -54.61
CA LEU A 849 -27.49 -74.92 -54.07
C LEU A 849 -26.03 -74.99 -53.70
N THR A 850 -25.26 -74.03 -54.22
CA THR A 850 -23.84 -73.93 -53.96
C THR A 850 -23.59 -73.04 -52.75
N SER A 851 -22.44 -73.24 -52.11
CA SER A 851 -22.01 -72.32 -51.06
C SER A 851 -20.54 -72.56 -50.76
N ASN A 852 -19.97 -71.64 -49.98
CA ASN A 852 -18.62 -71.79 -49.47
C ASN A 852 -18.64 -72.69 -48.26
N LEU A 853 -17.54 -73.40 -48.06
CA LEU A 853 -17.40 -74.35 -46.96
C LEU A 853 -16.58 -73.66 -45.88
N THR A 854 -17.22 -73.41 -44.73
CA THR A 854 -16.56 -73.14 -43.46
C THR A 854 -15.64 -71.92 -43.52
N PHE A 855 -16.28 -70.77 -43.67
CA PHE A 855 -15.62 -69.49 -43.42
C PHE A 855 -16.07 -68.91 -42.09
N THR A 856 -15.37 -67.86 -41.67
CA THR A 856 -15.56 -67.21 -40.39
C THR A 856 -15.54 -65.70 -40.60
N VAL A 857 -16.55 -65.01 -40.07
CA VAL A 857 -16.78 -63.61 -40.37
C VAL A 857 -16.33 -62.79 -39.17
N TYR A 858 -15.44 -61.86 -39.42
CA TYR A 858 -14.86 -60.97 -38.42
C TYR A 858 -15.36 -59.56 -38.67
N SER A 859 -16.09 -59.00 -37.71
CA SER A 859 -16.71 -57.70 -37.91
C SER A 859 -15.71 -56.60 -37.66
N ASP A 860 -15.22 -56.50 -36.43
CA ASP A 860 -14.15 -55.55 -36.16
C ASP A 860 -12.89 -56.06 -36.83
N LEU A 861 -12.04 -55.10 -37.20
CA LEU A 861 -10.93 -55.29 -38.12
C LEU A 861 -9.63 -54.67 -37.62
N LEU A 862 -9.66 -53.77 -36.62
CA LEU A 862 -8.50 -53.13 -36.04
C LEU A 862 -8.15 -53.66 -34.66
N ALA A 863 -8.99 -54.52 -34.07
CA ALA A 863 -8.68 -55.14 -32.80
C ALA A 863 -7.42 -55.99 -32.87
N PHE A 864 -7.11 -56.55 -34.04
CA PHE A 864 -5.88 -57.30 -34.24
C PHE A 864 -4.65 -56.43 -34.33
N VAL A 865 -4.81 -55.11 -34.43
CA VAL A 865 -3.69 -54.17 -34.52
C VAL A 865 -3.37 -53.68 -33.11
N SER A 866 -2.09 -53.77 -32.78
CA SER A 866 -1.51 -53.16 -31.60
C SER A 866 -0.62 -52.02 -32.07
N ALA A 867 -0.65 -50.92 -31.33
CA ALA A 867 -0.12 -49.65 -31.79
C ALA A 867 0.49 -48.86 -30.66
N ASP A 868 1.55 -48.14 -30.98
CA ASP A 868 2.36 -47.45 -30.00
C ASP A 868 2.89 -46.18 -30.65
N THR A 869 3.27 -45.23 -29.79
CA THR A 869 3.74 -43.91 -30.17
C THR A 869 5.20 -43.74 -29.79
N VAL A 870 5.94 -43.03 -30.65
CA VAL A 870 7.28 -42.61 -30.27
C VAL A 870 7.17 -41.63 -29.11
N GLU A 871 8.31 -41.39 -28.44
CA GLU A 871 8.28 -40.55 -27.25
C GLU A 871 7.96 -39.13 -27.69
N PRO A 872 6.89 -38.50 -27.15
CA PRO A 872 6.32 -37.31 -27.80
C PRO A 872 7.23 -36.09 -27.84
N ILE A 873 8.32 -36.09 -27.08
CA ILE A 873 9.34 -35.04 -27.23
C ILE A 873 9.93 -35.11 -28.63
N ASN A 874 10.24 -36.31 -29.11
CA ASN A 874 10.80 -36.54 -30.44
C ASN A 874 9.74 -36.89 -31.46
N ALA A 875 8.71 -36.06 -31.47
CA ALA A 875 7.60 -36.16 -32.40
C ALA A 875 7.78 -35.10 -33.48
N VAL A 876 7.45 -35.49 -34.71
CA VAL A 876 7.88 -34.78 -35.91
C VAL A 876 6.67 -34.55 -36.80
N ALA A 877 6.73 -33.47 -37.60
CA ALA A 877 5.68 -33.08 -38.52
C ALA A 877 6.04 -33.49 -39.93
N PHE A 878 5.24 -33.00 -40.90
CA PHE A 878 5.42 -33.32 -42.31
C PHE A 878 6.81 -32.94 -42.83
N ASP A 879 7.40 -31.87 -42.29
CA ASP A 879 8.64 -31.30 -42.79
C ASP A 879 9.90 -31.98 -42.25
N ASN A 880 9.75 -33.13 -41.57
CA ASN A 880 10.84 -33.87 -40.96
C ASN A 880 11.67 -32.99 -40.03
N MET A 881 10.96 -32.31 -39.12
CA MET A 881 11.54 -31.31 -38.25
C MET A 881 10.67 -31.23 -37.00
N ARG A 882 11.31 -31.28 -35.84
CA ARG A 882 10.62 -31.48 -34.58
C ARG A 882 9.69 -30.34 -34.21
N ILE A 883 8.61 -30.70 -33.53
CA ILE A 883 7.64 -29.77 -32.94
C ILE A 883 7.84 -29.78 -31.43
N MET A 884 7.50 -28.66 -30.79
CA MET A 884 7.77 -28.44 -29.36
C MET A 884 9.25 -28.65 -29.05
N ASN A 885 10.05 -27.73 -29.59
CA ASN A 885 11.50 -27.73 -29.41
C ASN A 885 12.07 -26.45 -28.82
N GLU A 886 11.35 -25.34 -28.84
CA GLU A 886 11.89 -24.10 -28.31
C GLU A 886 11.83 -24.16 -26.80
N LEU A 887 12.89 -23.67 -26.15
CA LEU A 887 13.06 -23.74 -24.70
C LEU A 887 13.55 -22.42 -24.13
N PRO B 107 -47.84 21.84 -8.65
CA PRO B 107 -47.12 23.05 -9.06
C PRO B 107 -46.22 22.85 -10.28
N LYS B 108 -45.50 21.73 -10.35
CA LYS B 108 -44.82 21.29 -11.57
C LYS B 108 -45.71 20.36 -12.38
N GLU B 109 -46.45 19.49 -11.67
CA GLU B 109 -47.45 18.58 -12.23
C GLU B 109 -48.71 19.31 -12.70
N SER B 110 -48.96 20.50 -12.15
CA SER B 110 -50.18 21.24 -12.38
C SER B 110 -50.27 21.70 -13.83
N ILE B 111 -49.15 22.10 -14.44
CA ILE B 111 -49.19 22.55 -15.83
C ILE B 111 -49.60 21.41 -16.74
N LEU B 112 -49.02 20.22 -16.53
CA LEU B 112 -49.43 19.02 -17.25
C LEU B 112 -50.93 18.74 -17.07
N LYS B 113 -51.43 18.88 -15.83
CA LYS B 113 -52.85 18.66 -15.58
C LYS B 113 -53.72 19.66 -16.34
N LYS B 114 -53.29 20.92 -16.33
CA LYS B 114 -53.96 22.01 -17.03
C LYS B 114 -54.02 21.77 -18.54
N LEU B 115 -52.91 21.32 -19.12
CA LEU B 115 -52.88 21.06 -20.55
C LEU B 115 -53.75 19.86 -20.90
N GLU B 116 -53.65 18.76 -20.14
CA GLU B 116 -54.52 17.61 -20.40
C GLU B 116 -56.01 17.94 -20.22
N ASP B 117 -56.34 19.01 -19.47
CA ASP B 117 -57.71 19.47 -19.32
C ASP B 117 -58.17 20.31 -20.50
N ILE B 118 -57.25 20.85 -21.32
CA ILE B 118 -57.65 21.62 -22.49
C ILE B 118 -58.31 20.65 -23.47
N LYS B 119 -59.62 20.75 -23.59
CA LYS B 119 -60.41 19.84 -24.42
C LYS B 119 -60.50 20.36 -25.85
N PRO B 120 -60.96 19.52 -26.79
CA PRO B 120 -61.36 20.03 -28.11
C PRO B 120 -62.49 21.02 -27.91
N GLU B 121 -62.55 22.04 -28.78
CA GLU B 121 -63.62 23.02 -28.69
C GLU B 121 -64.95 22.29 -28.88
N GLN B 122 -65.79 22.37 -27.85
CA GLN B 122 -67.08 21.68 -27.86
C GLN B 122 -67.99 22.09 -29.01
N VAL B 123 -68.72 21.10 -29.52
CA VAL B 123 -69.55 21.25 -30.71
C VAL B 123 -71.01 21.39 -30.27
N LYS B 124 -71.67 22.43 -30.75
CA LYS B 124 -73.00 22.78 -30.29
C LYS B 124 -74.02 22.24 -31.26
N LYS B 125 -75.25 22.06 -30.77
CA LYS B 125 -76.32 21.60 -31.64
C LYS B 125 -77.60 22.06 -30.96
N GLN B 126 -78.31 22.97 -31.61
CA GLN B 126 -79.50 23.57 -31.05
C GLN B 126 -80.71 22.65 -31.16
N THR B 127 -81.47 22.54 -30.08
CA THR B 127 -82.65 21.70 -30.04
C THR B 127 -83.85 22.37 -30.72
N LYS B 128 -83.82 23.68 -30.91
CA LYS B 128 -84.93 24.43 -31.50
C LYS B 128 -84.33 25.61 -32.24
N LEU B 129 -85.22 26.49 -32.71
CA LEU B 129 -84.86 27.69 -33.44
C LEU B 129 -84.80 28.89 -32.51
N PHE B 130 -83.88 29.78 -32.82
CA PHE B 130 -83.79 31.04 -32.11
C PHE B 130 -84.84 31.99 -32.63
N ARG B 131 -85.60 32.57 -31.72
CA ARG B 131 -86.70 33.46 -32.01
C ARG B 131 -86.62 34.64 -31.06
N ILE B 132 -87.12 35.77 -31.54
CA ILE B 132 -87.19 37.01 -30.76
C ILE B 132 -88.65 37.49 -30.74
N PHE B 133 -89.43 37.15 -31.77
CA PHE B 133 -90.81 37.59 -31.91
C PHE B 133 -91.68 36.35 -31.87
N GLU B 134 -92.97 36.59 -31.66
CA GLU B 134 -93.98 35.56 -31.78
C GLU B 134 -95.28 36.25 -32.20
N PRO B 135 -96.24 35.52 -32.75
CA PRO B 135 -97.54 36.15 -33.01
C PRO B 135 -98.33 36.30 -31.73
N ARG B 136 -99.34 37.16 -31.79
CA ARG B 136 -100.21 37.37 -30.64
C ARG B 136 -101.49 38.00 -31.13
N GLN B 137 -102.62 37.39 -30.78
CA GLN B 137 -103.92 38.02 -30.96
C GLN B 137 -104.03 39.27 -30.11
N LEU B 138 -104.42 40.37 -30.75
CA LEU B 138 -104.84 41.62 -30.13
C LEU B 138 -106.23 41.97 -30.64
N PRO B 139 -107.01 42.76 -29.90
CA PRO B 139 -108.24 43.30 -30.48
C PRO B 139 -107.88 44.34 -31.52
N VAL B 140 -108.88 44.70 -32.32
CA VAL B 140 -108.76 45.74 -33.33
C VAL B 140 -110.03 46.58 -33.33
N TYR B 141 -109.84 47.88 -33.46
CA TYR B 141 -110.90 48.86 -33.33
C TYR B 141 -111.02 49.63 -34.62
N ARG B 142 -112.17 49.55 -35.26
CA ARG B 142 -112.42 50.30 -36.48
C ARG B 142 -112.42 51.79 -36.19
N ALA B 143 -112.06 52.58 -37.20
CA ALA B 143 -112.13 54.02 -37.06
C ALA B 143 -113.55 54.47 -36.74
N ASN B 144 -113.63 55.51 -35.91
CA ASN B 144 -114.63 55.91 -34.91
C ASN B 144 -114.39 55.25 -33.55
N GLY B 145 -113.37 54.40 -33.40
CA GLY B 145 -112.98 53.87 -32.11
C GLY B 145 -113.68 52.59 -31.69
N GLU B 146 -114.90 52.33 -32.15
CA GLU B 146 -115.65 51.21 -31.59
C GLU B 146 -115.11 49.91 -32.14
N LYS B 147 -115.54 48.82 -31.53
CA LYS B 147 -114.86 47.55 -31.59
C LYS B 147 -115.48 46.62 -32.62
N GLU B 148 -114.62 45.77 -33.19
CA GLU B 148 -115.02 44.73 -34.13
C GLU B 148 -115.44 43.47 -33.37
N LEU B 149 -116.03 42.53 -34.11
CA LEU B 149 -116.22 41.17 -33.65
C LEU B 149 -115.11 40.27 -34.18
N ARG B 150 -113.95 40.86 -34.51
CA ARG B 150 -112.82 40.17 -35.07
C ARG B 150 -111.57 40.61 -34.32
N ASN B 151 -110.58 39.73 -34.26
CA ASN B 151 -109.29 39.97 -33.63
C ASN B 151 -108.23 40.04 -34.72
N ARG B 152 -106.96 40.21 -34.35
CA ARG B 152 -105.92 40.19 -35.38
C ARG B 152 -104.59 39.86 -34.74
N TRP B 153 -103.77 39.17 -35.52
CA TRP B 153 -102.47 38.69 -35.07
C TRP B 153 -101.39 39.70 -35.42
N TYR B 154 -100.59 40.07 -34.43
CA TYR B 154 -99.45 40.95 -34.61
C TYR B 154 -98.18 40.26 -34.14
N TRP B 155 -97.05 40.75 -34.63
CA TRP B 155 -95.76 40.34 -34.09
C TRP B 155 -95.48 41.10 -32.81
N LYS B 156 -95.15 40.36 -31.76
CA LYS B 156 -94.75 40.93 -30.48
C LYS B 156 -93.56 40.17 -29.94
N LEU B 157 -92.67 40.89 -29.28
CA LEU B 157 -91.46 40.31 -28.73
C LEU B 157 -91.80 39.27 -27.65
N LYS B 158 -90.91 38.30 -27.47
CA LYS B 158 -90.82 37.61 -26.19
C LYS B 158 -90.01 38.44 -25.22
N ARG B 159 -90.46 38.50 -23.96
CA ARG B 159 -89.68 39.02 -22.83
C ARG B 159 -89.24 40.46 -23.07
N ASP B 160 -90.23 41.34 -23.06
CA ASP B 160 -89.92 42.76 -23.06
C ASP B 160 -89.20 43.10 -21.77
N THR B 161 -87.89 43.34 -21.88
CA THR B 161 -87.03 43.72 -20.76
C THR B 161 -86.09 44.85 -21.15
N LEU B 162 -86.47 45.67 -22.12
CA LEU B 162 -85.56 46.64 -22.68
C LEU B 162 -85.44 47.80 -21.69
N PRO B 163 -84.24 48.08 -21.12
CA PRO B 163 -84.18 49.13 -20.09
C PRO B 163 -84.45 50.53 -20.62
N ASP B 164 -84.33 51.51 -19.74
CA ASP B 164 -84.43 52.91 -20.08
C ASP B 164 -83.06 53.48 -20.42
N GLY B 165 -83.08 54.64 -21.06
CA GLY B 165 -81.87 55.24 -21.57
C GLY B 165 -81.39 54.53 -22.82
N ASP B 166 -80.44 55.17 -23.48
CA ASP B 166 -79.89 54.67 -24.73
C ASP B 166 -78.65 53.81 -24.51
N TYR B 167 -77.95 54.00 -23.39
CA TYR B 167 -76.77 53.19 -23.12
C TYR B 167 -77.16 51.77 -22.74
N ASP B 168 -78.09 51.63 -21.79
CA ASP B 168 -78.50 50.33 -21.31
C ASP B 168 -79.16 49.50 -22.42
N VAL B 169 -79.83 50.16 -23.36
CA VAL B 169 -80.37 49.50 -24.52
C VAL B 169 -79.25 48.88 -25.35
N ARG B 170 -78.18 49.63 -25.57
CA ARG B 170 -77.07 49.08 -26.33
C ARG B 170 -76.35 47.98 -25.57
N GLU B 171 -76.35 48.04 -24.24
CA GLU B 171 -75.86 46.89 -23.48
C GLU B 171 -76.73 45.68 -23.71
N TYR B 172 -78.05 45.88 -23.74
CA TYR B 172 -78.97 44.79 -24.03
C TYR B 172 -78.67 44.18 -25.40
N PHE B 173 -78.41 45.01 -26.40
CA PHE B 173 -78.11 44.46 -27.72
C PHE B 173 -76.75 43.78 -27.78
N LEU B 174 -75.77 44.27 -27.02
CA LEU B 174 -74.49 43.58 -26.97
C LEU B 174 -74.65 42.22 -26.31
N ASN B 175 -75.39 42.18 -25.19
CA ASN B 175 -75.64 40.90 -24.54
C ASN B 175 -76.46 39.99 -25.44
N LEU B 176 -77.38 40.54 -26.22
CA LEU B 176 -78.12 39.78 -27.22
C LEU B 176 -77.18 39.17 -28.24
N TYR B 177 -76.23 39.96 -28.72
CA TYR B 177 -75.22 39.45 -29.65
C TYR B 177 -74.44 38.31 -29.03
N ASP B 178 -74.07 38.45 -27.75
CA ASP B 178 -73.40 37.37 -27.03
C ASP B 178 -74.29 36.12 -26.96
N GLN B 179 -75.59 36.31 -26.70
CA GLN B 179 -76.54 35.21 -26.65
C GLN B 179 -76.59 34.48 -27.98
N VAL B 180 -76.69 35.24 -29.08
CA VAL B 180 -76.81 34.64 -30.40
C VAL B 180 -75.53 33.88 -30.75
N LEU B 181 -74.37 34.43 -30.39
CA LEU B 181 -73.12 33.72 -30.62
C LEU B 181 -73.01 32.49 -29.75
N THR B 182 -73.52 32.54 -28.52
CA THR B 182 -73.46 31.37 -27.67
C THR B 182 -74.40 30.28 -28.17
N GLU B 183 -75.50 30.67 -28.81
CA GLU B 183 -76.41 29.72 -29.43
C GLU B 183 -76.08 29.40 -30.89
N MET B 184 -75.24 30.23 -31.57
CA MET B 184 -74.82 30.08 -32.97
C MET B 184 -74.21 28.70 -33.20
N PRO B 185 -74.85 27.75 -33.89
CA PRO B 185 -74.30 26.40 -33.96
C PRO B 185 -73.18 26.31 -34.99
N ASP B 186 -72.61 25.12 -35.10
CA ASP B 186 -71.61 24.75 -36.09
C ASP B 186 -72.11 23.70 -37.05
N TYR B 187 -73.14 22.94 -36.68
CA TYR B 187 -73.83 22.03 -37.57
C TYR B 187 -75.19 21.82 -36.97
N LEU B 188 -76.14 21.44 -37.81
CA LEU B 188 -77.46 21.10 -37.29
C LEU B 188 -78.21 20.27 -38.30
N LEU B 189 -78.99 19.33 -37.79
CA LEU B 189 -79.90 18.49 -38.55
C LEU B 189 -81.30 18.79 -38.08
N LEU B 190 -82.20 18.96 -39.03
CA LEU B 190 -83.54 19.42 -38.76
C LEU B 190 -84.52 18.31 -38.42
N LYS B 191 -84.18 17.05 -38.71
CA LYS B 191 -85.05 15.94 -38.36
C LYS B 191 -85.25 15.82 -36.84
N ASP B 192 -84.26 16.24 -36.05
CA ASP B 192 -84.35 16.11 -34.60
C ASP B 192 -85.45 16.99 -34.03
N MET B 193 -85.50 18.24 -34.47
CA MET B 193 -86.48 19.21 -33.99
C MET B 193 -87.84 19.13 -34.68
N ALA B 194 -87.96 18.44 -35.81
CA ALA B 194 -89.20 18.43 -36.57
C ALA B 194 -90.36 17.84 -35.79
N VAL B 195 -91.56 18.34 -36.06
CA VAL B 195 -92.79 17.92 -35.39
C VAL B 195 -93.92 17.85 -36.39
N GLU B 196 -94.88 16.95 -36.11
CA GLU B 196 -96.05 16.77 -36.94
C GLU B 196 -96.91 18.04 -36.91
N ASN B 197 -97.81 18.13 -37.89
CA ASN B 197 -98.80 19.20 -38.02
C ASN B 197 -100.19 18.57 -37.98
N LYS B 198 -100.96 18.88 -36.93
CA LYS B 198 -102.24 18.22 -36.71
C LYS B 198 -103.36 18.69 -37.64
N ASN B 199 -103.09 19.59 -38.60
CA ASN B 199 -104.11 20.19 -39.46
C ASN B 199 -103.60 20.25 -40.91
N SER B 200 -102.79 19.27 -41.31
CA SER B 200 -102.13 19.24 -42.61
C SER B 200 -102.73 18.15 -43.47
N ARG B 201 -102.78 18.42 -44.78
CA ARG B 201 -103.35 17.46 -45.74
C ARG B 201 -102.56 16.17 -45.73
N ASP B 202 -101.28 16.22 -46.09
CA ASP B 202 -100.45 15.03 -46.12
C ASP B 202 -99.97 14.58 -44.74
N ALA B 203 -100.40 15.23 -43.65
CA ALA B 203 -99.95 14.91 -42.30
C ALA B 203 -98.43 15.00 -42.20
N GLY B 204 -97.87 16.02 -42.85
CA GLY B 204 -96.44 16.15 -42.92
C GLY B 204 -95.89 16.73 -41.64
N LYS B 205 -94.90 17.61 -41.77
CA LYS B 205 -94.15 18.09 -40.63
C LYS B 205 -93.79 19.55 -40.85
N VAL B 206 -93.31 20.17 -39.79
CA VAL B 206 -92.72 21.48 -39.81
C VAL B 206 -91.53 21.43 -38.88
N VAL B 207 -90.86 22.56 -38.72
CA VAL B 207 -89.51 22.56 -38.18
C VAL B 207 -89.52 22.50 -36.65
N ASP B 208 -90.40 23.26 -35.99
CA ASP B 208 -90.29 23.53 -34.57
C ASP B 208 -91.68 23.52 -33.94
N SER B 209 -91.70 23.35 -32.62
CA SER B 209 -92.95 23.15 -31.90
C SER B 209 -93.78 24.43 -31.80
N GLU B 210 -93.14 25.59 -31.75
CA GLU B 210 -93.90 26.84 -31.71
C GLU B 210 -94.53 27.13 -33.06
N THR B 211 -93.83 26.80 -34.15
CA THR B 211 -94.42 26.89 -35.47
C THR B 211 -95.69 26.05 -35.58
N ALA B 212 -95.64 24.83 -35.04
CA ALA B 212 -96.80 23.95 -35.05
C ALA B 212 -97.89 24.48 -34.13
N ALA B 213 -97.50 25.05 -33.00
CA ALA B 213 -98.44 25.69 -32.08
C ALA B 213 -99.21 26.79 -32.78
N ILE B 214 -98.50 27.61 -33.55
CA ILE B 214 -99.14 28.72 -34.25
C ILE B 214 -100.08 28.18 -35.32
N CYS B 215 -99.64 27.14 -36.04
CA CYS B 215 -100.48 26.53 -37.06
C CYS B 215 -101.75 25.92 -36.45
N ASP B 216 -101.63 25.35 -35.25
CA ASP B 216 -102.76 24.75 -34.57
C ASP B 216 -103.62 25.80 -33.87
N ALA B 217 -103.08 27.00 -33.65
CA ALA B 217 -103.82 28.10 -33.06
C ALA B 217 -104.65 28.81 -34.11
N ILE B 218 -104.11 28.95 -35.32
CA ILE B 218 -104.80 29.67 -36.38
C ILE B 218 -105.81 28.78 -37.09
N PHE B 219 -105.67 27.46 -37.03
CA PHE B 219 -106.69 26.60 -37.62
C PHE B 219 -107.93 26.53 -36.76
N GLN B 220 -107.80 26.77 -35.45
CA GLN B 220 -108.92 26.58 -34.53
C GLN B 220 -109.71 27.84 -34.28
N ASP B 221 -109.13 29.02 -34.49
CA ASP B 221 -109.85 30.24 -34.17
C ASP B 221 -110.98 30.43 -35.17
N GLU B 222 -112.15 30.79 -34.64
CA GLU B 222 -113.30 31.04 -35.49
C GLU B 222 -113.09 32.24 -36.40
N GLU B 223 -112.34 33.23 -35.93
CA GLU B 223 -112.19 34.48 -36.65
C GLU B 223 -111.28 34.38 -37.87
N THR B 224 -110.49 33.32 -38.00
CA THR B 224 -109.54 33.21 -39.09
C THR B 224 -110.23 32.71 -40.34
N GLU B 225 -109.55 32.89 -41.47
CA GLU B 225 -110.13 32.76 -42.78
C GLU B 225 -109.92 31.35 -43.32
N GLY B 226 -110.47 31.08 -44.50
CA GLY B 226 -110.36 29.80 -45.15
C GLY B 226 -109.14 29.61 -46.03
N VAL B 227 -108.63 30.70 -46.59
CA VAL B 227 -107.45 30.63 -47.45
C VAL B 227 -106.23 30.20 -46.65
N VAL B 228 -106.12 30.68 -45.41
CA VAL B 228 -105.01 30.29 -44.55
C VAL B 228 -105.12 28.83 -44.16
N ARG B 229 -106.34 28.32 -44.01
CA ARG B 229 -106.50 26.91 -43.66
C ARG B 229 -106.14 26.04 -44.86
N ARG B 230 -106.49 26.47 -46.08
CA ARG B 230 -105.99 25.79 -47.28
C ARG B 230 -104.47 25.79 -47.32
N PHE B 231 -103.86 26.94 -47.02
CA PHE B 231 -102.40 27.06 -46.97
C PHE B 231 -101.82 26.09 -45.95
N ILE B 232 -102.42 26.03 -44.77
CA ILE B 232 -101.97 25.16 -43.69
C ILE B 232 -102.12 23.70 -44.10
N ALA B 233 -103.11 23.39 -44.92
CA ALA B 233 -103.26 22.03 -45.42
C ALA B 233 -102.19 21.72 -46.45
N GLU B 234 -101.80 22.69 -47.27
CA GLU B 234 -100.76 22.48 -48.28
C GLU B 234 -99.40 22.21 -47.65
N MET B 235 -98.97 23.09 -46.73
CA MET B 235 -97.59 23.15 -46.23
C MET B 235 -97.06 21.85 -45.64
N ARG B 236 -96.10 21.27 -46.35
CA ARG B 236 -95.48 20.02 -46.00
C ARG B 236 -93.97 20.14 -46.17
N GLN B 237 -93.31 19.01 -45.95
CA GLN B 237 -91.86 18.86 -46.03
C GLN B 237 -91.50 18.12 -47.31
N ARG B 238 -90.47 18.61 -47.99
CA ARG B 238 -89.99 18.06 -49.25
C ARG B 238 -88.62 17.46 -49.04
N VAL B 239 -88.43 16.23 -49.50
CA VAL B 239 -87.19 15.50 -49.34
C VAL B 239 -86.61 15.26 -50.72
N GLN B 240 -85.29 15.13 -50.76
CA GLN B 240 -84.62 14.68 -51.97
C GLN B 240 -83.34 14.01 -51.50
N ALA B 241 -83.28 12.70 -51.67
CA ALA B 241 -82.29 11.86 -51.02
C ALA B 241 -81.08 11.60 -51.88
N ASP B 242 -81.21 11.74 -53.21
CA ASP B 242 -80.07 11.68 -54.08
C ASP B 242 -79.09 12.83 -53.86
N ARG B 243 -79.57 13.95 -53.28
CA ARG B 243 -78.75 15.07 -52.84
C ARG B 243 -78.53 15.13 -51.34
N ASN B 244 -79.26 14.32 -50.55
CA ASN B 244 -79.29 14.40 -49.09
C ASN B 244 -79.65 15.80 -48.64
N VAL B 245 -80.85 16.24 -49.05
CA VAL B 245 -81.36 17.58 -48.81
C VAL B 245 -82.83 17.47 -48.44
N VAL B 246 -83.27 18.36 -47.54
CA VAL B 246 -84.65 18.47 -47.10
C VAL B 246 -85.00 19.95 -46.99
N ASN B 247 -86.21 20.28 -47.40
CA ASN B 247 -86.83 21.57 -47.18
C ASN B 247 -87.96 21.34 -46.19
N TYR B 248 -87.90 22.04 -45.01
CA TYR B 248 -88.92 22.00 -43.98
C TYR B 248 -89.66 23.34 -43.90
N PRO B 249 -90.98 23.39 -43.70
CA PRO B 249 -91.61 24.69 -43.47
C PRO B 249 -91.23 25.29 -42.12
N SER B 250 -91.38 26.62 -42.06
CA SER B 250 -91.09 27.37 -40.85
C SER B 250 -91.87 28.66 -40.96
N ILE B 251 -92.29 29.16 -39.80
CA ILE B 251 -93.03 30.42 -39.70
C ILE B 251 -92.31 31.27 -38.68
N LEU B 252 -91.86 32.45 -39.11
CA LEU B 252 -90.94 33.23 -38.31
C LEU B 252 -90.73 34.58 -38.94
N HIS B 253 -90.17 35.49 -38.17
CA HIS B 253 -90.08 36.89 -38.52
C HIS B 253 -88.95 37.09 -39.53
N PRO B 254 -88.97 38.17 -40.34
CA PRO B 254 -87.84 38.40 -41.27
C PRO B 254 -86.46 38.54 -40.63
N ILE B 255 -86.35 39.18 -39.48
CA ILE B 255 -85.07 39.23 -38.79
C ILE B 255 -84.70 37.83 -38.32
N ASP B 256 -85.67 37.09 -37.78
CA ASP B 256 -85.43 35.71 -37.38
C ASP B 256 -85.06 34.86 -38.59
N HIS B 257 -85.72 35.12 -39.72
CA HIS B 257 -85.39 34.43 -40.97
C HIS B 257 -83.96 34.71 -41.37
N ALA B 258 -83.52 35.96 -41.21
CA ALA B 258 -82.16 36.35 -41.54
C ALA B 258 -81.16 35.56 -40.71
N PHE B 259 -81.37 35.53 -39.38
CA PHE B 259 -80.45 34.82 -38.49
C PHE B 259 -80.42 33.32 -38.80
N ASN B 260 -81.59 32.71 -38.94
CA ASN B 260 -81.65 31.28 -39.19
C ASN B 260 -81.07 30.91 -40.55
N GLU B 261 -81.38 31.70 -41.58
CA GLU B 261 -80.86 31.44 -42.91
C GLU B 261 -79.35 31.60 -42.95
N TYR B 262 -78.82 32.54 -42.17
CA TYR B 262 -77.37 32.66 -42.08
C TYR B 262 -76.78 31.40 -41.43
N PHE B 263 -77.39 30.95 -40.32
CA PHE B 263 -76.91 29.74 -39.64
C PHE B 263 -76.93 28.52 -40.56
N LEU B 264 -77.90 28.47 -41.47
CA LEU B 264 -77.95 27.36 -42.43
C LEU B 264 -76.87 27.49 -43.47
N GLN B 265 -76.79 28.65 -44.14
CA GLN B 265 -75.88 28.78 -45.27
C GLN B 265 -74.42 28.92 -44.89
N HIS B 266 -74.09 29.09 -43.60
CA HIS B 266 -72.74 29.41 -43.16
C HIS B 266 -72.40 28.60 -41.92
N GLN B 267 -72.70 27.31 -41.94
CA GLN B 267 -72.32 26.40 -40.87
C GLN B 267 -70.98 25.75 -41.19
N LEU B 268 -70.34 25.25 -40.14
CA LEU B 268 -68.93 24.86 -40.17
C LEU B 268 -68.86 23.35 -40.14
N VAL B 269 -68.81 22.78 -41.35
CA VAL B 269 -68.56 21.36 -41.58
C VAL B 269 -67.93 21.29 -42.94
N GLU B 270 -67.32 20.15 -43.24
CA GLU B 270 -66.66 19.87 -44.51
C GLU B 270 -66.85 18.41 -44.84
N PRO B 271 -66.98 18.04 -46.13
CA PRO B 271 -67.06 16.61 -46.45
C PRO B 271 -65.78 15.90 -46.08
N LEU B 272 -65.93 14.62 -45.76
CA LEU B 272 -64.89 13.82 -45.12
C LEU B 272 -64.65 12.57 -45.95
N ASN B 273 -63.38 12.17 -46.01
CA ASN B 273 -62.96 10.94 -46.64
C ASN B 273 -61.52 10.69 -46.20
N ASN B 274 -60.98 9.54 -46.63
CA ASN B 274 -59.67 9.08 -46.15
C ASN B 274 -58.56 10.02 -46.55
N ASP B 275 -58.63 10.56 -47.77
CA ASP B 275 -57.63 11.50 -48.25
C ASP B 275 -57.58 12.74 -47.38
N ILE B 276 -58.73 13.18 -46.86
CA ILE B 276 -58.74 14.34 -45.96
C ILE B 276 -58.16 13.96 -44.60
N ILE B 277 -58.25 12.69 -44.20
CA ILE B 277 -57.57 12.25 -42.97
C ILE B 277 -56.08 12.40 -43.16
N PHE B 278 -55.58 11.87 -44.28
CA PHE B 278 -54.16 12.01 -44.59
C PHE B 278 -53.73 13.47 -44.68
N ASN B 279 -54.48 14.29 -45.42
CA ASN B 279 -54.13 15.71 -45.53
C ASN B 279 -54.16 16.45 -44.20
N TYR B 280 -54.96 15.99 -43.25
CA TYR B 280 -54.90 16.54 -41.90
C TYR B 280 -53.58 16.26 -41.20
N ILE B 281 -52.88 15.20 -41.60
CA ILE B 281 -51.58 14.83 -41.05
C ILE B 281 -50.52 15.72 -41.70
N PRO B 282 -49.39 16.02 -41.04
CA PRO B 282 -48.34 16.81 -41.70
C PRO B 282 -47.53 16.05 -42.73
N GLU B 283 -47.11 16.79 -43.76
CA GLU B 283 -46.33 16.21 -44.88
C GLU B 283 -45.05 15.55 -44.40
N ARG B 284 -44.40 16.10 -43.38
CA ARG B 284 -43.11 15.60 -42.92
C ARG B 284 -43.15 14.18 -42.38
N ILE B 285 -44.33 13.71 -41.98
CA ILE B 285 -44.51 12.39 -41.40
C ILE B 285 -44.96 11.39 -42.45
N ARG B 286 -45.96 11.76 -43.26
CA ARG B 286 -46.41 10.92 -44.36
C ARG B 286 -45.28 10.58 -45.32
N ASN B 287 -44.35 11.51 -45.55
CA ASN B 287 -43.21 11.26 -46.41
C ASN B 287 -42.04 10.63 -45.65
N ASP B 288 -42.23 10.17 -44.41
CA ASP B 288 -41.19 9.52 -43.62
C ASP B 288 -41.37 8.01 -43.66
N VAL B 289 -40.38 7.31 -44.21
CA VAL B 289 -40.43 5.85 -44.35
C VAL B 289 -40.37 5.13 -43.02
N ASN B 290 -39.86 5.77 -41.97
CA ASN B 290 -39.74 5.12 -40.68
C ASN B 290 -41.07 4.95 -39.95
N TYR B 291 -42.17 5.51 -40.47
CA TYR B 291 -43.47 5.50 -39.84
C TYR B 291 -44.43 4.85 -40.81
N ILE B 292 -45.18 3.86 -40.36
CA ILE B 292 -46.15 3.13 -41.18
C ILE B 292 -47.51 3.38 -40.58
N LEU B 293 -48.48 3.57 -41.47
CA LEU B 293 -49.80 4.06 -41.14
C LEU B 293 -50.79 3.21 -41.92
N ASN B 294 -51.97 3.08 -41.36
CA ASN B 294 -53.02 2.34 -42.04
C ASN B 294 -54.32 2.66 -41.32
N MET B 295 -55.38 2.08 -41.83
CA MET B 295 -56.70 2.24 -41.25
C MET B 295 -57.51 1.02 -41.67
N ASP B 296 -58.75 1.02 -41.22
CA ASP B 296 -59.64 -0.11 -41.37
C ASP B 296 -61.06 0.33 -41.72
N ARG B 297 -61.25 1.52 -42.27
CA ARG B 297 -62.59 2.03 -42.58
C ARG B 297 -62.60 2.85 -43.85
N ASN B 298 -63.60 2.60 -44.69
CA ASN B 298 -63.90 3.41 -45.86
C ASN B 298 -65.06 4.29 -45.43
N LEU B 299 -64.74 5.53 -45.09
CA LEU B 299 -65.76 6.43 -44.60
C LEU B 299 -66.71 6.83 -45.74
N PRO B 300 -68.02 6.93 -45.51
CA PRO B 300 -68.91 7.29 -46.60
C PRO B 300 -68.92 8.78 -46.84
N SER B 301 -69.39 9.15 -48.03
CA SER B 301 -69.52 10.55 -48.43
C SER B 301 -70.45 11.35 -47.53
N THR B 302 -71.38 10.69 -46.84
CA THR B 302 -72.35 11.32 -45.95
C THR B 302 -71.72 11.90 -44.69
N ALA B 303 -70.48 11.54 -44.36
CA ALA B 303 -69.87 12.01 -43.14
C ALA B 303 -69.45 13.47 -43.25
N ARG B 304 -69.13 14.03 -42.08
CA ARG B 304 -68.60 15.37 -41.95
C ARG B 304 -67.60 15.42 -40.81
N TYR B 305 -66.86 16.52 -40.75
CA TYR B 305 -65.94 16.84 -39.68
C TYR B 305 -65.85 18.35 -39.61
N ILE B 306 -65.17 18.83 -38.57
CA ILE B 306 -65.04 20.26 -38.30
C ILE B 306 -63.56 20.59 -38.19
N ARG B 307 -63.15 21.59 -38.96
CA ARG B 307 -61.74 21.91 -39.05
C ARG B 307 -61.40 22.88 -37.91
N PRO B 308 -60.24 22.83 -37.28
CA PRO B 308 -59.92 23.84 -36.27
C PRO B 308 -59.49 25.12 -36.96
N ASN B 309 -59.36 26.18 -36.15
CA ASN B 309 -58.81 27.45 -36.61
C ASN B 309 -57.31 27.45 -36.33
N LEU B 310 -56.57 26.93 -37.31
CA LEU B 310 -55.11 26.82 -37.25
C LEU B 310 -54.47 28.04 -37.89
N LEU B 311 -54.88 29.21 -37.43
CA LEU B 311 -54.43 30.50 -37.93
C LEU B 311 -53.45 31.11 -36.93
N GLN B 312 -52.38 31.72 -37.46
CA GLN B 312 -51.19 32.03 -36.70
C GLN B 312 -51.45 33.16 -35.69
N ASP B 313 -50.40 33.59 -35.01
CA ASP B 313 -50.53 34.60 -33.96
C ASP B 313 -50.79 35.96 -34.58
N ARG B 314 -52.05 36.41 -34.53
CA ARG B 314 -52.35 37.78 -34.93
C ARG B 314 -51.85 38.83 -33.94
N LEU B 315 -51.58 38.45 -32.70
CA LEU B 315 -51.24 39.38 -31.63
C LEU B 315 -49.76 39.68 -31.51
N ASN B 316 -48.91 38.75 -31.94
CA ASN B 316 -47.47 38.83 -31.81
C ASN B 316 -47.10 38.90 -30.33
N LEU B 317 -47.50 37.84 -29.60
CA LEU B 317 -47.15 37.74 -28.17
C LEU B 317 -45.66 37.55 -27.95
N HIS B 318 -44.89 37.17 -28.98
CA HIS B 318 -43.44 37.13 -28.96
C HIS B 318 -42.79 38.51 -29.17
N ASP B 319 -43.55 39.60 -29.06
CA ASP B 319 -43.06 40.97 -29.12
C ASP B 319 -43.71 41.71 -27.95
N ASN B 320 -42.94 41.90 -26.88
CA ASN B 320 -43.28 42.81 -25.79
C ASN B 320 -44.39 42.28 -24.88
N PHE B 321 -44.67 40.98 -24.90
CA PHE B 321 -45.51 40.26 -23.95
C PHE B 321 -44.71 39.11 -23.39
N GLU B 322 -43.52 39.46 -22.89
CA GLU B 322 -42.55 38.46 -22.44
C GLU B 322 -43.08 37.60 -21.30
N SER B 323 -43.91 38.18 -20.42
CA SER B 323 -44.34 37.47 -19.23
C SER B 323 -45.27 36.31 -19.56
N LEU B 324 -45.99 36.39 -20.69
CA LEU B 324 -46.83 35.31 -21.19
C LEU B 324 -46.07 34.40 -22.10
N TRP B 325 -45.11 34.95 -22.85
CA TRP B 325 -44.31 34.11 -23.72
C TRP B 325 -43.50 33.14 -22.90
N ASP B 326 -43.04 33.56 -21.72
CA ASP B 326 -42.36 32.64 -20.82
C ASP B 326 -43.29 31.53 -20.33
N THR B 327 -44.55 31.88 -20.07
CA THR B 327 -45.51 30.89 -19.60
C THR B 327 -45.87 29.89 -20.70
N ILE B 328 -46.22 30.40 -21.87
CA ILE B 328 -46.49 29.59 -23.07
C ILE B 328 -45.32 28.68 -23.35
N THR B 329 -44.13 29.24 -23.32
CA THR B 329 -42.94 28.49 -23.65
C THR B 329 -42.69 27.41 -22.62
N THR B 330 -42.93 27.71 -21.34
CA THR B 330 -42.79 26.71 -20.29
C THR B 330 -43.79 25.59 -20.46
N SER B 331 -45.04 25.95 -20.77
CA SER B 331 -46.09 24.97 -21.09
C SER B 331 -45.65 24.03 -22.19
N ASN B 332 -45.22 24.57 -23.33
CA ASN B 332 -44.81 23.74 -24.45
C ASN B 332 -43.57 22.93 -24.11
N TYR B 333 -42.68 23.51 -23.31
CA TYR B 333 -41.47 22.82 -22.84
C TYR B 333 -41.81 21.58 -22.03
N ILE B 334 -42.65 21.73 -21.02
CA ILE B 334 -42.95 20.60 -20.15
C ILE B 334 -43.89 19.62 -20.83
N LEU B 335 -44.61 20.05 -21.88
CA LEU B 335 -45.28 19.09 -22.73
C LEU B 335 -44.27 18.24 -23.48
N ALA B 336 -43.27 18.90 -24.08
CA ALA B 336 -42.27 18.19 -24.87
C ALA B 336 -41.44 17.23 -24.02
N ARG B 337 -41.19 17.58 -22.76
CA ARG B 337 -40.50 16.63 -21.88
C ARG B 337 -41.32 15.35 -21.67
N SER B 338 -42.64 15.44 -21.73
CA SER B 338 -43.50 14.32 -21.43
C SER B 338 -43.59 13.29 -22.55
N VAL B 339 -43.06 13.59 -23.73
CA VAL B 339 -43.27 12.76 -24.91
C VAL B 339 -41.98 12.26 -25.53
N VAL B 340 -40.82 12.81 -25.19
CA VAL B 340 -39.56 12.27 -25.72
C VAL B 340 -39.39 10.85 -25.18
N PRO B 341 -38.92 9.87 -25.96
CA PRO B 341 -38.77 8.51 -25.42
C PRO B 341 -37.72 8.46 -24.31
N ASP B 342 -38.08 7.80 -23.21
CA ASP B 342 -37.14 7.49 -22.14
C ASP B 342 -36.32 6.30 -22.62
N LEU B 343 -35.15 6.62 -23.18
CA LEU B 343 -34.35 5.70 -23.97
C LEU B 343 -33.84 4.53 -23.13
N LYS B 344 -33.29 3.54 -23.85
CA LYS B 344 -33.04 2.21 -23.31
C LYS B 344 -31.73 1.64 -23.86
N GLU B 345 -31.32 0.54 -23.22
CA GLU B 345 -30.21 -0.31 -23.64
C GLU B 345 -28.91 0.50 -23.62
N LEU B 346 -28.76 1.31 -22.58
CA LEU B 346 -27.58 2.09 -22.36
C LEU B 346 -26.43 1.18 -21.91
N VAL B 347 -25.23 1.76 -21.91
CA VAL B 347 -24.16 1.20 -21.10
C VAL B 347 -24.49 1.49 -19.65
N SER B 348 -24.25 0.51 -18.78
CA SER B 348 -24.49 0.76 -17.36
C SER B 348 -23.48 1.78 -16.85
N THR B 349 -23.86 2.48 -15.79
CA THR B 349 -22.99 3.46 -15.14
C THR B 349 -21.70 2.81 -14.65
N GLU B 350 -21.83 1.61 -14.09
CA GLU B 350 -20.71 0.99 -13.40
C GLU B 350 -19.64 0.50 -14.37
N ALA B 351 -20.04 -0.12 -15.48
CA ALA B 351 -19.04 -0.63 -16.42
C ALA B 351 -18.33 0.50 -17.14
N GLN B 352 -19.07 1.58 -17.41
CA GLN B 352 -18.46 2.77 -18.00
C GLN B 352 -17.44 3.36 -17.03
N ILE B 353 -17.75 3.38 -15.74
CA ILE B 353 -16.80 3.89 -14.76
C ILE B 353 -15.59 2.96 -14.66
N GLN B 354 -15.78 1.65 -14.85
CA GLN B 354 -14.64 0.74 -14.87
C GLN B 354 -13.70 1.05 -16.02
N LYS B 355 -14.27 1.29 -17.21
CA LYS B 355 -13.45 1.62 -18.38
C LYS B 355 -12.72 2.94 -18.16
N MET B 356 -13.43 3.94 -17.64
CA MET B 356 -12.83 5.26 -17.44
C MET B 356 -11.76 5.21 -16.35
N SER B 357 -11.96 4.41 -15.31
CA SER B 357 -11.03 4.36 -14.21
C SER B 357 -9.78 3.57 -14.57
N GLN B 358 -9.94 2.48 -15.32
CA GLN B 358 -8.78 1.78 -15.84
C GLN B 358 -8.02 2.63 -16.85
N ASP B 359 -8.71 3.55 -17.54
CA ASP B 359 -8.02 4.50 -18.40
C ASP B 359 -7.21 5.50 -17.58
N LEU B 360 -7.88 6.20 -16.65
CA LEU B 360 -7.30 7.37 -16.01
C LEU B 360 -6.11 7.05 -15.11
N GLN B 361 -6.12 5.88 -14.48
CA GLN B 361 -5.05 5.43 -13.59
C GLN B 361 -4.86 6.40 -12.42
N LEU B 362 -5.88 6.40 -11.57
CA LEU B 362 -6.00 7.28 -10.41
C LEU B 362 -4.89 7.03 -9.37
N GLU B 363 -4.91 7.78 -8.28
CA GLU B 363 -4.00 7.60 -7.16
C GLU B 363 -4.76 7.88 -5.89
N ALA B 364 -4.88 6.89 -5.00
CA ALA B 364 -5.60 7.05 -3.74
C ALA B 364 -4.89 7.95 -2.72
N LEU B 365 -3.68 8.42 -3.01
CA LEU B 365 -2.85 9.20 -2.10
C LEU B 365 -2.38 10.45 -2.81
N THR B 366 -3.33 11.12 -3.47
CA THR B 366 -3.07 12.27 -4.31
C THR B 366 -4.33 13.11 -4.35
N ILE B 367 -4.16 14.43 -4.52
CA ILE B 367 -5.26 15.37 -4.76
C ILE B 367 -5.27 15.59 -6.26
N GLN B 368 -6.03 14.77 -6.98
CA GLN B 368 -5.95 14.74 -8.44
C GLN B 368 -6.94 15.67 -9.11
N SER B 369 -6.61 16.04 -10.34
CA SER B 369 -7.46 16.82 -11.24
C SER B 369 -8.23 15.95 -12.20
N GLU B 370 -8.61 14.74 -11.78
CA GLU B 370 -9.37 13.82 -12.60
C GLU B 370 -10.43 13.01 -11.89
N THR B 371 -10.52 13.04 -10.57
CA THR B 371 -11.65 12.41 -9.90
C THR B 371 -12.95 13.12 -10.23
N GLN B 372 -12.88 14.45 -10.37
CA GLN B 372 -14.04 15.27 -10.70
C GLN B 372 -14.61 15.01 -12.08
N PHE B 373 -13.90 14.27 -12.96
CA PHE B 373 -14.54 13.80 -14.18
C PHE B 373 -15.72 12.89 -13.86
N LEU B 374 -15.57 12.05 -12.84
CA LEU B 374 -16.54 10.99 -12.58
C LEU B 374 -17.82 11.47 -11.87
N THR B 375 -18.01 12.77 -11.67
CA THR B 375 -19.16 13.27 -10.93
C THR B 375 -20.40 13.28 -11.81
N GLY B 376 -21.38 12.46 -11.45
CA GLY B 376 -22.67 12.51 -12.11
C GLY B 376 -22.74 11.80 -13.44
N ILE B 377 -21.93 10.76 -13.64
CA ILE B 377 -21.96 10.07 -14.93
C ILE B 377 -23.24 9.28 -15.13
N ASN B 378 -23.97 8.92 -14.05
CA ASN B 378 -25.15 8.04 -14.05
C ASN B 378 -26.21 8.32 -15.11
N SER B 379 -26.96 7.28 -15.47
CA SER B 379 -28.23 7.50 -16.15
C SER B 379 -29.23 8.15 -15.19
N GLN B 380 -30.39 8.49 -15.76
CA GLN B 380 -31.45 9.37 -15.27
C GLN B 380 -31.08 10.86 -15.41
N ALA B 381 -29.82 11.20 -15.74
CA ALA B 381 -29.36 12.56 -16.05
C ALA B 381 -29.09 12.73 -17.53
N ALA B 382 -28.41 11.75 -18.14
CA ALA B 382 -28.31 11.69 -19.59
C ALA B 382 -29.68 11.74 -20.24
N ASN B 383 -30.63 10.97 -19.69
CA ASN B 383 -32.03 11.07 -20.06
C ASN B 383 -32.52 12.50 -19.87
N ASP B 384 -32.19 13.11 -18.74
CA ASP B 384 -32.68 14.45 -18.41
C ASP B 384 -32.14 15.48 -19.38
N CYS B 385 -30.87 15.35 -19.76
CA CYS B 385 -30.28 16.30 -20.69
C CYS B 385 -30.86 16.09 -22.08
N PHE B 386 -30.92 14.84 -22.53
CA PHE B 386 -31.53 14.48 -23.81
C PHE B 386 -32.96 14.98 -23.92
N LYS B 387 -33.69 15.02 -22.81
CA LYS B 387 -35.06 15.46 -22.79
C LYS B 387 -35.13 16.99 -22.76
N THR B 388 -34.24 17.59 -21.97
CA THR B 388 -34.22 19.04 -21.80
C THR B 388 -33.84 19.76 -23.08
N LEU B 389 -32.81 19.28 -23.79
CA LEU B 389 -32.34 19.93 -25.02
C LEU B 389 -33.44 19.99 -26.06
N ILE B 390 -34.07 18.84 -26.30
CA ILE B 390 -35.09 18.75 -27.32
C ILE B 390 -36.31 19.56 -26.92
N ALA B 391 -36.76 19.42 -25.65
CA ALA B 391 -37.90 20.18 -25.16
C ALA B 391 -37.67 21.68 -25.25
N ALA B 392 -36.46 22.13 -24.92
CA ALA B 392 -36.19 23.56 -24.93
C ALA B 392 -36.06 24.09 -26.35
N MET B 393 -35.39 23.36 -27.25
CA MET B 393 -35.28 23.83 -28.62
C MET B 393 -36.62 23.83 -29.34
N LEU B 394 -37.53 22.94 -28.96
CA LEU B 394 -38.86 22.95 -29.56
C LEU B 394 -39.67 24.10 -29.00
N SER B 395 -39.72 24.21 -27.67
CA SER B 395 -40.45 25.29 -27.05
C SER B 395 -39.73 26.63 -27.15
N GLN B 396 -38.45 26.65 -27.55
CA GLN B 396 -37.64 27.87 -27.65
C GLN B 396 -37.55 28.58 -26.31
N ARG B 397 -37.43 27.79 -25.25
CA ARG B 397 -37.13 28.30 -23.93
C ARG B 397 -35.62 28.39 -23.82
N THR B 398 -35.09 29.54 -23.46
CA THR B 398 -33.67 29.63 -23.25
C THR B 398 -33.30 28.82 -22.03
N MET B 399 -32.02 28.47 -21.94
CA MET B 399 -31.53 27.61 -20.88
C MET B 399 -30.10 27.98 -20.54
N SER B 400 -29.87 28.17 -19.24
CA SER B 400 -28.56 28.56 -18.73
C SER B 400 -27.68 27.33 -18.57
N LEU B 401 -26.53 27.53 -17.95
CA LEU B 401 -25.58 26.48 -17.61
C LEU B 401 -25.14 26.68 -16.18
N ASP B 402 -24.80 25.57 -15.53
CA ASP B 402 -24.13 25.60 -14.23
C ASP B 402 -23.04 24.55 -14.25
N PHE B 403 -21.79 25.01 -14.10
CA PHE B 403 -20.65 24.12 -14.18
C PHE B 403 -19.55 24.64 -13.28
N VAL B 404 -18.64 23.75 -12.96
CA VAL B 404 -17.52 24.00 -12.05
C VAL B 404 -16.26 23.95 -12.91
N THR B 405 -15.50 25.04 -12.92
CA THR B 405 -14.34 25.12 -13.80
C THR B 405 -13.21 24.18 -13.38
N THR B 406 -13.25 23.61 -12.18
CA THR B 406 -12.24 22.63 -11.79
C THR B 406 -12.37 21.34 -12.58
N ASN B 407 -13.60 21.00 -13.01
CA ASN B 407 -13.80 19.82 -13.84
C ASN B 407 -13.56 20.20 -15.28
N TYR B 408 -12.91 19.28 -16.02
CA TYR B 408 -12.49 19.54 -17.38
C TYR B 408 -13.13 18.63 -18.42
N MET B 409 -13.84 17.57 -18.01
CA MET B 409 -14.71 16.85 -18.94
C MET B 409 -16.02 17.58 -19.15
N SER B 410 -16.44 18.40 -18.19
CA SER B 410 -17.60 19.25 -18.38
C SER B 410 -17.37 20.20 -19.54
N LEU B 411 -16.20 20.83 -19.56
CA LEU B 411 -15.86 21.77 -20.62
C LEU B 411 -15.61 21.07 -21.95
N ILE B 412 -15.19 19.82 -21.91
CA ILE B 412 -14.92 19.09 -23.14
C ILE B 412 -16.21 18.59 -23.75
N SER B 413 -17.20 18.23 -22.94
CA SER B 413 -18.50 17.89 -23.52
C SER B 413 -19.28 19.16 -23.86
N GLY B 414 -19.01 20.26 -23.16
CA GLY B 414 -19.52 21.56 -23.57
C GLY B 414 -19.10 21.98 -24.96
N MET B 415 -17.95 21.51 -25.44
CA MET B 415 -17.56 21.79 -26.82
C MET B 415 -18.56 21.21 -27.81
N TRP B 416 -18.82 19.90 -27.70
CA TRP B 416 -19.82 19.22 -28.52
C TRP B 416 -21.17 19.91 -28.41
N LEU B 417 -21.55 20.26 -27.18
CA LEU B 417 -22.83 20.90 -26.91
C LEU B 417 -22.94 22.22 -27.67
N LEU B 418 -21.94 23.08 -27.54
CA LEU B 418 -21.94 24.36 -28.21
C LEU B 418 -21.84 24.23 -29.71
N THR B 419 -21.32 23.11 -30.22
CA THR B 419 -21.30 22.89 -31.67
C THR B 419 -22.67 22.52 -32.19
N VAL B 420 -23.32 21.53 -31.55
CA VAL B 420 -24.54 20.99 -32.10
C VAL B 420 -25.77 21.81 -31.74
N VAL B 421 -25.69 22.68 -30.75
CA VAL B 421 -26.77 23.59 -30.35
C VAL B 421 -26.31 25.00 -30.67
N PRO B 422 -27.14 25.85 -31.33
CA PRO B 422 -26.73 27.23 -31.57
C PRO B 422 -26.53 28.03 -30.29
N ASN B 423 -25.56 28.94 -30.34
CA ASN B 423 -25.16 29.72 -29.16
C ASN B 423 -26.28 30.58 -28.60
N ASP B 424 -27.11 31.16 -29.47
CA ASP B 424 -28.19 32.03 -29.00
C ASP B 424 -29.26 31.26 -28.21
N MET B 425 -29.29 29.93 -28.29
CA MET B 425 -30.18 29.12 -27.48
C MET B 425 -29.86 29.22 -25.99
N PHE B 426 -28.63 29.60 -25.63
CA PHE B 426 -28.19 29.73 -24.26
C PHE B 426 -28.18 31.21 -23.87
N ILE B 427 -28.37 31.46 -22.57
CA ILE B 427 -28.31 32.82 -22.07
C ILE B 427 -26.85 33.24 -22.03
N ARG B 428 -26.62 34.55 -22.21
CA ARG B 428 -25.33 35.04 -22.72
C ARG B 428 -24.20 34.77 -21.74
N GLU B 429 -24.36 35.20 -20.48
CA GLU B 429 -23.30 35.10 -19.47
C GLU B 429 -22.86 33.65 -19.26
N SER B 430 -23.78 32.70 -19.41
CA SER B 430 -23.49 31.30 -19.16
C SER B 430 -22.52 30.75 -20.20
N LEU B 431 -22.87 30.89 -21.49
CA LEU B 431 -21.97 30.40 -22.51
C LEU B 431 -20.70 31.22 -22.55
N VAL B 432 -20.75 32.49 -22.16
CA VAL B 432 -19.54 33.29 -22.12
C VAL B 432 -18.58 32.74 -21.09
N ALA B 433 -19.09 32.37 -19.91
CA ALA B 433 -18.28 31.70 -18.91
C ALA B 433 -17.73 30.38 -19.43
N CYS B 434 -18.57 29.58 -20.10
CA CYS B 434 -18.13 28.31 -20.66
C CYS B 434 -17.03 28.48 -21.71
N GLN B 435 -17.24 29.40 -22.65
CA GLN B 435 -16.27 29.64 -23.71
C GLN B 435 -14.97 30.16 -23.15
N LEU B 436 -15.06 31.08 -22.19
CA LEU B 436 -13.90 31.64 -21.53
C LEU B 436 -13.11 30.57 -20.80
N ALA B 437 -13.82 29.65 -20.13
CA ALA B 437 -13.17 28.54 -19.45
C ALA B 437 -12.41 27.67 -20.42
N ILE B 438 -13.09 27.24 -21.49
CA ILE B 438 -12.52 26.38 -22.52
C ILE B 438 -11.28 27.01 -23.13
N ILE B 439 -11.37 28.27 -23.54
CA ILE B 439 -10.26 28.97 -24.17
C ILE B 439 -9.11 29.13 -23.19
N ASN B 440 -9.41 29.39 -21.93
CA ASN B 440 -8.32 29.65 -21.00
C ASN B 440 -7.56 28.40 -20.63
N THR B 441 -8.26 27.27 -20.43
CA THR B 441 -7.65 26.10 -19.80
C THR B 441 -7.66 24.83 -20.65
N ILE B 442 -7.95 24.92 -21.97
CA ILE B 442 -7.76 23.78 -22.86
C ILE B 442 -6.99 24.15 -24.14
N ILE B 443 -7.06 25.41 -24.57
CA ILE B 443 -6.71 25.81 -25.94
C ILE B 443 -5.46 26.69 -25.97
N TYR B 444 -5.53 27.90 -25.41
CA TYR B 444 -4.37 28.78 -25.41
C TYR B 444 -3.15 28.19 -24.70
N PRO B 445 -3.26 27.39 -23.64
CA PRO B 445 -2.08 26.62 -23.22
C PRO B 445 -1.56 25.62 -24.26
N ALA B 446 -2.34 25.24 -25.26
CA ALA B 446 -1.87 24.38 -26.34
C ALA B 446 -1.04 25.11 -27.38
N PHE B 447 -0.92 26.46 -27.29
CA PHE B 447 -0.15 27.26 -28.23
C PHE B 447 0.68 28.33 -27.51
N GLY B 448 0.89 28.20 -26.20
CA GLY B 448 1.68 29.13 -25.41
C GLY B 448 1.19 30.56 -25.48
N MET B 449 -0.12 30.74 -25.68
CA MET B 449 -0.74 32.04 -25.79
C MET B 449 -1.12 32.55 -24.40
N GLN B 450 -1.19 33.87 -24.28
CA GLN B 450 -1.61 34.49 -23.03
C GLN B 450 -3.04 34.09 -22.75
N ARG B 451 -3.36 33.91 -21.46
CA ARG B 451 -4.51 33.17 -20.96
C ARG B 451 -5.80 33.78 -21.51
N MET B 452 -6.15 34.99 -21.09
CA MET B 452 -7.06 35.94 -21.76
C MET B 452 -7.16 37.14 -20.83
N HIS B 453 -7.53 38.28 -21.41
CA HIS B 453 -7.87 39.52 -20.72
C HIS B 453 -9.26 39.90 -21.23
N TYR B 454 -10.29 39.33 -20.59
CA TYR B 454 -11.68 39.39 -21.07
C TYR B 454 -12.49 40.37 -20.24
N ARG B 455 -12.92 41.46 -20.88
CA ARG B 455 -13.95 42.32 -20.33
C ARG B 455 -15.25 41.54 -20.17
N ASN B 456 -16.08 41.96 -19.22
CA ASN B 456 -17.38 41.31 -19.05
C ASN B 456 -18.33 41.66 -20.19
N GLY B 457 -18.54 42.96 -20.42
CA GLY B 457 -19.50 43.40 -21.42
C GLY B 457 -18.98 43.50 -22.84
N ASP B 458 -17.98 42.71 -23.18
CA ASP B 458 -17.43 42.72 -24.53
C ASP B 458 -18.49 42.16 -25.49
N PRO B 459 -18.86 42.86 -26.57
CA PRO B 459 -19.86 42.26 -27.48
C PRO B 459 -19.35 40.99 -28.16
N GLN B 460 -18.04 40.86 -28.36
CA GLN B 460 -17.48 39.66 -28.95
C GLN B 460 -17.38 38.59 -27.86
N THR B 461 -18.08 37.48 -28.06
CA THR B 461 -17.91 36.31 -27.22
C THR B 461 -16.52 35.70 -27.48
N PRO B 462 -15.88 35.08 -26.46
CA PRO B 462 -14.44 34.74 -26.57
C PRO B 462 -14.03 33.84 -27.73
N PHE B 463 -14.95 33.05 -28.28
CA PHE B 463 -14.62 32.28 -29.47
C PHE B 463 -14.50 33.15 -30.71
N GLN B 464 -15.07 34.36 -30.70
CA GLN B 464 -14.91 35.23 -31.84
C GLN B 464 -13.51 35.82 -31.87
N ILE B 465 -13.03 36.32 -30.73
CA ILE B 465 -11.70 36.89 -30.69
C ILE B 465 -10.63 35.80 -30.66
N ALA B 466 -10.99 34.55 -30.33
CA ALA B 466 -10.05 33.44 -30.46
C ALA B 466 -9.91 32.96 -31.88
N GLU B 467 -11.00 32.98 -32.65
CA GLU B 467 -10.97 32.57 -34.06
C GLU B 467 -9.95 33.36 -34.89
N GLN B 468 -9.70 34.63 -34.54
CA GLN B 468 -8.88 35.54 -35.31
C GLN B 468 -7.56 35.89 -34.62
N GLN B 469 -7.06 35.01 -33.73
CA GLN B 469 -5.73 35.12 -33.14
C GLN B 469 -4.85 33.90 -33.40
N ILE B 470 -5.37 32.70 -33.20
CA ILE B 470 -4.58 31.48 -33.33
C ILE B 470 -4.55 31.01 -34.78
N GLN B 471 -3.56 30.16 -35.08
CA GLN B 471 -3.24 29.68 -36.42
C GLN B 471 -3.11 28.17 -36.42
N ASN B 472 -4.25 27.50 -36.54
CA ASN B 472 -4.31 26.07 -36.81
C ASN B 472 -5.64 25.84 -37.51
N PHE B 473 -5.62 25.05 -38.58
CA PHE B 473 -6.77 24.93 -39.46
C PHE B 473 -7.97 24.30 -38.75
N GLN B 474 -7.73 23.25 -37.96
CA GLN B 474 -8.80 22.48 -37.37
C GLN B 474 -9.55 23.28 -36.32
N VAL B 475 -8.82 23.88 -35.39
CA VAL B 475 -9.43 24.63 -34.30
C VAL B 475 -10.15 25.84 -34.88
N ALA B 476 -9.54 26.48 -35.87
CA ALA B 476 -10.15 27.66 -36.47
C ALA B 476 -11.43 27.28 -37.21
N ASN B 477 -11.45 26.11 -37.85
CA ASN B 477 -12.66 25.67 -38.52
C ASN B 477 -13.76 25.36 -37.52
N TRP B 478 -13.38 24.76 -36.39
CA TRP B 478 -14.30 24.52 -35.29
C TRP B 478 -14.92 25.82 -34.78
N LEU B 479 -14.07 26.79 -34.45
CA LEU B 479 -14.57 28.08 -33.97
C LEU B 479 -15.40 28.81 -35.02
N HIS B 480 -15.04 28.65 -36.30
CA HIS B 480 -15.84 29.25 -37.37
C HIS B 480 -17.22 28.66 -37.43
N PHE B 481 -17.31 27.34 -37.26
CA PHE B 481 -18.63 26.72 -37.24
C PHE B 481 -19.42 27.17 -36.04
N VAL B 482 -18.78 27.19 -34.87
CA VAL B 482 -19.45 27.54 -33.62
C VAL B 482 -19.99 28.96 -33.66
N ASN B 483 -19.14 29.92 -34.01
CA ASN B 483 -19.51 31.33 -33.98
C ASN B 483 -20.64 31.61 -34.95
N ASN B 484 -20.51 31.12 -36.17
CA ASN B 484 -21.46 31.38 -37.23
C ASN B 484 -22.54 30.31 -37.33
N ASN B 485 -22.81 29.60 -36.22
CA ASN B 485 -23.99 28.78 -36.12
C ASN B 485 -25.18 29.62 -35.70
N GLN B 486 -26.35 29.22 -36.16
CA GLN B 486 -27.60 29.88 -35.89
C GLN B 486 -28.69 28.99 -36.47
N PHE B 487 -29.90 29.15 -35.97
CA PHE B 487 -31.02 28.47 -36.59
C PHE B 487 -31.30 29.12 -37.93
N ARG B 488 -31.79 28.32 -38.85
CA ARG B 488 -32.23 28.76 -40.17
C ARG B 488 -33.76 28.86 -40.14
N GLN B 489 -34.25 30.10 -40.22
CA GLN B 489 -35.68 30.34 -40.22
C GLN B 489 -36.27 30.05 -41.58
N VAL B 490 -37.28 29.19 -41.62
CA VAL B 490 -37.86 28.76 -42.89
C VAL B 490 -39.31 28.37 -42.67
N VAL B 491 -40.16 28.68 -43.65
CA VAL B 491 -41.60 28.42 -43.56
C VAL B 491 -41.86 27.11 -44.29
N ILE B 492 -42.30 26.11 -43.53
CA ILE B 492 -42.60 24.77 -44.00
C ILE B 492 -43.99 24.42 -43.48
N ASP B 493 -44.80 23.81 -44.34
CA ASP B 493 -46.18 23.38 -44.02
C ASP B 493 -47.03 24.53 -43.47
N GLY B 494 -46.78 25.75 -43.95
CA GLY B 494 -47.50 26.91 -43.52
C GLY B 494 -47.01 27.54 -42.23
N VAL B 495 -46.06 26.92 -41.52
CA VAL B 495 -45.59 27.37 -40.21
C VAL B 495 -44.11 27.68 -40.28
N LEU B 496 -43.70 28.72 -39.55
CA LEU B 496 -42.29 29.02 -39.50
C LEU B 496 -41.62 27.96 -38.64
N ASN B 497 -40.32 27.76 -38.88
CA ASN B 497 -39.57 26.70 -38.23
C ASN B 497 -38.14 27.16 -38.11
N GLN B 498 -37.51 26.73 -37.02
CA GLN B 498 -36.11 27.01 -36.71
C GLN B 498 -35.35 25.74 -37.01
N VAL B 499 -34.95 25.59 -38.26
CA VAL B 499 -34.33 24.37 -38.74
C VAL B 499 -32.84 24.44 -38.43
N LEU B 500 -32.22 23.28 -38.27
CA LEU B 500 -30.80 23.14 -38.02
C LEU B 500 -30.06 23.31 -39.35
N ASN B 501 -28.80 22.93 -39.42
CA ASN B 501 -27.95 23.36 -40.53
C ASN B 501 -28.09 22.46 -41.75
N ASP B 502 -28.40 21.17 -41.56
CA ASP B 502 -28.45 20.05 -42.52
C ASP B 502 -27.04 19.51 -42.79
N ASN B 503 -26.00 20.09 -42.17
CA ASN B 503 -24.70 19.46 -41.95
C ASN B 503 -24.57 18.94 -40.53
N ILE B 504 -25.54 19.21 -39.66
CA ILE B 504 -25.59 18.71 -38.30
C ILE B 504 -26.45 17.46 -38.22
N ARG B 505 -27.54 17.42 -39.00
CA ARG B 505 -28.46 16.29 -39.01
C ARG B 505 -27.74 15.01 -39.40
N ASN B 506 -26.94 15.09 -40.45
CA ASN B 506 -25.95 14.06 -40.77
C ASN B 506 -24.66 14.39 -40.03
N GLY B 507 -24.40 13.63 -38.96
CA GLY B 507 -23.36 13.96 -38.01
C GLY B 507 -21.99 13.95 -38.65
N HIS B 508 -21.52 15.16 -38.94
CA HIS B 508 -20.20 15.41 -39.51
C HIS B 508 -19.41 16.36 -38.63
N VAL B 509 -20.10 17.27 -37.93
CA VAL B 509 -19.47 18.27 -37.06
C VAL B 509 -18.59 17.65 -35.98
N VAL B 510 -18.93 16.44 -35.55
CA VAL B 510 -18.10 15.71 -34.61
C VAL B 510 -16.72 15.40 -35.21
N ASN B 511 -16.61 15.34 -36.54
CA ASN B 511 -15.29 15.11 -37.14
C ASN B 511 -14.43 16.34 -37.02
N GLN B 512 -14.99 17.52 -37.34
CA GLN B 512 -14.34 18.80 -37.03
C GLN B 512 -13.90 18.86 -35.57
N LEU B 513 -14.79 18.45 -34.66
CA LEU B 513 -14.50 18.54 -33.24
C LEU B 513 -13.35 17.62 -32.86
N MET B 514 -13.42 16.35 -33.27
CA MET B 514 -12.37 15.39 -32.91
C MET B 514 -11.05 15.76 -33.55
N GLU B 515 -11.06 16.28 -34.78
CA GLU B 515 -9.84 16.76 -35.40
C GLU B 515 -9.22 17.88 -34.57
N ALA B 516 -10.04 18.82 -34.10
CA ALA B 516 -9.53 19.88 -33.26
C ALA B 516 -8.97 19.35 -31.95
N LEU B 517 -9.67 18.37 -31.35
CA LEU B 517 -9.22 17.82 -30.07
C LEU B 517 -7.93 17.04 -30.24
N MET B 518 -7.78 16.32 -31.34
CA MET B 518 -6.56 15.57 -31.57
C MET B 518 -5.40 16.50 -31.84
N GLN B 519 -5.64 17.60 -32.57
CA GLN B 519 -4.63 18.64 -32.69
C GLN B 519 -4.21 19.17 -31.33
N LEU B 520 -5.17 19.56 -30.49
CA LEU B 520 -4.85 20.11 -29.18
C LEU B 520 -4.11 19.09 -28.30
N SER B 521 -4.42 17.81 -28.46
CA SER B 521 -3.67 16.78 -27.75
C SER B 521 -2.25 16.68 -28.26
N ARG B 522 -2.05 16.71 -29.59
CA ARG B 522 -0.69 16.55 -30.11
C ARG B 522 0.21 17.73 -29.81
N GLN B 523 -0.35 18.89 -29.43
CA GLN B 523 0.48 20.04 -29.12
C GLN B 523 1.06 19.87 -27.72
N GLN B 524 2.16 20.56 -27.47
CA GLN B 524 2.75 20.64 -26.16
C GLN B 524 2.17 21.82 -25.40
N PHE B 525 2.29 21.75 -24.08
CA PHE B 525 1.92 22.84 -23.18
C PHE B 525 3.24 23.36 -22.61
N PRO B 526 3.89 24.38 -23.25
CA PRO B 526 5.21 24.81 -22.76
C PRO B 526 5.11 25.44 -21.39
N THR B 527 4.16 26.36 -21.27
CA THR B 527 4.01 27.14 -20.05
C THR B 527 3.62 26.27 -18.85
N MET B 528 2.95 25.12 -19.07
CA MET B 528 2.31 24.35 -18.00
C MET B 528 2.98 23.00 -17.73
N PRO B 529 2.76 22.37 -16.54
CA PRO B 529 3.36 21.05 -16.28
C PRO B 529 2.80 19.91 -17.10
N VAL B 530 3.33 18.73 -16.78
CA VAL B 530 2.96 17.50 -17.47
C VAL B 530 1.69 16.89 -16.90
N ASP B 531 1.42 17.08 -15.60
CA ASP B 531 0.22 16.47 -15.02
C ASP B 531 -1.05 17.07 -15.57
N TYR B 532 -1.04 18.38 -15.82
CA TYR B 532 -2.17 19.06 -16.41
C TYR B 532 -2.45 18.58 -17.82
N LYS B 533 -1.40 18.58 -18.65
CA LYS B 533 -1.46 18.07 -20.02
C LYS B 533 -1.94 16.62 -20.04
N ARG B 534 -1.41 15.80 -19.13
CA ARG B 534 -1.79 14.40 -19.03
C ARG B 534 -3.29 14.27 -18.74
N SER B 535 -3.78 15.04 -17.78
CA SER B 535 -5.19 14.99 -17.39
C SER B 535 -6.08 15.37 -18.56
N ILE B 536 -5.73 16.45 -19.25
CA ILE B 536 -6.48 16.93 -20.40
C ILE B 536 -6.47 15.87 -21.50
N GLN B 537 -5.30 15.30 -21.78
CA GLN B 537 -5.19 14.39 -22.91
C GLN B 537 -5.89 13.07 -22.63
N ARG B 538 -5.93 12.65 -21.36
CA ARG B 538 -6.73 11.48 -21.02
C ARG B 538 -8.22 11.78 -21.17
N GLY B 539 -8.66 12.96 -20.70
CA GLY B 539 -10.04 13.37 -20.89
C GLY B 539 -10.45 13.50 -22.33
N ILE B 540 -9.49 13.77 -23.22
CA ILE B 540 -9.78 13.87 -24.64
C ILE B 540 -9.84 12.49 -25.27
N LEU B 541 -9.05 11.54 -24.76
CA LEU B 541 -9.11 10.20 -25.34
C LEU B 541 -10.39 9.47 -24.96
N LEU B 542 -10.92 9.75 -23.75
CA LEU B 542 -12.21 9.22 -23.34
C LEU B 542 -13.34 9.49 -24.34
N LEU B 543 -13.28 10.61 -25.05
CA LEU B 543 -14.29 11.02 -26.01
C LEU B 543 -13.90 10.59 -27.44
N SER B 544 -12.59 10.57 -27.70
CA SER B 544 -12.10 10.04 -28.97
C SER B 544 -12.48 8.58 -29.09
N ASN B 545 -12.55 7.85 -27.96
CA ASN B 545 -13.03 6.48 -28.00
C ASN B 545 -14.56 6.39 -28.00
N ARG B 546 -15.29 7.52 -28.22
CA ARG B 546 -16.73 7.56 -28.34
C ARG B 546 -17.12 8.37 -29.58
N LEU B 547 -16.22 8.41 -30.58
CA LEU B 547 -16.43 9.17 -31.82
C LEU B 547 -17.72 8.80 -32.54
N GLY B 548 -17.83 7.52 -32.90
CA GLY B 548 -18.98 7.06 -33.64
C GLY B 548 -20.25 7.21 -32.83
N GLN B 549 -20.15 6.95 -31.53
CA GLN B 549 -21.30 7.06 -30.63
C GLN B 549 -21.80 8.50 -30.56
N LEU B 550 -20.89 9.48 -30.65
CA LEU B 550 -21.33 10.86 -30.62
C LEU B 550 -21.95 11.28 -31.93
N VAL B 551 -21.42 10.76 -33.04
CA VAL B 551 -22.08 10.92 -34.34
C VAL B 551 -23.51 10.39 -34.28
N ASP B 552 -23.66 9.20 -33.70
CA ASP B 552 -24.96 8.56 -33.56
C ASP B 552 -25.91 9.42 -32.75
N LEU B 553 -25.39 9.92 -31.62
CA LEU B 553 -26.16 10.79 -30.73
C LEU B 553 -26.63 12.06 -31.45
N THR B 554 -25.74 12.67 -32.23
CA THR B 554 -26.08 13.90 -32.94
C THR B 554 -27.18 13.67 -33.96
N ARG B 555 -27.04 12.61 -34.78
CA ARG B 555 -28.08 12.25 -35.74
C ARG B 555 -29.41 11.97 -35.05
N LEU B 556 -29.35 11.37 -33.86
CA LEU B 556 -30.56 10.98 -33.16
C LEU B 556 -31.29 12.19 -32.59
N LEU B 557 -30.54 13.09 -31.95
CA LEU B 557 -31.12 14.35 -31.47
C LEU B 557 -31.76 15.15 -32.59
N ALA B 558 -31.05 15.32 -33.71
CA ALA B 558 -31.58 16.09 -34.83
C ALA B 558 -32.85 15.47 -35.39
N TYR B 559 -32.87 14.14 -35.53
CA TYR B 559 -34.04 13.46 -36.05
C TYR B 559 -35.24 13.63 -35.15
N ASN B 560 -35.07 13.33 -33.86
CA ASN B 560 -36.21 13.36 -32.94
C ASN B 560 -36.70 14.78 -32.76
N TYR B 561 -35.79 15.76 -32.79
CA TYR B 561 -36.18 17.16 -32.77
C TYR B 561 -37.04 17.53 -33.97
N GLU B 562 -36.55 17.30 -35.18
CA GLU B 562 -37.32 17.73 -36.35
C GLU B 562 -38.57 16.88 -36.59
N THR B 563 -38.67 15.72 -35.94
CA THR B 563 -39.88 14.92 -36.04
C THR B 563 -40.90 15.40 -35.04
N LEU B 564 -40.48 15.75 -33.83
CA LEU B 564 -41.42 16.41 -32.93
C LEU B 564 -41.72 17.84 -33.36
N MET B 565 -40.94 18.41 -34.29
CA MET B 565 -41.22 19.71 -34.87
C MET B 565 -42.32 19.59 -35.90
N ALA B 566 -42.39 18.44 -36.59
CA ALA B 566 -43.47 18.23 -37.55
C ALA B 566 -44.85 18.26 -36.88
N CYS B 567 -44.94 17.91 -35.59
CA CYS B 567 -46.18 17.95 -34.82
C CYS B 567 -46.33 19.27 -34.07
N ILE B 568 -46.13 20.37 -34.78
CA ILE B 568 -46.28 21.72 -34.26
C ILE B 568 -47.06 22.51 -35.30
N THR B 569 -47.89 23.43 -34.81
CA THR B 569 -48.87 24.17 -35.58
C THR B 569 -48.69 25.67 -35.41
N MET B 570 -48.26 26.13 -34.24
CA MET B 570 -48.02 27.53 -33.98
C MET B 570 -46.57 27.83 -34.33
N ASN B 571 -46.38 28.87 -35.13
CA ASN B 571 -45.05 29.24 -35.61
C ASN B 571 -44.12 29.57 -34.46
N MET B 572 -42.87 29.14 -34.59
CA MET B 572 -41.97 28.93 -33.46
C MET B 572 -40.86 29.98 -33.58
N GLN B 573 -40.78 30.82 -32.57
CA GLN B 573 -40.03 32.05 -32.58
C GLN B 573 -38.73 31.97 -31.81
N HIS B 574 -37.76 32.76 -32.25
CA HIS B 574 -36.43 32.81 -31.68
C HIS B 574 -36.35 34.07 -30.83
N VAL B 575 -36.60 33.90 -29.52
CA VAL B 575 -36.74 34.98 -28.56
C VAL B 575 -36.07 34.55 -27.26
N GLN B 576 -35.48 35.52 -26.58
CA GLN B 576 -34.88 35.29 -25.27
C GLN B 576 -35.98 35.42 -24.22
N THR B 577 -36.26 34.34 -23.52
CA THR B 577 -37.28 34.31 -22.48
C THR B 577 -36.78 34.87 -21.16
N LEU B 578 -37.73 35.17 -20.26
CA LEU B 578 -37.40 35.59 -18.91
C LEU B 578 -36.57 34.56 -18.17
N THR B 579 -37.21 33.43 -17.88
CA THR B 579 -36.68 32.43 -16.97
C THR B 579 -36.11 31.26 -17.77
N THR B 580 -35.08 30.64 -17.22
CA THR B 580 -34.23 29.73 -17.95
C THR B 580 -34.28 28.38 -17.26
N GLU B 581 -33.95 27.36 -18.03
CA GLU B 581 -33.79 26.00 -17.57
C GLU B 581 -32.34 25.73 -17.23
N LYS B 582 -32.08 25.24 -16.02
CA LYS B 582 -30.73 24.89 -15.66
C LYS B 582 -30.28 23.71 -16.52
N LEU B 583 -28.97 23.53 -16.59
CA LEU B 583 -28.42 22.42 -17.35
C LEU B 583 -27.02 22.13 -16.85
N GLN B 584 -26.89 21.05 -16.12
CA GLN B 584 -25.58 20.62 -15.65
C GLN B 584 -24.88 19.89 -16.77
N LEU B 585 -23.63 20.28 -17.04
CA LEU B 585 -22.86 19.62 -18.06
C LEU B 585 -22.44 18.21 -17.66
N THR B 586 -22.53 17.86 -16.37
CA THR B 586 -22.39 16.45 -16.00
C THR B 586 -23.47 15.61 -16.66
N SER B 587 -24.68 16.18 -16.77
CA SER B 587 -25.77 15.53 -17.47
C SER B 587 -25.56 15.49 -18.99
N VAL B 588 -24.54 16.17 -19.50
CA VAL B 588 -24.18 16.16 -20.90
C VAL B 588 -23.10 15.12 -21.11
N THR B 589 -22.09 15.19 -20.22
CA THR B 589 -21.03 14.19 -20.15
C THR B 589 -21.61 12.79 -20.13
N SER B 590 -22.55 12.56 -19.21
CA SER B 590 -23.34 11.33 -19.11
C SER B 590 -23.90 10.90 -20.46
N LEU B 591 -24.57 11.83 -21.14
CA LEU B 591 -25.18 11.53 -22.43
C LEU B 591 -24.11 11.22 -23.45
N CYS B 592 -23.00 11.97 -23.42
CA CYS B 592 -21.89 11.68 -24.31
C CYS B 592 -21.13 10.42 -23.92
N MET B 593 -21.35 9.88 -22.72
CA MET B 593 -20.55 8.79 -22.17
C MET B 593 -21.37 7.57 -21.79
N LEU B 594 -22.71 7.65 -21.79
CA LEU B 594 -23.61 6.50 -21.63
C LEU B 594 -24.60 6.50 -22.79
N ILE B 595 -24.22 5.93 -23.91
CA ILE B 595 -25.12 5.87 -25.06
C ILE B 595 -24.57 4.83 -26.04
N GLY B 596 -25.43 4.03 -26.64
CA GLY B 596 -24.94 3.06 -27.61
C GLY B 596 -26.01 2.26 -28.33
N ASN B 597 -25.88 2.25 -29.68
CA ASN B 597 -26.45 1.29 -30.65
C ASN B 597 -27.85 0.81 -30.31
N ALA B 598 -28.70 1.77 -29.94
CA ALA B 598 -30.09 1.52 -29.56
C ALA B 598 -30.87 2.79 -29.89
N THR B 599 -31.46 2.80 -31.08
CA THR B 599 -32.14 3.99 -31.57
C THR B 599 -33.52 4.07 -30.94
N VAL B 600 -33.98 5.31 -30.73
CA VAL B 600 -35.29 5.62 -30.20
C VAL B 600 -36.00 6.54 -31.18
N ILE B 601 -37.25 6.17 -31.50
CA ILE B 601 -38.11 6.91 -32.42
C ILE B 601 -39.35 7.30 -31.61
N PRO B 602 -39.82 8.55 -31.63
CA PRO B 602 -41.06 8.86 -30.89
C PRO B 602 -42.20 8.12 -31.53
N SER B 603 -42.93 7.36 -30.73
CA SER B 603 -43.98 6.52 -31.27
C SER B 603 -45.09 7.40 -31.86
N PRO B 604 -45.83 6.91 -32.86
CA PRO B 604 -46.92 7.72 -33.43
C PRO B 604 -47.99 8.10 -32.45
N GLN B 605 -48.20 7.30 -31.40
CA GLN B 605 -49.12 7.66 -30.33
C GLN B 605 -48.71 8.99 -29.73
N THR B 606 -47.44 9.09 -29.35
CA THR B 606 -46.94 10.31 -28.75
C THR B 606 -46.95 11.46 -29.74
N LEU B 607 -46.72 11.17 -31.03
CA LEU B 607 -46.78 12.22 -32.05
C LEU B 607 -48.18 12.77 -32.20
N PHE B 608 -49.17 11.87 -32.32
CA PHE B 608 -50.55 12.30 -32.46
C PHE B 608 -51.02 13.02 -31.20
N HIS B 609 -50.52 12.60 -30.04
CA HIS B 609 -50.88 13.27 -28.81
C HIS B 609 -50.32 14.68 -28.77
N TYR B 610 -49.02 14.81 -29.07
CA TYR B 610 -48.36 16.10 -29.11
C TYR B 610 -48.87 17.00 -30.23
N TYR B 611 -49.51 16.44 -31.25
CA TYR B 611 -50.11 17.21 -32.31
C TYR B 611 -51.50 17.67 -31.93
N ASN B 612 -52.29 16.78 -31.30
CA ASN B 612 -53.64 17.13 -30.92
C ASN B 612 -53.63 18.19 -29.82
N VAL B 613 -52.65 18.11 -28.92
CA VAL B 613 -52.55 19.09 -27.84
C VAL B 613 -52.27 20.47 -28.41
N ASN B 614 -51.31 20.56 -29.33
CA ASN B 614 -51.00 21.82 -29.98
C ASN B 614 -52.17 22.34 -30.79
N VAL B 615 -52.86 21.45 -31.50
CA VAL B 615 -54.01 21.85 -32.32
C VAL B 615 -55.11 22.42 -31.43
N ASN B 616 -55.37 21.77 -30.30
CA ASN B 616 -56.45 22.22 -29.42
C ASN B 616 -56.08 23.54 -28.79
N PHE B 617 -54.82 23.70 -28.39
CA PHE B 617 -54.35 24.98 -27.86
C PHE B 617 -54.50 26.08 -28.89
N HIS B 618 -54.12 25.79 -30.14
CA HIS B 618 -54.14 26.81 -31.19
C HIS B 618 -55.57 27.21 -31.53
N SER B 619 -56.46 26.22 -31.61
CA SER B 619 -57.86 26.48 -31.89
C SER B 619 -58.52 27.27 -30.77
N ASN B 620 -58.25 26.88 -29.52
CA ASN B 620 -58.75 27.61 -28.36
C ASN B 620 -58.28 29.05 -28.38
N TYR B 621 -56.98 29.25 -28.67
CA TYR B 621 -56.37 30.57 -28.75
C TYR B 621 -57.08 31.44 -29.76
N ASN B 622 -57.21 30.96 -31.00
CA ASN B 622 -57.83 31.75 -32.05
C ASN B 622 -59.31 32.01 -31.78
N GLU B 623 -60.01 31.06 -31.17
CA GLU B 623 -61.44 31.23 -30.99
C GLU B 623 -61.72 32.23 -29.88
N ARG B 624 -60.95 32.18 -28.80
CA ARG B 624 -61.12 33.18 -27.75
C ARG B 624 -60.68 34.56 -28.24
N ILE B 625 -59.68 34.61 -29.12
CA ILE B 625 -59.31 35.87 -29.76
C ILE B 625 -60.48 36.41 -30.58
N ASN B 626 -61.11 35.54 -31.37
CA ASN B 626 -62.23 35.96 -32.21
C ASN B 626 -63.39 36.48 -31.38
N ASP B 627 -63.68 35.78 -30.28
CA ASP B 627 -64.66 36.24 -29.29
C ASP B 627 -64.37 37.66 -28.85
N ALA B 628 -63.17 37.86 -28.28
CA ALA B 628 -62.80 39.16 -27.70
C ALA B 628 -62.80 40.25 -28.76
N VAL B 629 -62.29 39.94 -29.95
CA VAL B 629 -62.25 40.91 -31.05
C VAL B 629 -63.66 41.31 -31.44
N ALA B 630 -64.57 40.35 -31.50
CA ALA B 630 -65.96 40.62 -31.84
C ALA B 630 -66.60 41.58 -30.86
N ILE B 631 -66.48 41.27 -29.55
CA ILE B 631 -67.12 42.12 -28.55
C ILE B 631 -66.47 43.51 -28.51
N ILE B 632 -65.15 43.59 -28.68
CA ILE B 632 -64.46 44.88 -28.69
C ILE B 632 -64.93 45.72 -29.87
N THR B 633 -64.84 45.15 -31.08
CA THR B 633 -65.24 45.87 -32.29
C THR B 633 -66.73 46.18 -32.31
N ALA B 634 -67.55 45.44 -31.54
CA ALA B 634 -68.95 45.76 -31.40
C ALA B 634 -69.15 46.91 -30.43
N ALA B 635 -68.35 46.95 -29.36
CA ALA B 635 -68.45 48.03 -28.40
C ALA B 635 -68.03 49.37 -28.99
N ASN B 636 -67.06 49.36 -29.91
CA ASN B 636 -66.57 50.63 -30.44
C ASN B 636 -67.44 51.16 -31.56
N ARG B 637 -68.17 50.29 -32.27
CA ARG B 637 -69.17 50.69 -33.25
C ARG B 637 -70.57 50.80 -32.62
N LEU B 638 -70.66 51.04 -31.30
CA LEU B 638 -71.91 51.34 -30.61
C LEU B 638 -71.86 52.51 -29.63
N ASN B 639 -70.69 53.09 -29.35
CA ASN B 639 -70.57 54.20 -28.39
C ASN B 639 -71.01 53.75 -27.00
N LEU B 640 -70.41 52.63 -26.56
CA LEU B 640 -70.47 52.20 -25.16
C LEU B 640 -69.35 52.85 -24.38
N TYR B 641 -69.61 54.08 -23.94
CA TYR B 641 -68.55 54.96 -23.45
C TYR B 641 -68.27 54.81 -21.95
N GLN B 642 -69.23 54.36 -21.15
CA GLN B 642 -68.98 54.03 -19.74
C GLN B 642 -68.33 52.67 -19.53
N LYS B 643 -68.28 51.82 -20.55
CA LYS B 643 -67.81 50.46 -20.34
C LYS B 643 -66.30 50.41 -20.14
N LYS B 644 -65.86 49.40 -19.40
CA LYS B 644 -64.48 49.20 -19.02
C LYS B 644 -64.05 47.82 -19.48
N MET B 645 -63.06 47.78 -20.37
CA MET B 645 -62.77 46.58 -21.17
C MET B 645 -61.72 45.69 -20.50
N LYS B 646 -61.97 45.29 -19.26
CA LYS B 646 -61.04 44.49 -18.46
C LYS B 646 -61.53 43.07 -18.21
N SER B 647 -62.76 42.92 -17.68
CA SER B 647 -63.34 41.61 -17.40
C SER B 647 -63.41 40.72 -18.65
N ILE B 648 -63.54 41.32 -19.82
CA ILE B 648 -63.54 40.57 -21.07
C ILE B 648 -62.19 39.89 -21.27
N VAL B 649 -61.11 40.63 -21.00
CA VAL B 649 -59.77 40.08 -21.17
C VAL B 649 -59.45 39.11 -20.03
N GLU B 650 -60.03 39.34 -18.85
CA GLU B 650 -59.96 38.36 -17.77
C GLU B 650 -60.54 37.03 -18.21
N ASP B 651 -61.73 37.05 -18.83
CA ASP B 651 -62.33 35.83 -19.33
C ASP B 651 -61.47 35.21 -20.43
N PHE B 652 -60.90 36.06 -21.29
CA PHE B 652 -60.03 35.60 -22.38
C PHE B 652 -58.85 34.81 -21.83
N LEU B 653 -58.27 35.25 -20.71
CA LEU B 653 -57.16 34.53 -20.09
C LEU B 653 -57.63 33.34 -19.26
N LYS B 654 -58.79 33.45 -18.60
CA LYS B 654 -59.28 32.36 -17.75
C LYS B 654 -59.76 31.17 -18.56
N ARG B 655 -60.24 31.37 -19.79
CA ARG B 655 -60.60 30.20 -20.59
C ARG B 655 -59.38 29.48 -21.13
N LEU B 656 -58.22 30.14 -21.16
CA LEU B 656 -56.94 29.46 -21.39
C LEU B 656 -56.42 29.04 -20.03
N GLN B 657 -56.62 27.78 -19.69
CA GLN B 657 -56.58 27.37 -18.28
C GLN B 657 -55.16 27.09 -17.79
N ILE B 658 -54.21 28.01 -18.06
CA ILE B 658 -52.80 27.84 -17.69
C ILE B 658 -52.17 29.05 -17.04
N PHE B 659 -52.78 30.24 -17.13
CA PHE B 659 -52.22 31.49 -16.64
C PHE B 659 -52.69 31.74 -15.22
N ASP B 660 -51.94 32.57 -14.50
CA ASP B 660 -52.23 32.94 -13.11
C ASP B 660 -52.74 34.38 -13.16
N ILE B 661 -54.05 34.51 -13.35
CA ILE B 661 -54.69 35.81 -13.45
C ILE B 661 -54.70 36.54 -12.11
N SER B 662 -54.53 35.84 -10.99
CA SER B 662 -54.43 36.52 -9.70
C SER B 662 -53.14 37.33 -9.54
N ARG B 663 -52.17 37.24 -10.45
CA ARG B 663 -50.98 38.08 -10.42
C ARG B 663 -50.60 38.55 -11.83
N VAL B 664 -51.59 38.84 -12.66
CA VAL B 664 -51.41 39.52 -13.95
C VAL B 664 -52.00 40.94 -13.80
N PRO B 665 -51.31 42.02 -14.26
CA PRO B 665 -51.89 43.36 -14.13
C PRO B 665 -52.91 43.76 -15.17
N ASP B 666 -53.26 45.05 -15.13
CA ASP B 666 -54.23 45.65 -16.04
C ASP B 666 -53.60 46.23 -17.29
N ASP B 667 -52.36 46.72 -17.21
CA ASP B 667 -51.73 47.30 -18.39
C ASP B 667 -51.48 46.28 -19.48
N GLN B 668 -51.08 45.08 -19.10
CA GLN B 668 -50.88 44.00 -20.04
C GLN B 668 -52.20 43.63 -20.71
N MET B 669 -53.29 43.64 -19.94
CA MET B 669 -54.62 43.38 -20.46
C MET B 669 -55.01 44.42 -21.51
N TYR B 670 -54.74 45.68 -21.20
CA TYR B 670 -55.16 46.78 -22.06
C TYR B 670 -54.28 46.94 -23.28
N ARG B 671 -53.02 46.50 -23.21
CA ARG B 671 -52.20 46.44 -24.41
C ARG B 671 -52.66 45.31 -25.30
N LEU B 672 -53.03 44.19 -24.68
CA LEU B 672 -53.60 43.10 -25.45
C LEU B 672 -54.91 43.52 -26.11
N ARG B 673 -55.70 44.36 -25.42
CA ARG B 673 -56.88 44.94 -26.03
C ARG B 673 -56.52 45.87 -27.19
N ASP B 674 -55.49 46.69 -27.01
CA ASP B 674 -55.07 47.62 -28.06
C ASP B 674 -54.66 46.88 -29.31
N ARG B 675 -53.99 45.74 -29.15
CA ARG B 675 -53.68 44.90 -30.29
C ARG B 675 -54.95 44.29 -30.87
N LEU B 676 -55.84 43.81 -30.00
CA LEU B 676 -57.06 43.15 -30.42
C LEU B 676 -58.02 44.05 -31.18
N ARG B 677 -57.94 45.37 -30.99
CA ARG B 677 -58.83 46.28 -31.73
C ARG B 677 -58.66 46.12 -33.24
N LEU B 678 -57.42 46.02 -33.70
CA LEU B 678 -57.07 46.15 -35.10
C LEU B 678 -57.18 44.83 -35.88
N LEU B 679 -57.74 43.77 -35.29
CA LEU B 679 -57.89 42.48 -35.96
C LEU B 679 -59.27 42.38 -36.61
N PRO B 680 -59.40 41.90 -37.87
CA PRO B 680 -60.75 41.80 -38.44
C PRO B 680 -61.59 40.76 -37.71
N VAL B 681 -62.88 40.99 -37.73
CA VAL B 681 -63.83 40.03 -37.20
C VAL B 681 -64.03 38.95 -38.25
N GLU B 682 -64.30 37.73 -37.80
CA GLU B 682 -64.52 36.62 -38.69
C GLU B 682 -65.90 36.74 -39.31
N ILE B 683 -66.10 36.00 -40.41
CA ILE B 683 -67.24 36.18 -41.31
C ILE B 683 -68.55 36.00 -40.55
N ARG B 684 -68.62 34.96 -39.71
CA ARG B 684 -69.85 34.61 -39.00
C ARG B 684 -70.27 35.76 -38.09
N ARG B 685 -69.35 36.15 -37.21
CA ARG B 685 -69.64 37.13 -36.18
C ARG B 685 -69.88 38.50 -36.80
N LEU B 686 -69.12 38.83 -37.84
CA LEU B 686 -69.27 40.13 -38.50
C LEU B 686 -70.63 40.24 -39.19
N ASP B 687 -71.04 39.21 -39.92
CA ASP B 687 -72.34 39.22 -40.59
C ASP B 687 -73.48 39.32 -39.58
N ILE B 688 -73.42 38.50 -38.51
CA ILE B 688 -74.42 38.54 -37.43
C ILE B 688 -74.49 39.93 -36.84
N PHE B 689 -73.33 40.56 -36.61
CA PHE B 689 -73.34 41.87 -36.00
C PHE B 689 -73.87 42.91 -36.96
N ASN B 690 -73.61 42.76 -38.27
CA ASN B 690 -74.16 43.69 -39.25
C ASN B 690 -75.69 43.61 -39.27
N LEU B 691 -76.23 42.40 -39.13
CA LEU B 691 -77.68 42.23 -39.06
C LEU B 691 -78.24 42.94 -37.84
N ILE B 692 -77.57 42.75 -36.71
CA ILE B 692 -78.00 43.37 -35.45
C ILE B 692 -77.94 44.88 -35.56
N LEU B 693 -76.91 45.42 -36.22
CA LEU B 693 -76.84 46.86 -36.47
C LEU B 693 -78.04 47.34 -37.25
N MET B 694 -78.30 46.72 -38.41
CA MET B 694 -79.35 47.21 -39.28
C MET B 694 -80.76 46.81 -38.80
N ASN B 695 -80.90 46.13 -37.64
CA ASN B 695 -82.21 45.77 -37.07
C ASN B 695 -82.41 46.10 -35.60
N MET B 696 -81.44 46.72 -34.92
CA MET B 696 -81.60 47.02 -33.50
C MET B 696 -82.70 48.03 -33.26
N GLU B 697 -82.86 48.98 -34.18
CA GLU B 697 -83.94 49.95 -34.01
C GLU B 697 -85.28 49.25 -34.21
N GLN B 698 -85.42 48.45 -35.27
CA GLN B 698 -86.67 47.75 -35.57
C GLN B 698 -87.06 46.76 -34.49
N ILE B 699 -86.10 46.28 -33.69
CA ILE B 699 -86.45 45.58 -32.47
C ILE B 699 -86.93 46.59 -31.43
N GLU B 700 -86.23 47.72 -31.33
CA GLU B 700 -86.50 48.67 -30.26
C GLU B 700 -87.72 49.54 -30.55
N ARG B 701 -88.12 49.71 -31.83
CA ARG B 701 -89.40 50.36 -32.13
C ARG B 701 -90.57 49.60 -31.52
N ALA B 702 -90.44 48.27 -31.40
CA ALA B 702 -91.38 47.38 -30.75
C ALA B 702 -91.17 47.48 -29.24
N SER B 703 -91.52 46.45 -28.46
CA SER B 703 -91.35 46.44 -27.01
C SER B 703 -92.21 47.46 -26.31
N ASP B 704 -93.53 47.23 -26.26
CA ASP B 704 -94.48 48.17 -25.69
C ASP B 704 -94.48 48.20 -24.14
N LYS B 705 -93.32 48.48 -23.57
CA LYS B 705 -93.13 48.96 -22.22
C LYS B 705 -92.26 50.21 -22.18
N ILE B 706 -91.55 50.54 -23.26
CA ILE B 706 -90.73 51.73 -23.35
C ILE B 706 -90.93 52.35 -24.72
N ALA B 707 -90.73 53.65 -24.78
CA ALA B 707 -90.92 54.47 -25.95
C ALA B 707 -89.55 54.79 -26.53
N GLN B 708 -89.53 55.68 -27.52
CA GLN B 708 -88.32 56.20 -28.14
C GLN B 708 -88.18 57.70 -27.97
N GLY B 709 -89.25 58.39 -27.60
CA GLY B 709 -89.15 59.77 -27.20
C GLY B 709 -90.53 60.30 -26.88
N VAL B 710 -90.58 61.61 -26.73
CA VAL B 710 -91.84 62.32 -26.57
C VAL B 710 -91.67 63.68 -27.21
N ILE B 711 -92.78 64.24 -27.65
CA ILE B 711 -92.85 65.59 -28.21
C ILE B 711 -93.67 66.39 -27.22
N ILE B 712 -93.33 67.67 -27.07
CA ILE B 712 -94.05 68.62 -26.22
C ILE B 712 -94.27 69.81 -27.14
N ALA B 713 -95.48 69.94 -27.65
CA ALA B 713 -95.81 70.87 -28.73
C ALA B 713 -97.10 71.55 -28.30
N TYR B 714 -96.97 72.74 -27.73
CA TYR B 714 -98.08 73.43 -27.08
C TYR B 714 -99.15 73.91 -28.05
N ARG B 715 -99.87 72.96 -28.63
CA ARG B 715 -100.84 73.19 -29.67
C ARG B 715 -101.82 72.04 -29.59
N ASP B 716 -103.08 72.33 -29.93
CA ASP B 716 -104.16 71.37 -29.82
C ASP B 716 -104.13 70.47 -31.06
N MET B 717 -103.13 69.57 -31.06
CA MET B 717 -102.95 68.63 -32.14
C MET B 717 -104.03 67.55 -32.10
N GLN B 718 -104.00 66.70 -33.10
CA GLN B 718 -105.03 65.71 -33.40
C GLN B 718 -104.45 64.32 -33.31
N LEU B 719 -105.24 63.40 -32.76
CA LEU B 719 -104.81 62.04 -32.57
C LEU B 719 -104.95 61.28 -33.89
N GLU B 720 -104.30 60.12 -33.92
CA GLU B 720 -104.14 59.34 -35.14
C GLU B 720 -105.07 58.15 -35.08
N ARG B 721 -105.67 57.84 -36.23
CA ARG B 721 -106.63 56.75 -36.33
C ARG B 721 -105.85 55.48 -36.69
N ASP B 722 -105.21 54.93 -35.66
CA ASP B 722 -104.68 53.58 -35.74
C ASP B 722 -105.84 52.61 -35.56
N GLU B 723 -105.52 51.30 -35.58
CA GLU B 723 -106.51 50.24 -35.54
C GLU B 723 -106.27 49.15 -34.50
N MET B 724 -105.02 48.86 -34.13
CA MET B 724 -104.79 47.98 -32.98
C MET B 724 -105.13 48.69 -31.68
N TYR B 725 -104.86 49.98 -31.61
CA TYR B 725 -105.45 50.89 -30.65
C TYR B 725 -106.72 51.44 -31.30
N GLY B 726 -107.26 52.53 -30.76
CA GLY B 726 -108.19 53.37 -31.49
C GLY B 726 -107.57 54.70 -31.84
N TYR B 727 -107.85 55.72 -31.05
CA TYR B 727 -107.14 56.98 -31.12
C TYR B 727 -105.97 56.93 -30.15
N VAL B 728 -104.81 57.43 -30.59
CA VAL B 728 -103.59 57.49 -29.79
C VAL B 728 -102.88 58.81 -30.02
N ASN B 729 -102.12 59.23 -29.02
CA ASN B 729 -101.27 60.42 -29.10
C ASN B 729 -99.87 60.12 -29.63
N ILE B 730 -99.80 59.39 -30.74
CA ILE B 730 -98.57 58.79 -31.22
C ILE B 730 -98.04 59.58 -32.42
N ALA B 731 -96.72 59.54 -32.57
CA ALA B 731 -96.00 60.16 -33.67
C ALA B 731 -95.00 59.14 -34.20
N ARG B 732 -94.71 59.25 -35.50
CA ARG B 732 -93.90 58.27 -36.21
C ARG B 732 -92.95 58.87 -37.24
N ASN B 733 -92.78 60.21 -37.29
CA ASN B 733 -91.87 60.89 -38.19
C ASN B 733 -90.88 61.81 -37.50
N LEU B 734 -91.33 62.56 -36.49
CA LEU B 734 -90.51 63.53 -35.75
C LEU B 734 -89.90 64.57 -36.68
N ASP B 735 -90.77 65.38 -37.29
CA ASP B 735 -90.39 66.48 -38.17
C ASP B 735 -91.02 67.77 -37.71
N GLY B 736 -90.39 68.88 -38.10
CA GLY B 736 -90.83 70.19 -37.67
C GLY B 736 -90.08 70.57 -36.42
N PHE B 737 -90.70 70.22 -35.29
CA PHE B 737 -90.18 70.51 -33.95
C PHE B 737 -88.76 70.02 -33.79
N GLN B 738 -87.90 70.88 -33.23
CA GLN B 738 -86.54 70.51 -32.93
C GLN B 738 -86.50 69.53 -31.76
N GLN B 739 -85.29 69.04 -31.46
CA GLN B 739 -85.11 67.85 -30.65
C GLN B 739 -83.93 67.97 -29.71
N ILE B 740 -84.02 67.22 -28.60
CA ILE B 740 -83.05 67.18 -27.52
C ILE B 740 -82.82 65.72 -27.18
N ASN B 741 -81.55 65.27 -27.23
CA ASN B 741 -81.18 63.93 -26.84
C ASN B 741 -80.83 63.90 -25.35
N LEU B 742 -81.15 62.77 -24.71
CA LEU B 742 -81.16 62.68 -23.26
C LEU B 742 -79.96 61.98 -22.69
N GLU B 743 -79.30 61.12 -23.46
CA GLU B 743 -78.05 60.55 -23.00
C GLU B 743 -77.00 61.63 -22.79
N GLU B 744 -77.00 62.66 -23.63
CA GLU B 744 -76.14 63.82 -23.42
C GLU B 744 -76.53 64.54 -22.12
N LEU B 745 -77.82 64.79 -21.95
CA LEU B 745 -78.30 65.53 -20.79
C LEU B 745 -78.03 64.78 -19.48
N MET B 746 -77.94 63.45 -19.53
CA MET B 746 -77.58 62.67 -18.37
C MET B 746 -76.08 62.58 -18.18
N ARG B 747 -75.30 62.62 -19.27
CA ARG B 747 -73.86 62.76 -19.12
C ARG B 747 -73.51 64.07 -18.46
N THR B 748 -73.79 65.16 -19.18
CA THR B 748 -73.45 66.52 -18.80
C THR B 748 -74.74 67.22 -18.43
N GLY B 749 -75.02 67.32 -17.14
CA GLY B 749 -76.21 68.02 -16.69
C GLY B 749 -76.21 69.46 -17.12
N ASP B 750 -76.98 69.74 -18.17
CA ASP B 750 -77.16 71.08 -18.71
C ASP B 750 -78.65 71.22 -18.83
N TYR B 751 -79.27 71.55 -17.70
CA TYR B 751 -80.70 71.72 -17.60
C TYR B 751 -81.13 73.17 -17.81
N ALA B 752 -80.25 74.00 -18.37
CA ALA B 752 -80.57 75.40 -18.61
C ALA B 752 -81.40 75.54 -19.86
N GLN B 753 -80.98 74.85 -20.92
CA GLN B 753 -81.70 74.80 -22.18
C GLN B 753 -83.12 74.30 -21.97
N ILE B 754 -83.25 73.10 -21.38
CA ILE B 754 -84.55 72.47 -21.17
C ILE B 754 -85.43 73.34 -20.27
N THR B 755 -84.83 74.01 -19.29
CA THR B 755 -85.61 74.81 -18.36
C THR B 755 -86.12 76.07 -19.04
N ASN B 756 -85.22 76.78 -19.74
CA ASN B 756 -85.61 77.97 -20.51
C ASN B 756 -86.66 77.65 -21.57
N MET B 757 -86.68 76.41 -22.08
CA MET B 757 -87.66 76.03 -23.09
C MET B 757 -88.98 75.60 -22.49
N LEU B 758 -88.96 74.96 -21.31
CA LEU B 758 -90.18 74.55 -20.64
C LEU B 758 -90.88 75.70 -19.92
N LEU B 759 -90.12 76.68 -19.41
CA LEU B 759 -90.73 77.81 -18.71
C LEU B 759 -91.43 78.73 -19.70
N ASN B 760 -90.76 79.07 -20.79
CA ASN B 760 -91.34 79.90 -21.82
C ASN B 760 -92.28 79.15 -22.75
N ASN B 761 -92.46 77.82 -22.56
CA ASN B 761 -93.41 77.01 -23.33
C ASN B 761 -93.09 77.07 -24.81
N GLN B 762 -91.88 76.60 -25.13
CA GLN B 762 -91.36 76.59 -26.48
C GLN B 762 -91.47 75.17 -27.02
N PRO B 763 -92.11 74.92 -28.18
CA PRO B 763 -92.28 73.53 -28.64
C PRO B 763 -90.95 72.84 -28.90
N VAL B 764 -90.89 71.56 -28.51
CA VAL B 764 -89.63 70.83 -28.48
C VAL B 764 -89.94 69.35 -28.53
N ALA B 765 -88.93 68.55 -28.88
CA ALA B 765 -88.96 67.10 -28.79
C ALA B 765 -87.85 66.62 -27.86
N LEU B 766 -88.13 65.53 -27.15
CA LEU B 766 -87.19 64.82 -26.29
C LEU B 766 -87.00 63.41 -26.83
N VAL B 767 -85.81 63.12 -27.36
CA VAL B 767 -85.52 61.86 -28.04
C VAL B 767 -84.70 61.01 -27.08
N GLY B 768 -85.28 59.92 -26.61
CA GLY B 768 -84.60 59.00 -25.73
C GLY B 768 -85.52 57.89 -25.28
N ALA B 769 -84.99 56.70 -25.06
CA ALA B 769 -85.80 55.58 -24.62
C ALA B 769 -86.34 55.83 -23.21
N LEU B 770 -87.64 56.08 -23.11
CA LEU B 770 -88.35 56.35 -21.87
C LEU B 770 -89.35 55.21 -21.62
N PRO B 771 -89.87 55.06 -20.39
CA PRO B 771 -91.07 54.23 -20.22
C PRO B 771 -92.31 54.97 -20.67
N PHE B 772 -93.49 54.40 -20.42
CA PHE B 772 -94.74 55.09 -20.70
C PHE B 772 -95.83 54.28 -20.03
N ILE B 773 -96.94 54.94 -19.75
CA ILE B 773 -98.10 54.33 -19.12
C ILE B 773 -99.36 54.71 -19.90
N THR B 774 -100.26 53.75 -20.06
CA THR B 774 -101.46 53.95 -20.84
C THR B 774 -102.57 54.52 -19.97
N ASP B 775 -103.59 55.07 -20.63
CA ASP B 775 -104.69 55.72 -19.94
C ASP B 775 -105.90 55.73 -20.86
N SER B 776 -106.97 55.04 -20.46
CA SER B 776 -108.17 54.86 -21.25
C SER B 776 -109.35 55.64 -20.67
N SER B 777 -109.07 56.87 -20.23
CA SER B 777 -110.08 57.79 -19.70
C SER B 777 -110.04 59.06 -20.53
N VAL B 778 -111.18 59.42 -21.10
CA VAL B 778 -111.31 60.70 -21.80
C VAL B 778 -111.30 61.88 -20.82
N ILE B 779 -111.68 61.66 -19.57
CA ILE B 779 -111.60 62.72 -18.57
C ILE B 779 -110.15 63.09 -18.32
N SER B 780 -109.27 62.11 -18.33
CA SER B 780 -107.85 62.41 -18.22
C SER B 780 -107.32 63.17 -19.43
N LEU B 781 -107.93 62.98 -20.60
CA LEU B 781 -107.48 63.67 -21.79
C LEU B 781 -107.90 65.13 -21.80
N VAL B 782 -109.18 65.38 -21.52
CA VAL B 782 -109.65 66.77 -21.42
C VAL B 782 -108.99 67.46 -20.24
N ALA B 783 -108.64 66.72 -19.19
CA ALA B 783 -107.97 67.28 -18.03
C ALA B 783 -106.49 67.52 -18.29
N LYS B 784 -105.91 66.86 -19.30
CA LYS B 784 -104.52 67.07 -19.73
C LYS B 784 -103.54 66.74 -18.61
N LEU B 785 -103.52 65.47 -18.24
CA LEU B 785 -102.50 64.97 -17.32
C LEU B 785 -101.14 64.92 -17.99
N ASP B 786 -101.09 64.74 -19.31
CA ASP B 786 -99.83 64.47 -19.97
C ASP B 786 -98.96 65.71 -20.05
N ALA B 787 -99.54 66.90 -19.87
CA ALA B 787 -98.77 68.12 -19.71
C ALA B 787 -98.23 68.28 -18.30
N THR B 788 -98.78 67.54 -17.33
CA THR B 788 -98.40 67.65 -15.93
C THR B 788 -97.25 66.73 -15.55
N VAL B 789 -96.56 66.13 -16.52
CA VAL B 789 -95.49 65.17 -16.24
C VAL B 789 -94.12 65.84 -16.22
N PHE B 790 -93.97 66.98 -16.88
CA PHE B 790 -92.68 67.61 -17.14
C PHE B 790 -92.37 68.74 -16.17
N ALA B 791 -92.96 68.71 -14.98
CA ALA B 791 -92.86 69.81 -14.04
C ALA B 791 -91.89 69.52 -12.90
N GLN B 792 -91.60 68.24 -12.63
CA GLN B 792 -90.63 67.93 -11.59
C GLN B 792 -89.20 68.10 -12.08
N ILE B 793 -88.99 68.10 -13.41
CA ILE B 793 -87.67 68.30 -14.02
C ILE B 793 -87.06 69.60 -13.56
N VAL B 794 -87.80 70.69 -13.77
CA VAL B 794 -87.36 72.03 -13.38
C VAL B 794 -87.15 72.12 -11.88
N LYS B 795 -87.94 71.37 -11.11
CA LYS B 795 -87.84 71.36 -9.66
C LYS B 795 -86.63 70.55 -9.22
N LEU B 796 -86.64 69.25 -9.50
CA LEU B 796 -85.54 68.33 -9.26
C LEU B 796 -84.98 67.89 -10.61
N ARG B 797 -83.71 68.21 -10.85
CA ARG B 797 -83.11 68.09 -12.18
C ARG B 797 -82.70 66.64 -12.46
N LYS B 798 -83.73 65.80 -12.62
CA LYS B 798 -83.59 64.37 -12.82
C LYS B 798 -84.60 63.92 -13.86
N VAL B 799 -84.17 62.95 -14.68
CA VAL B 799 -85.05 62.21 -15.57
C VAL B 799 -84.81 60.72 -15.31
N ASP B 800 -85.49 60.18 -14.33
CA ASP B 800 -85.56 58.75 -14.06
C ASP B 800 -86.97 58.28 -13.80
N THR B 801 -87.76 59.06 -13.06
CA THR B 801 -89.20 58.83 -12.87
C THR B 801 -89.96 59.71 -13.84
N LEU B 802 -89.60 59.60 -15.12
CA LEU B 802 -90.26 60.26 -16.23
C LEU B 802 -91.08 59.24 -17.02
N LYS B 803 -92.41 59.32 -16.89
CA LYS B 803 -93.32 58.30 -17.41
C LYS B 803 -94.47 59.01 -18.13
N PRO B 804 -94.36 59.25 -19.44
CA PRO B 804 -95.45 59.91 -20.18
C PRO B 804 -96.71 59.07 -20.24
N ILE B 805 -97.78 59.71 -20.73
CA ILE B 805 -99.10 59.11 -20.89
C ILE B 805 -99.30 58.73 -22.35
N LEU B 806 -99.98 57.60 -22.58
CA LEU B 806 -100.43 57.17 -23.90
C LEU B 806 -101.94 57.02 -23.85
N TYR B 807 -102.64 57.92 -24.53
CA TYR B 807 -104.10 57.95 -24.55
C TYR B 807 -104.66 56.98 -25.58
N LYS B 808 -104.73 55.71 -25.19
CA LYS B 808 -105.41 54.69 -25.98
C LYS B 808 -106.89 54.72 -25.62
N ILE B 809 -107.72 54.99 -26.63
CA ILE B 809 -109.14 55.21 -26.48
C ILE B 809 -109.91 54.25 -27.37
N ASN B 810 -111.05 53.79 -26.87
CA ASN B 810 -111.78 52.68 -27.46
C ASN B 810 -113.14 52.61 -26.74
N SER B 811 -113.93 51.59 -27.10
CA SER B 811 -115.18 51.32 -26.41
C SER B 811 -115.00 50.84 -24.97
N ASP B 812 -113.79 50.45 -24.56
CA ASP B 812 -113.50 49.92 -23.23
C ASP B 812 -112.93 51.00 -22.33
N SER B 813 -113.46 52.21 -22.48
CA SER B 813 -112.97 53.42 -21.87
C SER B 813 -113.85 54.02 -20.79
N ASN B 814 -115.15 53.69 -20.78
CA ASN B 814 -116.22 54.17 -19.90
C ASN B 814 -116.76 55.55 -20.31
N ASP B 815 -116.13 56.25 -21.27
CA ASP B 815 -116.54 57.58 -21.68
C ASP B 815 -116.79 57.66 -23.19
N PHE B 816 -117.08 56.54 -23.84
CA PHE B 816 -117.03 56.52 -25.30
C PHE B 816 -118.35 56.96 -25.93
N TYR B 817 -119.44 57.04 -25.16
CA TYR B 817 -120.70 57.64 -25.63
C TYR B 817 -120.49 59.08 -26.10
N LEU B 818 -119.57 59.78 -25.44
CA LEU B 818 -119.25 61.16 -25.77
C LEU B 818 -118.69 61.27 -27.17
N VAL B 819 -117.74 60.40 -27.51
CA VAL B 819 -117.09 60.41 -28.82
C VAL B 819 -118.11 60.18 -29.93
N ALA B 820 -119.16 59.40 -29.67
CA ALA B 820 -120.14 59.09 -30.70
C ALA B 820 -121.15 60.21 -30.83
N ASN B 821 -121.63 60.73 -29.70
CA ASN B 821 -122.79 61.61 -29.72
C ASN B 821 -122.41 63.04 -30.10
N TYR B 822 -121.32 63.56 -29.56
CA TYR B 822 -120.99 64.98 -29.66
C TYR B 822 -120.14 65.33 -30.86
N ASP B 823 -119.79 64.36 -31.72
CA ASP B 823 -119.30 64.60 -33.08
C ASP B 823 -118.00 65.42 -33.08
N TRP B 824 -116.96 64.80 -32.53
CA TRP B 824 -115.69 65.47 -32.32
C TRP B 824 -114.55 64.48 -32.40
N VAL B 825 -113.49 64.91 -33.07
CA VAL B 825 -112.28 64.13 -33.26
C VAL B 825 -111.38 64.35 -32.04
N PRO B 826 -110.85 63.32 -31.36
CA PRO B 826 -109.97 63.60 -30.22
C PRO B 826 -108.72 64.37 -30.59
N THR B 827 -108.31 65.21 -29.65
CA THR B 827 -107.24 66.15 -29.84
C THR B 827 -106.40 66.22 -28.57
N SER B 828 -105.13 66.58 -28.72
CA SER B 828 -104.21 66.51 -27.59
C SER B 828 -103.02 67.43 -27.77
N THR B 829 -102.27 67.55 -26.69
CA THR B 829 -100.96 68.16 -26.62
C THR B 829 -100.01 67.04 -26.21
N THR B 830 -98.73 67.21 -26.53
CA THR B 830 -97.64 66.35 -26.07
C THR B 830 -97.81 64.90 -26.57
N LYS B 831 -97.65 64.76 -27.87
CA LYS B 831 -97.58 63.43 -28.50
C LYS B 831 -96.32 62.67 -28.08
N VAL B 832 -96.36 61.36 -28.35
CA VAL B 832 -95.31 60.39 -28.07
C VAL B 832 -94.75 59.89 -29.39
N TYR B 833 -93.44 59.64 -29.42
CA TYR B 833 -92.74 59.15 -30.61
C TYR B 833 -92.60 57.64 -30.51
N LYS B 834 -93.30 56.93 -31.37
CA LYS B 834 -93.39 55.48 -31.29
C LYS B 834 -94.02 54.94 -32.57
N GLN B 835 -93.71 53.69 -32.88
CA GLN B 835 -94.19 52.99 -34.05
C GLN B 835 -95.25 51.99 -33.63
N ILE B 836 -95.97 51.48 -34.62
CA ILE B 836 -97.09 50.56 -34.41
C ILE B 836 -96.62 49.11 -34.62
N PRO B 837 -97.33 48.10 -34.10
CA PRO B 837 -96.99 46.73 -34.47
C PRO B 837 -97.31 46.44 -35.92
N GLN B 838 -96.56 45.51 -36.48
CA GLN B 838 -96.78 45.01 -37.83
C GLN B 838 -97.79 43.88 -37.81
N GLN B 839 -98.67 43.88 -38.81
CA GLN B 839 -99.66 42.84 -38.94
C GLN B 839 -98.96 41.53 -39.29
N PHE B 840 -99.56 40.44 -38.83
CA PHE B 840 -99.04 39.10 -39.05
C PHE B 840 -99.70 38.52 -40.28
N ASP B 841 -99.00 38.63 -41.40
CA ASP B 841 -99.40 38.03 -42.67
C ASP B 841 -98.82 36.63 -42.66
N PHE B 842 -99.70 35.64 -42.65
CA PHE B 842 -99.29 34.24 -42.46
C PHE B 842 -98.47 33.77 -43.65
N ARG B 843 -98.98 34.02 -44.86
CA ARG B 843 -98.31 33.56 -46.08
C ARG B 843 -96.94 34.19 -46.24
N ALA B 844 -96.85 35.52 -46.04
CA ALA B 844 -95.58 36.21 -46.25
C ALA B 844 -94.53 35.79 -45.25
N SER B 845 -94.93 35.35 -44.05
CA SER B 845 -94.03 35.02 -42.97
C SER B 845 -93.77 33.52 -42.90
N MET B 846 -93.77 32.84 -44.05
CA MET B 846 -93.63 31.40 -44.13
C MET B 846 -92.48 31.15 -45.10
N HIS B 847 -91.51 30.37 -44.65
CA HIS B 847 -90.25 30.17 -45.35
C HIS B 847 -89.86 28.71 -45.24
N MET B 848 -89.26 28.19 -46.31
CA MET B 848 -88.83 26.80 -46.39
C MET B 848 -87.34 26.76 -46.07
N LEU B 849 -87.01 26.19 -44.93
CA LEU B 849 -85.65 26.14 -44.42
C LEU B 849 -84.98 24.90 -45.00
N THR B 850 -83.81 25.10 -45.60
CA THR B 850 -83.07 24.04 -46.25
C THR B 850 -82.08 23.45 -45.27
N SER B 851 -81.87 22.14 -45.37
CA SER B 851 -80.74 21.54 -44.68
C SER B 851 -80.44 20.16 -45.25
N ASN B 852 -79.31 19.63 -44.82
CA ASN B 852 -78.95 18.26 -45.15
C ASN B 852 -79.84 17.29 -44.37
N LEU B 853 -79.63 15.99 -44.57
CA LEU B 853 -80.38 14.94 -43.89
C LEU B 853 -79.43 13.84 -43.50
N THR B 854 -79.28 13.62 -42.19
CA THR B 854 -78.60 12.46 -41.62
C THR B 854 -77.15 12.39 -42.10
N PHE B 855 -76.35 13.32 -41.57
CA PHE B 855 -74.90 13.21 -41.59
C PHE B 855 -74.37 13.10 -40.17
N THR B 856 -73.20 12.47 -40.06
CA THR B 856 -72.49 12.33 -38.82
C THR B 856 -71.34 13.32 -38.76
N VAL B 857 -70.81 13.52 -37.56
CA VAL B 857 -69.71 14.44 -37.29
C VAL B 857 -68.72 13.74 -36.39
N TYR B 858 -67.43 13.98 -36.64
CA TYR B 858 -66.34 13.30 -35.95
C TYR B 858 -65.39 14.36 -35.43
N SER B 859 -65.05 14.27 -34.15
CA SER B 859 -64.27 15.30 -33.46
C SER B 859 -62.79 14.92 -33.50
N ASP B 860 -62.45 13.81 -32.85
CA ASP B 860 -61.11 13.26 -32.94
C ASP B 860 -61.00 12.59 -34.29
N LEU B 861 -60.02 13.04 -35.09
CA LEU B 861 -59.89 12.63 -36.47
C LEU B 861 -58.80 11.61 -36.72
N LEU B 862 -57.89 11.41 -35.75
CA LEU B 862 -56.82 10.42 -35.82
C LEU B 862 -57.15 9.14 -35.06
N ALA B 863 -58.42 8.85 -34.81
CA ALA B 863 -58.79 7.58 -34.21
C ALA B 863 -58.77 6.45 -35.22
N PHE B 864 -59.03 6.74 -36.49
CA PHE B 864 -59.07 5.71 -37.51
C PHE B 864 -57.68 5.31 -37.98
N VAL B 865 -56.72 6.21 -37.89
CA VAL B 865 -55.37 5.96 -38.36
C VAL B 865 -54.67 5.17 -37.25
N SER B 866 -54.53 3.87 -37.46
CA SER B 866 -53.60 3.09 -36.69
C SER B 866 -52.22 3.27 -37.30
N ALA B 867 -51.20 3.06 -36.47
CA ALA B 867 -49.84 3.37 -36.83
C ALA B 867 -48.88 2.46 -36.10
N ASP B 868 -47.66 2.42 -36.61
CA ASP B 868 -46.61 1.62 -36.04
C ASP B 868 -45.31 2.17 -36.57
N THR B 869 -44.21 1.79 -35.92
CA THR B 869 -42.87 2.16 -36.32
C THR B 869 -42.22 0.97 -36.98
N VAL B 870 -41.14 1.25 -37.71
CA VAL B 870 -40.21 0.20 -38.07
C VAL B 870 -39.41 -0.19 -36.84
N GLU B 871 -38.72 -1.30 -36.95
CA GLU B 871 -37.76 -1.71 -35.94
C GLU B 871 -36.68 -0.63 -35.87
N PRO B 872 -36.28 -0.18 -34.67
CA PRO B 872 -35.43 1.03 -34.59
C PRO B 872 -34.06 0.90 -35.22
N ILE B 873 -33.59 -0.32 -35.46
CA ILE B 873 -32.29 -0.52 -36.09
C ILE B 873 -32.31 -0.04 -37.53
N ASN B 874 -33.39 -0.29 -38.27
CA ASN B 874 -33.54 0.18 -39.65
C ASN B 874 -34.27 1.51 -39.75
N ALA B 875 -33.83 2.46 -38.92
CA ALA B 875 -34.36 3.81 -38.90
C ALA B 875 -33.42 4.74 -39.66
N VAL B 876 -33.98 5.55 -40.56
CA VAL B 876 -33.24 6.29 -41.58
C VAL B 876 -33.60 7.77 -41.52
N ALA B 877 -32.70 8.60 -42.04
CA ALA B 877 -32.80 10.06 -42.06
C ALA B 877 -32.95 10.54 -43.51
N PHE B 878 -32.91 11.87 -43.70
CA PHE B 878 -33.07 12.50 -45.01
C PHE B 878 -32.12 11.99 -46.08
N ASP B 879 -30.91 11.61 -45.70
CA ASP B 879 -29.90 11.12 -46.62
C ASP B 879 -30.11 9.67 -47.04
N ASN B 880 -31.19 9.00 -46.61
CA ASN B 880 -31.50 7.61 -46.95
C ASN B 880 -30.38 6.67 -46.48
N MET B 881 -29.71 7.06 -45.41
CA MET B 881 -28.56 6.39 -44.83
C MET B 881 -28.83 6.27 -43.33
N ARG B 882 -28.65 5.07 -42.81
CA ARG B 882 -29.12 4.72 -41.47
C ARG B 882 -28.49 5.58 -40.39
N ILE B 883 -29.30 5.90 -39.38
CA ILE B 883 -28.82 6.57 -38.18
C ILE B 883 -28.45 5.49 -37.19
N MET B 884 -27.34 5.73 -36.50
CA MET B 884 -26.80 4.82 -35.51
C MET B 884 -26.45 3.49 -36.18
N ASN B 885 -25.48 3.59 -37.09
CA ASN B 885 -24.85 2.48 -37.80
C ASN B 885 -23.34 2.49 -37.64
N GLU B 886 -22.81 3.23 -36.66
CA GLU B 886 -21.38 3.50 -36.54
C GLU B 886 -20.87 2.67 -35.38
N LEU B 887 -20.21 1.56 -35.71
CA LEU B 887 -19.56 0.71 -34.73
C LEU B 887 -18.13 1.22 -34.54
N LYS C 108 -4.93 48.16 20.65
CA LYS C 108 -5.51 48.52 19.35
C LYS C 108 -6.93 49.11 19.42
N GLU C 109 -7.38 49.53 20.61
CA GLU C 109 -8.68 50.16 20.79
C GLU C 109 -8.65 51.43 21.64
N SER C 110 -7.64 51.62 22.49
CA SER C 110 -7.56 52.87 23.25
C SER C 110 -7.33 54.06 22.34
N ILE C 111 -6.49 53.88 21.31
CA ILE C 111 -6.08 54.99 20.46
C ILE C 111 -7.28 55.47 19.63
N LEU C 112 -8.01 54.53 19.05
CA LEU C 112 -9.19 54.86 18.26
C LEU C 112 -10.26 55.55 19.09
N LYS C 113 -10.38 55.15 20.36
CA LYS C 113 -11.37 55.80 21.21
C LYS C 113 -10.93 57.20 21.59
N LYS C 114 -9.61 57.38 21.77
CA LYS C 114 -9.11 58.72 22.02
C LYS C 114 -9.30 59.65 20.82
N LEU C 115 -8.96 59.17 19.63
CA LEU C 115 -9.12 59.97 18.41
C LEU C 115 -10.56 60.32 18.10
N GLU C 116 -11.41 59.30 17.90
CA GLU C 116 -12.78 59.52 17.42
C GLU C 116 -13.61 60.38 18.39
N ASP C 117 -13.24 60.39 19.67
CA ASP C 117 -13.90 61.21 20.68
C ASP C 117 -13.31 62.62 20.76
N ILE C 118 -12.30 62.95 19.95
CA ILE C 118 -11.88 64.34 19.85
C ILE C 118 -12.99 65.13 19.20
N LYS C 119 -13.70 65.90 20.01
CA LYS C 119 -14.71 66.79 19.54
C LYS C 119 -14.04 67.95 18.82
N PRO C 120 -14.78 68.73 18.06
CA PRO C 120 -14.26 70.03 17.61
C PRO C 120 -14.03 70.94 18.80
N GLU C 121 -13.29 72.02 18.53
CA GLU C 121 -13.07 73.03 19.56
C GLU C 121 -14.44 73.64 19.85
N GLN C 122 -14.92 73.35 21.06
CA GLN C 122 -16.18 73.83 21.58
C GLN C 122 -16.25 75.35 21.47
N VAL C 123 -17.29 75.82 20.78
CA VAL C 123 -17.43 77.25 20.49
C VAL C 123 -17.69 77.98 21.81
N LYS C 124 -16.82 78.93 22.12
CA LYS C 124 -16.86 79.65 23.37
C LYS C 124 -17.61 80.95 23.15
N LYS C 125 -18.03 81.54 24.25
CA LYS C 125 -18.93 82.68 24.21
C LYS C 125 -18.85 83.37 25.56
N GLN C 126 -19.26 84.63 25.57
CA GLN C 126 -19.41 85.44 26.76
C GLN C 126 -20.81 86.01 26.79
N THR C 127 -21.28 86.24 28.00
CA THR C 127 -22.58 86.84 28.29
C THR C 127 -22.44 88.13 29.07
N LYS C 128 -21.27 88.41 29.66
CA LYS C 128 -20.97 89.59 30.43
C LYS C 128 -19.83 90.27 29.69
N LEU C 129 -19.89 91.59 29.61
CA LEU C 129 -18.82 92.32 28.96
C LEU C 129 -17.53 92.24 29.74
N PHE C 130 -16.43 92.22 29.00
CA PHE C 130 -15.13 92.35 29.63
C PHE C 130 -14.99 93.75 30.16
N ARG C 131 -14.56 93.83 31.41
CA ARG C 131 -14.38 95.08 32.14
C ARG C 131 -13.22 94.87 33.09
N ILE C 132 -12.40 95.90 33.20
CA ILE C 132 -11.34 95.97 34.17
C ILE C 132 -11.60 97.07 35.18
N PHE C 133 -12.15 98.19 34.71
CA PHE C 133 -12.44 99.36 35.53
C PHE C 133 -13.93 99.37 35.88
N GLU C 134 -14.25 100.12 36.94
CA GLU C 134 -15.61 100.41 37.35
C GLU C 134 -15.65 101.79 38.00
N PRO C 135 -16.78 102.50 37.94
CA PRO C 135 -16.87 103.75 38.70
C PRO C 135 -16.92 103.50 40.19
N ARG C 136 -16.66 104.58 40.93
CA ARG C 136 -16.74 104.54 42.37
C ARG C 136 -16.83 105.97 42.86
N GLN C 137 -17.76 106.22 43.77
CA GLN C 137 -17.84 107.53 44.40
C GLN C 137 -16.71 107.65 45.41
N LEU C 138 -16.06 108.81 45.40
CA LEU C 138 -15.08 109.22 46.39
C LEU C 138 -15.42 110.63 46.82
N PRO C 139 -14.88 111.11 47.96
CA PRO C 139 -15.02 112.53 48.27
C PRO C 139 -14.21 113.40 47.33
N VAL C 140 -14.30 114.72 47.51
CA VAL C 140 -13.42 115.68 46.83
C VAL C 140 -13.11 116.80 47.80
N TYR C 141 -11.83 116.95 48.13
CA TYR C 141 -11.36 117.95 49.08
C TYR C 141 -10.80 119.11 48.26
N ARG C 142 -11.41 120.28 48.42
CA ARG C 142 -11.01 121.44 47.65
C ARG C 142 -9.63 121.90 48.07
N ALA C 143 -9.01 122.69 47.21
CA ALA C 143 -7.72 123.27 47.54
C ALA C 143 -7.86 124.25 48.68
N ASN C 144 -6.82 124.28 49.50
CA ASN C 144 -6.69 124.55 50.95
C ASN C 144 -6.93 123.29 51.78
N GLY C 145 -7.35 122.17 51.17
CA GLY C 145 -7.44 120.90 51.83
C GLY C 145 -8.81 120.54 52.39
N GLU C 146 -9.68 121.51 52.64
CA GLU C 146 -10.92 121.19 53.35
C GLU C 146 -11.90 120.55 52.38
N LYS C 147 -13.06 120.18 52.91
CA LYS C 147 -13.96 119.24 52.27
C LYS C 147 -15.15 119.95 51.65
N GLU C 148 -15.58 119.39 50.52
CA GLU C 148 -16.77 119.83 49.82
C GLU C 148 -17.96 119.03 50.31
N LEU C 149 -19.14 119.64 50.23
CA LEU C 149 -20.36 118.89 50.49
C LEU C 149 -20.70 117.90 49.38
N ARG C 150 -20.01 117.95 48.24
CA ARG C 150 -20.21 117.13 47.06
C ARG C 150 -19.13 116.05 46.97
N ASN C 151 -19.45 114.97 46.24
CA ASN C 151 -18.58 113.83 46.00
C ASN C 151 -18.30 113.79 44.50
N ARG C 152 -17.61 112.75 44.04
CA ARG C 152 -17.31 112.66 42.62
C ARG C 152 -16.97 111.22 42.30
N TRP C 153 -17.28 110.83 41.07
CA TRP C 153 -17.00 109.51 40.59
C TRP C 153 -15.60 109.44 40.01
N TYR C 154 -14.99 108.27 40.12
CA TYR C 154 -13.66 108.01 39.64
C TYR C 154 -13.58 106.59 39.14
N TRP C 155 -12.62 106.36 38.26
CA TRP C 155 -12.35 105.03 37.75
C TRP C 155 -11.45 104.31 38.72
N LYS C 156 -11.90 103.16 39.21
CA LYS C 156 -11.12 102.27 40.04
C LYS C 156 -11.16 100.93 39.36
N LEU C 157 -10.29 100.04 39.79
CA LEU C 157 -10.20 98.70 39.25
C LEU C 157 -11.08 97.74 40.02
N LYS C 158 -11.61 96.76 39.29
CA LYS C 158 -12.03 95.52 39.92
C LYS C 158 -10.81 94.66 40.18
N ARG C 159 -10.85 93.95 41.30
CA ARG C 159 -9.86 92.94 41.64
C ARG C 159 -8.44 93.53 41.73
N ASP C 160 -8.25 94.38 42.74
CA ASP C 160 -6.89 94.84 43.08
C ASP C 160 -6.14 93.68 43.72
N THR C 161 -5.67 92.78 42.86
CA THR C 161 -4.92 91.58 43.21
C THR C 161 -3.55 91.65 42.58
N LEU C 162 -2.89 92.80 42.72
CA LEU C 162 -1.58 93.00 42.14
C LEU C 162 -0.51 92.67 43.19
N PRO C 163 0.48 91.83 42.90
CA PRO C 163 1.45 91.51 43.95
C PRO C 163 2.45 92.64 44.13
N ASP C 164 3.40 92.40 45.01
CA ASP C 164 4.59 93.21 45.20
C ASP C 164 5.71 92.71 44.31
N GLY C 165 6.63 93.61 44.00
CA GLY C 165 7.70 93.30 43.07
C GLY C 165 7.24 93.42 41.64
N ASP C 166 8.17 93.77 40.75
CA ASP C 166 7.85 93.96 39.35
C ASP C 166 7.70 92.64 38.60
N TYR C 167 8.49 91.62 38.95
CA TYR C 167 8.38 90.32 38.29
C TYR C 167 7.00 89.71 38.50
N ASP C 168 6.52 89.74 39.72
CA ASP C 168 5.19 89.22 40.03
C ASP C 168 4.10 90.03 39.31
N VAL C 169 4.31 91.33 39.15
CA VAL C 169 3.39 92.17 38.39
C VAL C 169 3.33 91.72 36.93
N ARG C 170 4.47 91.43 36.34
CA ARG C 170 4.47 91.01 34.95
C ARG C 170 3.85 89.62 34.82
N GLU C 171 4.00 88.76 35.83
CA GLU C 171 3.25 87.51 35.85
C GLU C 171 1.75 87.77 35.95
N TYR C 172 1.34 88.79 36.71
CA TYR C 172 -0.08 89.13 36.81
C TYR C 172 -0.63 89.53 35.46
N PHE C 173 0.11 90.33 34.70
CA PHE C 173 -0.40 90.76 33.40
C PHE C 173 -0.38 89.62 32.40
N LEU C 174 0.56 88.67 32.55
CA LEU C 174 0.52 87.45 31.75
C LEU C 174 -0.74 86.64 32.04
N ASN C 175 -1.02 86.40 33.31
CA ASN C 175 -2.21 85.63 33.66
C ASN C 175 -3.48 86.34 33.26
N LEU C 176 -3.50 87.68 33.32
CA LEU C 176 -4.61 88.44 32.78
C LEU C 176 -4.78 88.18 31.29
N TYR C 177 -3.67 88.21 30.55
CA TYR C 177 -3.70 87.94 29.11
C TYR C 177 -4.27 86.55 28.84
N ASP C 178 -3.86 85.58 29.65
CA ASP C 178 -4.39 84.21 29.54
C ASP C 178 -5.89 84.19 29.80
N GLN C 179 -6.35 84.94 30.82
CA GLN C 179 -7.78 85.05 31.12
C GLN C 179 -8.52 85.62 29.93
N VAL C 180 -7.93 86.62 29.28
CA VAL C 180 -8.60 87.25 28.16
C VAL C 180 -8.70 86.29 26.99
N LEU C 181 -7.64 85.50 26.77
CA LEU C 181 -7.68 84.50 25.72
C LEU C 181 -8.73 83.44 26.01
N THR C 182 -8.88 83.06 27.27
CA THR C 182 -9.97 82.17 27.66
C THR C 182 -11.31 82.83 27.36
N GLU C 183 -11.49 84.06 27.83
CA GLU C 183 -12.68 84.85 27.62
C GLU C 183 -12.86 85.31 26.19
N MET C 184 -11.85 85.21 25.33
CA MET C 184 -11.98 85.75 23.97
C MET C 184 -12.95 84.86 23.20
N PRO C 185 -14.11 85.38 22.73
CA PRO C 185 -15.07 84.47 22.10
C PRO C 185 -14.76 84.31 20.62
N ASP C 186 -15.63 83.57 19.93
CA ASP C 186 -15.58 83.34 18.49
C ASP C 186 -16.74 84.02 17.79
N TYR C 187 -17.86 84.17 18.47
CA TYR C 187 -19.04 84.85 17.96
C TYR C 187 -19.82 85.32 19.16
N LEU C 188 -20.58 86.41 18.97
CA LEU C 188 -21.48 86.84 20.01
C LEU C 188 -22.59 87.66 19.36
N LEU C 189 -23.76 87.62 19.98
CA LEU C 189 -24.88 88.49 19.65
C LEU C 189 -25.19 89.33 20.87
N LEU C 190 -25.26 90.64 20.67
CA LEU C 190 -25.40 91.55 21.79
C LEU C 190 -26.81 91.63 22.35
N LYS C 191 -27.82 91.24 21.57
CA LYS C 191 -29.20 91.29 22.03
C LYS C 191 -29.44 90.38 23.24
N ASP C 192 -28.71 89.27 23.32
CA ASP C 192 -28.88 88.32 24.42
C ASP C 192 -28.56 88.99 25.76
N MET C 193 -27.37 89.57 25.88
CA MET C 193 -26.96 90.21 27.12
C MET C 193 -27.69 91.50 27.44
N ALA C 194 -28.44 92.07 26.50
CA ALA C 194 -29.06 93.38 26.68
C ALA C 194 -30.09 93.36 27.81
N VAL C 195 -30.30 94.54 28.37
CA VAL C 195 -31.32 94.80 29.37
C VAL C 195 -31.94 96.15 29.03
N GLU C 196 -32.89 96.59 29.86
CA GLU C 196 -33.66 97.80 29.60
C GLU C 196 -33.21 98.87 30.58
N ASN C 197 -32.96 100.05 30.06
CA ASN C 197 -32.63 101.21 30.88
C ASN C 197 -33.92 101.82 31.41
N LYS C 198 -34.04 101.91 32.74
CA LYS C 198 -35.24 102.41 33.40
C LYS C 198 -35.38 103.93 33.36
N ASN C 199 -34.51 104.66 32.67
CA ASN C 199 -34.43 106.11 32.71
C ASN C 199 -34.20 106.66 31.31
N SER C 200 -34.67 105.93 30.29
CA SER C 200 -34.53 106.27 28.89
C SER C 200 -35.81 106.94 28.43
N ARG C 201 -35.65 108.00 27.62
CA ARG C 201 -36.79 108.68 27.00
C ARG C 201 -37.67 107.67 26.28
N ASP C 202 -37.09 106.92 25.36
CA ASP C 202 -37.83 106.00 24.52
C ASP C 202 -37.94 104.61 25.13
N ALA C 203 -37.62 104.43 26.42
CA ALA C 203 -37.62 103.13 27.09
C ALA C 203 -36.74 102.12 26.35
N GLY C 204 -35.54 102.57 26.01
CA GLY C 204 -34.62 101.81 25.20
C GLY C 204 -33.96 100.66 25.94
N LYS C 205 -32.88 100.14 25.38
CA LYS C 205 -32.06 99.11 25.99
C LYS C 205 -30.59 99.46 25.87
N VAL C 206 -29.83 99.09 26.89
CA VAL C 206 -28.39 99.17 26.92
C VAL C 206 -27.81 97.77 27.12
N VAL C 207 -26.49 97.69 27.02
CA VAL C 207 -25.82 96.46 26.62
C VAL C 207 -25.56 95.49 27.77
N ASP C 208 -25.35 95.98 28.99
CA ASP C 208 -24.92 95.18 30.13
C ASP C 208 -25.63 95.64 31.38
N SER C 209 -25.69 94.73 32.35
CA SER C 209 -26.33 95.02 33.63
C SER C 209 -25.66 96.16 34.36
N GLU C 210 -24.33 96.15 34.40
CA GLU C 210 -23.60 97.14 35.18
C GLU C 210 -23.71 98.52 34.57
N THR C 211 -23.81 98.60 33.24
CA THR C 211 -24.12 99.86 32.56
C THR C 211 -25.41 100.48 33.10
N ALA C 212 -26.47 99.68 33.17
CA ALA C 212 -27.74 100.20 33.65
C ALA C 212 -27.67 100.50 35.14
N ALA C 213 -26.87 99.74 35.89
CA ALA C 213 -26.65 100.02 37.30
C ALA C 213 -26.00 101.38 37.49
N ILE C 214 -24.98 101.66 36.68
CA ILE C 214 -24.31 102.96 36.70
C ILE C 214 -25.28 104.08 36.36
N CYS C 215 -26.06 103.88 35.30
CA CYS C 215 -27.02 104.89 34.86
C CYS C 215 -28.05 105.20 35.94
N ASP C 216 -28.60 104.14 36.56
CA ASP C 216 -29.59 104.33 37.61
C ASP C 216 -28.98 105.02 38.82
N ALA C 217 -27.79 104.56 39.23
CA ALA C 217 -27.05 105.16 40.35
C ALA C 217 -26.80 106.63 40.12
N ILE C 218 -26.36 106.99 38.93
CA ILE C 218 -26.05 108.39 38.62
C ILE C 218 -27.31 109.21 38.62
N PHE C 219 -28.37 108.68 37.99
CA PHE C 219 -29.64 109.38 37.90
C PHE C 219 -30.22 109.66 39.29
N GLN C 220 -30.20 108.67 40.18
CA GLN C 220 -30.85 108.85 41.47
C GLN C 220 -30.08 109.75 42.42
N ASP C 221 -28.79 109.97 42.20
CA ASP C 221 -28.02 110.81 43.09
C ASP C 221 -28.51 112.25 43.00
N GLU C 222 -28.08 113.05 43.97
CA GLU C 222 -28.48 114.45 44.08
C GLU C 222 -27.48 115.39 43.46
N GLU C 223 -26.19 115.03 43.48
CA GLU C 223 -25.12 115.94 43.13
C GLU C 223 -24.73 115.92 41.66
N THR C 224 -25.50 115.23 40.82
CA THR C 224 -25.17 115.08 39.42
C THR C 224 -25.81 116.21 38.63
N GLU C 225 -25.12 116.65 37.59
CA GLU C 225 -25.67 117.68 36.72
C GLU C 225 -26.92 117.17 36.00
N GLY C 226 -27.60 118.10 35.33
CA GLY C 226 -28.74 117.74 34.52
C GLY C 226 -28.38 117.27 33.13
N VAL C 227 -27.26 117.75 32.60
CA VAL C 227 -26.79 117.35 31.27
C VAL C 227 -26.51 115.86 31.21
N VAL C 228 -25.96 115.29 32.28
CA VAL C 228 -25.63 113.88 32.27
C VAL C 228 -26.90 113.05 32.32
N ARG C 229 -27.90 113.52 33.06
CA ARG C 229 -29.18 112.83 33.14
C ARG C 229 -29.89 112.89 31.79
N ARG C 230 -29.85 114.04 31.11
CA ARG C 230 -30.33 114.14 29.74
C ARG C 230 -29.64 113.14 28.83
N PHE C 231 -28.32 113.06 28.92
CA PHE C 231 -27.53 112.17 28.08
C PHE C 231 -27.85 110.72 28.38
N ILE C 232 -28.30 110.42 29.61
CA ILE C 232 -28.79 109.09 29.93
C ILE C 232 -30.17 108.89 29.32
N ALA C 233 -30.96 109.95 29.22
CA ALA C 233 -32.28 109.82 28.62
C ALA C 233 -32.27 109.83 27.09
N GLU C 234 -31.15 110.14 26.44
CA GLU C 234 -31.08 110.23 24.99
C GLU C 234 -30.38 109.05 24.34
N MET C 235 -29.93 108.05 25.13
CA MET C 235 -29.06 106.99 24.65
C MET C 235 -29.83 105.69 24.65
N ARG C 236 -30.13 105.19 23.45
CA ARG C 236 -30.91 103.98 23.28
C ARG C 236 -30.22 103.16 22.21
N GLN C 237 -30.86 102.05 21.86
CA GLN C 237 -30.38 101.14 20.84
C GLN C 237 -31.05 101.42 19.52
N ARG C 238 -30.27 101.37 18.45
CA ARG C 238 -30.76 101.54 17.09
C ARG C 238 -30.45 100.30 16.28
N VAL C 239 -31.43 99.92 15.46
CA VAL C 239 -31.39 98.73 14.61
C VAL C 239 -31.47 99.13 13.15
N GLN C 240 -31.07 98.19 12.31
CA GLN C 240 -31.48 98.18 10.91
C GLN C 240 -31.38 96.72 10.50
N ALA C 241 -32.53 96.06 10.45
CA ALA C 241 -32.58 94.64 10.15
C ALA C 241 -32.45 94.35 8.67
N ASP C 242 -32.60 95.37 7.82
CA ASP C 242 -32.19 95.28 6.42
C ASP C 242 -30.76 94.78 6.31
N ARG C 243 -29.84 95.53 6.89
CA ARG C 243 -28.42 95.23 6.87
C ARG C 243 -28.01 94.31 8.02
N ASN C 244 -28.94 93.96 8.92
CA ASN C 244 -28.66 93.16 10.11
C ASN C 244 -27.59 93.81 10.99
N VAL C 245 -27.75 95.11 11.26
CA VAL C 245 -26.78 95.88 12.03
C VAL C 245 -27.48 96.47 13.24
N VAL C 246 -26.76 96.53 14.36
CA VAL C 246 -27.24 97.15 15.59
C VAL C 246 -26.16 98.06 16.11
N ASN C 247 -26.57 99.19 16.67
CA ASN C 247 -25.71 100.09 17.44
C ASN C 247 -26.34 100.10 18.82
N TYR C 248 -25.56 99.63 19.87
CA TYR C 248 -26.02 99.62 21.27
C TYR C 248 -25.20 100.61 22.08
N PRO C 249 -25.79 101.37 23.03
CA PRO C 249 -24.96 102.21 23.88
C PRO C 249 -24.25 101.38 24.92
N SER C 250 -23.19 101.98 25.45
CA SER C 250 -22.38 101.34 26.46
C SER C 250 -21.63 102.44 27.18
N ILE C 251 -21.19 102.13 28.39
CA ILE C 251 -20.33 103.01 29.16
C ILE C 251 -19.10 102.18 29.51
N LEU C 252 -17.93 102.73 29.24
CA LEU C 252 -16.71 101.94 29.29
C LEU C 252 -15.52 102.88 29.42
N HIS C 253 -14.48 102.36 30.01
CA HIS C 253 -13.17 102.97 29.97
C HIS C 253 -12.51 102.67 28.61
N PRO C 254 -11.58 103.52 28.11
CA PRO C 254 -11.01 103.26 26.77
C PRO C 254 -10.28 101.94 26.58
N ILE C 255 -9.62 101.43 27.60
CA ILE C 255 -9.01 100.10 27.53
C ILE C 255 -10.09 99.06 27.32
N ASP C 256 -11.16 99.14 28.12
CA ASP C 256 -12.27 98.21 28.01
C ASP C 256 -12.90 98.28 26.63
N HIS C 257 -13.04 99.51 26.11
CA HIS C 257 -13.57 99.70 24.76
C HIS C 257 -12.68 99.06 23.73
N ALA C 258 -11.36 99.21 23.88
CA ALA C 258 -10.40 98.57 22.98
C ALA C 258 -10.61 97.07 22.90
N PHE C 259 -10.63 96.40 24.07
CA PHE C 259 -10.79 94.95 24.07
C PHE C 259 -12.14 94.50 23.51
N ASN C 260 -13.21 95.15 23.96
CA ASN C 260 -14.55 94.77 23.49
C ASN C 260 -14.72 95.03 22.00
N GLU C 261 -14.25 96.18 21.52
CA GLU C 261 -14.38 96.51 20.11
C GLU C 261 -13.57 95.55 19.25
N TYR C 262 -12.40 95.15 19.71
CA TYR C 262 -11.64 94.16 18.96
C TYR C 262 -12.39 92.84 18.91
N PHE C 263 -13.04 92.47 20.01
CA PHE C 263 -13.83 91.24 20.03
C PHE C 263 -14.98 91.34 19.03
N LEU C 264 -15.58 92.51 18.91
CA LEU C 264 -16.74 92.67 18.02
C LEU C 264 -16.31 92.64 16.56
N GLN C 265 -15.31 93.45 16.21
CA GLN C 265 -14.94 93.59 14.80
C GLN C 265 -14.25 92.35 14.26
N HIS C 266 -13.41 91.71 15.08
CA HIS C 266 -12.52 90.64 14.67
C HIS C 266 -12.96 89.29 15.20
N GLN C 267 -14.27 89.03 15.14
CA GLN C 267 -14.84 87.75 15.50
C GLN C 267 -14.90 86.91 14.23
N LEU C 268 -14.74 85.60 14.41
CA LEU C 268 -14.51 84.68 13.30
C LEU C 268 -15.82 83.94 13.02
N VAL C 269 -16.52 84.44 12.01
CA VAL C 269 -17.71 83.83 11.45
C VAL C 269 -17.66 84.27 10.01
N GLU C 270 -18.30 83.48 9.15
CA GLU C 270 -18.30 83.65 7.72
C GLU C 270 -19.69 83.32 7.20
N PRO C 271 -20.23 84.06 6.21
CA PRO C 271 -21.58 83.74 5.73
C PRO C 271 -21.58 82.35 5.13
N LEU C 272 -22.75 81.71 5.16
CA LEU C 272 -22.91 80.31 4.83
C LEU C 272 -23.97 80.13 3.76
N ASN C 273 -23.73 79.17 2.88
CA ASN C 273 -24.65 78.79 1.83
C ASN C 273 -24.23 77.43 1.32
N ASN C 274 -25.08 76.83 0.48
CA ASN C 274 -24.88 75.44 0.07
C ASN C 274 -23.61 75.25 -0.74
N ASP C 275 -23.19 76.28 -1.47
CA ASP C 275 -21.91 76.22 -2.20
C ASP C 275 -20.75 76.00 -1.26
N ILE C 276 -20.78 76.63 -0.08
CA ILE C 276 -19.73 76.43 0.91
C ILE C 276 -19.87 75.09 1.63
N ILE C 277 -21.07 74.49 1.62
CA ILE C 277 -21.23 73.13 2.14
C ILE C 277 -20.56 72.17 1.19
N PHE C 278 -20.77 72.37 -0.11
CA PHE C 278 -20.09 71.63 -1.15
C PHE C 278 -18.59 71.80 -1.05
N ASN C 279 -18.11 73.03 -1.20
CA ASN C 279 -16.68 73.34 -1.26
C ASN C 279 -15.90 72.93 -0.02
N TYR C 280 -16.56 72.67 1.11
CA TYR C 280 -15.91 72.06 2.26
C TYR C 280 -15.56 70.59 2.01
N ILE C 281 -16.25 69.94 1.08
CA ILE C 281 -15.95 68.55 0.75
C ILE C 281 -14.72 68.63 -0.14
N PRO C 282 -13.82 67.63 -0.13
CA PRO C 282 -12.69 67.67 -1.07
C PRO C 282 -13.17 67.66 -2.52
N GLU C 283 -12.33 68.24 -3.38
CA GLU C 283 -12.60 68.31 -4.80
C GLU C 283 -12.80 66.93 -5.39
N ARG C 284 -11.87 66.02 -5.07
CA ARG C 284 -11.73 64.71 -5.73
C ARG C 284 -13.01 63.90 -5.60
N ILE C 285 -13.70 64.03 -4.47
CA ILE C 285 -14.87 63.20 -4.18
C ILE C 285 -16.08 63.73 -4.93
N ARG C 286 -16.21 65.05 -5.04
CA ARG C 286 -17.20 65.63 -5.93
C ARG C 286 -16.94 65.25 -7.38
N ASN C 287 -15.68 65.37 -7.82
CA ASN C 287 -15.34 64.97 -9.18
C ASN C 287 -15.36 63.46 -9.43
N ASP C 288 -15.62 62.62 -8.43
CA ASP C 288 -15.71 61.17 -8.59
C ASP C 288 -17.15 60.80 -8.88
N VAL C 289 -17.41 60.27 -10.07
CA VAL C 289 -18.77 59.99 -10.51
C VAL C 289 -19.47 58.92 -9.69
N ASN C 290 -18.73 58.07 -8.98
CA ASN C 290 -19.35 56.99 -8.22
C ASN C 290 -20.12 57.47 -6.99
N TYR C 291 -20.01 58.75 -6.62
CA TYR C 291 -20.64 59.32 -5.43
C TYR C 291 -21.63 60.37 -5.89
N ILE C 292 -22.83 60.34 -5.33
CA ILE C 292 -23.90 61.29 -5.62
C ILE C 292 -24.31 61.92 -4.30
N LEU C 293 -24.60 63.22 -4.34
CA LEU C 293 -24.73 64.06 -3.16
C LEU C 293 -25.94 64.96 -3.37
N ASN C 294 -26.85 64.97 -2.39
CA ASN C 294 -27.99 65.88 -2.41
C ASN C 294 -28.14 66.46 -1.03
N MET C 295 -29.17 67.27 -0.88
CA MET C 295 -29.55 67.82 0.41
C MET C 295 -31.02 68.20 0.31
N ASP C 296 -31.53 68.75 1.41
CA ASP C 296 -32.94 69.01 1.59
C ASP C 296 -33.19 70.37 2.25
N ARG C 297 -32.26 71.31 2.13
CA ARG C 297 -32.36 72.60 2.77
C ARG C 297 -31.77 73.69 1.88
N ASN C 298 -32.19 74.93 2.13
CA ASN C 298 -31.68 76.13 1.46
C ASN C 298 -31.39 77.09 2.59
N LEU C 299 -30.15 77.20 2.94
CA LEU C 299 -29.78 77.95 4.12
C LEU C 299 -29.85 79.45 3.82
N PRO C 300 -30.31 80.29 4.75
CA PRO C 300 -30.40 81.72 4.45
C PRO C 300 -29.05 82.40 4.61
N SER C 301 -29.01 83.65 4.17
CA SER C 301 -27.87 84.52 4.44
C SER C 301 -27.66 84.77 5.93
N THR C 302 -28.71 84.63 6.75
CA THR C 302 -28.62 84.77 8.20
C THR C 302 -27.63 83.79 8.84
N ALA C 303 -27.36 82.66 8.20
CA ALA C 303 -26.60 81.59 8.81
C ALA C 303 -25.11 81.90 8.78
N ARG C 304 -24.39 81.28 9.71
CA ARG C 304 -22.94 81.42 9.86
C ARG C 304 -22.35 80.06 10.15
N TYR C 305 -21.03 80.02 10.04
CA TYR C 305 -20.26 78.85 10.38
C TYR C 305 -18.87 79.35 10.71
N ILE C 306 -18.18 78.60 11.54
CA ILE C 306 -16.79 78.86 11.86
C ILE C 306 -15.99 77.91 11.00
N ARG C 307 -14.90 78.40 10.49
CA ARG C 307 -14.03 77.71 9.58
C ARG C 307 -12.89 77.16 10.42
N PRO C 308 -12.29 76.01 10.10
CA PRO C 308 -11.14 75.60 10.91
C PRO C 308 -9.90 76.41 10.57
N ASN C 309 -8.78 75.99 11.13
CA ASN C 309 -7.45 76.50 10.81
C ASN C 309 -6.69 75.29 10.32
N LEU C 310 -6.79 75.04 9.01
CA LEU C 310 -6.14 73.93 8.32
C LEU C 310 -4.82 74.39 7.72
N LEU C 311 -4.01 75.02 8.56
CA LEU C 311 -2.68 75.46 8.20
C LEU C 311 -1.71 74.32 8.44
N GLN C 312 -0.85 74.07 7.44
CA GLN C 312 0.06 72.93 7.46
C GLN C 312 1.08 73.07 8.58
N ASP C 313 1.86 72.00 8.79
CA ASP C 313 2.76 71.91 9.93
C ASP C 313 3.84 72.99 9.93
N ARG C 314 3.74 73.93 10.87
CA ARG C 314 4.78 74.93 11.06
C ARG C 314 6.05 74.36 11.69
N LEU C 315 5.99 73.17 12.31
CA LEU C 315 7.05 72.67 13.16
C LEU C 315 7.93 71.62 12.54
N ASN C 316 7.51 71.01 11.43
CA ASN C 316 8.30 70.04 10.69
C ASN C 316 8.65 68.85 11.57
N LEU C 317 7.60 68.16 12.03
CA LEU C 317 7.77 66.93 12.79
C LEU C 317 8.28 65.76 11.96
N HIS C 318 8.41 65.89 10.64
CA HIS C 318 9.08 64.92 9.78
C HIS C 318 10.59 65.16 9.70
N ASP C 319 11.20 65.77 10.72
CA ASP C 319 12.63 66.05 10.75
C ASP C 319 13.07 66.12 12.20
N ASN C 320 13.63 65.03 12.71
CA ASN C 320 14.35 65.01 13.98
C ASN C 320 13.40 65.12 15.19
N PHE C 321 12.12 64.78 15.01
CA PHE C 321 11.15 64.58 16.08
C PHE C 321 10.56 63.19 15.91
N GLU C 322 11.44 62.21 15.77
CA GLU C 322 11.05 60.90 15.25
C GLU C 322 10.14 60.11 16.19
N SER C 323 10.19 60.39 17.48
CA SER C 323 9.29 59.70 18.40
C SER C 323 7.86 60.15 18.19
N LEU C 324 7.64 61.46 18.15
CA LEU C 324 6.31 62.02 17.90
C LEU C 324 5.80 61.61 16.53
N TRP C 325 6.69 61.54 15.54
CA TRP C 325 6.24 61.15 14.22
C TRP C 325 5.84 59.69 14.21
N ASP C 326 6.57 58.84 14.95
CA ASP C 326 6.16 57.44 15.12
C ASP C 326 4.81 57.33 15.80
N THR C 327 4.57 58.14 16.84
CA THR C 327 3.29 58.17 17.53
C THR C 327 2.14 58.58 16.61
N ILE C 328 2.31 59.73 15.94
CA ILE C 328 1.31 60.28 15.03
C ILE C 328 1.01 59.29 13.92
N THR C 329 2.07 58.73 13.35
CA THR C 329 1.94 57.79 12.25
C THR C 329 1.17 56.55 12.68
N THR C 330 1.44 56.05 13.90
CA THR C 330 0.68 54.94 14.45
C THR C 330 -0.78 55.31 14.63
N SER C 331 -1.02 56.51 15.14
CA SER C 331 -2.38 56.98 15.38
C SER C 331 -3.18 57.07 14.09
N ASN C 332 -2.58 57.64 13.05
CA ASN C 332 -3.26 57.74 11.77
C ASN C 332 -3.43 56.38 11.12
N TYR C 333 -2.49 55.45 11.37
CA TYR C 333 -2.62 54.10 10.86
C TYR C 333 -3.83 53.40 11.44
N ILE C 334 -3.98 53.48 12.76
CA ILE C 334 -5.07 52.79 13.44
C ILE C 334 -6.38 53.53 13.33
N LEU C 335 -6.35 54.79 12.90
CA LEU C 335 -7.57 55.42 12.39
C LEU C 335 -7.95 54.84 11.04
N ALA C 336 -6.97 54.77 10.12
CA ALA C 336 -7.21 54.32 8.75
C ALA C 336 -7.78 52.92 8.71
N ARG C 337 -7.31 52.04 9.61
CA ARG C 337 -7.88 50.71 9.72
C ARG C 337 -9.38 50.72 9.98
N SER C 338 -9.88 51.72 10.71
CA SER C 338 -11.28 51.72 11.08
C SER C 338 -12.22 52.06 9.94
N VAL C 339 -11.73 52.55 8.80
CA VAL C 339 -12.58 53.04 7.72
C VAL C 339 -12.38 52.30 6.41
N VAL C 340 -11.33 51.52 6.25
CA VAL C 340 -11.22 50.71 5.03
C VAL C 340 -12.32 49.66 5.04
N PRO C 341 -13.03 49.40 3.94
CA PRO C 341 -14.09 48.38 4.02
C PRO C 341 -13.57 46.98 4.21
N ASP C 342 -14.41 46.15 4.82
CA ASP C 342 -14.19 44.71 4.86
C ASP C 342 -14.74 44.15 3.56
N LEU C 343 -13.97 43.26 2.92
CA LEU C 343 -14.40 42.70 1.65
C LEU C 343 -15.67 41.87 1.81
N LYS C 344 -16.34 41.66 0.68
CA LYS C 344 -17.63 41.00 0.63
C LYS C 344 -17.66 40.09 -0.60
N GLU C 345 -18.34 38.94 -0.45
CA GLU C 345 -18.62 38.01 -1.54
C GLU C 345 -17.33 37.55 -2.22
N LEU C 346 -16.32 37.28 -1.40
CA LEU C 346 -15.07 36.73 -1.87
C LEU C 346 -15.27 35.37 -2.54
N VAL C 347 -14.21 34.94 -3.23
CA VAL C 347 -14.12 33.57 -3.69
C VAL C 347 -14.14 32.67 -2.46
N SER C 348 -14.80 31.53 -2.58
CA SER C 348 -14.99 30.68 -1.42
C SER C 348 -13.68 30.06 -0.96
N THR C 349 -13.53 29.97 0.36
CA THR C 349 -12.29 29.48 0.93
C THR C 349 -12.09 28.01 0.61
N GLU C 350 -13.11 27.20 0.85
CA GLU C 350 -12.98 25.77 0.65
C GLU C 350 -12.88 25.43 -0.83
N ALA C 351 -13.62 26.14 -1.67
CA ALA C 351 -13.57 25.91 -3.10
C ALA C 351 -12.21 26.27 -3.66
N GLN C 352 -11.64 27.36 -3.18
CA GLN C 352 -10.33 27.78 -3.64
C GLN C 352 -9.24 26.84 -3.14
N ILE C 353 -9.36 26.39 -1.89
CA ILE C 353 -8.39 25.45 -1.33
C ILE C 353 -8.39 24.14 -2.11
N GLN C 354 -9.58 23.59 -2.35
CA GLN C 354 -9.64 22.31 -3.05
C GLN C 354 -9.26 22.48 -4.52
N LYS C 355 -9.54 23.65 -5.12
CA LYS C 355 -9.07 23.91 -6.48
C LYS C 355 -7.56 23.97 -6.56
N MET C 356 -6.92 24.62 -5.58
CA MET C 356 -5.47 24.74 -5.60
C MET C 356 -4.82 23.38 -5.38
N SER C 357 -5.31 22.62 -4.41
CA SER C 357 -4.76 21.30 -4.16
C SER C 357 -5.03 20.36 -5.32
N GLN C 358 -6.14 20.57 -6.04
CA GLN C 358 -6.39 19.84 -7.26
C GLN C 358 -5.36 20.18 -8.33
N ASP C 359 -5.03 21.46 -8.47
CA ASP C 359 -4.05 21.87 -9.46
C ASP C 359 -2.66 21.34 -9.13
N LEU C 360 -2.32 21.22 -7.84
CA LEU C 360 -0.95 20.99 -7.41
C LEU C 360 -0.54 19.53 -7.28
N GLN C 361 -1.49 18.59 -7.26
CA GLN C 361 -1.22 17.16 -7.05
C GLN C 361 -0.52 16.95 -5.71
N LEU C 362 -1.15 17.43 -4.64
CA LEU C 362 -0.52 17.37 -3.33
C LEU C 362 -0.52 15.94 -2.83
N GLU C 363 0.56 15.22 -3.09
CA GLU C 363 0.68 13.84 -2.69
C GLU C 363 0.69 13.69 -1.18
N ALA C 364 0.46 12.46 -0.72
CA ALA C 364 0.46 12.09 0.69
C ALA C 364 1.71 11.33 1.10
N LEU C 365 2.32 10.59 0.18
CA LEU C 365 3.47 9.75 0.50
C LEU C 365 4.77 10.54 0.40
N THR C 366 5.06 11.09 -0.76
CA THR C 366 6.28 11.84 -0.97
C THR C 366 6.16 13.22 -0.35
N ILE C 367 7.23 13.65 0.31
CA ILE C 367 7.31 15.02 0.80
C ILE C 367 7.34 15.94 -0.42
N GLN C 368 6.83 17.16 -0.24
CA GLN C 368 6.81 18.17 -1.28
C GLN C 368 7.04 19.52 -0.64
N SER C 369 7.40 20.49 -1.49
CA SER C 369 7.45 21.90 -1.13
C SER C 369 6.14 22.62 -1.41
N GLU C 370 5.02 21.88 -1.34
CA GLU C 370 3.75 22.27 -1.93
C GLU C 370 2.60 22.22 -0.95
N THR C 371 2.69 21.46 0.14
CA THR C 371 1.78 21.65 1.25
C THR C 371 1.86 23.07 1.78
N GLN C 372 3.07 23.61 1.86
CA GLN C 372 3.32 24.88 2.52
C GLN C 372 2.68 26.07 1.80
N PHE C 373 2.28 25.92 0.53
CA PHE C 373 1.55 27.00 -0.14
C PHE C 373 0.19 27.23 0.51
N LEU C 374 -0.41 26.21 1.13
CA LEU C 374 -1.74 26.35 1.70
C LEU C 374 -1.75 27.04 3.07
N THR C 375 -0.61 27.50 3.58
CA THR C 375 -0.60 28.13 4.90
C THR C 375 -1.18 29.52 4.79
N GLY C 376 -2.21 29.79 5.58
CA GLY C 376 -2.84 31.09 5.59
C GLY C 376 -3.52 31.50 4.30
N ILE C 377 -4.55 30.77 3.91
CA ILE C 377 -5.35 31.03 2.71
C ILE C 377 -6.79 31.40 3.09
N ASN C 378 -7.13 31.43 4.38
CA ASN C 378 -8.44 31.83 4.87
C ASN C 378 -8.77 33.27 4.49
N SER C 379 -10.05 33.63 4.67
CA SER C 379 -10.40 35.02 4.85
C SER C 379 -10.11 35.38 6.30
N GLN C 380 -10.30 36.65 6.64
CA GLN C 380 -9.92 37.35 7.87
C GLN C 380 -8.42 37.69 7.90
N ALA C 381 -7.60 37.19 6.97
CA ALA C 381 -6.24 37.63 6.67
C ALA C 381 -6.20 38.51 5.43
N ALA C 382 -6.98 38.10 4.42
CA ALA C 382 -7.20 38.91 3.22
C ALA C 382 -7.67 40.31 3.58
N ASN C 383 -8.69 40.41 4.43
CA ASN C 383 -9.13 41.72 4.88
C ASN C 383 -8.06 42.43 5.69
N ASP C 384 -7.25 41.66 6.43
CA ASP C 384 -6.17 42.24 7.22
C ASP C 384 -5.13 42.88 6.31
N CYS C 385 -4.72 42.18 5.25
CA CYS C 385 -3.77 42.75 4.29
C CYS C 385 -4.37 43.93 3.55
N PHE C 386 -5.62 43.79 3.09
CA PHE C 386 -6.30 44.85 2.34
C PHE C 386 -6.41 46.12 3.18
N LYS C 387 -6.60 45.97 4.49
CA LYS C 387 -6.71 47.07 5.41
C LYS C 387 -5.34 47.56 5.90
N THR C 388 -4.32 46.72 5.80
CA THR C 388 -3.00 47.05 6.29
C THR C 388 -2.23 47.87 5.27
N LEU C 389 -2.23 47.42 4.01
CA LEU C 389 -1.51 48.12 2.94
C LEU C 389 -2.01 49.55 2.84
N ILE C 390 -3.33 49.70 2.77
CA ILE C 390 -3.92 50.99 2.54
C ILE C 390 -3.73 51.87 3.77
N ALA C 391 -3.96 51.32 4.98
CA ALA C 391 -3.76 52.10 6.19
C ALA C 391 -2.31 52.56 6.35
N ALA C 392 -1.35 51.70 5.98
CA ALA C 392 0.05 52.09 6.10
C ALA C 392 0.40 53.16 5.09
N MET C 393 -0.04 53.01 3.83
CA MET C 393 0.28 54.02 2.82
C MET C 393 -0.40 55.34 3.09
N LEU C 394 -1.57 55.32 3.75
CA LEU C 394 -2.23 56.56 4.11
C LEU C 394 -1.51 57.23 5.28
N SER C 395 -1.30 56.47 6.34
CA SER C 395 -0.54 56.97 7.49
C SER C 395 0.95 57.16 7.20
N GLN C 396 1.48 56.62 6.10
CA GLN C 396 2.93 56.61 5.82
C GLN C 396 3.72 55.96 6.95
N ARG C 397 3.23 54.81 7.38
CA ARG C 397 3.86 53.98 8.41
C ARG C 397 4.57 52.81 7.74
N THR C 398 5.86 52.65 8.04
CA THR C 398 6.57 51.53 7.46
C THR C 398 6.05 50.24 8.06
N MET C 399 6.32 49.15 7.36
CA MET C 399 5.87 47.83 7.77
C MET C 399 6.85 46.79 7.29
N SER C 400 7.02 45.78 8.13
CA SER C 400 7.97 44.70 7.90
C SER C 400 7.24 43.49 7.32
N LEU C 401 8.04 42.50 6.94
CA LEU C 401 7.57 41.30 6.26
C LEU C 401 8.08 40.10 7.03
N ASP C 402 7.19 39.44 7.76
CA ASP C 402 7.51 38.17 8.40
C ASP C 402 7.05 37.05 7.48
N PHE C 403 7.95 36.11 7.24
CA PHE C 403 7.74 35.05 6.27
C PHE C 403 8.86 34.04 6.46
N VAL C 404 8.87 33.04 5.60
CA VAL C 404 9.76 31.90 5.69
C VAL C 404 10.24 31.67 4.26
N THR C 405 11.49 31.27 4.12
CA THR C 405 12.14 31.12 2.81
C THR C 405 11.80 29.80 2.11
N THR C 406 10.81 29.04 2.60
CA THR C 406 10.35 27.79 2.05
C THR C 406 8.94 27.84 1.48
N ASN C 407 8.16 28.88 1.79
CA ASN C 407 6.82 29.06 1.21
C ASN C 407 6.99 29.92 -0.02
N TYR C 408 7.33 29.25 -1.12
CA TYR C 408 7.62 29.95 -2.37
C TYR C 408 6.43 30.70 -2.94
N MET C 409 5.19 30.30 -2.59
CA MET C 409 4.02 31.09 -2.98
C MET C 409 4.05 32.49 -2.36
N SER C 410 4.58 32.61 -1.14
CA SER C 410 4.73 33.93 -0.53
C SER C 410 5.69 34.78 -1.33
N LEU C 411 6.81 34.18 -1.75
CA LEU C 411 7.80 34.88 -2.54
C LEU C 411 7.24 35.28 -3.89
N ILE C 412 6.33 34.48 -4.43
CA ILE C 412 5.72 34.80 -5.71
C ILE C 412 4.78 35.99 -5.55
N SER C 413 3.88 35.95 -4.56
CA SER C 413 2.98 37.08 -4.33
C SER C 413 3.73 38.35 -3.94
N GLY C 414 4.93 38.22 -3.36
CA GLY C 414 5.79 39.36 -3.14
C GLY C 414 6.17 40.14 -4.39
N MET C 415 6.16 39.49 -5.55
CA MET C 415 6.44 40.19 -6.80
C MET C 415 5.36 41.21 -7.10
N TRP C 416 4.11 40.74 -7.12
CA TRP C 416 2.92 41.58 -7.23
C TRP C 416 2.94 42.70 -6.21
N LEU C 417 3.26 42.35 -4.95
CA LEU C 417 3.31 43.32 -3.87
C LEU C 417 4.33 44.43 -4.17
N LEU C 418 5.55 44.06 -4.52
CA LEU C 418 6.61 45.03 -4.72
C LEU C 418 6.43 45.80 -6.02
N THR C 419 5.59 45.30 -6.93
CA THR C 419 5.14 46.12 -8.05
C THR C 419 4.18 47.18 -7.56
N VAL C 420 3.04 46.75 -7.00
CA VAL C 420 1.97 47.69 -6.71
C VAL C 420 2.18 48.53 -5.46
N VAL C 421 3.33 48.38 -4.77
CA VAL C 421 3.68 49.18 -3.60
C VAL C 421 5.14 49.59 -3.77
N PRO C 422 5.54 50.87 -3.70
CA PRO C 422 6.96 51.20 -3.92
C PRO C 422 7.87 50.64 -2.83
N ASN C 423 9.09 50.30 -3.26
CA ASN C 423 10.13 49.81 -2.36
C ASN C 423 10.48 50.78 -1.24
N ASP C 424 10.34 52.08 -1.46
CA ASP C 424 10.63 53.05 -0.41
C ASP C 424 9.61 53.01 0.74
N MET C 425 8.46 52.36 0.56
CA MET C 425 7.44 52.22 1.59
C MET C 425 7.76 51.19 2.67
N PHE C 426 8.64 50.24 2.41
CA PHE C 426 9.02 49.22 3.36
C PHE C 426 10.34 49.56 4.03
N ILE C 427 10.67 48.75 5.01
CA ILE C 427 11.92 48.85 5.75
C ILE C 427 12.91 47.94 5.06
N ARG C 428 14.18 48.35 5.13
CA ARG C 428 15.18 47.89 4.16
C ARG C 428 15.47 46.40 4.29
N GLU C 429 15.77 45.93 5.50
CA GLU C 429 16.23 44.55 5.67
C GLU C 429 15.17 43.53 5.25
N SER C 430 13.90 43.86 5.44
CA SER C 430 12.83 42.92 5.12
C SER C 430 12.72 42.70 3.62
N LEU C 431 12.55 43.78 2.84
CA LEU C 431 12.46 43.59 1.40
C LEU C 431 13.79 43.22 0.78
N VAL C 432 14.92 43.52 1.43
CA VAL C 432 16.21 43.01 0.97
C VAL C 432 16.21 41.49 1.07
N ALA C 433 15.76 40.97 2.22
CA ALA C 433 15.64 39.53 2.38
C ALA C 433 14.67 38.93 1.37
N CYS C 434 13.56 39.63 1.12
CA CYS C 434 12.57 39.13 0.18
C CYS C 434 13.12 39.08 -1.24
N GLN C 435 13.69 40.19 -1.72
CA GLN C 435 14.32 40.22 -3.04
C GLN C 435 15.43 39.19 -3.15
N LEU C 436 16.19 39.00 -2.07
CA LEU C 436 17.30 38.07 -2.13
C LEU C 436 16.79 36.64 -2.25
N ALA C 437 15.77 36.31 -1.45
CA ALA C 437 15.10 35.02 -1.56
C ALA C 437 14.56 34.77 -2.96
N ILE C 438 13.83 35.76 -3.50
CA ILE C 438 13.20 35.64 -4.82
C ILE C 438 14.24 35.43 -5.91
N ILE C 439 15.29 36.26 -5.89
CA ILE C 439 16.39 36.16 -6.84
C ILE C 439 17.05 34.80 -6.75
N ASN C 440 17.30 34.33 -5.53
CA ASN C 440 18.05 33.09 -5.38
C ASN C 440 17.25 31.88 -5.82
N THR C 441 15.92 31.87 -5.60
CA THR C 441 15.13 30.64 -5.75
C THR C 441 14.08 30.66 -6.85
N ILE C 442 13.93 31.75 -7.64
CA ILE C 442 13.05 31.74 -8.81
C ILE C 442 13.74 32.19 -10.09
N ILE C 443 14.72 33.07 -10.00
CA ILE C 443 15.13 33.92 -11.14
C ILE C 443 16.47 33.51 -11.69
N TYR C 444 17.52 33.62 -10.88
CA TYR C 444 18.84 33.21 -11.35
C TYR C 444 18.93 31.71 -11.63
N PRO C 445 18.35 30.81 -10.83
CA PRO C 445 18.28 29.40 -11.28
C PRO C 445 17.48 29.20 -12.55
N ALA C 446 16.52 30.08 -12.84
CA ALA C 446 15.76 30.04 -14.07
C ALA C 446 16.51 30.56 -15.29
N PHE C 447 17.78 30.95 -15.14
CA PHE C 447 18.65 31.24 -16.27
C PHE C 447 20.04 30.63 -16.09
N GLY C 448 20.22 29.73 -15.12
CA GLY C 448 21.47 29.06 -14.84
C GLY C 448 22.57 29.93 -14.28
N MET C 449 22.30 31.20 -13.95
CA MET C 449 23.29 32.05 -13.31
C MET C 449 23.62 31.50 -11.93
N GLN C 450 24.69 32.04 -11.33
CA GLN C 450 25.05 31.70 -9.95
C GLN C 450 23.90 32.01 -8.98
N ARG C 451 23.99 31.45 -7.78
CA ARG C 451 22.93 31.69 -6.79
C ARG C 451 22.82 33.15 -6.40
N MET C 452 23.77 33.66 -5.60
CA MET C 452 24.15 35.07 -5.44
C MET C 452 25.20 35.08 -4.33
N HIS C 453 25.96 36.18 -4.28
CA HIS C 453 26.90 36.46 -3.18
C HIS C 453 26.56 37.89 -2.78
N TYR C 454 25.59 38.02 -1.88
CA TYR C 454 25.05 39.32 -1.46
C TYR C 454 25.59 39.70 -0.09
N ARG C 455 26.25 40.83 -0.03
CA ARG C 455 26.72 41.41 1.20
C ARG C 455 25.54 42.01 1.96
N ASN C 456 25.64 41.95 3.30
CA ASN C 456 24.55 42.36 4.18
C ASN C 456 24.22 43.84 3.95
N GLY C 457 25.18 44.71 4.19
CA GLY C 457 25.00 46.13 4.01
C GLY C 457 25.35 46.60 2.62
N ASP C 458 25.06 45.82 1.58
CA ASP C 458 25.33 46.24 0.23
C ASP C 458 24.43 47.43 -0.10
N PRO C 459 24.92 48.52 -0.71
CA PRO C 459 24.01 49.63 -0.99
C PRO C 459 22.92 49.30 -1.99
N GLN C 460 23.19 48.40 -2.92
CA GLN C 460 22.24 48.03 -3.96
C GLN C 460 21.41 46.84 -3.49
N THR C 461 20.10 46.96 -3.59
CA THR C 461 19.20 45.87 -3.26
C THR C 461 19.28 44.84 -4.39
N PRO C 462 18.93 43.56 -4.13
CA PRO C 462 19.15 42.53 -5.17
C PRO C 462 18.45 42.76 -6.50
N PHE C 463 17.24 43.36 -6.50
CA PHE C 463 16.58 43.63 -7.78
C PHE C 463 17.29 44.70 -8.60
N GLN C 464 18.17 45.52 -8.00
CA GLN C 464 18.94 46.48 -8.76
C GLN C 464 20.03 45.79 -9.56
N ILE C 465 20.90 45.06 -8.87
CA ILE C 465 22.01 44.35 -9.51
C ILE C 465 21.57 43.13 -10.30
N ALA C 466 20.31 42.71 -10.16
CA ALA C 466 19.74 41.74 -11.08
C ALA C 466 19.37 42.34 -12.42
N GLU C 467 18.96 43.61 -12.45
CA GLU C 467 18.59 44.28 -13.70
C GLU C 467 19.71 44.35 -14.72
N GLN C 468 20.98 44.29 -14.29
CA GLN C 468 22.13 44.45 -15.17
C GLN C 468 23.10 43.26 -15.04
N GLN C 469 22.53 42.06 -14.87
CA GLN C 469 23.22 40.80 -15.11
C GLN C 469 22.50 39.94 -16.12
N ILE C 470 21.19 39.76 -15.97
CA ILE C 470 20.43 38.84 -16.79
C ILE C 470 20.32 39.41 -18.20
N GLN C 471 19.85 38.58 -19.13
CA GLN C 471 19.67 38.92 -20.53
C GLN C 471 18.25 38.50 -20.88
N ASN C 472 17.32 39.41 -20.60
CA ASN C 472 15.91 39.20 -20.95
C ASN C 472 15.20 40.53 -20.87
N PHE C 473 14.48 40.85 -21.94
CA PHE C 473 13.92 42.20 -22.05
C PHE C 473 12.75 42.40 -21.11
N GLN C 474 11.88 41.39 -21.03
CA GLN C 474 10.65 41.50 -20.23
C GLN C 474 10.98 41.67 -18.76
N VAL C 475 11.83 40.79 -18.23
CA VAL C 475 12.15 40.79 -16.82
C VAL C 475 12.99 42.00 -16.46
N ALA C 476 13.89 42.40 -17.36
CA ALA C 476 14.71 43.57 -17.11
C ALA C 476 13.87 44.84 -17.09
N ASN C 477 12.85 44.91 -17.96
CA ASN C 477 11.97 46.07 -17.94
C ASN C 477 11.14 46.10 -16.67
N TRP C 478 10.63 44.92 -16.26
CA TRP C 478 9.93 44.76 -15.00
C TRP C 478 10.75 45.26 -13.81
N LEU C 479 11.96 44.72 -13.68
CA LEU C 479 12.89 45.14 -12.63
C LEU C 479 13.22 46.62 -12.72
N HIS C 480 13.28 47.18 -13.93
CA HIS C 480 13.56 48.60 -14.10
C HIS C 480 12.44 49.41 -13.50
N PHE C 481 11.20 49.00 -13.77
CA PHE C 481 10.05 49.67 -13.20
C PHE C 481 10.07 49.59 -11.68
N VAL C 482 10.29 48.38 -11.16
CA VAL C 482 10.32 48.12 -9.72
C VAL C 482 11.37 48.98 -9.02
N ASN C 483 12.60 48.95 -9.53
CA ASN C 483 13.72 49.62 -8.90
C ASN C 483 13.54 51.14 -8.88
N ASN C 484 12.81 51.68 -9.86
CA ASN C 484 12.58 53.11 -10.04
C ASN C 484 11.15 53.50 -9.69
N ASN C 485 10.43 52.65 -8.95
CA ASN C 485 9.14 53.01 -8.37
C ASN C 485 9.31 53.75 -7.06
N GLN C 486 8.59 54.87 -6.93
CA GLN C 486 8.62 55.69 -5.74
C GLN C 486 7.46 56.67 -5.83
N PHE C 487 7.03 57.16 -4.67
CA PHE C 487 5.90 58.06 -4.61
C PHE C 487 6.27 59.36 -5.30
N ARG C 488 5.34 59.88 -6.09
CA ARG C 488 5.47 61.19 -6.68
C ARG C 488 4.87 62.20 -5.71
N GLN C 489 5.71 63.12 -5.22
CA GLN C 489 5.19 64.22 -4.43
C GLN C 489 4.46 65.18 -5.33
N VAL C 490 3.30 65.64 -4.88
CA VAL C 490 2.57 66.65 -5.62
C VAL C 490 1.61 67.37 -4.69
N VAL C 491 1.60 68.70 -4.77
CA VAL C 491 0.74 69.53 -3.91
C VAL C 491 -0.58 69.71 -4.63
N ILE C 492 -1.66 69.26 -3.99
CA ILE C 492 -3.00 69.22 -4.54
C ILE C 492 -3.95 69.75 -3.47
N ASP C 493 -4.73 70.77 -3.84
CA ASP C 493 -5.78 71.37 -3.00
C ASP C 493 -5.23 71.79 -1.63
N GLY C 494 -4.03 72.34 -1.65
CA GLY C 494 -3.38 72.83 -0.46
C GLY C 494 -2.52 71.82 0.25
N VAL C 495 -2.77 70.52 0.04
CA VAL C 495 -2.16 69.45 0.83
C VAL C 495 -1.16 68.71 -0.05
N LEU C 496 -0.02 68.38 0.51
CA LEU C 496 0.90 67.50 -0.18
C LEU C 496 0.29 66.11 -0.26
N ASN C 497 0.63 65.38 -1.32
CA ASN C 497 0.14 64.04 -1.53
C ASN C 497 1.24 63.20 -2.16
N GLN C 498 1.34 61.96 -1.67
CA GLN C 498 2.26 60.96 -2.17
C GLN C 498 1.45 60.12 -3.14
N VAL C 499 1.55 60.44 -4.40
CA VAL C 499 0.69 59.90 -5.43
C VAL C 499 1.47 58.80 -6.12
N LEU C 500 0.75 57.77 -6.56
CA LEU C 500 1.34 56.66 -7.26
C LEU C 500 1.69 57.08 -8.69
N ASN C 501 2.26 56.16 -9.45
CA ASN C 501 2.83 56.49 -10.76
C ASN C 501 1.76 56.96 -11.74
N ASP C 502 0.56 56.37 -11.67
CA ASP C 502 -0.57 56.38 -12.62
C ASP C 502 -0.35 55.36 -13.74
N ASN C 503 0.76 54.62 -13.73
CA ASN C 503 0.87 53.33 -14.41
C ASN C 503 0.57 52.16 -13.47
N ILE C 504 0.56 52.39 -12.16
CA ILE C 504 0.10 51.40 -11.18
C ILE C 504 -1.40 51.54 -10.94
N ARG C 505 -1.93 52.77 -10.98
CA ARG C 505 -3.34 53.00 -10.70
C ARG C 505 -4.26 52.29 -11.68
N ASN C 506 -3.94 52.36 -12.96
CA ASN C 506 -4.38 51.35 -13.91
C ASN C 506 -3.45 50.15 -13.83
N GLY C 507 -4.02 48.97 -14.08
CA GLY C 507 -3.24 47.76 -14.09
C GLY C 507 -2.69 47.44 -15.45
N HIS C 508 -1.45 47.87 -15.65
CA HIS C 508 -0.64 47.52 -16.79
C HIS C 508 0.71 46.93 -16.40
N VAL C 509 1.21 47.29 -15.21
CA VAL C 509 2.43 46.70 -14.63
C VAL C 509 2.31 45.19 -14.55
N VAL C 510 1.12 44.71 -14.16
CA VAL C 510 0.83 43.30 -13.99
C VAL C 510 1.01 42.54 -15.30
N ASN C 511 0.81 43.21 -16.44
CA ASN C 511 0.99 42.53 -17.71
C ASN C 511 2.47 42.27 -17.94
N GLN C 512 3.33 43.22 -17.56
CA GLN C 512 4.77 42.96 -17.63
C GLN C 512 5.17 41.89 -16.63
N LEU C 513 4.54 41.87 -15.45
CA LEU C 513 4.80 40.79 -14.49
C LEU C 513 4.44 39.43 -15.07
N MET C 514 3.33 39.35 -15.82
CA MET C 514 2.96 38.10 -16.46
C MET C 514 3.94 37.70 -17.54
N GLU C 515 4.31 38.67 -18.38
CA GLU C 515 5.37 38.49 -19.36
C GLU C 515 6.62 37.90 -18.71
N ALA C 516 7.02 38.46 -17.56
CA ALA C 516 8.21 38.00 -16.87
C ALA C 516 8.04 36.57 -16.36
N LEU C 517 6.90 36.30 -15.72
CA LEU C 517 6.69 34.97 -15.16
C LEU C 517 6.58 33.90 -16.24
N MET C 518 6.02 34.25 -17.40
CA MET C 518 5.93 33.30 -18.49
C MET C 518 7.29 33.10 -19.15
N GLN C 519 8.08 34.17 -19.28
CA GLN C 519 9.45 34.01 -19.77
C GLN C 519 10.37 33.33 -18.77
N LEU C 520 9.95 33.15 -17.52
CA LEU C 520 10.60 32.23 -16.59
C LEU C 520 10.04 30.83 -16.73
N SER C 521 8.75 30.71 -17.03
CA SER C 521 8.13 29.41 -17.24
C SER C 521 8.69 28.70 -18.46
N ARG C 522 9.17 29.45 -19.46
CA ARG C 522 9.75 28.90 -20.67
C ARG C 522 11.25 28.57 -20.52
N GLN C 523 11.76 28.49 -19.30
CA GLN C 523 13.16 28.25 -18.99
C GLN C 523 13.30 26.93 -18.29
N GLN C 524 14.13 26.05 -18.85
CA GLN C 524 14.59 24.90 -18.09
C GLN C 524 15.47 25.39 -16.96
N PHE C 525 15.60 24.56 -15.92
CA PHE C 525 16.47 24.84 -14.78
C PHE C 525 17.62 23.86 -14.89
N PRO C 526 18.72 24.18 -15.62
CA PRO C 526 19.74 23.15 -15.86
C PRO C 526 20.45 22.71 -14.60
N THR C 527 20.68 23.67 -13.72
CA THR C 527 21.34 23.40 -12.44
C THR C 527 20.53 22.44 -11.59
N MET C 528 19.21 22.63 -11.54
CA MET C 528 18.36 22.06 -10.49
C MET C 528 17.41 20.97 -11.00
N PRO C 529 16.85 20.11 -10.08
CA PRO C 529 16.09 18.95 -10.54
C PRO C 529 14.71 19.25 -11.12
N VAL C 530 14.00 18.16 -11.43
CA VAL C 530 12.68 18.26 -12.03
C VAL C 530 11.66 18.76 -11.01
N ASP C 531 11.76 18.28 -9.77
CA ASP C 531 10.72 18.56 -8.78
C ASP C 531 10.72 20.02 -8.36
N TYR C 532 11.90 20.64 -8.32
CA TYR C 532 12.00 22.04 -7.98
C TYR C 532 11.32 22.92 -9.03
N LYS C 533 11.72 22.75 -10.30
CA LYS C 533 11.09 23.41 -11.44
C LYS C 533 9.59 23.18 -11.45
N ARG C 534 9.16 21.94 -11.19
CA ARG C 534 7.75 21.59 -11.16
C ARG C 534 7.00 22.40 -10.10
N SER C 535 7.57 22.48 -8.90
CA SER C 535 6.99 23.26 -7.80
C SER C 535 6.83 24.73 -8.18
N ILE C 536 7.92 25.34 -8.67
CA ILE C 536 7.91 26.76 -9.01
C ILE C 536 6.90 27.05 -10.10
N GLN C 537 6.91 26.22 -11.14
CA GLN C 537 6.10 26.48 -12.32
C GLN C 537 4.62 26.33 -12.01
N ARG C 538 4.27 25.37 -11.15
CA ARG C 538 2.91 25.28 -10.66
C ARG C 538 2.53 26.51 -9.86
N GLY C 539 3.43 26.93 -8.95
CA GLY C 539 3.17 28.06 -8.09
C GLY C 539 2.90 29.36 -8.82
N ILE C 540 3.54 29.55 -9.98
CA ILE C 540 3.33 30.79 -10.74
C ILE C 540 2.21 30.64 -11.77
N LEU C 541 1.87 29.41 -12.17
CA LEU C 541 0.60 29.21 -12.87
C LEU C 541 -0.58 29.62 -12.01
N LEU C 542 -0.50 29.37 -10.71
CA LEU C 542 -1.61 29.72 -9.81
C LEU C 542 -1.94 31.21 -9.82
N LEU C 543 -0.98 32.06 -10.16
CA LEU C 543 -1.14 33.50 -10.21
C LEU C 543 -1.45 33.94 -11.63
N SER C 544 -0.89 33.23 -12.62
CA SER C 544 -1.29 33.42 -14.01
C SER C 544 -2.79 33.25 -14.18
N ASN C 545 -3.34 32.16 -13.63
CA ASN C 545 -4.78 31.92 -13.72
C ASN C 545 -5.63 32.91 -12.92
N ARG C 546 -5.03 33.75 -12.07
CA ARG C 546 -5.73 34.81 -11.34
C ARG C 546 -5.42 36.22 -11.84
N LEU C 547 -4.62 36.36 -12.90
CA LEU C 547 -4.24 37.63 -13.56
C LEU C 547 -5.26 38.76 -13.61
N GLY C 548 -6.44 38.49 -14.18
CA GLY C 548 -7.42 39.56 -14.34
C GLY C 548 -7.94 40.06 -13.01
N GLN C 549 -8.21 39.12 -12.09
CA GLN C 549 -8.58 39.48 -10.72
C GLN C 549 -7.50 40.32 -10.07
N LEU C 550 -6.23 39.99 -10.29
CA LEU C 550 -5.14 40.74 -9.68
C LEU C 550 -5.06 42.16 -10.23
N VAL C 551 -5.20 42.29 -11.55
CA VAL C 551 -5.28 43.57 -12.23
C VAL C 551 -6.36 44.45 -11.59
N ASP C 552 -7.57 43.90 -11.48
CA ASP C 552 -8.68 44.69 -10.98
C ASP C 552 -8.51 44.99 -9.50
N LEU C 553 -7.90 44.06 -8.76
CA LEU C 553 -7.57 44.29 -7.36
C LEU C 553 -6.62 45.48 -7.21
N THR C 554 -5.59 45.52 -8.05
CA THR C 554 -4.64 46.63 -8.01
C THR C 554 -5.33 47.96 -8.29
N ARG C 555 -6.22 47.98 -9.29
CA ARG C 555 -6.99 49.18 -9.59
C ARG C 555 -7.85 49.58 -8.40
N LEU C 556 -8.45 48.59 -7.74
CA LEU C 556 -9.32 48.83 -6.61
C LEU C 556 -8.55 49.41 -5.43
N LEU C 557 -7.38 48.83 -5.12
CA LEU C 557 -6.53 49.36 -4.06
C LEU C 557 -6.14 50.80 -4.32
N ALA C 558 -5.67 51.11 -5.54
CA ALA C 558 -5.29 52.48 -5.85
C ALA C 558 -6.48 53.43 -5.73
N TYR C 559 -7.65 52.96 -6.17
CA TYR C 559 -8.85 53.79 -6.12
C TYR C 559 -9.25 54.09 -4.68
N ASN C 560 -9.34 53.06 -3.84
CA ASN C 560 -9.74 53.28 -2.46
C ASN C 560 -8.68 54.07 -1.71
N TYR C 561 -7.42 53.91 -2.10
CA TYR C 561 -6.34 54.67 -1.49
C TYR C 561 -6.45 56.15 -1.80
N GLU C 562 -6.66 56.51 -3.07
CA GLU C 562 -6.83 57.92 -3.40
C GLU C 562 -8.10 58.47 -2.79
N THR C 563 -9.15 57.63 -2.71
CA THR C 563 -10.42 58.11 -2.22
C THR C 563 -10.32 58.44 -0.74
N LEU C 564 -9.58 57.63 0.02
CA LEU C 564 -9.32 57.95 1.42
C LEU C 564 -8.29 59.06 1.56
N MET C 565 -7.34 59.15 0.62
CA MET C 565 -6.37 60.24 0.60
C MET C 565 -7.08 61.58 0.48
N ALA C 566 -8.19 61.63 -0.28
CA ALA C 566 -8.95 62.85 -0.46
C ALA C 566 -9.43 63.44 0.85
N CYS C 567 -9.69 62.60 1.85
CA CYS C 567 -10.13 63.02 3.17
C CYS C 567 -8.95 63.18 4.12
N ILE C 568 -7.92 63.90 3.67
CA ILE C 568 -6.75 64.21 4.48
C ILE C 568 -6.47 65.71 4.38
N THR C 569 -6.08 66.29 5.52
CA THR C 569 -5.80 67.70 5.70
C THR C 569 -4.34 67.98 6.00
N MET C 570 -3.67 67.04 6.65
CA MET C 570 -2.26 67.16 6.99
C MET C 570 -1.42 66.60 5.86
N ASN C 571 -0.33 67.30 5.54
CA ASN C 571 0.61 66.85 4.52
C ASN C 571 1.16 65.48 4.88
N MET C 572 1.15 64.57 3.89
CA MET C 572 1.49 63.17 4.14
C MET C 572 2.93 62.91 3.71
N GLN C 573 3.82 63.45 4.54
CA GLN C 573 5.24 63.25 4.41
C GLN C 573 5.59 61.77 4.45
N HIS C 574 6.66 61.42 3.76
CA HIS C 574 7.17 60.05 3.70
C HIS C 574 8.52 60.02 4.40
N VAL C 575 8.54 59.42 5.58
CA VAL C 575 9.75 59.20 6.36
C VAL C 575 9.59 57.85 7.03
N GLN C 576 10.69 57.10 7.08
CA GLN C 576 10.69 55.82 7.77
C GLN C 576 10.45 56.01 9.25
N THR C 577 9.57 55.19 9.81
CA THR C 577 9.25 55.25 11.22
C THR C 577 10.16 54.32 12.01
N LEU C 578 10.25 54.60 13.30
CA LEU C 578 10.87 53.69 14.25
C LEU C 578 10.16 52.35 14.23
N THR C 579 8.91 52.35 14.66
CA THR C 579 8.14 51.14 14.84
C THR C 579 7.47 50.77 13.52
N THR C 580 7.32 49.48 13.29
CA THR C 580 6.75 48.91 12.09
C THR C 580 5.48 48.14 12.42
N GLU C 581 4.75 47.81 11.37
CA GLU C 581 3.66 46.86 11.40
C GLU C 581 4.09 45.54 10.76
N LYS C 582 3.75 44.45 11.41
CA LYS C 582 4.04 43.15 10.83
C LYS C 582 3.09 42.92 9.67
N LEU C 583 3.60 42.32 8.60
CA LEU C 583 2.81 41.93 7.43
C LEU C 583 3.18 40.51 7.07
N GLN C 584 2.22 39.60 7.20
CA GLN C 584 2.39 38.24 6.75
C GLN C 584 2.08 38.15 5.27
N LEU C 585 3.02 37.58 4.51
CA LEU C 585 2.80 37.31 3.10
C LEU C 585 1.79 36.21 2.85
N THR C 586 1.44 35.42 3.86
CA THR C 586 0.34 34.47 3.71
C THR C 586 -0.97 35.24 3.52
N SER C 587 -1.13 36.35 4.24
CA SER C 587 -2.28 37.20 4.03
C SER C 587 -2.26 37.83 2.65
N VAL C 588 -1.07 38.15 2.14
CA VAL C 588 -0.97 38.69 0.79
C VAL C 588 -1.40 37.64 -0.22
N THR C 589 -0.97 36.40 -0.01
CA THR C 589 -1.39 35.28 -0.83
C THR C 589 -2.90 35.12 -0.77
N SER C 590 -3.48 35.26 0.43
CA SER C 590 -4.91 35.11 0.61
C SER C 590 -5.67 36.17 -0.18
N LEU C 591 -5.19 37.41 -0.13
CA LEU C 591 -5.81 38.49 -0.87
C LEU C 591 -5.69 38.26 -2.37
N CYS C 592 -4.49 37.89 -2.82
CA CYS C 592 -4.26 37.70 -4.25
C CYS C 592 -5.03 36.51 -4.80
N MET C 593 -5.34 35.53 -3.95
CA MET C 593 -6.01 34.31 -4.34
C MET C 593 -7.51 34.38 -4.11
N LEU C 594 -7.96 34.96 -2.99
CA LEU C 594 -9.38 35.09 -2.65
C LEU C 594 -9.84 36.50 -2.94
N ILE C 595 -10.30 36.71 -4.17
CA ILE C 595 -10.88 37.99 -4.54
C ILE C 595 -11.62 37.77 -5.85
N GLY C 596 -12.79 38.38 -5.99
CA GLY C 596 -13.49 38.30 -7.25
C GLY C 596 -14.86 38.96 -7.20
N ASN C 597 -15.28 39.45 -8.35
CA ASN C 597 -16.63 39.89 -8.77
C ASN C 597 -17.45 40.61 -7.70
N ALA C 598 -16.79 41.39 -6.85
CA ALA C 598 -17.45 42.08 -5.74
C ALA C 598 -16.57 43.27 -5.42
N THR C 599 -16.92 44.42 -5.97
CA THR C 599 -16.27 45.66 -5.60
C THR C 599 -16.82 46.18 -4.27
N VAL C 600 -15.95 46.79 -3.48
CA VAL C 600 -16.31 47.37 -2.19
C VAL C 600 -15.59 48.71 -2.11
N ILE C 601 -16.36 49.77 -1.87
CA ILE C 601 -15.96 51.17 -1.98
C ILE C 601 -16.25 51.77 -0.61
N PRO C 602 -15.47 52.73 -0.09
CA PRO C 602 -15.84 53.31 1.19
C PRO C 602 -17.14 54.08 1.05
N SER C 603 -18.07 53.78 1.94
CA SER C 603 -19.30 54.53 2.01
C SER C 603 -18.96 55.99 2.32
N PRO C 604 -19.76 56.96 1.86
CA PRO C 604 -19.46 58.36 2.17
C PRO C 604 -19.51 58.71 3.64
N GLN C 605 -20.17 57.89 4.46
CA GLN C 605 -20.22 58.16 5.88
C GLN C 605 -18.85 57.94 6.51
N THR C 606 -18.18 56.86 6.11
CA THR C 606 -16.79 56.64 6.53
C THR C 606 -15.88 57.77 6.06
N LEU C 607 -16.11 58.28 4.86
CA LEU C 607 -15.27 59.35 4.34
C LEU C 607 -15.47 60.63 5.12
N PHE C 608 -16.72 60.98 5.39
CA PHE C 608 -17.03 62.18 6.15
C PHE C 608 -16.54 62.04 7.59
N HIS C 609 -16.54 60.82 8.11
CA HIS C 609 -16.04 60.58 9.45
C HIS C 609 -14.53 60.74 9.51
N TYR C 610 -13.81 60.11 8.58
CA TYR C 610 -12.36 60.23 8.52
C TYR C 610 -11.89 61.64 8.16
N TYR C 611 -12.75 62.43 7.53
CA TYR C 611 -12.41 63.80 7.21
C TYR C 611 -12.62 64.67 8.42
N ASN C 612 -13.76 64.50 9.11
CA ASN C 612 -14.03 65.31 10.29
C ASN C 612 -12.99 65.01 11.36
N VAL C 613 -12.58 63.75 11.49
CA VAL C 613 -11.53 63.35 12.43
C VAL C 613 -10.23 64.10 12.11
N ASN C 614 -9.78 64.04 10.84
CA ASN C 614 -8.53 64.71 10.50
C ASN C 614 -8.64 66.21 10.66
N VAL C 615 -9.82 66.77 10.34
CA VAL C 615 -10.06 68.19 10.47
C VAL C 615 -9.98 68.61 11.94
N ASN C 616 -10.62 67.84 12.82
CA ASN C 616 -10.60 68.15 14.23
C ASN C 616 -9.20 68.09 14.80
N PHE C 617 -8.46 67.03 14.46
CA PHE C 617 -7.08 66.90 14.92
C PHE C 617 -6.22 68.04 14.41
N HIS C 618 -6.43 68.44 13.16
CA HIS C 618 -5.59 69.46 12.55
C HIS C 618 -5.89 70.82 13.14
N SER C 619 -7.18 71.13 13.30
CA SER C 619 -7.58 72.37 13.93
C SER C 619 -7.09 72.45 15.37
N ASN C 620 -7.19 71.35 16.11
CA ASN C 620 -6.73 71.37 17.49
C ASN C 620 -5.23 71.54 17.57
N TYR C 621 -4.51 70.89 16.64
CA TYR C 621 -3.06 71.04 16.52
C TYR C 621 -2.68 72.49 16.31
N ASN C 622 -3.31 73.14 15.34
CA ASN C 622 -2.97 74.52 15.02
C ASN C 622 -3.38 75.47 16.16
N GLU C 623 -4.54 75.24 16.77
CA GLU C 623 -5.00 76.15 17.80
C GLU C 623 -4.15 76.06 19.05
N ARG C 624 -3.76 74.84 19.45
CA ARG C 624 -2.86 74.72 20.59
C ARG C 624 -1.48 75.28 20.29
N ILE C 625 -0.99 75.08 19.06
CA ILE C 625 0.25 75.74 18.64
C ILE C 625 0.13 77.26 18.78
N ASN C 626 -0.99 77.83 18.34
CA ASN C 626 -1.15 79.28 18.41
C ASN C 626 -1.16 79.74 19.85
N ASP C 627 -1.88 79.01 20.72
CA ASP C 627 -1.87 79.23 22.16
C ASP C 627 -0.46 79.24 22.72
N ALA C 628 0.29 78.17 22.45
CA ALA C 628 1.62 78.01 23.00
C ALA C 628 2.56 79.10 22.52
N VAL C 629 2.52 79.41 21.22
CA VAL C 629 3.41 80.41 20.66
C VAL C 629 3.08 81.78 21.25
N ALA C 630 1.78 82.05 21.46
CA ALA C 630 1.34 83.30 22.06
C ALA C 630 1.91 83.47 23.46
N ILE C 631 1.66 82.49 24.34
CA ILE C 631 2.15 82.59 25.72
C ILE C 631 3.68 82.61 25.77
N ILE C 632 4.34 81.88 24.88
CA ILE C 632 5.80 81.85 24.89
C ILE C 632 6.36 83.21 24.49
N THR C 633 5.92 83.73 23.34
CA THR C 633 6.37 85.04 22.88
C THR C 633 6.03 86.13 23.88
N ALA C 634 4.90 85.99 24.58
CA ALA C 634 4.51 87.01 25.53
C ALA C 634 5.38 86.94 26.77
N ALA C 635 5.75 85.74 27.19
CA ALA C 635 6.65 85.61 28.33
C ALA C 635 8.04 86.13 28.00
N ASN C 636 8.47 85.97 26.75
CA ASN C 636 9.78 86.51 26.35
C ASN C 636 9.75 88.03 26.30
N ARG C 637 8.69 88.60 25.73
CA ARG C 637 8.59 90.05 25.59
C ARG C 637 8.28 90.74 26.91
N LEU C 638 7.76 90.01 27.90
CA LEU C 638 7.58 90.52 29.26
C LEU C 638 8.78 90.24 30.17
N ASN C 639 9.91 89.76 29.64
CA ASN C 639 11.18 89.65 30.37
C ASN C 639 11.09 88.66 31.54
N LEU C 640 10.15 87.73 31.51
CA LEU C 640 9.99 86.77 32.60
C LEU C 640 11.15 85.79 32.55
N TYR C 641 12.10 85.98 33.45
CA TYR C 641 13.39 85.30 33.38
C TYR C 641 13.53 84.12 34.33
N GLN C 642 12.66 84.00 35.35
CA GLN C 642 12.65 82.83 36.24
C GLN C 642 11.67 81.76 35.78
N LYS C 643 10.92 81.97 34.70
CA LYS C 643 9.84 81.09 34.34
C LYS C 643 10.34 79.93 33.49
N LYS C 644 10.03 78.71 33.94
CA LYS C 644 10.42 77.47 33.29
C LYS C 644 9.27 76.97 32.43
N MET C 645 9.51 76.87 31.13
CA MET C 645 8.46 76.68 30.14
C MET C 645 8.14 75.21 29.93
N LYS C 646 7.87 74.51 31.03
CA LYS C 646 7.67 73.07 31.05
C LYS C 646 6.21 72.70 31.28
N SER C 647 5.56 73.37 32.24
CA SER C 647 4.13 73.18 32.43
C SER C 647 3.33 73.51 31.18
N ILE C 648 3.80 74.48 30.41
CA ILE C 648 3.08 74.91 29.22
C ILE C 648 3.12 73.83 28.14
N VAL C 649 4.25 73.14 28.00
CA VAL C 649 4.32 72.10 26.99
C VAL C 649 3.57 70.84 27.42
N GLU C 650 3.55 70.54 28.72
CA GLU C 650 2.69 69.47 29.22
C GLU C 650 1.23 69.79 28.97
N ASP C 651 0.83 71.04 29.22
CA ASP C 651 -0.54 71.44 28.92
C ASP C 651 -0.80 71.50 27.41
N PHE C 652 0.25 71.62 26.59
CA PHE C 652 0.10 71.60 25.14
C PHE C 652 -0.05 70.18 24.61
N LEU C 653 0.54 69.19 25.29
CA LEU C 653 0.47 67.80 24.85
C LEU C 653 -0.70 67.03 25.44
N LYS C 654 -1.07 67.33 26.69
CA LYS C 654 -2.25 66.71 27.31
C LYS C 654 -3.54 67.04 26.58
N ARG C 655 -3.64 68.22 25.97
CA ARG C 655 -4.85 68.59 25.27
C ARG C 655 -4.94 67.93 23.90
N LEU C 656 -3.80 67.56 23.30
CA LEU C 656 -3.76 66.64 22.17
C LEU C 656 -3.76 65.22 22.70
N GLN C 657 -4.91 64.56 22.68
CA GLN C 657 -5.13 63.42 23.55
C GLN C 657 -4.67 62.12 22.91
N ILE C 658 -3.43 62.07 22.39
CA ILE C 658 -2.86 60.86 21.78
C ILE C 658 -1.45 60.54 22.29
N PHE C 659 -0.79 61.49 22.95
CA PHE C 659 0.56 61.33 23.45
C PHE C 659 0.46 61.03 24.93
N ASP C 660 1.37 60.19 25.42
CA ASP C 660 1.53 59.93 26.85
C ASP C 660 2.69 60.77 27.36
N ILE C 661 2.38 61.67 28.30
CA ILE C 661 3.36 62.55 28.90
C ILE C 661 4.04 61.91 30.11
N SER C 662 3.45 60.88 30.70
CA SER C 662 4.07 60.18 31.82
C SER C 662 5.41 59.51 31.46
N ARG C 663 5.70 59.30 30.16
CA ARG C 663 6.93 58.67 29.68
C ARG C 663 7.66 59.48 28.61
N VAL C 664 7.37 60.77 28.47
CA VAL C 664 8.09 61.65 27.54
C VAL C 664 9.24 62.33 28.30
N PRO C 665 10.34 62.71 27.65
CA PRO C 665 11.36 63.49 28.36
C PRO C 665 10.96 64.91 28.66
N ASP C 666 11.97 65.66 29.11
CA ASP C 666 11.89 67.06 29.46
C ASP C 666 12.78 67.93 28.58
N ASP C 667 13.65 67.34 27.75
CA ASP C 667 14.44 68.08 26.77
C ASP C 667 13.73 68.29 25.45
N GLN C 668 12.93 67.29 25.04
CA GLN C 668 12.06 67.40 23.90
C GLN C 668 11.10 68.58 24.03
N MET C 669 10.64 68.83 25.26
CA MET C 669 9.73 69.94 25.53
C MET C 669 10.41 71.27 25.24
N TYR C 670 11.68 71.38 25.63
CA TYR C 670 12.44 72.62 25.46
C TYR C 670 12.94 72.78 24.03
N ARG C 671 13.22 71.69 23.32
CA ARG C 671 13.48 71.82 21.88
C ARG C 671 12.25 72.33 21.14
N LEU C 672 11.09 71.76 21.48
CA LEU C 672 9.84 72.21 20.90
C LEU C 672 9.57 73.67 21.23
N ARG C 673 9.89 74.07 22.45
CA ARG C 673 9.81 75.48 22.84
C ARG C 673 10.75 76.37 22.02
N ASP C 674 11.98 75.92 21.82
CA ASP C 674 12.94 76.72 21.05
C ASP C 674 12.49 76.89 19.62
N ARG C 675 11.80 75.89 19.07
CA ARG C 675 11.22 76.02 17.74
C ARG C 675 10.00 76.93 17.75
N LEU C 676 9.17 76.83 18.79
CA LEU C 676 7.93 77.60 18.83
C LEU C 676 8.18 79.11 18.91
N ARG C 677 9.27 79.57 19.54
CA ARG C 677 9.55 81.00 19.58
C ARG C 677 9.73 81.58 18.18
N LEU C 678 10.24 80.76 17.25
CA LEU C 678 10.54 81.23 15.92
C LEU C 678 9.26 81.39 15.10
N LEU C 679 8.22 80.63 15.43
CA LEU C 679 6.95 80.71 14.70
C LEU C 679 6.28 82.06 14.97
N PRO C 680 5.65 82.69 13.99
CA PRO C 680 4.85 83.87 14.30
C PRO C 680 3.57 83.53 15.05
N VAL C 681 2.94 84.59 15.53
CA VAL C 681 1.65 84.55 16.21
C VAL C 681 0.56 84.81 15.18
N GLU C 682 -0.65 84.32 15.47
CA GLU C 682 -1.84 84.66 14.70
C GLU C 682 -2.24 86.12 14.98
N ILE C 683 -3.36 86.55 14.39
CA ILE C 683 -3.71 87.97 14.38
C ILE C 683 -4.44 88.36 15.66
N ARG C 684 -5.34 87.49 16.13
CA ARG C 684 -6.14 87.76 17.33
C ARG C 684 -5.26 87.99 18.54
N ARG C 685 -4.40 87.02 18.81
CA ARG C 685 -3.61 87.01 20.03
C ARG C 685 -2.59 88.14 19.99
N LEU C 686 -2.00 88.36 18.82
CA LEU C 686 -1.04 89.44 18.65
C LEU C 686 -1.68 90.79 18.91
N ASP C 687 -2.89 91.02 18.38
CA ASP C 687 -3.52 92.32 18.56
C ASP C 687 -3.96 92.54 19.99
N ILE C 688 -4.48 91.50 20.66
CA ILE C 688 -4.84 91.62 22.07
C ILE C 688 -3.60 91.92 22.91
N PHE C 689 -2.50 91.21 22.64
CA PHE C 689 -1.27 91.42 23.36
C PHE C 689 -0.75 92.84 23.15
N ASN C 690 -0.83 93.34 21.92
CA ASN C 690 -0.34 94.68 21.67
C ASN C 690 -1.24 95.73 22.31
N LEU C 691 -2.51 95.41 22.52
CA LEU C 691 -3.36 96.31 23.30
C LEU C 691 -3.02 96.27 24.78
N ILE C 692 -2.55 95.12 25.27
CA ILE C 692 -2.14 95.06 26.68
C ILE C 692 -0.83 95.80 26.90
N LEU C 693 0.13 95.69 25.97
CA LEU C 693 1.45 96.27 26.21
C LEU C 693 1.42 97.78 26.28
N MET C 694 0.73 98.45 25.35
CA MET C 694 0.69 99.90 25.37
C MET C 694 -0.27 100.46 26.42
N ASN C 695 -0.96 99.60 27.23
CA ASN C 695 -1.90 100.02 28.25
C ASN C 695 -1.71 99.34 29.59
N MET C 696 -0.84 98.33 29.71
CA MET C 696 -0.63 97.63 30.98
C MET C 696 -0.12 98.59 32.04
N GLU C 697 0.79 99.50 31.65
CA GLU C 697 1.35 100.46 32.58
C GLU C 697 0.25 101.35 33.15
N GLN C 698 -0.70 101.77 32.30
CA GLN C 698 -1.78 102.65 32.73
C GLN C 698 -2.69 101.94 33.72
N ILE C 699 -2.83 100.63 33.58
CA ILE C 699 -3.58 99.83 34.55
C ILE C 699 -2.79 99.74 35.84
N GLU C 700 -1.49 99.54 35.73
CA GLU C 700 -0.61 99.47 36.88
C GLU C 700 -0.51 100.79 37.64
N ARG C 701 -0.83 101.93 37.00
CA ARG C 701 -0.87 103.19 37.74
C ARG C 701 -1.98 103.15 38.77
N ALA C 702 -3.08 102.48 38.46
CA ALA C 702 -4.21 102.30 39.36
C ALA C 702 -3.87 101.21 40.37
N SER C 703 -4.88 100.64 41.04
CA SER C 703 -4.68 99.64 42.09
C SER C 703 -3.92 100.26 43.26
N ASP C 704 -4.63 101.10 44.01
CA ASP C 704 -4.06 101.74 45.19
C ASP C 704 -3.79 100.78 46.36
N LYS C 705 -2.89 99.84 46.15
CA LYS C 705 -2.30 98.88 47.08
C LYS C 705 -0.78 98.85 46.96
N ILE C 706 -0.24 99.00 45.74
CA ILE C 706 1.18 99.08 45.43
C ILE C 706 1.44 100.42 44.75
N ALA C 707 2.67 100.93 44.89
CA ALA C 707 3.12 102.15 44.25
C ALA C 707 4.31 101.90 43.36
N GLN C 708 4.48 102.80 42.39
CA GLN C 708 5.42 102.61 41.31
C GLN C 708 6.82 103.12 41.65
N GLY C 709 7.12 103.34 42.92
CA GLY C 709 8.42 103.78 43.38
C GLY C 709 8.27 104.87 44.42
N VAL C 710 9.34 105.09 45.16
CA VAL C 710 9.40 106.08 46.23
C VAL C 710 10.68 106.89 46.05
N ILE C 711 10.55 108.19 46.10
CA ILE C 711 11.68 109.12 46.00
C ILE C 711 12.13 109.37 47.43
N ILE C 712 13.41 109.66 47.61
CA ILE C 712 14.00 110.09 48.86
C ILE C 712 14.86 111.28 48.49
N ALA C 713 14.62 112.41 49.14
CA ALA C 713 15.28 113.65 48.79
C ALA C 713 15.31 114.52 50.04
N TYR C 714 16.46 114.62 50.67
CA TYR C 714 16.62 115.23 51.99
C TYR C 714 16.50 116.76 51.90
N ARG C 715 15.30 117.21 51.58
CA ARG C 715 14.95 118.60 51.34
C ARG C 715 13.49 118.71 51.70
N ASP C 716 13.09 119.88 52.20
CA ASP C 716 11.79 120.06 52.82
C ASP C 716 10.81 120.41 51.69
N MET C 717 10.57 119.42 50.82
CA MET C 717 9.73 119.64 49.65
C MET C 717 8.29 119.89 50.04
N GLN C 718 7.47 120.19 49.03
CA GLN C 718 6.10 120.61 49.17
C GLN C 718 5.15 119.49 48.77
N LEU C 719 3.97 119.50 49.36
CA LEU C 719 2.89 118.59 49.01
C LEU C 719 1.99 119.18 47.93
N GLU C 720 1.48 118.30 47.08
CA GLU C 720 0.72 118.68 45.91
C GLU C 720 -0.76 118.83 46.24
N ARG C 721 -1.43 119.73 45.53
CA ARG C 721 -2.87 119.99 45.70
C ARG C 721 -3.64 119.11 44.73
N ASP C 722 -3.77 117.84 45.09
CA ASP C 722 -4.67 116.92 44.41
C ASP C 722 -6.04 116.94 45.09
N GLU C 723 -7.07 116.68 44.30
CA GLU C 723 -8.45 116.92 44.71
C GLU C 723 -9.25 115.67 45.07
N MET C 724 -8.83 114.48 44.64
CA MET C 724 -9.43 113.26 45.17
C MET C 724 -8.87 112.96 46.56
N TYR C 725 -7.59 113.22 46.75
CA TYR C 725 -6.98 113.40 48.05
C TYR C 725 -7.10 114.89 48.38
N GLY C 726 -6.36 115.37 49.37
CA GLY C 726 -6.11 116.78 49.56
C GLY C 726 -4.66 117.12 49.32
N TYR C 727 -3.88 117.22 50.38
CA TYR C 727 -2.43 117.30 50.26
C TYR C 727 -1.84 115.90 50.30
N VAL C 728 -0.95 115.60 49.36
CA VAL C 728 -0.29 114.31 49.26
C VAL C 728 1.18 114.50 48.92
N ASN C 729 1.99 113.55 49.37
CA ASN C 729 3.43 113.53 49.07
C ASN C 729 3.74 112.75 47.80
N ILE C 730 3.02 113.06 46.74
CA ILE C 730 2.99 112.27 45.51
C ILE C 730 3.83 112.96 44.46
N ALA C 731 4.48 112.14 43.63
CA ALA C 731 5.20 112.57 42.45
C ALA C 731 4.70 111.75 41.29
N ARG C 732 4.72 112.35 40.09
CA ARG C 732 4.14 111.75 38.89
C ARG C 732 4.98 111.93 37.63
N ASN C 733 6.26 112.33 37.75
CA ASN C 733 7.20 112.46 36.63
C ASN C 733 8.51 111.72 36.84
N LEU C 734 9.09 111.75 38.06
CA LEU C 734 10.40 111.17 38.35
C LEU C 734 11.48 111.73 37.40
N ASP C 735 11.76 113.02 37.59
CA ASP C 735 12.78 113.73 36.85
C ASP C 735 13.71 114.41 37.83
N GLY C 736 14.99 114.48 37.43
CA GLY C 736 16.04 114.94 38.32
C GLY C 736 16.75 113.79 39.01
N PHE C 737 16.27 113.47 40.20
CA PHE C 737 16.85 112.45 41.06
C PHE C 737 16.92 111.09 40.38
N GLN C 738 18.09 110.45 40.49
CA GLN C 738 18.33 109.19 39.81
C GLN C 738 17.58 108.08 40.54
N GLN C 739 17.71 106.87 40.02
CA GLN C 739 16.79 105.79 40.33
C GLN C 739 17.54 104.47 40.43
N ILE C 740 17.03 103.61 41.30
CA ILE C 740 17.56 102.28 41.53
C ILE C 740 16.39 101.35 41.36
N ASN C 741 16.52 100.39 40.45
CA ASN C 741 15.52 99.36 40.30
C ASN C 741 15.71 98.35 41.42
N LEU C 742 14.64 97.63 41.76
CA LEU C 742 14.66 96.68 42.87
C LEU C 742 14.74 95.25 42.42
N GLU C 743 14.20 94.93 41.24
CA GLU C 743 14.35 93.58 40.72
C GLU C 743 15.80 93.31 40.41
N GLU C 744 16.52 94.35 39.95
CA GLU C 744 17.97 94.24 39.72
C GLU C 744 18.70 93.92 41.01
N LEU C 745 18.23 94.45 42.13
CA LEU C 745 18.89 94.24 43.41
C LEU C 745 18.52 92.88 43.99
N MET C 746 17.31 92.39 43.69
CA MET C 746 16.88 91.08 44.12
C MET C 746 17.38 89.96 43.22
N ARG C 747 17.88 90.29 42.01
CA ARG C 747 18.57 89.30 41.19
C ARG C 747 20.00 89.15 41.66
N THR C 748 20.77 90.24 41.57
CA THR C 748 22.17 90.31 41.97
C THR C 748 22.27 91.16 43.24
N GLY C 749 22.43 90.50 44.38
CA GLY C 749 22.47 91.22 45.63
C GLY C 749 23.71 92.07 45.79
N ASP C 750 23.59 93.38 45.58
CA ASP C 750 24.67 94.35 45.82
C ASP C 750 24.04 95.48 46.62
N TYR C 751 23.98 95.30 47.93
CA TYR C 751 23.39 96.31 48.81
C TYR C 751 24.40 97.37 49.25
N ALA C 752 25.61 97.36 48.68
CA ALA C 752 26.61 98.37 49.01
C ALA C 752 26.18 99.76 48.57
N GLN C 753 25.61 99.86 47.38
CA GLN C 753 25.19 101.13 46.80
C GLN C 753 24.10 101.78 47.64
N ILE C 754 22.99 101.06 47.87
CA ILE C 754 21.88 101.63 48.64
C ILE C 754 22.30 101.98 50.06
N THR C 755 23.18 101.19 50.66
CA THR C 755 23.63 101.49 52.00
C THR C 755 24.49 102.73 52.02
N ASN C 756 25.40 102.83 51.04
CA ASN C 756 26.27 104.00 50.92
C ASN C 756 25.45 105.26 50.68
N MET C 757 24.37 105.16 49.91
CA MET C 757 23.56 106.34 49.61
C MET C 757 22.68 106.73 50.78
N LEU C 758 22.20 105.77 51.56
CA LEU C 758 21.36 106.10 52.71
C LEU C 758 22.16 106.63 53.89
N LEU C 759 23.30 106.00 54.18
CA LEU C 759 24.09 106.44 55.32
C LEU C 759 24.65 107.83 55.10
N ASN C 760 25.14 108.12 53.92
CA ASN C 760 25.62 109.45 53.58
C ASN C 760 24.51 110.40 53.17
N ASN C 761 23.23 109.97 53.22
CA ASN C 761 22.06 110.83 53.01
C ASN C 761 22.09 111.49 51.64
N GLN C 762 22.27 110.66 50.62
CA GLN C 762 22.28 111.12 49.24
C GLN C 762 20.88 111.01 48.64
N PRO C 763 20.35 112.00 47.90
CA PRO C 763 19.06 111.81 47.23
C PRO C 763 19.08 110.65 46.24
N VAL C 764 17.94 109.98 46.12
CA VAL C 764 17.84 108.75 45.35
C VAL C 764 16.36 108.50 45.11
N ALA C 765 16.06 107.68 44.11
CA ALA C 765 14.73 107.15 43.89
C ALA C 765 14.81 105.63 43.83
N LEU C 766 13.72 104.99 44.22
CA LEU C 766 13.60 103.54 44.25
C LEU C 766 12.40 103.14 43.42
N VAL C 767 12.60 102.28 42.43
CA VAL C 767 11.63 102.02 41.38
C VAL C 767 11.25 100.55 41.43
N GLY C 768 9.96 100.29 41.64
CA GLY C 768 9.45 98.94 41.68
C GLY C 768 8.16 98.90 42.47
N ALA C 769 7.31 97.93 42.18
CA ALA C 769 6.04 97.81 42.89
C ALA C 769 6.28 97.54 44.37
N LEU C 770 5.79 98.44 45.22
CA LEU C 770 5.96 98.42 46.66
C LEU C 770 4.63 98.75 47.32
N PRO C 771 4.25 98.10 48.45
CA PRO C 771 3.03 98.56 49.13
C PRO C 771 3.14 99.93 49.75
N PHE C 772 2.11 100.34 50.47
CA PHE C 772 2.10 101.63 51.13
C PHE C 772 0.86 101.70 51.98
N ILE C 773 0.96 102.49 53.05
CA ILE C 773 -0.16 102.84 53.92
C ILE C 773 -0.51 104.31 53.73
N THR C 774 -1.81 104.60 53.81
CA THR C 774 -2.31 105.97 53.89
C THR C 774 -2.36 106.39 55.34
N ASP C 775 -1.42 107.24 55.74
CA ASP C 775 -1.47 107.93 57.03
C ASP C 775 -2.15 109.27 56.85
N SER C 776 -3.02 109.59 57.81
CA SER C 776 -3.89 110.76 57.80
C SER C 776 -3.79 111.49 59.12
N SER C 777 -2.54 111.75 59.54
CA SER C 777 -2.24 112.46 60.77
C SER C 777 -1.17 113.49 60.50
N VAL C 778 -1.42 114.70 60.97
CA VAL C 778 -0.49 115.81 60.82
C VAL C 778 0.71 115.63 61.74
N ILE C 779 0.54 114.88 62.84
CA ILE C 779 1.64 114.65 63.76
C ILE C 779 2.68 113.77 63.11
N SER C 780 2.27 112.88 62.23
CA SER C 780 3.25 112.12 61.47
C SER C 780 3.96 112.98 60.45
N LEU C 781 3.32 114.06 59.99
CA LEU C 781 3.98 114.93 59.03
C LEU C 781 5.04 115.79 59.70
N VAL C 782 4.66 116.47 60.78
CA VAL C 782 5.60 117.38 61.44
C VAL C 782 6.81 116.64 61.99
N ALA C 783 6.62 115.40 62.42
CA ALA C 783 7.68 114.63 63.05
C ALA C 783 8.54 113.84 62.08
N LYS C 784 8.26 113.89 60.77
CA LYS C 784 9.09 113.27 59.74
C LYS C 784 9.27 111.76 59.97
N LEU C 785 8.14 111.03 59.89
CA LEU C 785 8.12 109.59 60.09
C LEU C 785 8.32 108.78 58.82
N ASP C 786 8.07 109.37 57.66
CA ASP C 786 8.28 108.66 56.41
C ASP C 786 9.76 108.49 56.07
N ALA C 787 10.68 109.12 56.81
CA ALA C 787 12.11 108.90 56.69
C ALA C 787 12.65 107.91 57.72
N THR C 788 11.79 107.27 58.53
CA THR C 788 12.18 106.26 59.50
C THR C 788 12.00 104.84 58.97
N VAL C 789 11.62 104.65 57.71
CA VAL C 789 11.25 103.34 57.19
C VAL C 789 12.41 102.60 56.55
N PHE C 790 13.52 103.29 56.24
CA PHE C 790 14.59 102.75 55.42
C PHE C 790 15.79 102.29 56.23
N ALA C 791 15.85 102.60 57.53
CA ALA C 791 16.99 102.16 58.32
C ALA C 791 16.99 100.65 58.55
N GLN C 792 15.85 99.99 58.37
CA GLN C 792 15.79 98.54 58.51
C GLN C 792 16.47 97.83 57.34
N ILE C 793 16.63 98.51 56.20
CA ILE C 793 17.27 97.91 55.03
C ILE C 793 18.74 97.63 55.31
N VAL C 794 19.40 98.50 56.07
CA VAL C 794 20.83 98.35 56.32
C VAL C 794 21.06 97.33 57.42
N LYS C 795 20.15 97.26 58.40
CA LYS C 795 20.24 96.26 59.44
C LYS C 795 20.12 94.88 58.81
N LEU C 796 18.94 94.56 58.26
CA LEU C 796 18.71 93.36 57.48
C LEU C 796 18.44 93.75 56.05
N ARG C 797 19.01 92.99 55.10
CA ARG C 797 19.13 93.41 53.71
C ARG C 797 18.03 92.81 52.85
N LYS C 798 16.81 92.80 53.39
CA LYS C 798 15.60 92.41 52.69
C LYS C 798 14.81 93.67 52.39
N VAL C 799 14.13 93.66 51.24
CA VAL C 799 13.11 94.66 50.93
C VAL C 799 11.76 93.97 50.76
N ASP C 800 11.14 93.70 51.88
CA ASP C 800 9.75 93.26 52.00
C ASP C 800 9.02 94.03 53.09
N THR C 801 9.69 94.30 54.21
CA THR C 801 9.20 95.21 55.24
C THR C 801 9.57 96.63 54.80
N LEU C 802 8.85 97.08 53.77
CA LEU C 802 9.09 98.37 53.13
C LEU C 802 7.72 98.94 52.79
N LYS C 803 7.23 99.82 53.64
CA LYS C 803 5.86 100.32 53.57
C LYS C 803 5.93 101.84 53.70
N PRO C 804 6.21 102.55 52.60
CA PRO C 804 6.20 104.01 52.62
C PRO C 804 4.86 104.57 53.05
N ILE C 805 4.90 105.81 53.50
CA ILE C 805 3.72 106.53 53.97
C ILE C 805 3.20 107.35 52.81
N LEU C 806 1.89 107.46 52.69
CA LEU C 806 1.19 108.26 51.70
C LEU C 806 0.38 109.24 52.55
N TYR C 807 0.96 110.42 52.74
CA TYR C 807 0.43 111.46 53.60
C TYR C 807 -0.79 112.10 52.95
N LYS C 808 -1.94 111.42 53.02
CA LYS C 808 -3.20 111.97 52.56
C LYS C 808 -3.77 112.81 53.69
N ILE C 809 -3.88 114.10 53.47
CA ILE C 809 -4.30 115.05 54.49
C ILE C 809 -5.51 115.76 53.95
N ASN C 810 -6.46 116.03 54.82
CA ASN C 810 -7.79 116.45 54.44
C ASN C 810 -8.45 116.98 55.71
N SER C 811 -9.76 117.25 55.63
CA SER C 811 -10.54 117.67 56.79
C SER C 811 -11.11 116.50 57.59
N ASP C 812 -10.51 115.31 57.50
CA ASP C 812 -10.91 114.13 58.23
C ASP C 812 -9.72 113.49 58.93
N SER C 813 -8.72 114.31 59.28
CA SER C 813 -7.40 113.86 59.70
C SER C 813 -7.05 114.20 61.16
N ASN C 814 -8.00 114.68 61.97
CA ASN C 814 -7.95 114.84 63.42
C ASN C 814 -7.12 116.06 63.85
N ASP C 815 -6.38 116.73 62.95
CA ASP C 815 -5.58 117.90 63.27
C ASP C 815 -5.62 118.93 62.14
N PHE C 816 -6.64 118.90 61.28
CA PHE C 816 -6.63 119.80 60.12
C PHE C 816 -6.91 121.25 60.49
N TYR C 817 -7.35 121.52 61.74
CA TYR C 817 -7.60 122.87 62.25
C TYR C 817 -6.36 123.76 62.14
N LEU C 818 -5.17 123.15 62.20
CA LEU C 818 -3.91 123.86 62.08
C LEU C 818 -3.80 124.60 60.76
N VAL C 819 -4.16 123.93 59.65
CA VAL C 819 -3.83 124.41 58.30
C VAL C 819 -4.49 125.75 58.02
N ALA C 820 -5.79 125.86 58.31
CA ALA C 820 -6.47 127.14 58.12
C ALA C 820 -5.89 128.21 59.05
N ASN C 821 -5.48 127.82 60.26
CA ASN C 821 -5.30 128.73 61.38
C ASN C 821 -3.83 128.96 61.76
N TYR C 822 -2.88 128.54 60.92
CA TYR C 822 -1.46 128.86 61.09
C TYR C 822 -0.74 129.25 59.81
N ASP C 823 -1.36 129.09 58.63
CA ASP C 823 -0.79 129.49 57.34
C ASP C 823 0.57 128.84 57.09
N TRP C 824 0.50 127.51 56.95
CA TRP C 824 1.65 126.69 56.63
C TRP C 824 1.28 125.79 55.48
N VAL C 825 2.11 125.80 54.45
CA VAL C 825 1.96 124.86 53.35
C VAL C 825 2.48 123.51 53.83
N PRO C 826 1.72 122.41 53.77
CA PRO C 826 2.29 121.13 54.18
C PRO C 826 3.49 120.74 53.35
N THR C 827 4.61 120.55 54.04
CA THR C 827 5.89 120.21 53.45
C THR C 827 6.38 118.91 54.04
N SER C 828 7.25 118.24 53.29
CA SER C 828 7.64 116.89 53.63
C SER C 828 8.96 116.53 52.97
N THR C 829 9.34 115.28 53.20
CA THR C 829 10.51 114.63 52.67
C THR C 829 10.03 113.27 52.20
N THR C 830 10.76 112.69 51.23
CA THR C 830 10.52 111.32 50.77
C THR C 830 9.14 111.17 50.12
N LYS C 831 9.00 111.83 48.98
CA LYS C 831 7.80 111.72 48.16
C LYS C 831 7.69 110.34 47.52
N VAL C 832 6.46 109.96 47.21
CA VAL C 832 6.12 108.71 46.53
C VAL C 832 5.92 108.99 45.06
N TYR C 833 6.36 108.06 44.20
CA TYR C 833 6.18 108.15 42.76
C TYR C 833 4.95 107.35 42.41
N LYS C 834 3.93 108.03 41.92
CA LYS C 834 2.62 107.42 41.70
C LYS C 834 1.75 108.42 40.95
N GLN C 835 0.94 107.94 40.02
CA GLN C 835 0.02 108.78 39.28
C GLN C 835 -1.24 108.89 40.13
N ILE C 836 -2.33 109.44 39.59
CA ILE C 836 -3.60 109.59 40.29
C ILE C 836 -4.70 108.78 39.62
N PRO C 837 -5.88 108.65 40.21
CA PRO C 837 -6.99 108.05 39.47
C PRO C 837 -7.43 109.00 38.36
N GLN C 838 -8.16 108.43 37.41
CA GLN C 838 -8.78 109.18 36.33
C GLN C 838 -10.23 109.46 36.65
N GLN C 839 -10.63 110.72 36.50
CA GLN C 839 -11.98 111.16 36.76
C GLN C 839 -12.95 110.45 35.83
N PHE C 840 -14.14 110.16 36.36
CA PHE C 840 -15.20 109.55 35.60
C PHE C 840 -15.92 110.66 34.84
N ASP C 841 -15.58 110.82 33.57
CA ASP C 841 -16.32 111.66 32.63
C ASP C 841 -17.39 110.79 32.00
N PHE C 842 -18.64 111.14 32.21
CA PHE C 842 -19.73 110.28 31.74
C PHE C 842 -19.85 110.31 30.22
N ARG C 843 -19.95 111.52 29.65
CA ARG C 843 -20.18 111.65 28.21
C ARG C 843 -19.04 111.07 27.40
N ALA C 844 -17.81 111.28 27.85
CA ALA C 844 -16.65 110.81 27.11
C ALA C 844 -16.40 109.32 27.33
N SER C 845 -16.89 108.76 28.43
CA SER C 845 -16.78 107.33 28.67
C SER C 845 -17.89 106.53 28.00
N MET C 846 -18.79 107.19 27.27
CA MET C 846 -19.92 106.52 26.64
C MET C 846 -19.49 106.19 25.22
N HIS C 847 -20.02 105.09 24.70
CA HIS C 847 -19.61 104.57 23.41
C HIS C 847 -20.82 103.88 22.80
N MET C 848 -20.75 103.71 21.49
CA MET C 848 -21.71 102.96 20.71
C MET C 848 -21.01 101.75 20.12
N LEU C 849 -21.62 100.58 20.29
CA LEU C 849 -21.03 99.29 19.96
C LEU C 849 -21.77 98.74 18.76
N THR C 850 -21.03 98.47 17.69
CA THR C 850 -21.59 97.95 16.45
C THR C 850 -21.59 96.45 16.54
N SER C 851 -22.66 95.84 16.04
CA SER C 851 -22.66 94.39 15.89
C SER C 851 -23.66 93.98 14.83
N ASN C 852 -23.61 92.70 14.49
CA ASN C 852 -24.61 92.14 13.61
C ASN C 852 -25.93 92.00 14.38
N LEU C 853 -26.96 91.51 13.70
CA LEU C 853 -28.28 91.30 14.30
C LEU C 853 -28.78 89.93 13.87
N THR C 854 -28.88 89.02 14.83
CA THR C 854 -29.64 87.77 14.70
C THR C 854 -29.09 86.91 13.55
N PHE C 855 -27.87 86.40 13.76
CA PHE C 855 -27.38 85.26 13.00
C PHE C 855 -27.46 83.99 13.85
N THR C 856 -27.10 82.87 13.22
CA THR C 856 -27.14 81.55 13.84
C THR C 856 -25.92 80.78 13.36
N VAL C 857 -25.43 79.91 14.24
CA VAL C 857 -24.13 79.27 14.09
C VAL C 857 -24.29 77.76 13.99
N TYR C 858 -23.50 77.16 13.11
CA TYR C 858 -23.48 75.72 12.87
C TYR C 858 -22.05 75.22 13.02
N SER C 859 -21.88 74.18 13.83
CA SER C 859 -20.55 73.63 14.12
C SER C 859 -20.15 72.58 13.09
N ASP C 860 -20.91 71.49 13.00
CA ASP C 860 -20.71 70.51 11.96
C ASP C 860 -21.29 71.09 10.68
N LEU C 861 -20.83 70.57 9.54
CA LEU C 861 -21.11 71.17 8.23
C LEU C 861 -21.50 70.16 7.15
N LEU C 862 -21.12 68.90 7.27
CA LEU C 862 -21.46 67.84 6.33
C LEU C 862 -22.71 67.08 6.74
N ALA C 863 -23.56 67.68 7.57
CA ALA C 863 -24.81 67.07 8.03
C ALA C 863 -25.95 67.30 7.08
N PHE C 864 -25.98 68.45 6.42
CA PHE C 864 -27.04 68.73 5.47
C PHE C 864 -26.90 67.89 4.21
N VAL C 865 -25.68 67.44 3.92
CA VAL C 865 -25.45 66.56 2.80
C VAL C 865 -26.03 65.18 3.12
N SER C 866 -26.52 64.52 2.09
CA SER C 866 -26.95 63.13 2.12
C SER C 866 -26.37 62.50 0.87
N ALA C 867 -25.49 61.53 1.06
CA ALA C 867 -24.65 60.98 0.02
C ALA C 867 -25.01 59.52 -0.18
N ASP C 868 -24.73 59.03 -1.39
CA ASP C 868 -24.83 57.61 -1.62
C ASP C 868 -23.95 57.23 -2.80
N THR C 869 -23.46 55.99 -2.78
CA THR C 869 -22.66 55.44 -3.84
C THR C 869 -23.54 54.88 -4.94
N VAL C 870 -22.97 54.82 -6.15
CA VAL C 870 -23.53 54.00 -7.21
C VAL C 870 -23.33 52.54 -6.86
N GLU C 871 -24.00 51.65 -7.60
CA GLU C 871 -23.87 50.22 -7.37
C GLU C 871 -22.41 49.81 -7.62
N PRO C 872 -21.75 49.13 -6.66
CA PRO C 872 -20.28 49.08 -6.73
C PRO C 872 -19.73 48.24 -7.86
N ILE C 873 -20.50 47.30 -8.42
CA ILE C 873 -19.98 46.50 -9.52
C ILE C 873 -19.78 47.35 -10.77
N ASN C 874 -20.67 48.31 -11.01
CA ASN C 874 -20.52 49.33 -12.06
C ASN C 874 -19.95 50.62 -11.48
N ALA C 875 -18.88 50.47 -10.72
CA ALA C 875 -18.10 51.58 -10.19
C ALA C 875 -16.84 51.69 -11.01
N VAL C 876 -16.46 52.92 -11.34
CA VAL C 876 -15.46 53.18 -12.37
C VAL C 876 -14.40 54.09 -11.77
N ALA C 877 -13.16 53.88 -12.19
CA ALA C 877 -11.99 54.59 -11.70
C ALA C 877 -11.77 55.87 -12.52
N PHE C 878 -10.58 56.45 -12.37
CA PHE C 878 -10.24 57.73 -12.99
C PHE C 878 -10.25 57.66 -14.52
N ASP C 879 -9.92 56.51 -15.10
CA ASP C 879 -9.78 56.39 -16.54
C ASP C 879 -11.10 56.12 -17.26
N ASN C 880 -12.25 56.27 -16.58
CA ASN C 880 -13.59 56.03 -17.12
C ASN C 880 -13.74 54.60 -17.68
N MET C 881 -13.00 53.65 -17.08
CA MET C 881 -12.95 52.25 -17.46
C MET C 881 -13.14 51.48 -16.18
N ARG C 882 -14.10 50.56 -16.19
CA ARG C 882 -14.63 49.95 -14.97
C ARG C 882 -13.55 49.16 -14.23
N ILE C 883 -13.73 49.07 -12.90
CA ILE C 883 -12.90 48.22 -12.04
C ILE C 883 -13.70 46.99 -11.66
N MET C 884 -12.98 45.88 -11.56
CA MET C 884 -13.52 44.54 -11.35
C MET C 884 -14.58 44.25 -12.40
N ASN C 885 -14.07 44.14 -13.61
CA ASN C 885 -14.80 43.83 -14.81
C ASN C 885 -14.30 42.55 -15.47
N GLU C 886 -13.10 42.07 -15.09
CA GLU C 886 -12.60 40.82 -15.65
C GLU C 886 -13.52 39.74 -15.11
N LEU C 887 -14.34 39.17 -15.98
CA LEU C 887 -15.31 38.17 -15.56
C LEU C 887 -15.50 37.21 -16.72
N GLU D 61 0.90 22.11 14.86
CA GLU D 61 0.90 21.07 13.84
C GLU D 61 0.25 21.54 12.55
N ILE D 62 -1.05 21.76 12.62
CA ILE D 62 -1.92 22.00 11.47
C ILE D 62 -2.56 23.37 11.62
N LYS D 63 -2.54 24.16 10.54
CA LYS D 63 -3.12 25.50 10.48
C LYS D 63 -4.04 25.60 9.28
N ILE D 64 -4.91 24.60 9.15
CA ILE D 64 -6.01 24.67 8.19
C ILE D 64 -6.92 25.83 8.56
N ALA D 65 -7.61 26.37 7.54
CA ALA D 65 -8.80 27.16 7.79
C ALA D 65 -9.86 26.24 8.38
N ASP D 66 -10.09 26.35 9.68
CA ASP D 66 -10.88 25.37 10.43
C ASP D 66 -12.36 25.35 10.04
N GLU D 67 -12.85 26.36 9.31
CA GLU D 67 -14.18 26.27 8.73
C GLU D 67 -14.27 25.13 7.71
N VAL D 68 -13.16 24.82 7.03
CA VAL D 68 -13.15 23.73 6.05
C VAL D 68 -13.33 22.38 6.73
N LYS D 69 -12.93 22.25 8.00
CA LYS D 69 -13.06 21.00 8.73
C LYS D 69 -14.52 20.57 8.91
N LYS D 70 -15.46 21.53 8.89
CA LYS D 70 -16.88 21.21 8.99
C LYS D 70 -17.35 20.33 7.84
N SER D 71 -16.80 20.52 6.65
CA SER D 71 -17.40 19.97 5.44
C SER D 71 -17.19 18.47 5.34
N ASN D 72 -18.25 17.75 4.98
CA ASN D 72 -18.19 16.38 4.51
C ASN D 72 -18.17 16.29 2.97
N LYS D 73 -17.69 17.34 2.29
CA LYS D 73 -17.25 17.17 0.93
C LYS D 73 -16.08 16.21 0.88
N GLU D 74 -15.89 15.58 -0.28
CA GLU D 74 -14.83 14.59 -0.43
C GLU D 74 -13.47 15.24 -0.34
N GLU D 75 -13.27 16.37 -1.02
CA GLU D 75 -11.98 17.05 -1.06
C GLU D 75 -11.54 17.50 0.32
N SER D 76 -12.48 17.88 1.17
CA SER D 76 -12.12 18.43 2.48
C SER D 76 -11.62 17.33 3.41
N LYS D 77 -12.38 16.23 3.52
CA LYS D 77 -11.93 15.07 4.29
C LYS D 77 -10.63 14.52 3.74
N GLN D 78 -10.50 14.51 2.41
CA GLN D 78 -9.29 14.09 1.75
C GLN D 78 -8.10 14.93 2.18
N LEU D 79 -8.28 16.26 2.17
CA LEU D 79 -7.22 17.17 2.53
C LEU D 79 -6.81 17.01 3.99
N LEU D 80 -7.79 16.89 4.89
CA LEU D 80 -7.52 16.71 6.32
C LEU D 80 -6.71 15.44 6.57
N GLU D 81 -7.16 14.32 6.02
CA GLU D 81 -6.49 13.06 6.28
C GLU D 81 -5.14 13.01 5.57
N VAL D 82 -5.01 13.66 4.42
CA VAL D 82 -3.72 13.73 3.76
C VAL D 82 -2.73 14.55 4.58
N LEU D 83 -3.19 15.66 5.15
CA LEU D 83 -2.30 16.50 5.97
C LEU D 83 -1.86 15.76 7.23
N LYS D 84 -2.78 15.03 7.85
CA LYS D 84 -2.40 14.20 8.99
C LYS D 84 -1.41 13.12 8.56
N THR D 85 -1.55 12.58 7.35
CA THR D 85 -0.61 11.58 6.86
C THR D 85 0.77 12.18 6.64
N LYS D 86 0.85 13.39 6.08
CA LYS D 86 2.14 14.08 5.91
C LYS D 86 2.81 14.32 7.24
N GLU D 87 2.06 14.79 8.24
CA GLU D 87 2.69 15.11 9.51
C GLU D 87 3.13 13.85 10.25
N GLU D 88 2.32 12.79 10.20
CA GLU D 88 2.71 11.55 10.83
C GLU D 88 3.89 10.91 10.12
N HIS D 89 3.98 11.06 8.80
CA HIS D 89 5.14 10.53 8.07
C HIS D 89 6.39 11.35 8.35
N GLN D 90 6.22 12.66 8.58
CA GLN D 90 7.35 13.48 9.01
C GLN D 90 7.84 13.00 10.38
N LYS D 91 6.92 12.65 11.26
CA LYS D 91 7.31 12.08 12.54
C LYS D 91 7.96 10.71 12.37
N GLU D 92 7.55 9.94 11.35
CA GLU D 92 8.18 8.65 11.09
C GLU D 92 9.65 8.83 10.70
N VAL D 93 9.93 9.75 9.79
CA VAL D 93 11.34 9.94 9.39
C VAL D 93 12.15 10.54 10.53
N GLN D 94 11.53 11.39 11.36
CA GLN D 94 12.24 11.93 12.51
C GLN D 94 12.56 10.85 13.53
N TYR D 95 11.63 9.94 13.79
CA TYR D 95 11.93 8.79 14.65
C TYR D 95 12.96 7.88 14.01
N GLU D 96 12.98 7.78 12.69
CA GLU D 96 13.93 6.93 11.99
C GLU D 96 15.35 7.44 12.19
N ILE D 97 15.57 8.73 11.94
CA ILE D 97 16.88 9.32 12.17
C ILE D 97 17.22 9.29 13.66
N LEU D 98 16.35 9.86 14.47
CA LEU D 98 16.72 10.20 15.83
C LEU D 98 16.84 8.99 16.75
N GLN D 99 16.43 7.80 16.29
CA GLN D 99 16.85 6.53 16.88
C GLN D 99 18.00 5.91 16.08
N LYS D 100 18.92 6.73 15.59
CA LYS D 100 20.27 6.31 15.24
C LYS D 100 21.21 6.62 16.40
N THR D 101 22.43 6.11 16.30
CA THR D 101 23.41 6.23 17.37
C THR D 101 23.80 7.70 17.56
N ILE D 102 24.31 8.00 18.75
CA ILE D 102 24.69 9.35 19.18
C ILE D 102 26.05 9.79 18.63
N PRO D 103 27.03 8.87 18.44
CA PRO D 103 28.32 8.99 19.14
C PRO D 103 28.88 10.38 19.36
N THR D 104 29.35 10.61 20.59
CA THR D 104 29.97 11.86 21.00
C THR D 104 31.08 11.51 21.98
N PHE D 105 32.15 12.30 21.95
CA PHE D 105 33.28 12.07 22.82
C PHE D 105 32.89 12.28 24.29
N GLU D 106 33.68 11.65 25.16
CA GLU D 106 33.66 11.88 26.60
C GLU D 106 35.04 12.38 27.01
N PRO D 107 35.40 13.62 26.66
CA PRO D 107 36.78 14.09 26.89
C PRO D 107 37.09 14.23 28.38
N LYS D 108 38.11 13.50 28.80
CA LYS D 108 38.48 13.43 30.21
C LYS D 108 38.91 14.76 30.79
N GLU D 109 38.37 15.08 31.96
CA GLU D 109 38.76 16.26 32.70
C GLU D 109 39.97 16.00 33.58
N SER D 110 40.40 14.73 33.72
CA SER D 110 41.59 14.41 34.50
C SER D 110 42.82 15.06 33.90
N ILE D 111 42.98 14.95 32.58
CA ILE D 111 44.16 15.46 31.90
C ILE D 111 44.16 16.99 31.96
N LEU D 112 42.99 17.58 31.74
CA LEU D 112 42.86 19.03 31.88
C LEU D 112 43.18 19.46 33.29
N LYS D 113 42.79 18.64 34.27
CA LYS D 113 43.10 18.93 35.67
C LYS D 113 44.59 18.79 35.94
N LYS D 114 45.27 17.93 35.19
CA LYS D 114 46.71 17.79 35.35
C LYS D 114 47.43 18.99 34.76
N LEU D 115 46.93 19.49 33.62
CA LEU D 115 47.51 20.69 33.01
C LEU D 115 47.22 21.93 33.84
N GLU D 116 45.93 22.24 34.03
CA GLU D 116 45.51 23.52 34.59
C GLU D 116 45.99 23.75 36.02
N ASP D 117 46.39 22.70 36.74
CA ASP D 117 46.94 22.79 38.09
C ASP D 117 48.45 22.60 38.07
N ILE D 118 49.11 23.15 37.05
CA ILE D 118 50.57 23.28 37.04
C ILE D 118 50.88 24.67 37.58
N LYS D 119 51.45 24.71 38.73
CA LYS D 119 51.74 25.97 39.35
C LYS D 119 53.01 26.47 38.68
N PRO D 120 53.17 27.78 38.48
CA PRO D 120 54.51 28.26 38.10
C PRO D 120 55.48 27.97 39.24
N GLU D 121 56.77 28.03 38.95
CA GLU D 121 57.75 27.69 39.98
C GLU D 121 57.69 28.84 40.96
N GLN D 122 57.58 28.49 42.24
CA GLN D 122 57.46 29.50 43.29
C GLN D 122 58.72 30.35 43.35
N VAL D 123 58.48 31.64 43.56
CA VAL D 123 59.58 32.58 43.63
C VAL D 123 60.31 32.23 44.92
N LYS D 124 61.47 31.61 44.79
CA LYS D 124 62.15 31.15 45.97
C LYS D 124 62.89 32.33 46.55
N LYS D 125 63.27 32.21 47.82
CA LYS D 125 63.83 33.38 48.51
C LYS D 125 64.40 32.88 49.82
N GLN D 126 65.64 33.25 50.10
CA GLN D 126 66.30 32.90 51.33
C GLN D 126 66.05 33.94 52.41
N THR D 127 65.84 33.44 53.62
CA THR D 127 65.56 34.21 54.82
C THR D 127 66.82 34.41 55.65
N LYS D 128 67.80 33.52 55.51
CA LYS D 128 69.11 33.57 56.10
C LYS D 128 70.12 33.49 54.98
N LEU D 129 71.40 33.59 55.33
CA LEU D 129 72.48 33.49 54.37
C LEU D 129 72.99 32.07 54.27
N PHE D 130 73.48 31.74 53.09
CA PHE D 130 74.12 30.46 52.87
C PHE D 130 75.49 30.49 53.50
N ARG D 131 75.74 29.55 54.40
CA ARG D 131 76.99 29.40 55.11
C ARG D 131 77.38 27.94 55.18
N ILE D 132 78.66 27.71 54.91
CA ILE D 132 79.30 26.43 55.14
C ILE D 132 80.26 26.51 56.32
N PHE D 133 80.83 27.68 56.61
CA PHE D 133 81.86 27.88 57.61
C PHE D 133 81.35 28.76 58.73
N GLU D 134 81.93 28.59 59.92
CA GLU D 134 81.66 29.41 61.08
C GLU D 134 82.95 29.56 61.89
N PRO D 135 83.09 30.62 62.69
CA PRO D 135 84.23 30.68 63.61
C PRO D 135 84.04 29.75 64.78
N ARG D 136 85.13 29.51 65.49
CA ARG D 136 85.12 28.66 66.67
C ARG D 136 86.41 28.89 67.47
N GLN D 137 86.26 29.08 68.78
CA GLN D 137 87.40 29.23 69.67
C GLN D 137 88.04 27.87 69.88
N LEU D 138 89.32 27.76 69.54
CA LEU D 138 90.19 26.66 69.85
C LEU D 138 91.32 27.14 70.75
N PRO D 139 91.83 26.32 71.68
CA PRO D 139 93.06 26.70 72.35
C PRO D 139 94.21 26.69 71.35
N VAL D 140 95.30 27.33 71.74
CA VAL D 140 96.52 27.37 70.95
C VAL D 140 97.68 27.07 71.87
N TYR D 141 98.66 26.35 71.34
CA TYR D 141 99.80 25.88 72.11
C TYR D 141 101.02 26.48 71.46
N ARG D 142 101.89 27.07 72.27
CA ARG D 142 103.10 27.66 71.75
C ARG D 142 104.14 26.59 71.48
N ALA D 143 104.92 26.80 70.42
CA ALA D 143 105.99 25.89 70.06
C ALA D 143 106.96 25.76 71.22
N ASN D 144 107.47 24.55 71.41
CA ASN D 144 107.89 23.86 72.65
C ASN D 144 106.73 23.12 73.32
N GLY D 145 105.50 23.22 72.80
CA GLY D 145 104.41 22.35 73.15
C GLY D 145 103.47 22.87 74.22
N GLU D 146 103.92 23.78 75.07
CA GLU D 146 103.08 24.21 76.18
C GLU D 146 101.98 25.13 75.66
N LYS D 147 101.15 25.59 76.59
CA LYS D 147 99.84 26.14 76.28
C LYS D 147 99.85 27.62 76.53
N GLU D 148 99.40 28.38 75.55
CA GLU D 148 99.10 29.78 75.77
C GLU D 148 97.84 29.92 76.59
N LEU D 149 97.85 30.87 77.52
CA LEU D 149 96.62 31.24 78.23
C LEU D 149 95.65 31.97 77.31
N ARG D 150 96.13 32.49 76.19
CA ARG D 150 95.32 33.00 75.11
C ARG D 150 94.77 31.87 74.27
N ASN D 151 93.56 32.06 73.75
CA ASN D 151 92.89 31.16 72.83
C ASN D 151 92.84 31.86 71.48
N ARG D 152 92.19 31.24 70.51
CA ARG D 152 92.12 31.91 69.21
C ARG D 152 91.00 31.30 68.39
N TRP D 153 90.43 32.13 67.52
CA TRP D 153 89.35 31.70 66.67
C TRP D 153 89.92 31.04 65.44
N TYR D 154 89.15 30.11 64.87
CA TYR D 154 89.47 29.50 63.60
C TYR D 154 88.19 29.24 62.85
N TRP D 155 88.32 29.18 61.53
CA TRP D 155 87.22 28.73 60.69
C TRP D 155 87.09 27.23 60.74
N LYS D 156 85.86 26.77 60.92
CA LYS D 156 85.52 25.36 60.90
C LYS D 156 84.22 25.25 60.15
N LEU D 157 83.85 24.03 59.83
CA LEU D 157 82.64 23.74 59.07
C LEU D 157 81.44 23.55 59.98
N LYS D 158 80.37 24.26 59.67
CA LYS D 158 79.05 23.75 60.05
C LYS D 158 78.82 22.39 59.42
N ARG D 159 78.34 21.46 60.24
CA ARG D 159 77.95 20.11 59.81
C ARG D 159 79.13 19.34 59.19
N ASP D 160 80.09 19.01 60.05
CA ASP D 160 81.06 17.99 59.69
C ASP D 160 80.34 16.65 59.55
N THR D 161 80.15 16.19 58.30
CA THR D 161 79.43 14.95 58.01
C THR D 161 80.05 14.16 56.85
N LEU D 162 81.23 14.53 56.37
CA LEU D 162 81.75 13.98 55.12
C LEU D 162 82.15 12.51 55.26
N PRO D 163 81.63 11.58 54.43
CA PRO D 163 81.95 10.17 54.62
C PRO D 163 83.37 9.85 54.17
N ASP D 164 83.76 8.61 54.38
CA ASP D 164 84.99 8.05 53.85
C ASP D 164 84.86 7.74 52.37
N GLY D 165 86.00 7.61 51.71
CA GLY D 165 86.01 7.24 50.30
C GLY D 165 85.69 8.40 49.39
N ASP D 166 86.40 8.47 48.27
CA ASP D 166 86.25 9.63 47.40
C ASP D 166 84.91 9.64 46.70
N TYR D 167 84.41 8.47 46.32
CA TYR D 167 83.13 8.42 45.60
C TYR D 167 81.99 8.92 46.46
N ASP D 168 81.95 8.48 47.73
CA ASP D 168 80.92 8.97 48.64
C ASP D 168 81.10 10.46 48.94
N VAL D 169 82.33 10.97 48.82
CA VAL D 169 82.56 12.40 49.04
C VAL D 169 82.06 13.19 47.85
N ARG D 170 82.30 12.71 46.63
CA ARG D 170 81.73 13.38 45.47
C ARG D 170 80.21 13.28 45.47
N GLU D 171 79.65 12.19 46.01
CA GLU D 171 78.20 12.17 46.23
C GLU D 171 77.76 13.21 47.24
N TYR D 172 78.54 13.40 48.32
CA TYR D 172 78.25 14.45 49.29
C TYR D 172 78.19 15.81 48.59
N PHE D 173 79.15 16.08 47.72
CA PHE D 173 79.18 17.40 47.08
C PHE D 173 78.11 17.52 46.02
N LEU D 174 77.69 16.40 45.41
CA LEU D 174 76.50 16.43 44.57
C LEU D 174 75.27 16.78 45.38
N ASN D 175 75.11 16.13 46.53
CA ASN D 175 73.98 16.43 47.41
C ASN D 175 74.01 17.88 47.84
N LEU D 176 75.21 18.40 48.12
CA LEU D 176 75.35 19.80 48.49
C LEU D 176 74.96 20.72 47.35
N TYR D 177 75.34 20.34 46.13
CA TYR D 177 74.93 21.09 44.94
C TYR D 177 73.42 21.11 44.82
N ASP D 178 72.78 19.98 45.13
CA ASP D 178 71.31 19.93 45.14
C ASP D 178 70.74 20.85 46.20
N GLN D 179 71.36 20.86 47.39
CA GLN D 179 70.93 21.74 48.48
C GLN D 179 71.01 23.19 48.04
N VAL D 180 72.11 23.56 47.41
CA VAL D 180 72.31 24.95 46.99
C VAL D 180 71.29 25.33 45.94
N LEU D 181 71.07 24.47 44.95
CA LEU D 181 70.08 24.77 43.92
C LEU D 181 68.67 24.77 44.48
N THR D 182 68.42 24.02 45.55
CA THR D 182 67.14 24.06 46.24
C THR D 182 67.03 25.28 47.16
N GLU D 183 68.17 25.87 47.52
CA GLU D 183 68.28 27.10 48.27
C GLU D 183 68.57 28.32 47.39
N MET D 184 69.07 28.11 46.14
CA MET D 184 69.39 29.15 45.18
C MET D 184 68.17 30.04 44.93
N PRO D 185 68.12 31.28 45.40
CA PRO D 185 66.87 32.02 45.32
C PRO D 185 66.72 32.61 43.91
N ASP D 186 65.62 33.31 43.73
CA ASP D 186 65.34 34.11 42.56
C ASP D 186 65.64 35.58 42.80
N TYR D 187 65.43 36.04 44.03
CA TYR D 187 65.70 37.42 44.41
C TYR D 187 65.83 37.42 45.92
N LEU D 188 66.19 38.59 46.45
CA LEU D 188 66.21 38.75 47.89
C LEU D 188 66.29 40.23 48.22
N LEU D 189 65.73 40.57 49.37
CA LEU D 189 65.85 41.87 50.00
C LEU D 189 66.52 41.67 51.35
N LEU D 190 67.62 42.38 51.57
CA LEU D 190 68.44 42.13 52.75
C LEU D 190 67.75 42.54 54.04
N LYS D 191 66.90 43.57 54.01
CA LYS D 191 66.24 43.98 55.25
C LYS D 191 65.30 42.92 55.81
N ASP D 192 64.85 41.97 54.98
CA ASP D 192 64.04 40.85 55.45
C ASP D 192 64.85 39.88 56.31
N MET D 193 66.19 39.92 56.21
CA MET D 193 67.10 39.11 57.02
C MET D 193 67.98 39.92 57.97
N ALA D 194 68.03 41.25 57.82
CA ALA D 194 68.91 42.09 58.61
C ALA D 194 68.52 42.07 60.08
N VAL D 195 69.49 42.40 60.92
CA VAL D 195 69.31 42.45 62.36
C VAL D 195 70.20 43.55 62.92
N GLU D 196 70.03 43.86 64.20
CA GLU D 196 70.74 44.96 64.83
C GLU D 196 72.10 44.47 65.31
N ASN D 197 73.09 45.36 65.23
CA ASN D 197 74.36 45.20 65.95
C ASN D 197 74.29 46.03 67.22
N LYS D 198 74.30 45.37 68.38
CA LYS D 198 74.22 46.12 69.63
C LYS D 198 75.48 46.92 69.91
N ASN D 199 76.64 46.40 69.49
CA ASN D 199 77.94 46.96 69.83
C ASN D 199 78.44 47.96 68.78
N SER D 200 77.55 48.54 68.01
CA SER D 200 77.88 49.38 66.86
C SER D 200 77.83 50.83 67.28
N ARG D 201 78.82 51.61 66.81
CA ARG D 201 78.93 53.02 67.19
C ARG D 201 77.66 53.78 66.84
N ASP D 202 77.04 53.47 65.70
CA ASP D 202 75.85 54.15 65.22
C ASP D 202 74.56 53.34 65.38
N ALA D 203 74.60 52.23 66.12
CA ALA D 203 73.43 51.38 66.34
C ALA D 203 72.82 50.89 65.03
N GLY D 204 73.69 50.61 64.06
CA GLY D 204 73.24 50.19 62.75
C GLY D 204 73.09 48.69 62.73
N LYS D 205 72.87 48.16 61.53
CA LYS D 205 72.42 46.79 61.33
C LYS D 205 73.47 46.00 60.57
N VAL D 206 73.31 44.68 60.65
CA VAL D 206 74.08 43.71 59.89
C VAL D 206 73.11 42.77 59.17
N VAL D 207 73.66 41.80 58.47
CA VAL D 207 72.93 41.04 57.45
C VAL D 207 72.08 39.92 58.06
N ASP D 208 72.60 39.20 59.04
CA ASP D 208 72.04 37.92 59.48
C ASP D 208 72.22 37.77 60.98
N SER D 209 71.33 36.97 61.59
CA SER D 209 71.32 36.78 63.05
C SER D 209 72.63 36.20 63.55
N GLU D 210 73.22 35.27 62.80
CA GLU D 210 74.44 34.61 63.26
C GLU D 210 75.65 35.53 63.11
N THR D 211 75.63 36.44 62.15
CA THR D 211 76.68 37.43 62.03
C THR D 211 76.72 38.29 63.30
N ALA D 212 75.55 38.77 63.74
CA ALA D 212 75.48 39.55 64.97
C ALA D 212 75.84 38.70 66.19
N ALA D 213 75.53 37.40 66.16
CA ALA D 213 75.92 36.51 67.24
C ALA D 213 77.44 36.42 67.34
N ILE D 214 78.09 36.24 66.19
CA ILE D 214 79.55 36.23 66.10
C ILE D 214 80.10 37.54 66.65
N CYS D 215 79.51 38.66 66.23
CA CYS D 215 79.98 39.99 66.65
C CYS D 215 79.87 40.13 68.16
N ASP D 216 78.79 39.64 68.74
CA ASP D 216 78.58 39.81 70.18
C ASP D 216 79.43 38.82 70.96
N ALA D 217 79.77 37.68 70.36
CA ALA D 217 80.74 36.78 70.97
C ALA D 217 82.13 37.39 70.99
N ILE D 218 82.51 38.05 69.91
CA ILE D 218 83.87 38.54 69.76
C ILE D 218 84.06 39.84 70.52
N PHE D 219 83.01 40.63 70.69
CA PHE D 219 83.11 41.86 71.46
C PHE D 219 83.38 41.55 72.93
N GLN D 220 82.63 40.62 73.50
CA GLN D 220 82.67 40.33 74.93
C GLN D 220 83.92 39.59 75.40
N ASP D 221 84.77 39.09 74.50
CA ASP D 221 85.87 38.26 74.94
C ASP D 221 86.99 39.13 75.52
N GLU D 222 87.99 38.45 76.09
CA GLU D 222 89.10 39.09 76.78
C GLU D 222 90.34 39.19 75.92
N GLU D 223 90.64 38.14 75.13
CA GLU D 223 91.88 38.11 74.36
C GLU D 223 91.82 38.93 73.09
N THR D 224 90.64 39.29 72.62
CA THR D 224 90.53 39.99 71.35
C THR D 224 91.09 41.39 71.50
N GLU D 225 91.75 41.89 70.46
CA GLU D 225 92.32 43.22 70.50
C GLU D 225 91.24 44.28 70.60
N GLY D 226 91.69 45.51 70.84
CA GLY D 226 90.81 46.66 70.79
C GLY D 226 90.49 47.15 69.40
N VAL D 227 91.32 46.81 68.42
CA VAL D 227 91.12 47.32 67.07
C VAL D 227 89.93 46.61 66.42
N VAL D 228 89.77 45.32 66.70
CA VAL D 228 88.60 44.61 66.21
C VAL D 228 87.34 45.14 66.87
N ARG D 229 87.43 45.58 68.13
CA ARG D 229 86.26 46.17 68.77
C ARG D 229 85.91 47.52 68.13
N ARG D 230 86.93 48.34 67.83
CA ARG D 230 86.73 49.54 67.02
C ARG D 230 86.06 49.23 65.70
N PHE D 231 86.52 48.15 65.05
CA PHE D 231 85.99 47.70 63.77
C PHE D 231 84.50 47.39 63.93
N ILE D 232 84.16 46.66 64.99
CA ILE D 232 82.77 46.31 65.29
C ILE D 232 81.98 47.59 65.55
N ALA D 233 82.62 48.62 66.11
CA ALA D 233 81.94 49.88 66.31
C ALA D 233 81.71 50.60 64.99
N GLU D 234 82.60 50.40 64.01
CA GLU D 234 82.64 51.15 62.76
C GLU D 234 82.17 50.30 61.58
N MET D 235 81.13 49.48 61.82
CA MET D 235 80.46 48.71 60.79
C MET D 235 78.98 49.02 60.90
N ARG D 236 78.44 49.59 59.83
CA ARG D 236 77.05 50.03 59.77
C ARG D 236 76.56 49.95 58.33
N GLN D 237 75.26 50.14 58.17
CA GLN D 237 74.66 50.16 56.85
C GLN D 237 75.00 51.47 56.13
N ARG D 238 74.80 51.47 54.82
CA ARG D 238 74.81 52.69 54.01
C ARG D 238 73.66 52.59 53.02
N VAL D 239 72.85 53.64 52.93
CA VAL D 239 71.76 53.75 51.98
C VAL D 239 72.05 54.77 50.90
N GLN D 240 71.41 54.57 49.75
CA GLN D 240 71.34 55.59 48.71
C GLN D 240 70.01 55.32 48.03
N ALA D 241 69.02 56.13 48.38
CA ALA D 241 67.64 55.94 47.97
C ALA D 241 67.32 56.44 46.58
N ASP D 242 68.19 57.26 45.99
CA ASP D 242 68.07 57.59 44.57
C ASP D 242 68.06 56.32 43.73
N ARG D 243 68.96 55.40 44.05
CA ARG D 243 69.05 54.10 43.40
C ARG D 243 68.32 52.98 44.12
N ASN D 244 67.75 53.24 45.31
CA ASN D 244 67.14 52.20 46.16
C ASN D 244 68.14 51.12 46.53
N VAL D 245 69.41 51.48 46.70
CA VAL D 245 70.49 50.53 46.94
C VAL D 245 70.90 50.68 48.39
N VAL D 246 71.24 49.54 49.01
CA VAL D 246 71.74 49.48 50.37
C VAL D 246 72.94 48.57 50.43
N ASN D 247 73.94 48.99 51.19
CA ASN D 247 75.11 48.21 51.52
C ASN D 247 74.98 47.86 52.99
N TYR D 248 74.97 46.52 53.32
CA TYR D 248 74.92 46.02 54.69
C TYR D 248 76.22 45.31 55.05
N PRO D 249 76.75 45.43 56.27
CA PRO D 249 77.91 44.61 56.62
C PRO D 249 77.56 43.15 56.79
N SER D 250 78.60 42.33 56.76
CA SER D 250 78.48 40.89 56.86
C SER D 250 79.82 40.32 57.22
N ILE D 251 79.82 39.14 57.84
CA ILE D 251 81.04 38.41 58.16
C ILE D 251 80.80 36.97 57.73
N LEU D 252 81.70 36.46 56.89
CA LEU D 252 81.55 35.13 56.33
C LEU D 252 82.82 34.81 55.55
N HIS D 253 83.03 33.51 55.33
CA HIS D 253 84.23 33.05 54.67
C HIS D 253 84.25 33.50 53.20
N PRO D 254 85.44 33.58 52.55
CA PRO D 254 85.46 33.98 51.14
C PRO D 254 84.73 33.06 50.18
N ILE D 255 84.74 31.74 50.40
CA ILE D 255 83.95 30.84 49.58
C ILE D 255 82.47 31.16 49.75
N ASP D 256 82.05 31.33 51.01
CA ASP D 256 80.68 31.74 51.29
C ASP D 256 80.39 33.09 50.66
N HIS D 257 81.39 33.99 50.65
CA HIS D 257 81.23 35.28 49.99
C HIS D 257 80.99 35.10 48.51
N ALA D 258 81.74 34.20 47.87
CA ALA D 258 81.56 33.88 46.45
C ALA D 258 80.12 33.47 46.17
N PHE D 259 79.60 32.54 46.97
CA PHE D 259 78.25 32.04 46.72
C PHE D 259 77.20 33.13 46.93
N ASN D 260 77.24 33.80 48.10
CA ASN D 260 76.29 34.86 48.40
C ASN D 260 76.36 35.98 47.36
N GLU D 261 77.58 36.37 46.97
CA GLU D 261 77.75 37.46 46.02
C GLU D 261 77.21 37.07 44.66
N TYR D 262 77.41 35.81 44.26
CA TYR D 262 76.83 35.35 43.02
C TYR D 262 75.31 35.46 43.07
N PHE D 263 74.71 35.03 44.20
CA PHE D 263 73.26 35.15 44.34
C PHE D 263 72.81 36.60 44.27
N LEU D 264 73.56 37.51 44.91
CA LEU D 264 73.20 38.92 44.88
C LEU D 264 73.23 39.48 43.46
N GLN D 265 74.32 39.24 42.73
CA GLN D 265 74.48 39.88 41.43
C GLN D 265 73.65 39.20 40.36
N HIS D 266 73.53 37.87 40.41
CA HIS D 266 72.92 37.08 39.35
C HIS D 266 71.51 36.66 39.71
N GLN D 267 70.75 37.56 40.35
CA GLN D 267 69.36 37.32 40.68
C GLN D 267 68.50 37.87 39.56
N LEU D 268 67.37 37.22 39.35
CA LEU D 268 66.57 37.36 38.12
C LEU D 268 65.29 38.12 38.43
N VAL D 269 65.38 39.45 38.36
CA VAL D 269 64.25 40.35 38.50
C VAL D 269 64.52 41.50 37.57
N GLU D 270 63.57 41.77 36.70
CA GLU D 270 63.64 42.76 35.65
C GLU D 270 62.75 43.97 35.96
N PRO D 271 63.16 45.20 35.64
CA PRO D 271 62.30 46.36 35.95
C PRO D 271 60.98 46.31 35.19
N LEU D 272 59.90 46.58 35.91
CA LEU D 272 58.54 46.57 35.39
C LEU D 272 58.02 47.98 35.18
N ASN D 273 57.12 48.10 34.21
CA ASN D 273 56.46 49.34 33.86
C ASN D 273 55.13 48.97 33.20
N ASN D 274 54.48 49.95 32.57
CA ASN D 274 53.23 49.69 31.87
C ASN D 274 53.42 49.09 30.48
N ASP D 275 54.56 49.35 29.84
CA ASP D 275 54.74 48.98 28.44
C ASP D 275 55.13 47.53 28.29
N ILE D 276 55.93 47.02 29.23
CA ILE D 276 56.22 45.60 29.38
C ILE D 276 54.97 44.74 29.47
N ILE D 277 53.87 45.28 30.03
CA ILE D 277 52.64 44.52 30.18
C ILE D 277 52.07 44.16 28.81
N PHE D 278 52.06 45.15 27.91
CA PHE D 278 51.54 44.93 26.57
C PHE D 278 52.55 44.22 25.69
N ASN D 279 53.85 44.45 25.90
CA ASN D 279 54.87 43.67 25.20
C ASN D 279 54.89 42.19 25.56
N TYR D 280 54.21 41.78 26.63
CA TYR D 280 53.98 40.38 26.98
C TYR D 280 52.83 39.76 26.20
N ILE D 281 51.93 40.57 25.65
CA ILE D 281 50.92 40.08 24.72
C ILE D 281 51.60 39.81 23.37
N PRO D 282 51.13 38.84 22.57
CA PRO D 282 51.71 38.63 21.24
C PRO D 282 51.47 39.81 20.31
N GLU D 283 52.19 39.79 19.19
CA GLU D 283 52.01 40.80 18.15
C GLU D 283 50.58 40.76 17.61
N ARG D 284 50.03 39.56 17.45
CA ARG D 284 48.79 39.41 16.69
C ARG D 284 47.62 40.03 17.44
N ILE D 285 47.51 39.71 18.73
CA ILE D 285 46.41 40.21 19.55
C ILE D 285 46.51 41.72 19.72
N ARG D 286 47.73 42.23 19.88
CA ARG D 286 47.95 43.67 19.90
C ARG D 286 47.49 44.32 18.60
N ASN D 287 47.92 43.77 17.47
CA ASN D 287 47.53 44.27 16.17
C ASN D 287 46.14 43.82 15.72
N ASP D 288 45.32 43.22 16.59
CA ASP D 288 43.96 42.81 16.24
C ASP D 288 42.98 43.88 16.72
N VAL D 289 42.28 44.47 15.75
CA VAL D 289 41.34 45.55 16.02
C VAL D 289 40.11 45.06 16.77
N ASN D 290 39.81 43.76 16.70
CA ASN D 290 38.59 43.20 17.30
C ASN D 290 38.65 43.10 18.82
N TYR D 291 39.75 43.48 19.47
CA TYR D 291 39.92 43.45 20.90
C TYR D 291 40.26 44.86 21.35
N ILE D 292 39.89 45.16 22.58
CA ILE D 292 40.22 46.41 23.23
C ILE D 292 40.76 46.03 24.60
N LEU D 293 41.76 46.77 25.04
CA LEU D 293 42.57 46.44 26.21
C LEU D 293 42.81 47.72 26.98
N ASN D 294 42.46 47.70 28.27
CA ASN D 294 42.72 48.82 29.14
C ASN D 294 43.17 48.27 30.48
N MET D 295 43.64 49.19 31.32
CA MET D 295 43.97 48.90 32.70
C MET D 295 43.55 50.07 33.56
N ASP D 296 43.85 49.96 34.84
CA ASP D 296 43.48 50.95 35.84
C ASP D 296 44.62 51.16 36.82
N ARG D 297 45.87 50.95 36.38
CA ARG D 297 47.03 51.03 37.26
C ARG D 297 48.25 51.51 36.49
N ASN D 298 48.96 52.46 37.09
CA ASN D 298 50.25 52.96 36.61
C ASN D 298 51.26 52.39 37.58
N LEU D 299 51.83 51.25 37.21
CA LEU D 299 52.74 50.60 38.13
C LEU D 299 54.00 51.46 38.25
N PRO D 300 54.63 51.52 39.42
CA PRO D 300 55.76 52.43 39.57
C PRO D 300 56.98 51.91 38.87
N SER D 301 58.07 52.66 38.98
CA SER D 301 59.39 52.20 38.59
C SER D 301 60.08 51.39 39.70
N THR D 302 59.34 50.96 40.74
CA THR D 302 59.84 50.30 41.93
C THR D 302 59.15 48.95 42.04
N ALA D 303 59.04 48.28 40.89
CA ALA D 303 58.29 47.05 40.74
C ALA D 303 59.06 46.14 39.80
N ARG D 304 58.84 44.85 39.97
CA ARG D 304 59.63 43.82 39.31
C ARG D 304 58.72 42.69 38.87
N TYR D 305 59.30 41.84 38.03
CA TYR D 305 58.65 40.66 37.49
C TYR D 305 59.77 39.73 37.08
N ILE D 306 59.45 38.46 37.05
CA ILE D 306 60.35 37.41 36.61
C ILE D 306 59.93 37.00 35.22
N ARG D 307 60.93 36.84 34.34
CA ARG D 307 60.69 36.52 32.95
C ARG D 307 60.82 35.01 32.86
N PRO D 308 59.83 34.24 32.40
CA PRO D 308 60.01 32.80 32.36
C PRO D 308 61.02 32.43 31.28
N ASN D 309 61.58 31.22 31.42
CA ASN D 309 62.45 30.65 30.40
C ASN D 309 61.56 29.92 29.40
N LEU D 310 61.13 30.68 28.39
CA LEU D 310 60.35 30.21 27.25
C LEU D 310 61.24 29.87 26.07
N LEU D 311 62.27 29.08 26.32
CA LEU D 311 63.22 28.66 25.30
C LEU D 311 62.71 27.41 24.62
N GLN D 312 63.06 27.26 23.35
CA GLN D 312 62.40 26.33 22.47
C GLN D 312 62.84 24.90 22.80
N ASP D 313 62.31 23.94 22.06
CA ASP D 313 62.60 22.54 22.31
C ASP D 313 64.06 22.26 21.99
N ARG D 314 64.88 22.10 23.03
CA ARG D 314 66.26 21.65 22.83
C ARG D 314 66.34 20.19 22.41
N LEU D 315 65.34 19.39 22.76
CA LEU D 315 65.41 17.93 22.65
C LEU D 315 64.91 17.35 21.35
N ASN D 316 64.02 18.05 20.65
CA ASN D 316 63.44 17.58 19.40
C ASN D 316 62.68 16.28 19.67
N LEU D 317 61.69 16.40 20.57
CA LEU D 317 60.83 15.28 20.96
C LEU D 317 59.87 14.83 19.85
N HIS D 318 59.78 15.54 18.73
CA HIS D 318 59.04 15.10 17.56
C HIS D 318 59.90 14.22 16.64
N ASP D 319 60.94 13.57 17.17
CA ASP D 319 61.90 12.78 16.40
C ASP D 319 62.28 11.60 17.29
N ASN D 320 61.54 10.51 17.17
CA ASN D 320 61.84 9.22 17.81
C ASN D 320 61.53 9.24 19.32
N PHE D 321 60.56 10.04 19.74
CA PHE D 321 60.00 9.99 21.08
C PHE D 321 58.48 9.99 20.94
N GLU D 322 58.03 9.07 20.07
CA GLU D 322 56.67 9.09 19.55
C GLU D 322 55.60 8.93 20.62
N SER D 323 55.90 8.20 21.70
CA SER D 323 54.88 7.98 22.72
C SER D 323 54.65 9.23 23.56
N LEU D 324 55.74 9.84 24.02
CA LEU D 324 55.65 11.08 24.77
C LEU D 324 55.07 12.19 23.93
N TRP D 325 55.42 12.21 22.64
CA TRP D 325 54.90 13.26 21.78
C TRP D 325 53.42 13.02 21.53
N ASP D 326 53.00 11.75 21.45
CA ASP D 326 51.58 11.43 21.34
C ASP D 326 50.83 11.88 22.59
N THR D 327 51.46 11.73 23.76
CA THR D 327 50.84 12.15 25.01
C THR D 327 50.72 13.66 25.08
N ILE D 328 51.79 14.37 24.71
CA ILE D 328 51.80 15.83 24.64
C ILE D 328 50.71 16.30 23.70
N THR D 329 50.65 15.70 22.52
CA THR D 329 49.68 16.07 21.50
C THR D 329 48.25 15.88 22.00
N THR D 330 47.99 14.77 22.71
CA THR D 330 46.67 14.53 23.29
C THR D 330 46.34 15.59 24.33
N SER D 331 47.32 15.90 25.19
CA SER D 331 47.14 16.90 26.23
C SER D 331 46.81 18.27 25.67
N ASN D 332 47.55 18.70 24.64
CA ASN D 332 47.27 20.00 24.05
C ASN D 332 45.96 20.01 23.30
N TYR D 333 45.58 18.88 22.69
CA TYR D 333 44.29 18.78 22.03
C TYR D 333 43.15 18.99 23.01
N ILE D 334 43.16 18.23 24.10
CA ILE D 334 42.07 18.28 25.06
C ILE D 334 42.09 19.59 25.83
N LEU D 335 43.25 20.26 25.92
CA LEU D 335 43.27 21.62 26.43
C LEU D 335 42.53 22.55 25.49
N ALA D 336 42.88 22.50 24.20
CA ALA D 336 42.29 23.38 23.21
C ALA D 336 40.80 23.18 23.04
N ARG D 337 40.28 21.99 23.39
CA ARG D 337 38.84 21.79 23.36
C ARG D 337 38.13 22.73 24.32
N SER D 338 38.71 22.92 25.52
CA SER D 338 38.03 23.69 26.56
C SER D 338 37.84 25.16 26.22
N VAL D 339 38.69 25.73 25.35
CA VAL D 339 38.74 27.17 25.13
C VAL D 339 38.22 27.60 23.77
N VAL D 340 37.90 26.68 22.88
CA VAL D 340 37.16 27.05 21.66
C VAL D 340 35.76 27.52 22.06
N PRO D 341 35.20 28.59 21.47
CA PRO D 341 33.84 28.99 21.84
C PRO D 341 32.81 27.96 21.43
N ASP D 342 31.67 28.02 22.11
CA ASP D 342 30.50 27.27 21.71
C ASP D 342 29.73 28.12 20.73
N LEU D 343 29.15 27.49 19.73
CA LEU D 343 28.52 28.23 18.66
C LEU D 343 27.24 28.87 19.17
N LYS D 344 27.08 30.16 18.85
CA LYS D 344 25.89 30.92 19.20
C LYS D 344 24.76 30.59 18.23
N GLU D 345 23.72 31.45 18.12
CA GLU D 345 22.44 31.18 17.46
C GLU D 345 22.49 30.48 16.12
N LEU D 346 22.00 29.25 16.11
CA LEU D 346 21.82 28.40 14.95
C LEU D 346 20.35 28.36 14.60
N VAL D 347 20.07 27.80 13.42
CA VAL D 347 18.74 27.30 13.16
C VAL D 347 18.47 26.10 14.04
N SER D 348 17.21 25.94 14.44
CA SER D 348 16.84 24.73 15.15
C SER D 348 16.95 23.54 14.20
N THR D 349 17.06 22.34 14.79
CA THR D 349 17.25 21.16 13.95
C THR D 349 16.01 20.84 13.15
N GLU D 350 14.83 20.88 13.78
CA GLU D 350 13.63 20.36 13.13
C GLU D 350 13.19 21.26 11.96
N ALA D 351 13.39 22.57 12.10
CA ALA D 351 13.07 23.50 11.03
C ALA D 351 13.92 23.22 9.81
N GLN D 352 15.17 22.83 10.02
CA GLN D 352 16.04 22.42 8.93
C GLN D 352 15.71 21.01 8.44
N ILE D 353 15.20 20.15 9.32
CA ILE D 353 14.86 18.79 8.89
C ILE D 353 13.71 18.82 7.91
N GLN D 354 12.73 19.72 8.14
CA GLN D 354 11.65 19.85 7.15
C GLN D 354 12.17 20.34 5.81
N LYS D 355 13.11 21.29 5.81
CA LYS D 355 13.65 21.77 4.54
C LYS D 355 14.46 20.69 3.83
N MET D 356 15.28 19.96 4.57
CA MET D 356 16.10 18.91 3.96
C MET D 356 15.20 17.79 3.44
N SER D 357 14.12 17.49 4.16
CA SER D 357 13.17 16.52 3.67
C SER D 357 12.43 17.02 2.44
N GLN D 358 12.18 18.32 2.35
CA GLN D 358 11.48 18.87 1.20
C GLN D 358 12.33 18.81 -0.06
N ASP D 359 13.60 19.21 0.05
CA ASP D 359 14.49 19.09 -1.11
C ASP D 359 14.79 17.64 -1.48
N LEU D 360 14.62 16.69 -0.56
CA LEU D 360 15.01 15.30 -0.71
C LEU D 360 13.78 14.41 -0.61
N GLN D 361 12.74 14.76 -1.40
CA GLN D 361 11.35 14.33 -1.25
C GLN D 361 11.14 12.85 -0.96
N LEU D 362 10.65 12.54 0.24
CA LEU D 362 10.80 11.21 0.83
C LEU D 362 9.53 10.40 0.66
N GLU D 363 9.58 9.44 -0.24
CA GLU D 363 8.53 8.43 -0.35
C GLU D 363 8.66 7.48 0.82
N ALA D 364 7.55 7.22 1.51
CA ALA D 364 7.58 6.32 2.66
C ALA D 364 7.92 4.91 2.24
N LEU D 365 7.33 4.44 1.14
CA LEU D 365 7.56 3.07 0.71
C LEU D 365 8.95 2.93 0.10
N THR D 366 9.22 3.66 -0.98
CA THR D 366 10.44 3.47 -1.75
C THR D 366 11.65 3.93 -0.96
N ILE D 367 12.67 3.09 -0.92
CA ILE D 367 13.93 3.42 -0.22
C ILE D 367 14.82 4.09 -1.27
N GLN D 368 14.60 5.39 -1.43
CA GLN D 368 15.64 6.25 -1.95
C GLN D 368 16.58 6.57 -0.80
N SER D 369 17.87 6.57 -1.07
CA SER D 369 18.88 6.55 -0.02
C SER D 369 19.08 7.89 0.69
N GLU D 370 18.31 8.93 0.37
CA GLU D 370 18.49 10.26 0.92
C GLU D 370 18.14 10.35 2.40
N THR D 371 17.47 9.35 2.97
CA THR D 371 17.40 9.18 4.42
C THR D 371 18.77 9.26 5.06
N GLN D 372 19.77 8.62 4.43
CA GLN D 372 21.13 8.67 4.93
C GLN D 372 21.70 10.08 4.93
N PHE D 373 21.21 10.97 4.05
CA PHE D 373 21.69 12.35 4.09
C PHE D 373 21.25 13.06 5.36
N LEU D 374 20.11 12.65 5.96
CA LEU D 374 19.61 13.27 7.19
C LEU D 374 20.19 12.66 8.45
N THR D 375 21.23 11.83 8.35
CA THR D 375 21.76 11.11 9.49
C THR D 375 22.81 11.94 10.24
N GLY D 376 22.66 12.01 11.56
CA GLY D 376 23.60 12.76 12.39
C GLY D 376 23.58 14.27 12.27
N ILE D 377 22.42 14.88 12.04
CA ILE D 377 22.31 16.31 11.79
C ILE D 377 22.14 17.13 13.08
N ASN D 378 22.07 16.50 14.26
CA ASN D 378 21.75 17.16 15.53
C ASN D 378 22.72 18.28 15.88
N SER D 379 22.33 19.10 16.86
CA SER D 379 23.24 19.99 17.53
C SER D 379 24.06 19.24 18.57
N GLN D 380 25.21 19.85 18.90
CA GLN D 380 26.26 19.38 19.83
C GLN D 380 27.13 18.26 19.27
N ALA D 381 26.81 17.72 18.10
CA ALA D 381 27.79 17.11 17.23
C ALA D 381 28.53 18.14 16.38
N ALA D 382 27.83 19.21 15.99
CA ALA D 382 28.47 20.26 15.20
C ALA D 382 29.49 21.04 16.02
N ASN D 383 29.16 21.31 17.29
CA ASN D 383 30.12 21.94 18.18
C ASN D 383 31.31 21.02 18.41
N ASP D 384 31.07 19.70 18.46
CA ASP D 384 32.13 18.73 18.65
C ASP D 384 33.13 18.79 17.50
N CYS D 385 32.62 18.83 16.26
CA CYS D 385 33.49 18.95 15.09
C CYS D 385 34.26 20.26 15.10
N PHE D 386 33.56 21.37 15.36
CA PHE D 386 34.19 22.68 15.32
C PHE D 386 35.31 22.80 16.36
N LYS D 387 35.12 22.17 17.52
CA LYS D 387 36.18 22.15 18.51
C LYS D 387 37.28 21.20 18.09
N THR D 388 36.92 20.04 17.52
CA THR D 388 37.88 19.01 17.17
C THR D 388 38.90 19.51 16.15
N LEU D 389 38.43 20.16 15.09
CA LEU D 389 39.31 20.60 14.01
C LEU D 389 40.36 21.59 14.49
N ILE D 390 39.91 22.67 15.15
CA ILE D 390 40.84 23.70 15.61
C ILE D 390 41.77 23.13 16.67
N ALA D 391 41.23 22.35 17.62
CA ALA D 391 42.04 21.79 18.69
C ALA D 391 43.10 20.86 18.15
N ALA D 392 42.77 20.12 17.09
CA ALA D 392 43.77 19.24 16.48
C ALA D 392 44.82 20.03 15.73
N MET D 393 44.41 20.99 14.89
CA MET D 393 45.38 21.75 14.13
C MET D 393 46.27 22.64 15.00
N LEU D 394 45.82 23.00 16.20
CA LEU D 394 46.66 23.69 17.17
C LEU D 394 47.58 22.70 17.85
N SER D 395 46.98 21.67 18.45
CA SER D 395 47.75 20.60 19.10
C SER D 395 48.59 19.79 18.10
N GLN D 396 48.32 19.87 16.79
CA GLN D 396 48.96 19.06 15.76
C GLN D 396 48.77 17.58 16.02
N ARG D 397 47.50 17.18 15.96
CA ARG D 397 47.05 15.83 16.23
C ARG D 397 46.27 15.32 15.03
N THR D 398 46.71 14.19 14.49
CA THR D 398 46.08 13.64 13.30
C THR D 398 44.69 13.13 13.66
N MET D 399 43.94 12.72 12.64
CA MET D 399 42.55 12.32 12.88
C MET D 399 42.02 11.50 11.72
N SER D 400 41.57 10.29 12.06
CA SER D 400 40.98 9.40 11.08
C SER D 400 39.54 9.81 10.84
N LEU D 401 38.94 9.23 9.80
CA LEU D 401 37.57 9.48 9.40
C LEU D 401 36.78 8.19 9.59
N ASP D 402 35.47 8.32 9.60
CA ASP D 402 34.58 7.17 9.58
C ASP D 402 33.30 7.58 8.85
N PHE D 403 32.85 6.71 7.97
CA PHE D 403 31.64 6.99 7.21
C PHE D 403 31.12 5.73 6.55
N VAL D 404 29.81 5.53 6.64
CA VAL D 404 29.15 4.57 5.77
C VAL D 404 29.16 5.20 4.39
N THR D 405 29.86 4.59 3.45
CA THR D 405 30.06 5.19 2.14
C THR D 405 28.85 5.14 1.22
N THR D 406 27.70 4.66 1.69
CA THR D 406 26.45 4.81 0.94
C THR D 406 25.87 6.21 1.16
N ASN D 407 26.16 6.83 2.31
CA ASN D 407 25.77 8.21 2.57
C ASN D 407 26.69 9.12 1.76
N TYR D 408 26.18 9.59 0.64
CA TYR D 408 26.94 10.40 -0.29
C TYR D 408 27.14 11.83 0.20
N MET D 409 26.29 12.32 1.10
CA MET D 409 26.44 13.67 1.62
C MET D 409 27.70 13.77 2.48
N SER D 410 28.05 12.69 3.18
CA SER D 410 29.31 12.64 3.93
C SER D 410 30.49 12.90 3.00
N LEU D 411 30.48 12.31 1.81
CA LEU D 411 31.56 12.53 0.86
C LEU D 411 31.51 13.95 0.33
N ILE D 412 30.32 14.42 -0.02
CA ILE D 412 30.12 15.75 -0.58
C ILE D 412 30.55 16.85 0.39
N SER D 413 30.48 16.58 1.70
CA SER D 413 30.98 17.50 2.71
C SER D 413 32.46 17.30 3.00
N GLY D 414 32.94 16.07 2.84
CA GLY D 414 34.36 15.82 2.91
C GLY D 414 35.16 16.52 1.83
N MET D 415 34.52 16.82 0.69
CA MET D 415 35.15 17.68 -0.31
C MET D 415 35.51 19.04 0.28
N TRP D 416 34.55 19.67 0.94
CA TRP D 416 34.78 20.96 1.59
C TRP D 416 35.85 20.84 2.67
N LEU D 417 35.74 19.81 3.51
CA LEU D 417 36.74 19.52 4.53
C LEU D 417 38.15 19.45 3.94
N LEU D 418 38.34 18.59 2.94
CA LEU D 418 39.66 18.39 2.34
C LEU D 418 40.17 19.64 1.64
N THR D 419 39.27 20.52 1.20
CA THR D 419 39.72 21.82 0.74
C THR D 419 40.28 22.61 1.91
N VAL D 420 39.44 22.89 2.90
CA VAL D 420 39.80 23.90 3.88
C VAL D 420 40.81 23.38 4.91
N VAL D 421 40.92 22.07 5.06
CA VAL D 421 41.88 21.42 5.94
C VAL D 421 42.86 20.65 5.05
N PRO D 422 44.19 20.82 5.20
CA PRO D 422 45.12 20.05 4.34
C PRO D 422 44.99 18.55 4.52
N ASN D 423 45.70 17.84 3.65
CA ASN D 423 45.58 16.39 3.52
C ASN D 423 46.61 15.66 4.37
N ASP D 424 47.81 16.20 4.49
CA ASP D 424 48.83 15.59 5.37
C ASP D 424 48.48 15.71 6.85
N MET D 425 47.52 16.58 7.20
CA MET D 425 46.93 16.60 8.52
C MET D 425 46.12 15.35 8.87
N PHE D 426 45.74 14.55 7.88
CA PHE D 426 44.97 13.33 8.07
C PHE D 426 45.85 12.10 7.91
N ILE D 427 45.45 11.05 8.64
CA ILE D 427 46.09 9.76 8.50
C ILE D 427 45.68 9.16 7.17
N ARG D 428 46.62 8.43 6.55
CA ARG D 428 46.57 8.17 5.11
C ARG D 428 45.38 7.34 4.68
N GLU D 429 45.14 6.19 5.35
CA GLU D 429 44.15 5.23 4.88
C GLU D 429 42.73 5.81 4.88
N SER D 430 42.46 6.76 5.77
CA SER D 430 41.13 7.30 5.90
C SER D 430 40.78 8.22 4.74
N LEU D 431 41.62 9.23 4.48
CA LEU D 431 41.35 10.06 3.31
C LEU D 431 41.53 9.31 2.01
N VAL D 432 42.33 8.25 1.99
CA VAL D 432 42.44 7.44 0.79
C VAL D 432 41.10 6.78 0.50
N ALA D 433 40.48 6.19 1.52
CA ALA D 433 39.15 5.63 1.38
C ALA D 433 38.15 6.71 0.95
N CYS D 434 38.24 7.90 1.56
CA CYS D 434 37.27 8.95 1.26
C CYS D 434 37.41 9.47 -0.17
N GLN D 435 38.63 9.81 -0.58
CA GLN D 435 38.91 10.22 -1.95
C GLN D 435 38.52 9.15 -2.95
N LEU D 436 38.85 7.89 -2.65
CA LEU D 436 38.51 6.78 -3.53
C LEU D 436 37.01 6.68 -3.72
N ALA D 437 36.26 6.86 -2.63
CA ALA D 437 34.81 6.86 -2.70
C ALA D 437 34.31 7.98 -3.60
N ILE D 438 34.82 9.20 -3.37
CA ILE D 438 34.43 10.40 -4.12
C ILE D 438 34.67 10.20 -5.62
N ILE D 439 35.84 9.68 -5.97
CA ILE D 439 36.16 9.45 -7.37
C ILE D 439 35.25 8.37 -7.95
N ASN D 440 35.06 7.28 -7.21
CA ASN D 440 34.33 6.16 -7.77
C ASN D 440 32.85 6.46 -7.97
N THR D 441 32.24 7.35 -7.17
CA THR D 441 30.79 7.53 -7.22
C THR D 441 30.31 8.98 -7.32
N ILE D 442 31.18 9.96 -7.69
CA ILE D 442 30.71 11.31 -8.04
C ILE D 442 31.32 11.85 -9.34
N ILE D 443 32.53 11.41 -9.71
CA ILE D 443 33.35 12.16 -10.67
C ILE D 443 33.56 11.36 -11.95
N TYR D 444 34.14 10.18 -11.83
CA TYR D 444 34.30 9.32 -13.00
C TYR D 444 32.97 8.87 -13.61
N PRO D 445 31.89 8.62 -12.84
CA PRO D 445 30.59 8.47 -13.52
C PRO D 445 30.03 9.75 -14.16
N ALA D 446 30.66 10.92 -13.97
CA ALA D 446 30.28 12.16 -14.64
C ALA D 446 31.10 12.45 -15.88
N PHE D 447 31.97 11.51 -16.31
CA PHE D 447 32.67 11.61 -17.60
C PHE D 447 32.75 10.27 -18.32
N GLY D 448 31.99 9.25 -17.89
CA GLY D 448 31.98 7.97 -18.53
C GLY D 448 33.16 7.07 -18.25
N MET D 449 34.18 7.53 -17.53
CA MET D 449 35.37 6.75 -17.25
C MET D 449 35.02 5.51 -16.44
N GLN D 450 36.01 4.61 -16.33
CA GLN D 450 35.89 3.44 -15.46
C GLN D 450 35.70 3.88 -14.01
N ARG D 451 35.38 2.91 -13.15
CA ARG D 451 35.19 3.19 -11.73
C ARG D 451 36.47 3.73 -11.09
N MET D 452 37.49 2.88 -10.97
CA MET D 452 38.91 3.21 -10.77
C MET D 452 39.65 1.89 -10.61
N HIS D 453 40.95 1.95 -10.86
CA HIS D 453 41.91 0.89 -10.59
C HIS D 453 42.88 1.51 -9.60
N TYR D 454 42.72 1.15 -8.32
CA TYR D 454 43.48 1.73 -7.23
C TYR D 454 43.96 0.59 -6.34
N ARG D 455 45.09 0.82 -5.69
CA ARG D 455 45.86 -0.19 -5.00
C ARG D 455 45.94 0.17 -3.53
N ASN D 456 46.11 -0.86 -2.68
CA ASN D 456 46.10 -0.65 -1.24
C ASN D 456 47.34 0.08 -0.71
N GLY D 457 48.35 0.37 -1.56
CA GLY D 457 49.56 1.04 -1.15
C GLY D 457 50.15 1.97 -2.19
N ASP D 458 49.34 2.43 -3.15
CA ASP D 458 49.81 3.37 -4.16
C ASP D 458 50.30 4.66 -3.49
N PRO D 459 51.54 5.14 -3.75
CA PRO D 459 51.97 6.38 -3.10
C PRO D 459 51.16 7.60 -3.48
N GLN D 460 50.53 7.59 -4.65
CA GLN D 460 49.66 8.68 -5.05
C GLN D 460 48.30 8.49 -4.43
N THR D 461 47.71 9.55 -4.07
CA THR D 461 46.33 9.65 -3.63
C THR D 461 45.43 9.81 -4.84
N PRO D 462 44.16 9.33 -4.80
CA PRO D 462 43.33 9.32 -6.02
C PRO D 462 43.12 10.66 -6.70
N PHE D 463 43.22 11.75 -5.94
CA PHE D 463 43.09 13.06 -6.54
C PHE D 463 44.31 13.42 -7.37
N GLN D 464 45.49 12.91 -7.00
CA GLN D 464 46.68 13.15 -7.81
C GLN D 464 46.57 12.49 -9.17
N ILE D 465 46.29 11.18 -9.20
CA ILE D 465 46.22 10.46 -10.46
C ILE D 465 44.99 10.90 -11.26
N ALA D 466 43.95 11.35 -10.59
CA ALA D 466 42.76 11.87 -11.27
C ALA D 466 42.97 13.27 -11.82
N GLU D 467 43.92 14.03 -11.29
CA GLU D 467 44.22 15.35 -11.82
C GLU D 467 44.73 15.33 -13.26
N GLN D 468 45.27 14.19 -13.74
CA GLN D 468 45.87 14.06 -15.06
C GLN D 468 45.17 13.04 -15.95
N GLN D 469 43.89 12.74 -15.70
CA GLN D 469 43.04 11.94 -16.58
C GLN D 469 41.81 12.67 -17.08
N ILE D 470 41.10 13.38 -16.19
CA ILE D 470 39.89 14.09 -16.58
C ILE D 470 40.24 15.29 -17.44
N GLN D 471 39.21 15.91 -18.04
CA GLN D 471 39.36 17.10 -18.88
C GLN D 471 38.28 18.10 -18.52
N ASN D 472 38.57 18.94 -17.52
CA ASN D 472 37.65 19.95 -17.03
C ASN D 472 38.47 20.91 -16.20
N PHE D 473 38.45 22.20 -16.57
CA PHE D 473 39.36 23.16 -15.97
C PHE D 473 39.02 23.42 -14.52
N GLN D 474 37.73 23.41 -14.18
CA GLN D 474 37.30 23.73 -12.83
C GLN D 474 37.74 22.62 -11.88
N VAL D 475 37.34 21.39 -12.19
CA VAL D 475 37.70 20.24 -11.36
C VAL D 475 39.20 20.06 -11.33
N ALA D 476 39.88 20.33 -12.45
CA ALA D 476 41.32 20.13 -12.49
C ALA D 476 42.03 21.11 -11.58
N ASN D 477 41.65 22.39 -11.65
CA ASN D 477 42.23 23.39 -10.77
C ASN D 477 41.89 23.10 -9.32
N TRP D 478 40.68 22.57 -9.09
CA TRP D 478 40.26 22.17 -7.75
C TRP D 478 41.16 21.08 -7.20
N LEU D 479 41.36 20.00 -7.96
CA LEU D 479 42.19 18.89 -7.51
C LEU D 479 43.63 19.35 -7.31
N HIS D 480 44.09 20.26 -8.18
CA HIS D 480 45.42 20.82 -8.03
C HIS D 480 45.56 21.56 -6.72
N PHE D 481 44.56 22.37 -6.36
CA PHE D 481 44.61 23.06 -5.08
C PHE D 481 44.55 22.09 -3.91
N VAL D 482 43.68 21.09 -4.01
CA VAL D 482 43.47 20.13 -2.92
C VAL D 482 44.76 19.36 -2.65
N ASN D 483 45.34 18.80 -3.72
CA ASN D 483 46.54 17.99 -3.62
C ASN D 483 47.68 18.81 -3.06
N ASN D 484 47.85 20.01 -3.60
CA ASN D 484 48.97 20.90 -3.27
C ASN D 484 48.60 21.85 -2.12
N ASN D 485 47.57 21.51 -1.33
CA ASN D 485 47.29 22.24 -0.11
C ASN D 485 48.19 21.64 0.94
N GLN D 486 48.79 22.51 1.74
CA GLN D 486 49.61 22.07 2.86
C GLN D 486 49.93 23.26 3.72
N PHE D 487 50.19 22.98 4.99
CA PHE D 487 50.60 24.01 5.91
C PHE D 487 51.92 24.63 5.45
N ARG D 488 51.95 25.95 5.43
CA ARG D 488 53.17 26.69 5.20
C ARG D 488 53.89 26.86 6.53
N GLN D 489 55.10 26.33 6.61
CA GLN D 489 55.94 26.53 7.78
C GLN D 489 56.42 27.96 7.80
N VAL D 490 56.48 28.55 9.00
CA VAL D 490 57.09 29.87 9.13
C VAL D 490 57.44 30.11 10.58
N VAL D 491 58.60 30.71 10.81
CA VAL D 491 59.08 31.01 12.15
C VAL D 491 58.69 32.45 12.44
N ILE D 492 57.65 32.62 13.26
CA ILE D 492 57.12 33.93 13.64
C ILE D 492 57.47 34.10 15.11
N ASP D 493 58.05 35.24 15.45
CA ASP D 493 58.34 35.64 16.83
C ASP D 493 59.26 34.65 17.56
N GLY D 494 60.03 33.85 16.82
CA GLY D 494 60.91 32.85 17.37
C GLY D 494 60.39 31.43 17.21
N VAL D 495 59.06 31.25 17.20
CA VAL D 495 58.43 29.93 17.23
C VAL D 495 57.98 29.55 15.82
N LEU D 496 58.18 28.28 15.47
CA LEU D 496 57.60 27.76 14.24
C LEU D 496 56.08 27.86 14.32
N ASN D 497 55.44 27.92 13.17
CA ASN D 497 54.00 27.96 13.07
C ASN D 497 53.61 27.32 11.75
N GLN D 498 52.43 26.71 11.76
CA GLN D 498 51.83 26.09 10.59
C GLN D 498 50.72 27.02 10.15
N VAL D 499 51.00 27.82 9.12
CA VAL D 499 50.15 28.93 8.69
C VAL D 499 49.48 28.50 7.41
N LEU D 500 48.24 28.93 7.22
CA LEU D 500 47.47 28.56 6.03
C LEU D 500 47.84 29.51 4.90
N ASN D 501 47.11 29.44 3.79
CA ASN D 501 47.63 29.88 2.50
C ASN D 501 47.47 31.38 2.22
N ASP D 502 46.57 32.08 2.93
CA ASP D 502 46.10 33.45 2.67
C ASP D 502 45.16 33.51 1.46
N ASN D 503 44.79 32.35 0.89
CA ASN D 503 43.68 32.15 -0.02
C ASN D 503 42.62 31.27 0.61
N ILE D 504 42.98 30.51 1.65
CA ILE D 504 42.02 29.84 2.51
C ILE D 504 41.48 30.80 3.55
N ARG D 505 42.33 31.66 4.10
CA ARG D 505 41.97 32.54 5.20
C ARG D 505 40.86 33.50 4.80
N ASN D 506 41.04 34.22 3.69
CA ASN D 506 39.93 34.82 2.98
C ASN D 506 39.30 33.73 2.13
N GLY D 507 38.05 33.41 2.43
CA GLY D 507 37.38 32.32 1.75
C GLY D 507 37.12 32.60 0.29
N HIS D 508 37.96 32.01 -0.54
CA HIS D 508 37.78 31.97 -1.98
C HIS D 508 37.99 30.59 -2.58
N VAL D 509 38.62 29.65 -1.88
CA VAL D 509 38.68 28.25 -2.27
C VAL D 509 37.28 27.66 -2.47
N VAL D 510 36.32 28.12 -1.67
CA VAL D 510 34.95 27.63 -1.77
C VAL D 510 34.34 28.00 -3.11
N ASN D 511 34.79 29.10 -3.72
CA ASN D 511 34.31 29.44 -5.05
C ASN D 511 34.78 28.43 -6.08
N GLN D 512 36.05 28.00 -6.03
CA GLN D 512 36.50 26.93 -6.93
C GLN D 512 35.73 25.64 -6.71
N LEU D 513 35.51 25.27 -5.44
CA LEU D 513 34.75 24.06 -5.13
C LEU D 513 33.33 24.12 -5.70
N MET D 514 32.61 25.21 -5.43
CA MET D 514 31.23 25.29 -5.91
C MET D 514 31.15 25.44 -7.41
N GLU D 515 32.15 26.06 -8.05
CA GLU D 515 32.21 26.09 -9.50
C GLU D 515 32.33 24.68 -10.07
N ALA D 516 33.26 23.90 -9.51
CA ALA D 516 33.41 22.49 -9.91
C ALA D 516 32.13 21.72 -9.68
N LEU D 517 31.44 21.96 -8.57
CA LEU D 517 30.23 21.21 -8.27
C LEU D 517 29.09 21.61 -9.20
N MET D 518 29.01 22.89 -9.57
CA MET D 518 28.00 23.29 -10.54
C MET D 518 28.29 22.67 -11.91
N GLN D 519 29.57 22.55 -12.27
CA GLN D 519 29.92 21.80 -13.48
C GLN D 519 29.45 20.35 -13.37
N LEU D 520 29.71 19.72 -12.22
CA LEU D 520 29.27 18.33 -11.99
C LEU D 520 27.76 18.20 -12.05
N SER D 521 27.03 19.18 -11.52
CA SER D 521 25.58 19.26 -11.74
C SER D 521 25.31 19.21 -13.24
N ARG D 522 26.02 20.04 -14.01
CA ARG D 522 25.70 20.16 -15.43
C ARG D 522 26.09 18.90 -16.19
N GLN D 523 27.14 18.19 -15.75
CA GLN D 523 27.54 16.99 -16.48
C GLN D 523 26.50 15.90 -16.30
N GLN D 524 26.23 15.20 -17.38
CA GLN D 524 25.44 14.00 -17.38
C GLN D 524 26.17 12.81 -16.77
N PHE D 525 25.37 11.81 -16.36
CA PHE D 525 25.82 10.53 -15.82
C PHE D 525 25.32 9.47 -16.79
N PRO D 526 26.00 9.26 -17.94
CA PRO D 526 25.41 8.38 -18.96
C PRO D 526 25.38 6.94 -18.51
N THR D 527 26.47 6.51 -17.90
CA THR D 527 26.65 5.14 -17.48
C THR D 527 25.61 4.68 -16.45
N MET D 528 25.13 5.59 -15.60
CA MET D 528 24.26 5.28 -14.47
C MET D 528 22.84 5.82 -14.63
N PRO D 529 21.84 5.31 -13.85
CA PRO D 529 20.46 5.74 -14.09
C PRO D 529 20.13 7.15 -13.65
N VAL D 530 18.84 7.47 -13.78
CA VAL D 530 18.38 8.82 -13.50
C VAL D 530 18.23 9.04 -12.00
N ASP D 531 17.80 8.01 -11.25
CA ASP D 531 17.62 8.17 -9.81
C ASP D 531 18.94 8.43 -9.10
N TYR D 532 20.02 7.80 -9.58
CA TYR D 532 21.34 8.04 -9.01
C TYR D 532 21.79 9.47 -9.19
N LYS D 533 21.74 9.96 -10.42
CA LYS D 533 22.07 11.35 -10.74
C LYS D 533 21.18 12.30 -9.95
N ARG D 534 19.90 11.94 -9.80
CA ARG D 534 18.94 12.75 -9.04
C ARG D 534 19.43 12.90 -7.60
N SER D 535 19.79 11.77 -6.97
CA SER D 535 20.29 11.76 -5.60
C SER D 535 21.53 12.65 -5.48
N ILE D 536 22.53 12.40 -6.35
CA ILE D 536 23.78 13.13 -6.32
C ILE D 536 23.55 14.62 -6.51
N GLN D 537 22.69 14.99 -7.46
CA GLN D 537 22.54 16.40 -7.78
C GLN D 537 21.78 17.12 -6.67
N ARG D 538 20.80 16.45 -6.05
CA ARG D 538 20.13 17.04 -4.90
C ARG D 538 21.07 17.23 -3.71
N GLY D 539 21.96 16.26 -3.47
CA GLY D 539 22.93 16.43 -2.39
C GLY D 539 23.88 17.61 -2.61
N ILE D 540 24.48 17.67 -3.80
CA ILE D 540 25.42 18.77 -4.03
C ILE D 540 24.71 20.11 -4.13
N LEU D 541 23.42 20.13 -4.48
CA LEU D 541 22.67 21.38 -4.45
C LEU D 541 22.32 21.81 -3.03
N LEU D 542 22.02 20.87 -2.14
CA LEU D 542 21.90 21.19 -0.72
C LEU D 542 23.15 21.86 -0.20
N LEU D 543 24.31 21.35 -0.61
CA LEU D 543 25.55 22.01 -0.23
C LEU D 543 25.69 23.36 -0.93
N SER D 544 25.40 23.40 -2.23
CA SER D 544 25.69 24.56 -3.07
C SER D 544 24.84 25.77 -2.72
N ASN D 545 23.63 25.56 -2.22
CA ASN D 545 22.80 26.68 -1.83
C ASN D 545 23.30 27.41 -0.58
N ARG D 546 24.33 26.90 0.11
CA ARG D 546 24.99 27.56 1.23
C ARG D 546 26.34 28.17 0.87
N LEU D 547 26.53 28.75 -0.32
CA LEU D 547 27.84 29.25 -0.78
C LEU D 547 28.52 30.26 0.15
N GLY D 548 27.93 31.45 0.29
CA GLY D 548 28.54 32.46 1.13
C GLY D 548 28.59 32.08 2.59
N GLN D 549 27.65 31.26 3.04
CA GLN D 549 27.67 30.81 4.43
C GLN D 549 28.85 29.88 4.69
N LEU D 550 29.16 29.00 3.74
CA LEU D 550 30.34 28.15 3.86
C LEU D 550 31.61 28.99 3.78
N VAL D 551 31.61 29.98 2.89
CA VAL D 551 32.74 30.90 2.77
C VAL D 551 33.02 31.55 4.12
N ASP D 552 31.98 32.12 4.74
CA ASP D 552 32.16 32.80 6.01
C ASP D 552 32.53 31.83 7.12
N LEU D 553 32.00 30.60 7.07
CA LEU D 553 32.39 29.56 7.99
C LEU D 553 33.88 29.28 7.91
N THR D 554 34.39 29.15 6.68
CA THR D 554 35.81 28.92 6.45
C THR D 554 36.63 30.07 7.03
N ARG D 555 36.21 31.30 6.74
CA ARG D 555 36.89 32.49 7.29
C ARG D 555 36.85 32.46 8.82
N LEU D 556 35.74 31.99 9.39
CA LEU D 556 35.58 31.97 10.83
C LEU D 556 36.53 30.98 11.47
N LEU D 557 36.58 29.75 10.91
CA LEU D 557 37.57 28.75 11.32
C LEU D 557 38.99 29.30 11.24
N ALA D 558 39.31 29.94 10.11
CA ALA D 558 40.65 30.45 9.90
C ALA D 558 41.01 31.50 10.93
N TYR D 559 40.07 32.41 11.19
CA TYR D 559 40.29 33.48 12.15
C TYR D 559 40.47 32.92 13.56
N ASN D 560 39.60 31.99 13.96
CA ASN D 560 39.70 31.41 15.29
C ASN D 560 41.00 30.64 15.43
N TYR D 561 41.41 29.93 14.38
CA TYR D 561 42.63 29.15 14.43
C TYR D 561 43.86 30.03 14.58
N GLU D 562 43.95 31.12 13.80
CA GLU D 562 45.12 31.99 13.94
C GLU D 562 45.08 32.76 15.25
N THR D 563 43.88 33.20 15.65
CA THR D 563 43.69 33.91 16.91
C THR D 563 44.15 33.07 18.09
N LEU D 564 43.81 31.78 18.07
CA LEU D 564 44.24 30.90 19.15
C LEU D 564 45.69 30.47 18.98
N MET D 565 46.18 30.44 17.73
CA MET D 565 47.59 30.21 17.46
C MET D 565 48.45 31.29 18.09
N ALA D 566 47.94 32.52 18.14
CA ALA D 566 48.66 33.65 18.75
C ALA D 566 49.11 33.36 20.17
N CYS D 567 48.33 32.58 20.93
CA CYS D 567 48.60 32.27 22.32
C CYS D 567 49.37 30.95 22.45
N ILE D 568 50.45 30.81 21.68
CA ILE D 568 51.30 29.63 21.70
C ILE D 568 52.75 30.08 21.86
N THR D 569 53.51 29.29 22.58
CA THR D 569 54.89 29.49 22.97
C THR D 569 55.78 28.37 22.48
N MET D 570 55.30 27.13 22.55
CA MET D 570 56.05 25.99 22.05
C MET D 570 55.84 25.84 20.56
N ASN D 571 56.94 25.62 19.84
CA ASN D 571 56.86 25.49 18.39
C ASN D 571 56.02 24.30 17.99
N MET D 572 55.18 24.48 16.98
CA MET D 572 54.05 23.59 16.69
C MET D 572 54.44 22.83 15.43
N GLN D 573 55.13 21.72 15.65
CA GLN D 573 55.75 20.93 14.60
C GLN D 573 54.71 20.09 13.88
N HIS D 574 55.05 19.69 12.66
CA HIS D 574 54.21 18.81 11.83
C HIS D 574 54.85 17.43 11.75
N VAL D 575 54.32 16.50 12.54
CA VAL D 575 54.73 15.10 12.62
C VAL D 575 53.45 14.32 12.84
N GLN D 576 53.43 13.06 12.42
CA GLN D 576 52.28 12.20 12.58
C GLN D 576 52.44 11.29 13.79
N THR D 577 51.35 11.13 14.53
CA THR D 577 51.34 10.53 15.84
C THR D 577 50.85 9.09 15.75
N LEU D 578 50.99 8.39 16.88
CA LEU D 578 50.32 7.11 17.04
C LEU D 578 48.81 7.22 17.00
N THR D 579 48.26 7.88 17.99
CA THR D 579 46.83 7.89 18.24
C THR D 579 46.20 8.99 17.41
N THR D 580 44.92 8.81 17.10
CA THR D 580 44.18 9.69 16.22
C THR D 580 42.84 9.98 16.86
N GLU D 581 42.20 11.03 16.36
CA GLU D 581 40.85 11.42 16.71
C GLU D 581 39.88 11.01 15.62
N LYS D 582 38.70 10.59 16.03
CA LYS D 582 37.67 10.25 15.08
C LYS D 582 36.98 11.54 14.69
N LEU D 583 36.67 11.66 13.40
CA LEU D 583 35.87 12.76 12.87
C LEU D 583 34.78 12.17 12.01
N GLN D 584 33.54 12.34 12.44
CA GLN D 584 32.40 11.85 11.69
C GLN D 584 31.91 12.93 10.75
N LEU D 585 31.85 12.58 9.47
CA LEU D 585 31.45 13.53 8.44
C LEU D 585 30.00 13.96 8.59
N THR D 586 29.16 13.16 9.27
CA THR D 586 27.83 13.62 9.64
C THR D 586 27.91 14.87 10.50
N SER D 587 28.89 14.93 11.40
CA SER D 587 29.12 16.16 12.17
C SER D 587 29.48 17.32 11.24
N VAL D 588 30.27 17.03 10.22
CA VAL D 588 30.69 18.08 9.29
C VAL D 588 29.49 18.57 8.50
N THR D 589 28.53 17.68 8.22
CA THR D 589 27.31 18.08 7.55
C THR D 589 26.40 18.85 8.49
N SER D 590 26.42 18.52 9.78
CA SER D 590 25.69 19.31 10.77
C SER D 590 26.23 20.74 10.79
N LEU D 591 27.55 20.87 10.71
CA LEU D 591 28.19 22.17 10.68
C LEU D 591 27.85 22.93 9.41
N CYS D 592 27.98 22.27 8.26
CA CYS D 592 27.74 22.87 6.96
C CYS D 592 26.25 23.05 6.60
N MET D 593 25.34 22.75 7.52
CA MET D 593 23.90 22.90 7.35
C MET D 593 23.23 23.63 8.51
N LEU D 594 23.85 23.70 9.69
CA LEU D 594 23.33 24.42 10.85
C LEU D 594 24.33 25.51 11.17
N ILE D 595 24.19 26.61 10.45
CA ILE D 595 25.04 27.78 10.59
C ILE D 595 24.34 28.94 9.90
N GLY D 596 24.40 30.10 10.52
CA GLY D 596 23.92 31.30 9.87
C GLY D 596 24.34 32.47 10.73
N ASN D 597 24.98 33.47 10.10
CA ASN D 597 25.10 34.89 10.51
C ASN D 597 25.27 35.09 12.03
N ALA D 598 26.17 34.29 12.61
CA ALA D 598 26.44 34.37 14.04
C ALA D 598 27.92 34.07 14.26
N THR D 599 28.71 35.13 14.30
CA THR D 599 30.12 35.07 14.66
C THR D 599 30.29 34.69 16.12
N VAL D 600 31.33 33.91 16.39
CA VAL D 600 31.78 33.63 17.76
C VAL D 600 33.28 33.87 17.79
N ILE D 601 33.78 34.23 18.97
CA ILE D 601 35.18 34.59 19.19
C ILE D 601 35.62 34.03 20.54
N PRO D 602 36.90 33.67 20.70
CA PRO D 602 37.37 33.36 22.05
C PRO D 602 37.43 34.61 22.91
N SER D 603 36.74 34.57 24.04
CA SER D 603 36.76 35.66 24.99
C SER D 603 38.19 35.84 25.50
N PRO D 604 38.62 37.08 25.83
CA PRO D 604 40.00 37.26 26.32
C PRO D 604 40.33 36.50 27.58
N GLN D 605 39.35 36.16 28.41
CA GLN D 605 39.62 35.33 29.57
C GLN D 605 40.08 33.96 29.12
N THR D 606 39.38 33.38 28.15
CA THR D 606 39.77 32.09 27.58
C THR D 606 41.14 32.19 26.91
N LEU D 607 41.41 33.29 26.23
CA LEU D 607 42.68 33.45 25.54
C LEU D 607 43.82 33.51 26.53
N PHE D 608 43.64 34.30 27.59
CA PHE D 608 44.67 34.44 28.60
C PHE D 608 44.86 33.15 29.38
N HIS D 609 43.79 32.37 29.57
CA HIS D 609 43.91 31.08 30.23
C HIS D 609 44.73 30.13 29.37
N TYR D 610 44.38 30.03 28.09
CA TYR D 610 45.10 29.17 27.16
C TYR D 610 46.52 29.64 26.90
N TYR D 611 46.81 30.92 27.16
CA TYR D 611 48.17 31.43 27.04
C TYR D 611 48.97 31.12 28.29
N ASN D 612 48.39 31.41 29.45
CA ASN D 612 49.11 31.20 30.71
C ASN D 612 49.39 29.73 30.95
N VAL D 613 48.49 28.84 30.51
CA VAL D 613 48.73 27.41 30.69
C VAL D 613 49.93 26.96 29.89
N ASN D 614 49.97 27.33 28.61
CA ASN D 614 51.10 26.96 27.76
C ASN D 614 52.38 27.63 28.23
N VAL D 615 52.28 28.87 28.70
CA VAL D 615 53.43 29.59 29.23
C VAL D 615 53.99 28.86 30.44
N ASN D 616 53.12 28.45 31.36
CA ASN D 616 53.58 27.76 32.56
C ASN D 616 54.19 26.42 32.22
N PHE D 617 53.53 25.66 31.34
CA PHE D 617 54.07 24.40 30.84
C PHE D 617 55.45 24.58 30.22
N HIS D 618 55.61 25.61 29.41
CA HIS D 618 56.83 25.77 28.63
C HIS D 618 57.96 26.19 29.56
N SER D 619 57.68 27.12 30.46
CA SER D 619 58.65 27.52 31.48
C SER D 619 59.06 26.33 32.33
N ASN D 620 58.09 25.51 32.76
CA ASN D 620 58.38 24.32 33.53
C ASN D 620 59.25 23.34 32.74
N TYR D 621 58.90 23.13 31.47
CA TYR D 621 59.62 22.26 30.56
C TYR D 621 61.10 22.66 30.49
N ASN D 622 61.34 23.94 30.25
CA ASN D 622 62.72 24.42 30.13
C ASN D 622 63.46 24.34 31.44
N GLU D 623 62.80 24.70 32.55
CA GLU D 623 63.46 24.67 33.85
C GLU D 623 63.86 23.26 34.26
N ARG D 624 62.97 22.30 34.05
CA ARG D 624 63.29 20.93 34.43
C ARG D 624 64.37 20.34 33.54
N ILE D 625 64.35 20.67 32.23
CA ILE D 625 65.44 20.26 31.35
C ILE D 625 66.76 20.83 31.84
N ASN D 626 66.77 22.11 32.23
CA ASN D 626 67.99 22.74 32.73
C ASN D 626 68.48 22.05 33.99
N ASP D 627 67.55 21.69 34.88
CA ASP D 627 67.89 20.97 36.11
C ASP D 627 68.58 19.65 35.79
N ALA D 628 67.93 18.85 34.94
CA ALA D 628 68.45 17.54 34.55
C ALA D 628 69.82 17.66 33.90
N VAL D 629 69.99 18.64 33.02
CA VAL D 629 71.26 18.81 32.32
C VAL D 629 72.36 19.20 33.31
N ALA D 630 72.01 20.07 34.27
CA ALA D 630 72.94 20.47 35.31
C ALA D 630 73.43 19.29 36.12
N ILE D 631 72.50 18.48 36.63
CA ILE D 631 72.88 17.36 37.49
C ILE D 631 73.62 16.29 36.71
N ILE D 632 73.23 16.06 35.45
CA ILE D 632 73.91 15.03 34.65
C ILE D 632 75.34 15.45 34.35
N THR D 633 75.52 16.68 33.86
CA THR D 633 76.84 17.21 33.57
C THR D 633 77.71 17.26 34.81
N ALA D 634 77.13 17.61 35.96
CA ALA D 634 77.87 17.64 37.20
C ALA D 634 78.33 16.24 37.59
N ALA D 635 77.44 15.27 37.45
CA ALA D 635 77.78 13.92 37.84
C ALA D 635 78.81 13.30 36.91
N ASN D 636 78.81 13.70 35.63
CA ASN D 636 79.80 13.21 34.67
C ASN D 636 81.13 13.95 34.73
N ARG D 637 81.16 15.17 35.29
CA ARG D 637 82.43 15.87 35.53
C ARG D 637 83.02 15.57 36.89
N LEU D 638 82.28 14.89 37.77
CA LEU D 638 82.80 14.37 39.03
C LEU D 638 83.12 12.87 38.96
N ASN D 639 83.10 12.28 37.76
CA ASN D 639 83.52 10.89 37.55
C ASN D 639 82.71 9.92 38.41
N LEU D 640 81.42 10.21 38.59
CA LEU D 640 80.54 9.35 39.38
C LEU D 640 80.18 8.14 38.53
N TYR D 641 81.12 7.21 38.49
CA TYR D 641 81.13 6.10 37.56
C TYR D 641 80.25 4.92 37.97
N GLN D 642 79.48 5.02 39.05
CA GLN D 642 78.52 4.00 39.48
C GLN D 642 77.08 4.48 39.51
N LYS D 643 76.86 5.80 39.58
CA LYS D 643 75.52 6.36 39.68
C LYS D 643 74.69 6.06 38.45
N LYS D 644 73.53 5.43 38.67
CA LYS D 644 72.61 5.02 37.61
C LYS D 644 71.55 6.09 37.46
N MET D 645 71.41 6.63 36.25
CA MET D 645 70.73 7.90 36.00
C MET D 645 69.26 7.73 35.64
N LYS D 646 68.51 7.03 36.47
CA LYS D 646 67.10 6.71 36.25
C LYS D 646 66.16 7.44 37.19
N SER D 647 66.50 7.52 38.47
CA SER D 647 65.70 8.28 39.43
C SER D 647 65.58 9.75 39.03
N ILE D 648 66.63 10.30 38.41
CA ILE D 648 66.65 11.72 38.08
C ILE D 648 65.69 11.99 36.94
N VAL D 649 65.68 11.11 35.95
CA VAL D 649 64.76 11.25 34.81
C VAL D 649 63.33 10.99 35.26
N GLU D 650 63.14 10.07 36.22
CA GLU D 650 61.82 9.89 36.79
C GLU D 650 61.33 11.15 37.46
N ASP D 651 62.21 11.82 38.22
CA ASP D 651 61.85 13.10 38.80
C ASP D 651 61.52 14.12 37.71
N PHE D 652 62.32 14.12 36.64
CA PHE D 652 62.10 15.01 35.50
C PHE D 652 60.72 14.81 34.89
N LEU D 653 60.28 13.55 34.78
CA LEU D 653 58.96 13.29 34.20
C LEU D 653 57.82 13.54 35.19
N LYS D 654 57.99 13.15 36.46
CA LYS D 654 56.95 13.40 37.46
C LYS D 654 56.68 14.88 37.64
N ARG D 655 57.73 15.70 37.70
CA ARG D 655 57.51 17.14 37.85
C ARG D 655 56.81 17.73 36.63
N LEU D 656 57.02 17.16 35.45
CA LEU D 656 56.17 17.46 34.29
C LEU D 656 54.84 16.77 34.46
N GLN D 657 53.81 17.53 34.83
CA GLN D 657 52.57 16.93 35.31
C GLN D 657 51.63 16.55 34.17
N ILE D 658 52.10 15.77 33.18
CA ILE D 658 51.25 15.26 32.10
C ILE D 658 51.46 13.78 31.79
N PHE D 659 52.55 13.18 32.26
CA PHE D 659 52.98 11.87 31.79
C PHE D 659 52.53 10.78 32.76
N ASP D 660 52.39 9.58 32.21
CA ASP D 660 52.13 8.36 32.98
C ASP D 660 53.44 7.60 33.12
N ILE D 661 54.05 7.71 34.30
CA ILE D 661 55.34 7.11 34.58
C ILE D 661 55.20 5.67 35.08
N SER D 662 54.02 5.27 35.57
CA SER D 662 53.79 3.90 35.98
C SER D 662 53.92 2.86 34.86
N ARG D 663 53.89 3.29 33.57
CA ARG D 663 53.95 2.40 32.43
C ARG D 663 54.89 2.89 31.33
N VAL D 664 55.89 3.73 31.66
CA VAL D 664 56.90 4.21 30.72
C VAL D 664 58.14 3.33 30.95
N PRO D 665 58.98 3.03 29.94
CA PRO D 665 60.08 2.10 30.21
C PRO D 665 61.21 2.68 31.04
N ASP D 666 62.25 1.86 31.17
CA ASP D 666 63.50 2.22 31.84
C ASP D 666 64.60 2.63 30.87
N ASP D 667 64.47 2.36 29.57
CA ASP D 667 65.47 2.65 28.55
C ASP D 667 65.31 4.00 27.85
N GLN D 668 64.06 4.41 27.62
CA GLN D 668 63.74 5.74 27.09
C GLN D 668 64.34 6.83 27.97
N MET D 669 64.35 6.60 29.28
CA MET D 669 64.94 7.53 30.22
C MET D 669 66.43 7.71 29.92
N TYR D 670 67.12 6.63 29.58
CA TYR D 670 68.56 6.66 29.36
C TYR D 670 68.87 7.29 28.01
N ARG D 671 68.02 7.08 27.02
CA ARG D 671 68.19 7.77 25.75
C ARG D 671 67.98 9.26 25.91
N LEU D 672 67.02 9.63 26.76
CA LEU D 672 66.77 11.04 27.03
C LEU D 672 67.96 11.64 27.76
N ARG D 673 68.57 10.88 28.67
CA ARG D 673 69.82 11.30 29.29
C ARG D 673 70.93 11.52 28.27
N ASP D 674 71.06 10.59 27.31
CA ASP D 674 72.10 10.72 26.28
C ASP D 674 71.89 11.97 25.44
N ARG D 675 70.63 12.32 25.17
CA ARG D 675 70.33 13.56 24.47
C ARG D 675 70.50 14.78 25.35
N LEU D 676 70.39 14.62 26.67
CA LEU D 676 70.53 15.72 27.61
C LEU D 676 71.99 16.09 27.85
N ARG D 677 72.90 15.11 27.81
CA ARG D 677 74.33 15.38 28.01
C ARG D 677 74.84 16.47 27.08
N LEU D 678 74.43 16.42 25.81
CA LEU D 678 74.97 17.31 24.77
C LEU D 678 74.69 18.77 25.07
N LEU D 679 73.58 19.06 25.77
CA LEU D 679 73.11 20.42 25.97
C LEU D 679 74.07 21.22 26.85
N PRO D 680 74.17 22.55 26.67
CA PRO D 680 74.92 23.32 27.66
C PRO D 680 74.11 23.53 28.92
N VAL D 681 74.80 23.47 30.05
CA VAL D 681 74.17 23.79 31.32
C VAL D 681 73.88 25.28 31.30
N GLU D 682 72.80 25.69 31.96
CA GLU D 682 72.48 27.10 32.01
C GLU D 682 73.50 27.83 32.88
N ILE D 683 73.43 29.16 32.85
CA ILE D 683 74.55 29.98 33.30
C ILE D 683 74.68 29.94 34.80
N ARG D 684 73.56 30.01 35.51
CA ARG D 684 73.55 30.01 36.97
C ARG D 684 74.18 28.72 37.49
N ARG D 685 73.63 27.60 37.04
CA ARG D 685 74.02 26.29 37.55
C ARG D 685 75.47 25.98 37.17
N LEU D 686 75.88 26.42 35.98
CA LEU D 686 77.23 26.21 35.50
C LEU D 686 78.24 27.00 36.34
N ASP D 687 77.95 28.29 36.57
CA ASP D 687 78.82 29.11 37.39
C ASP D 687 78.95 28.56 38.81
N ILE D 688 77.83 28.14 39.40
CA ILE D 688 77.85 27.54 40.73
C ILE D 688 78.74 26.30 40.74
N PHE D 689 78.59 25.45 39.73
CA PHE D 689 79.39 24.23 39.69
C PHE D 689 80.86 24.54 39.49
N ASN D 690 81.17 25.57 38.69
CA ASN D 690 82.56 25.92 38.46
C ASN D 690 83.17 26.62 39.65
N LEU D 691 82.36 27.19 40.55
CA LEU D 691 82.88 27.61 41.85
C LEU D 691 83.12 26.42 42.76
N ILE D 692 82.19 25.46 42.72
CA ILE D 692 82.27 24.31 43.60
C ILE D 692 83.47 23.44 43.23
N LEU D 693 83.77 23.29 41.94
CA LEU D 693 84.93 22.48 41.56
C LEU D 693 86.24 23.08 42.05
N MET D 694 86.38 24.40 41.96
CA MET D 694 87.63 25.04 42.35
C MET D 694 87.71 25.22 43.86
N ASN D 695 86.60 25.03 44.61
CA ASN D 695 86.59 25.14 46.06
C ASN D 695 86.33 23.82 46.80
N MET D 696 86.05 22.72 46.10
CA MET D 696 85.64 21.50 46.79
C MET D 696 86.79 20.89 47.56
N GLU D 697 88.01 20.97 47.01
CA GLU D 697 89.16 20.48 47.75
C GLU D 697 89.36 21.31 49.01
N GLN D 698 89.32 22.64 48.87
CA GLN D 698 89.54 23.56 49.99
C GLN D 698 88.46 23.42 51.06
N ILE D 699 87.27 22.96 50.66
CA ILE D 699 86.24 22.57 51.60
C ILE D 699 86.58 21.21 52.22
N GLU D 700 87.22 20.33 51.44
CA GLU D 700 87.56 18.98 51.87
C GLU D 700 88.84 18.93 52.69
N ARG D 701 89.78 19.85 52.46
CA ARG D 701 90.99 19.92 53.28
C ARG D 701 90.66 20.24 54.75
N ALA D 702 89.51 20.88 55.00
CA ALA D 702 88.96 21.14 56.32
C ALA D 702 88.28 19.86 56.80
N SER D 703 87.32 19.96 57.73
CA SER D 703 86.54 18.83 58.22
C SER D 703 87.35 17.82 59.01
N ASP D 704 87.73 18.15 60.25
CA ASP D 704 88.47 17.23 61.10
C ASP D 704 87.67 16.02 61.62
N LYS D 705 87.22 15.18 60.68
CA LYS D 705 86.69 13.84 60.90
C LYS D 705 87.25 12.83 59.92
N ILE D 706 87.77 13.27 58.78
CA ILE D 706 88.41 12.43 57.77
C ILE D 706 89.64 13.19 57.33
N ALA D 707 90.72 12.47 57.07
CA ALA D 707 91.96 13.03 56.56
C ALA D 707 91.93 12.97 55.04
N GLN D 708 93.06 13.28 54.40
CA GLN D 708 93.21 13.29 52.95
C GLN D 708 94.31 12.35 52.50
N GLY D 709 94.72 11.40 53.32
CA GLY D 709 95.82 10.53 53.00
C GLY D 709 96.55 10.09 54.24
N VAL D 710 97.43 9.12 54.07
CA VAL D 710 98.40 8.74 55.08
C VAL D 710 99.68 8.32 54.39
N ILE D 711 100.79 8.87 54.85
CA ILE D 711 102.12 8.62 54.30
C ILE D 711 102.81 7.62 55.22
N ILE D 712 103.55 6.68 54.63
CA ILE D 712 104.32 5.69 55.37
C ILE D 712 105.73 5.77 54.81
N ALA D 713 106.69 5.98 55.69
CA ALA D 713 108.08 6.16 55.28
C ALA D 713 108.88 5.76 56.50
N TYR D 714 109.63 4.66 56.39
CA TYR D 714 110.25 4.01 57.53
C TYR D 714 111.53 4.71 57.99
N ARG D 715 111.41 5.99 58.30
CA ARG D 715 112.48 6.87 58.72
C ARG D 715 112.01 7.58 59.98
N ASP D 716 112.96 7.88 60.86
CA ASP D 716 112.66 8.63 62.07
C ASP D 716 112.49 10.09 61.69
N MET D 717 111.28 10.42 61.24
CA MET D 717 110.92 11.78 60.81
C MET D 717 110.55 12.62 62.04
N GLN D 718 110.21 13.90 61.79
CA GLN D 718 110.14 14.96 62.80
C GLN D 718 108.80 15.66 62.71
N LEU D 719 108.10 15.77 63.83
CA LEU D 719 106.79 16.39 63.86
C LEU D 719 106.87 17.90 63.65
N GLU D 720 105.73 18.48 63.29
CA GLU D 720 105.59 19.88 62.93
C GLU D 720 105.09 20.70 64.11
N ARG D 721 105.63 21.91 64.23
CA ARG D 721 105.29 22.86 65.29
C ARG D 721 104.09 23.74 64.88
N ASP D 722 102.99 23.12 64.48
CA ASP D 722 101.74 23.84 64.32
C ASP D 722 101.23 24.36 65.64
N GLU D 723 100.42 25.43 65.57
CA GLU D 723 100.13 26.27 66.73
C GLU D 723 98.69 26.20 67.24
N MET D 724 97.81 25.43 66.61
CA MET D 724 96.47 25.13 67.15
C MET D 724 96.45 23.78 67.85
N TYR D 725 97.14 22.80 67.32
CA TYR D 725 97.68 21.70 68.08
C TYR D 725 99.01 22.16 68.65
N GLY D 726 99.79 21.25 69.23
CA GLY D 726 101.19 21.49 69.55
C GLY D 726 102.13 20.85 68.54
N TYR D 727 102.65 19.68 68.88
CA TYR D 727 103.36 18.84 67.92
C TYR D 727 102.38 17.86 67.31
N VAL D 728 102.43 17.73 65.99
CA VAL D 728 101.60 16.80 65.24
C VAL D 728 102.44 16.09 64.19
N ASN D 729 101.95 14.93 63.76
CA ASN D 729 102.52 14.16 62.65
C ASN D 729 101.68 14.39 61.40
N ILE D 730 101.89 15.57 60.81
CA ILE D 730 101.08 16.09 59.72
C ILE D 730 101.98 16.48 58.56
N ALA D 731 101.49 16.23 57.35
CA ALA D 731 102.17 16.53 56.11
C ALA D 731 101.21 17.27 55.20
N ARG D 732 101.75 18.21 54.42
CA ARG D 732 100.95 19.11 53.60
C ARG D 732 101.51 19.30 52.18
N ASN D 733 102.37 18.41 51.69
CA ASN D 733 103.00 18.50 50.37
C ASN D 733 102.92 17.22 49.57
N LEU D 734 103.04 16.05 50.21
CA LEU D 734 103.01 14.74 49.57
C LEU D 734 104.10 14.56 48.51
N ASP D 735 105.20 15.31 48.61
CA ASP D 735 106.27 15.26 47.62
C ASP D 735 107.19 14.09 47.90
N GLY D 736 107.77 13.54 46.82
CA GLY D 736 108.65 12.40 46.94
C GLY D 736 107.90 11.10 46.77
N PHE D 737 107.44 10.60 47.91
CA PHE D 737 106.87 9.26 48.08
C PHE D 737 105.72 8.99 47.10
N GLN D 738 105.82 7.86 46.41
CA GLN D 738 104.84 7.49 45.39
C GLN D 738 103.48 7.15 46.00
N GLN D 739 102.43 7.57 45.29
CA GLN D 739 101.06 7.55 45.80
C GLN D 739 100.28 6.39 45.21
N ILE D 740 99.62 5.64 46.10
CA ILE D 740 98.64 4.62 45.74
C ILE D 740 97.26 5.19 45.98
N ASN D 741 96.38 5.05 44.99
CA ASN D 741 95.01 5.53 45.11
C ASN D 741 94.13 4.37 45.55
N LEU D 742 93.09 4.71 46.30
CA LEU D 742 92.25 3.77 47.01
C LEU D 742 90.94 3.47 46.30
N GLU D 743 90.38 4.43 45.57
CA GLU D 743 89.19 4.14 44.78
C GLU D 743 89.48 3.10 43.72
N GLU D 744 90.67 3.13 43.13
CA GLU D 744 91.09 2.04 42.24
C GLU D 744 91.18 0.73 42.98
N LEU D 745 91.80 0.73 44.17
CA LEU D 745 92.01 -0.51 44.89
C LEU D 745 90.71 -1.08 45.46
N MET D 746 89.67 -0.25 45.59
CA MET D 746 88.35 -0.70 45.98
C MET D 746 87.55 -1.16 44.77
N ARG D 747 87.70 -0.47 43.63
CA ARG D 747 87.10 -0.98 42.40
C ARG D 747 87.67 -2.33 42.01
N THR D 748 88.95 -2.31 41.62
CA THR D 748 89.70 -3.44 41.10
C THR D 748 90.60 -3.98 42.20
N GLY D 749 90.10 -4.94 42.97
CA GLY D 749 90.92 -5.54 44.00
C GLY D 749 92.16 -6.20 43.41
N ASP D 750 93.28 -5.50 43.56
CA ASP D 750 94.62 -6.00 43.21
C ASP D 750 95.47 -5.51 44.37
N TYR D 751 95.51 -6.32 45.41
CA TYR D 751 96.26 -6.04 46.62
C TYR D 751 97.71 -6.50 46.56
N ALA D 752 98.16 -7.04 45.41
CA ALA D 752 99.55 -7.46 45.25
C ALA D 752 100.52 -6.33 45.53
N GLN D 753 100.20 -5.14 44.99
CA GLN D 753 101.04 -3.96 45.13
C GLN D 753 101.22 -3.60 46.60
N ILE D 754 100.12 -3.26 47.27
CA ILE D 754 100.17 -2.85 48.67
C ILE D 754 100.68 -3.97 49.56
N THR D 755 100.41 -5.23 49.21
CA THR D 755 100.92 -6.36 49.97
C THR D 755 102.44 -6.42 49.94
N ASN D 756 103.03 -6.45 48.73
CA ASN D 756 104.49 -6.43 48.54
C ASN D 756 105.12 -5.23 49.21
N MET D 757 104.44 -4.10 49.20
CA MET D 757 105.02 -2.86 49.70
C MET D 757 104.97 -2.79 51.22
N LEU D 758 103.93 -3.36 51.83
CA LEU D 758 103.84 -3.43 53.28
C LEU D 758 104.68 -4.53 53.90
N LEU D 759 104.91 -5.65 53.20
CA LEU D 759 105.76 -6.70 53.78
C LEU D 759 107.22 -6.29 53.82
N ASN D 760 107.76 -5.86 52.68
CA ASN D 760 109.17 -5.47 52.61
C ASN D 760 109.45 -4.05 53.07
N ASN D 761 108.44 -3.30 53.56
CA ASN D 761 108.63 -2.01 54.20
C ASN D 761 109.27 -1.02 53.22
N GLN D 762 108.54 -0.76 52.17
CA GLN D 762 108.88 0.13 51.09
C GLN D 762 108.12 1.45 51.28
N PRO D 763 108.78 2.63 51.32
CA PRO D 763 108.02 3.87 51.55
C PRO D 763 106.99 4.17 50.47
N VAL D 764 105.83 4.63 50.93
CA VAL D 764 104.64 4.76 50.09
C VAL D 764 103.78 5.86 50.67
N ALA D 765 102.85 6.34 49.86
CA ALA D 765 101.77 7.21 50.29
C ALA D 765 100.47 6.56 49.88
N LEU D 766 99.43 6.82 50.65
CA LEU D 766 98.08 6.30 50.43
C LEU D 766 97.10 7.46 50.36
N VAL D 767 96.34 7.52 49.26
CA VAL D 767 95.54 8.69 48.92
C VAL D 767 94.07 8.27 48.94
N GLY D 768 93.27 9.06 49.63
CA GLY D 768 91.84 8.85 49.70
C GLY D 768 91.31 9.42 51.00
N ALA D 769 90.03 9.76 50.98
CA ALA D 769 89.38 10.34 52.14
C ALA D 769 89.29 9.25 53.19
N LEU D 770 90.19 9.30 54.18
CA LEU D 770 90.37 8.29 55.19
C LEU D 770 89.93 8.85 56.54
N PRO D 771 89.50 8.03 57.50
CA PRO D 771 89.35 8.53 58.86
C PRO D 771 90.67 8.82 59.53
N PHE D 772 90.60 9.20 60.80
CA PHE D 772 91.78 9.34 61.63
C PHE D 772 91.29 9.53 63.05
N ILE D 773 92.01 8.94 64.00
CA ILE D 773 91.70 9.04 65.42
C ILE D 773 92.81 9.83 66.09
N THR D 774 92.42 10.77 66.94
CA THR D 774 93.35 11.67 67.59
C THR D 774 93.78 11.05 68.90
N ASP D 775 95.06 10.74 69.03
CA ASP D 775 95.66 10.25 70.24
C ASP D 775 96.47 11.37 70.87
N SER D 776 96.68 11.26 72.17
CA SER D 776 97.29 12.31 73.00
C SER D 776 98.44 11.81 73.84
N SER D 777 98.53 10.51 74.11
CA SER D 777 99.58 9.97 74.94
C SER D 777 100.94 10.10 74.25
N VAL D 778 101.96 10.25 75.08
CA VAL D 778 103.35 10.15 74.65
C VAL D 778 103.77 8.69 74.65
N ILE D 779 103.18 7.86 75.52
CA ILE D 779 103.61 6.47 75.60
C ILE D 779 103.13 5.73 74.37
N SER D 780 102.02 6.14 73.77
CA SER D 780 101.63 5.57 72.50
C SER D 780 102.58 5.96 71.37
N LEU D 781 103.35 7.04 71.53
CA LEU D 781 104.31 7.42 70.51
C LEU D 781 105.62 6.65 70.63
N VAL D 782 106.21 6.61 71.83
CA VAL D 782 107.45 5.86 72.01
C VAL D 782 107.21 4.37 71.85
N ALA D 783 106.00 3.90 72.13
CA ALA D 783 105.64 2.52 71.85
C ALA D 783 105.33 2.29 70.37
N LYS D 784 105.21 3.36 69.57
CA LYS D 784 105.13 3.27 68.12
C LYS D 784 103.88 2.52 67.66
N LEU D 785 102.75 2.91 68.23
CA LEU D 785 101.44 2.46 67.77
C LEU D 785 100.98 3.17 66.50
N ASP D 786 101.79 4.11 65.97
CA ASP D 786 101.40 4.85 64.78
C ASP D 786 101.42 3.96 63.55
N ALA D 787 102.28 2.94 63.54
CA ALA D 787 102.53 2.07 62.40
C ALA D 787 102.14 0.63 62.73
N THR D 788 101.06 0.47 63.50
CA THR D 788 100.49 -0.83 63.88
C THR D 788 99.07 -1.01 63.38
N VAL D 789 98.77 -0.42 62.22
CA VAL D 789 97.42 -0.28 61.70
C VAL D 789 97.29 -0.84 60.30
N PHE D 790 98.38 -0.93 59.55
CA PHE D 790 98.40 -1.41 58.19
C PHE D 790 98.63 -2.91 58.10
N ALA D 791 98.85 -3.60 59.24
CA ALA D 791 99.17 -5.02 59.20
C ALA D 791 97.96 -5.81 58.75
N GLN D 792 96.77 -5.44 59.23
CA GLN D 792 95.52 -6.10 58.85
C GLN D 792 95.29 -6.15 57.34
N ILE D 793 95.81 -5.16 56.60
CA ILE D 793 95.63 -5.05 55.14
C ILE D 793 96.16 -6.28 54.42
N VAL D 794 97.21 -6.91 54.94
CA VAL D 794 97.73 -8.15 54.34
C VAL D 794 97.00 -9.37 54.89
N LYS D 795 96.39 -9.26 56.07
CA LYS D 795 95.57 -10.32 56.62
C LYS D 795 94.17 -10.27 56.02
N LEU D 796 93.42 -9.20 56.29
CA LEU D 796 92.08 -8.98 55.76
C LEU D 796 92.19 -7.84 54.75
N ARG D 797 91.96 -8.14 53.48
CA ARG D 797 92.39 -7.19 52.45
C ARG D 797 91.50 -5.96 52.35
N LYS D 798 90.26 -6.01 52.82
CA LYS D 798 89.32 -4.90 52.66
C LYS D 798 89.79 -3.65 53.40
N VAL D 799 90.18 -2.63 52.64
CA VAL D 799 90.63 -1.34 53.24
C VAL D 799 89.38 -0.48 53.48
N ASP D 800 88.69 -0.81 54.55
CA ASP D 800 87.53 -0.09 55.07
C ASP D 800 87.65 0.21 56.55
N THR D 801 88.24 -0.71 57.32
CA THR D 801 88.55 -0.54 58.73
C THR D 801 89.99 -0.08 58.89
N LEU D 802 90.29 1.00 58.17
CA LEU D 802 91.59 1.66 58.20
C LEU D 802 91.43 3.01 58.86
N LYS D 803 91.91 3.12 60.11
CA LYS D 803 91.77 4.32 60.93
C LYS D 803 93.16 4.73 61.42
N PRO D 804 93.91 5.51 60.64
CA PRO D 804 95.23 5.98 61.10
C PRO D 804 95.18 6.81 62.37
N ILE D 805 96.38 7.03 62.92
CA ILE D 805 96.62 7.73 64.16
C ILE D 805 97.08 9.14 63.83
N LEU D 806 96.67 10.10 64.65
CA LEU D 806 97.15 11.47 64.60
C LEU D 806 97.49 11.90 66.01
N TYR D 807 98.78 12.08 66.30
CA TYR D 807 99.19 12.53 67.62
C TYR D 807 98.99 14.04 67.73
N LYS D 808 98.45 14.46 68.86
CA LYS D 808 98.42 15.84 69.31
C LYS D 808 99.01 15.88 70.71
N ILE D 809 100.09 16.63 70.85
CA ILE D 809 100.90 16.67 72.06
C ILE D 809 100.89 18.10 72.60
N ASN D 810 100.82 18.22 73.92
CA ASN D 810 100.50 19.48 74.57
C ASN D 810 100.66 19.30 76.08
N SER D 811 100.39 20.37 76.82
CA SER D 811 100.43 20.35 78.28
C SER D 811 99.35 19.50 78.94
N ASP D 812 98.36 19.01 78.20
CA ASP D 812 97.24 18.25 78.75
C ASP D 812 97.40 16.74 78.55
N SER D 813 98.63 16.26 78.32
CA SER D 813 98.87 14.93 77.80
C SER D 813 99.15 13.87 78.87
N ASN D 814 99.36 14.25 80.14
CA ASN D 814 99.74 13.39 81.26
C ASN D 814 101.19 12.88 81.14
N ASP D 815 101.97 13.34 80.14
CA ASP D 815 103.34 12.90 79.91
C ASP D 815 104.25 14.02 79.43
N PHE D 816 103.81 15.28 79.48
CA PHE D 816 104.45 16.32 78.69
C PHE D 816 105.82 16.72 79.23
N TYR D 817 106.11 16.37 80.50
CA TYR D 817 107.31 16.80 81.22
C TYR D 817 108.59 16.41 80.47
N LEU D 818 108.55 15.24 79.81
CA LEU D 818 109.65 14.71 79.00
C LEU D 818 110.11 15.72 77.97
N VAL D 819 109.14 16.22 77.18
CA VAL D 819 109.43 17.14 76.08
C VAL D 819 110.03 18.44 76.62
N ALA D 820 109.73 18.80 77.87
CA ALA D 820 110.35 19.98 78.45
C ALA D 820 111.80 19.71 78.82
N ASN D 821 112.07 18.53 79.38
CA ASN D 821 113.29 18.27 80.12
C ASN D 821 114.42 17.65 79.31
N TYR D 822 114.14 16.58 78.58
CA TYR D 822 115.20 15.80 77.91
C TYR D 822 115.65 16.37 76.58
N ASP D 823 115.14 17.53 76.15
CA ASP D 823 115.72 18.33 75.07
C ASP D 823 115.70 17.56 73.74
N TRP D 824 114.49 17.20 73.32
CA TRP D 824 114.27 16.38 72.15
C TRP D 824 113.02 16.86 71.45
N VAL D 825 113.12 16.98 70.13
CA VAL D 825 111.99 17.38 69.31
C VAL D 825 111.23 16.07 69.16
N PRO D 826 109.90 16.01 69.27
CA PRO D 826 109.22 14.75 68.98
C PRO D 826 109.44 14.28 67.57
N THR D 827 109.79 13.01 67.46
CA THR D 827 110.02 12.32 66.21
C THR D 827 109.00 11.22 66.08
N SER D 828 108.91 10.67 64.88
CA SER D 828 107.88 9.69 64.60
C SER D 828 108.16 9.00 63.27
N THR D 829 107.17 8.23 62.83
CA THR D 829 107.16 7.52 61.57
C THR D 829 105.70 7.57 61.13
N THR D 830 105.48 7.47 59.83
CA THR D 830 104.15 7.33 59.24
C THR D 830 103.30 8.59 59.51
N LYS D 831 103.72 9.66 58.85
CA LYS D 831 102.97 10.92 58.89
C LYS D 831 101.64 10.81 58.16
N VAL D 832 100.77 11.78 58.43
CA VAL D 832 99.40 11.83 57.90
C VAL D 832 99.26 13.06 57.03
N TYR D 833 98.65 12.90 55.87
CA TYR D 833 98.57 13.95 54.86
C TYR D 833 97.30 14.72 55.12
N LYS D 834 97.44 15.96 55.57
CA LYS D 834 96.31 16.72 56.03
C LYS D 834 96.75 18.16 56.18
N GLN D 835 95.79 19.08 56.04
CA GLN D 835 96.02 20.50 56.16
C GLN D 835 95.59 20.96 57.55
N ILE D 836 95.74 22.25 57.80
CA ILE D 836 95.46 22.87 59.10
C ILE D 836 94.28 23.82 58.92
N PRO D 837 93.61 24.22 60.01
CA PRO D 837 92.58 25.24 59.87
C PRO D 837 93.24 26.56 59.55
N GLN D 838 92.47 27.44 58.91
CA GLN D 838 92.95 28.76 58.54
C GLN D 838 92.60 29.74 59.65
N GLN D 839 93.54 30.63 59.95
CA GLN D 839 93.39 31.52 61.07
C GLN D 839 92.28 32.52 60.80
N PHE D 840 91.36 32.63 61.74
CA PHE D 840 90.22 33.53 61.56
C PHE D 840 90.68 34.97 61.66
N ASP D 841 90.37 35.73 60.62
CA ASP D 841 90.78 37.13 60.47
C ASP D 841 89.51 37.94 60.33
N PHE D 842 89.27 38.80 61.32
CA PHE D 842 87.97 39.47 61.42
C PHE D 842 87.84 40.53 60.35
N ARG D 843 88.87 41.38 60.22
CA ARG D 843 88.82 42.47 59.25
C ARG D 843 88.78 41.95 57.83
N ALA D 844 89.52 40.89 57.55
CA ALA D 844 89.54 40.34 56.20
C ALA D 844 88.21 39.67 55.88
N SER D 845 87.61 38.99 56.86
CA SER D 845 86.36 38.28 56.63
C SER D 845 85.13 39.16 56.62
N MET D 846 85.26 40.47 56.81
CA MET D 846 84.12 41.38 56.82
C MET D 846 83.94 41.93 55.42
N HIS D 847 82.68 42.05 55.01
CA HIS D 847 82.32 42.45 53.66
C HIS D 847 81.09 43.33 53.72
N MET D 848 80.82 44.00 52.59
CA MET D 848 79.65 44.85 52.43
C MET D 848 78.88 44.34 51.22
N LEU D 849 77.62 44.01 51.45
CA LEU D 849 76.78 43.31 50.48
C LEU D 849 75.71 44.27 49.99
N THR D 850 75.53 44.31 48.68
CA THR D 850 74.63 45.23 48.00
C THR D 850 73.27 44.58 47.77
N SER D 851 72.22 45.40 47.86
CA SER D 851 70.90 44.93 47.45
C SER D 851 69.97 46.11 47.18
N ASN D 852 69.06 45.92 46.24
CA ASN D 852 68.00 46.90 46.01
C ASN D 852 67.14 47.03 47.26
N LEU D 853 66.44 48.16 47.37
CA LEU D 853 65.63 48.48 48.55
C LEU D 853 64.17 48.52 48.15
N THR D 854 63.41 47.52 48.61
CA THR D 854 61.95 47.52 48.58
C THR D 854 61.40 47.65 47.15
N PHE D 855 61.64 46.62 46.35
CA PHE D 855 60.82 46.37 45.18
C PHE D 855 59.66 45.44 45.56
N THR D 856 58.85 45.10 44.56
CA THR D 856 57.75 44.17 44.69
C THR D 856 57.71 43.32 43.44
N VAL D 857 57.08 42.15 43.56
CA VAL D 857 57.13 41.09 42.56
C VAL D 857 55.72 40.58 42.30
N TYR D 858 55.44 40.28 41.03
CA TYR D 858 54.14 39.82 40.57
C TYR D 858 54.37 38.56 39.76
N SER D 859 53.47 37.58 39.92
CA SER D 859 53.55 36.31 39.21
C SER D 859 52.62 36.28 38.01
N ASP D 860 51.32 36.37 38.25
CA ASP D 860 50.39 36.64 37.18
C ASP D 860 50.62 38.07 36.75
N LEU D 861 50.36 38.35 35.48
CA LEU D 861 50.76 39.62 34.86
C LEU D 861 49.64 40.25 34.06
N LEU D 862 48.74 39.44 33.52
CA LEU D 862 47.56 39.92 32.81
C LEU D 862 46.37 40.12 33.71
N ALA D 863 46.50 39.90 35.03
CA ALA D 863 45.40 40.21 35.93
C ALA D 863 45.12 41.71 35.92
N PHE D 864 46.17 42.53 35.85
CA PHE D 864 45.97 43.98 35.82
C PHE D 864 45.34 44.49 34.52
N VAL D 865 45.29 43.66 33.48
CA VAL D 865 44.75 44.02 32.18
C VAL D 865 43.31 43.55 32.14
N SER D 866 42.42 44.45 31.73
CA SER D 866 41.02 44.15 31.48
C SER D 866 40.78 44.32 29.99
N ALA D 867 40.26 43.26 29.38
CA ALA D 867 40.12 43.14 27.95
C ALA D 867 38.66 42.94 27.62
N ASP D 868 38.30 43.21 26.38
CA ASP D 868 36.94 42.94 25.95
C ASP D 868 36.94 42.95 24.44
N THR D 869 35.93 42.31 23.88
CA THR D 869 35.76 42.16 22.44
C THR D 869 34.74 43.15 21.93
N VAL D 870 34.91 43.52 20.66
CA VAL D 870 33.87 44.22 19.92
C VAL D 870 32.68 43.29 19.78
N GLU D 871 31.54 43.83 19.34
CA GLU D 871 30.36 43.00 19.19
C GLU D 871 30.61 42.06 18.03
N PRO D 872 30.52 40.73 18.22
CA PRO D 872 31.21 39.81 17.30
C PRO D 872 30.66 39.76 15.90
N ILE D 873 29.44 40.25 15.65
CA ILE D 873 28.89 40.29 14.30
C ILE D 873 29.75 41.17 13.40
N ASN D 874 30.17 42.32 13.91
CA ASN D 874 31.06 43.25 13.21
C ASN D 874 32.50 43.08 13.64
N ALA D 875 32.92 41.82 13.59
CA ALA D 875 34.30 41.40 13.77
C ALA D 875 34.90 41.24 12.39
N VAL D 876 36.15 41.65 12.26
CA VAL D 876 36.80 41.86 10.97
C VAL D 876 38.12 41.10 10.99
N ALA D 877 38.46 40.51 9.86
CA ALA D 877 39.68 39.73 9.71
C ALA D 877 40.83 40.60 9.22
N PHE D 878 41.94 39.93 8.86
CA PHE D 878 43.19 40.60 8.49
C PHE D 878 43.06 41.52 7.27
N ASP D 879 42.08 41.28 6.41
CA ASP D 879 41.89 42.06 5.18
C ASP D 879 40.96 43.26 5.37
N ASN D 880 40.63 43.62 6.61
CA ASN D 880 39.72 44.73 6.94
C ASN D 880 38.37 44.55 6.23
N MET D 881 37.90 43.29 6.20
CA MET D 881 36.69 42.91 5.51
C MET D 881 35.99 41.85 6.34
N ARG D 882 34.71 42.07 6.61
CA ARG D 882 34.02 41.37 7.69
C ARG D 882 33.83 39.88 7.39
N ILE D 883 33.94 39.06 8.44
CA ILE D 883 33.57 37.65 8.40
C ILE D 883 32.14 37.51 8.89
N MET D 884 31.43 36.53 8.33
CA MET D 884 29.99 36.38 8.53
C MET D 884 29.29 37.68 8.17
N ASN D 885 29.41 38.02 6.89
CA ASN D 885 28.79 39.17 6.27
C ASN D 885 27.86 38.73 5.15
N GLU D 886 27.07 37.71 5.46
CA GLU D 886 26.07 37.11 4.59
C GLU D 886 24.83 36.91 5.45
N LEU D 887 23.78 36.38 4.82
CA LEU D 887 22.46 36.27 5.43
C LEU D 887 21.83 34.91 5.17
N VAL E 93 5.30 -57.70 41.33
CA VAL E 93 5.99 -57.48 40.07
C VAL E 93 5.98 -58.78 39.27
N GLN E 94 5.57 -58.72 38.00
CA GLN E 94 5.49 -59.95 37.23
C GLN E 94 5.33 -59.64 35.74
N TYR E 95 5.85 -60.57 34.92
CA TYR E 95 5.96 -60.45 33.47
C TYR E 95 5.58 -61.79 32.84
N GLU E 96 5.37 -61.73 31.53
CA GLU E 96 5.13 -62.89 30.68
C GLU E 96 5.88 -62.62 29.39
N ILE E 97 6.19 -63.69 28.65
CA ILE E 97 7.10 -63.62 27.50
C ILE E 97 6.52 -64.41 26.33
N LEU E 98 6.76 -63.88 25.13
CA LEU E 98 6.49 -64.52 23.86
C LEU E 98 7.56 -64.10 22.88
N GLN E 99 7.77 -64.96 21.89
CA GLN E 99 8.85 -64.82 20.93
C GLN E 99 8.32 -65.16 19.56
N LYS E 100 9.16 -64.94 18.55
CA LYS E 100 8.74 -65.03 17.17
C LYS E 100 10.01 -65.17 16.34
N THR E 101 10.15 -66.30 15.65
CA THR E 101 11.35 -66.53 14.86
C THR E 101 11.26 -65.71 13.57
N ILE E 102 11.83 -64.51 13.64
CA ILE E 102 11.88 -63.60 12.49
C ILE E 102 12.99 -64.10 11.56
N PRO E 103 12.81 -64.18 10.24
CA PRO E 103 13.97 -64.49 9.39
C PRO E 103 15.04 -63.42 9.49
N THR E 104 16.24 -63.80 9.06
CA THR E 104 17.47 -63.03 9.24
C THR E 104 17.98 -62.71 7.84
N PHE E 105 17.52 -61.58 7.28
CA PHE E 105 17.95 -61.13 5.97
C PHE E 105 19.28 -60.40 6.13
N GLU E 106 20.35 -60.97 5.57
CA GLU E 106 21.69 -60.39 5.66
C GLU E 106 22.13 -59.87 4.29
N PRO E 107 22.24 -58.55 4.08
CA PRO E 107 22.94 -58.06 2.88
C PRO E 107 24.44 -58.26 2.98
N LYS E 108 25.18 -57.83 1.95
CA LYS E 108 26.63 -57.92 1.90
C LYS E 108 27.30 -56.71 2.50
N GLU E 109 26.68 -55.55 2.35
CA GLU E 109 26.89 -54.33 3.11
C GLU E 109 28.16 -53.56 2.70
N SER E 110 29.10 -54.16 1.94
CA SER E 110 30.19 -53.51 1.22
C SER E 110 30.98 -52.45 2.01
N ILE E 111 31.69 -52.86 3.06
CA ILE E 111 32.19 -51.94 4.09
C ILE E 111 33.15 -50.92 3.50
N LEU E 112 32.86 -49.64 3.75
CA LEU E 112 33.47 -48.49 3.09
C LEU E 112 34.37 -47.76 4.08
N LYS E 113 35.03 -46.74 3.53
CA LYS E 113 35.75 -45.73 4.27
C LYS E 113 35.64 -44.47 3.42
N LYS E 114 36.29 -43.41 3.87
CA LYS E 114 36.55 -42.24 3.05
C LYS E 114 38.05 -42.04 3.08
N LEU E 115 38.50 -41.17 2.20
CA LEU E 115 39.92 -41.03 1.89
C LEU E 115 40.74 -40.59 3.11
N GLU E 116 40.25 -39.62 3.87
CA GLU E 116 40.99 -39.18 5.05
C GLU E 116 41.15 -40.28 6.11
N ASP E 117 40.25 -41.25 6.13
CA ASP E 117 40.26 -42.36 7.08
C ASP E 117 40.89 -43.64 6.54
N ILE E 118 41.42 -43.64 5.32
CA ILE E 118 42.19 -44.78 4.82
C ILE E 118 43.54 -44.79 5.51
N LYS E 119 43.82 -45.84 6.22
CA LYS E 119 45.10 -46.05 6.86
C LYS E 119 46.10 -46.48 5.79
N PRO E 120 47.38 -45.99 5.83
CA PRO E 120 48.28 -46.16 4.68
C PRO E 120 48.58 -47.61 4.28
N GLU E 121 49.15 -48.40 5.18
CA GLU E 121 49.70 -49.72 4.91
C GLU E 121 50.28 -50.17 6.24
N GLN E 122 50.48 -51.48 6.38
CA GLN E 122 51.25 -52.05 7.46
C GLN E 122 52.36 -52.90 6.86
N VAL E 123 53.59 -52.49 7.15
CA VAL E 123 54.77 -53.16 6.61
C VAL E 123 54.78 -54.58 7.09
N LYS E 124 55.33 -55.47 6.27
CA LYS E 124 55.57 -56.84 6.65
C LYS E 124 57.01 -56.83 7.14
N LYS E 125 57.22 -57.01 8.45
CA LYS E 125 58.51 -57.43 8.96
C LYS E 125 58.51 -58.93 9.04
N GLN E 126 59.70 -59.52 8.89
CA GLN E 126 59.78 -60.95 8.69
C GLN E 126 59.81 -61.66 10.03
N THR E 127 59.16 -62.80 10.06
CA THR E 127 59.18 -63.78 11.15
C THR E 127 60.31 -64.75 10.75
N LYS E 128 60.27 -65.99 11.23
CA LYS E 128 61.22 -67.03 10.83
C LYS E 128 61.37 -67.16 9.31
N LEU E 129 62.41 -67.83 8.86
CA LEU E 129 62.97 -67.63 7.52
C LEU E 129 62.25 -68.32 6.38
N PHE E 130 61.03 -68.81 6.58
CA PHE E 130 60.21 -69.41 5.52
C PHE E 130 60.94 -70.61 4.90
N ARG E 131 60.97 -71.65 5.69
CA ARG E 131 61.49 -72.91 5.25
C ARG E 131 60.36 -73.68 4.61
N ILE E 132 60.70 -74.52 3.64
CA ILE E 132 59.77 -75.43 2.99
C ILE E 132 60.26 -76.85 3.23
N PHE E 133 61.57 -77.03 3.40
CA PHE E 133 62.20 -78.31 3.61
C PHE E 133 62.85 -78.27 4.99
N GLU E 134 63.07 -79.44 5.57
CA GLU E 134 63.81 -79.62 6.80
C GLU E 134 64.54 -80.95 6.74
N PRO E 135 65.63 -81.13 7.49
CA PRO E 135 66.26 -82.45 7.55
C PRO E 135 65.43 -83.39 8.38
N ARG E 136 65.78 -84.67 8.32
CA ARG E 136 65.17 -85.69 9.16
C ARG E 136 66.02 -86.95 9.11
N GLN E 137 66.28 -87.56 10.27
CA GLN E 137 66.88 -88.89 10.29
C GLN E 137 65.91 -89.92 9.75
N LEU E 138 66.43 -90.72 8.82
CA LEU E 138 65.80 -91.93 8.28
C LEU E 138 66.82 -93.05 8.39
N PRO E 139 66.37 -94.31 8.45
CA PRO E 139 67.32 -95.42 8.33
C PRO E 139 67.84 -95.49 6.90
N VAL E 140 68.84 -96.37 6.71
CA VAL E 140 69.44 -96.59 5.41
C VAL E 140 69.76 -98.06 5.33
N TYR E 141 69.70 -98.58 4.10
CA TYR E 141 69.74 -100.01 3.83
C TYR E 141 70.73 -100.25 2.70
N ARG E 142 71.76 -101.02 2.98
CA ARG E 142 72.78 -101.29 1.99
C ARG E 142 72.22 -102.16 0.88
N ALA E 143 72.93 -102.16 -0.25
CA ALA E 143 72.57 -103.05 -1.35
C ALA E 143 72.73 -104.49 -0.91
N ASN E 144 71.79 -105.33 -1.35
CA ASN E 144 71.22 -106.59 -0.81
C ASN E 144 70.03 -106.35 0.15
N GLY E 145 69.69 -105.09 0.47
CA GLY E 145 68.47 -104.77 1.17
C GLY E 145 68.59 -104.61 2.69
N GLU E 146 69.57 -105.23 3.34
CA GLU E 146 69.61 -105.22 4.79
C GLU E 146 70.21 -103.90 5.29
N LYS E 147 70.32 -103.79 6.61
CA LYS E 147 70.39 -102.53 7.33
C LYS E 147 71.78 -102.31 7.91
N GLU E 148 72.16 -101.05 8.02
CA GLU E 148 73.42 -100.65 8.63
C GLU E 148 73.28 -100.54 10.14
N LEU E 149 74.41 -100.25 10.80
CA LEU E 149 74.44 -99.75 12.17
C LEU E 149 74.45 -98.23 12.22
N ARG E 150 73.98 -97.57 11.16
CA ARG E 150 74.12 -96.14 10.96
C ARG E 150 72.81 -95.65 10.37
N ASN E 151 72.58 -94.34 10.50
CA ASN E 151 71.35 -93.68 10.05
C ASN E 151 71.78 -92.60 9.07
N ARG E 152 70.82 -91.82 8.57
CA ARG E 152 71.24 -90.72 7.70
C ARG E 152 70.14 -89.67 7.64
N TRP E 153 70.59 -88.43 7.44
CA TRP E 153 69.72 -87.27 7.37
C TRP E 153 69.35 -87.00 5.91
N TYR E 154 68.05 -86.86 5.66
CA TYR E 154 67.53 -86.51 4.34
C TYR E 154 66.66 -85.28 4.43
N TRP E 155 66.65 -84.52 3.35
CA TRP E 155 65.69 -83.45 3.21
C TRP E 155 64.29 -84.02 3.00
N LYS E 156 63.33 -83.42 3.69
CA LYS E 156 61.92 -83.74 3.52
C LYS E 156 61.16 -82.43 3.65
N LEU E 157 59.96 -82.43 3.15
CA LEU E 157 59.11 -81.26 3.20
C LEU E 157 58.54 -81.03 4.58
N LYS E 158 58.38 -79.76 4.93
CA LYS E 158 57.46 -79.39 5.99
C LYS E 158 56.04 -79.41 5.45
N ARG E 159 55.15 -80.00 6.24
CA ARG E 159 53.70 -80.03 6.00
C ARG E 159 53.38 -80.68 4.65
N ASP E 160 53.63 -82.00 4.57
CA ASP E 160 53.08 -82.73 3.44
C ASP E 160 51.56 -82.64 3.50
N THR E 161 50.99 -81.82 2.61
CA THR E 161 49.56 -81.55 2.54
C THR E 161 49.09 -81.53 1.09
N LEU E 162 49.88 -82.05 0.16
CA LEU E 162 49.61 -81.77 -1.24
C LEU E 162 48.43 -82.61 -1.76
N PRO E 163 47.64 -82.09 -2.72
CA PRO E 163 46.41 -82.80 -3.08
C PRO E 163 46.61 -83.93 -4.07
N ASP E 164 45.47 -84.46 -4.52
CA ASP E 164 45.38 -85.41 -5.62
C ASP E 164 44.75 -84.74 -6.82
N GLY E 165 45.41 -84.87 -7.98
CA GLY E 165 45.02 -84.13 -9.16
C GLY E 165 45.88 -82.94 -9.44
N ASP E 166 46.34 -82.81 -10.69
CA ASP E 166 47.26 -81.73 -11.05
C ASP E 166 46.61 -80.37 -10.89
N TYR E 167 45.30 -80.25 -11.14
CA TYR E 167 44.61 -78.98 -10.95
C TYR E 167 44.73 -78.51 -9.51
N ASP E 168 44.49 -79.43 -8.56
CA ASP E 168 44.57 -79.05 -7.16
C ASP E 168 46.01 -78.82 -6.73
N VAL E 169 46.98 -79.45 -7.39
CA VAL E 169 48.38 -79.18 -7.10
C VAL E 169 48.77 -77.78 -7.58
N ARG E 170 48.29 -77.38 -8.75
CA ARG E 170 48.56 -76.03 -9.20
C ARG E 170 47.83 -75.00 -8.34
N GLU E 171 46.63 -75.32 -7.85
CA GLU E 171 45.99 -74.51 -6.80
C GLU E 171 46.90 -74.38 -5.59
N TYR E 172 47.49 -75.50 -5.13
CA TYR E 172 48.42 -75.47 -3.99
C TYR E 172 49.54 -74.49 -4.26
N PHE E 173 50.11 -74.52 -5.46
CA PHE E 173 51.25 -73.66 -5.72
C PHE E 173 50.80 -72.20 -5.86
N LEU E 174 49.59 -71.96 -6.36
CA LEU E 174 49.05 -70.60 -6.33
C LEU E 174 48.88 -70.10 -4.91
N ASN E 175 48.34 -70.95 -4.02
CA ASN E 175 48.20 -70.57 -2.62
C ASN E 175 49.55 -70.36 -1.98
N LEU E 176 50.54 -71.16 -2.35
CA LEU E 176 51.89 -70.98 -1.84
C LEU E 176 52.46 -69.65 -2.27
N TYR E 177 52.21 -69.28 -3.52
CA TYR E 177 52.64 -67.98 -4.03
C TYR E 177 51.94 -66.87 -3.26
N ASP E 178 50.66 -67.06 -2.96
CA ASP E 178 49.92 -66.14 -2.10
C ASP E 178 50.57 -66.05 -0.72
N GLN E 179 51.03 -67.18 -0.18
CA GLN E 179 51.66 -67.18 1.14
C GLN E 179 52.94 -66.38 1.11
N VAL E 180 53.74 -66.57 0.05
CA VAL E 180 55.01 -65.87 -0.07
C VAL E 180 54.78 -64.37 -0.22
N LEU E 181 53.80 -63.97 -1.01
CA LEU E 181 53.47 -62.57 -1.14
C LEU E 181 52.89 -62.00 0.15
N THR E 182 52.16 -62.82 0.90
CA THR E 182 51.71 -62.46 2.24
C THR E 182 52.85 -62.39 3.25
N GLU E 183 53.98 -63.03 2.96
CA GLU E 183 55.16 -63.07 3.81
C GLU E 183 56.33 -62.28 3.25
N MET E 184 56.24 -61.79 1.99
CA MET E 184 57.23 -60.95 1.33
C MET E 184 57.48 -59.69 2.16
N PRO E 185 58.65 -59.51 2.80
CA PRO E 185 58.83 -58.34 3.65
C PRO E 185 59.32 -57.13 2.89
N ASP E 186 59.12 -55.98 3.52
CA ASP E 186 59.50 -54.69 2.97
C ASP E 186 60.89 -54.33 3.46
N TYR E 187 61.16 -54.65 4.72
CA TYR E 187 62.46 -54.53 5.33
C TYR E 187 62.57 -55.60 6.39
N LEU E 188 63.80 -55.92 6.78
CA LEU E 188 64.02 -56.97 7.76
C LEU E 188 65.44 -56.80 8.28
N LEU E 189 65.58 -56.87 9.60
CA LEU E 189 66.86 -56.88 10.28
C LEU E 189 67.09 -58.24 10.91
N LEU E 190 68.22 -58.84 10.58
CA LEU E 190 68.46 -60.23 10.96
C LEU E 190 68.70 -60.37 12.45
N LYS E 191 69.19 -59.32 13.12
CA LYS E 191 69.51 -59.42 14.54
C LYS E 191 68.29 -59.69 15.41
N ASP E 192 67.10 -59.27 14.95
CA ASP E 192 65.89 -59.51 15.73
C ASP E 192 65.61 -61.00 15.84
N MET E 193 65.83 -61.74 14.75
CA MET E 193 65.55 -63.17 14.69
C MET E 193 66.75 -64.03 15.09
N ALA E 194 67.93 -63.45 15.32
CA ALA E 194 69.10 -64.24 15.61
C ALA E 194 69.02 -64.84 17.00
N VAL E 195 69.76 -65.92 17.19
CA VAL E 195 69.89 -66.61 18.47
C VAL E 195 71.33 -67.09 18.59
N GLU E 196 71.64 -67.71 19.72
CA GLU E 196 73.00 -68.06 20.10
C GLU E 196 73.20 -69.54 19.87
N ASN E 197 74.29 -69.89 19.19
CA ASN E 197 74.68 -71.28 19.03
C ASN E 197 75.34 -71.78 20.30
N LYS E 198 74.85 -72.91 20.81
CA LYS E 198 75.38 -73.50 22.03
C LYS E 198 76.61 -74.37 21.78
N ASN E 199 77.14 -74.40 20.54
CA ASN E 199 78.23 -75.29 20.13
C ASN E 199 79.25 -74.57 19.24
N SER E 200 79.24 -73.25 19.19
CA SER E 200 80.17 -72.47 18.41
C SER E 200 81.51 -72.31 19.11
N ARG E 201 82.57 -72.28 18.30
CA ARG E 201 83.90 -72.01 18.81
C ARG E 201 83.94 -70.68 19.54
N ASP E 202 83.57 -69.61 18.86
CA ASP E 202 83.71 -68.26 19.39
C ASP E 202 82.50 -67.81 20.19
N ALA E 203 81.57 -68.72 20.51
CA ALA E 203 80.32 -68.42 21.21
C ALA E 203 79.58 -67.34 20.44
N GLY E 204 79.22 -67.74 19.21
CA GLY E 204 78.63 -66.86 18.23
C GLY E 204 77.16 -67.17 18.07
N LYS E 205 76.55 -66.43 17.15
CA LYS E 205 75.12 -66.46 16.92
C LYS E 205 74.86 -66.95 15.51
N VAL E 206 73.62 -67.32 15.28
CA VAL E 206 73.13 -67.74 13.98
C VAL E 206 71.76 -67.09 13.78
N VAL E 207 71.12 -67.44 12.68
CA VAL E 207 70.05 -66.63 12.11
C VAL E 207 68.69 -66.97 12.71
N ASP E 208 68.38 -68.24 12.95
CA ASP E 208 67.03 -68.68 13.28
C ASP E 208 67.08 -69.76 14.34
N SER E 209 65.95 -69.95 15.02
CA SER E 209 65.86 -70.89 16.11
C SER E 209 65.99 -72.34 15.63
N GLU E 210 65.41 -72.65 14.47
CA GLU E 210 65.43 -74.02 13.98
C GLU E 210 66.79 -74.42 13.44
N THR E 211 67.53 -73.45 12.89
CA THR E 211 68.92 -73.68 12.51
C THR E 211 69.73 -74.17 13.70
N ALA E 212 69.60 -73.48 14.84
CA ALA E 212 70.35 -73.85 16.02
C ALA E 212 69.85 -75.16 16.60
N ALA E 213 68.54 -75.42 16.51
CA ALA E 213 67.99 -76.72 16.91
C ALA E 213 68.63 -77.85 16.12
N ILE E 214 68.69 -77.70 14.79
CA ILE E 214 69.29 -78.70 13.91
C ILE E 214 70.75 -78.88 14.26
N CYS E 215 71.47 -77.77 14.45
CA CYS E 215 72.89 -77.82 14.80
C CYS E 215 73.10 -78.61 16.08
N ASP E 216 72.27 -78.35 17.10
CA ASP E 216 72.44 -79.03 18.38
C ASP E 216 72.14 -80.52 18.25
N ALA E 217 71.07 -80.85 17.49
CA ALA E 217 70.71 -82.25 17.26
C ALA E 217 71.83 -82.99 16.55
N ILE E 218 72.36 -82.40 15.47
CA ILE E 218 73.43 -83.04 14.71
C ILE E 218 74.71 -83.09 15.53
N PHE E 219 74.87 -82.17 16.47
CA PHE E 219 76.03 -82.19 17.34
C PHE E 219 75.92 -83.36 18.32
N GLN E 220 74.72 -83.62 18.83
CA GLN E 220 74.53 -84.66 19.83
C GLN E 220 74.31 -86.05 19.24
N ASP E 221 74.33 -86.22 17.91
CA ASP E 221 74.19 -87.55 17.33
C ASP E 221 75.49 -88.33 17.43
N GLU E 222 75.38 -89.63 17.70
CA GLU E 222 76.57 -90.46 17.82
C GLU E 222 77.23 -90.72 16.47
N GLU E 223 76.44 -90.77 15.39
CA GLU E 223 76.86 -91.34 14.11
C GLU E 223 77.05 -90.26 13.05
N THR E 224 77.52 -89.08 13.46
CA THR E 224 77.89 -87.98 12.59
C THR E 224 79.40 -87.84 12.64
N GLU E 225 79.98 -87.53 11.49
CA GLU E 225 81.40 -87.31 11.38
C GLU E 225 81.85 -86.15 12.25
N GLY E 226 83.14 -86.16 12.59
CA GLY E 226 83.70 -85.05 13.32
C GLY E 226 83.75 -83.75 12.51
N VAL E 227 83.67 -83.84 11.20
CA VAL E 227 83.88 -82.67 10.35
C VAL E 227 82.69 -81.72 10.45
N VAL E 228 81.47 -82.27 10.53
CA VAL E 228 80.31 -81.39 10.71
C VAL E 228 80.34 -80.76 12.09
N ARG E 229 80.91 -81.44 13.09
CA ARG E 229 81.02 -80.81 14.41
C ARG E 229 82.01 -79.65 14.38
N ARG E 230 83.14 -79.85 13.68
CA ARG E 230 84.09 -78.77 13.44
C ARG E 230 83.41 -77.61 12.72
N PHE E 231 82.62 -77.94 11.70
CA PHE E 231 81.88 -76.95 10.92
C PHE E 231 80.96 -76.14 11.83
N ILE E 232 80.20 -76.84 12.70
CA ILE E 232 79.29 -76.19 13.65
C ILE E 232 80.09 -75.32 14.61
N ALA E 233 81.33 -75.68 14.89
CA ALA E 233 82.13 -74.86 15.78
C ALA E 233 82.61 -73.62 15.05
N GLU E 234 82.81 -73.68 13.73
CA GLU E 234 83.31 -72.53 13.01
C GLU E 234 82.23 -71.55 12.59
N MET E 235 80.96 -71.97 12.57
CA MET E 235 79.92 -71.13 11.97
C MET E 235 79.46 -70.14 13.04
N ARG E 236 79.65 -68.86 12.74
CA ARG E 236 79.39 -67.78 13.68
C ARG E 236 79.01 -66.55 12.87
N GLN E 237 78.64 -65.51 13.61
CA GLN E 237 78.22 -64.25 13.02
C GLN E 237 79.41 -63.35 12.76
N ARG E 238 79.46 -62.76 11.57
CA ARG E 238 80.46 -61.77 11.19
C ARG E 238 79.81 -60.42 10.93
N VAL E 239 80.54 -59.37 11.29
CA VAL E 239 80.06 -57.99 11.25
C VAL E 239 81.15 -57.11 10.67
N GLN E 240 80.75 -56.16 9.84
CA GLN E 240 81.63 -55.09 9.41
C GLN E 240 80.79 -53.83 9.55
N ALA E 241 81.13 -53.05 10.58
CA ALA E 241 80.38 -51.86 10.98
C ALA E 241 80.84 -50.61 10.25
N ASP E 242 81.98 -50.66 9.55
CA ASP E 242 82.35 -49.56 8.68
C ASP E 242 81.31 -49.37 7.60
N ARG E 243 80.71 -50.48 7.11
CA ARG E 243 79.69 -50.45 6.07
C ARG E 243 78.28 -50.65 6.63
N ASN E 244 78.12 -50.89 7.94
CA ASN E 244 76.84 -51.27 8.54
C ASN E 244 76.26 -52.50 7.85
N VAL E 245 77.05 -53.59 7.91
CA VAL E 245 76.73 -54.84 7.24
C VAL E 245 77.00 -55.98 8.21
N VAL E 246 76.17 -57.02 8.13
CA VAL E 246 76.31 -58.24 8.90
C VAL E 246 76.18 -59.39 7.93
N ASN E 247 76.85 -60.49 8.25
CA ASN E 247 76.73 -61.75 7.54
C ASN E 247 76.53 -62.81 8.62
N TYR E 248 75.35 -63.50 8.57
CA TYR E 248 74.98 -64.55 9.53
C TYR E 248 74.93 -65.92 8.85
N PRO E 249 75.29 -67.02 9.53
CA PRO E 249 75.08 -68.34 8.95
C PRO E 249 73.63 -68.76 8.92
N SER E 250 73.32 -69.59 7.93
CA SER E 250 72.02 -70.22 7.79
C SER E 250 72.25 -71.61 7.25
N ILE E 251 71.28 -72.48 7.50
CA ILE E 251 71.26 -73.84 6.99
C ILE E 251 69.85 -74.03 6.45
N LEU E 252 69.74 -74.09 5.13
CA LEU E 252 68.44 -74.19 4.51
C LEU E 252 68.62 -74.57 3.06
N HIS E 253 67.57 -75.16 2.49
CA HIS E 253 67.62 -75.75 1.17
C HIS E 253 67.83 -74.67 0.12
N PRO E 254 68.44 -74.99 -1.06
CA PRO E 254 68.73 -73.92 -2.03
C PRO E 254 67.53 -73.13 -2.56
N ILE E 255 66.36 -73.77 -2.73
CA ILE E 255 65.15 -73.01 -3.08
C ILE E 255 64.83 -72.02 -1.97
N ASP E 256 64.93 -72.46 -0.71
CA ASP E 256 64.68 -71.59 0.43
C ASP E 256 65.67 -70.44 0.43
N HIS E 257 66.93 -70.75 0.09
CA HIS E 257 67.97 -69.74 -0.01
C HIS E 257 67.63 -68.74 -1.09
N ALA E 258 67.11 -69.22 -2.22
CA ALA E 258 66.71 -68.36 -3.31
C ALA E 258 65.66 -67.36 -2.85
N PHE E 259 64.61 -67.84 -2.17
CA PHE E 259 63.55 -66.95 -1.69
C PHE E 259 64.09 -65.93 -0.69
N ASN E 260 64.81 -66.39 0.33
CA ASN E 260 65.29 -65.49 1.36
C ASN E 260 66.31 -64.50 0.81
N GLU E 261 67.17 -64.97 -0.09
CA GLU E 261 68.15 -64.08 -0.71
C GLU E 261 67.47 -63.05 -1.60
N TYR E 262 66.38 -63.43 -2.27
CA TYR E 262 65.66 -62.43 -3.05
C TYR E 262 65.07 -61.37 -2.14
N PHE E 263 64.51 -61.79 -1.01
CA PHE E 263 63.99 -60.82 -0.04
C PHE E 263 65.08 -59.88 0.43
N LEU E 264 66.26 -60.42 0.74
CA LEU E 264 67.37 -59.61 1.20
C LEU E 264 67.84 -58.62 0.13
N GLN E 265 68.15 -59.12 -1.07
CA GLN E 265 68.74 -58.24 -2.07
C GLN E 265 67.76 -57.27 -2.72
N HIS E 266 66.46 -57.35 -2.41
CA HIS E 266 65.43 -56.57 -3.08
C HIS E 266 64.41 -56.08 -2.06
N GLN E 267 64.89 -55.69 -0.87
CA GLN E 267 64.05 -55.10 0.16
C GLN E 267 64.05 -53.61 -0.08
N LEU E 268 62.85 -53.05 -0.22
CA LEU E 268 62.69 -51.72 -0.78
C LEU E 268 62.76 -50.70 0.35
N VAL E 269 63.98 -50.34 0.68
CA VAL E 269 64.29 -49.25 1.59
C VAL E 269 65.47 -48.54 0.95
N GLU E 270 65.52 -47.24 1.16
CA GLU E 270 66.46 -46.31 0.56
C GLU E 270 67.04 -45.37 1.61
N PRO E 271 68.30 -44.91 1.47
CA PRO E 271 68.83 -43.97 2.47
C PRO E 271 68.05 -42.66 2.50
N LEU E 272 67.80 -42.18 3.72
CA LEU E 272 66.99 -41.01 3.99
C LEU E 272 67.87 -39.87 4.50
N ASN E 273 67.77 -38.72 3.83
CA ASN E 273 68.37 -37.47 4.27
C ASN E 273 67.34 -36.36 4.11
N ASN E 274 67.68 -35.18 4.62
CA ASN E 274 66.76 -34.04 4.61
C ASN E 274 66.41 -33.57 3.21
N ASP E 275 67.32 -33.76 2.25
CA ASP E 275 67.04 -33.45 0.85
C ASP E 275 65.85 -34.27 0.35
N ILE E 276 65.73 -35.51 0.83
CA ILE E 276 64.61 -36.36 0.45
C ILE E 276 63.34 -35.95 1.18
N ILE E 277 63.45 -35.41 2.39
CA ILE E 277 62.29 -34.85 3.09
C ILE E 277 61.71 -33.72 2.27
N PHE E 278 62.58 -32.82 1.82
CA PHE E 278 62.19 -31.77 0.89
C PHE E 278 61.56 -32.34 -0.38
N ASN E 279 62.34 -33.11 -1.15
CA ASN E 279 61.96 -33.53 -2.49
C ASN E 279 60.76 -34.46 -2.54
N TYR E 280 60.31 -35.01 -1.42
CA TYR E 280 59.02 -35.69 -1.39
C TYR E 280 57.86 -34.71 -1.49
N ILE E 281 58.06 -33.46 -1.08
CA ILE E 281 57.06 -32.39 -1.18
C ILE E 281 57.06 -31.93 -2.64
N PRO E 282 55.95 -31.45 -3.21
CA PRO E 282 55.98 -30.97 -4.59
C PRO E 282 56.87 -29.75 -4.81
N GLU E 283 57.30 -29.60 -6.07
CA GLU E 283 58.16 -28.47 -6.44
C GLU E 283 57.45 -27.14 -6.28
N ARG E 284 56.21 -27.05 -6.76
CA ARG E 284 55.51 -25.76 -6.83
C ARG E 284 55.27 -25.14 -5.47
N ILE E 285 55.16 -25.97 -4.43
CA ILE E 285 54.89 -25.51 -3.07
C ILE E 285 56.17 -25.04 -2.41
N ARG E 286 57.29 -25.68 -2.72
CA ARG E 286 58.56 -25.18 -2.23
C ARG E 286 58.93 -23.88 -2.93
N ASN E 287 58.66 -23.78 -4.23
CA ASN E 287 58.93 -22.56 -4.97
C ASN E 287 57.91 -21.45 -4.70
N ASP E 288 56.89 -21.68 -3.87
CA ASP E 288 55.90 -20.67 -3.52
C ASP E 288 56.34 -20.02 -2.21
N VAL E 289 56.55 -18.71 -2.26
CA VAL E 289 57.03 -17.95 -1.11
C VAL E 289 55.95 -17.57 -0.10
N ASN E 290 54.71 -18.03 -0.25
CA ASN E 290 53.66 -17.83 0.75
C ASN E 290 53.62 -18.92 1.82
N TYR E 291 54.56 -19.86 1.80
CA TYR E 291 54.70 -20.91 2.80
C TYR E 291 56.16 -20.97 3.17
N ILE E 292 56.42 -21.15 4.46
CA ILE E 292 57.77 -21.29 4.97
C ILE E 292 57.81 -22.61 5.72
N LEU E 293 58.95 -23.28 5.58
CA LEU E 293 59.14 -24.65 5.97
C LEU E 293 60.43 -24.76 6.75
N ASN E 294 60.44 -25.63 7.75
CA ASN E 294 61.67 -25.95 8.44
C ASN E 294 61.52 -27.32 9.07
N MET E 295 62.57 -27.72 9.78
CA MET E 295 62.55 -28.93 10.57
C MET E 295 63.56 -28.75 11.68
N ASP E 296 63.40 -29.57 12.71
CA ASP E 296 64.18 -29.53 13.93
C ASP E 296 64.95 -30.81 14.15
N ARG E 297 65.42 -31.43 13.06
CA ARG E 297 66.13 -32.69 13.14
C ARG E 297 67.16 -32.76 12.02
N ASN E 298 68.18 -33.58 12.25
CA ASN E 298 69.24 -33.86 11.29
C ASN E 298 69.31 -35.38 11.27
N LEU E 299 68.65 -35.95 10.28
CA LEU E 299 68.57 -37.39 10.22
C LEU E 299 69.93 -37.98 9.87
N PRO E 300 70.25 -39.20 10.33
CA PRO E 300 71.54 -39.81 9.97
C PRO E 300 71.41 -40.56 8.67
N SER E 301 72.52 -41.11 8.18
CA SER E 301 72.43 -42.02 7.04
C SER E 301 71.88 -43.38 7.44
N THR E 302 71.80 -43.67 8.76
CA THR E 302 71.20 -44.88 9.28
C THR E 302 69.69 -44.90 9.11
N ALA E 303 69.06 -43.76 8.83
CA ALA E 303 67.63 -43.76 8.63
C ALA E 303 67.30 -44.38 7.28
N ARG E 304 66.03 -44.73 7.10
CA ARG E 304 65.54 -45.30 5.86
C ARG E 304 64.11 -44.83 5.66
N TYR E 305 63.63 -45.03 4.44
CA TYR E 305 62.30 -44.62 4.05
C TYR E 305 61.89 -45.52 2.90
N ILE E 306 60.61 -45.75 2.83
CA ILE E 306 60.00 -46.55 1.78
C ILE E 306 59.47 -45.58 0.74
N ARG E 307 59.71 -45.91 -0.56
CA ARG E 307 59.30 -44.99 -1.61
C ARG E 307 57.95 -45.46 -2.11
N PRO E 308 56.91 -44.64 -2.22
CA PRO E 308 55.67 -45.16 -2.77
C PRO E 308 55.83 -45.42 -4.27
N ASN E 309 54.99 -46.31 -4.78
CA ASN E 309 54.87 -46.57 -6.22
C ASN E 309 53.78 -45.63 -6.72
N LEU E 310 54.17 -44.41 -7.09
CA LEU E 310 53.26 -43.42 -7.68
C LEU E 310 53.30 -43.45 -9.20
N LEU E 311 53.16 -44.64 -9.76
CA LEU E 311 52.95 -44.82 -11.18
C LEU E 311 51.49 -44.55 -11.51
N GLN E 312 51.25 -44.10 -12.73
CA GLN E 312 49.95 -43.53 -13.10
C GLN E 312 48.96 -44.66 -13.38
N ASP E 313 47.75 -44.29 -13.81
CA ASP E 313 46.65 -45.21 -14.08
C ASP E 313 46.99 -46.08 -15.28
N ARG E 314 47.35 -47.32 -15.00
CA ARG E 314 47.55 -48.31 -16.06
C ARG E 314 46.23 -48.68 -16.72
N LEU E 315 45.11 -48.56 -15.99
CA LEU E 315 43.85 -49.13 -16.44
C LEU E 315 43.02 -48.21 -17.31
N ASN E 316 43.27 -46.90 -17.26
CA ASN E 316 42.49 -45.90 -17.97
C ASN E 316 41.02 -45.99 -17.57
N LEU E 317 40.78 -45.73 -16.29
CA LEU E 317 39.43 -45.82 -15.74
C LEU E 317 38.54 -44.69 -16.22
N HIS E 318 39.12 -43.60 -16.74
CA HIS E 318 38.30 -42.62 -17.46
C HIS E 318 37.73 -43.15 -18.77
N ASP E 319 38.28 -44.24 -19.31
CA ASP E 319 37.86 -44.82 -20.59
C ASP E 319 36.89 -45.98 -20.32
N ASN E 320 35.60 -45.67 -20.29
CA ASN E 320 34.53 -46.67 -20.37
C ASN E 320 34.43 -47.50 -19.07
N PHE E 321 34.67 -46.86 -17.94
CA PHE E 321 34.34 -47.38 -16.61
C PHE E 321 33.68 -46.27 -15.81
N GLU E 322 32.68 -45.66 -16.45
CA GLU E 322 32.14 -44.38 -16.01
C GLU E 322 31.47 -44.43 -14.64
N SER E 323 31.01 -45.61 -14.20
CA SER E 323 30.46 -45.73 -12.86
C SER E 323 31.55 -45.59 -11.83
N LEU E 324 32.61 -46.39 -11.97
CA LEU E 324 33.78 -46.29 -11.11
C LEU E 324 34.39 -44.90 -11.17
N TRP E 325 34.40 -44.28 -12.36
CA TRP E 325 34.97 -42.96 -12.46
C TRP E 325 34.14 -41.94 -11.71
N ASP E 326 32.81 -42.08 -11.77
CA ASP E 326 31.94 -41.18 -11.01
C ASP E 326 32.12 -41.39 -9.52
N THR E 327 32.28 -42.65 -9.11
CA THR E 327 32.54 -42.96 -7.70
C THR E 327 33.85 -42.34 -7.22
N ILE E 328 34.95 -42.63 -7.92
CA ILE E 328 36.28 -42.07 -7.59
C ILE E 328 36.23 -40.55 -7.59
N THR E 329 35.52 -39.99 -8.57
CA THR E 329 35.47 -38.55 -8.73
C THR E 329 34.74 -37.92 -7.55
N THR E 330 33.61 -38.49 -7.16
CA THR E 330 32.89 -37.99 -5.99
C THR E 330 33.71 -38.20 -4.72
N SER E 331 34.44 -39.30 -4.65
CA SER E 331 35.17 -39.64 -3.44
C SER E 331 36.42 -38.78 -3.28
N ASN E 332 36.95 -38.21 -4.36
CA ASN E 332 37.98 -37.17 -4.29
C ASN E 332 37.38 -35.79 -4.13
N TYR E 333 36.20 -35.56 -4.71
CA TYR E 333 35.49 -34.29 -4.56
C TYR E 333 35.20 -34.00 -3.10
N ILE E 334 34.72 -35.00 -2.38
CA ILE E 334 34.40 -34.84 -0.97
C ILE E 334 35.65 -34.56 -0.15
N LEU E 335 36.75 -35.25 -0.47
CA LEU E 335 38.03 -34.96 0.17
C LEU E 335 38.44 -33.53 -0.09
N ALA E 336 38.19 -33.04 -1.29
CA ALA E 336 38.60 -31.70 -1.63
C ALA E 336 37.78 -30.70 -0.85
N ARG E 337 36.51 -31.01 -0.61
CA ARG E 337 35.69 -30.13 0.21
C ARG E 337 36.19 -30.05 1.64
N SER E 338 36.85 -31.10 2.13
CA SER E 338 37.31 -31.13 3.52
C SER E 338 38.49 -30.21 3.79
N VAL E 339 39.19 -29.73 2.77
CA VAL E 339 40.47 -29.05 2.94
C VAL E 339 40.41 -27.59 2.52
N VAL E 340 39.41 -27.18 1.77
CA VAL E 340 39.27 -25.77 1.41
C VAL E 340 38.96 -24.98 2.67
N PRO E 341 39.57 -23.80 2.90
CA PRO E 341 39.30 -23.08 4.15
C PRO E 341 37.87 -22.58 4.16
N ASP E 342 37.30 -22.43 5.36
CA ASP E 342 36.07 -21.70 5.49
C ASP E 342 36.37 -20.21 5.38
N LEU E 343 35.47 -19.50 4.72
CA LEU E 343 35.68 -18.10 4.40
C LEU E 343 35.50 -17.19 5.61
N LYS E 344 36.22 -16.07 5.56
CA LYS E 344 36.25 -15.05 6.61
C LYS E 344 35.02 -14.16 6.43
N GLU E 345 35.01 -12.97 7.02
CA GLU E 345 33.98 -11.94 6.79
C GLU E 345 33.65 -11.71 5.32
N LEU E 374 19.01 -8.13 -4.25
CA LEU E 374 19.37 -8.46 -2.87
C LEU E 374 18.88 -9.83 -2.39
N THR E 375 18.14 -10.56 -3.22
CA THR E 375 17.61 -11.86 -2.83
C THR E 375 18.82 -12.79 -2.63
N GLY E 376 19.04 -13.21 -1.39
CA GLY E 376 20.07 -14.20 -1.11
C GLY E 376 21.49 -13.71 -1.29
N ILE E 377 21.87 -12.75 -0.44
CA ILE E 377 23.21 -12.15 -0.35
C ILE E 377 23.75 -12.54 1.03
N ASN E 378 23.41 -13.74 1.48
CA ASN E 378 23.85 -14.33 2.74
C ASN E 378 25.26 -14.91 2.64
N SER E 379 25.85 -15.19 3.79
CA SER E 379 26.96 -16.14 3.90
C SER E 379 26.40 -17.56 3.85
N GLN E 380 27.30 -18.55 3.98
CA GLN E 380 27.03 -20.00 3.89
C GLN E 380 26.78 -20.51 2.48
N ALA E 381 26.62 -19.63 1.50
CA ALA E 381 26.53 -19.95 0.09
C ALA E 381 27.77 -19.53 -0.66
N ALA E 382 28.32 -18.37 -0.27
CA ALA E 382 29.67 -17.98 -0.67
C ALA E 382 30.66 -19.10 -0.36
N ASN E 383 30.61 -19.62 0.87
CA ASN E 383 31.42 -20.77 1.22
C ASN E 383 31.06 -21.98 0.39
N ASP E 384 29.77 -22.17 0.13
CA ASP E 384 29.33 -23.33 -0.63
C ASP E 384 29.82 -23.25 -2.05
N CYS E 385 29.73 -22.09 -2.67
CA CYS E 385 30.24 -21.94 -4.02
C CYS E 385 31.76 -22.02 -4.08
N PHE E 386 32.45 -21.29 -3.19
CA PHE E 386 33.92 -21.33 -3.10
C PHE E 386 34.45 -22.74 -2.93
N LYS E 387 33.74 -23.56 -2.17
CA LYS E 387 34.13 -24.93 -1.93
C LYS E 387 33.78 -25.81 -3.12
N THR E 388 32.58 -25.62 -3.66
CA THR E 388 32.05 -26.45 -4.73
C THR E 388 32.85 -26.30 -6.01
N LEU E 389 33.16 -25.06 -6.39
CA LEU E 389 33.91 -24.78 -7.62
C LEU E 389 35.28 -25.42 -7.57
N ILE E 390 36.00 -25.21 -6.48
CA ILE E 390 37.37 -25.69 -6.39
C ILE E 390 37.38 -27.20 -6.33
N ALA E 391 36.49 -27.79 -5.52
CA ALA E 391 36.46 -29.23 -5.39
C ALA E 391 36.03 -29.90 -6.69
N ALA E 392 35.15 -29.27 -7.44
CA ALA E 392 34.78 -29.79 -8.75
C ALA E 392 35.96 -29.73 -9.72
N MET E 393 36.60 -28.57 -9.81
CA MET E 393 37.70 -28.39 -10.75
C MET E 393 38.93 -29.22 -10.40
N LEU E 394 39.08 -29.61 -9.13
CA LEU E 394 40.17 -30.50 -8.74
C LEU E 394 39.80 -31.94 -8.99
N SER E 395 38.56 -32.31 -8.70
CA SER E 395 38.09 -33.66 -8.95
C SER E 395 37.74 -33.91 -10.40
N GLN E 396 37.55 -32.85 -11.21
CA GLN E 396 37.05 -32.95 -12.57
C GLN E 396 35.69 -33.64 -12.54
N ARG E 397 34.80 -33.03 -11.78
CA ARG E 397 33.40 -33.42 -11.70
C ARG E 397 32.53 -32.33 -12.28
N THR E 398 31.67 -32.72 -13.21
CA THR E 398 30.78 -31.77 -13.84
C THR E 398 29.75 -31.33 -12.83
N MET E 399 29.13 -30.19 -13.13
CA MET E 399 28.13 -29.62 -12.24
C MET E 399 27.07 -28.94 -13.06
N SER E 400 25.84 -29.06 -12.60
CA SER E 400 24.67 -28.56 -13.30
C SER E 400 24.16 -27.41 -12.47
N LEU E 401 23.33 -26.59 -13.11
CA LEU E 401 22.82 -25.35 -12.55
C LEU E 401 21.31 -25.41 -12.38
N ASP E 402 20.85 -24.79 -11.29
CA ASP E 402 19.45 -24.48 -11.04
C ASP E 402 19.36 -23.01 -10.68
N PHE E 403 18.40 -22.33 -11.29
CA PHE E 403 18.33 -20.88 -11.17
C PHE E 403 16.94 -20.43 -11.59
N VAL E 404 16.39 -19.50 -10.84
CA VAL E 404 15.06 -18.97 -11.05
C VAL E 404 15.19 -17.73 -11.92
N THR E 405 14.47 -17.72 -13.04
CA THR E 405 14.58 -16.63 -14.00
C THR E 405 14.07 -15.28 -13.47
N THR E 406 13.26 -15.26 -12.41
CA THR E 406 12.90 -13.98 -11.79
C THR E 406 14.10 -13.25 -11.18
N ASN E 407 15.19 -13.95 -10.87
CA ASN E 407 16.40 -13.35 -10.34
C ASN E 407 17.39 -13.19 -11.49
N TYR E 408 17.56 -11.96 -11.93
CA TYR E 408 18.43 -11.65 -13.06
C TYR E 408 19.88 -11.56 -12.60
N MET E 409 20.10 -11.22 -11.32
CA MET E 409 21.46 -11.12 -10.80
C MET E 409 22.14 -12.47 -10.80
N SER E 410 21.35 -13.54 -10.63
CA SER E 410 21.86 -14.91 -10.77
C SER E 410 22.52 -15.09 -12.13
N LEU E 411 21.85 -14.61 -13.18
CA LEU E 411 22.41 -14.68 -14.52
C LEU E 411 23.64 -13.78 -14.63
N ILE E 412 23.57 -12.59 -14.03
CA ILE E 412 24.63 -11.60 -14.17
C ILE E 412 25.92 -12.07 -13.49
N SER E 413 25.81 -12.91 -12.45
CA SER E 413 26.99 -13.52 -11.84
C SER E 413 27.37 -14.81 -12.55
N GLY E 414 26.39 -15.49 -13.16
CA GLY E 414 26.71 -16.63 -14.00
C GLY E 414 27.52 -16.26 -15.22
N MET E 415 27.40 -15.01 -15.68
CA MET E 415 28.29 -14.46 -16.70
C MET E 415 29.76 -14.65 -16.31
N TRP E 416 30.12 -14.03 -15.18
CA TRP E 416 31.45 -14.12 -14.59
C TRP E 416 31.88 -15.57 -14.42
N LEU E 417 30.98 -16.39 -13.88
CA LEU E 417 31.22 -17.83 -13.71
C LEU E 417 31.65 -18.49 -15.01
N LEU E 418 30.82 -18.37 -16.05
CA LEU E 418 31.12 -18.98 -17.35
C LEU E 418 32.39 -18.42 -17.96
N THR E 419 32.75 -17.17 -17.63
CA THR E 419 34.03 -16.63 -18.09
C THR E 419 35.19 -17.34 -17.42
N VAL E 420 35.23 -17.31 -16.09
CA VAL E 420 36.45 -17.72 -15.39
C VAL E 420 36.56 -19.24 -15.27
N VAL E 421 35.47 -19.96 -15.42
CA VAL E 421 35.42 -21.43 -15.40
C VAL E 421 35.10 -21.87 -16.82
N PRO E 422 35.80 -22.87 -17.38
CA PRO E 422 35.44 -23.32 -18.74
C PRO E 422 34.04 -23.87 -18.86
N ASN E 423 33.70 -24.18 -20.10
CA ASN E 423 32.36 -24.56 -20.50
C ASN E 423 32.23 -26.06 -20.65
N ASP E 424 33.29 -26.74 -21.08
CA ASP E 424 33.31 -28.21 -21.06
C ASP E 424 33.35 -28.75 -19.62
N MET E 425 33.70 -27.92 -18.64
CA MET E 425 33.58 -28.25 -17.23
C MET E 425 32.14 -28.37 -16.76
N PHE E 426 31.19 -27.77 -17.47
CA PHE E 426 29.78 -27.90 -17.16
C PHE E 426 29.12 -28.90 -18.09
N ILE E 427 27.99 -29.39 -17.62
CA ILE E 427 27.17 -30.31 -18.38
C ILE E 427 26.32 -29.43 -19.29
N ARG E 428 25.99 -29.95 -20.48
CA ARG E 428 25.64 -29.10 -21.62
C ARG E 428 24.34 -28.33 -21.40
N GLU E 429 23.25 -29.01 -20.99
CA GLU E 429 21.94 -28.37 -20.92
C GLU E 429 21.90 -27.21 -19.93
N SER E 430 22.70 -27.29 -18.86
CA SER E 430 22.74 -26.24 -17.86
C SER E 430 23.23 -24.93 -18.45
N LEU E 431 24.45 -24.92 -18.99
CA LEU E 431 24.96 -23.68 -19.57
C LEU E 431 24.22 -23.31 -20.85
N VAL E 432 23.60 -24.26 -21.55
CA VAL E 432 22.71 -23.91 -22.65
C VAL E 432 21.57 -23.04 -22.17
N ALA E 433 20.90 -23.47 -21.10
CA ALA E 433 19.80 -22.67 -20.55
C ALA E 433 20.27 -21.33 -20.05
N CYS E 434 21.43 -21.32 -19.37
CA CYS E 434 21.93 -20.08 -18.80
C CYS E 434 22.36 -19.09 -19.88
N GLN E 435 23.15 -19.55 -20.86
CA GLN E 435 23.56 -18.70 -21.96
C GLN E 435 22.39 -18.23 -22.79
N LEU E 436 21.41 -19.11 -23.05
CA LEU E 436 20.23 -18.73 -23.81
C LEU E 436 19.44 -17.65 -23.12
N ALA E 437 19.23 -17.81 -21.81
CA ALA E 437 18.56 -16.78 -21.02
C ALA E 437 19.32 -15.46 -21.07
N ILE E 438 20.64 -15.51 -20.83
CA ILE E 438 21.52 -14.34 -20.83
C ILE E 438 21.43 -13.58 -22.14
N ILE E 439 21.50 -14.30 -23.27
CA ILE E 439 21.36 -13.69 -24.59
C ILE E 439 19.99 -13.05 -24.69
N ASN E 440 18.94 -13.81 -24.43
CA ASN E 440 17.60 -13.38 -24.71
C ASN E 440 17.02 -12.45 -23.66
N THR E 441 17.81 -12.02 -22.64
CA THR E 441 17.34 -10.97 -21.74
C THR E 441 18.39 -9.94 -21.33
N ILE E 442 19.61 -9.95 -21.89
CA ILE E 442 20.55 -8.83 -21.68
C ILE E 442 21.11 -8.25 -22.97
N ILE E 443 21.27 -9.06 -24.02
CA ILE E 443 22.17 -8.67 -25.11
C ILE E 443 21.35 -8.32 -26.34
N TYR E 444 20.71 -9.31 -26.92
CA TYR E 444 19.85 -9.07 -28.07
C TYR E 444 18.68 -8.12 -27.81
N PRO E 445 18.06 -8.02 -26.61
CA PRO E 445 17.11 -6.93 -26.40
C PRO E 445 17.74 -5.57 -26.22
N ALA E 446 19.05 -5.49 -25.93
CA ALA E 446 19.67 -4.19 -25.72
C ALA E 446 20.02 -3.54 -27.04
N PHE E 447 20.64 -4.31 -27.94
CA PHE E 447 20.94 -3.83 -29.28
C PHE E 447 19.72 -3.90 -30.22
N GLY E 448 18.53 -4.25 -29.72
CA GLY E 448 17.35 -4.22 -30.56
C GLY E 448 17.36 -5.30 -31.63
N MET E 449 17.21 -6.55 -31.23
CA MET E 449 17.28 -7.71 -32.10
C MET E 449 16.09 -8.62 -31.79
N GLN E 450 15.93 -9.66 -32.60
CA GLN E 450 15.01 -10.73 -32.24
C GLN E 450 15.46 -11.39 -30.93
N ARG E 451 14.53 -12.10 -30.29
CA ARG E 451 14.86 -12.79 -29.05
C ARG E 451 15.90 -13.86 -29.36
N MET E 452 15.48 -14.94 -30.02
CA MET E 452 16.29 -15.99 -30.65
C MET E 452 15.26 -16.99 -31.17
N HIS E 453 15.74 -17.92 -32.00
CA HIS E 453 14.94 -19.06 -32.47
C HIS E 453 15.92 -20.23 -32.35
N TYR E 454 15.97 -20.79 -31.13
CA TYR E 454 16.97 -21.75 -30.73
C TYR E 454 16.37 -23.14 -30.59
N ARG E 455 17.04 -24.11 -31.18
CA ARG E 455 16.66 -25.51 -31.14
C ARG E 455 17.23 -26.10 -29.85
N ASN E 456 16.52 -27.11 -29.33
CA ASN E 456 16.98 -27.81 -28.13
C ASN E 456 18.36 -28.41 -28.36
N GLY E 457 18.47 -29.30 -29.34
CA GLY E 457 19.72 -29.95 -29.66
C GLY E 457 20.55 -29.23 -30.72
N ASP E 458 20.58 -27.91 -30.68
CA ASP E 458 21.42 -27.16 -31.61
C ASP E 458 22.89 -27.51 -31.33
N PRO E 459 23.71 -27.86 -32.34
CA PRO E 459 25.12 -28.17 -32.04
C PRO E 459 25.96 -27.03 -31.51
N GLN E 460 25.50 -25.78 -31.58
CA GLN E 460 26.18 -24.63 -30.99
C GLN E 460 25.41 -24.13 -29.78
N THR E 461 26.15 -23.83 -28.73
CA THR E 461 25.61 -23.15 -27.58
C THR E 461 25.38 -21.69 -27.98
N PRO E 462 24.48 -20.96 -27.30
CA PRO E 462 24.08 -19.62 -27.79
C PRO E 462 25.19 -18.60 -27.89
N PHE E 463 26.18 -18.68 -27.01
CA PHE E 463 27.30 -17.74 -27.09
C PHE E 463 28.12 -17.95 -28.36
N GLN E 464 28.17 -19.17 -28.91
CA GLN E 464 28.97 -19.39 -30.11
C GLN E 464 28.35 -18.68 -31.31
N ILE E 465 27.04 -18.86 -31.52
CA ILE E 465 26.34 -18.16 -32.59
C ILE E 465 26.34 -16.65 -32.33
N ALA E 466 26.26 -16.25 -31.06
CA ALA E 466 26.25 -14.83 -30.76
C ALA E 466 27.63 -14.22 -30.89
N GLU E 467 28.71 -15.03 -30.95
CA GLU E 467 30.05 -14.48 -31.15
C GLU E 467 30.16 -13.78 -32.49
N GLN E 468 29.40 -14.24 -33.49
CA GLN E 468 29.49 -13.81 -34.87
C GLN E 468 28.31 -12.94 -35.28
N GLN E 469 27.15 -13.10 -34.64
CA GLN E 469 26.03 -12.24 -35.01
C GLN E 469 26.27 -10.77 -34.64
N ILE E 470 26.79 -10.48 -33.45
CA ILE E 470 26.97 -9.07 -33.03
C ILE E 470 28.07 -8.37 -33.83
N GLN E 471 28.06 -7.04 -33.74
CA GLN E 471 29.11 -6.16 -34.25
C GLN E 471 29.44 -5.22 -33.08
N ASN E 472 30.34 -5.68 -32.22
CA ASN E 472 30.87 -4.86 -31.14
C ASN E 472 32.13 -5.50 -30.60
N PHE E 473 33.23 -4.74 -30.57
CA PHE E 473 34.55 -5.30 -30.31
C PHE E 473 34.66 -5.90 -28.92
N GLN E 474 34.09 -5.22 -27.92
CA GLN E 474 34.27 -5.64 -26.53
C GLN E 474 33.56 -6.97 -26.28
N VAL E 475 32.26 -6.99 -26.58
CA VAL E 475 31.45 -8.18 -26.31
C VAL E 475 31.88 -9.32 -27.21
N ALA E 476 32.26 -9.04 -28.45
CA ALA E 476 32.64 -10.12 -29.36
C ALA E 476 33.96 -10.73 -28.93
N ASN E 477 34.91 -9.91 -28.48
CA ASN E 477 36.17 -10.44 -27.99
C ASN E 477 35.95 -11.24 -26.72
N TRP E 478 35.06 -10.73 -25.86
CA TRP E 478 34.63 -11.45 -24.66
C TRP E 478 34.05 -12.83 -24.98
N LEU E 479 33.06 -12.88 -25.86
CA LEU E 479 32.44 -14.14 -26.25
C LEU E 479 33.41 -15.09 -26.93
N HIS E 480 34.34 -14.56 -27.73
CA HIS E 480 35.40 -15.38 -28.31
C HIS E 480 36.21 -16.06 -27.24
N PHE E 481 36.67 -15.26 -26.27
CA PHE E 481 37.43 -15.77 -25.14
C PHE E 481 36.65 -16.82 -24.38
N VAL E 482 35.37 -16.54 -24.11
CA VAL E 482 34.53 -17.43 -23.33
C VAL E 482 34.33 -18.76 -24.05
N ASN E 483 34.01 -18.70 -25.34
CA ASN E 483 33.73 -19.90 -26.12
C ASN E 483 34.99 -20.74 -26.27
N ASN E 484 36.15 -20.10 -26.34
CA ASN E 484 37.44 -20.77 -26.50
C ASN E 484 38.23 -20.79 -25.20
N ASN E 485 37.57 -20.54 -24.06
CA ASN E 485 38.13 -20.80 -22.75
C ASN E 485 38.06 -22.30 -22.53
N GLN E 486 39.20 -22.92 -22.32
CA GLN E 486 39.24 -24.33 -21.96
C GLN E 486 40.59 -24.63 -21.34
N PHE E 487 40.63 -25.74 -20.61
CA PHE E 487 41.79 -26.11 -19.84
C PHE E 487 42.97 -26.38 -20.77
N ARG E 488 44.15 -26.39 -20.18
CA ARG E 488 45.39 -26.79 -20.85
C ARG E 488 45.92 -28.03 -20.17
N GLN E 489 45.96 -29.14 -20.90
CA GLN E 489 46.46 -30.40 -20.36
C GLN E 489 47.96 -30.43 -20.53
N VAL E 490 48.68 -30.36 -19.42
CA VAL E 490 50.14 -30.34 -19.42
C VAL E 490 50.63 -31.31 -18.36
N VAL E 491 51.63 -32.10 -18.70
CA VAL E 491 52.21 -33.08 -17.81
C VAL E 491 53.42 -32.42 -17.15
N ILE E 492 53.30 -32.20 -15.85
CA ILE E 492 54.34 -31.57 -15.04
C ILE E 492 54.62 -32.52 -13.89
N ASP E 493 55.90 -32.77 -13.64
CA ASP E 493 56.40 -33.54 -12.49
C ASP E 493 55.82 -34.97 -12.47
N GLY E 494 55.47 -35.51 -13.64
CA GLY E 494 54.91 -36.82 -13.80
C GLY E 494 53.39 -36.83 -13.88
N VAL E 495 52.75 -35.86 -13.22
CA VAL E 495 51.29 -35.80 -13.11
C VAL E 495 50.73 -34.86 -14.16
N LEU E 496 49.58 -35.21 -14.68
CA LEU E 496 48.85 -34.31 -15.54
C LEU E 496 48.25 -33.18 -14.73
N ASN E 497 48.02 -32.06 -15.40
CA ASN E 497 47.52 -30.85 -14.78
C ASN E 497 46.63 -30.15 -15.79
N GLN E 498 45.53 -29.62 -15.30
CA GLN E 498 44.56 -28.87 -16.07
C GLN E 498 44.81 -27.40 -15.72
N VAL E 499 45.70 -26.75 -16.45
CA VAL E 499 46.17 -25.43 -16.08
C VAL E 499 45.26 -24.45 -16.81
N LEU E 500 45.02 -23.32 -16.17
CA LEU E 500 44.17 -22.28 -16.73
C LEU E 500 44.96 -21.45 -17.75
N ASN E 501 44.26 -20.48 -18.33
CA ASN E 501 44.71 -19.82 -19.54
C ASN E 501 45.98 -18.99 -19.34
N ASP E 502 46.25 -18.52 -18.11
CA ASP E 502 47.25 -17.51 -17.69
C ASP E 502 46.73 -16.10 -17.98
N ASN E 503 45.51 -15.93 -18.51
CA ASN E 503 44.78 -14.67 -18.47
C ASN E 503 43.66 -14.69 -17.44
N ILE E 504 43.23 -15.87 -16.99
CA ILE E 504 42.28 -15.99 -15.90
C ILE E 504 42.98 -15.88 -14.55
N ARG E 505 44.18 -16.43 -14.44
CA ARG E 505 44.94 -16.49 -13.18
C ARG E 505 45.22 -15.09 -12.65
N ASN E 506 46.05 -14.33 -13.37
CA ASN E 506 46.03 -12.88 -13.24
C ASN E 506 44.65 -12.37 -13.61
N GLY E 507 43.94 -11.80 -12.63
CA GLY E 507 42.59 -11.36 -12.91
C GLY E 507 42.60 -10.15 -13.81
N HIS E 508 42.33 -10.43 -15.09
CA HIS E 508 42.13 -9.47 -16.15
C HIS E 508 40.83 -9.70 -16.93
N VAL E 509 40.34 -10.96 -16.94
CA VAL E 509 39.06 -11.32 -17.57
C VAL E 509 37.92 -10.44 -17.11
N VAL E 510 37.93 -10.05 -15.83
CA VAL E 510 36.89 -9.18 -15.31
C VAL E 510 36.93 -7.82 -15.99
N ASN E 511 38.08 -7.38 -16.50
CA ASN E 511 38.10 -6.11 -17.22
C ASN E 511 37.37 -6.21 -18.54
N GLN E 512 37.53 -7.31 -19.30
CA GLN E 512 36.70 -7.56 -20.47
C GLN E 512 35.22 -7.57 -20.11
N LEU E 513 34.87 -8.27 -19.03
CA LEU E 513 33.48 -8.40 -18.61
C LEU E 513 32.89 -7.04 -18.26
N MET E 514 33.63 -6.25 -17.48
CA MET E 514 33.13 -4.97 -17.04
C MET E 514 33.07 -3.97 -18.18
N GLU E 515 34.02 -4.03 -19.13
CA GLU E 515 33.91 -3.19 -20.32
C GLU E 515 32.66 -3.53 -21.10
N ALA E 516 32.35 -4.83 -21.24
CA ALA E 516 31.09 -5.21 -21.88
C ALA E 516 29.89 -4.66 -21.13
N LEU E 517 29.92 -4.71 -19.80
CA LEU E 517 28.78 -4.23 -19.04
C LEU E 517 28.66 -2.71 -19.10
N MET E 518 29.79 -2.00 -19.18
CA MET E 518 29.75 -0.56 -19.37
C MET E 518 29.19 -0.20 -20.73
N GLN E 519 29.58 -0.95 -21.77
CA GLN E 519 29.06 -0.72 -23.10
C GLN E 519 27.65 -1.24 -23.29
N LEU E 520 27.10 -2.00 -22.33
CA LEU E 520 25.67 -2.30 -22.28
C LEU E 520 24.87 -1.28 -21.49
N SER E 521 25.43 -0.79 -20.37
CA SER E 521 24.82 0.31 -19.62
C SER E 521 24.58 1.51 -20.51
N ARG E 522 25.53 1.83 -21.40
CA ARG E 522 25.36 3.01 -22.23
C ARG E 522 24.30 2.82 -23.30
N GLN E 523 23.89 1.57 -23.58
CA GLN E 523 22.87 1.35 -24.56
C GLN E 523 21.53 1.79 -24.01
N GLN E 524 20.63 2.11 -24.92
CA GLN E 524 19.22 2.19 -24.65
C GLN E 524 18.63 0.84 -25.02
N PHE E 525 17.42 0.58 -24.54
CA PHE E 525 16.64 -0.60 -24.89
C PHE E 525 15.51 -0.11 -25.79
N PRO E 526 15.69 -0.08 -27.13
CA PRO E 526 14.63 0.47 -27.99
C PRO E 526 13.34 -0.32 -27.92
N THR E 527 13.46 -1.63 -27.70
CA THR E 527 12.32 -2.52 -27.69
C THR E 527 11.66 -2.64 -26.32
N MET E 528 12.45 -2.56 -25.19
CA MET E 528 11.97 -2.88 -23.83
C MET E 528 11.83 -1.64 -22.92
N PRO E 529 10.87 -1.67 -21.94
CA PRO E 529 10.55 -0.47 -21.16
C PRO E 529 11.64 -0.01 -20.21
N VAL E 530 11.37 1.09 -19.51
CA VAL E 530 12.39 1.76 -18.71
C VAL E 530 12.53 1.11 -17.33
N ASP E 531 11.46 0.51 -16.79
CA ASP E 531 11.58 -0.25 -15.55
C ASP E 531 12.54 -1.43 -15.72
N TYR E 532 12.53 -2.05 -16.90
CA TYR E 532 13.40 -3.18 -17.16
C TYR E 532 14.84 -2.73 -17.28
N LYS E 533 15.06 -1.61 -17.98
CA LYS E 533 16.31 -0.89 -17.95
C LYS E 533 16.78 -0.66 -16.53
N ARG E 534 15.87 -0.19 -15.66
CA ARG E 534 16.25 0.16 -14.29
C ARG E 534 16.74 -1.07 -13.53
N SER E 535 15.98 -2.17 -13.62
CA SER E 535 16.38 -3.43 -13.00
C SER E 535 17.74 -3.92 -13.47
N ILE E 536 17.91 -4.02 -14.80
CA ILE E 536 19.13 -4.56 -15.38
C ILE E 536 20.31 -3.65 -15.06
N GLN E 537 20.15 -2.36 -15.31
CA GLN E 537 21.23 -1.41 -15.15
C GLN E 537 21.63 -1.33 -13.68
N ARG E 538 20.66 -1.41 -12.77
CA ARG E 538 20.95 -1.41 -11.35
C ARG E 538 21.77 -2.63 -10.94
N GLY E 539 21.33 -3.82 -11.39
CA GLY E 539 22.09 -5.04 -11.13
C GLY E 539 23.52 -5.00 -11.63
N ILE E 540 23.70 -4.58 -12.88
CA ILE E 540 25.06 -4.58 -13.41
C ILE E 540 25.87 -3.48 -12.78
N LEU E 541 25.24 -2.44 -12.21
CA LEU E 541 26.01 -1.48 -11.42
C LEU E 541 26.42 -2.07 -10.09
N LEU E 542 25.55 -2.91 -9.49
CA LEU E 542 25.92 -3.61 -8.26
C LEU E 542 27.13 -4.51 -8.47
N LEU E 543 27.33 -5.00 -9.70
CA LEU E 543 28.50 -5.82 -10.01
C LEU E 543 29.65 -4.97 -10.54
N SER E 544 29.36 -3.81 -11.15
CA SER E 544 30.39 -2.88 -11.60
C SER E 544 31.01 -2.10 -10.47
N ASN E 545 30.32 -1.97 -9.34
CA ASN E 545 30.89 -1.38 -8.14
C ASN E 545 31.63 -2.40 -7.27
N ARG E 546 32.09 -3.51 -7.87
CA ARG E 546 32.85 -4.53 -7.16
C ARG E 546 34.00 -5.03 -8.03
N LEU E 547 34.52 -4.18 -8.93
CA LEU E 547 35.59 -4.50 -9.89
C LEU E 547 36.80 -5.11 -9.22
N GLY E 548 37.33 -4.38 -8.24
CA GLY E 548 38.54 -4.81 -7.59
C GLY E 548 38.35 -6.10 -6.82
N GLN E 549 37.21 -6.22 -6.15
CA GLN E 549 36.92 -7.42 -5.37
C GLN E 549 36.75 -8.64 -6.26
N LEU E 550 36.22 -8.46 -7.47
CA LEU E 550 36.03 -9.61 -8.35
C LEU E 550 37.34 -10.05 -8.99
N VAL E 551 38.17 -9.08 -9.40
CA VAL E 551 39.52 -9.38 -9.86
C VAL E 551 40.28 -10.14 -8.77
N ASP E 552 40.21 -9.65 -7.54
CA ASP E 552 40.94 -10.27 -6.45
C ASP E 552 40.41 -11.67 -6.16
N LEU E 553 39.09 -11.83 -6.22
CA LEU E 553 38.47 -13.14 -6.02
C LEU E 553 38.96 -14.13 -7.06
N THR E 554 39.01 -13.70 -8.32
CA THR E 554 39.46 -14.58 -9.38
C THR E 554 40.90 -15.00 -9.17
N ARG E 555 41.77 -14.04 -8.82
CA ARG E 555 43.16 -14.36 -8.49
C ARG E 555 43.23 -15.34 -7.31
N LEU E 556 42.35 -15.16 -6.34
CA LEU E 556 42.37 -15.99 -5.14
C LEU E 556 41.95 -17.42 -5.44
N LEU E 557 40.85 -17.58 -6.18
CA LEU E 557 40.43 -18.91 -6.62
C LEU E 557 41.49 -19.61 -7.44
N ALA E 558 42.09 -18.89 -8.39
CA ALA E 558 43.13 -19.49 -9.22
C ALA E 558 44.31 -19.93 -8.38
N TYR E 559 44.71 -19.10 -7.41
CA TYR E 559 45.84 -19.42 -6.57
C TYR E 559 45.57 -20.64 -5.70
N ASN E 560 44.45 -20.64 -5.00
CA ASN E 560 44.12 -21.75 -4.11
C ASN E 560 43.93 -23.04 -4.92
N TYR E 561 43.37 -22.91 -6.12
CA TYR E 561 43.17 -24.04 -7.00
C TYR E 561 44.50 -24.66 -7.43
N GLU E 562 45.44 -23.84 -7.92
CA GLU E 562 46.73 -24.40 -8.34
C GLU E 562 47.51 -24.93 -7.14
N THR E 563 47.43 -24.23 -6.01
CA THR E 563 48.17 -24.63 -4.82
C THR E 563 47.69 -25.97 -4.30
N LEU E 564 46.39 -26.24 -4.40
CA LEU E 564 45.85 -27.52 -4.01
C LEU E 564 46.04 -28.58 -5.08
N MET E 565 46.08 -28.16 -6.35
CA MET E 565 46.43 -29.06 -7.45
C MET E 565 47.83 -29.63 -7.24
N ALA E 566 48.74 -28.83 -6.67
CA ALA E 566 50.12 -29.29 -6.48
C ALA E 566 50.22 -30.50 -5.55
N CYS E 567 49.24 -30.72 -4.68
CA CYS E 567 49.23 -31.84 -3.73
C CYS E 567 48.41 -33.00 -4.27
N ILE E 568 48.69 -33.37 -5.52
CA ILE E 568 48.03 -34.47 -6.22
C ILE E 568 49.11 -35.36 -6.84
N THR E 569 48.84 -36.66 -6.85
CA THR E 569 49.66 -37.69 -7.47
C THR E 569 48.98 -38.36 -8.66
N MET E 570 47.68 -38.62 -8.55
CA MET E 570 46.94 -39.25 -9.63
C MET E 570 46.54 -38.23 -10.68
N ASN E 571 46.74 -38.59 -11.94
CA ASN E 571 46.48 -37.65 -13.01
C ASN E 571 44.99 -37.38 -13.15
N MET E 572 44.68 -36.14 -13.51
CA MET E 572 43.37 -35.54 -13.35
C MET E 572 42.82 -35.39 -14.76
N GLN E 573 41.94 -36.32 -15.12
CA GLN E 573 41.40 -36.46 -16.46
C GLN E 573 40.14 -35.64 -16.64
N HIS E 574 39.88 -35.25 -17.89
CA HIS E 574 38.74 -34.42 -18.27
C HIS E 574 37.77 -35.29 -19.06
N VAL E 575 36.78 -35.83 -18.36
CA VAL E 575 35.69 -36.59 -18.94
C VAL E 575 34.44 -36.38 -18.11
N GLN E 576 33.32 -36.09 -18.76
CA GLN E 576 32.12 -35.72 -18.03
C GLN E 576 31.61 -36.94 -17.27
N THR E 577 31.06 -36.71 -16.09
CA THR E 577 30.56 -37.77 -15.22
C THR E 577 29.07 -38.02 -15.43
N LEU E 578 28.63 -39.16 -14.88
CA LEU E 578 27.22 -39.52 -14.88
C LEU E 578 26.37 -38.48 -14.16
N THR E 579 26.92 -37.94 -13.08
CA THR E 579 26.16 -37.28 -12.04
C THR E 579 26.83 -35.95 -11.79
N THR E 580 26.04 -34.97 -11.40
CA THR E 580 26.46 -33.59 -11.28
C THR E 580 26.35 -33.18 -9.83
N GLU E 581 26.82 -31.97 -9.55
CA GLU E 581 26.59 -31.29 -8.31
C GLU E 581 25.74 -30.08 -8.61
N LYS E 582 24.66 -29.91 -7.87
CA LYS E 582 23.82 -28.76 -8.11
C LYS E 582 24.52 -27.53 -7.56
N LEU E 583 24.85 -26.59 -8.44
CA LEU E 583 25.33 -25.28 -8.09
C LEU E 583 24.21 -24.28 -8.28
N GLN E 584 23.95 -23.47 -7.27
CA GLN E 584 22.96 -22.42 -7.33
C GLN E 584 23.66 -21.13 -7.68
N LEU E 585 23.11 -20.39 -8.64
CA LEU E 585 23.67 -19.09 -8.99
C LEU E 585 23.38 -18.04 -7.93
N THR E 586 22.39 -18.29 -7.07
CA THR E 586 22.21 -17.44 -5.89
C THR E 586 23.44 -17.50 -5.00
N SER E 587 24.01 -18.69 -4.84
CA SER E 587 25.25 -18.86 -4.07
C SER E 587 26.43 -18.17 -4.75
N VAL E 588 26.44 -18.17 -6.07
CA VAL E 588 27.48 -17.48 -6.83
C VAL E 588 27.38 -15.99 -6.58
N THR E 589 26.16 -15.47 -6.60
CA THR E 589 25.92 -14.06 -6.35
C THR E 589 26.33 -13.70 -4.94
N SER E 590 26.08 -14.60 -3.99
CA SER E 590 26.51 -14.42 -2.61
C SER E 590 28.01 -14.28 -2.52
N LEU E 591 28.72 -15.18 -3.21
CA LEU E 591 30.19 -15.11 -3.30
C LEU E 591 30.63 -13.77 -3.87
N CYS E 592 30.15 -13.43 -5.06
CA CYS E 592 30.59 -12.23 -5.77
C CYS E 592 30.26 -10.94 -5.04
N MET E 593 29.26 -10.95 -4.15
CA MET E 593 28.77 -9.79 -3.44
C MET E 593 29.23 -9.71 -1.98
N LEU E 594 29.89 -10.76 -1.45
CA LEU E 594 30.39 -10.80 -0.07
C LEU E 594 31.84 -11.24 -0.01
N ILE E 595 32.73 -10.29 -0.21
CA ILE E 595 34.16 -10.57 -0.12
C ILE E 595 34.86 -9.22 -0.06
N GLY E 596 35.93 -9.13 0.71
CA GLY E 596 36.75 -7.94 0.73
C GLY E 596 37.91 -8.12 1.68
N ASN E 597 39.10 -7.72 1.20
CA ASN E 597 40.37 -7.47 1.89
C ASN E 597 40.69 -8.43 3.03
N ALA E 598 40.36 -9.71 2.84
CA ALA E 598 40.76 -10.77 3.75
C ALA E 598 40.97 -12.04 2.95
N THR E 599 42.17 -12.61 3.03
CA THR E 599 42.60 -13.69 2.14
C THR E 599 42.65 -14.97 2.95
N VAL E 600 42.19 -16.05 2.33
CA VAL E 600 42.29 -17.40 2.89
C VAL E 600 43.25 -18.18 2.00
N ILE E 601 44.27 -18.75 2.62
CA ILE E 601 45.32 -19.55 2.01
C ILE E 601 45.21 -20.90 2.70
N PRO E 602 45.40 -22.04 2.03
CA PRO E 602 45.31 -23.31 2.76
C PRO E 602 46.43 -23.45 3.78
N SER E 603 46.04 -23.84 4.99
CA SER E 603 46.97 -24.14 6.04
C SER E 603 47.88 -25.30 5.62
N PRO E 604 49.16 -25.31 6.04
CA PRO E 604 50.05 -26.42 5.64
C PRO E 604 49.60 -27.78 6.14
N GLN E 605 48.84 -27.83 7.23
CA GLN E 605 48.40 -29.11 7.73
C GLN E 605 47.39 -29.74 6.79
N THR E 606 46.48 -28.93 6.24
CA THR E 606 45.53 -29.43 5.25
C THR E 606 46.25 -29.89 3.99
N LEU E 607 47.26 -29.14 3.56
CA LEU E 607 48.03 -29.51 2.38
C LEU E 607 48.75 -30.83 2.57
N PHE E 608 49.46 -30.98 3.68
CA PHE E 608 50.19 -32.21 3.94
C PHE E 608 49.23 -33.38 4.11
N HIS E 609 48.07 -33.13 4.71
CA HIS E 609 47.06 -34.15 4.88
C HIS E 609 46.52 -34.62 3.53
N TYR E 610 46.18 -33.66 2.67
CA TYR E 610 45.68 -33.96 1.33
C TYR E 610 46.71 -34.71 0.50
N TYR E 611 47.99 -34.34 0.64
CA TYR E 611 49.02 -34.98 -0.15
C TYR E 611 49.27 -36.40 0.33
N ASN E 612 49.37 -36.59 1.64
CA ASN E 612 49.57 -37.93 2.18
C ASN E 612 48.39 -38.83 1.88
N VAL E 613 47.19 -38.26 1.82
CA VAL E 613 46.00 -39.06 1.55
C VAL E 613 45.99 -39.50 0.09
N ASN E 614 46.24 -38.58 -0.85
CA ASN E 614 46.33 -38.97 -2.26
C ASN E 614 47.45 -39.98 -2.48
N VAL E 615 48.56 -39.82 -1.76
CA VAL E 615 49.67 -40.78 -1.85
C VAL E 615 49.22 -42.16 -1.38
N ASN E 616 48.53 -42.23 -0.24
CA ASN E 616 48.16 -43.52 0.32
C ASN E 616 47.17 -44.23 -0.60
N PHE E 617 46.19 -43.47 -1.12
CA PHE E 617 45.23 -44.03 -2.07
C PHE E 617 45.92 -44.50 -3.34
N HIS E 618 46.84 -43.69 -3.88
CA HIS E 618 47.51 -44.01 -5.13
C HIS E 618 48.39 -45.24 -4.97
N SER E 619 49.10 -45.33 -3.85
CA SER E 619 49.99 -46.46 -3.63
C SER E 619 49.22 -47.73 -3.39
N ASN E 620 48.10 -47.63 -2.64
CA ASN E 620 47.19 -48.75 -2.50
C ASN E 620 46.68 -49.22 -3.85
N TYR E 621 46.26 -48.26 -4.69
CA TYR E 621 45.77 -48.55 -6.04
C TYR E 621 46.80 -49.31 -6.86
N ASN E 622 48.04 -48.83 -6.88
CA ASN E 622 49.07 -49.47 -7.69
C ASN E 622 49.46 -50.84 -7.13
N GLU E 623 49.61 -50.95 -5.81
CA GLU E 623 50.05 -52.22 -5.22
C GLU E 623 48.98 -53.29 -5.39
N ARG E 624 47.71 -52.92 -5.28
CA ARG E 624 46.65 -53.89 -5.45
C ARG E 624 46.53 -54.29 -6.92
N ILE E 625 46.72 -53.33 -7.84
CA ILE E 625 46.84 -53.66 -9.27
C ILE E 625 47.94 -54.70 -9.46
N ASN E 626 49.10 -54.49 -8.83
CA ASN E 626 50.22 -55.40 -9.00
C ASN E 626 49.88 -56.79 -8.46
N ASP E 627 49.18 -56.84 -7.32
CA ASP E 627 48.66 -58.10 -6.77
C ASP E 627 47.84 -58.84 -7.81
N ALA E 628 46.78 -58.16 -8.31
CA ALA E 628 45.84 -58.84 -9.19
C ALA E 628 46.49 -59.23 -10.50
N VAL E 629 47.36 -58.37 -11.04
CA VAL E 629 48.10 -58.70 -12.25
C VAL E 629 48.99 -59.92 -12.04
N ALA E 630 49.65 -60.00 -10.88
CA ALA E 630 50.49 -61.15 -10.56
C ALA E 630 49.70 -62.44 -10.53
N ILE E 631 48.58 -62.44 -9.81
CA ILE E 631 47.77 -63.67 -9.69
C ILE E 631 47.19 -64.04 -11.05
N ILE E 632 46.74 -63.06 -11.83
CA ILE E 632 46.14 -63.34 -13.13
C ILE E 632 47.16 -63.94 -14.07
N THR E 633 48.32 -63.28 -14.21
CA THR E 633 49.38 -63.82 -15.06
C THR E 633 49.90 -65.16 -14.55
N ALA E 634 49.79 -65.42 -13.25
CA ALA E 634 50.10 -66.74 -12.73
C ALA E 634 49.09 -67.75 -13.23
N ALA E 635 47.80 -67.43 -13.06
CA ALA E 635 46.73 -68.36 -13.39
C ALA E 635 46.66 -68.66 -14.87
N ASN E 636 47.09 -67.73 -15.73
CA ASN E 636 47.12 -68.00 -17.16
C ASN E 636 48.40 -68.71 -17.59
N ARG E 637 49.44 -68.70 -16.75
CA ARG E 637 50.65 -69.47 -16.97
C ARG E 637 50.66 -70.78 -16.20
N LEU E 638 49.49 -71.27 -15.75
CA LEU E 638 49.37 -72.55 -15.08
C LEU E 638 48.16 -73.37 -15.50
N ASN E 639 47.36 -72.92 -16.48
CA ASN E 639 46.24 -73.69 -17.00
C ASN E 639 45.20 -74.00 -15.91
N LEU E 640 45.04 -73.09 -14.94
CA LEU E 640 43.99 -73.20 -13.94
C LEU E 640 42.66 -72.84 -14.61
N TYR E 641 42.14 -73.82 -15.33
CA TYR E 641 41.04 -73.56 -16.26
C TYR E 641 39.66 -73.50 -15.63
N GLN E 642 39.39 -74.22 -14.54
CA GLN E 642 38.08 -74.10 -13.90
C GLN E 642 37.94 -72.81 -13.10
N LYS E 643 39.05 -72.15 -12.78
CA LYS E 643 39.05 -70.97 -11.94
C LYS E 643 38.45 -69.79 -12.67
N LYS E 644 37.73 -68.98 -11.91
CA LYS E 644 36.91 -67.88 -12.37
C LYS E 644 37.45 -66.56 -11.83
N MET E 645 37.93 -65.70 -12.72
CA MET E 645 38.81 -64.60 -12.30
C MET E 645 37.96 -63.40 -11.89
N LYS E 646 37.07 -63.62 -10.92
CA LYS E 646 36.12 -62.67 -10.39
C LYS E 646 36.43 -62.29 -8.95
N SER E 647 36.61 -63.30 -8.09
CA SER E 647 36.92 -63.09 -6.69
C SER E 647 38.21 -62.30 -6.49
N ILE E 648 39.13 -62.42 -7.43
CA ILE E 648 40.38 -61.67 -7.37
C ILE E 648 40.06 -60.20 -7.52
N VAL E 649 39.28 -59.88 -8.55
CA VAL E 649 38.85 -58.50 -8.81
C VAL E 649 38.00 -57.99 -7.66
N GLU E 650 37.19 -58.87 -7.05
CA GLU E 650 36.41 -58.47 -5.89
C GLU E 650 37.32 -58.11 -4.74
N ASP E 651 38.37 -58.90 -4.53
CA ASP E 651 39.36 -58.59 -3.50
C ASP E 651 40.06 -57.28 -3.80
N PHE E 652 40.37 -57.06 -5.08
CA PHE E 652 41.02 -55.83 -5.52
C PHE E 652 40.18 -54.61 -5.18
N LEU E 653 38.87 -54.69 -5.37
CA LEU E 653 38.01 -53.56 -5.02
C LEU E 653 37.71 -53.48 -3.52
N LYS E 654 37.63 -54.62 -2.82
CA LYS E 654 37.46 -54.64 -1.38
C LYS E 654 38.63 -53.97 -0.67
N ARG E 655 39.85 -54.25 -1.08
CA ARG E 655 40.99 -53.62 -0.44
C ARG E 655 41.05 -52.11 -0.72
N LEU E 656 40.39 -51.64 -1.79
CA LEU E 656 40.12 -50.22 -2.02
C LEU E 656 38.81 -49.84 -1.34
N GLN E 657 38.89 -49.35 -0.11
CA GLN E 657 37.73 -49.39 0.77
C GLN E 657 36.76 -48.21 0.54
N ILE E 658 36.36 -47.98 -0.72
CA ILE E 658 35.43 -46.92 -1.10
C ILE E 658 34.33 -47.36 -2.07
N PHE E 659 34.48 -48.53 -2.70
CA PHE E 659 33.58 -48.97 -3.75
C PHE E 659 32.50 -49.86 -3.13
N ASP E 660 31.43 -50.07 -3.90
CA ASP E 660 30.32 -50.95 -3.54
C ASP E 660 30.48 -52.23 -4.34
N ILE E 661 31.16 -53.21 -3.75
CA ILE E 661 31.54 -54.40 -4.49
C ILE E 661 30.34 -55.32 -4.66
N SER E 662 29.39 -55.28 -3.72
CA SER E 662 28.21 -56.12 -3.79
C SER E 662 27.24 -55.73 -4.89
N ARG E 663 27.44 -54.58 -5.56
CA ARG E 663 26.54 -54.11 -6.62
C ARG E 663 27.30 -53.59 -7.83
N VAL E 664 28.54 -54.03 -8.05
CA VAL E 664 29.21 -53.90 -9.34
C VAL E 664 28.96 -55.22 -10.07
N PRO E 665 28.52 -55.24 -11.35
CA PRO E 665 28.27 -56.53 -11.98
C PRO E 665 29.53 -57.25 -12.38
N ASP E 666 29.35 -58.33 -13.13
CA ASP E 666 30.43 -59.25 -13.46
C ASP E 666 31.17 -58.81 -14.72
N ASP E 667 30.43 -58.31 -15.72
CA ASP E 667 31.05 -57.84 -16.96
C ASP E 667 32.10 -56.76 -16.72
N GLN E 668 31.86 -55.88 -15.75
CA GLN E 668 32.79 -54.80 -15.50
C GLN E 668 34.07 -55.35 -14.87
N MET E 669 33.91 -56.31 -13.96
CA MET E 669 35.04 -57.01 -13.37
C MET E 669 35.85 -57.73 -14.44
N TYR E 670 35.16 -58.35 -15.40
CA TYR E 670 35.83 -59.11 -16.44
C TYR E 670 36.52 -58.21 -17.45
N ARG E 671 35.93 -57.06 -17.78
CA ARG E 671 36.64 -56.11 -18.62
C ARG E 671 37.87 -55.59 -17.92
N LEU E 672 37.76 -55.37 -16.61
CA LEU E 672 38.91 -54.96 -15.83
C LEU E 672 39.98 -56.04 -15.88
N ARG E 673 39.56 -57.30 -15.85
CA ARG E 673 40.49 -58.41 -16.01
C ARG E 673 41.15 -58.38 -17.39
N ASP E 674 40.35 -58.09 -18.43
CA ASP E 674 40.88 -58.04 -19.79
C ASP E 674 41.95 -56.97 -19.94
N ARG E 675 41.77 -55.83 -19.27
CA ARG E 675 42.83 -54.82 -19.28
C ARG E 675 44.02 -55.27 -18.44
N LEU E 676 43.74 -55.88 -17.29
CA LEU E 676 44.79 -56.30 -16.35
C LEU E 676 45.72 -57.35 -16.94
N ARG E 677 45.23 -58.20 -17.86
CA ARG E 677 46.07 -59.25 -18.44
C ARG E 677 47.29 -58.69 -19.14
N LEU E 678 47.11 -57.60 -19.88
CA LEU E 678 48.11 -57.06 -20.78
C LEU E 678 49.24 -56.33 -20.06
N LEU E 679 49.17 -56.16 -18.73
CA LEU E 679 50.15 -55.37 -17.99
C LEU E 679 51.41 -56.16 -17.62
N PRO E 680 52.57 -55.49 -17.54
CA PRO E 680 53.73 -56.14 -16.93
C PRO E 680 53.53 -56.31 -15.43
N VAL E 681 54.13 -57.35 -14.91
CA VAL E 681 54.16 -57.61 -13.47
C VAL E 681 55.32 -56.81 -12.89
N GLU E 682 55.20 -56.38 -11.64
CA GLU E 682 56.31 -55.72 -10.95
C GLU E 682 57.45 -56.71 -10.74
N ILE E 683 58.60 -56.19 -10.30
CA ILE E 683 59.83 -56.96 -10.33
C ILE E 683 59.82 -58.04 -9.27
N ARG E 684 59.33 -57.72 -8.07
CA ARG E 684 59.31 -58.66 -6.94
C ARG E 684 58.52 -59.91 -7.30
N ARG E 685 57.30 -59.69 -7.78
CA ARG E 685 56.34 -60.75 -8.01
C ARG E 685 56.77 -61.61 -9.18
N LEU E 686 57.26 -60.97 -10.25
CA LEU E 686 57.74 -61.69 -11.41
C LEU E 686 58.94 -62.58 -11.10
N ASP E 687 59.86 -62.07 -10.28
CA ASP E 687 61.04 -62.86 -9.92
C ASP E 687 60.66 -64.06 -9.06
N ILE E 688 59.85 -63.82 -8.03
CA ILE E 688 59.34 -64.90 -7.17
C ILE E 688 58.60 -65.93 -8.00
N PHE E 689 57.82 -65.47 -8.98
CA PHE E 689 57.08 -66.40 -9.81
C PHE E 689 58.01 -67.19 -10.71
N ASN E 690 59.09 -66.57 -11.22
CA ASN E 690 60.07 -67.32 -12.01
C ASN E 690 60.72 -68.42 -11.19
N LEU E 691 61.00 -68.13 -9.91
CA LEU E 691 61.55 -69.13 -9.01
C LEU E 691 60.58 -70.29 -8.84
N ILE E 692 59.32 -69.96 -8.56
CA ILE E 692 58.29 -70.97 -8.36
C ILE E 692 58.10 -71.79 -9.63
N LEU E 693 58.18 -71.15 -10.80
CA LEU E 693 58.07 -71.90 -12.06
C LEU E 693 59.18 -72.93 -12.19
N MET E 694 60.43 -72.49 -12.00
CA MET E 694 61.53 -73.41 -12.24
C MET E 694 61.61 -74.51 -11.17
N ASN E 695 61.04 -74.29 -9.96
CA ASN E 695 61.16 -75.23 -8.85
C ASN E 695 59.84 -75.87 -8.39
N MET E 696 58.72 -75.62 -9.06
CA MET E 696 57.46 -76.26 -8.64
C MET E 696 57.50 -77.75 -8.88
N GLU E 697 58.06 -78.17 -10.01
CA GLU E 697 58.19 -79.60 -10.26
C GLU E 697 59.08 -80.27 -9.23
N GLN E 698 60.18 -79.62 -8.83
CA GLN E 698 61.08 -80.18 -7.83
C GLN E 698 60.38 -80.30 -6.48
N ILE E 699 59.59 -79.29 -6.11
CA ILE E 699 58.80 -79.39 -4.88
C ILE E 699 57.80 -80.52 -4.97
N GLU E 700 57.27 -80.80 -6.16
CA GLU E 700 56.24 -81.81 -6.28
C GLU E 700 56.81 -83.22 -6.36
N ARG E 701 58.04 -83.37 -6.88
CA ARG E 701 58.72 -84.67 -6.88
C ARG E 701 58.93 -85.20 -5.47
N ALA E 702 59.07 -84.32 -4.49
CA ALA E 702 59.08 -84.68 -3.08
C ALA E 702 57.66 -84.98 -2.60
N SER E 703 57.41 -84.91 -1.30
CA SER E 703 56.11 -85.20 -0.70
C SER E 703 55.73 -86.65 -0.90
N ASP E 704 56.34 -87.56 -0.12
CA ASP E 704 56.08 -88.99 -0.25
C ASP E 704 54.75 -89.43 0.39
N LYS E 705 53.65 -88.80 -0.03
CA LYS E 705 52.28 -89.26 0.11
C LYS E 705 51.64 -89.56 -1.23
N ILE E 706 52.11 -88.91 -2.30
CA ILE E 706 51.53 -88.99 -3.63
C ILE E 706 52.69 -89.16 -4.58
N ALA E 707 52.50 -89.96 -5.62
CA ALA E 707 53.49 -90.23 -6.64
C ALA E 707 53.07 -89.60 -7.95
N GLN E 708 54.06 -89.34 -8.77
CA GLN E 708 53.91 -88.53 -9.96
C GLN E 708 53.51 -89.33 -11.19
N GLY E 709 53.06 -90.55 -11.00
CA GLY E 709 52.68 -91.39 -12.13
C GLY E 709 52.80 -92.84 -11.75
N VAL E 710 52.56 -93.68 -12.76
CA VAL E 710 52.73 -95.12 -12.61
C VAL E 710 52.92 -95.73 -13.98
N ILE E 711 53.87 -96.64 -14.07
CA ILE E 711 54.13 -97.39 -15.28
C ILE E 711 53.33 -98.66 -15.10
N ILE E 712 52.92 -99.27 -16.21
CA ILE E 712 52.34 -100.60 -16.21
C ILE E 712 52.97 -101.29 -17.40
N ALA E 713 53.83 -102.25 -17.14
CA ALA E 713 54.49 -103.05 -18.17
C ALA E 713 54.16 -104.47 -17.76
N TYR E 714 53.25 -105.12 -18.50
CA TYR E 714 52.89 -106.49 -18.16
C TYR E 714 54.02 -107.48 -18.44
N ARG E 715 55.03 -107.43 -17.58
CA ARG E 715 56.32 -108.06 -17.71
C ARG E 715 56.96 -107.95 -16.33
N ASP E 716 57.77 -108.94 -15.98
CA ASP E 716 58.31 -109.05 -14.63
C ASP E 716 59.64 -108.30 -14.54
N MET E 717 59.52 -106.98 -14.45
CA MET E 717 60.66 -106.09 -14.35
C MET E 717 61.30 -106.20 -12.97
N GLN E 718 62.48 -105.61 -12.86
CA GLN E 718 63.30 -105.60 -11.66
C GLN E 718 62.99 -104.38 -10.81
N LEU E 719 63.27 -104.51 -9.51
CA LEU E 719 63.19 -103.41 -8.56
C LEU E 719 64.53 -102.76 -8.37
N GLU E 720 64.50 -101.47 -8.12
CA GLU E 720 65.70 -100.66 -8.06
C GLU E 720 66.17 -100.60 -6.63
N ARG E 721 67.49 -100.63 -6.45
CA ARG E 721 68.09 -100.47 -5.14
C ARG E 721 68.20 -99.00 -4.78
N ASP E 722 67.74 -98.67 -3.58
CA ASP E 722 67.94 -97.36 -2.97
C ASP E 722 68.27 -97.59 -1.50
N GLU E 723 68.76 -96.53 -0.86
CA GLU E 723 69.33 -96.56 0.47
C GLU E 723 68.64 -95.66 1.48
N MET E 724 67.37 -95.32 1.24
CA MET E 724 66.45 -94.85 2.28
C MET E 724 65.23 -95.76 2.38
N TYR E 725 64.83 -96.34 1.26
CA TYR E 725 64.13 -97.59 1.19
C TYR E 725 65.20 -98.67 1.04
N GLY E 726 64.80 -99.87 0.66
CA GLY E 726 65.70 -100.89 0.13
C GLY E 726 65.38 -101.19 -1.31
N TYR E 727 64.81 -102.36 -1.58
CA TYR E 727 64.27 -102.65 -2.90
C TYR E 727 62.91 -101.98 -3.05
N VAL E 728 62.77 -101.15 -4.09
CA VAL E 728 61.54 -100.43 -4.41
C VAL E 728 61.16 -100.64 -5.86
N ASN E 729 59.88 -100.46 -6.15
CA ASN E 729 59.34 -100.58 -7.51
C ASN E 729 59.30 -99.25 -8.25
N ILE E 730 60.43 -98.55 -8.26
CA ILE E 730 60.48 -97.13 -8.59
C ILE E 730 61.13 -96.95 -9.96
N ALA E 731 60.66 -95.93 -10.66
CA ALA E 731 61.14 -95.54 -11.98
C ALA E 731 61.38 -94.04 -11.91
N ARG E 732 62.40 -93.57 -12.64
CA ARG E 732 62.80 -92.17 -12.59
C ARG E 732 63.21 -91.57 -13.93
N ASN E 733 62.98 -92.27 -15.04
CA ASN E 733 63.35 -91.86 -16.40
C ASN E 733 62.17 -91.90 -17.36
N LEU E 734 61.27 -92.87 -17.23
CA LEU E 734 60.06 -93.00 -18.04
C LEU E 734 60.32 -93.19 -19.53
N ASP E 735 61.54 -93.55 -19.94
CA ASP E 735 61.75 -93.82 -21.35
C ASP E 735 61.05 -95.11 -21.74
N GLY E 736 60.78 -95.26 -23.03
CA GLY E 736 60.09 -96.43 -23.53
C GLY E 736 58.60 -96.21 -23.61
N PHE E 737 57.90 -96.59 -22.53
CA PHE E 737 56.45 -96.70 -22.54
C PHE E 737 55.77 -95.35 -22.74
N GLN E 738 54.67 -95.38 -23.47
CA GLN E 738 53.88 -94.18 -23.77
C GLN E 738 52.96 -93.82 -22.61
N GLN E 739 52.68 -92.52 -22.50
CA GLN E 739 52.09 -91.92 -21.32
C GLN E 739 50.71 -91.35 -21.64
N ILE E 740 49.76 -91.62 -20.74
CA ILE E 740 48.42 -91.06 -20.76
C ILE E 740 48.36 -89.93 -19.74
N ASN E 741 47.91 -88.76 -20.18
CA ASN E 741 47.60 -87.69 -19.26
C ASN E 741 46.23 -87.97 -18.69
N LEU E 742 46.07 -87.70 -17.41
CA LEU E 742 44.87 -88.03 -16.65
C LEU E 742 43.92 -86.88 -16.46
N GLU E 743 44.40 -85.63 -16.44
CA GLU E 743 43.49 -84.50 -16.40
C GLU E 743 42.69 -84.40 -17.67
N GLU E 744 43.30 -84.70 -18.83
CA GLU E 744 42.53 -84.78 -20.06
C GLU E 744 41.46 -85.86 -20.01
N LEU E 745 41.70 -86.94 -19.28
CA LEU E 745 40.72 -88.01 -19.14
C LEU E 745 39.68 -87.68 -18.08
N MET E 746 40.05 -86.88 -17.08
CA MET E 746 39.07 -86.48 -16.08
C MET E 746 38.13 -85.42 -16.66
N ARG E 747 38.68 -84.46 -17.42
CA ARG E 747 37.86 -83.49 -18.14
C ARG E 747 36.87 -84.20 -19.04
N THR E 748 37.40 -84.89 -20.04
CA THR E 748 36.67 -85.54 -21.11
C THR E 748 36.73 -87.04 -20.91
N GLY E 749 35.75 -87.57 -20.17
CA GLY E 749 35.77 -88.98 -19.87
C GLY E 749 35.57 -89.82 -21.11
N ASP E 750 36.66 -90.36 -21.64
CA ASP E 750 36.63 -91.29 -22.78
C ASP E 750 37.63 -92.37 -22.39
N TYR E 751 37.11 -93.40 -21.74
CA TYR E 751 37.92 -94.47 -21.18
C TYR E 751 38.15 -95.61 -22.17
N ALA E 752 37.87 -95.40 -23.45
CA ALA E 752 38.07 -96.43 -24.47
C ALA E 752 39.54 -96.79 -24.61
N GLN E 753 40.40 -95.78 -24.57
CA GLN E 753 41.83 -95.99 -24.72
C GLN E 753 42.39 -96.79 -23.56
N ILE E 754 42.18 -96.31 -22.34
CA ILE E 754 42.69 -96.97 -21.14
C ILE E 754 42.08 -98.35 -20.99
N THR E 755 40.80 -98.50 -21.28
CA THR E 755 40.13 -99.79 -21.12
C THR E 755 40.69 -100.79 -22.11
N ASN E 756 40.79 -100.42 -23.39
CA ASN E 756 41.32 -101.33 -24.40
C ASN E 756 42.76 -101.71 -24.08
N MET E 757 43.55 -100.75 -23.65
CA MET E 757 44.95 -101.03 -23.32
C MET E 757 45.09 -101.91 -22.09
N LEU E 758 44.16 -101.81 -21.13
CA LEU E 758 44.22 -102.64 -19.93
C LEU E 758 43.73 -104.06 -20.15
N LEU E 759 42.61 -104.23 -20.86
CA LEU E 759 42.06 -105.56 -21.11
C LEU E 759 43.04 -106.43 -21.86
N ASN E 760 43.63 -105.90 -22.91
CA ASN E 760 44.54 -106.63 -23.77
C ASN E 760 46.00 -106.58 -23.27
N ASN E 761 46.22 -106.13 -22.02
CA ASN E 761 47.52 -106.18 -21.35
C ASN E 761 48.59 -105.41 -22.12
N GLN E 762 48.21 -104.26 -22.69
CA GLN E 762 49.13 -103.45 -23.45
C GLN E 762 49.90 -102.54 -22.49
N PRO E 763 51.25 -102.47 -22.56
CA PRO E 763 51.96 -101.57 -21.64
C PRO E 763 51.62 -100.10 -21.85
N VAL E 764 51.66 -99.36 -20.75
CA VAL E 764 51.15 -97.99 -20.72
C VAL E 764 51.76 -97.29 -19.51
N ALA E 765 51.76 -95.96 -19.54
CA ALA E 765 52.04 -95.14 -18.38
C ALA E 765 50.87 -94.20 -18.11
N LEU E 766 50.72 -93.84 -16.83
CA LEU E 766 49.63 -92.99 -16.35
C LEU E 766 50.26 -91.85 -15.57
N VAL E 767 50.18 -90.63 -16.10
CA VAL E 767 50.89 -89.48 -15.57
C VAL E 767 49.86 -88.57 -14.92
N GLY E 768 50.17 -88.11 -13.74
CA GLY E 768 49.24 -87.35 -12.93
C GLY E 768 49.50 -87.65 -11.48
N ALA E 769 49.18 -86.69 -10.63
CA ALA E 769 49.34 -86.90 -9.20
C ALA E 769 48.37 -87.98 -8.71
N LEU E 770 48.88 -88.88 -7.86
CA LEU E 770 48.17 -90.09 -7.46
C LEU E 770 48.64 -90.48 -6.05
N PRO E 771 47.75 -90.82 -5.09
CA PRO E 771 48.26 -91.35 -3.82
C PRO E 771 48.84 -92.74 -3.97
N PHE E 772 49.23 -93.31 -2.84
CA PHE E 772 49.68 -94.69 -2.80
C PHE E 772 49.66 -95.14 -1.35
N ILE E 773 49.97 -96.41 -1.15
CA ILE E 773 50.28 -96.96 0.16
C ILE E 773 51.59 -97.73 0.06
N THR E 774 52.32 -97.77 1.16
CA THR E 774 53.62 -98.40 1.25
C THR E 774 53.40 -99.77 1.86
N ASP E 775 53.31 -100.77 1.00
CA ASP E 775 53.19 -102.16 1.42
C ASP E 775 54.60 -102.66 1.70
N SER E 776 54.94 -102.72 2.97
CA SER E 776 56.25 -103.12 3.43
C SER E 776 56.40 -104.64 3.59
N SER E 777 55.45 -105.42 3.07
CA SER E 777 55.51 -106.87 3.16
C SER E 777 56.33 -107.42 1.99
N VAL E 778 56.47 -108.74 1.97
CA VAL E 778 57.10 -109.49 0.89
C VAL E 778 56.11 -110.41 0.22
N ILE E 779 55.22 -111.03 0.99
CA ILE E 779 54.22 -111.96 0.46
C ILE E 779 53.23 -111.29 -0.50
N SER E 780 53.11 -109.97 -0.45
CA SER E 780 52.33 -109.20 -1.40
C SER E 780 53.10 -108.86 -2.68
N LEU E 781 54.30 -109.44 -2.88
CA LEU E 781 55.09 -109.28 -4.10
C LEU E 781 54.90 -110.49 -5.00
N VAL E 782 55.19 -111.68 -4.48
CA VAL E 782 54.95 -112.93 -5.21
C VAL E 782 53.49 -113.08 -5.60
N ALA E 783 52.58 -112.56 -4.77
CA ALA E 783 51.15 -112.58 -5.07
C ALA E 783 50.72 -111.56 -6.10
N LYS E 784 51.58 -110.60 -6.46
CA LYS E 784 51.39 -109.67 -7.59
C LYS E 784 50.10 -108.87 -7.43
N LEU E 785 50.09 -108.03 -6.40
CA LEU E 785 48.90 -107.26 -6.06
C LEU E 785 48.80 -105.97 -6.85
N ASP E 786 49.93 -105.32 -7.15
CA ASP E 786 49.88 -104.00 -7.74
C ASP E 786 49.33 -103.97 -9.17
N ALA E 787 49.11 -105.14 -9.81
CA ALA E 787 48.32 -105.24 -11.05
C ALA E 787 46.84 -105.43 -10.77
N THR E 788 46.46 -105.86 -9.56
CA THR E 788 45.06 -106.06 -9.20
C THR E 788 44.27 -104.76 -9.10
N VAL E 789 44.95 -103.61 -9.03
CA VAL E 789 44.30 -102.36 -8.69
C VAL E 789 43.47 -101.83 -9.84
N PHE E 790 43.73 -102.27 -11.07
CA PHE E 790 43.17 -101.66 -12.26
C PHE E 790 41.88 -102.29 -12.73
N ALA E 791 41.53 -103.49 -12.23
CA ALA E 791 40.32 -104.15 -12.69
C ALA E 791 39.04 -103.49 -12.22
N GLN E 792 39.10 -102.57 -11.25
CA GLN E 792 37.95 -101.77 -10.86
C GLN E 792 37.59 -100.72 -11.90
N ILE E 793 38.56 -100.29 -12.73
CA ILE E 793 38.39 -99.15 -13.61
C ILE E 793 37.36 -99.44 -14.68
N VAL E 794 37.17 -100.71 -15.05
CA VAL E 794 36.19 -101.06 -16.06
C VAL E 794 34.80 -101.13 -15.41
N LYS E 795 34.72 -101.56 -14.16
CA LYS E 795 33.43 -101.60 -13.47
C LYS E 795 32.96 -100.19 -13.16
N LEU E 796 33.72 -99.46 -12.36
CA LEU E 796 33.50 -98.04 -12.08
C LEU E 796 34.54 -97.23 -12.84
N ARG E 797 34.09 -96.32 -13.67
CA ARG E 797 34.97 -95.65 -14.62
C ARG E 797 35.80 -94.53 -13.97
N LYS E 798 35.39 -94.04 -12.81
CA LYS E 798 36.03 -92.93 -12.12
C LYS E 798 37.42 -93.33 -11.66
N VAL E 799 38.46 -92.79 -12.29
CA VAL E 799 39.86 -92.97 -11.81
C VAL E 799 40.11 -91.88 -10.78
N ASP E 800 39.58 -92.10 -9.63
CA ASP E 800 39.85 -91.40 -8.39
C ASP E 800 40.14 -92.39 -7.27
N THR E 801 39.47 -93.54 -7.27
CA THR E 801 39.77 -94.66 -6.37
C THR E 801 40.90 -95.48 -6.98
N LEU E 802 42.07 -94.85 -7.06
CA LEU E 802 43.25 -95.44 -7.67
C LEU E 802 44.43 -95.15 -6.76
N LYS E 803 44.99 -96.21 -6.19
CA LYS E 803 46.10 -96.09 -5.24
C LYS E 803 47.04 -97.24 -5.58
N PRO E 804 48.12 -96.99 -6.35
CA PRO E 804 49.12 -98.04 -6.55
C PRO E 804 49.80 -98.43 -5.25
N ILE E 805 50.56 -99.51 -5.36
CA ILE E 805 51.30 -100.09 -4.25
C ILE E 805 52.75 -99.85 -4.54
N LEU E 806 53.50 -99.61 -3.46
CA LEU E 806 54.93 -99.34 -3.50
C LEU E 806 55.59 -100.37 -2.59
N TYR E 807 56.40 -101.23 -3.20
CA TYR E 807 56.92 -102.44 -2.57
C TYR E 807 58.30 -102.16 -1.98
N LYS E 808 58.30 -101.46 -0.85
CA LYS E 808 59.55 -101.21 -0.14
C LYS E 808 59.87 -102.43 0.70
N ILE E 809 61.07 -102.98 0.48
CA ILE E 809 61.52 -104.24 1.06
C ILE E 809 62.89 -103.99 1.65
N ASN E 810 63.14 -104.55 2.82
CA ASN E 810 64.31 -104.23 3.62
C ASN E 810 64.40 -105.25 4.74
N SER E 811 65.31 -105.01 5.70
CA SER E 811 65.41 -105.84 6.89
C SER E 811 64.35 -105.53 7.96
N ASP E 812 63.30 -104.76 7.64
CA ASP E 812 62.21 -104.39 8.53
C ASP E 812 60.88 -104.72 7.89
N SER E 813 60.76 -105.97 7.39
CA SER E 813 59.64 -106.40 6.55
C SER E 813 59.09 -107.79 6.91
N ASN E 814 59.56 -108.41 7.99
CA ASN E 814 58.99 -109.61 8.62
C ASN E 814 59.23 -110.91 7.85
N ASP E 815 59.68 -110.85 6.58
CA ASP E 815 59.84 -112.02 5.71
C ASP E 815 61.10 -111.89 4.87
N PHE E 816 62.10 -111.17 5.35
CA PHE E 816 63.30 -110.86 4.59
C PHE E 816 64.27 -112.04 4.51
N TYR E 817 64.07 -113.09 5.33
CA TYR E 817 64.88 -114.31 5.27
C TYR E 817 64.87 -114.96 3.89
N LEU E 818 63.78 -114.81 3.15
CA LEU E 818 63.70 -115.30 1.78
C LEU E 818 64.75 -114.61 0.93
N VAL E 819 64.73 -113.27 0.92
CA VAL E 819 65.65 -112.49 0.11
C VAL E 819 67.10 -112.68 0.59
N ALA E 820 67.28 -113.03 1.85
CA ALA E 820 68.60 -113.24 2.41
C ALA E 820 69.18 -114.57 1.97
N ASN E 821 68.37 -115.62 2.08
CA ASN E 821 68.84 -116.98 1.86
C ASN E 821 68.80 -117.37 0.38
N TYR E 822 67.61 -117.39 -0.22
CA TYR E 822 67.41 -117.98 -1.53
C TYR E 822 68.13 -117.26 -2.68
N ASP E 823 68.64 -116.04 -2.46
CA ASP E 823 69.47 -115.32 -3.42
C ASP E 823 68.71 -115.05 -4.73
N TRP E 824 67.66 -114.24 -4.58
CA TRP E 824 66.83 -113.79 -5.69
C TRP E 824 66.69 -112.28 -5.60
N VAL E 825 67.03 -111.60 -6.68
CA VAL E 825 66.76 -110.16 -6.76
C VAL E 825 65.26 -109.97 -6.93
N PRO E 826 64.58 -109.15 -6.11
CA PRO E 826 63.14 -108.99 -6.31
C PRO E 826 62.77 -108.33 -7.63
N THR E 827 61.61 -108.72 -8.12
CA THR E 827 61.08 -108.32 -9.42
C THR E 827 59.58 -108.09 -9.30
N SER E 828 59.07 -107.12 -10.06
CA SER E 828 57.68 -106.69 -9.95
C SER E 828 57.21 -106.06 -11.23
N THR E 829 55.97 -106.33 -11.57
CA THR E 829 55.24 -105.57 -12.55
C THR E 829 54.78 -104.25 -11.94
N THR E 830 54.47 -103.29 -12.81
CA THR E 830 53.81 -102.04 -12.47
C THR E 830 54.66 -101.16 -11.54
N LYS E 831 55.79 -100.71 -12.09
CA LYS E 831 56.63 -99.74 -11.41
C LYS E 831 55.97 -98.36 -11.35
N VAL E 832 56.48 -97.55 -10.43
CA VAL E 832 56.02 -96.18 -10.18
C VAL E 832 57.05 -95.18 -10.66
N TYR E 833 56.57 -94.10 -11.28
CA TYR E 833 57.40 -93.02 -11.82
C TYR E 833 57.53 -91.94 -10.75
N LYS E 834 58.72 -91.83 -10.17
CA LYS E 834 58.92 -91.07 -8.95
C LYS E 834 60.41 -90.83 -8.79
N GLN E 835 60.73 -89.76 -8.06
CA GLN E 835 62.09 -89.39 -7.73
C GLN E 835 62.30 -89.61 -6.25
N ILE E 836 63.57 -89.70 -5.88
CA ILE E 836 63.98 -90.01 -4.52
C ILE E 836 64.26 -88.72 -3.76
N PRO E 837 64.37 -88.75 -2.44
CA PRO E 837 64.82 -87.57 -1.72
C PRO E 837 66.26 -87.25 -2.07
N GLN E 838 66.64 -86.01 -1.77
CA GLN E 838 68.00 -85.54 -1.97
C GLN E 838 68.72 -85.58 -0.63
N GLN E 839 69.90 -86.19 -0.64
CA GLN E 839 70.72 -86.36 0.55
C GLN E 839 71.11 -85.02 1.15
N PHE E 840 71.26 -85.00 2.47
CA PHE E 840 71.53 -83.79 3.22
C PHE E 840 73.03 -83.62 3.38
N ASP E 841 73.56 -82.58 2.73
CA ASP E 841 74.97 -82.19 2.83
C ASP E 841 75.03 -81.01 3.78
N PHE E 842 75.55 -81.26 4.98
CA PHE E 842 75.62 -80.23 6.00
C PHE E 842 76.56 -79.11 5.58
N ARG E 843 77.70 -79.47 4.97
CA ARG E 843 78.65 -78.46 4.53
C ARG E 843 78.03 -77.58 3.45
N ALA E 844 77.57 -78.20 2.35
CA ALA E 844 77.13 -77.44 1.19
C ALA E 844 75.79 -76.76 1.40
N SER E 845 74.95 -77.24 2.32
CA SER E 845 73.70 -76.58 2.59
C SER E 845 73.84 -75.35 3.48
N MET E 846 75.01 -75.10 4.05
CA MET E 846 75.25 -73.90 4.83
C MET E 846 75.57 -72.73 3.92
N HIS E 847 74.97 -71.58 4.23
CA HIS E 847 75.13 -70.35 3.47
C HIS E 847 75.30 -69.22 4.45
N MET E 848 75.68 -68.05 3.91
CA MET E 848 75.83 -66.82 4.67
C MET E 848 74.92 -65.76 4.10
N LEU E 849 73.96 -65.32 4.92
CA LEU E 849 72.97 -64.36 4.54
C LEU E 849 73.47 -63.00 4.99
N THR E 850 73.50 -62.06 4.05
CA THR E 850 74.08 -60.75 4.23
C THR E 850 72.95 -59.74 4.35
N SER E 851 73.16 -58.72 5.17
CA SER E 851 72.15 -57.70 5.37
C SER E 851 72.80 -56.51 6.03
N ASN E 852 71.98 -55.50 6.30
CA ASN E 852 72.43 -54.28 6.94
C ASN E 852 72.46 -54.51 8.44
N LEU E 853 72.93 -53.50 9.17
CA LEU E 853 72.98 -53.51 10.63
C LEU E 853 72.32 -52.24 11.16
N THR E 854 71.13 -52.41 11.75
CA THR E 854 70.52 -51.42 12.63
C THR E 854 70.23 -50.13 11.87
N PHE E 855 69.26 -50.22 10.96
CA PHE E 855 68.59 -49.05 10.44
C PHE E 855 67.22 -48.91 11.09
N THR E 856 66.60 -47.77 10.81
CA THR E 856 65.28 -47.41 11.28
C THR E 856 64.46 -47.08 10.05
N VAL E 857 63.14 -47.21 10.18
CA VAL E 857 62.23 -47.08 9.07
C VAL E 857 61.14 -46.12 9.49
N TYR E 858 60.93 -45.08 8.70
CA TYR E 858 59.95 -44.04 8.96
C TYR E 858 58.95 -44.08 7.83
N SER E 859 57.69 -43.82 8.17
CA SER E 859 56.55 -43.90 7.26
C SER E 859 55.92 -42.53 7.10
N ASP E 860 55.45 -41.92 8.18
CA ASP E 860 54.79 -40.63 8.10
C ASP E 860 55.90 -39.61 7.97
N LEU E 861 56.25 -39.30 6.72
CA LEU E 861 57.51 -38.65 6.40
C LEU E 861 57.47 -37.17 6.70
N LEU E 862 56.30 -36.55 6.58
CA LEU E 862 56.11 -35.13 6.80
C LEU E 862 55.87 -34.77 8.27
N ALA E 863 56.26 -35.65 9.20
CA ALA E 863 56.18 -35.34 10.62
C ALA E 863 57.38 -34.54 11.08
N PHE E 864 58.51 -34.65 10.39
CA PHE E 864 59.68 -33.89 10.77
C PHE E 864 59.63 -32.45 10.31
N VAL E 865 58.72 -32.11 9.39
CA VAL E 865 58.63 -30.77 8.83
C VAL E 865 57.56 -30.01 9.60
N SER E 866 57.91 -28.79 10.01
CA SER E 866 56.99 -27.81 10.55
C SER E 866 56.87 -26.72 9.50
N ALA E 867 55.67 -26.17 9.40
CA ALA E 867 55.29 -25.33 8.28
C ALA E 867 54.34 -24.25 8.76
N ASP E 868 54.41 -23.10 8.10
CA ASP E 868 53.59 -21.97 8.47
C ASP E 868 53.39 -21.11 7.23
N THR E 869 52.41 -20.21 7.32
CA THR E 869 52.00 -19.36 6.22
C THR E 869 52.40 -17.93 6.52
N VAL E 870 52.61 -17.18 5.44
CA VAL E 870 52.74 -15.75 5.57
C VAL E 870 51.41 -15.15 5.96
N GLU E 871 51.43 -13.90 6.36
CA GLU E 871 50.21 -13.18 6.68
C GLU E 871 49.31 -13.08 5.44
N PRO E 872 48.00 -13.34 5.53
CA PRO E 872 47.18 -13.42 4.32
C PRO E 872 47.11 -12.12 3.52
N ILE E 873 47.27 -10.97 4.17
CA ILE E 873 47.35 -9.70 3.46
C ILE E 873 48.64 -9.61 2.67
N ASN E 874 49.72 -10.20 3.18
CA ASN E 874 51.03 -10.22 2.53
C ASN E 874 51.22 -11.45 1.67
N ALA E 875 50.24 -11.76 0.82
CA ALA E 875 50.36 -12.89 -0.07
C ALA E 875 50.88 -12.41 -1.42
N VAL E 876 51.00 -13.33 -2.36
CA VAL E 876 51.63 -13.03 -3.64
C VAL E 876 51.33 -14.21 -4.57
N ALA E 877 51.12 -13.93 -5.85
CA ALA E 877 50.78 -14.90 -6.87
C ALA E 877 51.97 -15.09 -7.80
N PHE E 878 51.76 -15.91 -8.85
CA PHE E 878 52.78 -16.23 -9.84
C PHE E 878 53.44 -15.00 -10.45
N ASP E 879 52.68 -13.90 -10.63
CA ASP E 879 53.16 -12.67 -11.22
C ASP E 879 54.02 -11.81 -10.29
N ASN E 880 54.28 -12.27 -9.05
CA ASN E 880 55.02 -11.51 -8.05
C ASN E 880 54.34 -10.18 -7.78
N MET E 881 53.13 -10.28 -7.25
CA MET E 881 52.26 -9.14 -7.06
C MET E 881 51.17 -9.57 -6.09
N ARG E 882 50.92 -8.73 -5.09
CA ARG E 882 49.99 -9.00 -4.01
C ARG E 882 48.56 -9.25 -4.46
N ILE E 883 48.04 -10.43 -4.11
CA ILE E 883 46.62 -10.69 -4.30
C ILE E 883 45.82 -10.01 -3.20
N MET E 884 44.54 -9.80 -3.47
CA MET E 884 43.60 -9.19 -2.53
C MET E 884 44.10 -7.83 -2.07
N ASN E 885 44.24 -6.95 -3.06
CA ASN E 885 44.73 -5.58 -2.90
C ASN E 885 43.77 -4.50 -3.37
N GLU E 886 43.07 -4.73 -4.48
CA GLU E 886 42.15 -3.72 -5.02
C GLU E 886 41.05 -3.41 -4.01
N LEU E 887 40.74 -2.12 -3.89
CA LEU E 887 39.87 -1.59 -2.86
C LEU E 887 38.51 -1.23 -3.46
N LYS F 86 -56.54 8.53 -21.63
CA LYS F 86 -56.71 7.39 -22.52
C LYS F 86 -56.95 7.81 -23.96
N GLU F 87 -56.68 6.88 -24.88
CA GLU F 87 -56.95 7.03 -26.30
C GLU F 87 -57.79 5.87 -26.84
N GLU F 88 -57.57 4.66 -26.31
CA GLU F 88 -58.28 3.50 -26.83
C GLU F 88 -59.77 3.57 -26.54
N HIS F 89 -60.15 4.16 -25.40
CA HIS F 89 -61.56 4.40 -25.18
C HIS F 89 -62.08 5.40 -26.19
N GLN F 90 -61.26 6.38 -26.59
CA GLN F 90 -61.82 7.42 -27.44
C GLN F 90 -62.03 6.86 -28.85
N LYS F 91 -61.23 5.84 -29.20
CA LYS F 91 -61.43 5.11 -30.42
C LYS F 91 -62.73 4.36 -30.32
N GLU F 92 -62.92 3.69 -29.17
CA GLU F 92 -64.10 2.85 -28.99
C GLU F 92 -65.36 3.71 -29.12
N VAL F 93 -65.29 4.96 -28.64
CA VAL F 93 -66.39 5.91 -28.72
C VAL F 93 -66.70 6.26 -30.16
N GLN F 94 -65.67 6.48 -30.96
CA GLN F 94 -65.91 6.97 -32.32
C GLN F 94 -66.23 5.84 -33.29
N TYR F 95 -65.61 4.69 -33.11
CA TYR F 95 -66.05 3.46 -33.77
C TYR F 95 -67.50 3.13 -33.41
N GLU F 96 -67.92 3.47 -32.18
CA GLU F 96 -69.31 3.30 -31.78
C GLU F 96 -70.21 4.30 -32.49
N ILE F 97 -69.76 5.56 -32.62
CA ILE F 97 -70.48 6.57 -33.38
C ILE F 97 -70.73 6.08 -34.81
N LEU F 98 -69.76 5.39 -35.38
CA LEU F 98 -69.93 4.88 -36.73
C LEU F 98 -70.87 3.68 -36.73
N GLN F 99 -70.71 2.78 -35.76
CA GLN F 99 -71.50 1.56 -35.73
C GLN F 99 -72.96 1.81 -35.33
N LYS F 100 -73.28 2.97 -34.74
CA LYS F 100 -74.66 3.38 -34.54
C LYS F 100 -75.32 3.95 -35.81
N THR F 101 -74.66 3.87 -36.96
CA THR F 101 -75.23 4.19 -38.27
C THR F 101 -75.52 2.95 -39.10
N ILE F 102 -75.09 1.76 -38.68
CA ILE F 102 -75.02 0.56 -39.51
C ILE F 102 -76.03 -0.45 -38.98
N PRO F 103 -77.01 -0.95 -39.79
CA PRO F 103 -78.02 -1.86 -39.23
C PRO F 103 -77.61 -3.31 -38.94
N THR F 104 -76.43 -3.54 -38.39
CA THR F 104 -75.96 -4.88 -38.08
C THR F 104 -76.33 -5.18 -36.64
N PHE F 105 -77.08 -6.26 -36.44
CA PHE F 105 -77.56 -6.69 -35.14
C PHE F 105 -76.41 -6.90 -34.15
N GLU F 106 -76.77 -6.94 -32.88
CA GLU F 106 -75.84 -7.25 -31.81
C GLU F 106 -75.52 -8.75 -31.85
N PRO F 107 -74.72 -9.29 -30.88
CA PRO F 107 -73.56 -10.14 -31.22
C PRO F 107 -73.66 -11.00 -32.47
N LYS F 108 -72.64 -10.89 -33.34
CA LYS F 108 -72.73 -11.23 -34.76
C LYS F 108 -73.15 -12.68 -34.99
N GLU F 109 -72.71 -13.58 -34.10
CA GLU F 109 -73.02 -15.00 -34.21
C GLU F 109 -74.52 -15.28 -34.11
N SER F 110 -75.28 -14.39 -33.46
CA SER F 110 -76.75 -14.47 -33.42
C SER F 110 -77.40 -14.48 -34.80
N ILE F 111 -76.71 -13.95 -35.82
CA ILE F 111 -77.25 -13.89 -37.16
C ILE F 111 -77.40 -15.30 -37.70
N LEU F 112 -76.53 -16.21 -37.27
CA LEU F 112 -76.55 -17.53 -37.86
C LEU F 112 -77.80 -18.28 -37.38
N LYS F 113 -78.33 -17.91 -36.20
CA LYS F 113 -79.62 -18.46 -35.80
C LYS F 113 -80.72 -18.04 -36.75
N LYS F 114 -80.63 -16.81 -37.27
CA LYS F 114 -81.76 -16.22 -37.96
C LYS F 114 -81.82 -16.58 -39.44
N LEU F 115 -80.69 -16.49 -40.14
CA LEU F 115 -80.57 -16.98 -41.51
C LEU F 115 -81.00 -18.41 -41.66
N GLU F 116 -80.68 -19.26 -40.68
CA GLU F 116 -81.14 -20.64 -40.73
C GLU F 116 -82.63 -20.72 -40.41
N ASP F 117 -83.14 -19.79 -39.59
CA ASP F 117 -84.55 -19.76 -39.24
C ASP F 117 -85.42 -19.11 -40.32
N ILE F 118 -84.82 -18.58 -41.40
CA ILE F 118 -85.63 -18.11 -42.51
C ILE F 118 -86.18 -19.32 -43.23
N LYS F 119 -87.47 -19.46 -43.19
CA LYS F 119 -88.20 -20.58 -43.70
C LYS F 119 -88.69 -20.20 -45.08
N PRO F 120 -89.02 -21.15 -45.94
CA PRO F 120 -89.57 -20.75 -47.24
C PRO F 120 -90.96 -20.19 -47.09
N GLU F 121 -91.58 -19.90 -48.22
CA GLU F 121 -92.90 -19.31 -48.25
C GLU F 121 -93.77 -20.51 -47.93
N GLN F 122 -94.18 -20.59 -46.67
CA GLN F 122 -95.07 -21.64 -46.22
C GLN F 122 -96.38 -21.50 -46.98
N VAL F 123 -96.55 -22.45 -47.90
CA VAL F 123 -97.63 -22.42 -48.85
C VAL F 123 -98.98 -22.51 -48.15
N LYS F 124 -100.00 -21.96 -48.81
CA LYS F 124 -101.32 -21.79 -48.25
C LYS F 124 -102.39 -22.46 -49.09
N LYS F 125 -103.47 -22.85 -48.42
CA LYS F 125 -104.64 -23.43 -49.04
C LYS F 125 -105.70 -23.42 -47.95
N GLN F 126 -106.95 -23.33 -48.38
CA GLN F 126 -108.12 -23.17 -47.52
C GLN F 126 -109.12 -24.29 -47.79
N THR F 127 -110.27 -24.17 -47.12
CA THR F 127 -111.44 -25.03 -47.34
C THR F 127 -112.72 -24.23 -47.47
N LYS F 128 -112.62 -23.01 -48.00
CA LYS F 128 -113.75 -22.11 -48.17
C LYS F 128 -113.41 -21.19 -49.32
N LEU F 129 -114.43 -20.86 -50.10
CA LEU F 129 -114.22 -19.94 -51.19
C LEU F 129 -114.16 -18.52 -50.65
N PHE F 130 -113.68 -17.63 -51.51
CA PHE F 130 -113.64 -16.22 -51.18
C PHE F 130 -115.03 -15.67 -51.43
N ARG F 131 -115.58 -14.97 -50.45
CA ARG F 131 -116.98 -14.57 -50.47
C ARG F 131 -117.10 -13.24 -49.75
N ILE F 132 -117.52 -12.24 -50.52
CA ILE F 132 -117.80 -10.91 -50.00
C ILE F 132 -119.29 -10.65 -49.86
N PHE F 133 -120.14 -11.36 -50.60
CA PHE F 133 -121.59 -11.23 -50.55
C PHE F 133 -122.21 -12.56 -50.13
N GLU F 134 -123.50 -12.51 -49.81
CA GLU F 134 -124.32 -13.64 -49.45
C GLU F 134 -125.72 -13.28 -49.88
N PRO F 135 -126.53 -14.21 -50.37
CA PRO F 135 -127.94 -13.91 -50.56
C PRO F 135 -128.65 -13.79 -49.23
N ARG F 136 -129.77 -13.07 -49.25
CA ARG F 136 -130.53 -12.77 -48.06
C ARG F 136 -131.94 -12.45 -48.51
N GLN F 137 -132.90 -12.91 -47.72
CA GLN F 137 -134.30 -12.89 -48.09
C GLN F 137 -134.95 -11.73 -47.35
N LEU F 138 -135.35 -10.70 -48.08
CA LEU F 138 -135.69 -9.39 -47.57
C LEU F 138 -137.11 -8.96 -47.93
N PRO F 139 -137.69 -8.02 -47.17
CA PRO F 139 -139.00 -7.47 -47.54
C PRO F 139 -138.95 -6.73 -48.87
N VAL F 140 -140.15 -6.51 -49.40
CA VAL F 140 -140.35 -5.63 -50.54
C VAL F 140 -141.69 -4.96 -50.30
N TYR F 141 -141.90 -3.85 -50.99
CA TYR F 141 -143.05 -2.97 -50.76
C TYR F 141 -143.48 -2.48 -52.13
N ARG F 142 -144.65 -2.93 -52.58
CA ARG F 142 -145.13 -2.53 -53.89
C ARG F 142 -145.42 -1.04 -53.93
N ALA F 143 -145.51 -0.52 -55.14
CA ALA F 143 -145.90 0.87 -55.31
C ALA F 143 -147.32 1.07 -54.84
N ASN F 144 -147.55 2.25 -54.27
CA ASN F 144 -148.53 2.66 -53.24
C ASN F 144 -147.95 2.41 -51.83
N GLY F 145 -146.75 1.87 -51.68
CA GLY F 145 -146.12 1.73 -50.39
C GLY F 145 -146.57 0.55 -49.55
N GLU F 146 -147.46 -0.31 -50.07
CA GLU F 146 -147.94 -1.45 -49.31
C GLU F 146 -146.94 -2.60 -49.38
N LYS F 147 -146.86 -3.35 -48.29
CA LYS F 147 -145.99 -4.51 -48.22
C LYS F 147 -146.57 -5.69 -48.98
N GLU F 148 -145.78 -6.27 -49.88
CA GLU F 148 -146.23 -7.44 -50.60
C GLU F 148 -146.22 -8.66 -49.67
N LEU F 149 -146.88 -9.72 -50.11
CA LEU F 149 -146.99 -10.99 -49.42
C LEU F 149 -145.86 -11.94 -49.77
N ARG F 150 -144.70 -11.42 -50.18
CA ARG F 150 -143.55 -12.22 -50.59
C ARG F 150 -142.26 -11.46 -50.32
N ASN F 151 -141.30 -12.12 -49.67
CA ASN F 151 -139.96 -11.57 -49.61
C ASN F 151 -139.28 -11.82 -50.95
N ARG F 152 -138.02 -11.41 -51.07
CA ARG F 152 -137.27 -11.65 -52.28
C ARG F 152 -135.79 -11.70 -51.93
N TRP F 153 -135.02 -12.40 -52.76
CA TRP F 153 -133.62 -12.69 -52.50
C TRP F 153 -132.75 -11.61 -53.13
N TYR F 154 -131.77 -11.15 -52.36
CA TYR F 154 -130.91 -10.05 -52.74
C TYR F 154 -129.52 -10.31 -52.18
N TRP F 155 -128.53 -9.79 -52.88
CA TRP F 155 -127.15 -9.86 -52.42
C TRP F 155 -126.86 -8.78 -51.40
N LYS F 156 -126.30 -9.20 -50.26
CA LYS F 156 -125.82 -8.30 -49.23
C LYS F 156 -124.49 -8.81 -48.71
N LEU F 157 -123.63 -7.84 -48.40
CA LEU F 157 -122.30 -8.10 -47.91
C LEU F 157 -122.32 -8.92 -46.63
N LYS F 158 -121.25 -9.67 -46.42
CA LYS F 158 -120.92 -10.24 -45.13
C LYS F 158 -120.04 -9.27 -44.34
N ARG F 159 -120.40 -9.03 -43.09
CA ARG F 159 -119.61 -8.23 -42.13
C ARG F 159 -119.39 -6.80 -42.67
N ASP F 160 -120.49 -6.07 -42.75
CA ASP F 160 -120.42 -4.63 -42.93
C ASP F 160 -119.63 -3.97 -41.82
N THR F 161 -118.49 -3.38 -42.19
CA THR F 161 -117.64 -2.64 -41.25
C THR F 161 -117.09 -1.38 -41.91
N LEU F 162 -117.75 -0.86 -42.94
CA LEU F 162 -117.12 0.14 -43.78
C LEU F 162 -117.13 1.50 -43.08
N PRO F 163 -116.00 2.24 -43.04
CA PRO F 163 -115.97 3.48 -42.26
C PRO F 163 -116.64 4.64 -42.98
N ASP F 164 -116.50 5.83 -42.40
CA ASP F 164 -117.07 7.07 -42.91
C ASP F 164 -115.94 7.95 -43.42
N GLY F 165 -116.22 8.69 -44.48
CA GLY F 165 -115.21 9.47 -45.17
C GLY F 165 -114.47 8.61 -46.16
N ASP F 166 -114.31 9.12 -47.40
CA ASP F 166 -113.81 8.31 -48.49
C ASP F 166 -112.38 7.85 -48.27
N TYR F 167 -111.57 8.66 -47.57
CA TYR F 167 -110.22 8.24 -47.20
C TYR F 167 -110.25 6.93 -46.44
N ASP F 168 -111.09 6.86 -45.42
CA ASP F 168 -111.09 5.68 -44.57
C ASP F 168 -111.68 4.49 -45.34
N VAL F 169 -112.59 4.76 -46.28
CA VAL F 169 -113.11 3.71 -47.15
C VAL F 169 -112.00 3.12 -48.00
N ARG F 170 -111.22 3.98 -48.64
CA ARG F 170 -110.12 3.47 -49.46
C ARG F 170 -109.09 2.76 -48.60
N GLU F 171 -108.91 3.21 -47.36
CA GLU F 171 -108.05 2.51 -46.42
C GLU F 171 -108.62 1.13 -46.11
N TYR F 172 -109.94 1.03 -45.98
CA TYR F 172 -110.59 -0.27 -45.77
C TYR F 172 -110.34 -1.19 -46.95
N PHE F 173 -110.39 -0.65 -48.17
CA PHE F 173 -110.17 -1.52 -49.32
C PHE F 173 -108.71 -1.94 -49.41
N LEU F 174 -107.79 -1.07 -49.00
CA LEU F 174 -106.39 -1.47 -48.93
C LEU F 174 -106.17 -2.52 -47.85
N ASN F 175 -106.83 -2.37 -46.71
CA ASN F 175 -106.72 -3.36 -45.64
C ASN F 175 -107.48 -4.64 -45.95
N LEU F 176 -108.34 -4.64 -46.97
CA LEU F 176 -108.86 -5.87 -47.54
C LEU F 176 -107.84 -6.49 -48.47
N TYR F 177 -107.22 -5.67 -49.31
CA TYR F 177 -106.24 -6.15 -50.28
C TYR F 177 -105.06 -6.84 -49.59
N ASP F 178 -104.49 -6.19 -48.56
CA ASP F 178 -103.31 -6.76 -47.90
C ASP F 178 -103.63 -8.08 -47.21
N GLN F 179 -104.85 -8.22 -46.66
CA GLN F 179 -105.18 -9.45 -45.94
C GLN F 179 -105.59 -10.55 -46.92
N VAL F 180 -106.16 -10.17 -48.07
CA VAL F 180 -106.28 -11.09 -49.20
C VAL F 180 -104.92 -11.65 -49.56
N LEU F 181 -103.92 -10.77 -49.68
CA LEU F 181 -102.55 -11.21 -49.96
C LEU F 181 -102.04 -12.10 -48.85
N THR F 182 -102.36 -11.75 -47.60
CA THR F 182 -101.95 -12.57 -46.47
C THR F 182 -102.58 -13.97 -46.52
N GLU F 183 -103.74 -14.11 -47.19
CA GLU F 183 -104.44 -15.38 -47.36
C GLU F 183 -104.61 -15.77 -48.83
N MET F 184 -103.99 -15.04 -49.79
CA MET F 184 -104.04 -15.38 -51.20
C MET F 184 -103.39 -16.76 -51.41
N PRO F 185 -104.13 -17.83 -51.75
CA PRO F 185 -103.48 -19.14 -51.83
C PRO F 185 -102.51 -19.27 -52.99
N ASP F 186 -101.89 -20.44 -53.04
CA ASP F 186 -100.90 -20.81 -54.03
C ASP F 186 -101.25 -22.09 -54.75
N TYR F 187 -102.24 -22.85 -54.26
CA TYR F 187 -102.73 -24.06 -54.91
C TYR F 187 -103.99 -24.49 -54.20
N LEU F 188 -105.00 -24.85 -54.97
CA LEU F 188 -106.32 -25.25 -54.50
C LEU F 188 -106.63 -26.69 -54.87
N LEU F 189 -107.50 -27.29 -54.07
CA LEU F 189 -108.06 -28.60 -54.32
C LEU F 189 -109.48 -28.60 -53.83
N LEU F 190 -110.39 -29.12 -54.66
CA LEU F 190 -111.82 -28.94 -54.47
C LEU F 190 -112.48 -30.13 -53.81
N LYS F 191 -111.88 -31.33 -53.93
CA LYS F 191 -112.35 -32.47 -53.15
C LYS F 191 -112.25 -32.21 -51.64
N ASP F 192 -111.28 -31.39 -51.21
CA ASP F 192 -111.06 -31.13 -49.81
C ASP F 192 -112.09 -30.20 -49.19
N MET F 193 -113.02 -29.63 -49.96
CA MET F 193 -114.07 -28.75 -49.46
C MET F 193 -115.47 -29.11 -49.89
N ALA F 194 -115.66 -29.91 -50.94
CA ALA F 194 -116.99 -30.21 -51.48
C ALA F 194 -117.88 -30.91 -50.47
N VAL F 195 -119.19 -30.84 -50.71
CA VAL F 195 -120.21 -31.41 -49.85
C VAL F 195 -121.37 -31.81 -50.72
N GLU F 196 -122.25 -32.65 -50.16
CA GLU F 196 -123.36 -33.19 -50.93
C GLU F 196 -124.53 -32.22 -50.92
N ASN F 197 -125.21 -32.14 -52.05
CA ASN F 197 -126.47 -31.43 -52.18
C ASN F 197 -127.59 -32.36 -51.73
N LYS F 198 -128.33 -31.96 -50.69
CA LYS F 198 -129.35 -32.82 -50.12
C LYS F 198 -130.48 -33.11 -51.09
N ASN F 199 -130.85 -32.17 -51.95
CA ASN F 199 -132.03 -32.32 -52.78
C ASN F 199 -131.69 -32.96 -54.14
N SER F 200 -130.52 -33.59 -54.27
CA SER F 200 -130.11 -34.15 -55.54
C SER F 200 -130.60 -35.57 -55.67
N ARG F 201 -131.22 -35.87 -56.81
CA ARG F 201 -131.62 -37.22 -57.18
C ARG F 201 -130.55 -37.92 -58.03
N ASP F 202 -129.28 -37.48 -57.94
CA ASP F 202 -128.20 -38.02 -58.77
C ASP F 202 -126.89 -38.20 -58.00
N ALA F 203 -126.91 -38.17 -56.66
CA ALA F 203 -125.71 -38.25 -55.83
C ALA F 203 -124.72 -37.12 -56.12
N GLY F 204 -125.23 -35.95 -56.46
CA GLY F 204 -124.39 -34.86 -56.88
C GLY F 204 -123.69 -34.22 -55.70
N LYS F 205 -122.89 -33.21 -56.01
CA LYS F 205 -122.14 -32.47 -55.00
C LYS F 205 -122.14 -30.99 -55.35
N VAL F 206 -121.73 -30.19 -54.38
CA VAL F 206 -121.41 -28.78 -54.59
C VAL F 206 -120.06 -28.50 -53.93
N VAL F 207 -119.62 -27.27 -54.05
CA VAL F 207 -118.25 -26.92 -53.70
C VAL F 207 -118.09 -26.53 -52.23
N ASP F 208 -119.10 -25.89 -51.65
CA ASP F 208 -118.96 -25.19 -50.38
C ASP F 208 -120.22 -25.42 -49.56
N SER F 209 -120.15 -25.13 -48.27
CA SER F 209 -121.30 -25.27 -47.38
C SER F 209 -122.30 -24.14 -47.56
N GLU F 210 -121.80 -22.92 -47.72
CA GLU F 210 -122.63 -21.72 -47.85
C GLU F 210 -123.37 -21.64 -49.19
N THR F 211 -123.16 -22.56 -50.13
CA THR F 211 -123.91 -22.68 -51.36
C THR F 211 -124.96 -23.78 -51.28
N ALA F 212 -124.69 -24.85 -50.54
CA ALA F 212 -125.73 -25.83 -50.26
C ALA F 212 -126.80 -25.25 -49.35
N ALA F 213 -126.37 -24.40 -48.41
CA ALA F 213 -127.29 -23.64 -47.56
C ALA F 213 -128.16 -22.67 -48.36
N ILE F 214 -127.74 -22.28 -49.57
CA ILE F 214 -128.58 -21.52 -50.48
C ILE F 214 -129.49 -22.44 -51.27
N CYS F 215 -128.94 -23.56 -51.75
CA CYS F 215 -129.68 -24.45 -52.65
C CYS F 215 -130.91 -25.03 -51.98
N ASP F 216 -130.82 -25.38 -50.69
CA ASP F 216 -132.00 -25.90 -50.02
C ASP F 216 -133.10 -24.84 -49.89
N ALA F 217 -132.69 -23.59 -49.65
CA ALA F 217 -133.66 -22.51 -49.46
C ALA F 217 -134.32 -22.14 -50.79
N ILE F 218 -133.53 -22.13 -51.87
CA ILE F 218 -134.07 -21.85 -53.20
C ILE F 218 -134.90 -23.03 -53.68
N PHE F 219 -134.64 -24.24 -53.18
CA PHE F 219 -135.50 -25.36 -53.51
C PHE F 219 -136.85 -25.21 -52.84
N GLN F 220 -136.87 -25.04 -51.52
CA GLN F 220 -138.13 -25.07 -50.77
C GLN F 220 -139.04 -23.88 -51.06
N ASP F 221 -138.51 -22.79 -51.61
CA ASP F 221 -139.27 -21.56 -51.76
C ASP F 221 -140.38 -21.68 -52.81
N GLU F 222 -141.49 -20.99 -52.55
CA GLU F 222 -142.70 -21.05 -53.37
C GLU F 222 -142.68 -20.12 -54.57
N GLU F 223 -141.66 -19.26 -54.72
CA GLU F 223 -141.52 -18.33 -55.83
C GLU F 223 -140.59 -18.82 -56.91
N THR F 224 -139.60 -19.63 -56.55
CA THR F 224 -138.66 -20.18 -57.52
C THR F 224 -139.41 -21.00 -58.58
N GLU F 225 -138.87 -21.00 -59.78
CA GLU F 225 -139.50 -21.62 -60.94
C GLU F 225 -139.11 -23.11 -61.04
N GLY F 226 -139.82 -23.83 -61.91
CA GLY F 226 -139.69 -25.27 -61.97
C GLY F 226 -138.40 -25.73 -62.62
N VAL F 227 -137.91 -24.97 -63.61
CA VAL F 227 -136.70 -25.35 -64.32
C VAL F 227 -135.50 -25.32 -63.36
N VAL F 228 -135.48 -24.35 -62.45
CA VAL F 228 -134.42 -24.26 -61.46
C VAL F 228 -134.47 -25.44 -60.51
N ARG F 229 -135.67 -25.85 -60.09
CA ARG F 229 -135.80 -27.01 -59.21
C ARG F 229 -135.32 -28.27 -59.89
N ARG F 230 -135.73 -28.49 -61.14
CA ARG F 230 -135.29 -29.68 -61.86
C ARG F 230 -133.80 -29.66 -62.09
N PHE F 231 -133.24 -28.47 -62.37
CA PHE F 231 -131.80 -28.33 -62.53
C PHE F 231 -131.05 -28.67 -61.26
N ILE F 232 -131.51 -28.13 -60.13
CA ILE F 232 -130.93 -28.43 -58.81
C ILE F 232 -130.98 -29.92 -58.55
N ALA F 233 -132.08 -30.57 -58.91
CA ALA F 233 -132.14 -32.00 -58.73
C ALA F 233 -131.22 -32.75 -59.70
N GLU F 234 -130.79 -32.11 -60.80
CA GLU F 234 -129.95 -32.72 -61.82
C GLU F 234 -128.59 -32.02 -61.99
N MET F 235 -128.05 -31.38 -60.94
CA MET F 235 -126.70 -30.79 -61.04
C MET F 235 -125.65 -31.82 -60.69
N ARG F 236 -125.21 -32.56 -61.72
CA ARG F 236 -124.20 -33.60 -61.58
C ARG F 236 -122.86 -32.96 -61.92
N GLN F 237 -121.88 -33.14 -61.06
CA GLN F 237 -120.52 -32.67 -61.29
C GLN F 237 -119.84 -33.51 -62.38
N ARG F 238 -118.54 -33.29 -62.58
CA ARG F 238 -117.77 -34.00 -63.62
C ARG F 238 -116.35 -34.15 -63.10
N VAL F 239 -116.12 -35.27 -62.45
CA VAL F 239 -114.82 -35.74 -61.99
C VAL F 239 -114.21 -36.56 -63.11
N GLN F 240 -112.89 -36.46 -63.31
CA GLN F 240 -112.25 -37.20 -64.38
C GLN F 240 -110.77 -37.35 -64.00
N ALA F 241 -110.42 -38.53 -63.52
CA ALA F 241 -109.10 -38.78 -62.97
C ALA F 241 -108.05 -39.05 -64.04
N ASP F 242 -108.43 -39.69 -65.14
CA ASP F 242 -107.44 -40.00 -66.19
C ASP F 242 -106.86 -38.74 -66.86
N ARG F 243 -107.53 -37.58 -66.74
CA ARG F 243 -106.95 -36.28 -67.11
C ARG F 243 -106.68 -35.41 -65.89
N ASN F 244 -107.02 -35.87 -64.68
CA ASN F 244 -106.67 -35.28 -63.39
C ASN F 244 -107.57 -34.09 -63.05
N VAL F 245 -108.66 -33.84 -63.79
CA VAL F 245 -109.43 -32.60 -63.65
C VAL F 245 -110.77 -32.92 -63.01
N VAL F 246 -111.38 -31.87 -62.48
CA VAL F 246 -112.69 -31.92 -61.87
C VAL F 246 -113.37 -30.60 -62.13
N ASN F 247 -114.70 -30.66 -62.21
CA ASN F 247 -115.57 -29.51 -62.45
C ASN F 247 -116.72 -29.68 -61.49
N TYR F 248 -116.94 -28.67 -60.63
CA TYR F 248 -117.93 -28.68 -59.56
C TYR F 248 -118.86 -27.48 -59.70
N PRO F 249 -120.15 -27.59 -59.36
CA PRO F 249 -120.99 -26.39 -59.36
C PRO F 249 -120.73 -25.48 -58.19
N SER F 250 -121.18 -24.25 -58.35
CA SER F 250 -121.04 -23.22 -57.34
C SER F 250 -122.10 -22.15 -57.59
N ILE F 251 -122.50 -21.49 -56.51
CA ILE F 251 -123.30 -20.27 -56.57
C ILE F 251 -122.43 -19.15 -56.04
N LEU F 252 -122.33 -18.07 -56.81
CA LEU F 252 -121.41 -16.99 -56.47
C LEU F 252 -121.90 -15.69 -57.07
N HIS F 253 -121.66 -14.62 -56.33
CA HIS F 253 -121.71 -13.31 -56.95
C HIS F 253 -120.58 -13.24 -57.98
N PRO F 254 -120.75 -12.51 -59.10
CA PRO F 254 -119.71 -12.50 -60.15
C PRO F 254 -118.33 -12.02 -59.71
N ILE F 255 -118.29 -11.06 -58.80
CA ILE F 255 -117.02 -10.57 -58.24
C ILE F 255 -116.28 -11.70 -57.54
N ASP F 256 -117.00 -12.44 -56.69
CA ASP F 256 -116.42 -13.56 -55.97
C ASP F 256 -115.93 -14.64 -56.93
N HIS F 257 -116.70 -14.87 -58.00
CA HIS F 257 -116.28 -15.78 -59.05
C HIS F 257 -115.00 -15.31 -59.70
N ALA F 258 -114.86 -13.99 -59.88
CA ALA F 258 -113.64 -13.44 -60.47
C ALA F 258 -112.43 -13.73 -59.59
N PHE F 259 -112.54 -13.44 -58.28
CA PHE F 259 -111.45 -13.73 -57.35
C PHE F 259 -111.08 -15.21 -57.35
N ASN F 260 -112.09 -16.08 -57.32
CA ASN F 260 -111.84 -17.50 -57.20
C ASN F 260 -111.31 -18.11 -58.50
N GLU F 261 -111.87 -17.73 -59.65
CA GLU F 261 -111.33 -18.21 -60.92
C GLU F 261 -109.93 -17.67 -61.16
N TYR F 262 -109.61 -16.49 -60.62
CA TYR F 262 -108.24 -16.02 -60.68
C TYR F 262 -107.35 -17.00 -59.92
N PHE F 263 -107.72 -17.28 -58.66
CA PHE F 263 -106.92 -18.19 -57.83
C PHE F 263 -106.80 -19.57 -58.44
N LEU F 264 -107.82 -20.02 -59.19
CA LEU F 264 -107.76 -21.34 -59.81
C LEU F 264 -106.89 -21.33 -61.05
N GLN F 265 -107.05 -20.32 -61.90
CA GLN F 265 -106.36 -20.30 -63.18
C GLN F 265 -104.91 -19.84 -63.09
N HIS F 266 -104.43 -19.41 -61.92
CA HIS F 266 -103.10 -18.81 -61.75
C HIS F 266 -102.41 -19.40 -60.53
N GLN F 267 -102.41 -20.72 -60.45
CA GLN F 267 -101.69 -21.41 -59.41
C GLN F 267 -100.21 -21.37 -59.75
N LEU F 268 -99.38 -21.04 -58.77
CA LEU F 268 -97.93 -20.99 -58.95
C LEU F 268 -97.25 -22.31 -58.56
N VAL F 269 -97.77 -23.39 -59.14
CA VAL F 269 -97.22 -24.73 -59.02
C VAL F 269 -97.01 -25.28 -60.42
N GLU F 270 -95.87 -25.94 -60.63
CA GLU F 270 -95.41 -26.50 -61.88
C GLU F 270 -95.23 -28.01 -61.72
N PRO F 271 -95.36 -28.83 -62.78
CA PRO F 271 -95.05 -30.25 -62.63
C PRO F 271 -93.61 -30.51 -62.23
N LEU F 272 -93.38 -31.74 -61.76
CA LEU F 272 -92.13 -32.13 -61.14
C LEU F 272 -91.74 -33.54 -61.54
N ASN F 273 -90.43 -33.75 -61.54
CA ASN F 273 -89.79 -34.99 -61.95
C ASN F 273 -88.32 -34.83 -61.63
N ASN F 274 -87.57 -35.92 -61.74
CA ASN F 274 -86.21 -35.94 -61.24
C ASN F 274 -85.24 -35.12 -62.09
N ASP F 275 -85.53 -34.96 -63.39
CA ASP F 275 -84.62 -34.22 -64.24
C ASP F 275 -84.59 -32.73 -63.92
N ILE F 276 -85.70 -32.17 -63.45
CA ILE F 276 -85.71 -30.79 -62.99
C ILE F 276 -84.79 -30.62 -61.79
N ILE F 277 -84.85 -31.56 -60.85
CA ILE F 277 -84.04 -31.44 -59.64
C ILE F 277 -82.58 -31.60 -60.00
N PHE F 278 -82.29 -32.59 -60.85
CA PHE F 278 -80.96 -32.74 -61.43
C PHE F 278 -80.52 -31.49 -62.19
N ASN F 279 -81.46 -30.78 -62.83
CA ASN F 279 -81.20 -29.50 -63.48
C ASN F 279 -81.47 -28.29 -62.59
N TYR F 280 -81.65 -28.50 -61.28
CA TYR F 280 -81.80 -27.45 -60.27
C TYR F 280 -80.55 -27.29 -59.42
N ILE F 281 -79.74 -28.33 -59.31
CA ILE F 281 -78.44 -28.28 -58.66
C ILE F 281 -77.54 -27.44 -59.58
N PRO F 282 -76.53 -26.73 -59.05
CA PRO F 282 -75.60 -26.02 -59.92
C PRO F 282 -74.88 -26.96 -60.88
N GLU F 283 -74.47 -26.37 -62.00
CA GLU F 283 -73.80 -27.10 -63.07
C GLU F 283 -72.50 -27.73 -62.59
N ARG F 284 -71.58 -26.91 -62.05
CA ARG F 284 -70.23 -27.38 -61.75
C ARG F 284 -70.12 -28.06 -60.38
N ILE F 285 -71.22 -28.60 -59.85
CA ILE F 285 -71.17 -29.63 -58.83
C ILE F 285 -71.54 -30.99 -59.40
N ARG F 286 -72.50 -31.04 -60.32
CA ARG F 286 -72.82 -32.30 -60.99
C ARG F 286 -71.90 -32.60 -62.16
N ASN F 287 -70.92 -31.74 -62.46
CA ASN F 287 -69.77 -32.09 -63.26
C ASN F 287 -68.53 -32.41 -62.43
N ASP F 288 -68.51 -32.02 -61.16
CA ASP F 288 -67.33 -32.23 -60.33
C ASP F 288 -67.30 -33.69 -59.91
N VAL F 289 -66.27 -34.41 -60.33
CA VAL F 289 -66.16 -35.83 -60.02
C VAL F 289 -66.00 -36.11 -58.54
N ASN F 290 -65.55 -35.14 -57.73
CA ASN F 290 -65.36 -35.41 -56.31
C ASN F 290 -66.65 -35.55 -55.54
N TYR F 291 -67.80 -35.20 -56.13
CA TYR F 291 -69.11 -35.20 -55.48
C TYR F 291 -69.95 -36.20 -56.25
N ILE F 292 -70.24 -37.33 -55.63
CA ILE F 292 -71.12 -38.33 -56.20
C ILE F 292 -72.55 -37.88 -55.94
N LEU F 293 -73.37 -37.90 -56.99
CA LEU F 293 -74.78 -37.55 -56.92
C LEU F 293 -75.56 -38.64 -57.63
N ASN F 294 -76.59 -39.15 -56.96
CA ASN F 294 -77.43 -40.21 -57.47
C ASN F 294 -78.86 -39.91 -57.07
N MET F 295 -79.78 -40.55 -57.79
CA MET F 295 -81.21 -40.43 -57.56
C MET F 295 -81.72 -41.79 -57.13
N ASP F 296 -82.43 -41.82 -56.01
CA ASP F 296 -82.84 -43.04 -55.35
C ASP F 296 -84.26 -42.92 -54.82
N ARG F 297 -85.11 -42.12 -55.47
CA ARG F 297 -86.48 -41.94 -55.05
C ARG F 297 -87.33 -41.66 -56.28
N ASN F 298 -88.62 -42.00 -56.18
CA ASN F 298 -89.58 -41.82 -57.26
C ASN F 298 -90.46 -40.60 -57.03
N LEU F 299 -90.87 -40.00 -58.14
CA LEU F 299 -91.75 -38.83 -58.19
C LEU F 299 -92.90 -39.09 -59.16
N PRO F 300 -94.15 -39.27 -58.71
CA PRO F 300 -95.21 -39.52 -59.68
C PRO F 300 -95.60 -38.22 -60.35
N SER F 301 -96.48 -38.32 -61.35
CA SER F 301 -96.94 -37.13 -62.05
C SER F 301 -97.71 -36.16 -61.16
N THR F 302 -98.28 -36.64 -60.05
CA THR F 302 -98.96 -35.76 -59.10
C THR F 302 -98.03 -34.85 -58.32
N ALA F 303 -96.71 -35.09 -58.34
CA ALA F 303 -95.81 -34.36 -57.47
C ALA F 303 -95.66 -32.94 -58.00
N ARG F 304 -95.68 -31.97 -57.10
CA ARG F 304 -95.53 -30.56 -57.43
C ARG F 304 -94.57 -29.86 -56.46
N TYR F 305 -94.08 -28.72 -56.92
CA TYR F 305 -93.27 -27.82 -56.13
C TYR F 305 -93.62 -26.40 -56.54
N ILE F 306 -92.90 -25.45 -55.96
CA ILE F 306 -93.02 -24.03 -56.27
C ILE F 306 -91.63 -23.55 -56.63
N ARG F 307 -91.50 -23.01 -57.83
CA ARG F 307 -90.23 -22.48 -58.26
C ARG F 307 -90.06 -21.13 -57.59
N PRO F 308 -89.03 -20.90 -56.76
CA PRO F 308 -88.91 -19.60 -56.12
C PRO F 308 -88.49 -18.51 -57.11
N ASN F 309 -88.51 -17.28 -56.60
CA ASN F 309 -88.21 -16.08 -57.39
C ASN F 309 -86.76 -15.67 -57.17
N LEU F 310 -85.88 -16.43 -57.84
CA LEU F 310 -84.45 -16.10 -57.94
C LEU F 310 -84.22 -15.14 -59.09
N LEU F 311 -84.70 -13.92 -58.88
CA LEU F 311 -84.48 -12.80 -59.79
C LEU F 311 -83.54 -11.86 -59.05
N GLN F 312 -82.70 -11.16 -59.81
CA GLN F 312 -81.56 -10.49 -59.23
C GLN F 312 -81.93 -9.11 -58.70
N ASP F 313 -80.97 -8.51 -58.00
CA ASP F 313 -81.18 -7.28 -57.26
C ASP F 313 -81.53 -6.14 -58.20
N ARG F 314 -82.81 -5.77 -58.16
CA ARG F 314 -83.40 -4.66 -58.89
C ARG F 314 -83.59 -3.41 -58.04
N LEU F 315 -83.11 -3.43 -56.79
CA LEU F 315 -82.94 -2.24 -55.96
C LEU F 315 -81.55 -1.63 -56.11
N ASN F 316 -80.56 -2.44 -56.48
CA ASN F 316 -79.19 -2.02 -56.69
C ASN F 316 -78.59 -1.39 -55.43
N LEU F 317 -78.39 -2.25 -54.44
CA LEU F 317 -77.79 -1.91 -53.16
C LEU F 317 -76.30 -1.64 -53.24
N HIS F 318 -75.63 -1.70 -54.40
CA HIS F 318 -74.19 -1.51 -54.49
C HIS F 318 -73.79 -0.10 -54.91
N ASP F 319 -74.75 0.80 -55.16
CA ASP F 319 -74.49 2.22 -55.33
C ASP F 319 -75.35 3.00 -54.31
N ASN F 320 -74.70 3.54 -53.28
CA ASN F 320 -75.30 4.49 -52.35
C ASN F 320 -76.28 3.83 -51.38
N PHE F 321 -76.07 2.55 -51.04
CA PHE F 321 -76.75 1.89 -49.93
C PHE F 321 -75.73 1.14 -49.09
N GLU F 322 -74.65 1.84 -48.74
CA GLU F 322 -73.44 1.19 -48.27
C GLU F 322 -73.62 0.50 -46.93
N SER F 323 -74.37 1.12 -46.01
CA SER F 323 -74.70 0.49 -44.72
C SER F 323 -75.43 -0.82 -44.92
N LEU F 324 -76.48 -0.80 -45.73
CA LEU F 324 -77.28 -2.00 -45.96
C LEU F 324 -76.47 -3.08 -46.66
N TRP F 325 -75.59 -2.66 -47.59
CA TRP F 325 -74.74 -3.62 -48.27
C TRP F 325 -73.77 -4.24 -47.30
N ASP F 326 -73.26 -3.44 -46.37
CA ASP F 326 -72.39 -3.93 -45.32
C ASP F 326 -73.12 -4.94 -44.45
N THR F 327 -74.39 -4.70 -44.19
CA THR F 327 -75.16 -5.63 -43.37
C THR F 327 -75.35 -6.97 -44.08
N ILE F 328 -75.81 -6.94 -45.34
CA ILE F 328 -75.90 -8.13 -46.19
C ILE F 328 -74.56 -8.85 -46.25
N THR F 329 -73.49 -8.08 -46.39
CA THR F 329 -72.14 -8.61 -46.52
C THR F 329 -71.76 -9.38 -45.27
N THR F 330 -71.95 -8.74 -44.12
CA THR F 330 -71.67 -9.35 -42.83
C THR F 330 -72.49 -10.61 -42.63
N SER F 331 -73.75 -10.60 -43.04
CA SER F 331 -74.60 -11.76 -42.85
C SER F 331 -74.09 -12.94 -43.68
N ASN F 332 -73.77 -12.70 -44.94
CA ASN F 332 -73.21 -13.77 -45.76
C ASN F 332 -71.84 -14.21 -45.27
N TYR F 333 -71.06 -13.29 -44.69
CA TYR F 333 -69.76 -13.64 -44.12
C TYR F 333 -69.91 -14.61 -42.96
N ILE F 334 -70.81 -14.29 -42.03
CA ILE F 334 -71.04 -15.15 -40.88
C ILE F 334 -71.63 -16.48 -41.31
N LEU F 335 -72.47 -16.47 -42.33
CA LEU F 335 -72.95 -17.73 -42.89
C LEU F 335 -71.81 -18.54 -43.50
N ALA F 336 -70.83 -17.85 -44.10
CA ALA F 336 -69.75 -18.54 -44.77
C ALA F 336 -68.79 -19.17 -43.78
N ARG F 337 -68.64 -18.57 -42.60
CA ARG F 337 -67.81 -19.19 -41.58
C ARG F 337 -68.39 -20.52 -41.13
N SER F 338 -69.72 -20.65 -41.14
CA SER F 338 -70.40 -21.81 -40.61
C SER F 338 -70.33 -23.05 -41.49
N VAL F 339 -69.71 -23.00 -42.67
CA VAL F 339 -69.74 -24.09 -43.65
C VAL F 339 -68.35 -24.50 -44.10
N VAL F 340 -67.33 -23.71 -43.82
CA VAL F 340 -65.98 -24.13 -44.22
C VAL F 340 -65.55 -25.28 -43.31
N PRO F 341 -64.97 -26.37 -43.82
CA PRO F 341 -64.60 -27.47 -42.92
C PRO F 341 -63.51 -27.09 -41.95
N ASP F 342 -63.55 -27.71 -40.78
CA ASP F 342 -62.44 -27.60 -39.86
C ASP F 342 -61.38 -28.58 -40.30
N LEU F 343 -60.19 -28.06 -40.58
CA LEU F 343 -59.07 -28.88 -41.02
C LEU F 343 -58.36 -29.57 -39.86
N LYS F 344 -57.89 -30.78 -40.12
CA LYS F 344 -57.39 -31.71 -39.10
C LYS F 344 -56.09 -32.28 -39.64
N GLU F 345 -55.34 -32.99 -38.78
CA GLU F 345 -54.11 -33.69 -39.13
C GLU F 345 -53.13 -32.72 -39.77
N LEU F 346 -52.73 -31.76 -38.97
CA LEU F 346 -51.87 -30.64 -39.31
C LEU F 346 -50.53 -30.77 -38.58
N VAL F 347 -49.65 -29.80 -38.83
CA VAL F 347 -48.32 -29.83 -38.26
C VAL F 347 -48.41 -29.49 -36.78
N SER F 348 -47.62 -30.17 -35.96
CA SER F 348 -47.58 -29.82 -34.55
C SER F 348 -47.07 -28.41 -34.33
N THR F 349 -47.72 -27.70 -33.40
CA THR F 349 -47.42 -26.30 -33.16
C THR F 349 -46.01 -26.14 -32.61
N GLU F 350 -45.75 -26.82 -31.49
CA GLU F 350 -44.49 -26.71 -30.75
C GLU F 350 -43.30 -27.09 -31.61
N ALA F 351 -43.50 -28.05 -32.52
CA ALA F 351 -42.46 -28.46 -33.46
C ALA F 351 -41.99 -27.30 -34.30
N GLN F 352 -42.92 -26.47 -34.75
CA GLN F 352 -42.54 -25.30 -35.51
C GLN F 352 -41.91 -24.24 -34.62
N ILE F 353 -42.43 -24.06 -33.40
CA ILE F 353 -41.89 -23.04 -32.50
C ILE F 353 -40.42 -23.30 -32.17
N GLN F 354 -40.09 -24.55 -31.80
CA GLN F 354 -38.73 -24.87 -31.39
C GLN F 354 -37.71 -24.62 -32.49
N LYS F 355 -38.12 -24.77 -33.75
CA LYS F 355 -37.17 -24.63 -34.85
C LYS F 355 -37.11 -23.19 -35.34
N MET F 356 -38.24 -22.48 -35.36
CA MET F 356 -38.24 -21.06 -35.68
C MET F 356 -37.36 -20.28 -34.73
N SER F 357 -37.40 -20.61 -33.43
CA SER F 357 -36.63 -19.89 -32.43
C SER F 357 -35.13 -19.93 -32.74
N GLN F 358 -34.64 -21.05 -33.28
CA GLN F 358 -33.24 -21.24 -33.61
C GLN F 358 -32.92 -20.90 -35.07
N ASP F 359 -33.93 -20.89 -35.95
CA ASP F 359 -33.73 -20.44 -37.32
C ASP F 359 -33.61 -18.93 -37.40
N LEU F 360 -34.25 -18.22 -36.47
CA LEU F 360 -34.18 -16.78 -36.38
C LEU F 360 -33.19 -16.32 -35.32
N GLN F 361 -32.95 -17.16 -34.30
CA GLN F 361 -31.96 -16.90 -33.25
C GLN F 361 -32.27 -15.56 -32.56
N LEU F 362 -33.40 -15.58 -31.87
CA LEU F 362 -33.86 -14.43 -31.09
C LEU F 362 -33.10 -14.24 -29.78
N GLU F 363 -32.24 -15.19 -29.39
CA GLU F 363 -31.45 -15.11 -28.17
C GLU F 363 -30.10 -14.40 -28.39
N ALA F 364 -30.01 -13.54 -29.41
CA ALA F 364 -28.80 -12.80 -29.74
C ALA F 364 -29.03 -11.35 -30.14
N LEU F 365 -30.27 -10.84 -30.05
CA LEU F 365 -30.64 -9.53 -30.54
C LEU F 365 -31.10 -8.63 -29.39
N THR F 366 -30.81 -7.33 -29.52
CA THR F 366 -31.11 -6.34 -28.49
C THR F 366 -32.49 -5.71 -28.69
N ILE F 367 -33.42 -6.42 -29.33
CA ILE F 367 -34.70 -5.85 -29.72
C ILE F 367 -35.73 -5.89 -28.60
N GLN F 368 -36.85 -5.20 -28.82
CA GLN F 368 -38.00 -5.12 -27.92
C GLN F 368 -39.09 -6.14 -28.26
N SER F 369 -38.73 -7.26 -28.89
CA SER F 369 -39.68 -8.30 -29.30
C SER F 369 -39.14 -9.71 -29.11
N GLU F 370 -38.31 -9.91 -28.08
CA GLU F 370 -37.66 -11.21 -27.85
C GLU F 370 -38.60 -12.35 -27.46
N THR F 371 -39.87 -12.07 -27.15
CA THR F 371 -40.87 -13.11 -26.87
C THR F 371 -42.20 -12.79 -27.57
N GLN F 372 -42.17 -11.97 -28.63
CA GLN F 372 -43.34 -11.38 -29.24
C GLN F 372 -43.48 -11.68 -30.73
N PHE F 373 -42.42 -12.14 -31.39
CA PHE F 373 -42.57 -12.68 -32.74
C PHE F 373 -43.46 -13.91 -32.77
N LEU F 374 -43.24 -14.81 -31.82
CA LEU F 374 -43.87 -16.14 -31.81
C LEU F 374 -45.15 -16.16 -30.99
N THR F 375 -46.03 -15.21 -31.26
CA THR F 375 -47.32 -15.09 -30.59
C THR F 375 -48.39 -14.95 -31.65
N GLY F 376 -49.45 -15.75 -31.51
CA GLY F 376 -50.45 -15.88 -32.55
C GLY F 376 -50.16 -16.92 -33.60
N ILE F 377 -49.33 -17.91 -33.30
CA ILE F 377 -49.02 -19.00 -34.24
C ILE F 377 -50.00 -20.17 -34.11
N ASN F 378 -50.67 -20.31 -32.96
CA ASN F 378 -51.57 -21.41 -32.61
C ASN F 378 -52.60 -21.80 -33.66
N SER F 379 -53.05 -23.05 -33.63
CA SER F 379 -54.40 -23.36 -34.10
C SER F 379 -55.42 -22.61 -33.25
N GLN F 380 -56.63 -22.51 -33.80
CA GLN F 380 -57.74 -21.59 -33.49
C GLN F 380 -57.51 -20.25 -34.19
N ALA F 381 -56.41 -20.06 -34.94
CA ALA F 381 -56.12 -18.89 -35.74
C ALA F 381 -55.85 -19.24 -37.19
N ALA F 382 -55.17 -20.37 -37.42
CA ALA F 382 -54.98 -20.90 -38.76
C ALA F 382 -56.33 -21.18 -39.41
N ASN F 383 -57.12 -22.04 -38.78
CA ASN F 383 -58.42 -22.38 -39.34
C ASN F 383 -59.35 -21.17 -39.32
N ASP F 384 -59.20 -20.29 -38.33
CA ASP F 384 -59.96 -19.04 -38.30
C ASP F 384 -59.63 -18.18 -39.52
N CYS F 385 -58.35 -18.12 -39.88
CA CYS F 385 -57.96 -17.42 -41.10
C CYS F 385 -58.52 -18.11 -42.33
N PHE F 386 -58.45 -19.45 -42.36
CA PHE F 386 -58.94 -20.24 -43.48
C PHE F 386 -60.44 -20.01 -43.70
N LYS F 387 -61.18 -19.75 -42.63
CA LYS F 387 -62.58 -19.41 -42.73
C LYS F 387 -62.76 -17.95 -43.16
N THR F 388 -61.96 -17.06 -42.57
CA THR F 388 -62.06 -15.63 -42.85
C THR F 388 -61.82 -15.30 -44.31
N LEU F 389 -60.79 -15.92 -44.91
CA LEU F 389 -60.43 -15.64 -46.30
C LEU F 389 -61.55 -16.02 -47.26
N ILE F 390 -61.99 -17.28 -47.18
CA ILE F 390 -63.02 -17.78 -48.08
C ILE F 390 -64.32 -17.00 -47.88
N ALA F 391 -64.67 -16.74 -46.62
CA ALA F 391 -65.91 -16.02 -46.35
C ALA F 391 -65.86 -14.62 -46.91
N ALA F 392 -64.71 -13.96 -46.81
CA ALA F 392 -64.61 -12.60 -47.34
C ALA F 392 -64.62 -12.59 -48.86
N MET F 393 -64.00 -13.60 -49.50
CA MET F 393 -64.01 -13.63 -50.96
C MET F 393 -65.37 -13.99 -51.51
N LEU F 394 -66.11 -14.86 -50.84
CA LEU F 394 -67.46 -15.17 -51.27
C LEU F 394 -68.37 -13.97 -51.07
N SER F 395 -68.43 -13.47 -49.83
CA SER F 395 -69.28 -12.35 -49.50
C SER F 395 -68.76 -11.02 -50.03
N GLN F 396 -67.53 -10.95 -50.57
CA GLN F 396 -66.89 -9.68 -50.96
C GLN F 396 -66.74 -8.72 -49.79
N ARG F 397 -66.61 -9.26 -48.58
CA ARG F 397 -66.35 -8.45 -47.41
C ARG F 397 -64.92 -7.93 -47.48
N THR F 398 -64.82 -6.63 -47.73
CA THR F 398 -63.54 -5.94 -47.71
C THR F 398 -62.95 -6.08 -46.32
N MET F 399 -61.66 -6.36 -46.26
CA MET F 399 -60.97 -6.66 -45.02
C MET F 399 -59.66 -5.89 -44.96
N SER F 400 -59.23 -5.60 -43.74
CA SER F 400 -58.10 -4.76 -43.44
C SER F 400 -56.99 -5.63 -42.89
N LEU F 401 -55.91 -5.00 -42.48
CA LEU F 401 -54.70 -5.66 -42.04
C LEU F 401 -54.21 -5.00 -40.77
N ASP F 402 -54.22 -5.75 -39.67
CA ASP F 402 -53.53 -5.35 -38.45
C ASP F 402 -52.22 -6.13 -38.42
N PHE F 403 -51.12 -5.41 -38.28
CA PHE F 403 -49.81 -6.03 -38.33
C PHE F 403 -48.79 -5.12 -37.68
N VAL F 404 -47.91 -5.70 -36.88
CA VAL F 404 -46.79 -4.98 -36.29
C VAL F 404 -45.66 -5.07 -37.30
N THR F 405 -45.15 -3.91 -37.73
CA THR F 405 -44.15 -3.88 -38.81
C THR F 405 -42.83 -4.53 -38.43
N THR F 406 -42.49 -4.58 -37.14
CA THR F 406 -41.24 -5.21 -36.72
C THR F 406 -41.21 -6.69 -37.07
N ASN F 407 -42.33 -7.38 -36.93
CA ASN F 407 -42.37 -8.80 -37.25
C ASN F 407 -42.37 -8.94 -38.76
N TYR F 408 -41.22 -9.33 -39.30
CA TYR F 408 -41.04 -9.51 -40.74
C TYR F 408 -41.49 -10.88 -41.23
N MET F 409 -41.67 -11.84 -40.33
CA MET F 409 -42.22 -13.13 -40.74
C MET F 409 -43.66 -12.97 -41.17
N SER F 410 -44.39 -12.09 -40.49
CA SER F 410 -45.75 -11.74 -40.89
C SER F 410 -45.78 -11.19 -42.30
N LEU F 411 -44.80 -10.36 -42.65
CA LEU F 411 -44.77 -9.78 -44.00
C LEU F 411 -44.40 -10.84 -45.04
N ILE F 412 -43.46 -11.72 -44.72
CA ILE F 412 -43.10 -12.81 -45.63
C ILE F 412 -44.28 -13.74 -45.83
N SER F 413 -45.11 -13.92 -44.80
CA SER F 413 -46.31 -14.73 -44.94
C SER F 413 -47.45 -13.98 -45.61
N GLY F 414 -47.43 -12.65 -45.54
CA GLY F 414 -48.40 -11.80 -46.20
C GLY F 414 -48.17 -11.57 -47.67
N MET F 415 -46.94 -11.72 -48.15
CA MET F 415 -46.74 -11.58 -49.58
C MET F 415 -47.37 -12.75 -50.33
N TRP F 416 -47.35 -13.95 -49.74
CA TRP F 416 -48.14 -15.07 -50.25
C TRP F 416 -49.62 -14.70 -50.36
N LEU F 417 -50.17 -14.07 -49.32
CA LEU F 417 -51.56 -13.65 -49.31
C LEU F 417 -51.83 -12.69 -50.45
N LEU F 418 -51.00 -11.65 -50.56
CA LEU F 418 -51.13 -10.66 -51.63
C LEU F 418 -50.93 -11.26 -53.01
N THR F 419 -50.25 -12.41 -53.11
CA THR F 419 -50.14 -13.11 -54.38
C THR F 419 -51.44 -13.81 -54.71
N VAL F 420 -51.94 -14.64 -53.81
CA VAL F 420 -53.08 -15.50 -54.13
C VAL F 420 -54.40 -14.78 -53.93
N VAL F 421 -54.52 -13.95 -52.89
CA VAL F 421 -55.77 -13.24 -52.61
C VAL F 421 -55.67 -11.92 -53.38
N PRO F 422 -56.65 -11.55 -54.22
CA PRO F 422 -56.53 -10.31 -55.01
C PRO F 422 -56.39 -9.05 -54.16
N ASN F 423 -55.96 -7.98 -54.84
CA ASN F 423 -55.59 -6.75 -54.15
C ASN F 423 -56.82 -5.91 -53.88
N ASP F 424 -57.78 -5.89 -54.82
CA ASP F 424 -59.02 -5.14 -54.64
C ASP F 424 -59.86 -5.62 -53.46
N MET F 425 -59.64 -6.84 -52.96
CA MET F 425 -60.34 -7.32 -51.77
C MET F 425 -59.93 -6.60 -50.49
N PHE F 426 -58.82 -5.88 -50.50
CA PHE F 426 -58.30 -5.17 -49.35
C PHE F 426 -58.55 -3.69 -49.51
N ILE F 427 -58.77 -3.02 -48.38
CA ILE F 427 -58.79 -1.57 -48.38
C ILE F 427 -57.43 -1.07 -48.84
N ARG F 428 -57.43 0.01 -49.62
CA ARG F 428 -56.23 0.48 -50.30
C ARG F 428 -55.15 0.90 -49.32
N GLU F 429 -55.53 1.56 -48.22
CA GLU F 429 -54.53 2.12 -47.31
C GLU F 429 -53.71 1.05 -46.62
N SER F 430 -54.37 0.04 -46.05
CA SER F 430 -53.64 -1.02 -45.34
C SER F 430 -52.81 -1.85 -46.30
N LEU F 431 -53.36 -2.18 -47.48
CA LEU F 431 -52.61 -2.91 -48.50
C LEU F 431 -51.36 -2.16 -48.90
N VAL F 432 -51.51 -0.87 -49.15
CA VAL F 432 -50.38 0.00 -49.49
C VAL F 432 -49.37 0.02 -48.36
N ALA F 433 -49.85 0.04 -47.12
CA ALA F 433 -48.98 0.05 -45.95
C ALA F 433 -48.13 -1.22 -45.91
N CYS F 434 -48.77 -2.37 -46.13
CA CYS F 434 -48.06 -3.64 -46.08
C CYS F 434 -47.04 -3.72 -47.21
N GLN F 435 -47.42 -3.32 -48.43
CA GLN F 435 -46.50 -3.30 -49.55
C GLN F 435 -45.31 -2.38 -49.27
N LEU F 436 -45.61 -1.18 -48.75
CA LEU F 436 -44.58 -0.20 -48.45
C LEU F 436 -43.65 -0.72 -47.36
N ALA F 437 -44.19 -1.50 -46.43
CA ALA F 437 -43.36 -2.11 -45.41
C ALA F 437 -42.41 -3.13 -46.01
N ILE F 438 -42.96 -4.02 -46.84
CA ILE F 438 -42.16 -5.03 -47.56
C ILE F 438 -41.07 -4.36 -48.40
N ILE F 439 -41.36 -3.22 -48.99
CA ILE F 439 -40.41 -2.60 -49.91
C ILE F 439 -39.32 -1.88 -49.13
N ASN F 440 -39.69 -1.16 -48.09
CA ASN F 440 -38.74 -0.41 -47.28
C ASN F 440 -38.17 -1.20 -46.12
N THR F 441 -38.37 -2.54 -46.09
CA THR F 441 -37.78 -3.40 -45.08
C THR F 441 -37.12 -4.65 -45.65
N ILE F 442 -37.53 -5.13 -46.83
CA ILE F 442 -36.97 -6.34 -47.44
C ILE F 442 -36.34 -6.02 -48.79
N ILE F 443 -37.17 -5.56 -49.74
CA ILE F 443 -36.81 -5.63 -51.17
C ILE F 443 -35.67 -4.66 -51.48
N TYR F 444 -35.94 -3.38 -51.33
CA TYR F 444 -35.00 -2.32 -51.68
C TYR F 444 -33.77 -2.41 -50.78
N PRO F 445 -33.85 -2.61 -49.46
CA PRO F 445 -32.60 -2.80 -48.70
C PRO F 445 -31.79 -4.06 -49.11
N ALA F 446 -32.37 -4.99 -49.89
CA ALA F 446 -31.62 -6.05 -50.53
C ALA F 446 -30.91 -5.49 -51.75
N PHE F 447 -31.67 -4.85 -52.66
CA PHE F 447 -31.09 -4.40 -53.92
C PHE F 447 -30.26 -3.11 -53.79
N GLY F 448 -30.03 -2.60 -52.58
CA GLY F 448 -29.19 -1.43 -52.37
C GLY F 448 -29.81 -0.11 -52.74
N MET F 449 -31.13 0.00 -52.72
CA MET F 449 -31.82 1.20 -53.16
C MET F 449 -32.11 2.12 -51.99
N GLN F 450 -31.96 3.42 -52.22
CA GLN F 450 -32.48 4.41 -51.29
C GLN F 450 -33.99 4.25 -51.21
N ARG F 451 -34.53 4.54 -50.02
CA ARG F 451 -35.74 3.87 -49.58
C ARG F 451 -37.01 4.17 -50.38
N MET F 452 -37.66 5.33 -50.19
CA MET F 452 -38.84 5.75 -50.95
C MET F 452 -39.31 7.06 -50.32
N HIS F 453 -40.14 7.81 -51.05
CA HIS F 453 -40.95 8.89 -50.47
C HIS F 453 -42.29 8.80 -51.20
N TYR F 454 -43.20 8.04 -50.62
CA TYR F 454 -44.46 7.68 -51.26
C TYR F 454 -45.58 8.60 -50.81
N ARG F 455 -46.23 9.24 -51.78
CA ARG F 455 -47.41 10.04 -51.46
C ARG F 455 -48.53 9.03 -51.33
N ASN F 456 -49.00 8.81 -50.09
CA ASN F 456 -50.19 7.96 -49.87
C ASN F 456 -51.37 8.38 -50.72
N GLY F 457 -51.57 9.68 -50.90
CA GLY F 457 -52.55 10.22 -51.81
C GLY F 457 -52.05 10.13 -53.24
N ASP F 458 -52.02 8.91 -53.80
CA ASP F 458 -51.50 8.64 -55.14
C ASP F 458 -52.26 7.42 -55.67
N PRO F 459 -52.88 7.46 -56.87
CA PRO F 459 -53.46 6.23 -57.42
C PRO F 459 -52.46 5.18 -57.80
N GLN F 460 -51.20 5.53 -57.98
CA GLN F 460 -50.19 4.55 -58.30
C GLN F 460 -49.75 3.89 -57.00
N THR F 461 -49.39 2.61 -57.09
CA THR F 461 -49.31 1.70 -55.96
C THR F 461 -47.86 1.23 -55.78
N PRO F 462 -47.37 0.97 -54.54
CA PRO F 462 -45.92 0.73 -54.34
C PRO F 462 -45.29 -0.39 -55.16
N PHE F 463 -46.01 -1.50 -55.31
CA PHE F 463 -45.55 -2.56 -56.20
C PHE F 463 -45.51 -2.09 -57.65
N GLN F 464 -46.35 -1.14 -58.06
CA GLN F 464 -46.33 -0.68 -59.44
C GLN F 464 -45.08 0.13 -59.72
N ILE F 465 -44.65 0.94 -58.75
CA ILE F 465 -43.35 1.60 -58.83
C ILE F 465 -42.25 0.55 -58.90
N ALA F 466 -42.27 -0.41 -57.95
CA ALA F 466 -41.18 -1.35 -57.82
C ALA F 466 -41.03 -2.25 -59.03
N GLU F 467 -42.12 -2.51 -59.75
CA GLU F 467 -42.05 -3.24 -61.00
C GLU F 467 -41.14 -2.52 -62.02
N GLN F 468 -41.20 -1.20 -62.06
CA GLN F 468 -40.40 -0.42 -62.99
C GLN F 468 -39.00 -0.12 -62.50
N GLN F 469 -38.83 0.06 -61.19
CA GLN F 469 -37.52 0.46 -60.66
C GLN F 469 -36.60 -0.71 -60.39
N ILE F 470 -37.16 -1.84 -59.94
CA ILE F 470 -36.38 -3.06 -59.79
C ILE F 470 -35.90 -3.55 -61.15
N GLN F 471 -34.63 -3.92 -61.20
CA GLN F 471 -34.01 -4.51 -62.38
C GLN F 471 -33.68 -5.96 -62.01
N ASN F 472 -34.68 -6.83 -62.15
CA ASN F 472 -34.55 -8.27 -62.03
C ASN F 472 -35.85 -8.87 -62.52
N PHE F 473 -35.75 -9.79 -63.48
CA PHE F 473 -36.93 -10.27 -64.16
C PHE F 473 -37.85 -11.13 -63.28
N GLN F 474 -37.28 -11.85 -62.32
CA GLN F 474 -38.03 -12.75 -61.44
C GLN F 474 -39.07 -12.02 -60.60
N VAL F 475 -38.56 -11.19 -59.69
CA VAL F 475 -39.43 -10.44 -58.78
C VAL F 475 -40.29 -9.48 -59.56
N ALA F 476 -39.78 -8.93 -60.65
CA ALA F 476 -40.55 -7.98 -61.44
C ALA F 476 -41.75 -8.68 -62.08
N ASN F 477 -41.58 -9.93 -62.52
CA ASN F 477 -42.70 -10.63 -63.12
C ASN F 477 -43.70 -11.09 -62.07
N TRP F 478 -43.22 -11.41 -60.86
CA TRP F 478 -44.13 -11.69 -59.76
C TRP F 478 -44.97 -10.48 -59.39
N LEU F 479 -44.33 -9.33 -59.23
CA LEU F 479 -45.03 -8.10 -58.94
C LEU F 479 -45.95 -7.68 -60.07
N HIS F 480 -45.59 -7.99 -61.32
CA HIS F 480 -46.47 -7.71 -62.43
C HIS F 480 -47.75 -8.52 -62.32
N PHE F 481 -47.61 -9.79 -61.96
CA PHE F 481 -48.79 -10.61 -61.69
C PHE F 481 -49.63 -9.98 -60.57
N VAL F 482 -48.96 -9.56 -59.50
CA VAL F 482 -49.66 -9.10 -58.29
C VAL F 482 -50.44 -7.84 -58.61
N ASN F 483 -49.78 -6.86 -59.24
CA ASN F 483 -50.41 -5.57 -59.56
C ASN F 483 -51.66 -5.78 -60.41
N ASN F 484 -51.60 -6.74 -61.33
CA ASN F 484 -52.72 -7.09 -62.20
C ASN F 484 -53.49 -8.31 -61.70
N ASN F 485 -53.27 -8.73 -60.45
CA ASN F 485 -54.11 -9.72 -59.80
C ASN F 485 -55.38 -9.02 -59.36
N GLN F 486 -56.49 -9.40 -59.95
CA GLN F 486 -57.78 -8.87 -59.56
C GLN F 486 -58.80 -9.95 -59.83
N PHE F 487 -59.98 -9.78 -59.24
CA PHE F 487 -61.08 -10.62 -59.61
C PHE F 487 -61.45 -10.36 -61.07
N ARG F 488 -62.26 -11.25 -61.61
CA ARG F 488 -62.78 -11.15 -62.96
C ARG F 488 -64.27 -11.42 -62.91
N GLN F 489 -65.01 -10.61 -63.65
CA GLN F 489 -66.45 -10.55 -63.56
C GLN F 489 -66.99 -11.42 -64.68
N VAL F 490 -67.27 -12.67 -64.33
CA VAL F 490 -67.85 -13.64 -65.23
C VAL F 490 -69.31 -13.78 -64.87
N VAL F 491 -70.09 -14.31 -65.81
CA VAL F 491 -71.54 -14.43 -65.71
C VAL F 491 -71.89 -15.89 -65.94
N ILE F 492 -72.45 -16.53 -64.92
CA ILE F 492 -72.69 -17.97 -64.91
C ILE F 492 -74.08 -18.16 -64.36
N ASP F 493 -74.90 -18.97 -65.04
CA ASP F 493 -76.27 -19.29 -64.63
C ASP F 493 -77.12 -18.02 -64.44
N GLY F 494 -76.85 -16.98 -65.22
CA GLY F 494 -77.54 -15.73 -65.10
C GLY F 494 -77.04 -14.82 -64.00
N VAL F 495 -76.18 -15.30 -63.10
CA VAL F 495 -75.74 -14.53 -61.94
C VAL F 495 -74.29 -14.13 -62.18
N LEU F 496 -73.80 -13.24 -61.32
CA LEU F 496 -72.46 -12.67 -61.41
C LEU F 496 -71.52 -13.41 -60.49
N ASN F 497 -70.25 -13.46 -60.89
CA ASN F 497 -69.23 -14.18 -60.15
C ASN F 497 -67.90 -13.45 -60.27
N GLN F 498 -67.24 -13.27 -59.13
CA GLN F 498 -65.93 -12.67 -59.02
C GLN F 498 -64.99 -13.85 -58.91
N VAL F 499 -64.33 -14.18 -60.03
CA VAL F 499 -63.55 -15.40 -60.19
C VAL F 499 -62.09 -15.03 -60.30
N LEU F 500 -61.24 -16.04 -60.36
CA LEU F 500 -59.79 -15.93 -60.25
C LEU F 500 -59.17 -16.20 -61.62
N ASN F 501 -57.85 -16.19 -61.67
CA ASN F 501 -57.14 -16.04 -62.92
C ASN F 501 -56.93 -17.36 -63.66
N ASP F 502 -56.95 -18.51 -62.94
CA ASP F 502 -56.68 -19.89 -63.38
C ASP F 502 -55.17 -20.15 -63.38
N ASN F 503 -54.35 -19.16 -63.05
CA ASN F 503 -52.99 -19.34 -62.57
C ASN F 503 -52.90 -19.35 -61.05
N ILE F 504 -53.95 -18.93 -60.34
CA ILE F 504 -54.06 -19.08 -58.89
C ILE F 504 -54.76 -20.38 -58.54
N ARG F 505 -55.77 -20.78 -59.33
CA ARG F 505 -56.56 -21.98 -59.06
C ARG F 505 -55.68 -23.21 -58.97
N ASN F 506 -54.83 -23.39 -59.98
CA ASN F 506 -53.63 -24.18 -59.80
C ASN F 506 -52.55 -23.33 -59.14
N GLY F 507 -51.76 -23.97 -58.29
CA GLY F 507 -50.70 -23.29 -57.59
C GLY F 507 -49.47 -23.34 -58.47
N HIS F 508 -49.29 -22.26 -59.22
CA HIS F 508 -48.18 -22.13 -60.17
C HIS F 508 -47.47 -20.81 -59.96
N VAL F 509 -48.19 -19.77 -59.54
CA VAL F 509 -47.53 -18.49 -59.26
C VAL F 509 -46.60 -18.60 -58.05
N VAL F 510 -46.90 -19.51 -57.11
CA VAL F 510 -46.04 -19.65 -55.95
C VAL F 510 -44.67 -20.20 -56.34
N ASN F 511 -44.54 -20.88 -57.47
CA ASN F 511 -43.22 -21.26 -57.96
C ASN F 511 -42.40 -20.03 -58.30
N GLN F 512 -43.02 -19.05 -58.96
CA GLN F 512 -42.37 -17.76 -59.21
C GLN F 512 -42.01 -17.06 -57.92
N LEU F 513 -42.95 -17.07 -56.95
CA LEU F 513 -42.70 -16.49 -55.63
C LEU F 513 -41.46 -17.09 -54.98
N MET F 514 -41.34 -18.42 -55.01
CA MET F 514 -40.21 -19.07 -54.36
C MET F 514 -38.93 -18.90 -55.15
N GLU F 515 -39.01 -18.72 -56.47
CA GLU F 515 -37.79 -18.38 -57.20
C GLU F 515 -37.28 -17.01 -56.79
N ALA F 516 -38.19 -16.02 -56.70
CA ALA F 516 -37.81 -14.69 -56.24
C ALA F 516 -37.26 -14.74 -54.81
N LEU F 517 -37.89 -15.53 -53.96
CA LEU F 517 -37.46 -15.61 -52.56
C LEU F 517 -36.12 -16.32 -52.42
N MET F 518 -35.89 -17.39 -53.18
CA MET F 518 -34.58 -18.02 -53.22
C MET F 518 -33.52 -17.04 -53.70
N GLN F 519 -33.87 -16.18 -54.66
CA GLN F 519 -32.91 -15.18 -55.12
C GLN F 519 -32.61 -14.21 -53.99
N LEU F 520 -33.64 -13.79 -53.26
CA LEU F 520 -33.45 -12.92 -52.10
C LEU F 520 -32.68 -13.60 -50.99
N SER F 521 -32.76 -14.94 -50.93
CA SER F 521 -31.98 -15.66 -49.94
C SER F 521 -30.53 -15.61 -50.32
N ARG F 522 -30.22 -15.99 -51.58
CA ARG F 522 -28.84 -15.93 -52.06
C ARG F 522 -28.29 -14.51 -52.07
N GLN F 523 -29.14 -13.48 -52.10
CA GLN F 523 -28.70 -12.10 -52.22
C GLN F 523 -28.34 -11.56 -50.85
N GLN F 524 -27.42 -10.62 -50.83
CA GLN F 524 -26.98 -9.96 -49.61
C GLN F 524 -27.93 -8.79 -49.35
N PHE F 525 -27.58 -7.98 -48.38
CA PHE F 525 -28.34 -6.82 -47.95
C PHE F 525 -27.28 -5.76 -47.64
N PRO F 526 -26.79 -5.01 -48.71
CA PRO F 526 -25.50 -4.28 -48.64
C PRO F 526 -25.18 -3.38 -47.46
N THR F 527 -26.20 -2.98 -46.71
CA THR F 527 -26.09 -1.98 -45.67
C THR F 527 -26.63 -2.48 -44.33
N MET F 528 -27.18 -3.72 -44.25
CA MET F 528 -27.96 -4.27 -43.15
C MET F 528 -27.07 -4.94 -42.10
N PRO F 529 -27.46 -4.97 -40.81
CA PRO F 529 -26.72 -5.79 -39.85
C PRO F 529 -26.77 -7.26 -40.20
N VAL F 530 -25.63 -7.92 -40.04
CA VAL F 530 -25.47 -9.27 -40.57
C VAL F 530 -26.27 -10.29 -39.78
N ASP F 531 -26.36 -10.11 -38.45
CA ASP F 531 -27.16 -11.04 -37.64
C ASP F 531 -28.63 -10.98 -38.03
N TYR F 532 -29.08 -9.77 -38.37
CA TYR F 532 -30.45 -9.56 -38.77
C TYR F 532 -30.61 -9.94 -40.24
N LYS F 533 -29.52 -9.84 -41.01
CA LYS F 533 -29.54 -10.30 -42.39
C LYS F 533 -29.77 -11.80 -42.41
N ARG F 534 -28.99 -12.54 -41.62
CA ARG F 534 -29.11 -13.99 -41.61
C ARG F 534 -30.49 -14.40 -41.13
N SER F 535 -31.01 -13.65 -40.14
CA SER F 535 -32.34 -13.96 -39.61
C SER F 535 -33.40 -13.83 -40.68
N ILE F 536 -33.31 -12.78 -41.51
CA ILE F 536 -34.30 -12.63 -42.57
C ILE F 536 -34.06 -13.65 -43.66
N GLN F 537 -32.78 -13.87 -44.00
CA GLN F 537 -32.39 -14.82 -45.02
C GLN F 537 -32.83 -16.24 -44.68
N ARG F 538 -32.96 -16.57 -43.40
CA ARG F 538 -33.44 -17.87 -42.96
C ARG F 538 -34.95 -17.90 -42.86
N GLY F 539 -35.56 -16.80 -42.40
CA GLY F 539 -37.00 -16.72 -42.36
C GLY F 539 -37.64 -16.82 -43.74
N ILE F 540 -36.93 -16.36 -44.77
CA ILE F 540 -37.39 -16.53 -46.14
C ILE F 540 -37.35 -18.01 -46.51
N LEU F 541 -36.24 -18.68 -46.18
CA LEU F 541 -36.10 -20.09 -46.51
C LEU F 541 -37.11 -20.96 -45.80
N LEU F 542 -37.59 -20.52 -44.62
CA LEU F 542 -38.70 -21.20 -43.93
C LEU F 542 -39.99 -21.26 -44.74
N LEU F 543 -40.14 -20.43 -45.77
CA LEU F 543 -41.18 -20.54 -46.78
C LEU F 543 -40.68 -21.16 -48.06
N SER F 544 -39.38 -21.03 -48.38
CA SER F 544 -38.83 -21.75 -49.52
C SER F 544 -38.98 -23.27 -49.39
N ASN F 545 -39.05 -23.80 -48.16
CA ASN F 545 -39.22 -25.22 -47.93
C ASN F 545 -40.68 -25.65 -47.87
N ARG F 546 -41.60 -24.71 -47.71
CA ARG F 546 -43.04 -24.99 -47.75
C ARG F 546 -43.62 -24.90 -49.17
N LEU F 547 -42.79 -25.08 -50.21
CA LEU F 547 -43.19 -24.80 -51.60
C LEU F 547 -44.38 -25.65 -52.01
N GLY F 548 -44.18 -26.97 -52.05
CA GLY F 548 -45.23 -27.88 -52.45
C GLY F 548 -46.42 -27.80 -51.50
N GLN F 549 -46.14 -27.64 -50.20
CA GLN F 549 -47.18 -27.47 -49.20
C GLN F 549 -48.06 -26.27 -49.48
N LEU F 550 -47.47 -25.15 -49.90
CA LEU F 550 -48.24 -23.96 -50.18
C LEU F 550 -48.98 -24.07 -51.50
N VAL F 551 -48.40 -24.76 -52.48
CA VAL F 551 -49.15 -25.13 -53.69
C VAL F 551 -50.43 -25.87 -53.31
N ASP F 552 -50.27 -26.91 -52.47
CA ASP F 552 -51.39 -27.72 -52.03
C ASP F 552 -52.45 -26.88 -51.32
N LEU F 553 -52.00 -26.03 -50.40
CA LEU F 553 -52.88 -25.10 -49.69
C LEU F 553 -53.65 -24.21 -50.64
N THR F 554 -52.96 -23.59 -51.60
CA THR F 554 -53.59 -22.66 -52.54
C THR F 554 -54.65 -23.37 -53.38
N ARG F 555 -54.35 -24.57 -53.87
CA ARG F 555 -55.31 -25.31 -54.67
C ARG F 555 -56.52 -25.68 -53.82
N LEU F 556 -56.29 -26.10 -52.57
CA LEU F 556 -57.36 -26.43 -51.65
C LEU F 556 -58.27 -25.24 -51.43
N LEU F 557 -57.66 -24.08 -51.16
CA LEU F 557 -58.39 -22.84 -50.93
C LEU F 557 -59.27 -22.48 -52.11
N ALA F 558 -58.67 -22.48 -53.32
CA ALA F 558 -59.40 -22.12 -54.52
C ALA F 558 -60.52 -23.10 -54.81
N TYR F 559 -60.27 -24.38 -54.53
CA TYR F 559 -61.29 -25.40 -54.77
C TYR F 559 -62.50 -25.19 -53.88
N ASN F 560 -62.27 -25.02 -52.57
CA ASN F 560 -63.38 -24.81 -51.66
C ASN F 560 -64.13 -23.52 -51.97
N TYR F 561 -63.37 -22.47 -52.33
CA TYR F 561 -63.96 -21.20 -52.72
C TYR F 561 -64.88 -21.33 -53.93
N GLU F 562 -64.42 -22.01 -54.98
CA GLU F 562 -65.22 -22.08 -56.19
C GLU F 562 -66.41 -23.01 -56.00
N THR F 563 -66.22 -24.09 -55.23
CA THR F 563 -67.32 -25.02 -54.98
C THR F 563 -68.43 -24.35 -54.17
N LEU F 564 -68.08 -23.47 -53.24
CA LEU F 564 -69.09 -22.74 -52.50
C LEU F 564 -69.65 -21.57 -53.29
N MET F 565 -68.87 -21.02 -54.22
CA MET F 565 -69.40 -20.00 -55.13
C MET F 565 -70.54 -20.55 -55.98
N ALA F 566 -70.48 -21.83 -56.38
CA ALA F 566 -71.54 -22.43 -57.16
C ALA F 566 -72.90 -22.38 -56.46
N CYS F 567 -72.89 -22.45 -55.12
CA CYS F 567 -74.11 -22.44 -54.31
C CYS F 567 -74.43 -21.03 -53.82
N ILE F 568 -74.46 -20.09 -54.75
CA ILE F 568 -74.81 -18.70 -54.48
C ILE F 568 -75.78 -18.28 -55.57
N THR F 569 -76.75 -17.46 -55.19
CA THR F 569 -77.76 -16.88 -56.06
C THR F 569 -77.56 -15.39 -56.23
N MET F 570 -77.49 -14.66 -55.13
CA MET F 570 -77.34 -13.21 -55.20
C MET F 570 -75.98 -12.85 -55.78
N ASN F 571 -76.00 -11.92 -56.73
CA ASN F 571 -74.81 -11.45 -57.43
C ASN F 571 -73.73 -10.95 -56.48
N MET F 572 -72.57 -11.59 -56.54
CA MET F 572 -71.46 -11.28 -55.66
C MET F 572 -70.77 -10.06 -56.27
N GLN F 573 -71.07 -8.91 -55.70
CA GLN F 573 -70.69 -7.61 -56.23
C GLN F 573 -69.61 -7.02 -55.35
N HIS F 574 -68.64 -6.37 -55.98
CA HIS F 574 -67.49 -5.84 -55.27
C HIS F 574 -67.80 -4.40 -54.88
N VAL F 575 -67.78 -4.13 -53.57
CA VAL F 575 -67.98 -2.79 -53.03
C VAL F 575 -67.06 -2.63 -51.82
N GLN F 576 -66.54 -1.43 -51.64
CA GLN F 576 -65.85 -1.07 -50.41
C GLN F 576 -66.88 -0.86 -49.31
N THR F 577 -66.70 -1.53 -48.16
CA THR F 577 -67.68 -1.47 -47.08
C THR F 577 -67.21 -0.50 -46.01
N LEU F 578 -68.17 -0.03 -45.19
CA LEU F 578 -67.85 0.88 -44.09
C LEU F 578 -66.91 0.27 -43.07
N THR F 579 -67.41 -0.73 -42.35
CA THR F 579 -66.61 -1.45 -41.37
C THR F 579 -66.04 -2.70 -42.01
N THR F 580 -65.07 -3.28 -41.32
CA THR F 580 -64.04 -4.06 -41.98
C THR F 580 -63.51 -5.08 -40.99
N GLU F 581 -63.31 -6.30 -41.46
CA GLU F 581 -62.83 -7.36 -40.59
C GLU F 581 -61.34 -7.22 -40.40
N LYS F 582 -60.89 -7.28 -39.16
CA LYS F 582 -59.48 -7.22 -38.87
C LYS F 582 -58.92 -8.59 -39.18
N LEU F 583 -57.79 -8.61 -39.88
CA LEU F 583 -57.03 -9.81 -40.17
C LEU F 583 -55.64 -9.66 -39.58
N GLN F 584 -55.33 -10.50 -38.59
CA GLN F 584 -54.01 -10.57 -38.00
C GLN F 584 -53.14 -11.42 -38.91
N LEU F 585 -52.02 -10.85 -39.38
CA LEU F 585 -51.14 -11.58 -40.27
C LEU F 585 -50.48 -12.78 -39.59
N THR F 586 -50.39 -12.78 -38.25
CA THR F 586 -50.01 -13.96 -37.49
C THR F 586 -50.89 -15.14 -37.86
N SER F 587 -52.20 -14.90 -38.00
CA SER F 587 -53.12 -15.97 -38.37
C SER F 587 -52.97 -16.40 -39.84
N VAL F 588 -52.17 -15.70 -40.64
CA VAL F 588 -51.67 -16.19 -41.92
C VAL F 588 -50.38 -16.95 -41.70
N THR F 589 -49.50 -16.38 -40.87
CA THR F 589 -48.23 -17.01 -40.52
C THR F 589 -48.46 -18.38 -39.90
N SER F 590 -49.55 -18.52 -39.12
CA SER F 590 -49.99 -19.84 -38.66
C SER F 590 -50.25 -20.74 -39.85
N LEU F 591 -51.18 -20.32 -40.72
CA LEU F 591 -51.64 -21.13 -41.83
C LEU F 591 -50.52 -21.43 -42.80
N CYS F 592 -49.64 -20.47 -43.03
CA CYS F 592 -48.53 -20.66 -43.94
C CYS F 592 -47.39 -21.48 -43.35
N MET F 593 -47.49 -21.88 -42.06
CA MET F 593 -46.48 -22.68 -41.39
C MET F 593 -47.06 -23.86 -40.61
N LEU F 594 -48.41 -24.03 -40.55
CA LEU F 594 -49.05 -25.17 -39.88
C LEU F 594 -50.14 -25.79 -40.74
N ILE F 595 -49.74 -26.66 -41.66
CA ILE F 595 -50.68 -27.40 -42.50
C ILE F 595 -49.93 -28.50 -43.22
N GLY F 596 -50.63 -29.59 -43.54
CA GLY F 596 -50.15 -30.51 -44.52
C GLY F 596 -50.99 -31.76 -44.60
N ASN F 597 -51.32 -32.10 -45.84
CA ASN F 597 -51.85 -33.39 -46.30
C ASN F 597 -53.05 -33.85 -45.49
N ALA F 598 -54.11 -33.04 -45.56
CA ALA F 598 -55.44 -33.44 -45.12
C ALA F 598 -56.40 -32.57 -45.92
N THR F 599 -56.86 -33.11 -47.03
CA THR F 599 -57.89 -32.45 -47.82
C THR F 599 -59.20 -32.48 -47.06
N VAL F 600 -59.79 -31.32 -46.86
CA VAL F 600 -61.11 -31.19 -46.24
C VAL F 600 -61.89 -30.26 -47.15
N ILE F 601 -63.02 -30.77 -47.66
CA ILE F 601 -63.89 -30.01 -48.54
C ILE F 601 -65.27 -30.05 -47.88
N PRO F 602 -66.24 -29.24 -48.31
CA PRO F 602 -67.56 -29.34 -47.71
C PRO F 602 -68.23 -30.66 -48.03
N SER F 603 -68.89 -31.23 -47.03
CA SER F 603 -69.81 -32.32 -47.24
C SER F 603 -70.90 -31.86 -48.21
N PRO F 604 -71.59 -32.79 -48.90
CA PRO F 604 -72.69 -32.35 -49.78
C PRO F 604 -73.89 -31.74 -49.06
N GLN F 605 -73.99 -31.89 -47.74
CA GLN F 605 -75.15 -31.42 -47.01
C GLN F 605 -74.89 -30.06 -46.41
N THR F 606 -73.65 -29.74 -46.06
CA THR F 606 -73.34 -28.36 -45.72
C THR F 606 -73.55 -27.48 -46.95
N LEU F 607 -73.17 -28.01 -48.12
CA LEU F 607 -73.43 -27.32 -49.39
C LEU F 607 -74.91 -27.11 -49.60
N PHE F 608 -75.72 -28.13 -49.33
CA PHE F 608 -77.15 -28.00 -49.53
C PHE F 608 -77.76 -27.04 -48.52
N HIS F 609 -77.27 -27.07 -47.27
CA HIS F 609 -77.71 -26.11 -46.25
C HIS F 609 -77.42 -24.69 -46.68
N TYR F 610 -76.20 -24.45 -47.15
CA TYR F 610 -75.79 -23.13 -47.63
C TYR F 610 -76.63 -22.68 -48.82
N TYR F 611 -76.87 -23.62 -49.74
CA TYR F 611 -77.65 -23.30 -50.94
C TYR F 611 -79.09 -23.00 -50.60
N ASN F 612 -79.70 -23.81 -49.72
CA ASN F 612 -81.08 -23.56 -49.30
C ASN F 612 -81.19 -22.23 -48.58
N VAL F 613 -80.15 -21.86 -47.81
CA VAL F 613 -80.18 -20.59 -47.10
C VAL F 613 -80.17 -19.43 -48.08
N ASN F 614 -79.21 -19.44 -49.02
CA ASN F 614 -79.15 -18.37 -50.01
C ASN F 614 -80.42 -18.30 -50.85
N VAL F 615 -80.94 -19.47 -51.23
CA VAL F 615 -82.18 -19.56 -52.01
C VAL F 615 -83.35 -18.96 -51.24
N ASN F 616 -83.51 -19.35 -49.98
CA ASN F 616 -84.65 -18.92 -49.18
C ASN F 616 -84.56 -17.43 -48.90
N PHE F 617 -83.36 -16.94 -48.59
CA PHE F 617 -83.14 -15.51 -48.42
C PHE F 617 -83.50 -14.74 -49.66
N HIS F 618 -83.03 -15.21 -50.83
CA HIS F 618 -83.28 -14.51 -52.09
C HIS F 618 -84.78 -14.49 -52.40
N SER F 619 -85.45 -15.63 -52.23
CA SER F 619 -86.89 -15.69 -52.47
C SER F 619 -87.66 -14.78 -51.53
N ASN F 620 -87.28 -14.76 -50.25
CA ASN F 620 -87.92 -13.86 -49.30
C ASN F 620 -87.67 -12.41 -49.67
N TYR F 621 -86.46 -12.12 -50.12
CA TYR F 621 -86.07 -10.76 -50.51
C TYR F 621 -86.96 -10.26 -51.65
N ASN F 622 -87.08 -11.05 -52.72
CA ASN F 622 -87.92 -10.62 -53.83
C ASN F 622 -89.40 -10.60 -53.46
N GLU F 623 -89.87 -11.59 -52.70
CA GLU F 623 -91.29 -11.65 -52.37
C GLU F 623 -91.72 -10.65 -51.32
N ARG F 624 -90.78 -9.98 -50.64
CA ARG F 624 -91.09 -8.85 -49.77
C ARG F 624 -90.97 -7.52 -50.52
N ILE F 625 -90.00 -7.41 -51.45
CA ILE F 625 -89.94 -6.25 -52.35
C ILE F 625 -91.23 -6.13 -53.13
N ASN F 626 -91.75 -7.26 -53.61
CA ASN F 626 -92.97 -7.26 -54.40
C ASN F 626 -94.14 -6.78 -53.58
N ASP F 627 -94.21 -7.20 -52.30
CA ASP F 627 -95.31 -6.80 -51.45
C ASP F 627 -95.23 -5.31 -51.13
N ALA F 628 -94.02 -4.82 -50.82
CA ALA F 628 -93.80 -3.41 -50.56
C ALA F 628 -94.21 -2.55 -51.75
N VAL F 629 -93.79 -2.97 -52.95
CA VAL F 629 -94.09 -2.22 -54.16
C VAL F 629 -95.59 -2.24 -54.42
N ALA F 630 -96.24 -3.37 -54.13
CA ALA F 630 -97.68 -3.49 -54.30
C ALA F 630 -98.43 -2.50 -53.41
N ILE F 631 -98.08 -2.48 -52.12
CA ILE F 631 -98.77 -1.58 -51.19
C ILE F 631 -98.52 -0.13 -51.55
N ILE F 632 -97.27 0.20 -51.90
CA ILE F 632 -96.91 1.56 -52.28
C ILE F 632 -97.69 2.01 -53.52
N THR F 633 -97.66 1.19 -54.58
CA THR F 633 -98.37 1.52 -55.81
C THR F 633 -99.86 1.62 -55.56
N ALA F 634 -100.39 0.75 -54.69
CA ALA F 634 -101.81 0.79 -54.40
C ALA F 634 -102.17 2.06 -53.65
N ALA F 635 -101.30 2.50 -52.75
CA ALA F 635 -101.51 3.77 -52.06
C ALA F 635 -101.54 4.93 -53.05
N ASN F 636 -100.54 4.99 -53.95
CA ASN F 636 -100.50 6.09 -54.90
C ASN F 636 -101.62 6.02 -55.93
N ARG F 637 -102.20 4.85 -56.16
CA ARG F 637 -103.34 4.67 -57.05
C ARG F 637 -104.69 4.76 -56.36
N LEU F 638 -104.73 4.77 -55.03
CA LEU F 638 -105.91 5.08 -54.24
C LEU F 638 -105.84 6.47 -53.62
N ASN F 639 -104.77 7.23 -53.84
CA ASN F 639 -104.67 8.62 -53.40
C ASN F 639 -104.67 8.71 -51.87
N LEU F 640 -104.00 7.75 -51.23
CA LEU F 640 -103.78 7.76 -49.77
C LEU F 640 -102.47 8.47 -49.43
N TYR F 641 -102.42 9.74 -49.83
CA TYR F 641 -101.36 10.67 -49.52
C TYR F 641 -101.00 10.81 -48.04
N GLN F 642 -101.97 10.62 -47.14
CA GLN F 642 -101.73 10.68 -45.69
C GLN F 642 -100.65 9.71 -45.23
N LYS F 643 -100.72 8.47 -45.71
CA LYS F 643 -99.90 7.39 -45.19
C LYS F 643 -98.42 7.64 -45.40
N LYS F 644 -97.66 7.59 -44.29
CA LYS F 644 -96.23 7.72 -44.38
C LYS F 644 -95.70 6.39 -44.88
N MET F 645 -94.63 6.45 -45.66
CA MET F 645 -94.17 5.30 -46.42
C MET F 645 -93.04 4.52 -45.75
N LYS F 646 -92.32 5.13 -44.81
CA LYS F 646 -91.30 4.39 -44.08
C LYS F 646 -91.86 3.45 -43.04
N SER F 647 -93.11 3.65 -42.60
CA SER F 647 -93.76 2.63 -41.77
C SER F 647 -93.88 1.29 -42.51
N ILE F 648 -93.97 1.31 -43.84
CA ILE F 648 -94.03 0.10 -44.64
C ILE F 648 -92.63 -0.45 -44.88
N VAL F 649 -91.68 0.45 -45.16
CA VAL F 649 -90.31 0.06 -45.48
C VAL F 649 -89.66 -0.55 -44.24
N GLU F 650 -89.97 -0.03 -43.06
CA GLU F 650 -89.39 -0.63 -41.86
C GLU F 650 -89.89 -2.06 -41.67
N ASP F 651 -91.16 -2.32 -41.95
CA ASP F 651 -91.63 -3.70 -41.86
C ASP F 651 -90.98 -4.57 -42.93
N PHE F 652 -90.76 -4.00 -44.13
CA PHE F 652 -90.01 -4.70 -45.17
C PHE F 652 -88.61 -5.09 -44.75
N LEU F 653 -87.86 -4.13 -44.18
CA LEU F 653 -86.53 -4.45 -43.66
C LEU F 653 -86.60 -5.41 -42.48
N LYS F 654 -87.59 -5.25 -41.61
CA LYS F 654 -87.67 -6.01 -40.37
C LYS F 654 -87.94 -7.47 -40.63
N ARG F 655 -88.82 -7.76 -41.59
CA ARG F 655 -89.17 -9.15 -41.86
C ARG F 655 -87.98 -9.90 -42.45
N LEU F 656 -87.12 -9.21 -43.18
CA LEU F 656 -85.78 -9.74 -43.46
C LEU F 656 -84.98 -9.71 -42.16
N GLN F 657 -84.73 -10.89 -41.61
CA GLN F 657 -84.31 -10.97 -40.21
C GLN F 657 -82.82 -10.69 -39.98
N ILE F 658 -82.31 -9.56 -40.51
CA ILE F 658 -80.89 -9.19 -40.36
C ILE F 658 -80.67 -7.70 -40.04
N PHE F 659 -81.71 -6.86 -40.12
CA PHE F 659 -81.60 -5.40 -40.03
C PHE F 659 -82.21 -4.91 -38.72
N ASP F 660 -81.51 -4.01 -38.04
CA ASP F 660 -82.06 -3.20 -36.96
C ASP F 660 -82.42 -1.81 -37.50
N ILE F 661 -83.60 -1.33 -37.13
CA ILE F 661 -84.25 -0.22 -37.83
C ILE F 661 -84.40 1.03 -36.99
N SER F 662 -84.37 0.95 -35.65
CA SER F 662 -84.02 2.14 -34.87
C SER F 662 -82.59 2.64 -35.17
N ARG F 663 -81.72 1.79 -35.72
CA ARG F 663 -80.33 2.03 -36.06
C ARG F 663 -80.17 2.71 -37.41
N VAL F 664 -80.94 2.29 -38.40
CA VAL F 664 -80.71 2.59 -39.82
C VAL F 664 -80.92 4.07 -40.12
N PRO F 665 -80.22 4.68 -41.13
CA PRO F 665 -80.42 6.11 -41.37
C PRO F 665 -81.78 6.42 -41.95
N ASP F 666 -81.98 7.68 -42.34
CA ASP F 666 -83.19 8.18 -42.97
C ASP F 666 -83.05 8.38 -44.48
N ASP F 667 -81.94 8.97 -44.91
CA ASP F 667 -81.74 9.26 -46.34
C ASP F 667 -81.71 7.99 -47.18
N GLN F 668 -81.16 6.92 -46.64
CA GLN F 668 -81.15 5.63 -47.32
C GLN F 668 -82.58 5.13 -47.49
N MET F 669 -83.44 5.39 -46.52
CA MET F 669 -84.83 4.95 -46.58
C MET F 669 -85.56 5.67 -47.69
N TYR F 670 -85.29 6.97 -47.85
CA TYR F 670 -85.92 7.73 -48.92
C TYR F 670 -85.40 7.35 -50.28
N ARG F 671 -84.09 7.05 -50.40
CA ARG F 671 -83.58 6.54 -51.67
C ARG F 671 -84.20 5.19 -52.01
N LEU F 672 -84.51 4.40 -50.99
CA LEU F 672 -85.11 3.11 -51.23
C LEU F 672 -86.56 3.25 -51.61
N ARG F 673 -87.27 4.18 -50.98
CA ARG F 673 -88.61 4.59 -51.43
C ARG F 673 -88.62 4.94 -52.90
N ASP F 674 -87.69 5.81 -53.32
CA ASP F 674 -87.58 6.23 -54.71
C ASP F 674 -87.37 5.03 -55.63
N ARG F 675 -86.34 4.23 -55.36
CA ARG F 675 -86.04 3.10 -56.24
C ARG F 675 -87.09 1.99 -56.17
N LEU F 676 -87.95 1.96 -55.14
CA LEU F 676 -89.08 1.04 -55.09
C LEU F 676 -90.26 1.51 -55.91
N ARG F 677 -90.56 2.82 -55.91
CA ARG F 677 -91.64 3.30 -56.78
C ARG F 677 -91.33 3.08 -58.25
N LEU F 678 -90.06 3.12 -58.63
CA LEU F 678 -89.62 3.00 -60.01
C LEU F 678 -89.27 1.55 -60.32
N LEU F 679 -90.30 0.71 -60.27
CA LEU F 679 -90.19 -0.70 -60.60
C LEU F 679 -91.50 -1.18 -61.18
N PRO F 680 -91.51 -2.31 -61.94
CA PRO F 680 -92.78 -2.96 -62.25
C PRO F 680 -93.46 -3.56 -61.03
N VAL F 681 -94.57 -4.26 -61.28
CA VAL F 681 -95.39 -4.87 -60.25
C VAL F 681 -95.62 -6.32 -60.62
N GLU F 682 -95.50 -7.19 -59.63
CA GLU F 682 -95.73 -8.62 -59.82
C GLU F 682 -97.17 -8.84 -60.23
N ILE F 683 -97.39 -9.86 -61.08
CA ILE F 683 -98.60 -9.91 -61.88
C ILE F 683 -99.80 -10.26 -61.02
N ARG F 684 -99.62 -11.10 -59.99
CA ARG F 684 -100.75 -11.48 -59.16
C ARG F 684 -101.18 -10.31 -58.29
N ARG F 685 -100.18 -9.65 -57.69
CA ARG F 685 -100.39 -8.48 -56.86
C ARG F 685 -101.02 -7.32 -57.63
N LEU F 686 -100.88 -7.30 -58.96
CA LEU F 686 -101.50 -6.32 -59.84
C LEU F 686 -102.91 -6.71 -60.25
N ASP F 687 -103.09 -7.97 -60.64
CA ASP F 687 -104.41 -8.46 -61.05
C ASP F 687 -105.43 -8.34 -59.93
N ILE F 688 -105.05 -8.70 -58.70
CA ILE F 688 -105.97 -8.59 -57.56
C ILE F 688 -106.36 -7.12 -57.37
N PHE F 689 -105.39 -6.22 -57.51
CA PHE F 689 -105.65 -4.79 -57.39
C PHE F 689 -106.60 -4.32 -58.48
N ASN F 690 -106.39 -4.77 -59.72
CA ASN F 690 -107.26 -4.40 -60.82
C ASN F 690 -108.68 -4.90 -60.60
N LEU F 691 -108.81 -6.08 -59.98
CA LEU F 691 -110.13 -6.58 -59.66
C LEU F 691 -110.81 -5.72 -58.61
N ILE F 692 -110.03 -5.24 -57.63
CA ILE F 692 -110.62 -4.45 -56.58
C ILE F 692 -111.04 -3.07 -57.09
N LEU F 693 -110.28 -2.50 -58.03
CA LEU F 693 -110.62 -1.16 -58.52
C LEU F 693 -111.80 -1.15 -59.47
N MET F 694 -111.99 -2.21 -60.25
CA MET F 694 -113.18 -2.31 -61.11
C MET F 694 -114.43 -2.75 -60.33
N ASN F 695 -114.36 -2.86 -59.00
CA ASN F 695 -115.46 -3.33 -58.15
C ASN F 695 -115.67 -2.51 -56.89
N MET F 696 -114.69 -1.71 -56.44
CA MET F 696 -114.86 -0.92 -55.23
C MET F 696 -116.03 0.04 -55.32
N GLU F 697 -116.23 0.64 -56.50
CA GLU F 697 -117.40 1.49 -56.67
C GLU F 697 -118.70 0.70 -56.60
N GLN F 698 -118.68 -0.62 -56.86
CA GLN F 698 -119.83 -1.48 -56.69
C GLN F 698 -119.91 -2.13 -55.31
N ILE F 699 -118.78 -2.26 -54.61
CA ILE F 699 -118.78 -2.87 -53.28
C ILE F 699 -119.17 -1.85 -52.22
N GLU F 700 -118.84 -0.59 -52.43
CA GLU F 700 -119.16 0.47 -51.49
C GLU F 700 -120.63 0.90 -51.56
N ARG F 701 -121.33 0.59 -52.64
CA ARG F 701 -122.73 0.94 -52.79
C ARG F 701 -123.65 -0.06 -52.11
N ALA F 702 -123.14 -1.23 -51.75
CA ALA F 702 -123.74 -2.07 -50.73
C ALA F 702 -123.36 -1.53 -49.35
N SER F 703 -123.48 -2.35 -48.29
CA SER F 703 -123.15 -1.95 -46.92
C SER F 703 -124.09 -0.85 -46.45
N ASP F 704 -125.33 -1.25 -46.17
CA ASP F 704 -126.37 -0.32 -45.79
C ASP F 704 -126.21 0.33 -44.41
N LYS F 705 -125.13 1.11 -44.26
CA LYS F 705 -124.92 2.04 -43.16
C LYS F 705 -124.42 3.40 -43.61
N ILE F 706 -123.94 3.56 -44.86
CA ILE F 706 -123.50 4.81 -45.44
C ILE F 706 -124.23 5.13 -46.73
N ALA F 707 -124.23 6.41 -47.07
CA ALA F 707 -124.64 6.92 -48.37
C ALA F 707 -123.44 7.51 -49.09
N GLN F 708 -123.57 7.58 -50.41
CA GLN F 708 -122.55 8.05 -51.31
C GLN F 708 -122.67 9.55 -51.63
N GLY F 709 -123.45 10.28 -50.84
CA GLY F 709 -123.62 11.71 -51.01
C GLY F 709 -125.05 12.07 -50.69
N VAL F 710 -125.33 13.36 -50.63
CA VAL F 710 -126.68 13.86 -50.38
C VAL F 710 -126.86 15.10 -51.24
N ILE F 711 -127.98 15.18 -51.89
CA ILE F 711 -128.36 16.35 -52.68
C ILE F 711 -129.11 17.26 -51.73
N ILE F 712 -129.05 18.57 -51.94
CA ILE F 712 -129.90 19.54 -51.27
C ILE F 712 -130.44 20.44 -52.36
N ALA F 713 -131.78 20.52 -52.45
CA ALA F 713 -132.43 21.35 -53.46
C ALA F 713 -133.73 21.90 -52.89
N TYR F 714 -133.78 23.22 -52.68
CA TYR F 714 -134.89 23.87 -52.01
C TYR F 714 -136.12 24.10 -52.89
N ARG F 715 -136.62 23.04 -53.52
CA ARG F 715 -137.89 23.03 -54.21
C ARG F 715 -138.61 21.80 -53.69
N ASP F 716 -139.92 21.87 -53.52
CA ASP F 716 -140.63 20.83 -52.79
C ASP F 716 -140.74 19.56 -53.66
N MET F 717 -139.62 18.86 -53.82
CA MET F 717 -139.55 17.68 -54.67
C MET F 717 -140.38 16.53 -54.11
N GLN F 718 -140.63 15.54 -54.97
CA GLN F 718 -141.53 14.43 -54.69
C GLN F 718 -140.72 13.16 -54.48
N LEU F 719 -140.99 12.46 -53.37
CA LEU F 719 -140.36 11.18 -53.12
C LEU F 719 -140.73 10.21 -54.23
N GLU F 720 -139.75 9.41 -54.64
CA GLU F 720 -139.85 8.51 -55.78
C GLU F 720 -139.85 7.08 -55.26
N ARG F 721 -140.86 6.33 -55.69
CA ARG F 721 -141.13 4.99 -55.20
C ARG F 721 -140.07 3.98 -55.64
N ASP F 722 -139.56 3.21 -54.68
CA ASP F 722 -138.74 2.03 -54.94
C ASP F 722 -139.52 0.79 -54.52
N GLU F 723 -138.87 -0.37 -54.61
CA GLU F 723 -139.42 -1.66 -54.27
C GLU F 723 -138.87 -2.22 -52.95
N MET F 724 -137.62 -1.91 -52.60
CA MET F 724 -137.04 -2.33 -51.34
C MET F 724 -137.49 -1.43 -50.23
N TYR F 725 -137.15 -0.16 -50.33
CA TYR F 725 -137.81 0.87 -49.56
C TYR F 725 -139.15 1.19 -50.22
N GLY F 726 -139.97 1.97 -49.52
CA GLY F 726 -141.23 2.43 -50.08
C GLY F 726 -141.07 3.74 -50.80
N TYR F 727 -141.67 4.80 -50.29
CA TYR F 727 -141.31 6.15 -50.71
C TYR F 727 -139.98 6.52 -50.09
N VAL F 728 -139.15 7.24 -50.87
CA VAL F 728 -137.81 7.61 -50.43
C VAL F 728 -137.37 8.95 -50.99
N ASN F 729 -136.49 9.60 -50.23
CA ASN F 729 -135.71 10.75 -50.70
C ASN F 729 -134.36 10.25 -51.25
N ILE F 730 -134.48 9.49 -52.35
CA ILE F 730 -133.38 8.75 -52.94
C ILE F 730 -132.99 9.43 -54.24
N ALA F 731 -131.71 9.32 -54.57
CA ALA F 731 -131.16 9.83 -55.82
C ALA F 731 -130.29 8.74 -56.40
N ARG F 732 -130.13 8.78 -57.73
CA ARG F 732 -129.38 7.78 -58.46
C ARG F 732 -128.58 8.34 -59.62
N ASN F 733 -128.57 9.66 -59.85
CA ASN F 733 -128.01 10.28 -61.05
C ASN F 733 -127.00 11.34 -60.72
N LEU F 734 -127.25 12.16 -59.71
CA LEU F 734 -126.36 13.22 -59.23
C LEU F 734 -126.01 14.21 -60.36
N ASP F 735 -127.02 14.91 -60.85
CA ASP F 735 -126.91 15.73 -62.04
C ASP F 735 -127.80 16.96 -61.92
N GLY F 736 -127.37 18.02 -62.59
CA GLY F 736 -127.97 19.33 -62.42
C GLY F 736 -127.75 19.95 -61.07
N PHE F 737 -126.64 19.63 -60.40
CA PHE F 737 -126.32 20.16 -59.09
C PHE F 737 -124.81 20.33 -59.02
N GLN F 738 -124.39 21.46 -58.48
CA GLN F 738 -122.99 21.73 -58.20
C GLN F 738 -122.47 20.76 -57.15
N GLN F 739 -121.67 19.79 -57.59
CA GLN F 739 -121.03 18.84 -56.70
C GLN F 739 -119.96 19.49 -55.84
N ILE F 740 -119.91 19.10 -54.56
CA ILE F 740 -118.90 19.53 -53.60
C ILE F 740 -118.43 18.31 -52.85
N ASN F 741 -117.12 18.04 -52.91
CA ASN F 741 -116.55 16.88 -52.23
C ASN F 741 -116.09 17.30 -50.85
N LEU F 742 -116.13 16.33 -49.94
CA LEU F 742 -116.01 16.57 -48.50
C LEU F 742 -114.66 16.19 -47.93
N GLU F 743 -113.91 15.28 -48.57
CA GLU F 743 -112.57 15.01 -48.07
C GLU F 743 -111.65 16.19 -48.34
N GLU F 744 -111.91 16.95 -49.39
CA GLU F 744 -111.18 18.19 -49.63
C GLU F 744 -111.63 19.34 -48.72
N LEU F 745 -112.73 19.17 -47.96
CA LEU F 745 -113.34 20.21 -47.17
C LEU F 745 -113.11 20.03 -45.68
N MET F 746 -113.14 18.79 -45.20
CA MET F 746 -112.80 18.54 -43.80
C MET F 746 -111.35 18.88 -43.49
N ARG F 747 -110.47 18.86 -44.49
CA ARG F 747 -109.05 19.10 -44.31
C ARG F 747 -108.72 20.57 -44.53
N THR F 748 -108.98 21.07 -45.73
CA THR F 748 -109.00 22.50 -46.00
C THR F 748 -110.28 23.08 -45.45
N GLY F 749 -110.20 23.81 -44.34
CA GLY F 749 -111.38 24.40 -43.77
C GLY F 749 -111.59 25.69 -44.54
N ASP F 750 -112.42 25.65 -45.57
CA ASP F 750 -112.79 26.83 -46.35
C ASP F 750 -114.25 26.61 -46.67
N TYR F 751 -115.08 27.10 -45.77
CA TYR F 751 -116.52 26.98 -45.83
C TYR F 751 -117.20 28.19 -46.44
N ALA F 752 -116.43 29.11 -47.05
CA ALA F 752 -117.03 30.23 -47.74
C ALA F 752 -117.91 29.75 -48.89
N GLN F 753 -117.40 28.80 -49.67
CA GLN F 753 -118.07 28.31 -50.85
C GLN F 753 -119.27 27.40 -50.55
N ILE F 754 -119.55 27.07 -49.28
CA ILE F 754 -120.71 26.31 -48.86
C ILE F 754 -121.60 27.12 -47.91
N THR F 755 -121.00 27.93 -47.04
CA THR F 755 -121.78 28.87 -46.24
C THR F 755 -122.48 29.90 -47.12
N ASN F 756 -121.91 30.25 -48.28
CA ASN F 756 -122.57 31.17 -49.18
C ASN F 756 -123.61 30.48 -50.07
N MET F 757 -123.93 29.21 -49.82
CA MET F 757 -124.94 28.45 -50.54
C MET F 757 -126.04 27.95 -49.62
N LEU F 758 -125.67 27.47 -48.42
CA LEU F 758 -126.66 27.11 -47.43
C LEU F 758 -127.46 28.32 -46.97
N LEU F 759 -126.77 29.42 -46.65
CA LEU F 759 -127.43 30.58 -46.09
C LEU F 759 -128.33 31.23 -47.12
N ASN F 760 -127.91 31.23 -48.38
CA ASN F 760 -128.69 31.76 -49.49
C ASN F 760 -129.50 30.69 -50.21
N ASN F 761 -129.45 29.44 -49.75
CA ASN F 761 -130.29 28.35 -50.22
C ASN F 761 -130.12 28.06 -51.71
N GLN F 762 -128.86 27.81 -52.08
CA GLN F 762 -128.46 27.45 -53.44
C GLN F 762 -128.41 25.92 -53.53
N PRO F 763 -128.95 25.26 -54.57
CA PRO F 763 -128.85 23.79 -54.64
C PRO F 763 -127.43 23.27 -54.78
N VAL F 764 -127.12 22.19 -54.05
CA VAL F 764 -125.80 21.57 -54.08
C VAL F 764 -125.95 20.06 -53.94
N ALA F 765 -124.81 19.36 -53.99
CA ALA F 765 -124.74 17.94 -53.71
C ALA F 765 -123.42 17.66 -53.02
N LEU F 766 -123.49 17.33 -51.74
CA LEU F 766 -122.33 17.04 -50.93
C LEU F 766 -122.00 15.57 -51.11
N VAL F 767 -120.84 15.28 -51.70
CA VAL F 767 -120.44 13.91 -52.05
C VAL F 767 -119.34 13.46 -51.09
N GLY F 768 -119.45 12.22 -50.66
CA GLY F 768 -118.50 11.59 -49.77
C GLY F 768 -119.22 10.52 -48.96
N ALA F 769 -118.50 9.44 -48.69
CA ALA F 769 -119.05 8.34 -47.90
C ALA F 769 -119.32 8.80 -46.48
N LEU F 770 -120.59 8.77 -46.09
CA LEU F 770 -121.02 9.26 -44.78
C LEU F 770 -122.24 8.46 -44.34
N PRO F 771 -122.59 8.48 -43.02
CA PRO F 771 -123.71 7.63 -42.56
C PRO F 771 -125.07 8.12 -43.00
N PHE F 772 -126.10 7.48 -42.45
CA PHE F 772 -127.46 7.97 -42.57
C PHE F 772 -128.28 7.22 -41.52
N ILE F 773 -129.55 7.57 -41.45
CA ILE F 773 -130.52 6.89 -40.60
C ILE F 773 -131.86 6.76 -41.30
N THR F 774 -132.63 5.82 -40.81
CA THR F 774 -133.93 5.46 -41.37
C THR F 774 -134.97 6.04 -40.44
N ASP F 775 -135.74 7.00 -40.94
CA ASP F 775 -136.74 7.73 -40.19
C ASP F 775 -138.05 7.39 -40.86
N SER F 776 -138.82 6.54 -40.19
CA SER F 776 -140.09 6.04 -40.71
C SER F 776 -141.29 6.67 -40.00
N SER F 777 -141.20 7.98 -39.74
CA SER F 777 -142.31 8.79 -39.26
C SER F 777 -142.69 9.78 -40.34
N VAL F 778 -143.90 9.64 -40.88
CA VAL F 778 -144.43 10.60 -41.84
C VAL F 778 -144.57 11.98 -41.19
N ILE F 779 -144.77 12.04 -39.87
CA ILE F 779 -144.94 13.32 -39.20
C ILE F 779 -143.64 14.11 -39.22
N SER F 780 -142.51 13.41 -39.26
CA SER F 780 -141.24 14.09 -39.41
C SER F 780 -141.06 14.63 -40.81
N LEU F 781 -141.50 13.87 -41.82
CA LEU F 781 -141.54 14.35 -43.20
C LEU F 781 -142.35 15.63 -43.32
N VAL F 782 -143.53 15.65 -42.70
CA VAL F 782 -144.33 16.87 -42.72
C VAL F 782 -143.62 17.97 -41.93
N ALA F 783 -142.89 17.60 -40.88
CA ALA F 783 -142.16 18.53 -40.05
C ALA F 783 -140.83 18.97 -40.65
N LYS F 784 -140.35 18.30 -41.70
CA LYS F 784 -139.12 18.65 -42.39
C LYS F 784 -137.90 18.57 -41.47
N LEU F 785 -137.67 17.35 -41.00
CA LEU F 785 -136.53 17.07 -40.13
C LEU F 785 -135.25 16.83 -40.93
N ASP F 786 -135.35 16.67 -42.27
CA ASP F 786 -134.18 16.38 -43.10
C ASP F 786 -133.28 17.60 -43.27
N ALA F 787 -133.84 18.79 -43.21
CA ALA F 787 -133.10 20.03 -43.36
C ALA F 787 -132.50 20.56 -42.06
N THR F 788 -132.60 19.84 -40.94
CA THR F 788 -132.10 20.29 -39.65
C THR F 788 -130.66 19.88 -39.38
N VAL F 789 -130.04 19.08 -40.25
CA VAL F 789 -128.80 18.37 -39.95
C VAL F 789 -127.67 18.90 -40.82
N PHE F 790 -127.70 20.20 -41.11
CA PHE F 790 -126.64 20.86 -41.86
C PHE F 790 -126.15 22.16 -41.22
N ALA F 791 -126.92 22.77 -40.31
CA ALA F 791 -126.56 24.06 -39.73
C ALA F 791 -125.61 23.93 -38.54
N GLN F 792 -124.95 22.78 -38.35
CA GLN F 792 -123.85 22.60 -37.42
C GLN F 792 -122.50 22.66 -38.10
N ILE F 793 -122.46 22.48 -39.43
CA ILE F 793 -121.25 22.72 -40.21
C ILE F 793 -120.74 24.13 -40.01
N VAL F 794 -121.63 25.10 -39.88
CA VAL F 794 -121.18 26.47 -39.72
C VAL F 794 -120.69 26.70 -38.29
N LYS F 795 -121.35 26.06 -37.31
CA LYS F 795 -120.92 26.17 -35.92
C LYS F 795 -119.68 25.32 -35.67
N LEU F 796 -119.79 24.01 -35.87
CA LEU F 796 -118.65 23.10 -35.83
C LEU F 796 -118.18 22.92 -37.26
N ARG F 797 -117.00 23.47 -37.58
CA ARG F 797 -116.49 23.36 -38.95
C ARG F 797 -116.33 21.92 -39.42
N LYS F 798 -115.90 21.02 -38.53
CA LYS F 798 -115.61 19.63 -38.90
C LYS F 798 -116.87 18.91 -39.42
N VAL F 799 -116.77 18.41 -40.65
CA VAL F 799 -117.81 17.56 -41.26
C VAL F 799 -117.45 16.10 -40.98
N ASP F 800 -117.80 15.66 -39.80
CA ASP F 800 -117.76 14.26 -39.39
C ASP F 800 -119.06 13.85 -38.70
N THR F 801 -119.67 14.74 -37.93
CA THR F 801 -120.96 14.51 -37.27
C THR F 801 -122.12 14.89 -38.18
N LEU F 802 -122.10 14.36 -39.40
CA LEU F 802 -123.10 14.61 -40.43
C LEU F 802 -123.82 13.29 -40.67
N LYS F 803 -125.12 13.30 -40.42
CA LYS F 803 -125.91 12.08 -40.31
C LYS F 803 -127.26 12.34 -40.95
N PRO F 804 -127.32 12.33 -42.32
CA PRO F 804 -128.56 12.70 -43.01
C PRO F 804 -129.68 11.71 -42.80
N ILE F 805 -130.82 12.03 -43.38
CA ILE F 805 -132.06 11.30 -43.20
C ILE F 805 -132.34 10.53 -44.48
N LEU F 806 -132.87 9.32 -44.33
CA LEU F 806 -133.29 8.47 -45.45
C LEU F 806 -134.68 8.00 -45.05
N TYR F 807 -135.69 8.74 -45.48
CA TYR F 807 -137.06 8.40 -45.16
C TYR F 807 -137.42 7.11 -45.87
N LYS F 808 -137.65 6.06 -45.09
CA LYS F 808 -138.35 4.86 -45.54
C LYS F 808 -139.67 4.74 -44.79
N ILE F 809 -140.77 4.74 -45.54
CA ILE F 809 -142.11 4.70 -44.99
C ILE F 809 -142.90 3.69 -45.79
N ASN F 810 -143.79 2.99 -45.12
CA ASN F 810 -144.35 1.75 -45.61
C ASN F 810 -145.44 1.34 -44.62
N SER F 811 -146.02 0.15 -44.83
CA SER F 811 -147.19 -0.30 -44.07
C SER F 811 -146.95 -0.42 -42.56
N ASP F 812 -145.70 -0.52 -42.11
CA ASP F 812 -145.36 -0.80 -40.72
C ASP F 812 -144.62 0.37 -40.11
N SER F 813 -145.13 1.57 -40.38
CA SER F 813 -144.53 2.84 -39.99
C SER F 813 -145.39 3.64 -39.02
N ASN F 814 -146.59 3.17 -38.66
CA ASN F 814 -147.49 3.66 -37.63
C ASN F 814 -148.24 4.94 -38.01
N ASP F 815 -147.93 5.58 -39.14
CA ASP F 815 -148.69 6.71 -39.66
C ASP F 815 -148.79 6.64 -41.18
N PHE F 816 -148.78 5.44 -41.74
CA PHE F 816 -148.82 5.30 -43.19
C PHE F 816 -150.19 5.62 -43.77
N TYR F 817 -151.24 5.59 -42.94
CA TYR F 817 -152.60 5.93 -43.39
C TYR F 817 -152.64 7.35 -43.95
N LEU F 818 -151.87 8.26 -43.34
CA LEU F 818 -151.80 9.65 -43.77
C LEU F 818 -151.32 9.78 -45.21
N VAL F 819 -150.50 8.83 -45.67
CA VAL F 819 -150.06 8.87 -47.06
C VAL F 819 -151.17 8.39 -47.98
N ALA F 820 -151.88 7.33 -47.58
CA ALA F 820 -152.71 6.59 -48.52
C ALA F 820 -154.16 7.08 -48.59
N ASN F 821 -154.62 7.93 -47.68
CA ASN F 821 -156.02 8.38 -47.63
C ASN F 821 -156.23 9.75 -48.27
N TYR F 822 -155.57 10.78 -47.74
CA TYR F 822 -156.00 12.15 -47.94
C TYR F 822 -155.68 12.73 -49.33
N ASP F 823 -155.14 11.93 -50.26
CA ASP F 823 -155.06 12.27 -51.68
C ASP F 823 -154.17 13.50 -51.88
N TRP F 824 -152.91 13.28 -51.56
CA TRP F 824 -151.86 14.28 -51.62
C TRP F 824 -150.62 13.56 -52.11
N VAL F 825 -149.47 14.25 -52.04
CA VAL F 825 -148.22 13.77 -52.60
C VAL F 825 -147.15 13.81 -51.50
N PRO F 826 -146.52 12.69 -51.15
CA PRO F 826 -145.36 12.79 -50.27
C PRO F 826 -144.25 13.54 -50.98
N THR F 827 -143.73 14.56 -50.31
CA THR F 827 -142.77 15.48 -50.90
C THR F 827 -141.76 15.91 -49.86
N SER F 828 -140.58 16.23 -50.36
CA SER F 828 -139.48 16.64 -49.50
C SER F 828 -138.44 17.35 -50.34
N THR F 829 -137.38 17.74 -49.67
CA THR F 829 -136.09 18.06 -50.24
C THR F 829 -135.12 17.04 -49.69
N THR F 830 -133.82 17.27 -49.92
CA THR F 830 -132.74 16.48 -49.34
C THR F 830 -132.84 15.02 -49.81
N LYS F 831 -132.58 14.85 -51.09
CA LYS F 831 -132.43 13.52 -51.65
C LYS F 831 -131.07 12.93 -51.28
N VAL F 832 -131.02 11.61 -51.17
CA VAL F 832 -129.81 10.85 -50.81
C VAL F 832 -129.35 10.06 -52.02
N TYR F 833 -128.04 10.06 -52.27
CA TYR F 833 -127.46 9.44 -53.46
C TYR F 833 -127.04 8.03 -53.09
N LYS F 834 -127.76 7.05 -53.61
CA LYS F 834 -127.52 5.66 -53.25
C LYS F 834 -128.13 4.76 -54.30
N GLN F 835 -127.41 3.72 -54.68
CA GLN F 835 -127.83 2.78 -55.71
C GLN F 835 -128.45 1.57 -55.04
N ILE F 836 -129.59 1.15 -55.56
CA ILE F 836 -130.38 0.01 -55.12
C ILE F 836 -129.53 -1.26 -55.15
N PRO F 837 -129.76 -2.27 -54.26
CA PRO F 837 -128.92 -3.49 -54.34
C PRO F 837 -129.10 -4.27 -55.63
N GLN F 838 -128.30 -5.32 -55.78
CA GLN F 838 -128.27 -6.14 -56.99
C GLN F 838 -129.16 -7.36 -56.77
N GLN F 839 -130.18 -7.47 -57.62
CA GLN F 839 -131.16 -8.53 -57.45
C GLN F 839 -130.53 -9.86 -57.84
N PHE F 840 -131.00 -10.91 -57.19
CA PHE F 840 -130.41 -12.22 -57.38
C PHE F 840 -131.00 -12.83 -58.63
N ASP F 841 -130.12 -13.26 -59.53
CA ASP F 841 -130.47 -14.04 -60.71
C ASP F 841 -129.60 -15.27 -60.67
N PHE F 842 -130.20 -16.41 -60.97
CA PHE F 842 -129.48 -17.67 -60.87
C PHE F 842 -128.54 -17.87 -62.04
N ARG F 843 -129.02 -17.59 -63.27
CA ARG F 843 -128.22 -17.80 -64.47
C ARG F 843 -126.93 -16.98 -64.45
N ALA F 844 -126.98 -15.76 -63.94
CA ALA F 844 -125.80 -14.90 -63.89
C ALA F 844 -124.91 -15.18 -62.67
N SER F 845 -125.25 -16.17 -61.83
CA SER F 845 -124.52 -16.46 -60.60
C SER F 845 -124.21 -17.93 -60.40
N MET F 846 -124.80 -18.83 -61.16
CA MET F 846 -124.42 -20.24 -61.12
C MET F 846 -123.19 -20.38 -62.00
N HIS F 847 -122.24 -21.17 -61.53
CA HIS F 847 -120.97 -21.34 -62.23
C HIS F 847 -120.45 -22.74 -62.00
N MET F 848 -119.43 -23.08 -62.79
CA MET F 848 -118.76 -24.37 -62.77
C MET F 848 -117.27 -24.12 -62.60
N LEU F 849 -116.75 -24.48 -61.44
CA LEU F 849 -115.38 -24.19 -61.05
C LEU F 849 -114.54 -25.42 -61.34
N THR F 850 -113.36 -25.19 -61.94
CA THR F 850 -112.48 -26.25 -62.41
C THR F 850 -111.20 -26.31 -61.60
N SER F 851 -110.68 -27.52 -61.45
CA SER F 851 -109.43 -27.71 -60.70
C SER F 851 -108.81 -29.05 -61.04
N ASN F 852 -107.60 -29.27 -60.50
CA ASN F 852 -106.86 -30.52 -60.62
C ASN F 852 -107.29 -31.44 -59.46
N LEU F 853 -106.54 -32.52 -59.20
CA LEU F 853 -106.75 -33.35 -58.02
C LEU F 853 -105.45 -33.83 -57.39
N THR F 854 -105.45 -33.87 -56.05
CA THR F 854 -104.57 -34.70 -55.19
C THR F 854 -103.08 -34.52 -55.46
N PHE F 855 -102.66 -33.45 -56.10
CA PHE F 855 -101.25 -33.17 -56.27
C PHE F 855 -100.61 -32.75 -54.96
N THR F 856 -99.50 -33.38 -54.62
CA THR F 856 -98.74 -33.05 -53.43
C THR F 856 -97.74 -31.99 -53.83
N VAL F 857 -97.43 -31.11 -52.88
CA VAL F 857 -96.60 -29.93 -53.13
C VAL F 857 -95.39 -30.07 -52.20
N TYR F 858 -94.33 -30.67 -52.71
CA TYR F 858 -93.09 -30.75 -51.95
C TYR F 858 -92.37 -29.42 -51.96
N SER F 859 -91.64 -29.17 -50.87
CA SER F 859 -90.94 -27.94 -50.59
C SER F 859 -89.43 -28.15 -50.53
N ASP F 860 -88.96 -29.08 -49.68
CA ASP F 860 -87.54 -29.37 -49.56
C ASP F 860 -87.24 -30.49 -50.52
N LEU F 861 -86.66 -30.12 -51.66
CA LEU F 861 -86.44 -31.00 -52.81
C LEU F 861 -84.99 -31.35 -53.06
N LEU F 862 -84.05 -30.91 -52.22
CA LEU F 862 -82.75 -31.53 -52.17
C LEU F 862 -82.72 -32.79 -51.32
N ALA F 863 -83.78 -33.08 -50.56
CA ALA F 863 -83.85 -34.35 -49.85
C ALA F 863 -83.99 -35.53 -50.79
N PHE F 864 -84.49 -35.30 -52.03
CA PHE F 864 -84.58 -36.33 -53.04
C PHE F 864 -83.27 -36.55 -53.81
N VAL F 865 -82.14 -36.03 -53.32
CA VAL F 865 -80.85 -36.08 -53.99
C VAL F 865 -79.96 -36.86 -53.02
N SER F 866 -79.61 -38.09 -53.40
CA SER F 866 -78.62 -38.83 -52.62
C SER F 866 -77.23 -38.38 -53.02
N ALA F 867 -76.50 -37.76 -52.08
CA ALA F 867 -75.20 -37.18 -52.32
C ALA F 867 -74.15 -37.80 -51.42
N ASP F 868 -72.94 -37.88 -51.93
CA ASP F 868 -71.81 -38.45 -51.20
C ASP F 868 -70.55 -37.83 -51.79
N THR F 869 -69.41 -38.08 -51.14
CA THR F 869 -68.12 -37.60 -51.59
C THR F 869 -67.10 -38.72 -51.45
N VAL F 870 -66.10 -38.68 -52.32
CA VAL F 870 -64.97 -39.60 -52.29
C VAL F 870 -64.11 -39.31 -51.06
N GLU F 871 -63.16 -40.21 -50.77
CA GLU F 871 -62.27 -39.99 -49.64
C GLU F 871 -61.43 -38.76 -49.93
N PRO F 872 -61.00 -38.01 -48.91
CA PRO F 872 -60.20 -36.80 -49.19
C PRO F 872 -58.84 -37.08 -49.79
N ILE F 873 -58.25 -38.24 -49.51
CA ILE F 873 -56.92 -38.59 -49.98
C ILE F 873 -56.87 -38.69 -51.51
N ASN F 874 -57.99 -39.04 -52.15
CA ASN F 874 -58.13 -39.14 -53.61
C ASN F 874 -59.21 -38.17 -54.06
N ALA F 875 -58.79 -36.91 -54.22
CA ALA F 875 -59.62 -35.81 -54.66
C ALA F 875 -58.88 -35.02 -55.74
N VAL F 876 -59.61 -34.65 -56.79
CA VAL F 876 -59.04 -34.07 -58.00
C VAL F 876 -59.74 -32.74 -58.23
N ALA F 877 -58.98 -31.76 -58.70
CA ALA F 877 -59.48 -30.43 -58.97
C ALA F 877 -59.95 -30.33 -60.42
N PHE F 878 -60.16 -29.10 -60.90
CA PHE F 878 -60.72 -28.86 -62.22
C PHE F 878 -59.83 -29.39 -63.35
N ASP F 879 -58.51 -29.43 -63.13
CA ASP F 879 -57.55 -29.87 -64.13
C ASP F 879 -57.41 -31.38 -64.25
N ASN F 880 -58.14 -32.17 -63.46
CA ASN F 880 -58.16 -33.63 -63.45
C ASN F 880 -56.92 -34.19 -62.71
N MET F 881 -55.97 -33.36 -62.30
CA MET F 881 -54.83 -33.74 -61.47
C MET F 881 -55.26 -33.64 -60.03
N ARG F 882 -54.61 -34.43 -59.18
CA ARG F 882 -55.06 -34.53 -57.80
C ARG F 882 -54.78 -33.23 -57.06
N ILE F 883 -55.57 -33.01 -56.00
CA ILE F 883 -55.48 -31.83 -55.16
C ILE F 883 -54.69 -32.24 -53.92
N MET F 884 -53.78 -31.38 -53.48
CA MET F 884 -52.84 -31.76 -52.42
C MET F 884 -52.03 -32.96 -52.88
N ASN F 885 -51.17 -32.66 -53.85
CA ASN F 885 -50.43 -33.67 -54.59
C ASN F 885 -49.22 -34.15 -53.83
N GLU F 886 -48.68 -33.40 -52.86
CA GLU F 886 -47.44 -33.79 -52.18
C GLU F 886 -47.74 -34.86 -51.12
N LEU F 887 -48.23 -36.01 -51.58
CA LEU F 887 -48.68 -37.12 -50.78
C LEU F 887 -47.49 -37.92 -50.32
N LYS G 86 -23.67 56.58 15.92
CA LYS G 86 -24.82 57.44 15.66
C LYS G 86 -24.37 58.73 14.98
N GLU G 87 -25.04 59.06 13.88
CA GLU G 87 -24.89 60.35 13.19
C GLU G 87 -26.23 61.02 12.88
N GLU G 88 -27.29 60.23 12.75
CA GLU G 88 -28.62 60.76 12.49
C GLU G 88 -29.10 61.67 13.60
N HIS G 89 -28.80 61.35 14.86
CA HIS G 89 -29.11 62.29 15.93
C HIS G 89 -28.25 63.55 15.83
N GLN G 90 -26.98 63.42 15.43
CA GLN G 90 -26.15 64.60 15.23
C GLN G 90 -26.67 65.49 14.09
N LYS G 91 -27.29 64.85 13.09
CA LYS G 91 -27.96 65.62 12.06
C LYS G 91 -29.26 66.19 12.59
N GLU G 92 -29.92 65.48 13.49
CA GLU G 92 -31.22 65.94 13.95
C GLU G 92 -31.01 67.21 14.76
N VAL G 93 -29.94 67.22 15.56
CA VAL G 93 -29.56 68.39 16.35
C VAL G 93 -29.28 69.55 15.42
N GLN G 94 -28.57 69.30 14.32
CA GLN G 94 -28.16 70.41 13.47
C GLN G 94 -29.27 70.86 12.52
N TYR G 95 -30.23 69.99 12.20
CA TYR G 95 -31.46 70.43 11.57
C TYR G 95 -32.34 71.17 12.56
N GLU G 96 -32.27 70.82 13.85
CA GLU G 96 -33.15 71.43 14.82
C GLU G 96 -32.69 72.82 15.17
N ILE G 97 -31.38 73.09 15.10
CA ILE G 97 -30.89 74.46 15.27
C ILE G 97 -31.46 75.38 14.20
N LEU G 98 -31.73 74.84 13.00
CA LEU G 98 -32.39 75.59 11.95
C LEU G 98 -33.88 75.62 12.20
N GLN G 99 -34.50 74.44 12.37
CA GLN G 99 -35.93 74.32 12.59
C GLN G 99 -36.39 74.95 13.91
N LYS G 100 -35.47 75.26 14.85
CA LYS G 100 -35.78 76.08 16.01
C LYS G 100 -35.58 77.58 15.73
N THR G 101 -35.70 77.99 14.46
CA THR G 101 -35.66 79.37 14.03
C THR G 101 -36.78 79.71 13.04
N ILE G 102 -37.54 78.74 12.54
CA ILE G 102 -38.55 78.92 11.51
C ILE G 102 -39.90 78.84 12.21
N PRO G 103 -40.78 79.88 12.14
CA PRO G 103 -42.00 79.81 12.98
C PRO G 103 -43.08 78.79 12.63
N THR G 104 -42.74 77.52 12.52
CA THR G 104 -43.68 76.46 12.17
C THR G 104 -43.89 75.61 13.41
N PHE G 105 -45.13 75.18 13.63
CA PHE G 105 -45.43 74.36 14.78
C PHE G 105 -44.90 72.95 14.58
N GLU G 106 -44.83 72.24 15.68
CA GLU G 106 -44.66 70.79 15.70
C GLU G 106 -46.00 70.18 15.30
N PRO G 107 -46.13 68.82 15.35
CA PRO G 107 -46.63 68.05 14.20
C PRO G 107 -47.64 68.74 13.30
N LYS G 108 -47.31 68.73 12.01
CA LYS G 108 -47.99 69.52 10.99
C LYS G 108 -49.49 69.27 10.85
N GLU G 109 -49.98 68.09 11.29
CA GLU G 109 -51.42 67.82 11.42
C GLU G 109 -52.15 68.92 12.17
N SER G 110 -51.52 69.41 13.25
CA SER G 110 -52.06 70.49 14.09
C SER G 110 -52.38 71.77 13.32
N ILE G 111 -51.76 72.00 12.15
CA ILE G 111 -52.02 73.23 11.44
C ILE G 111 -53.40 73.17 10.80
N LEU G 112 -53.83 71.98 10.34
CA LEU G 112 -55.11 71.86 9.65
C LEU G 112 -56.26 72.18 10.57
N LYS G 113 -56.16 71.78 11.84
CA LYS G 113 -57.18 72.15 12.82
C LYS G 113 -57.33 73.65 12.97
N LYS G 114 -56.27 74.43 12.75
CA LYS G 114 -56.30 75.83 13.15
C LYS G 114 -56.84 76.72 12.05
N LEU G 115 -56.35 76.53 10.82
CA LEU G 115 -56.91 77.23 9.66
C LEU G 115 -58.40 76.97 9.56
N GLU G 116 -58.82 75.72 9.77
CA GLU G 116 -60.24 75.42 9.71
C GLU G 116 -61.02 76.01 10.89
N ASP G 117 -60.34 76.45 11.97
CA ASP G 117 -61.00 77.13 13.08
C ASP G 117 -61.15 78.62 12.85
N ILE G 118 -60.41 79.19 11.89
CA ILE G 118 -60.48 80.62 11.60
C ILE G 118 -61.87 80.89 11.05
N LYS G 119 -62.67 81.57 11.85
CA LYS G 119 -64.01 81.95 11.47
C LYS G 119 -63.93 83.20 10.62
N PRO G 120 -65.03 83.56 9.94
CA PRO G 120 -65.09 84.86 9.29
C PRO G 120 -65.03 85.98 10.30
N GLU G 121 -64.74 87.18 9.79
CA GLU G 121 -64.72 88.39 10.59
C GLU G 121 -66.16 88.55 11.06
N GLN G 122 -66.37 88.25 12.33
CA GLN G 122 -67.71 88.18 12.90
C GLN G 122 -68.38 89.54 12.88
N VAL G 123 -69.60 89.56 12.36
CA VAL G 123 -70.31 90.82 12.17
C VAL G 123 -70.64 91.38 13.55
N LYS G 124 -70.58 92.70 13.67
CA LYS G 124 -70.81 93.37 14.92
C LYS G 124 -72.08 94.19 14.82
N LYS G 125 -72.76 94.33 15.95
CA LYS G 125 -73.93 95.17 16.06
C LYS G 125 -73.89 95.76 17.46
N GLN G 126 -74.63 96.85 17.63
CA GLN G 126 -74.79 97.51 18.90
C GLN G 126 -76.27 97.80 19.05
N THR G 127 -76.67 98.01 20.30
CA THR G 127 -78.03 98.41 20.65
C THR G 127 -78.05 99.60 21.61
N LYS G 128 -76.91 100.27 21.80
CA LYS G 128 -76.80 101.45 22.64
C LYS G 128 -75.86 102.36 21.86
N LEU G 129 -76.33 103.57 21.53
CA LEU G 129 -75.52 104.54 20.81
C LEU G 129 -74.27 104.93 21.60
N PHE G 130 -73.17 105.04 20.86
CA PHE G 130 -71.91 105.49 21.44
C PHE G 130 -72.06 106.90 21.99
N ARG G 131 -71.69 107.06 23.25
CA ARG G 131 -71.82 108.31 23.99
C ARG G 131 -70.60 108.53 24.85
N ILE G 132 -69.94 109.66 24.66
CA ILE G 132 -68.85 110.09 25.53
C ILE G 132 -69.39 110.94 26.68
N PHE G 133 -70.46 111.70 26.45
CA PHE G 133 -70.95 112.74 27.35
C PHE G 133 -72.38 112.41 27.75
N GLU G 134 -72.89 113.20 28.70
CA GLU G 134 -74.29 113.20 29.07
C GLU G 134 -74.56 114.53 29.76
N PRO G 135 -75.78 115.07 29.68
CA PRO G 135 -76.06 116.29 30.42
C PRO G 135 -76.04 116.01 31.92
N ARG G 136 -76.05 117.10 32.68
CA ARG G 136 -75.95 117.04 34.13
C ARG G 136 -76.43 118.38 34.64
N GLN G 137 -77.38 118.34 35.56
CA GLN G 137 -78.01 119.53 36.10
C GLN G 137 -77.27 119.89 37.38
N LEU G 138 -76.66 121.07 37.40
CA LEU G 138 -75.65 121.46 38.38
C LEU G 138 -75.98 122.82 38.97
N PRO G 139 -75.38 123.18 40.11
CA PRO G 139 -75.65 124.49 40.69
C PRO G 139 -75.15 125.61 39.80
N VAL G 140 -75.56 126.82 40.14
CA VAL G 140 -75.07 128.04 39.51
C VAL G 140 -74.99 129.11 40.59
N TYR G 141 -73.87 129.81 40.62
CA TYR G 141 -73.56 130.85 41.57
C TYR G 141 -73.49 132.18 40.84
N ARG G 142 -74.37 133.11 41.20
CA ARG G 142 -74.28 134.42 40.58
C ARG G 142 -73.00 135.11 41.04
N ALA G 143 -72.62 136.15 40.30
CA ALA G 143 -71.50 136.99 40.71
C ALA G 143 -71.82 137.63 42.05
N ASN G 144 -70.83 137.64 42.94
CA ASN G 144 -70.84 137.74 44.43
C ASN G 144 -71.01 136.38 45.08
N GLY G 145 -70.90 135.26 44.34
CA GLY G 145 -70.84 133.95 44.97
C GLY G 145 -72.11 133.46 45.65
N GLU G 146 -73.23 134.16 45.51
CA GLU G 146 -74.50 133.68 46.05
C GLU G 146 -75.03 132.53 45.21
N LYS G 147 -75.16 131.36 45.82
CA LYS G 147 -75.84 130.23 45.17
C LYS G 147 -77.26 130.61 44.80
N GLU G 148 -77.60 130.48 43.53
CA GLU G 148 -78.97 130.68 43.09
C GLU G 148 -79.81 129.46 43.46
N LEU G 149 -81.11 129.57 43.23
CA LEU G 149 -82.07 128.51 43.53
C LEU G 149 -82.14 127.50 42.40
N ARG G 150 -82.11 128.00 41.18
CA ARG G 150 -82.12 127.20 39.97
C ARG G 150 -80.81 126.42 39.85
N ASN G 151 -80.80 125.54 38.85
CA ASN G 151 -79.63 124.83 38.40
C ASN G 151 -79.49 125.10 36.90
N ARG G 152 -78.59 124.38 36.25
CA ARG G 152 -78.38 124.58 34.82
C ARG G 152 -77.72 123.33 34.24
N TRP G 153 -77.99 123.09 32.97
CA TRP G 153 -77.62 121.84 32.31
C TRP G 153 -76.30 121.98 31.58
N TYR G 154 -75.36 121.08 31.86
CA TYR G 154 -74.01 121.09 31.31
C TYR G 154 -73.63 119.68 30.90
N TRP G 155 -72.83 119.59 29.84
CA TRP G 155 -72.31 118.29 29.44
C TRP G 155 -71.20 117.85 30.39
N LYS G 156 -71.19 116.56 30.72
CA LYS G 156 -70.16 115.95 31.54
C LYS G 156 -69.95 114.53 31.07
N LEU G 157 -68.72 114.05 31.18
CA LEU G 157 -68.41 112.70 30.73
C LEU G 157 -69.10 111.64 31.57
N LYS G 158 -69.65 110.65 30.88
CA LYS G 158 -69.90 109.35 31.48
C LYS G 158 -68.55 108.72 31.78
N ARG G 159 -68.38 108.21 33.01
CA ARG G 159 -67.20 107.44 33.40
C ARG G 159 -65.92 108.29 33.27
N ASP G 160 -65.85 109.30 34.15
CA ASP G 160 -64.58 109.94 34.44
C ASP G 160 -63.58 108.92 34.93
N THR G 161 -62.55 108.65 34.11
CA THR G 161 -61.51 107.68 34.45
C THR G 161 -60.13 108.14 33.98
N LEU G 162 -59.90 109.45 33.77
CA LEU G 162 -58.67 109.79 33.08
C LEU G 162 -57.48 109.76 34.03
N PRO G 163 -56.25 109.47 33.53
CA PRO G 163 -55.08 109.41 34.42
C PRO G 163 -54.45 110.78 34.63
N ASP G 164 -53.33 110.78 35.34
CA ASP G 164 -52.43 111.92 35.48
C ASP G 164 -51.25 111.76 34.55
N GLY G 165 -50.57 112.86 34.27
CA GLY G 165 -49.51 112.86 33.30
C GLY G 165 -50.03 112.82 31.87
N ASP G 166 -49.21 113.34 30.95
CA ASP G 166 -49.66 113.49 29.57
C ASP G 166 -49.53 112.21 28.78
N TYR G 167 -48.48 111.43 29.03
CA TYR G 167 -48.33 110.13 28.36
C TYR G 167 -49.51 109.22 28.67
N ASP G 168 -49.89 109.14 29.94
CA ASP G 168 -51.00 108.27 30.31
C ASP G 168 -52.31 108.77 29.73
N VAL G 169 -52.47 110.08 29.58
CA VAL G 169 -53.67 110.62 28.94
C VAL G 169 -53.72 110.21 27.47
N ARG G 170 -52.60 110.32 26.77
CA ARG G 170 -52.61 109.93 25.36
C ARG G 170 -52.79 108.43 25.23
N GLU G 171 -52.26 107.68 26.20
CA GLU G 171 -52.50 106.24 26.24
C GLU G 171 -53.97 105.96 26.48
N TYR G 172 -54.64 106.76 27.32
CA TYR G 172 -56.08 106.64 27.52
C TYR G 172 -56.84 106.87 26.23
N PHE G 173 -56.43 107.88 25.45
CA PHE G 173 -57.12 108.13 24.20
C PHE G 173 -56.87 107.00 23.21
N LEU G 174 -55.67 106.42 23.23
CA LEU G 174 -55.41 105.28 22.36
C LEU G 174 -56.20 104.06 22.79
N ASN G 175 -56.34 103.83 24.10
CA ASN G 175 -57.14 102.72 24.59
C ASN G 175 -58.64 102.99 24.48
N LEU G 176 -59.02 104.22 24.17
CA LEU G 176 -60.37 104.52 23.72
C LEU G 176 -60.51 104.18 22.25
N TYR G 177 -59.52 104.59 21.45
CA TYR G 177 -59.53 104.35 20.02
C TYR G 177 -59.59 102.87 19.68
N ASP G 178 -58.79 102.06 20.37
CA ASP G 178 -58.73 100.64 20.01
C ASP G 178 -60.04 99.93 20.35
N GLN G 179 -60.65 100.31 21.49
CA GLN G 179 -61.90 99.69 21.88
C GLN G 179 -63.07 100.24 21.09
N VAL G 180 -62.94 101.45 20.52
CA VAL G 180 -63.93 101.91 19.55
C VAL G 180 -63.82 101.10 18.27
N LEU G 181 -62.60 100.86 17.78
CA LEU G 181 -62.39 100.00 16.63
C LEU G 181 -62.95 98.60 16.87
N THR G 182 -62.83 98.12 18.11
CA THR G 182 -63.32 96.79 18.45
C THR G 182 -64.83 96.79 18.50
N GLU G 183 -65.42 97.66 19.31
CA GLU G 183 -66.88 97.70 19.45
C GLU G 183 -67.55 98.49 18.32
N MET G 184 -66.85 98.87 17.26
CA MET G 184 -67.51 99.46 16.11
C MET G 184 -68.54 98.46 15.56
N PRO G 185 -69.64 98.94 14.97
CA PRO G 185 -70.57 98.01 14.33
C PRO G 185 -70.15 97.72 12.90
N ASP G 186 -70.98 96.94 12.23
CA ASP G 186 -70.90 96.62 10.82
C ASP G 186 -72.21 96.95 10.12
N TYR G 187 -73.34 96.79 10.81
CA TYR G 187 -74.63 97.19 10.31
C TYR G 187 -75.47 97.67 11.48
N LEU G 188 -76.30 98.68 11.21
CA LEU G 188 -77.17 99.27 12.21
C LEU G 188 -78.63 99.16 11.82
N LEU G 189 -79.48 99.10 12.84
CA LEU G 189 -80.92 99.12 12.71
C LEU G 189 -81.43 99.87 13.92
N LEU G 190 -82.44 100.71 13.72
CA LEU G 190 -82.85 101.66 14.74
C LEU G 190 -84.12 101.26 15.47
N LYS G 191 -85.04 100.53 14.82
CA LYS G 191 -86.16 99.96 15.55
C LYS G 191 -85.72 98.99 16.65
N ASP G 192 -84.60 98.30 16.44
CA ASP G 192 -84.08 97.38 17.46
C ASP G 192 -83.67 98.10 18.75
N MET G 193 -83.41 99.42 18.70
CA MET G 193 -83.02 100.24 19.83
C MET G 193 -84.01 101.34 20.15
N ALA G 194 -84.97 101.62 19.28
CA ALA G 194 -85.88 102.75 19.44
C ALA G 194 -86.78 102.57 20.65
N VAL G 195 -87.29 103.71 21.13
CA VAL G 195 -88.12 103.76 22.32
C VAL G 195 -89.06 104.95 22.19
N GLU G 196 -90.09 104.97 23.02
CA GLU G 196 -91.13 105.97 22.94
C GLU G 196 -90.72 107.23 23.66
N ASN G 197 -91.24 108.36 23.19
CA ASN G 197 -91.14 109.64 23.87
C ASN G 197 -92.34 109.74 24.81
N LYS G 198 -92.07 109.77 26.12
CA LYS G 198 -93.13 109.72 27.10
C LYS G 198 -94.01 110.96 27.17
N ASN G 199 -93.69 112.04 26.47
CA ASN G 199 -94.38 113.33 26.59
C ASN G 199 -94.84 113.78 25.22
N SER G 200 -95.46 112.87 24.49
CA SER G 200 -95.89 113.08 23.10
C SER G 200 -97.34 112.69 22.98
N ARG G 201 -98.11 113.50 22.24
CA ARG G 201 -99.48 113.19 21.86
C ARG G 201 -99.60 112.75 20.41
N ASP G 202 -98.51 112.25 19.80
CA ASP G 202 -98.47 111.87 18.39
C ASP G 202 -97.69 110.57 18.18
N ALA G 203 -97.65 109.70 19.20
CA ALA G 203 -97.02 108.39 19.11
C ALA G 203 -95.53 108.47 18.80
N GLY G 204 -94.89 109.50 19.33
CA GLY G 204 -93.52 109.79 18.96
C GLY G 204 -92.58 108.72 19.48
N LYS G 205 -91.43 108.62 18.83
CA LYS G 205 -90.40 107.68 19.20
C LYS G 205 -89.04 108.28 18.95
N VAL G 206 -88.14 108.07 19.91
CA VAL G 206 -86.75 108.47 19.83
C VAL G 206 -85.96 107.19 19.76
N VAL G 207 -84.64 107.31 19.63
CA VAL G 207 -83.83 106.21 19.14
C VAL G 207 -83.22 105.39 20.27
N ASP G 208 -82.96 106.00 21.42
CA ASP G 208 -82.21 105.37 22.51
C ASP G 208 -82.93 105.69 23.82
N SER G 209 -82.60 104.92 24.85
CA SER G 209 -83.21 105.13 26.15
C SER G 209 -82.64 106.37 26.85
N GLU G 210 -81.34 106.58 26.70
CA GLU G 210 -80.64 107.69 27.35
C GLU G 210 -80.94 109.06 26.75
N THR G 211 -81.81 109.17 25.74
CA THR G 211 -82.28 110.44 25.19
C THR G 211 -83.74 110.70 25.51
N ALA G 212 -84.56 109.66 25.62
CA ALA G 212 -85.86 109.82 26.27
C ALA G 212 -85.67 110.22 27.73
N ALA G 213 -84.66 109.65 28.38
CA ALA G 213 -84.31 110.00 29.75
C ALA G 213 -83.89 111.46 29.91
N ILE G 214 -83.47 112.11 28.84
CA ILE G 214 -83.10 113.53 28.84
C ILE G 214 -84.30 114.37 28.44
N CYS G 215 -85.07 113.90 27.46
CA CYS G 215 -86.25 114.63 27.01
C CYS G 215 -87.28 114.78 28.12
N ASP G 216 -87.53 113.73 28.91
CA ASP G 216 -88.55 113.84 29.96
C ASP G 216 -88.08 114.77 31.08
N ALA G 217 -86.77 114.90 31.26
CA ALA G 217 -86.23 115.79 32.27
C ALA G 217 -86.33 117.22 31.79
N ILE G 218 -85.96 117.47 30.53
CA ILE G 218 -86.07 118.82 29.99
C ILE G 218 -87.54 119.21 29.83
N PHE G 219 -88.46 118.23 29.73
CA PHE G 219 -89.88 118.53 29.67
C PHE G 219 -90.35 119.02 31.02
N GLN G 220 -89.82 118.42 32.10
CA GLN G 220 -90.26 118.77 33.45
C GLN G 220 -89.48 119.95 34.03
N ASP G 221 -88.25 120.18 33.57
CA ASP G 221 -87.48 121.33 34.01
C ASP G 221 -88.21 122.62 33.69
N GLU G 222 -88.28 123.53 34.66
CA GLU G 222 -89.12 124.71 34.54
C GLU G 222 -88.43 125.87 33.84
N GLU G 223 -87.09 125.89 33.83
CA GLU G 223 -86.35 126.87 33.03
C GLU G 223 -86.62 126.71 31.54
N THR G 224 -86.86 125.48 31.09
CA THR G 224 -87.11 125.19 29.68
C THR G 224 -88.36 125.89 29.18
N GLU G 225 -88.22 126.60 28.07
CA GLU G 225 -89.34 127.35 27.50
C GLU G 225 -90.34 126.42 26.83
N GLY G 226 -91.46 127.01 26.41
CA GLY G 226 -92.64 126.25 26.04
C GLY G 226 -92.62 125.83 24.59
N VAL G 227 -91.98 126.62 23.72
CA VAL G 227 -91.79 126.20 22.32
C VAL G 227 -91.01 124.90 22.27
N VAL G 228 -90.02 124.76 23.16
CA VAL G 228 -89.24 123.54 23.22
C VAL G 228 -90.08 122.41 23.79
N ARG G 229 -90.98 122.71 24.73
CA ARG G 229 -91.88 121.70 25.26
C ARG G 229 -92.79 121.17 24.16
N ARG G 230 -93.40 122.07 23.39
CA ARG G 230 -94.26 121.64 22.30
C ARG G 230 -93.48 120.98 21.18
N PHE G 231 -92.22 121.36 20.97
CA PHE G 231 -91.41 120.69 19.96
C PHE G 231 -91.16 119.25 20.36
N ILE G 232 -90.78 119.03 21.62
CA ILE G 232 -90.55 117.68 22.13
C ILE G 232 -91.84 116.88 22.04
N ALA G 233 -92.97 117.50 22.38
CA ALA G 233 -94.27 116.87 22.19
C ALA G 233 -94.63 116.61 20.74
N GLU G 234 -93.99 117.29 19.78
CA GLU G 234 -94.28 117.22 18.36
C GLU G 234 -93.13 116.66 17.53
N MET G 235 -92.02 116.24 18.14
CA MET G 235 -91.04 115.48 17.37
C MET G 235 -91.68 114.21 16.85
N ARG G 236 -91.54 114.01 15.55
CA ARG G 236 -92.22 112.94 14.82
C ARG G 236 -91.24 112.39 13.82
N GLN G 237 -91.03 111.08 13.88
CA GLN G 237 -90.13 110.38 12.99
C GLN G 237 -90.66 110.41 11.55
N ARG G 238 -89.88 109.82 10.64
CA ARG G 238 -90.25 109.70 9.22
C ARG G 238 -89.83 108.31 8.78
N VAL G 239 -90.80 107.40 8.72
CA VAL G 239 -90.62 106.01 8.29
C VAL G 239 -91.24 105.83 6.92
N GLN G 240 -90.39 105.62 5.91
CA GLN G 240 -90.81 105.32 4.55
C GLN G 240 -90.20 103.98 4.17
N ALA G 241 -91.06 102.99 3.91
CA ALA G 241 -90.67 101.59 3.82
C ALA G 241 -90.33 101.12 2.42
N ASP G 242 -90.79 101.81 1.37
CA ASP G 242 -90.51 101.35 0.01
C ASP G 242 -89.07 101.67 -0.40
N ARG G 243 -88.56 102.82 0.03
CA ARG G 243 -87.13 103.10 -0.12
C ARG G 243 -86.32 102.41 0.98
N ASN G 244 -86.97 101.97 2.06
CA ASN G 244 -86.30 101.36 3.20
C ASN G 244 -85.43 102.40 3.91
N VAL G 245 -86.09 103.47 4.35
CA VAL G 245 -85.47 104.56 5.08
C VAL G 245 -86.33 104.89 6.28
N VAL G 246 -85.66 105.23 7.37
CA VAL G 246 -86.28 105.74 8.58
C VAL G 246 -85.42 106.88 9.07
N ASN G 247 -86.04 107.80 9.79
CA ASN G 247 -85.38 108.96 10.37
C ASN G 247 -85.99 109.18 11.74
N TYR G 248 -85.16 109.03 12.79
CA TYR G 248 -85.53 109.11 14.19
C TYR G 248 -84.86 110.30 14.86
N PRO G 249 -85.53 111.02 15.77
CA PRO G 249 -84.83 112.06 16.52
C PRO G 249 -83.88 111.49 17.55
N SER G 250 -82.92 112.32 17.93
CA SER G 250 -81.93 111.96 18.93
C SER G 250 -81.33 113.23 19.48
N ILE G 251 -80.72 113.10 20.65
CA ILE G 251 -79.98 114.15 21.32
C ILE G 251 -78.60 113.61 21.64
N LEU G 252 -77.58 114.35 21.20
CA LEU G 252 -76.21 113.90 21.23
C LEU G 252 -75.29 115.09 21.39
N HIS G 253 -74.16 114.84 22.00
CA HIS G 253 -73.07 115.78 21.94
C HIS G 253 -72.52 115.74 20.52
N PRO G 254 -72.03 116.88 19.97
CA PRO G 254 -71.59 116.87 18.55
C PRO G 254 -70.50 115.86 18.22
N ILE G 255 -69.64 115.55 19.19
CA ILE G 255 -68.67 114.47 19.04
C ILE G 255 -69.39 113.14 18.88
N ASP G 256 -70.38 112.90 19.74
CA ASP G 256 -71.15 111.67 19.70
C ASP G 256 -71.92 111.59 18.40
N HIS G 257 -72.45 112.73 17.95
CA HIS G 257 -73.14 112.78 16.67
C HIS G 257 -72.20 112.45 15.54
N ALA G 258 -70.94 112.86 15.65
CA ALA G 258 -69.96 112.56 14.62
C ALA G 258 -69.71 111.06 14.53
N PHE G 259 -69.46 110.42 15.68
CA PHE G 259 -69.24 108.98 15.69
C PHE G 259 -70.44 108.22 15.15
N ASN G 260 -71.64 108.61 15.57
CA ASN G 260 -72.83 107.85 15.27
C ASN G 260 -73.48 108.22 13.94
N GLU G 261 -73.06 109.32 13.28
CA GLU G 261 -73.38 109.54 11.88
C GLU G 261 -72.32 108.94 10.97
N TYR G 262 -71.07 108.84 11.44
CA TYR G 262 -70.08 108.11 10.68
C TYR G 262 -70.50 106.65 10.53
N PHE G 263 -70.87 106.01 11.65
CA PHE G 263 -71.25 104.60 11.64
C PHE G 263 -72.46 104.31 10.76
N LEU G 264 -73.29 105.30 10.48
CA LEU G 264 -74.46 105.20 9.62
C LEU G 264 -74.09 105.49 8.17
N GLN G 265 -73.43 106.62 7.93
CA GLN G 265 -73.11 107.02 6.57
C GLN G 265 -71.88 106.31 6.01
N HIS G 266 -71.24 105.40 6.74
CA HIS G 266 -70.03 104.70 6.26
C HIS G 266 -70.08 103.23 6.68
N GLN G 267 -71.22 102.61 6.45
CA GLN G 267 -71.37 101.17 6.68
C GLN G 267 -70.63 100.40 5.60
N LEU G 268 -70.60 99.08 5.75
CA LEU G 268 -70.20 98.16 4.68
C LEU G 268 -71.13 96.94 4.67
N VAL G 269 -72.26 97.09 4.00
CA VAL G 269 -73.14 95.98 3.65
C VAL G 269 -73.77 96.30 2.29
N GLU G 270 -73.50 95.45 1.31
CA GLU G 270 -73.83 95.66 -0.09
C GLU G 270 -75.06 94.84 -0.47
N PRO G 271 -75.82 95.23 -1.50
CA PRO G 271 -76.92 94.39 -1.96
C PRO G 271 -76.43 93.09 -2.53
N LEU G 272 -77.10 92.00 -2.14
CA LEU G 272 -76.80 90.67 -2.63
C LEU G 272 -77.87 90.22 -3.62
N ASN G 273 -77.45 89.36 -4.53
CA ASN G 273 -78.29 88.86 -5.61
C ASN G 273 -77.50 87.76 -6.31
N ASN G 274 -78.20 86.99 -7.15
CA ASN G 274 -77.64 85.76 -7.68
C ASN G 274 -76.43 86.02 -8.59
N ASP G 275 -76.48 87.07 -9.41
CA ASP G 275 -75.39 87.33 -10.35
C ASP G 275 -74.07 87.69 -9.65
N ILE G 276 -74.14 88.38 -8.50
CA ILE G 276 -72.93 88.68 -7.76
C ILE G 276 -72.34 87.40 -7.21
N ILE G 277 -73.18 86.45 -6.83
CA ILE G 277 -72.68 85.17 -6.34
C ILE G 277 -72.06 84.41 -7.50
N PHE G 278 -72.67 84.49 -8.67
CA PHE G 278 -72.16 83.83 -9.86
C PHE G 278 -70.78 84.35 -10.23
N ASN G 279 -70.57 85.65 -10.05
CA ASN G 279 -69.25 86.22 -10.31
C ASN G 279 -68.27 85.92 -9.19
N TYR G 280 -68.75 85.85 -7.95
CA TYR G 280 -67.91 85.59 -6.78
C TYR G 280 -67.24 84.22 -6.85
N ILE G 281 -67.89 83.25 -7.49
CA ILE G 281 -67.34 81.93 -7.79
C ILE G 281 -66.12 82.14 -8.68
N PRO G 282 -65.05 81.32 -8.60
CA PRO G 282 -63.95 81.47 -9.57
C PRO G 282 -64.42 81.24 -11.00
N GLU G 283 -63.63 81.77 -11.93
CA GLU G 283 -64.12 81.90 -13.31
C GLU G 283 -64.15 80.55 -14.03
N ARG G 284 -63.05 79.81 -14.00
CA ARG G 284 -62.96 78.56 -14.77
C ARG G 284 -63.39 77.33 -13.98
N ILE G 285 -64.21 77.52 -12.95
CA ILE G 285 -65.04 76.46 -12.40
C ILE G 285 -66.44 76.55 -12.97
N ARG G 286 -67.00 77.76 -13.01
CA ARG G 286 -68.29 77.96 -13.66
C ARG G 286 -68.21 77.99 -15.19
N ASN G 287 -67.04 77.77 -15.79
CA ASN G 287 -66.91 77.38 -17.18
C ASN G 287 -66.70 75.88 -17.36
N ASP G 288 -66.48 75.14 -16.26
CA ASP G 288 -66.12 73.73 -16.33
C ASP G 288 -67.42 72.93 -16.37
N VAL G 289 -67.61 72.19 -17.46
CA VAL G 289 -68.83 71.38 -17.63
C VAL G 289 -68.97 70.33 -16.54
N ASN G 290 -67.86 69.86 -15.98
CA ASN G 290 -67.92 68.83 -14.94
C ASN G 290 -68.58 69.31 -13.65
N TYR G 291 -68.71 70.63 -13.43
CA TYR G 291 -69.30 71.19 -12.22
C TYR G 291 -70.52 71.98 -12.65
N ILE G 292 -71.69 71.57 -12.16
CA ILE G 292 -72.97 72.20 -12.42
C ILE G 292 -73.36 73.03 -11.22
N LEU G 293 -73.99 74.19 -11.47
CA LEU G 293 -74.27 75.17 -10.44
C LEU G 293 -75.60 75.84 -10.76
N ASN G 294 -76.52 75.85 -9.80
CA ASN G 294 -77.87 76.38 -9.97
C ASN G 294 -78.34 77.03 -8.68
N MET G 295 -79.17 78.07 -8.83
CA MET G 295 -79.74 78.82 -7.72
C MET G 295 -81.15 78.30 -7.45
N ASP G 296 -81.25 77.32 -6.56
CA ASP G 296 -82.52 76.71 -6.16
C ASP G 296 -83.02 77.31 -4.85
N ARG G 297 -82.69 78.58 -4.60
CA ARG G 297 -83.16 79.32 -3.45
C ARG G 297 -83.37 80.74 -3.97
N ASN G 298 -83.92 81.60 -3.12
CA ASN G 298 -84.29 82.96 -3.49
C ASN G 298 -83.79 83.90 -2.41
N LEU G 299 -83.36 85.07 -2.84
CA LEU G 299 -82.82 86.11 -1.97
C LEU G 299 -83.55 87.40 -2.29
N PRO G 300 -84.35 87.99 -1.38
CA PRO G 300 -85.09 89.21 -1.77
C PRO G 300 -84.17 90.40 -1.87
N SER G 301 -84.74 91.58 -2.14
CA SER G 301 -83.96 92.81 -2.21
C SER G 301 -83.42 93.27 -0.85
N THR G 302 -83.83 92.65 0.25
CA THR G 302 -83.37 93.00 1.59
C THR G 302 -82.06 92.31 1.95
N ALA G 303 -81.67 91.25 1.23
CA ALA G 303 -80.48 90.51 1.62
C ALA G 303 -79.23 91.35 1.43
N ARG G 304 -78.28 91.12 2.31
CA ARG G 304 -77.00 91.82 2.31
C ARG G 304 -75.90 90.83 2.67
N TYR G 305 -74.71 91.19 2.26
CA TYR G 305 -73.49 90.46 2.59
C TYR G 305 -72.43 91.49 2.91
N ILE G 306 -71.23 91.01 3.19
CA ILE G 306 -70.06 91.84 3.43
C ILE G 306 -68.93 91.32 2.58
N ARG G 307 -68.53 92.11 1.59
CA ARG G 307 -67.45 91.72 0.70
C ARG G 307 -66.17 91.66 1.53
N PRO G 308 -65.37 90.59 1.46
CA PRO G 308 -64.11 90.60 2.18
C PRO G 308 -63.06 91.43 1.45
N ASN G 309 -61.98 91.73 2.17
CA ASN G 309 -60.90 92.59 1.69
C ASN G 309 -59.79 91.70 1.15
N LEU G 310 -59.86 91.42 -0.15
CA LEU G 310 -58.86 90.68 -0.90
C LEU G 310 -57.86 91.62 -1.56
N LEU G 311 -57.34 92.55 -0.76
CA LEU G 311 -56.28 93.43 -1.20
C LEU G 311 -55.00 92.64 -1.02
N GLN G 312 -54.26 92.46 -2.11
CA GLN G 312 -53.16 91.51 -2.18
C GLN G 312 -52.06 91.86 -1.19
N ASP G 313 -51.12 90.91 -1.03
CA ASP G 313 -50.03 91.00 -0.07
C ASP G 313 -49.21 92.27 -0.27
N ARG G 314 -49.36 93.20 0.67
CA ARG G 314 -48.71 94.50 0.72
C ARG G 314 -47.62 94.57 1.78
N LEU G 315 -47.07 93.42 2.19
CA LEU G 315 -45.86 93.32 2.99
C LEU G 315 -44.70 92.67 2.27
N ASN G 316 -44.95 91.92 1.19
CA ASN G 316 -43.94 91.30 0.35
C ASN G 316 -43.09 90.34 1.18
N LEU G 317 -43.77 89.31 1.66
CA LEU G 317 -43.14 88.19 2.33
C LEU G 317 -42.30 87.31 1.41
N HIS G 318 -42.44 87.46 0.08
CA HIS G 318 -41.62 86.72 -0.88
C HIS G 318 -40.19 87.25 -1.01
N ASP G 319 -39.78 88.27 -0.26
CA ASP G 319 -38.39 88.71 -0.25
C ASP G 319 -37.97 89.21 1.13
N ASN G 320 -36.99 88.50 1.71
CA ASN G 320 -36.36 88.81 2.98
C ASN G 320 -37.26 88.53 4.18
N PHE G 321 -38.21 87.61 4.04
CA PHE G 321 -38.98 87.07 5.15
C PHE G 321 -39.10 85.57 4.96
N GLU G 322 -37.94 84.95 4.74
CA GLU G 322 -37.85 83.59 4.22
C GLU G 322 -38.55 82.59 5.15
N SER G 323 -38.44 82.80 6.46
CA SER G 323 -38.97 81.85 7.44
C SER G 323 -40.48 81.93 7.55
N LEU G 324 -41.01 83.16 7.62
CA LEU G 324 -42.45 83.36 7.63
C LEU G 324 -43.08 82.80 6.37
N TRP G 325 -42.41 83.00 5.24
CA TRP G 325 -42.92 82.50 3.98
C TRP G 325 -42.88 80.98 3.97
N ASP G 326 -41.83 80.41 4.57
CA ASP G 326 -41.73 78.96 4.73
C ASP G 326 -42.87 78.43 5.56
N THR G 327 -43.22 79.11 6.64
CA THR G 327 -44.32 78.66 7.49
C THR G 327 -45.65 78.73 6.74
N ILE G 328 -45.90 79.86 6.08
CA ILE G 328 -47.13 80.05 5.31
C ILE G 328 -47.25 78.99 4.22
N THR G 329 -46.15 78.75 3.52
CA THR G 329 -46.12 77.78 2.45
C THR G 329 -46.39 76.39 2.97
N THR G 330 -45.77 76.05 4.10
CA THR G 330 -45.99 74.76 4.74
C THR G 330 -47.45 74.62 5.15
N SER G 331 -48.03 75.68 5.70
CA SER G 331 -49.41 75.64 6.15
C SER G 331 -50.36 75.40 4.98
N ASN G 332 -50.17 76.15 3.89
CA ASN G 332 -51.02 75.98 2.72
C ASN G 332 -50.81 74.61 2.08
N TYR G 333 -49.57 74.10 2.12
CA TYR G 333 -49.29 72.74 1.65
C TYR G 333 -50.08 71.70 2.42
N ILE G 334 -50.03 71.78 3.75
CA ILE G 334 -50.70 70.81 4.60
C ILE G 334 -52.21 70.93 4.47
N LEU G 335 -52.71 72.15 4.27
CA LEU G 335 -54.12 72.30 3.95
C LEU G 335 -54.45 71.56 2.66
N ALA G 336 -53.68 71.85 1.61
CA ALA G 336 -53.98 71.32 0.30
C ALA G 336 -53.89 69.80 0.26
N ARG G 337 -53.07 69.19 1.12
CA ARG G 337 -53.07 67.73 1.19
C ARG G 337 -54.42 67.19 1.64
N SER G 338 -55.14 67.93 2.47
CA SER G 338 -56.39 67.43 3.03
C SER G 338 -57.46 67.31 1.96
N VAL G 339 -57.54 68.30 1.07
CA VAL G 339 -58.63 68.36 0.10
C VAL G 339 -58.36 67.57 -1.18
N VAL G 340 -57.12 67.23 -1.45
CA VAL G 340 -56.82 66.42 -2.64
C VAL G 340 -57.44 65.04 -2.47
N PRO G 341 -58.21 64.51 -3.45
CA PRO G 341 -58.87 63.24 -3.20
C PRO G 341 -57.88 62.09 -3.17
N ASP G 342 -58.27 61.03 -2.50
CA ASP G 342 -57.52 59.79 -2.51
C ASP G 342 -57.82 59.05 -3.80
N LEU G 343 -56.77 58.48 -4.39
CA LEU G 343 -56.97 57.61 -5.55
C LEU G 343 -57.71 56.37 -5.10
N LYS G 344 -58.26 55.66 -6.08
CA LYS G 344 -59.12 54.52 -5.78
C LYS G 344 -59.18 53.59 -6.98
N GLU G 345 -59.55 52.33 -6.68
CA GLU G 345 -59.67 51.26 -7.66
C GLU G 345 -58.34 51.08 -8.36
N LEU G 346 -57.29 51.03 -7.54
CA LEU G 346 -55.92 50.87 -7.99
C LEU G 346 -55.69 49.44 -8.45
N VAL G 347 -54.47 49.15 -8.83
CA VAL G 347 -54.02 47.81 -9.18
C VAL G 347 -53.61 47.09 -7.91
N SER G 348 -53.80 45.77 -7.88
CA SER G 348 -53.35 44.97 -6.76
C SER G 348 -51.83 45.07 -6.63
N THR G 349 -51.37 45.28 -5.39
CA THR G 349 -49.94 45.45 -5.15
C THR G 349 -49.18 44.16 -5.48
N GLU G 350 -49.64 43.03 -4.93
CA GLU G 350 -48.88 41.78 -4.93
C GLU G 350 -48.57 41.30 -6.34
N ALA G 351 -49.48 41.56 -7.28
CA ALA G 351 -49.29 41.20 -8.68
C ALA G 351 -48.09 41.92 -9.26
N GLN G 352 -48.04 43.23 -9.04
CA GLN G 352 -46.90 44.03 -9.46
C GLN G 352 -45.62 43.54 -8.82
N ILE G 353 -45.68 43.17 -7.53
CA ILE G 353 -44.48 42.66 -6.84
C ILE G 353 -43.95 41.40 -7.51
N GLN G 354 -44.84 40.43 -7.75
CA GLN G 354 -44.42 39.18 -8.40
C GLN G 354 -43.82 39.43 -9.77
N LYS G 355 -44.50 40.22 -10.61
CA LYS G 355 -44.03 40.34 -12.00
C LYS G 355 -42.73 41.14 -12.04
N MET G 356 -42.60 42.15 -11.20
CA MET G 356 -41.37 42.94 -11.16
C MET G 356 -40.21 42.09 -10.67
N SER G 357 -40.47 41.21 -9.70
CA SER G 357 -39.41 40.32 -9.21
C SER G 357 -38.92 39.40 -10.32
N GLN G 358 -39.86 38.79 -11.06
CA GLN G 358 -39.44 37.81 -12.08
C GLN G 358 -38.92 38.50 -13.34
N ASP G 359 -39.37 39.72 -13.63
CA ASP G 359 -38.83 40.49 -14.76
C ASP G 359 -37.41 40.96 -14.49
N LEU G 360 -37.19 41.55 -13.32
CA LEU G 360 -35.90 42.14 -13.02
C LEU G 360 -34.88 41.08 -12.67
N GLN G 361 -35.32 39.98 -12.05
CA GLN G 361 -34.48 38.85 -11.69
C GLN G 361 -33.31 39.26 -10.80
N LEU G 362 -33.66 39.74 -9.62
CA LEU G 362 -32.67 40.19 -8.66
C LEU G 362 -31.92 39.01 -8.04
N GLU G 363 -32.49 37.80 -8.11
CA GLU G 363 -31.85 36.61 -7.58
C GLU G 363 -30.86 35.96 -8.59
N ALA G 364 -30.44 36.70 -9.63
CA ALA G 364 -29.44 36.27 -10.60
C ALA G 364 -28.35 37.34 -10.72
N LEU G 365 -28.01 37.99 -9.61
CA LEU G 365 -26.95 38.98 -9.56
C LEU G 365 -26.18 38.76 -8.26
N THR G 366 -25.05 39.46 -8.13
CA THR G 366 -24.15 39.33 -6.98
C THR G 366 -24.31 40.51 -6.03
N ILE G 367 -25.57 40.95 -5.80
CA ILE G 367 -25.88 42.13 -5.02
C ILE G 367 -26.36 41.73 -3.63
N GLN G 368 -26.15 42.64 -2.66
CA GLN G 368 -26.63 42.49 -1.28
C GLN G 368 -27.93 43.26 -1.01
N SER G 369 -28.67 43.64 -2.05
CA SER G 369 -29.94 44.34 -1.94
C SER G 369 -30.93 43.80 -2.96
N GLU G 370 -30.97 42.48 -3.08
CA GLU G 370 -31.84 41.82 -4.05
C GLU G 370 -33.31 41.73 -3.62
N THR G 371 -33.69 42.34 -2.50
CA THR G 371 -35.07 42.37 -2.00
C THR G 371 -35.49 43.80 -1.64
N GLN G 372 -34.55 44.65 -1.21
CA GLN G 372 -34.85 46.00 -0.73
C GLN G 372 -35.49 46.89 -1.80
N PHE G 373 -35.27 46.60 -3.08
CA PHE G 373 -35.68 47.52 -4.15
C PHE G 373 -37.18 47.61 -4.25
N LEU G 374 -37.87 46.49 -4.00
CA LEU G 374 -39.33 46.40 -4.06
C LEU G 374 -39.94 46.60 -2.67
N THR G 375 -39.52 47.71 -2.07
CA THR G 375 -40.04 48.26 -0.82
C THR G 375 -40.62 49.62 -1.11
N GLY G 376 -41.65 49.98 -0.35
CA GLY G 376 -42.41 51.18 -0.61
C GLY G 376 -43.37 51.11 -1.78
N ILE G 377 -43.48 49.97 -2.46
CA ILE G 377 -44.40 49.82 -3.58
C ILE G 377 -45.87 49.86 -3.13
N ASN G 378 -46.15 49.67 -1.84
CA ASN G 378 -47.47 49.66 -1.22
C ASN G 378 -48.38 50.84 -1.56
N SER G 379 -49.68 50.65 -1.38
CA SER G 379 -50.54 51.80 -1.11
C SER G 379 -50.15 52.44 0.22
N GLN G 380 -50.74 53.61 0.46
CA GLN G 380 -50.44 54.60 1.49
C GLN G 380 -49.18 55.43 1.17
N ALA G 381 -48.41 55.08 0.13
CA ALA G 381 -47.36 55.91 -0.44
C ALA G 381 -47.73 56.48 -1.80
N ALA G 382 -48.54 55.76 -2.57
CA ALA G 382 -49.06 56.29 -3.82
C ALA G 382 -49.93 57.53 -3.57
N ASN G 383 -50.88 57.42 -2.64
CA ASN G 383 -51.72 58.57 -2.34
C ASN G 383 -50.99 59.67 -1.61
N ASP G 384 -49.97 59.30 -0.83
CA ASP G 384 -49.06 60.27 -0.23
C ASP G 384 -48.40 61.12 -1.30
N CYS G 385 -47.88 60.49 -2.35
CA CYS G 385 -47.28 61.23 -3.44
C CYS G 385 -48.30 62.06 -4.20
N PHE G 386 -49.48 61.48 -4.48
CA PHE G 386 -50.53 62.19 -5.20
C PHE G 386 -50.94 63.46 -4.47
N LYS G 387 -50.95 63.42 -3.13
CA LYS G 387 -51.20 64.63 -2.37
C LYS G 387 -49.99 65.54 -2.39
N THR G 388 -48.79 64.99 -2.32
CA THR G 388 -47.59 65.78 -2.17
C THR G 388 -47.34 66.66 -3.39
N LEU G 389 -47.46 66.07 -4.58
CA LEU G 389 -47.24 66.82 -5.83
C LEU G 389 -48.19 67.99 -5.96
N ILE G 390 -49.49 67.71 -5.86
CA ILE G 390 -50.51 68.74 -6.04
C ILE G 390 -50.40 69.79 -4.94
N ALA G 391 -50.20 69.37 -3.70
CA ALA G 391 -50.17 70.33 -2.62
C ALA G 391 -48.91 71.18 -2.65
N ALA G 392 -47.83 70.65 -3.22
CA ALA G 392 -46.60 71.42 -3.31
C ALA G 392 -46.61 72.36 -4.49
N MET G 393 -47.34 72.03 -5.56
CA MET G 393 -47.45 72.95 -6.68
C MET G 393 -48.51 74.01 -6.41
N LEU G 394 -49.53 73.69 -5.63
CA LEU G 394 -50.53 74.67 -5.24
C LEU G 394 -50.03 75.62 -4.16
N SER G 395 -49.07 75.17 -3.34
CA SER G 395 -48.51 75.97 -2.26
C SER G 395 -47.19 76.64 -2.61
N GLN G 396 -46.54 76.24 -3.72
CA GLN G 396 -45.17 76.64 -4.03
C GLN G 396 -44.22 76.24 -2.90
N ARG G 397 -44.47 75.05 -2.36
CA ARG G 397 -43.63 74.40 -1.36
C ARG G 397 -42.57 73.59 -2.09
N THR G 398 -41.38 74.19 -2.19
CA THR G 398 -40.21 73.47 -2.66
C THR G 398 -40.09 72.16 -1.92
N MET G 399 -39.86 71.10 -2.68
CA MET G 399 -39.72 69.75 -2.17
C MET G 399 -38.44 69.17 -2.74
N SER G 400 -37.96 68.13 -2.07
CA SER G 400 -36.67 67.53 -2.32
C SER G 400 -36.86 66.14 -2.87
N LEU G 401 -35.73 65.53 -3.24
CA LEU G 401 -35.69 64.20 -3.83
C LEU G 401 -34.74 63.38 -2.99
N ASP G 402 -35.25 62.29 -2.44
CA ASP G 402 -34.47 61.36 -1.61
C ASP G 402 -34.56 60.00 -2.27
N PHE G 403 -33.41 59.41 -2.58
CA PHE G 403 -33.41 58.18 -3.36
C PHE G 403 -32.12 57.42 -3.15
N VAL G 404 -32.22 56.11 -3.32
CA VAL G 404 -31.10 55.19 -3.35
C VAL G 404 -30.75 55.01 -4.82
N THR G 405 -29.56 55.44 -5.21
CA THR G 405 -29.20 55.52 -6.63
C THR G 405 -28.80 54.20 -7.25
N THR G 406 -29.00 53.06 -6.57
CA THR G 406 -28.94 51.75 -7.19
C THR G 406 -30.28 51.30 -7.69
N ASN G 407 -31.37 51.74 -7.04
CA ASN G 407 -32.69 51.38 -7.51
C ASN G 407 -32.97 52.18 -8.77
N TYR G 408 -32.68 51.58 -9.92
CA TYR G 408 -32.87 52.24 -11.19
C TYR G 408 -34.34 52.48 -11.53
N MET G 409 -35.27 51.76 -10.89
CA MET G 409 -36.68 52.04 -11.11
C MET G 409 -37.06 53.38 -10.50
N SER G 410 -36.44 53.73 -9.37
CA SER G 410 -36.61 55.07 -8.79
C SER G 410 -36.20 56.15 -9.79
N LEU G 411 -35.14 55.90 -10.55
CA LEU G 411 -34.63 56.92 -11.47
C LEU G 411 -35.50 56.98 -12.72
N ILE G 412 -35.90 55.82 -13.23
CA ILE G 412 -36.87 55.75 -14.33
C ILE G 412 -38.17 56.46 -13.97
N SER G 413 -38.56 56.42 -12.70
CA SER G 413 -39.76 57.11 -12.26
C SER G 413 -39.47 58.58 -12.03
N GLY G 414 -38.23 58.91 -11.65
CA GLY G 414 -37.94 60.29 -11.39
C GLY G 414 -37.67 61.09 -12.65
N MET G 415 -37.31 60.43 -13.76
CA MET G 415 -37.21 61.19 -15.00
C MET G 415 -38.61 61.62 -15.45
N TRP G 416 -39.60 60.76 -15.26
CA TRP G 416 -41.00 61.11 -15.45
C TRP G 416 -41.40 62.28 -14.57
N LEU G 417 -40.98 62.22 -13.30
CA LEU G 417 -41.28 63.29 -12.36
C LEU G 417 -40.71 64.61 -12.81
N LEU G 418 -39.41 64.62 -13.16
CA LEU G 418 -38.77 65.80 -13.73
C LEU G 418 -39.45 66.25 -15.01
N THR G 419 -40.01 65.32 -15.78
CA THR G 419 -40.64 65.65 -17.05
C THR G 419 -41.91 66.43 -16.80
N VAL G 420 -42.81 65.88 -16.00
CA VAL G 420 -44.11 66.52 -15.82
C VAL G 420 -43.98 67.71 -14.86
N VAL G 421 -43.34 67.53 -13.71
CA VAL G 421 -43.25 68.61 -12.73
C VAL G 421 -42.12 69.55 -13.15
N PRO G 422 -42.33 70.88 -13.18
CA PRO G 422 -41.25 71.77 -13.61
C PRO G 422 -40.03 71.68 -12.72
N ASN G 423 -38.88 72.06 -13.27
CA ASN G 423 -37.63 71.87 -12.56
C ASN G 423 -37.47 72.86 -11.42
N ASP G 424 -38.01 74.06 -11.55
CA ASP G 424 -37.86 75.04 -10.49
C ASP G 424 -38.59 74.65 -9.22
N MET G 425 -39.61 73.80 -9.30
CA MET G 425 -40.35 73.35 -8.12
C MET G 425 -39.52 72.49 -7.17
N PHE G 426 -38.34 72.01 -7.59
CA PHE G 426 -37.46 71.21 -6.76
C PHE G 426 -36.25 72.06 -6.44
N ILE G 427 -35.73 71.89 -5.23
CA ILE G 427 -34.41 72.39 -4.89
C ILE G 427 -33.37 71.91 -5.90
N ARG G 428 -32.51 72.86 -6.31
CA ARG G 428 -31.54 72.61 -7.38
C ARG G 428 -30.56 71.52 -7.05
N GLU G 429 -30.16 71.39 -5.78
CA GLU G 429 -29.11 70.44 -5.42
C GLU G 429 -29.57 69.01 -5.63
N SER G 430 -30.76 68.67 -5.11
CA SER G 430 -31.23 67.30 -5.24
C SER G 430 -31.70 67.02 -6.66
N LEU G 431 -32.17 68.05 -7.36
CA LEU G 431 -32.51 67.90 -8.77
C LEU G 431 -31.29 67.59 -9.60
N VAL G 432 -30.21 68.35 -9.38
CA VAL G 432 -28.92 68.07 -10.03
C VAL G 432 -28.47 66.66 -9.70
N ALA G 433 -28.65 66.23 -8.45
CA ALA G 433 -28.27 64.88 -8.04
C ALA G 433 -29.07 63.83 -8.82
N CYS G 434 -30.38 64.02 -8.89
CA CYS G 434 -31.26 63.09 -9.57
C CYS G 434 -30.92 63.01 -11.05
N GLN G 435 -30.77 64.16 -11.70
CA GLN G 435 -30.40 64.20 -13.12
C GLN G 435 -29.04 63.55 -13.33
N LEU G 436 -28.10 63.76 -12.41
CA LEU G 436 -26.76 63.23 -12.58
C LEU G 436 -26.76 61.72 -12.45
N ALA G 437 -27.56 61.21 -11.51
CA ALA G 437 -27.71 59.77 -11.38
C ALA G 437 -28.34 59.17 -12.63
N ILE G 438 -29.42 59.82 -13.12
CA ILE G 438 -30.11 59.40 -14.35
C ILE G 438 -29.15 59.33 -15.52
N ILE G 439 -28.40 60.42 -15.76
CA ILE G 439 -27.41 60.49 -16.83
C ILE G 439 -26.41 59.36 -16.67
N ASN G 440 -25.65 59.39 -15.57
CA ASN G 440 -24.51 58.53 -15.35
C ASN G 440 -24.87 57.06 -15.17
N THR G 441 -26.16 56.72 -15.01
CA THR G 441 -26.60 55.34 -14.83
C THR G 441 -27.44 54.80 -15.97
N ILE G 442 -28.03 55.66 -16.82
CA ILE G 442 -28.91 55.22 -17.90
C ILE G 442 -28.44 55.73 -19.25
N ILE G 443 -28.24 57.04 -19.38
CA ILE G 443 -28.23 57.66 -20.69
C ILE G 443 -26.90 57.45 -21.39
N TYR G 444 -25.84 58.04 -20.84
CA TYR G 444 -24.50 57.96 -21.40
C TYR G 444 -23.98 56.54 -21.58
N PRO G 445 -24.11 55.61 -20.62
CA PRO G 445 -23.76 54.20 -20.92
C PRO G 445 -24.52 53.60 -22.08
N ALA G 446 -25.71 54.11 -22.42
CA ALA G 446 -26.45 53.60 -23.56
C ALA G 446 -25.82 54.06 -24.87
N PHE G 447 -25.31 55.28 -24.92
CA PHE G 447 -24.73 55.85 -26.12
C PHE G 447 -23.21 55.72 -26.20
N GLY G 448 -22.56 55.16 -25.19
CA GLY G 448 -21.15 54.88 -25.23
C GLY G 448 -20.25 56.00 -24.77
N MET G 449 -20.78 56.96 -24.02
CA MET G 449 -20.02 58.09 -23.52
C MET G 449 -19.40 57.77 -22.17
N GLN G 450 -18.41 58.56 -21.79
CA GLN G 450 -17.81 58.48 -20.47
C GLN G 450 -18.58 59.40 -19.55
N ARG G 451 -18.53 59.07 -18.24
CA ARG G 451 -19.60 59.37 -17.29
C ARG G 451 -19.77 60.88 -17.16
N MET G 452 -18.89 61.62 -16.47
CA MET G 452 -19.05 63.08 -16.34
C MET G 452 -17.90 63.54 -15.44
N HIS G 453 -17.68 64.86 -15.41
CA HIS G 453 -16.95 65.58 -14.35
C HIS G 453 -17.64 66.93 -14.20
N TYR G 454 -18.63 67.01 -13.31
CA TYR G 454 -19.53 68.14 -13.22
C TYR G 454 -19.15 69.06 -12.08
N ARG G 455 -19.32 70.37 -12.31
CA ARG G 455 -19.13 71.39 -11.30
C ARG G 455 -20.49 71.78 -10.75
N ASN G 456 -20.71 71.48 -9.46
CA ASN G 456 -21.94 71.84 -8.78
C ASN G 456 -22.15 73.35 -8.63
N GLY G 457 -21.08 74.14 -8.72
CA GLY G 457 -21.18 75.58 -8.94
C GLY G 457 -21.16 75.93 -10.41
N ASP G 458 -22.28 75.69 -11.11
CA ASP G 458 -22.43 75.95 -12.54
C ASP G 458 -23.84 76.45 -12.81
N PRO G 459 -24.05 77.52 -13.60
CA PRO G 459 -25.43 77.88 -13.94
C PRO G 459 -26.11 76.91 -14.89
N GLN G 460 -25.39 75.95 -15.47
CA GLN G 460 -25.89 75.09 -16.54
C GLN G 460 -26.23 73.73 -15.93
N THR G 461 -27.52 73.43 -15.90
CA THR G 461 -28.09 72.21 -15.37
C THR G 461 -27.54 71.03 -16.19
N PRO G 462 -27.39 69.82 -15.59
CA PRO G 462 -26.75 68.71 -16.34
C PRO G 462 -27.46 68.32 -17.62
N PHE G 463 -28.79 68.38 -17.63
CA PHE G 463 -29.50 68.13 -18.87
C PHE G 463 -29.23 69.21 -19.90
N GLN G 464 -28.88 70.43 -19.47
CA GLN G 464 -28.52 71.45 -20.45
C GLN G 464 -27.19 71.13 -21.13
N ILE G 465 -26.31 70.38 -20.46
CA ILE G 465 -25.12 69.86 -21.13
C ILE G 465 -25.49 68.70 -22.03
N ALA G 466 -26.27 67.76 -21.51
CA ALA G 466 -26.62 66.56 -22.28
C ALA G 466 -27.43 66.88 -23.52
N GLU G 467 -28.18 67.98 -23.52
CA GLU G 467 -28.95 68.41 -24.67
C GLU G 467 -28.06 68.67 -25.87
N GLN G 468 -26.85 69.16 -25.63
CA GLN G 468 -25.86 69.44 -26.66
C GLN G 468 -25.00 68.22 -26.95
N GLN G 469 -24.61 67.51 -25.88
CA GLN G 469 -23.72 66.37 -26.05
C GLN G 469 -24.41 65.16 -26.67
N ILE G 470 -25.71 64.96 -26.40
CA ILE G 470 -26.44 63.82 -26.94
C ILE G 470 -26.83 64.09 -28.38
N GLN G 471 -26.30 63.26 -29.30
CA GLN G 471 -26.63 63.35 -30.72
C GLN G 471 -27.69 62.27 -30.99
N ASN G 472 -28.94 62.63 -30.66
CA ASN G 472 -30.12 61.85 -31.00
C ASN G 472 -31.34 62.73 -30.73
N PHE G 473 -32.23 62.87 -31.72
CA PHE G 473 -33.33 63.82 -31.57
C PHE G 473 -34.52 63.30 -30.79
N GLN G 474 -34.65 61.98 -30.63
CA GLN G 474 -35.72 61.39 -29.84
C GLN G 474 -35.64 61.80 -28.38
N VAL G 475 -34.42 61.94 -27.87
CA VAL G 475 -34.17 62.18 -26.47
C VAL G 475 -33.63 63.59 -26.26
N ALA G 476 -32.85 64.11 -27.20
CA ALA G 476 -32.43 65.51 -27.11
C ALA G 476 -33.63 66.44 -27.18
N ASN G 477 -34.69 66.06 -27.92
CA ASN G 477 -35.88 66.90 -27.93
C ASN G 477 -36.59 66.85 -26.58
N TRP G 478 -36.59 65.68 -25.94
CA TRP G 478 -37.15 65.56 -24.59
C TRP G 478 -36.38 66.43 -23.61
N LEU G 479 -35.05 66.36 -23.65
CA LEU G 479 -34.24 67.22 -22.79
C LEU G 479 -34.44 68.69 -23.10
N HIS G 480 -34.66 69.04 -24.37
CA HIS G 480 -34.94 70.41 -24.72
C HIS G 480 -36.24 70.86 -24.09
N PHE G 481 -37.24 69.99 -24.10
CA PHE G 481 -38.51 70.31 -23.45
C PHE G 481 -38.30 70.50 -21.96
N VAL G 482 -37.56 69.58 -21.35
CA VAL G 482 -37.41 69.57 -19.89
C VAL G 482 -36.57 70.74 -19.41
N ASN G 483 -35.59 71.17 -20.20
CA ASN G 483 -34.72 72.25 -19.75
C ASN G 483 -35.45 73.57 -19.73
N ASN G 484 -36.53 73.71 -20.51
CA ASN G 484 -37.35 74.90 -20.57
C ASN G 484 -38.78 74.55 -20.16
N ASN G 485 -38.91 73.63 -19.20
CA ASN G 485 -40.16 73.26 -18.56
C ASN G 485 -40.20 73.96 -17.22
N GLN G 486 -40.55 75.24 -17.24
CA GLN G 486 -40.77 76.04 -16.05
C GLN G 486 -42.22 76.46 -16.03
N PHE G 487 -42.64 76.94 -14.86
CA PHE G 487 -43.98 77.48 -14.74
C PHE G 487 -44.09 78.73 -15.59
N ARG G 488 -45.32 79.17 -15.77
CA ARG G 488 -45.64 80.36 -16.54
C ARG G 488 -46.53 81.24 -15.68
N GLN G 489 -46.11 82.48 -15.53
CA GLN G 489 -46.76 83.43 -14.65
C GLN G 489 -47.84 84.18 -15.40
N VAL G 490 -49.04 84.21 -14.82
CA VAL G 490 -50.16 84.92 -15.42
C VAL G 490 -51.05 85.46 -14.32
N VAL G 491 -51.59 86.66 -14.53
CA VAL G 491 -52.50 87.30 -13.60
C VAL G 491 -53.90 86.99 -14.09
N ILE G 492 -54.73 86.43 -13.22
CA ILE G 492 -56.12 86.10 -13.47
C ILE G 492 -56.90 86.55 -12.26
N ASP G 493 -57.92 87.39 -12.48
CA ASP G 493 -58.81 87.85 -11.41
C ASP G 493 -58.05 88.65 -10.34
N GLY G 494 -56.92 89.27 -10.74
CA GLY G 494 -56.01 89.94 -9.85
C GLY G 494 -54.94 89.03 -9.29
N VAL G 495 -55.24 87.74 -9.07
CA VAL G 495 -54.28 86.84 -8.43
C VAL G 495 -53.29 86.31 -9.44
N LEU G 496 -52.05 86.13 -9.01
CA LEU G 496 -51.06 85.47 -9.84
C LEU G 496 -51.35 83.98 -9.90
N ASN G 497 -50.84 83.33 -10.95
CA ASN G 497 -51.04 81.92 -11.20
C ASN G 497 -49.82 81.38 -11.93
N GLN G 498 -49.37 80.20 -11.49
CA GLN G 498 -48.27 79.46 -12.09
C GLN G 498 -48.85 78.28 -12.86
N VAL G 499 -48.81 78.34 -14.19
CA VAL G 499 -49.46 77.36 -15.06
C VAL G 499 -48.40 76.64 -15.88
N LEU G 500 -48.85 75.63 -16.64
CA LEU G 500 -47.99 74.66 -17.30
C LEU G 500 -48.04 74.86 -18.82
N ASN G 501 -47.29 74.03 -19.54
CA ASN G 501 -46.92 74.30 -20.92
C ASN G 501 -48.02 73.96 -21.94
N ASP G 502 -49.05 73.20 -21.56
CA ASP G 502 -50.21 72.78 -22.38
C ASP G 502 -49.84 71.56 -23.26
N ASN G 503 -48.60 71.09 -23.26
CA ASN G 503 -48.27 69.71 -23.65
C ASN G 503 -48.13 68.77 -22.46
N ILE G 504 -48.33 69.26 -21.24
CA ILE G 504 -48.42 68.44 -20.04
C ILE G 504 -49.88 68.21 -19.65
N ARG G 505 -50.70 69.26 -19.78
CA ARG G 505 -52.10 69.22 -19.42
C ARG G 505 -52.84 68.12 -20.17
N ASN G 506 -52.70 68.11 -21.49
CA ASN G 506 -52.91 66.89 -22.25
C ASN G 506 -51.66 66.03 -22.16
N GLY G 507 -51.86 64.72 -22.06
CA GLY G 507 -50.74 63.82 -21.91
C GLY G 507 -50.20 63.42 -23.25
N HIS G 508 -49.19 64.16 -23.70
CA HIS G 508 -48.58 64.01 -25.02
C HIS G 508 -47.06 63.93 -24.93
N VAL G 509 -46.47 64.57 -23.92
CA VAL G 509 -45.02 64.52 -23.79
C VAL G 509 -44.53 63.17 -23.29
N VAL G 510 -45.40 62.39 -22.63
CA VAL G 510 -45.00 61.05 -22.26
C VAL G 510 -44.75 60.18 -23.47
N ASN G 511 -45.43 60.46 -24.60
CA ASN G 511 -45.11 59.77 -25.84
C ASN G 511 -43.68 60.03 -26.29
N GLN G 512 -43.21 61.28 -26.13
CA GLN G 512 -41.81 61.60 -26.41
C GLN G 512 -40.88 60.87 -25.46
N LEU G 513 -41.24 60.85 -24.16
CA LEU G 513 -40.50 60.07 -23.17
C LEU G 513 -40.38 58.61 -23.57
N MET G 514 -41.48 58.01 -24.03
CA MET G 514 -41.46 56.59 -24.35
C MET G 514 -40.77 56.31 -25.67
N GLU G 515 -40.79 57.25 -26.62
CA GLU G 515 -39.99 57.06 -27.83
C GLU G 515 -38.51 57.05 -27.50
N ALA G 516 -38.06 58.00 -26.67
CA ALA G 516 -36.66 57.99 -26.22
C ALA G 516 -36.32 56.74 -25.43
N LEU G 517 -37.24 56.31 -24.58
CA LEU G 517 -36.98 55.15 -23.72
C LEU G 517 -36.98 53.87 -24.53
N MET G 518 -37.88 53.74 -25.49
CA MET G 518 -37.87 52.57 -26.35
C MET G 518 -36.65 52.56 -27.24
N GLN G 519 -36.07 53.73 -27.54
CA GLN G 519 -34.79 53.71 -28.25
C GLN G 519 -33.69 53.21 -27.32
N LEU G 520 -33.73 53.63 -26.06
CA LEU G 520 -32.80 53.09 -25.07
C LEU G 520 -33.00 51.60 -24.81
N SER G 521 -34.21 51.09 -25.03
CA SER G 521 -34.46 49.67 -24.86
C SER G 521 -33.92 48.85 -26.02
N ARG G 522 -33.92 49.42 -27.23
CA ARG G 522 -33.45 48.74 -28.43
C ARG G 522 -31.92 48.80 -28.59
N GLN G 523 -31.17 49.16 -27.55
CA GLN G 523 -29.81 49.65 -27.65
C GLN G 523 -28.92 48.80 -26.76
N GLN G 524 -27.67 48.66 -27.20
CA GLN G 524 -26.66 47.94 -26.43
C GLN G 524 -25.90 48.93 -25.57
N PHE G 525 -25.63 48.54 -24.35
CA PHE G 525 -24.90 49.33 -23.37
C PHE G 525 -23.47 48.80 -23.43
N PRO G 526 -22.58 49.43 -24.24
CA PRO G 526 -21.48 48.69 -24.91
C PRO G 526 -20.56 47.89 -24.02
N THR G 527 -20.28 48.45 -22.86
CA THR G 527 -19.37 47.86 -21.88
C THR G 527 -20.10 47.27 -20.67
N MET G 528 -21.39 47.56 -20.48
CA MET G 528 -22.09 47.16 -19.27
C MET G 528 -22.22 45.64 -19.13
N PRO G 529 -22.26 45.11 -17.90
CA PRO G 529 -22.61 43.70 -17.71
C PRO G 529 -24.00 43.38 -18.21
N VAL G 530 -24.22 42.11 -18.51
CA VAL G 530 -25.43 41.70 -19.21
C VAL G 530 -26.55 41.39 -18.23
N ASP G 531 -26.23 40.85 -17.06
CA ASP G 531 -27.25 40.65 -16.03
C ASP G 531 -27.82 41.97 -15.53
N TYR G 532 -27.05 43.06 -15.64
CA TYR G 532 -27.48 44.41 -15.29
C TYR G 532 -28.14 45.11 -16.46
N LYS G 533 -27.59 44.90 -17.66
CA LYS G 533 -28.17 45.46 -18.88
C LYS G 533 -29.58 44.97 -19.11
N ARG G 534 -29.81 43.66 -18.98
CA ARG G 534 -31.15 43.11 -19.17
C ARG G 534 -32.11 43.65 -18.13
N SER G 535 -31.63 43.76 -16.90
CA SER G 535 -32.43 44.25 -15.79
C SER G 535 -32.93 45.66 -16.07
N ILE G 536 -32.02 46.57 -16.45
CA ILE G 536 -32.42 47.93 -16.77
C ILE G 536 -33.32 47.94 -18.00
N GLN G 537 -32.84 47.33 -19.08
CA GLN G 537 -33.51 47.33 -20.37
C GLN G 537 -34.89 46.67 -20.34
N ARG G 538 -35.17 45.83 -19.34
CA ARG G 538 -36.51 45.31 -19.07
C ARG G 538 -37.28 46.22 -18.13
N GLY G 539 -36.62 46.78 -17.11
CA GLY G 539 -37.26 47.73 -16.23
C GLY G 539 -37.74 49.00 -16.90
N ILE G 540 -37.14 49.37 -18.02
CA ILE G 540 -37.63 50.48 -18.81
C ILE G 540 -38.95 50.11 -19.47
N LEU G 541 -39.06 48.85 -19.93
CA LEU G 541 -40.27 48.41 -20.60
C LEU G 541 -41.47 48.46 -19.68
N LEU G 542 -41.26 48.27 -18.38
CA LEU G 542 -42.31 48.36 -17.36
C LEU G 542 -43.05 49.69 -17.32
N LEU G 543 -42.49 50.76 -17.90
CA LEU G 543 -43.14 52.04 -18.07
C LEU G 543 -43.42 52.36 -19.53
N SER G 544 -42.73 51.73 -20.47
CA SER G 544 -43.18 51.81 -21.85
C SER G 544 -44.55 51.18 -22.01
N ASN G 545 -44.83 50.12 -21.24
CA ASN G 545 -46.12 49.45 -21.32
C ASN G 545 -47.19 50.10 -20.47
N ARG G 546 -46.83 51.02 -19.55
CA ARG G 546 -47.80 51.79 -18.77
C ARG G 546 -48.11 53.13 -19.45
N LEU G 547 -48.01 53.19 -20.78
CA LEU G 547 -48.05 54.46 -21.51
C LEU G 547 -49.39 55.16 -21.30
N GLY G 548 -50.47 54.50 -21.72
CA GLY G 548 -51.80 55.08 -21.62
C GLY G 548 -52.17 55.39 -20.18
N GLN G 549 -51.78 54.51 -19.26
CA GLN G 549 -52.06 54.72 -17.84
C GLN G 549 -51.35 55.98 -17.33
N LEU G 550 -50.13 56.23 -17.82
CA LEU G 550 -49.41 57.42 -17.39
C LEU G 550 -49.97 58.67 -18.05
N VAL G 551 -50.42 58.56 -19.30
CA VAL G 551 -51.21 59.63 -19.92
C VAL G 551 -52.40 59.99 -19.05
N ASP G 552 -53.13 58.96 -18.60
CA ASP G 552 -54.31 59.16 -17.75
C ASP G 552 -53.92 59.88 -16.46
N LEU G 553 -52.85 59.40 -15.82
CA LEU G 553 -52.31 60.00 -14.61
C LEU G 553 -51.95 61.46 -14.80
N THR G 554 -51.21 61.74 -15.87
CA THR G 554 -50.72 63.09 -16.12
C THR G 554 -51.87 64.07 -16.33
N ARG G 555 -52.84 63.68 -17.16
CA ARG G 555 -54.00 64.52 -17.39
C ARG G 555 -54.81 64.73 -16.12
N LEU G 556 -54.99 63.67 -15.34
CA LEU G 556 -55.74 63.76 -14.09
C LEU G 556 -55.06 64.71 -13.11
N LEU G 557 -53.75 64.52 -12.93
CA LEU G 557 -52.93 65.36 -12.08
C LEU G 557 -53.04 66.82 -12.46
N ALA G 558 -52.87 67.13 -13.75
CA ALA G 558 -52.88 68.52 -14.18
C ALA G 558 -54.27 69.12 -14.07
N TYR G 559 -55.31 68.33 -14.36
CA TYR G 559 -56.68 68.80 -14.20
C TYR G 559 -57.00 69.16 -12.77
N ASN G 560 -56.64 68.29 -11.83
CA ASN G 560 -56.93 68.56 -10.43
C ASN G 560 -56.14 69.75 -9.93
N TYR G 561 -54.89 69.88 -10.39
CA TYR G 561 -54.08 71.03 -10.04
C TYR G 561 -54.67 72.33 -10.55
N GLU G 562 -55.06 72.37 -11.83
CA GLU G 562 -55.55 73.62 -12.39
C GLU G 562 -56.97 73.94 -11.93
N THR G 563 -57.71 72.96 -11.42
CA THR G 563 -59.05 73.23 -10.90
C THR G 563 -59.02 73.63 -9.44
N LEU G 564 -57.98 73.22 -8.70
CA LEU G 564 -57.74 73.74 -7.37
C LEU G 564 -57.04 75.08 -7.40
N MET G 565 -56.28 75.37 -8.47
CA MET G 565 -55.66 76.68 -8.61
C MET G 565 -56.69 77.78 -8.62
N ALA G 566 -57.84 77.55 -9.26
CA ALA G 566 -58.88 78.56 -9.37
C ALA G 566 -59.45 78.95 -8.01
N CYS G 567 -59.37 78.05 -7.02
CA CYS G 567 -59.81 78.31 -5.64
C CYS G 567 -58.65 78.82 -4.79
N ILE G 568 -57.95 79.83 -5.29
CA ILE G 568 -56.87 80.50 -4.59
C ILE G 568 -57.09 82.01 -4.69
N THR G 569 -56.80 82.72 -3.60
CA THR G 569 -57.03 84.15 -3.42
C THR G 569 -55.75 84.92 -3.19
N MET G 570 -54.84 84.36 -2.43
CA MET G 570 -53.53 84.95 -2.23
C MET G 570 -52.66 84.51 -3.38
N ASN G 571 -51.69 85.34 -3.76
CA ASN G 571 -50.81 85.00 -4.86
C ASN G 571 -49.99 83.75 -4.53
N MET G 572 -49.45 83.14 -5.59
CA MET G 572 -48.79 81.84 -5.56
C MET G 572 -47.47 82.13 -6.27
N GLN G 573 -46.55 82.61 -5.46
CA GLN G 573 -45.26 83.12 -5.89
C GLN G 573 -44.17 82.11 -5.56
N HIS G 574 -43.17 82.01 -6.44
CA HIS G 574 -42.16 80.97 -6.32
C HIS G 574 -40.99 81.50 -5.51
N VAL G 575 -40.72 80.89 -4.36
CA VAL G 575 -39.58 81.23 -3.52
C VAL G 575 -39.02 79.95 -2.92
N GLN G 576 -37.72 79.76 -3.05
CA GLN G 576 -37.03 78.67 -2.36
C GLN G 576 -37.20 78.80 -0.86
N THR G 577 -37.87 77.84 -0.24
CA THR G 577 -38.05 77.86 1.20
C THR G 577 -36.83 77.28 1.90
N LEU G 578 -36.72 77.53 3.21
CA LEU G 578 -35.59 77.00 3.96
C LEU G 578 -35.67 75.50 4.06
N THR G 579 -36.68 75.01 4.78
CA THR G 579 -36.90 73.60 4.91
C THR G 579 -37.75 73.16 3.73
N THR G 580 -37.95 71.86 3.61
CA THR G 580 -38.31 71.29 2.31
C THR G 580 -39.01 69.96 2.55
N GLU G 581 -39.98 69.66 1.70
CA GLU G 581 -40.72 68.41 1.80
C GLU G 581 -39.98 67.29 1.11
N LYS G 582 -40.10 66.10 1.68
CA LYS G 582 -39.50 64.91 1.13
C LYS G 582 -40.44 64.34 0.10
N LEU G 583 -39.86 63.73 -0.91
CA LEU G 583 -40.62 63.01 -1.94
C LEU G 583 -39.77 61.80 -2.30
N GLN G 584 -40.02 60.69 -1.62
CA GLN G 584 -39.41 59.43 -2.01
C GLN G 584 -39.82 59.06 -3.42
N LEU G 585 -38.84 58.70 -4.25
CA LEU G 585 -39.16 58.24 -5.59
C LEU G 585 -39.74 56.84 -5.60
N THR G 586 -39.60 56.08 -4.51
CA THR G 586 -40.30 54.81 -4.40
C THR G 586 -41.81 55.05 -4.42
N SER G 587 -42.26 56.12 -3.75
CA SER G 587 -43.66 56.52 -3.81
C SER G 587 -44.06 56.93 -5.22
N VAL G 588 -43.13 57.52 -5.98
CA VAL G 588 -43.45 57.91 -7.35
C VAL G 588 -43.61 56.65 -8.20
N THR G 589 -42.75 55.67 -7.99
CA THR G 589 -42.86 54.39 -8.68
C THR G 589 -44.17 53.70 -8.35
N SER G 590 -44.57 53.75 -7.08
CA SER G 590 -45.86 53.22 -6.64
C SER G 590 -46.98 53.86 -7.43
N LEU G 591 -46.96 55.19 -7.51
CA LEU G 591 -48.00 55.94 -8.18
C LEU G 591 -48.03 55.60 -9.67
N CYS G 592 -46.85 55.46 -10.28
CA CYS G 592 -46.75 55.19 -11.72
C CYS G 592 -47.11 53.76 -12.09
N MET G 593 -47.01 52.82 -11.15
CA MET G 593 -47.22 51.40 -11.41
C MET G 593 -48.48 50.82 -10.76
N LEU G 594 -49.19 51.59 -9.93
CA LEU G 594 -50.44 51.16 -9.29
C LEU G 594 -51.45 52.28 -9.55
N ILE G 595 -52.05 52.23 -10.73
CA ILE G 595 -53.18 53.09 -11.09
C ILE G 595 -53.86 52.57 -12.34
N GLY G 596 -55.17 52.83 -12.46
CA GLY G 596 -55.87 52.78 -13.71
C GLY G 596 -57.37 52.90 -13.54
N ASN G 597 -57.99 53.73 -14.38
CA ASN G 597 -59.41 53.65 -14.72
C ASN G 597 -60.30 53.95 -13.53
N ALA G 598 -59.96 55.02 -12.83
CA ALA G 598 -60.86 55.54 -11.82
C ALA G 598 -60.49 56.99 -11.63
N THR G 599 -61.34 57.87 -12.15
CA THR G 599 -61.10 59.29 -12.11
C THR G 599 -61.56 59.79 -10.76
N VAL G 600 -60.74 60.63 -10.14
CA VAL G 600 -61.08 61.32 -8.91
C VAL G 600 -60.90 62.81 -9.19
N ILE G 601 -61.89 63.59 -8.79
CA ILE G 601 -61.91 65.04 -8.95
C ILE G 601 -62.53 65.63 -7.69
N PRO G 602 -62.23 66.88 -7.35
CA PRO G 602 -62.80 67.44 -6.12
C PRO G 602 -64.31 67.57 -6.20
N SER G 603 -64.98 67.10 -5.17
CA SER G 603 -66.39 67.37 -5.03
C SER G 603 -66.54 68.88 -4.83
N PRO G 604 -67.67 69.49 -5.27
CA PRO G 604 -67.80 70.95 -5.12
C PRO G 604 -67.83 71.42 -3.69
N GLN G 605 -68.20 70.57 -2.73
CA GLN G 605 -68.16 70.98 -1.34
C GLN G 605 -66.72 71.18 -0.88
N THR G 606 -65.80 70.32 -1.33
CA THR G 606 -64.40 70.49 -1.00
C THR G 606 -63.85 71.78 -1.60
N LEU G 607 -64.27 72.10 -2.82
CA LEU G 607 -63.81 73.30 -3.48
C LEU G 607 -64.32 74.53 -2.76
N PHE G 608 -65.59 74.51 -2.38
CA PHE G 608 -66.19 75.60 -1.63
C PHE G 608 -65.50 75.76 -0.29
N HIS G 609 -65.19 74.64 0.38
CA HIS G 609 -64.54 74.67 1.68
C HIS G 609 -63.15 75.28 1.56
N TYR G 610 -62.40 74.85 0.55
CA TYR G 610 -61.06 75.37 0.30
C TYR G 610 -61.10 76.85 -0.01
N TYR G 611 -62.07 77.27 -0.82
CA TYR G 611 -62.19 78.69 -1.16
C TYR G 611 -62.57 79.51 0.05
N ASN G 612 -63.46 78.99 0.91
CA ASN G 612 -63.82 79.67 2.14
C ASN G 612 -62.61 79.84 3.04
N VAL G 613 -61.81 78.78 3.16
CA VAL G 613 -60.60 78.82 4.00
C VAL G 613 -59.64 79.89 3.48
N ASN G 614 -59.38 79.86 2.17
CA ASN G 614 -58.46 80.83 1.58
C ASN G 614 -58.96 82.25 1.75
N VAL G 615 -60.25 82.48 1.51
CA VAL G 615 -60.82 83.83 1.63
C VAL G 615 -60.75 84.30 3.06
N ASN G 616 -61.09 83.42 4.01
CA ASN G 616 -61.08 83.83 5.41
C ASN G 616 -59.68 84.12 5.88
N PHE G 617 -58.70 83.31 5.46
CA PHE G 617 -57.32 83.57 5.82
C PHE G 617 -56.83 84.87 5.22
N HIS G 618 -57.19 85.13 3.97
CA HIS G 618 -56.75 86.35 3.29
C HIS G 618 -57.40 87.58 3.89
N SER G 619 -58.69 87.48 4.20
CA SER G 619 -59.39 88.56 4.85
C SER G 619 -58.82 88.83 6.24
N ASN G 620 -58.53 87.77 6.99
CA ASN G 620 -57.94 87.94 8.31
C ASN G 620 -56.57 88.57 8.22
N TYR G 621 -55.76 88.14 7.25
CA TYR G 621 -54.46 88.74 6.97
C TYR G 621 -54.57 90.24 6.74
N ASN G 622 -55.43 90.63 5.81
CA ASN G 622 -55.57 92.05 5.49
C ASN G 622 -56.15 92.84 6.66
N GLU G 623 -57.11 92.27 7.40
CA GLU G 623 -57.72 93.00 8.51
C GLU G 623 -56.74 93.19 9.66
N ARG G 624 -55.96 92.17 9.99
CA ARG G 624 -54.98 92.32 11.06
C ARG G 624 -53.86 93.26 10.65
N ILE G 625 -53.47 93.26 9.37
CA ILE G 625 -52.54 94.26 8.85
C ILE G 625 -53.12 95.66 9.05
N ASN G 626 -54.39 95.84 8.71
CA ASN G 626 -55.02 97.15 8.83
C ASN G 626 -55.03 97.61 10.28
N ASP G 627 -55.38 96.70 11.19
CA ASP G 627 -55.45 97.04 12.61
C ASP G 627 -54.07 97.37 13.15
N ALA G 628 -53.07 96.57 12.82
CA ALA G 628 -51.72 96.79 13.32
C ALA G 628 -51.14 98.10 12.79
N VAL G 629 -51.35 98.35 11.50
CA VAL G 629 -50.91 99.61 10.89
C VAL G 629 -51.58 100.78 11.56
N ALA G 630 -52.87 100.63 11.88
CA ALA G 630 -53.60 101.72 12.52
C ALA G 630 -53.05 102.03 13.90
N ILE G 631 -52.77 100.99 14.70
CA ILE G 631 -52.29 101.24 16.05
C ILE G 631 -50.88 101.80 16.02
N ILE G 632 -50.03 101.27 15.15
CA ILE G 632 -48.64 101.74 15.03
C ILE G 632 -48.60 103.20 14.58
N THR G 633 -49.32 103.51 13.48
CA THR G 633 -49.36 104.87 12.99
C THR G 633 -49.95 105.82 14.01
N ALA G 634 -51.01 105.39 14.70
CA ALA G 634 -51.67 106.24 15.68
C ALA G 634 -50.76 106.50 16.86
N ALA G 635 -50.00 105.50 17.27
CA ALA G 635 -49.05 105.69 18.36
C ALA G 635 -47.94 106.65 17.95
N ASN G 636 -47.34 106.45 16.77
CA ASN G 636 -46.26 107.34 16.35
C ASN G 636 -46.73 108.76 16.02
N ARG G 637 -48.03 108.97 15.82
CA ARG G 637 -48.60 110.29 15.61
C ARG G 637 -49.16 110.90 16.87
N LEU G 638 -49.45 110.08 17.89
CA LEU G 638 -49.70 110.54 19.24
C LEU G 638 -48.41 110.67 20.06
N ASN G 639 -47.27 110.27 19.52
CA ASN G 639 -45.97 110.43 20.15
C ASN G 639 -45.85 109.66 21.47
N LEU G 640 -46.16 108.37 21.40
CA LEU G 640 -46.05 107.45 22.55
C LEU G 640 -44.73 106.70 22.48
N TYR G 641 -43.67 107.52 22.50
CA TYR G 641 -42.31 107.07 22.27
C TYR G 641 -41.87 105.99 23.26
N GLN G 642 -42.33 106.04 24.51
CA GLN G 642 -41.97 105.02 25.49
C GLN G 642 -42.47 103.64 25.12
N LYS G 643 -43.51 103.54 24.30
CA LYS G 643 -44.05 102.25 23.91
C LYS G 643 -43.09 101.50 23.00
N LYS G 644 -42.87 100.23 23.30
CA LYS G 644 -42.08 99.36 22.45
C LYS G 644 -43.10 98.78 21.48
N MET G 645 -42.63 98.48 20.27
CA MET G 645 -43.50 98.16 19.14
C MET G 645 -43.58 96.69 18.81
N LYS G 646 -42.62 95.87 19.24
CA LYS G 646 -42.70 94.44 18.95
C LYS G 646 -43.82 93.73 19.71
N SER G 647 -44.33 94.32 20.80
CA SER G 647 -45.53 93.80 21.43
C SER G 647 -46.71 93.77 20.46
N ILE G 648 -46.89 94.87 19.71
CA ILE G 648 -47.97 94.96 18.73
C ILE G 648 -47.75 93.95 17.61
N VAL G 649 -46.51 93.74 17.21
CA VAL G 649 -46.21 92.82 16.12
C VAL G 649 -46.46 91.38 16.56
N GLU G 650 -46.06 91.02 17.78
CA GLU G 650 -46.30 89.65 18.20
C GLU G 650 -47.79 89.42 18.44
N ASP G 651 -48.55 90.45 18.82
CA ASP G 651 -50.00 90.31 18.79
C ASP G 651 -50.52 90.07 17.38
N PHE G 652 -49.98 90.82 16.41
CA PHE G 652 -50.35 90.67 15.00
C PHE G 652 -50.09 89.27 14.49
N LEU G 653 -48.95 88.69 14.86
CA LEU G 653 -48.64 87.34 14.43
C LEU G 653 -49.45 86.30 15.18
N LYS G 654 -49.62 86.46 16.50
CA LYS G 654 -50.35 85.48 17.29
C LYS G 654 -51.80 85.39 16.85
N ARG G 655 -52.40 86.51 16.47
CA ARG G 655 -53.79 86.50 16.04
C ARG G 655 -53.95 85.91 14.63
N LEU G 656 -52.87 85.73 13.88
CA LEU G 656 -52.86 84.84 12.72
C LEU G 656 -52.45 83.47 13.25
N GLN G 657 -53.40 82.55 13.31
CA GLN G 657 -53.25 81.36 14.15
C GLN G 657 -52.40 80.26 13.50
N ILE G 658 -51.20 80.59 13.03
CA ILE G 658 -50.26 79.61 12.47
C ILE G 658 -48.82 79.77 12.94
N PHE G 659 -48.47 80.91 13.55
CA PHE G 659 -47.09 81.23 13.88
C PHE G 659 -46.75 80.83 15.31
N ASP G 660 -45.46 80.54 15.53
CA ASP G 660 -44.86 80.35 16.84
C ASP G 660 -43.87 81.49 17.10
N ILE G 661 -44.15 82.31 18.11
CA ILE G 661 -43.50 83.60 18.22
C ILE G 661 -42.20 83.46 19.00
N SER G 662 -42.12 82.51 19.94
CA SER G 662 -40.82 82.20 20.53
C SER G 662 -39.80 81.74 19.49
N ARG G 663 -40.29 81.13 18.41
CA ARG G 663 -39.49 80.51 17.37
C ARG G 663 -38.97 81.49 16.32
N VAL G 664 -39.42 82.75 16.31
CA VAL G 664 -39.11 83.66 15.22
C VAL G 664 -37.83 84.48 15.44
N PRO G 665 -37.06 84.82 14.39
CA PRO G 665 -35.95 85.74 14.58
C PRO G 665 -36.42 87.16 14.87
N ASP G 666 -35.52 87.93 15.47
CA ASP G 666 -35.85 89.31 15.84
C ASP G 666 -35.71 90.24 14.64
N ASP G 667 -34.73 89.97 13.76
CA ASP G 667 -34.52 90.83 12.59
C ASP G 667 -35.73 90.82 11.67
N GLN G 668 -36.43 89.70 11.60
CA GLN G 668 -37.65 89.64 10.83
C GLN G 668 -38.74 90.49 11.47
N MET G 669 -38.82 90.50 12.81
CA MET G 669 -39.77 91.37 13.50
C MET G 669 -39.48 92.84 13.19
N TYR G 670 -38.21 93.22 13.16
CA TYR G 670 -37.87 94.61 12.89
C TYR G 670 -38.02 94.99 11.43
N ARG G 671 -37.67 94.09 10.49
CA ARG G 671 -37.96 94.36 9.08
C ARG G 671 -39.45 94.50 8.83
N LEU G 672 -40.24 93.66 9.50
CA LEU G 672 -41.68 93.72 9.38
C LEU G 672 -42.21 95.06 9.89
N ARG G 673 -41.77 95.46 11.08
CA ARG G 673 -42.02 96.78 11.66
C ARG G 673 -41.71 97.87 10.64
N ASP G 674 -40.50 97.84 10.06
CA ASP G 674 -40.06 98.84 9.10
C ASP G 674 -40.98 98.92 7.89
N ARG G 675 -41.46 97.77 7.41
CA ARG G 675 -42.37 97.75 6.27
C ARG G 675 -43.79 98.14 6.62
N LEU G 676 -44.16 98.08 7.90
CA LEU G 676 -45.48 98.53 8.32
C LEU G 676 -45.56 100.04 8.53
N ARG G 677 -44.45 100.70 8.86
CA ARG G 677 -44.45 102.15 8.98
C ARG G 677 -44.61 102.89 7.65
N LEU G 678 -44.48 102.22 6.51
CA LEU G 678 -44.47 102.86 5.20
C LEU G 678 -45.82 102.84 4.49
N LEU G 679 -46.75 101.96 4.91
CA LEU G 679 -47.91 101.69 4.09
C LEU G 679 -49.01 102.72 4.31
N PRO G 680 -49.96 102.88 3.37
CA PRO G 680 -51.09 103.75 3.67
C PRO G 680 -52.00 103.09 4.68
N VAL G 681 -52.69 103.93 5.43
CA VAL G 681 -53.68 103.50 6.40
C VAL G 681 -55.02 103.38 5.70
N GLU G 682 -55.79 102.37 6.08
CA GLU G 682 -57.14 102.17 5.56
C GLU G 682 -58.01 103.37 5.90
N ILE G 683 -59.11 103.51 5.15
CA ILE G 683 -59.88 104.75 5.18
C ILE G 683 -60.59 104.93 6.52
N ARG G 684 -61.31 103.90 6.97
CA ARG G 684 -62.13 104.03 8.16
C ARG G 684 -61.28 104.24 9.41
N ARG G 685 -60.26 103.40 9.57
CA ARG G 685 -59.38 103.49 10.73
C ARG G 685 -58.61 104.80 10.81
N LEU G 686 -58.48 105.52 9.70
CA LEU G 686 -57.87 106.84 9.65
C LEU G 686 -58.88 107.93 9.94
N ASP G 687 -60.09 107.82 9.38
CA ASP G 687 -61.11 108.84 9.63
C ASP G 687 -61.49 108.90 11.11
N ILE G 688 -61.55 107.75 11.79
CA ILE G 688 -61.85 107.76 13.22
C ILE G 688 -60.76 108.48 14.00
N PHE G 689 -59.51 108.18 13.65
CA PHE G 689 -58.35 108.86 14.23
C PHE G 689 -58.43 110.37 13.99
N ASN G 690 -58.85 110.77 12.79
CA ASN G 690 -58.96 112.20 12.49
C ASN G 690 -60.03 112.85 13.36
N LEU G 691 -61.17 112.19 13.55
CA LEU G 691 -62.22 112.75 14.39
C LEU G 691 -61.77 112.85 15.85
N ILE G 692 -60.96 111.89 16.28
CA ILE G 692 -60.42 111.91 17.64
C ILE G 692 -59.47 113.09 17.81
N LEU G 693 -58.51 113.25 16.90
CA LEU G 693 -57.49 114.28 17.09
C LEU G 693 -58.05 115.69 17.06
N MET G 694 -59.09 115.95 16.27
CA MET G 694 -59.75 117.25 16.33
C MET G 694 -60.69 117.40 17.52
N ASN G 695 -60.77 116.42 18.44
CA ASN G 695 -61.65 116.47 19.59
C ASN G 695 -61.04 115.96 20.88
N MET G 696 -59.91 115.25 20.85
CA MET G 696 -59.30 114.71 22.08
C MET G 696 -58.94 115.84 23.04
N GLU G 697 -58.49 116.97 22.48
CA GLU G 697 -58.22 118.14 23.31
C GLU G 697 -59.50 118.68 23.94
N GLN G 698 -60.65 118.46 23.31
CA GLN G 698 -61.94 118.88 23.84
C GLN G 698 -62.51 117.88 24.84
N ILE G 699 -62.05 116.63 24.80
CA ILE G 699 -62.48 115.61 25.76
C ILE G 699 -61.64 115.71 27.02
N GLU G 700 -60.34 115.95 26.85
CA GLU G 700 -59.42 116.09 27.97
C GLU G 700 -59.77 117.28 28.86
N ARG G 701 -60.40 118.31 28.30
CA ARG G 701 -60.80 119.51 29.02
C ARG G 701 -62.16 119.36 29.69
N ALA G 702 -62.86 118.25 29.47
CA ALA G 702 -63.89 117.79 30.39
C ALA G 702 -63.22 117.10 31.57
N SER G 703 -63.93 116.23 32.29
CA SER G 703 -63.34 115.39 33.33
C SER G 703 -62.81 116.23 34.48
N ASP G 704 -63.73 116.78 35.28
CA ASP G 704 -63.36 117.58 36.44
C ASP G 704 -62.73 116.77 37.58
N LYS G 705 -61.54 116.25 37.34
CA LYS G 705 -60.55 115.70 38.26
C LYS G 705 -59.18 116.30 38.03
N ILE G 706 -58.80 116.52 36.77
CA ILE G 706 -57.51 117.05 36.36
C ILE G 706 -57.66 118.44 35.75
N ALA G 707 -56.54 119.13 35.65
CA ALA G 707 -56.39 120.41 34.99
C ALA G 707 -55.48 120.23 33.80
N GLN G 708 -55.18 121.36 33.14
CA GLN G 708 -54.37 121.40 31.95
C GLN G 708 -53.15 122.29 32.08
N GLY G 709 -53.11 123.15 33.08
CA GLY G 709 -51.85 123.76 33.43
C GLY G 709 -51.97 124.49 34.73
N VAL G 710 -50.88 125.14 35.12
CA VAL G 710 -50.84 125.93 36.34
C VAL G 710 -49.82 127.03 36.16
N ILE G 711 -50.25 128.27 36.41
CA ILE G 711 -49.50 129.48 36.08
C ILE G 711 -49.10 130.05 37.42
N ILE G 712 -47.81 129.94 37.71
CA ILE G 712 -47.21 130.46 38.93
C ILE G 712 -46.68 131.84 38.57
N ALA G 713 -47.34 132.88 39.10
CA ALA G 713 -46.86 134.25 39.03
C ALA G 713 -46.76 134.78 40.44
N TYR G 714 -45.61 135.37 40.78
CA TYR G 714 -45.30 135.78 42.14
C TYR G 714 -45.74 137.22 42.44
N ARG G 715 -47.00 137.50 42.12
CA ARG G 715 -47.66 138.73 42.54
C ARG G 715 -49.10 138.34 42.77
N ASP G 716 -49.75 139.03 43.71
CA ASP G 716 -51.10 138.65 44.10
C ASP G 716 -52.06 139.12 43.01
N MET G 717 -52.82 138.18 42.44
CA MET G 717 -53.76 138.43 41.36
C MET G 717 -55.20 138.21 41.79
N GLN G 718 -56.10 139.03 41.26
CA GLN G 718 -57.52 138.93 41.59
C GLN G 718 -58.11 137.62 41.08
N LEU G 719 -58.97 137.03 41.91
CA LEU G 719 -59.72 135.85 41.54
C LEU G 719 -60.85 136.27 40.62
N GLU G 720 -61.01 135.59 39.49
CA GLU G 720 -62.01 135.95 38.49
C GLU G 720 -63.25 135.10 38.71
N ARG G 721 -64.39 135.74 38.62
CA ARG G 721 -65.67 135.13 38.95
C ARG G 721 -66.14 134.21 37.82
N ASP G 722 -67.12 133.37 38.17
CA ASP G 722 -67.66 132.38 37.26
C ASP G 722 -69.08 132.08 37.71
N GLU G 723 -69.79 131.34 36.87
CA GLU G 723 -71.13 130.89 37.18
C GLU G 723 -71.09 129.61 38.00
N MET G 724 -70.19 128.71 37.65
CA MET G 724 -70.19 127.35 38.19
C MET G 724 -69.52 127.31 39.55
N TYR G 725 -68.34 127.88 39.63
CA TYR G 725 -67.69 128.12 40.90
C TYR G 725 -68.16 129.50 41.36
N GLY G 726 -67.55 130.06 42.39
CA GLY G 726 -67.71 131.47 42.70
C GLY G 726 -66.51 132.22 42.20
N TYR G 727 -65.56 132.45 43.10
CA TYR G 727 -64.26 132.98 42.78
C TYR G 727 -63.30 131.82 42.60
N VAL G 728 -62.44 131.92 41.58
CA VAL G 728 -61.49 130.87 41.26
C VAL G 728 -60.19 131.48 40.77
N ASN G 729 -59.10 130.76 41.05
CA ASN G 729 -57.76 131.07 40.54
C ASN G 729 -57.54 130.33 39.22
N ILE G 730 -58.35 130.74 38.23
CA ILE G 730 -58.41 130.10 36.92
C ILE G 730 -57.93 131.06 35.87
N ALA G 731 -57.32 130.51 34.83
CA ALA G 731 -56.86 131.22 33.66
C ALA G 731 -57.39 130.44 32.45
N ARG G 732 -57.62 131.16 31.34
CA ARG G 732 -58.21 130.56 30.15
C ARG G 732 -57.55 131.04 28.85
N ASN G 733 -56.36 131.63 28.91
CA ASN G 733 -55.63 132.10 27.74
C ASN G 733 -54.19 131.60 27.74
N LEU G 734 -53.54 131.55 28.90
CA LEU G 734 -52.18 131.08 29.13
C LEU G 734 -51.09 132.00 28.53
N ASP G 735 -51.44 133.07 27.83
CA ASP G 735 -50.49 133.86 27.06
C ASP G 735 -49.92 134.99 27.91
N GLY G 736 -48.60 135.10 27.90
CA GLY G 736 -47.85 136.09 28.63
C GLY G 736 -46.85 135.47 29.59
N PHE G 737 -46.55 134.18 29.44
CA PHE G 737 -45.80 133.41 30.42
C PHE G 737 -45.02 132.35 29.67
N GLN G 738 -43.77 132.17 30.08
CA GLN G 738 -42.98 131.05 29.59
C GLN G 738 -43.63 129.71 29.95
N GLN G 739 -43.84 128.88 28.94
CA GLN G 739 -44.47 127.58 29.10
C GLN G 739 -43.37 126.55 29.29
N ILE G 740 -43.64 125.59 30.19
CA ILE G 740 -42.75 124.47 30.47
C ILE G 740 -43.59 123.21 30.47
N ASN G 741 -43.22 122.27 29.61
CA ASN G 741 -43.93 121.00 29.48
C ASN G 741 -43.32 119.95 30.38
N LEU G 742 -44.20 119.19 31.02
CA LEU G 742 -43.82 118.28 32.08
C LEU G 742 -43.34 116.93 31.58
N GLU G 743 -43.82 116.46 30.43
CA GLU G 743 -43.36 115.15 29.97
C GLU G 743 -41.92 115.19 29.50
N GLU G 744 -41.40 116.36 29.13
CA GLU G 744 -39.98 116.50 28.82
C GLU G 744 -39.13 116.67 30.07
N LEU G 745 -39.71 117.07 31.19
CA LEU G 745 -38.98 117.34 32.42
C LEU G 745 -38.99 116.19 33.39
N MET G 746 -40.06 115.40 33.43
CA MET G 746 -40.06 114.20 34.26
C MET G 746 -39.10 113.14 33.76
N ARG G 747 -38.69 113.19 32.48
CA ARG G 747 -37.82 112.18 31.89
C ARG G 747 -36.40 112.69 31.71
N THR G 748 -36.24 113.85 31.10
CA THR G 748 -35.00 114.61 31.16
C THR G 748 -34.87 115.15 32.57
N GLY G 749 -33.94 114.60 33.33
CA GLY G 749 -33.71 115.14 34.65
C GLY G 749 -32.81 116.34 34.51
N ASP G 750 -33.43 117.51 34.40
CA ASP G 750 -32.67 118.76 34.28
C ASP G 750 -33.60 119.83 34.84
N TYR G 751 -33.34 120.17 36.09
CA TYR G 751 -34.18 121.02 36.90
C TYR G 751 -33.58 122.40 37.17
N ALA G 752 -32.41 122.71 36.57
CA ALA G 752 -31.81 124.03 36.68
C ALA G 752 -32.79 125.07 36.19
N GLN G 753 -33.42 124.79 35.04
CA GLN G 753 -34.32 125.70 34.36
C GLN G 753 -35.59 126.04 35.15
N ILE G 754 -35.88 125.34 36.26
CA ILE G 754 -37.06 125.61 37.09
C ILE G 754 -36.68 125.84 38.54
N THR G 755 -35.59 125.23 39.00
CA THR G 755 -35.06 125.58 40.31
C THR G 755 -34.62 127.04 40.36
N ASN G 756 -33.95 127.50 39.30
CA ASN G 756 -33.56 128.90 39.22
C ASN G 756 -34.76 129.83 39.27
N MET G 757 -35.85 129.43 38.62
CA MET G 757 -37.02 130.29 38.53
C MET G 757 -37.76 130.33 39.85
N LEU G 758 -37.91 129.17 40.50
CA LEU G 758 -38.57 129.13 41.81
C LEU G 758 -37.76 129.89 42.86
N LEU G 759 -36.45 129.72 42.86
CA LEU G 759 -35.62 130.41 43.85
C LEU G 759 -35.64 131.92 43.64
N ASN G 760 -35.38 132.37 42.41
CA ASN G 760 -35.45 133.78 42.10
C ASN G 760 -36.88 134.28 41.85
N ASN G 761 -37.89 133.40 41.90
CA ASN G 761 -39.30 133.75 41.84
C ASN G 761 -39.65 134.47 40.54
N GLN G 762 -39.50 133.72 39.45
CA GLN G 762 -39.79 134.15 38.08
C GLN G 762 -41.08 133.51 37.59
N PRO G 763 -42.03 134.23 36.97
CA PRO G 763 -43.29 133.59 36.54
C PRO G 763 -43.08 132.51 35.50
N VAL G 764 -43.88 131.44 35.61
CA VAL G 764 -43.88 130.37 34.63
C VAL G 764 -45.30 129.80 34.52
N ALA G 765 -45.47 128.89 33.55
CA ALA G 765 -46.69 128.12 33.38
C ALA G 765 -46.30 126.68 33.11
N LEU G 766 -46.57 125.80 34.05
CA LEU G 766 -46.34 124.38 33.90
C LEU G 766 -47.57 123.75 33.26
N VAL G 767 -47.38 123.11 32.11
CA VAL G 767 -48.48 122.56 31.31
C VAL G 767 -48.33 121.05 31.31
N GLY G 768 -49.45 120.38 31.36
CA GLY G 768 -49.52 118.93 31.36
C GLY G 768 -50.64 118.53 32.29
N ALA G 769 -51.19 117.35 32.04
CA ALA G 769 -52.27 116.83 32.86
C ALA G 769 -51.82 116.56 34.28
N LEU G 770 -52.59 117.06 35.24
CA LEU G 770 -52.26 116.93 36.64
C LEU G 770 -53.54 117.10 37.45
N PRO G 771 -53.66 116.50 38.66
CA PRO G 771 -54.89 116.67 39.44
C PRO G 771 -55.05 118.05 40.03
N PHE G 772 -56.05 118.16 40.90
CA PHE G 772 -56.27 119.37 41.68
C PHE G 772 -57.32 119.01 42.71
N ILE G 773 -57.15 119.56 43.89
CA ILE G 773 -58.11 119.41 44.97
C ILE G 773 -58.94 120.68 44.98
N THR G 774 -60.24 120.52 45.23
CA THR G 774 -61.19 121.62 45.17
C THR G 774 -61.36 122.19 46.57
N ASP G 775 -60.28 122.83 47.02
CA ASP G 775 -60.30 123.53 48.28
C ASP G 775 -61.38 124.60 48.24
N SER G 776 -61.94 124.90 49.40
CA SER G 776 -63.03 125.84 49.53
C SER G 776 -62.94 126.73 50.76
N SER G 777 -61.87 126.61 51.55
CA SER G 777 -61.73 127.38 52.78
C SER G 777 -61.02 128.69 52.47
N VAL G 778 -61.69 129.79 52.82
CA VAL G 778 -61.10 131.11 52.70
C VAL G 778 -59.90 131.27 53.61
N ILE G 779 -59.88 130.53 54.73
CA ILE G 779 -58.70 130.48 55.59
C ILE G 779 -57.50 129.94 54.81
N SER G 780 -57.73 128.96 53.95
CA SER G 780 -56.68 128.41 53.11
C SER G 780 -56.29 129.33 51.95
N LEU G 781 -57.01 130.42 51.72
CA LEU G 781 -56.65 131.42 50.73
C LEU G 781 -55.72 132.46 51.31
N VAL G 782 -56.10 133.02 52.46
CA VAL G 782 -55.26 134.01 53.15
C VAL G 782 -53.91 133.38 53.50
N ALA G 783 -53.92 132.11 53.88
CA ALA G 783 -52.69 131.42 54.21
C ALA G 783 -51.82 131.11 52.99
N LYS G 784 -52.34 131.27 51.78
CA LYS G 784 -51.58 131.06 50.54
C LYS G 784 -51.07 129.62 50.44
N LEU G 785 -51.98 128.66 50.61
CA LEU G 785 -51.58 127.26 50.43
C LEU G 785 -51.20 126.91 49.00
N ASP G 786 -51.56 127.74 48.02
CA ASP G 786 -51.30 127.40 46.62
C ASP G 786 -49.82 127.51 46.31
N ALA G 787 -49.12 128.43 46.97
CA ALA G 787 -47.71 128.63 46.73
C ALA G 787 -46.85 127.75 47.63
N THR G 788 -47.38 126.60 48.12
CA THR G 788 -46.67 125.75 49.08
C THR G 788 -46.58 124.30 48.64
N VAL G 789 -46.97 123.99 47.41
CA VAL G 789 -47.13 122.63 46.89
C VAL G 789 -46.08 122.44 45.79
N PHE G 790 -44.90 123.08 45.96
CA PHE G 790 -43.85 123.09 44.96
C PHE G 790 -42.47 122.78 45.53
N ALA G 791 -42.21 123.07 46.81
CA ALA G 791 -40.90 122.77 47.38
C ALA G 791 -40.61 121.27 47.43
N GLN G 792 -41.65 120.43 47.40
CA GLN G 792 -41.46 118.99 47.23
C GLN G 792 -41.10 118.59 45.80
N ILE G 793 -40.91 119.54 44.87
CA ILE G 793 -40.43 119.26 43.54
C ILE G 793 -38.92 119.34 43.66
N VAL G 794 -38.43 120.52 44.06
CA VAL G 794 -36.98 120.75 44.14
C VAL G 794 -36.32 119.79 45.11
N LYS G 795 -37.03 119.41 46.19
CA LYS G 795 -36.49 118.43 47.12
C LYS G 795 -36.30 117.07 46.43
N LEU G 796 -37.41 116.45 46.01
CA LEU G 796 -37.44 115.20 45.25
C LEU G 796 -37.85 115.49 43.83
N ARG G 797 -36.91 115.32 42.90
CA ARG G 797 -36.99 115.97 41.59
C ARG G 797 -38.14 115.43 40.74
N LYS G 798 -38.68 114.26 41.07
CA LYS G 798 -39.80 113.69 40.33
C LYS G 798 -41.01 114.60 40.49
N VAL G 799 -41.48 115.14 39.38
CA VAL G 799 -42.74 115.92 39.33
C VAL G 799 -43.85 114.95 38.98
N ASP G 800 -44.29 114.24 40.00
CA ASP G 800 -45.38 113.27 39.97
C ASP G 800 -46.39 113.47 41.08
N THR G 801 -45.94 113.84 42.27
CA THR G 801 -46.83 114.15 43.41
C THR G 801 -47.15 115.64 43.51
N LEU G 802 -47.57 116.22 42.38
CA LEU G 802 -47.98 117.62 42.30
C LEU G 802 -49.49 117.71 42.29
N LYS G 803 -50.03 118.57 43.15
CA LYS G 803 -51.42 118.49 43.58
C LYS G 803 -51.87 119.91 43.93
N PRO G 804 -52.10 120.78 42.91
CA PRO G 804 -52.42 122.18 43.21
C PRO G 804 -53.76 122.43 43.86
N ILE G 805 -54.01 123.71 44.11
CA ILE G 805 -55.20 124.20 44.80
C ILE G 805 -56.04 124.93 43.76
N LEU G 806 -57.32 124.62 43.71
CA LEU G 806 -58.30 125.34 42.90
C LEU G 806 -59.32 125.83 43.91
N TYR G 807 -59.13 127.04 44.41
CA TYR G 807 -60.06 127.58 45.39
C TYR G 807 -61.41 127.79 44.70
N LYS G 808 -62.44 127.11 45.19
CA LYS G 808 -63.83 127.43 44.89
C LYS G 808 -64.50 127.85 46.20
N ILE G 809 -64.77 129.15 46.32
CA ILE G 809 -65.34 129.73 47.52
C ILE G 809 -66.66 130.38 47.11
N ASN G 810 -67.67 130.15 47.92
CA ASN G 810 -69.05 130.42 47.55
C ASN G 810 -69.90 130.31 48.81
N SER G 811 -71.20 130.53 48.64
CA SER G 811 -72.14 130.67 49.77
C SER G 811 -72.27 129.41 50.64
N ASP G 812 -71.79 128.25 50.19
CA ASP G 812 -71.88 126.99 50.92
C ASP G 812 -70.48 126.45 51.20
N SER G 813 -69.62 127.31 51.73
CA SER G 813 -68.23 127.00 52.04
C SER G 813 -67.86 127.21 53.50
N ASN G 814 -68.82 127.51 54.38
CA ASN G 814 -68.67 127.55 55.84
C ASN G 814 -67.88 128.75 56.39
N ASP G 815 -67.31 129.59 55.51
CA ASP G 815 -66.59 130.80 55.91
C ASP G 815 -66.85 131.95 54.93
N PHE G 816 -67.90 131.88 54.11
CA PHE G 816 -68.22 132.90 53.13
C PHE G 816 -68.50 134.28 53.74
N TYR G 817 -68.87 134.33 55.04
CA TYR G 817 -69.18 135.59 55.72
C TYR G 817 -68.00 136.54 55.68
N LEU G 818 -66.78 136.01 55.73
CA LEU G 818 -65.57 136.80 55.65
C LEU G 818 -65.49 137.61 54.37
N VAL G 819 -66.04 137.08 53.27
CA VAL G 819 -66.03 137.81 52.01
C VAL G 819 -67.01 138.96 52.05
N ALA G 820 -68.14 138.82 52.75
CA ALA G 820 -69.27 139.71 52.55
C ALA G 820 -69.28 140.88 53.53
N ASN G 821 -68.63 140.74 54.68
CA ASN G 821 -68.64 141.75 55.72
C ASN G 821 -67.42 142.67 55.68
N TYR G 822 -66.22 142.11 55.47
CA TYR G 822 -64.98 142.75 55.87
C TYR G 822 -64.31 143.61 54.78
N ASP G 823 -64.97 143.87 53.65
CA ASP G 823 -64.58 144.93 52.72
C ASP G 823 -63.16 144.72 52.15
N TRP G 824 -63.05 143.69 51.31
CA TRP G 824 -61.77 143.32 50.73
C TRP G 824 -61.94 142.64 49.38
N VAL G 825 -60.84 142.62 48.65
CA VAL G 825 -60.76 142.01 47.33
C VAL G 825 -60.12 140.63 47.47
N PRO G 826 -60.83 139.54 47.17
CA PRO G 826 -60.14 138.24 47.11
C PRO G 826 -59.09 138.19 46.02
N THR G 827 -57.89 137.73 46.40
CA THR G 827 -56.73 137.72 45.52
C THR G 827 -55.93 136.45 45.77
N SER G 828 -55.15 136.06 44.77
CA SER G 828 -54.32 134.87 44.86
C SER G 828 -53.33 134.85 43.70
N THR G 829 -52.11 134.42 43.99
CA THR G 829 -51.21 133.92 42.97
C THR G 829 -51.67 132.53 42.52
N THR G 830 -50.89 131.88 41.65
CA THR G 830 -51.11 130.49 41.23
C THR G 830 -52.48 130.34 40.55
N LYS G 831 -52.56 130.87 39.33
CA LYS G 831 -53.72 130.58 38.52
C LYS G 831 -53.61 129.15 37.99
N VAL G 832 -54.73 128.64 37.50
CA VAL G 832 -54.84 127.31 36.92
C VAL G 832 -55.41 127.38 35.51
N TYR G 833 -54.71 126.79 34.54
CA TYR G 833 -55.12 126.89 33.15
C TYR G 833 -56.09 125.75 32.91
N LYS G 834 -57.37 126.11 32.83
CA LYS G 834 -58.46 125.18 32.77
C LYS G 834 -59.63 125.89 32.11
N GLN G 835 -60.51 125.10 31.49
CA GLN G 835 -61.63 125.61 30.72
C GLN G 835 -62.94 125.19 31.37
N ILE G 836 -63.97 125.97 31.08
CA ILE G 836 -65.28 125.86 31.67
C ILE G 836 -66.01 124.66 31.06
N PRO G 837 -66.96 124.03 31.75
CA PRO G 837 -67.81 123.05 31.05
C PRO G 837 -68.67 123.70 29.97
N GLN G 838 -69.11 122.83 29.06
CA GLN G 838 -69.88 123.23 27.89
C GLN G 838 -71.37 123.25 28.23
N GLN G 839 -72.01 124.37 27.88
CA GLN G 839 -73.41 124.60 28.21
C GLN G 839 -74.32 123.88 27.26
N PHE G 840 -75.42 123.36 27.80
CA PHE G 840 -76.35 122.60 27.00
C PHE G 840 -77.17 123.57 26.18
N ASP G 841 -77.24 123.31 24.88
CA ASP G 841 -78.17 123.97 23.98
C ASP G 841 -78.93 122.90 23.23
N PHE G 842 -80.20 123.17 22.97
CA PHE G 842 -81.05 122.18 22.34
C PHE G 842 -80.87 122.17 20.83
N ARG G 843 -80.87 123.36 20.21
CA ARG G 843 -80.67 123.46 18.76
C ARG G 843 -79.33 122.89 18.34
N ALA G 844 -78.28 123.15 19.12
CA ALA G 844 -76.94 122.69 18.78
C ALA G 844 -76.67 121.23 19.16
N SER G 845 -77.69 120.48 19.63
CA SER G 845 -77.53 119.10 20.05
C SER G 845 -78.63 118.17 19.57
N MET G 846 -79.72 118.69 19.03
CA MET G 846 -80.78 117.86 18.48
C MET G 846 -80.40 117.46 17.07
N HIS G 847 -80.59 116.19 16.74
CA HIS G 847 -80.23 115.66 15.43
C HIS G 847 -81.25 114.62 15.02
N MET G 848 -81.31 114.41 13.71
CA MET G 848 -82.16 113.42 13.07
C MET G 848 -81.27 112.35 12.44
N LEU G 849 -81.37 111.13 12.95
CA LEU G 849 -80.51 110.02 12.55
C LEU G 849 -81.25 109.15 11.55
N THR G 850 -80.59 108.87 10.44
CA THR G 850 -81.17 108.16 9.31
C THR G 850 -80.62 106.74 9.27
N SER G 851 -81.47 105.80 8.86
CA SER G 851 -81.01 104.43 8.70
C SER G 851 -82.00 103.65 7.85
N ASN G 852 -81.73 102.36 7.72
CA ASN G 852 -82.55 101.42 6.96
C ASN G 852 -83.32 100.54 7.94
N LEU G 853 -84.20 99.70 7.38
CA LEU G 853 -84.89 98.64 8.09
C LEU G 853 -84.63 97.31 7.42
N THR G 854 -84.68 96.25 8.23
CA THR G 854 -84.92 94.85 7.87
C THR G 854 -84.10 94.41 6.67
N PHE G 855 -82.79 94.37 6.85
CA PHE G 855 -81.89 93.65 5.96
C PHE G 855 -81.17 92.59 6.79
N THR G 856 -81.29 91.35 6.36
CA THR G 856 -80.59 90.24 6.99
C THR G 856 -79.24 90.06 6.31
N VAL G 857 -78.22 89.93 7.11
CA VAL G 857 -76.85 89.78 6.64
C VAL G 857 -76.57 88.29 6.58
N TYR G 858 -75.72 87.89 5.63
CA TYR G 858 -75.34 86.51 5.41
C TYR G 858 -73.83 86.42 5.41
N SER G 859 -73.32 85.26 5.82
CA SER G 859 -71.89 85.00 5.97
C SER G 859 -71.42 83.96 4.97
N ASP G 860 -72.03 82.77 4.97
CA ASP G 860 -71.60 81.68 4.09
C ASP G 860 -72.49 81.75 2.86
N LEU G 861 -72.09 82.62 1.93
CA LEU G 861 -72.87 82.86 0.72
C LEU G 861 -72.47 81.94 -0.42
N LEU G 862 -71.88 80.77 -0.12
CA LEU G 862 -71.80 79.66 -1.06
C LEU G 862 -72.74 78.51 -0.72
N ALA G 863 -73.41 78.55 0.43
CA ALA G 863 -74.43 77.56 0.75
C ALA G 863 -75.76 77.87 0.07
N PHE G 864 -75.92 79.08 -0.48
CA PHE G 864 -77.04 79.41 -1.36
C PHE G 864 -76.82 78.99 -2.80
N VAL G 865 -75.74 78.27 -3.10
CA VAL G 865 -75.42 77.75 -4.42
C VAL G 865 -75.63 76.25 -4.37
N SER G 866 -76.39 75.72 -5.31
CA SER G 866 -76.67 74.29 -5.39
C SER G 866 -75.73 73.73 -6.43
N ALA G 867 -74.77 72.94 -5.97
CA ALA G 867 -73.71 72.37 -6.77
C ALA G 867 -73.98 70.90 -7.06
N ASP G 868 -73.36 70.42 -8.13
CA ASP G 868 -73.42 69.02 -8.49
C ASP G 868 -72.30 68.78 -9.50
N THR G 869 -72.07 67.52 -9.85
CA THR G 869 -71.06 67.16 -10.83
C THR G 869 -71.48 65.90 -11.56
N VAL G 870 -70.94 65.76 -12.77
CA VAL G 870 -71.15 64.59 -13.61
C VAL G 870 -70.48 63.38 -12.98
N GLU G 871 -70.74 62.19 -13.51
CA GLU G 871 -70.05 61.01 -13.03
C GLU G 871 -68.55 61.17 -13.36
N PRO G 872 -67.65 60.63 -12.53
CA PRO G 872 -66.22 60.82 -12.85
C PRO G 872 -65.74 60.01 -14.03
N ILE G 873 -66.41 58.92 -14.40
CA ILE G 873 -66.01 58.13 -15.56
C ILE G 873 -66.14 58.95 -16.85
N ASN G 874 -67.27 59.65 -17.02
CA ASN G 874 -67.56 60.46 -18.21
C ASN G 874 -67.25 61.94 -17.97
N ALA G 875 -66.01 62.20 -17.58
CA ALA G 875 -65.51 63.51 -17.20
C ALA G 875 -64.38 63.95 -18.11
N VAL G 876 -64.34 65.25 -18.40
CA VAL G 876 -63.56 65.82 -19.51
C VAL G 876 -62.80 67.02 -18.96
N ALA G 877 -61.74 67.38 -19.68
CA ALA G 877 -60.91 68.54 -19.40
C ALA G 877 -61.26 69.67 -20.35
N PHE G 878 -60.47 70.75 -20.29
CA PHE G 878 -60.68 71.94 -21.09
C PHE G 878 -60.70 71.65 -22.58
N ASP G 879 -59.94 70.65 -23.03
CA ASP G 879 -59.87 70.29 -24.44
C ASP G 879 -61.12 69.58 -24.96
N ASN G 880 -62.14 69.32 -24.12
CA ASN G 880 -63.42 68.71 -24.44
C ASN G 880 -63.29 67.18 -24.65
N MET G 881 -62.08 66.61 -24.56
CA MET G 881 -61.85 65.18 -24.66
C MET G 881 -61.78 64.60 -23.26
N ARG G 882 -62.11 63.31 -23.13
CA ARG G 882 -62.18 62.69 -21.81
C ARG G 882 -60.77 62.43 -21.29
N ILE G 883 -60.47 63.01 -20.13
CA ILE G 883 -59.42 62.44 -19.30
C ILE G 883 -59.70 60.97 -19.12
N MET G 884 -58.65 60.16 -19.16
CA MET G 884 -58.76 58.73 -18.91
C MET G 884 -59.61 57.98 -19.94
N ASN G 885 -59.12 57.97 -21.20
CA ASN G 885 -59.81 57.27 -22.27
C ASN G 885 -59.20 55.89 -22.58
N GLU G 886 -58.26 55.43 -21.76
CA GLU G 886 -57.75 54.05 -21.83
C GLU G 886 -58.67 53.18 -20.99
N LEU G 887 -59.91 53.02 -21.44
CA LEU G 887 -60.92 52.33 -20.64
C LEU G 887 -60.90 50.84 -20.92
N LYS H 86 37.02 32.91 37.44
CA LYS H 86 37.43 32.90 38.84
C LYS H 86 38.79 33.55 39.11
N GLU H 87 39.55 33.87 38.05
CA GLU H 87 40.82 34.58 38.19
C GLU H 87 40.65 36.07 38.50
N GLU H 88 39.41 36.57 38.58
CA GLU H 88 39.14 37.81 39.28
C GLU H 88 39.70 37.81 40.70
N HIS H 89 39.60 36.70 41.43
CA HIS H 89 40.33 36.68 42.69
C HIS H 89 41.85 36.76 42.51
N GLN H 90 42.43 36.24 41.42
CA GLN H 90 43.86 36.45 41.18
C GLN H 90 44.19 37.94 41.06
N LYS H 91 43.26 38.69 40.45
CA LYS H 91 43.35 40.15 40.43
C LYS H 91 43.36 40.67 41.83
N GLU H 92 42.31 40.35 42.62
CA GLU H 92 42.14 40.82 44.00
C GLU H 92 43.38 40.56 44.84
N VAL H 93 44.03 39.41 44.61
CA VAL H 93 45.28 39.06 45.28
C VAL H 93 46.35 40.07 44.93
N GLN H 94 46.50 40.39 43.65
CA GLN H 94 47.61 41.26 43.24
C GLN H 94 47.32 42.74 43.44
N TYR H 95 46.08 43.16 43.22
CA TYR H 95 45.67 44.49 43.65
C TYR H 95 45.83 44.67 45.16
N GLU H 96 45.66 43.60 45.95
CA GLU H 96 45.94 43.70 47.38
C GLU H 96 47.43 43.79 47.63
N ILE H 97 48.25 43.08 46.85
CA ILE H 97 49.70 43.23 46.93
C ILE H 97 50.09 44.69 46.71
N LEU H 98 49.51 45.32 45.69
CA LEU H 98 49.88 46.70 45.41
C LEU H 98 49.26 47.67 46.40
N GLN H 99 48.12 47.33 46.99
CA GLN H 99 47.47 48.17 47.98
C GLN H 99 48.07 48.02 49.37
N LYS H 100 48.76 46.89 49.63
CA LYS H 100 49.58 46.71 50.80
C LYS H 100 50.87 47.55 50.79
N THR H 101 51.16 48.26 49.68
CA THR H 101 52.29 49.18 49.57
C THR H 101 51.89 50.64 49.73
N ILE H 102 50.60 50.96 49.68
CA ILE H 102 50.10 52.33 49.65
C ILE H 102 49.56 52.66 51.05
N PRO H 103 49.99 53.82 51.71
CA PRO H 103 49.47 54.14 53.06
C PRO H 103 48.07 54.74 53.16
N THR H 104 47.14 54.18 52.41
CA THR H 104 45.74 54.60 52.40
C THR H 104 44.95 53.66 53.30
N PHE H 105 44.17 54.23 54.19
CA PHE H 105 43.38 53.47 55.15
C PHE H 105 42.34 52.60 54.45
N GLU H 106 41.74 51.71 55.24
CA GLU H 106 40.52 51.01 54.84
C GLU H 106 39.39 52.03 54.96
N PRO H 107 38.10 51.63 54.77
CA PRO H 107 37.23 52.36 53.84
C PRO H 107 37.48 53.86 53.70
N LYS H 108 37.53 54.27 52.42
CA LYS H 108 38.01 55.58 52.00
C LYS H 108 37.29 56.74 52.69
N GLU H 109 35.97 56.60 52.89
CA GLU H 109 35.12 57.67 53.44
C GLU H 109 35.57 58.08 54.84
N SER H 110 36.19 57.15 55.59
CA SER H 110 36.74 57.39 56.92
C SER H 110 37.71 58.55 56.95
N ILE H 111 38.43 58.78 55.83
CA ILE H 111 39.40 59.88 55.72
C ILE H 111 38.73 61.20 56.03
N LEU H 112 37.47 61.38 55.60
CA LEU H 112 36.74 62.61 55.86
C LEU H 112 36.57 62.85 57.35
N LYS H 113 36.36 61.77 58.12
CA LYS H 113 36.27 61.92 59.58
C LYS H 113 37.56 62.45 60.17
N LYS H 114 38.71 62.18 59.54
CA LYS H 114 40.01 62.49 60.11
C LYS H 114 40.43 63.91 59.77
N LEU H 115 40.29 64.30 58.50
CA LEU H 115 40.67 65.65 58.08
C LEU H 115 39.84 66.71 58.78
N GLU H 116 38.56 66.43 59.04
CA GLU H 116 37.76 67.35 59.83
C GLU H 116 38.26 67.41 61.27
N ASP H 117 38.74 66.28 61.80
CA ASP H 117 39.33 66.28 63.14
C ASP H 117 40.67 67.00 63.20
N ILE H 118 41.29 67.31 62.06
CA ILE H 118 42.53 68.07 62.03
C ILE H 118 42.13 69.50 62.27
N LYS H 119 42.10 69.91 63.52
CA LYS H 119 41.64 71.22 63.90
C LYS H 119 42.81 72.16 63.68
N PRO H 120 42.61 73.47 63.76
CA PRO H 120 43.75 74.38 63.63
C PRO H 120 44.72 74.16 64.77
N GLU H 121 45.94 74.67 64.57
CA GLU H 121 46.94 74.63 65.62
C GLU H 121 46.44 75.52 66.74
N GLN H 122 46.15 74.89 67.88
CA GLN H 122 45.67 75.60 69.05
C GLN H 122 46.70 76.61 69.51
N VAL H 123 46.20 77.67 70.12
CA VAL H 123 47.01 78.78 70.57
C VAL H 123 47.27 78.52 72.02
N LYS H 124 48.50 78.75 72.44
CA LYS H 124 48.99 78.35 73.73
C LYS H 124 49.38 79.57 74.54
N LYS H 125 49.62 79.31 75.80
CA LYS H 125 49.96 80.33 76.78
C LYS H 125 50.50 79.57 77.97
N GLN H 126 51.34 80.24 78.75
CA GLN H 126 51.88 79.70 79.99
C GLN H 126 51.43 80.59 81.12
N THR H 127 50.98 79.96 82.21
CA THR H 127 50.57 80.62 83.44
C THR H 127 51.66 80.66 84.51
N LYS H 128 52.91 80.43 84.13
CA LYS H 128 54.00 80.28 85.08
C LYS H 128 55.25 80.45 84.24
N LEU H 129 56.14 81.32 84.67
CA LEU H 129 57.29 81.64 83.86
C LEU H 129 58.23 80.46 83.71
N PHE H 130 59.13 80.58 82.75
CA PHE H 130 60.13 79.56 82.48
C PHE H 130 61.31 79.79 83.41
N ARG H 131 61.63 78.78 84.21
CA ARG H 131 62.62 78.91 85.28
C ARG H 131 63.39 77.60 85.32
N ILE H 132 64.66 77.66 84.94
CA ILE H 132 65.57 76.53 85.06
C ILE H 132 66.34 76.60 86.38
N PHE H 133 66.52 77.80 86.94
CA PHE H 133 67.25 78.05 88.17
C PHE H 133 66.29 78.58 89.21
N GLU H 134 66.78 78.61 90.44
CA GLU H 134 66.12 79.28 91.55
C GLU H 134 67.20 79.59 92.56
N PRO H 135 67.07 80.65 93.35
CA PRO H 135 68.06 80.87 94.41
C PRO H 135 67.96 79.77 95.44
N ARG H 136 68.97 79.71 96.29
CA ARG H 136 69.00 78.73 97.35
C ARG H 136 69.98 79.26 98.37
N GLN H 137 69.58 79.24 99.64
CA GLN H 137 70.33 79.88 100.71
C GLN H 137 71.14 78.78 101.38
N LEU H 138 72.37 78.60 100.88
CA LEU H 138 73.23 77.48 101.18
C LEU H 138 74.31 77.88 102.19
N PRO H 139 74.95 76.92 102.87
CA PRO H 139 76.01 77.32 103.80
C PRO H 139 77.27 77.81 103.10
N VAL H 140 78.25 78.23 103.89
CA VAL H 140 79.57 78.64 103.40
C VAL H 140 80.59 78.29 104.46
N TYR H 141 81.85 78.28 104.04
CA TYR H 141 82.96 77.82 104.86
C TYR H 141 84.11 78.73 104.48
N ARG H 142 84.57 79.56 105.42
CA ARG H 142 85.73 80.37 105.11
C ARG H 142 86.98 79.49 104.95
N ALA H 143 88.04 80.13 104.48
CA ALA H 143 89.33 79.47 104.39
C ALA H 143 89.85 79.24 105.81
N ASN H 144 90.43 78.05 106.01
CA ASN H 144 90.64 77.26 107.26
C ASN H 144 89.44 76.40 107.60
N GLY H 145 88.46 76.26 106.71
CA GLY H 145 87.40 75.30 106.86
C GLY H 145 86.42 75.53 108.00
N GLU H 146 86.49 76.65 108.71
CA GLU H 146 85.51 76.91 109.75
C GLU H 146 84.21 77.34 109.11
N LYS H 147 83.10 76.77 109.57
CA LYS H 147 81.80 77.16 109.07
C LYS H 147 81.36 78.48 109.69
N GLU H 148 81.12 79.49 108.86
CA GLU H 148 80.57 80.74 109.34
C GLU H 148 79.16 80.54 109.89
N LEU H 149 78.69 81.55 110.62
CA LEU H 149 77.37 81.55 111.24
C LEU H 149 76.24 81.96 110.28
N ARG H 150 76.50 82.10 108.97
CA ARG H 150 75.55 82.59 107.99
C ARG H 150 75.49 81.64 106.80
N ASN H 151 74.52 81.91 105.94
CA ASN H 151 74.37 81.27 104.65
C ASN H 151 74.59 82.34 103.58
N ARG H 152 74.50 81.93 102.31
CA ARG H 152 74.64 82.84 101.19
C ARG H 152 73.80 82.30 100.04
N TRP H 153 73.39 83.19 99.15
CA TRP H 153 72.40 82.91 98.12
C TRP H 153 73.09 82.59 96.80
N TYR H 154 72.81 81.39 96.28
CA TYR H 154 73.44 80.88 95.08
C TYR H 154 72.35 80.35 94.14
N TRP H 155 72.56 80.53 92.84
CA TRP H 155 71.62 79.96 91.89
C TRP H 155 71.82 78.45 91.86
N LYS H 156 70.72 77.71 91.83
CA LYS H 156 70.77 76.26 91.70
C LYS H 156 69.54 75.79 90.94
N LEU H 157 69.72 74.73 90.18
CA LEU H 157 68.68 74.24 89.30
C LEU H 157 67.51 73.67 90.07
N LYS H 158 66.31 73.88 89.54
CA LYS H 158 65.17 73.09 89.95
C LYS H 158 65.22 71.70 89.35
N ARG H 159 65.03 70.68 90.21
CA ARG H 159 64.92 69.28 89.81
C ARG H 159 66.15 68.81 89.02
N ASP H 160 67.26 68.71 89.75
CA ASP H 160 68.43 68.03 89.25
C ASP H 160 68.15 66.59 88.87
N THR H 161 68.22 66.30 87.56
CA THR H 161 67.93 64.99 87.00
C THR H 161 68.91 64.59 85.89
N LEU H 162 70.04 65.30 85.75
CA LEU H 162 70.95 65.06 84.62
C LEU H 162 71.54 63.66 84.74
N PRO H 163 71.60 62.86 83.64
CA PRO H 163 72.16 61.51 83.78
C PRO H 163 73.67 61.45 83.61
N ASP H 164 74.19 60.23 83.69
CA ASP H 164 75.58 59.92 83.46
C ASP H 164 75.80 59.64 81.98
N GLY H 165 77.02 59.90 81.51
CA GLY H 165 77.34 59.70 80.12
C GLY H 165 76.99 60.93 79.33
N ASP H 166 77.89 61.32 78.43
CA ASP H 166 77.68 62.52 77.64
C ASP H 166 76.50 62.39 76.70
N TYR H 167 76.31 61.19 76.11
CA TYR H 167 75.19 60.96 75.20
C TYR H 167 73.87 61.16 75.91
N ASP H 168 73.74 60.62 77.12
CA ASP H 168 72.50 60.76 77.86
C ASP H 168 72.30 62.22 78.29
N VAL H 169 73.38 62.95 78.54
CA VAL H 169 73.24 64.36 78.88
C VAL H 169 72.72 65.14 77.68
N ARG H 170 73.22 64.84 76.49
CA ARG H 170 72.72 65.52 75.31
C ARG H 170 71.29 65.09 75.00
N GLU H 171 70.94 63.85 75.35
CA GLU H 171 69.57 63.39 75.26
C GLU H 171 68.67 64.16 76.21
N TYR H 172 69.17 64.46 77.41
CA TYR H 172 68.44 65.30 78.36
C TYR H 172 68.18 66.69 77.78
N PHE H 173 69.19 67.27 77.13
CA PHE H 173 68.96 68.62 76.59
C PHE H 173 68.02 68.61 75.39
N LEU H 174 68.05 67.55 74.59
CA LEU H 174 67.04 67.42 73.53
C LEU H 174 65.64 67.19 74.10
N ASN H 175 65.52 66.39 75.16
CA ASN H 175 64.21 66.19 75.77
C ASN H 175 63.72 67.40 76.52
N LEU H 176 64.62 68.33 76.86
CA LEU H 176 64.22 69.65 77.31
C LEU H 176 63.76 70.50 76.14
N TYR H 177 64.48 70.44 75.03
CA TYR H 177 64.19 71.29 73.87
C TYR H 177 62.84 70.96 73.27
N ASP H 178 62.53 69.67 73.11
CA ASP H 178 61.28 69.31 72.45
C ASP H 178 60.08 69.63 73.33
N GLN H 179 60.22 69.56 74.65
CA GLN H 179 59.12 69.89 75.55
C GLN H 179 59.02 71.39 75.79
N VAL H 180 60.07 72.15 75.49
CA VAL H 180 59.94 73.60 75.42
C VAL H 180 59.17 73.97 74.17
N LEU H 181 59.49 73.34 73.04
CA LEU H 181 58.69 73.50 71.84
C LEU H 181 57.24 73.07 72.05
N THR H 182 57.00 72.09 72.91
CA THR H 182 55.64 71.64 73.18
C THR H 182 54.82 72.71 73.88
N GLU H 183 55.42 73.40 74.84
CA GLU H 183 54.77 74.47 75.61
C GLU H 183 55.13 75.86 75.10
N MET H 184 55.62 75.98 73.88
CA MET H 184 56.10 77.24 73.35
C MET H 184 54.92 78.20 73.12
N PRO H 185 54.73 79.24 73.93
CA PRO H 185 53.48 80.01 73.82
C PRO H 185 53.49 80.94 72.63
N ASP H 186 52.28 81.16 72.11
CA ASP H 186 52.04 82.05 70.99
C ASP H 186 51.80 83.49 71.42
N TYR H 187 51.33 83.69 72.65
CA TYR H 187 51.16 85.03 73.20
C TYR H 187 51.24 84.93 74.71
N LEU H 188 51.80 85.98 75.31
CA LEU H 188 51.92 86.13 76.74
C LEU H 188 51.09 87.32 77.20
N LEU H 189 50.79 87.34 78.49
CA LEU H 189 50.12 88.46 79.11
C LEU H 189 50.51 88.49 80.57
N LEU H 190 51.12 89.59 81.01
CA LEU H 190 51.81 89.60 82.28
C LEU H 190 50.92 89.97 83.46
N LYS H 191 49.79 90.63 83.22
CA LYS H 191 48.81 90.83 84.29
C LYS H 191 48.11 89.56 84.72
N ASP H 192 48.06 88.53 83.86
CA ASP H 192 47.44 87.26 84.17
C ASP H 192 48.22 86.39 85.16
N MET H 193 49.38 86.84 85.63
CA MET H 193 50.22 86.12 86.58
C MET H 193 50.82 87.00 87.68
N ALA H 194 50.60 88.30 87.65
CA ALA H 194 51.22 89.23 88.58
C ALA H 194 50.69 89.06 89.99
N VAL H 195 51.46 89.60 90.94
CA VAL H 195 51.15 89.59 92.37
C VAL H 195 51.67 90.88 92.97
N GLU H 196 51.32 91.13 94.23
CA GLU H 196 51.68 92.34 94.95
C GLU H 196 52.96 92.10 95.74
N ASN H 197 53.86 93.08 95.68
CA ASN H 197 55.02 93.10 96.55
C ASN H 197 54.60 93.45 97.98
N LYS H 198 54.92 92.57 98.92
CA LYS H 198 54.52 92.73 100.31
C LYS H 198 55.34 93.78 101.06
N ASN H 199 56.35 94.38 100.43
CA ASN H 199 57.41 95.13 101.10
C ASN H 199 57.66 96.47 100.39
N SER H 200 56.63 97.03 99.77
CA SER H 200 56.76 98.22 98.93
C SER H 200 56.06 99.41 99.54
N ARG H 201 56.69 100.57 99.37
CA ARG H 201 56.12 101.83 99.85
C ARG H 201 55.07 102.37 98.88
N ASP H 202 55.26 102.13 97.57
CA ASP H 202 54.44 102.72 96.51
C ASP H 202 53.54 101.70 95.81
N ALA H 203 52.98 100.74 96.56
CA ALA H 203 52.00 99.76 96.05
C ALA H 203 52.57 98.95 94.88
N GLY H 204 53.78 98.45 95.08
CA GLY H 204 54.49 97.75 94.02
C GLY H 204 53.92 96.37 93.75
N LYS H 205 53.87 96.00 92.48
CA LYS H 205 53.53 94.67 92.02
C LYS H 205 54.77 94.04 91.41
N VAL H 206 54.73 92.72 91.26
CA VAL H 206 55.73 91.96 90.55
C VAL H 206 55.01 90.91 89.73
N VAL H 207 55.77 90.12 88.98
CA VAL H 207 55.22 89.36 87.87
C VAL H 207 54.80 87.95 88.27
N ASP H 208 55.43 87.36 89.29
CA ASP H 208 55.26 85.94 89.57
C ASP H 208 55.43 85.68 91.06
N SER H 209 54.78 84.62 91.53
CA SER H 209 54.86 84.25 92.94
C SER H 209 56.27 83.89 93.36
N GLU H 210 57.05 83.27 92.46
CA GLU H 210 58.38 82.77 92.76
C GLU H 210 59.47 83.84 92.67
N THR H 211 59.11 85.10 92.44
CA THR H 211 60.01 86.23 92.64
C THR H 211 59.66 87.04 93.87
N ALA H 212 58.38 87.06 94.25
CA ALA H 212 58.04 87.64 95.54
C ALA H 212 58.54 86.74 96.67
N ALA H 213 58.50 85.42 96.44
CA ALA H 213 59.09 84.46 97.36
C ALA H 213 60.60 84.67 97.52
N ILE H 214 61.26 85.24 96.52
CA ILE H 214 62.68 85.59 96.64
C ILE H 214 62.82 86.92 97.35
N CYS H 215 62.05 87.93 96.90
CA CYS H 215 62.14 89.31 97.40
C CYS H 215 61.93 89.41 98.90
N ASP H 216 60.97 88.65 99.44
CA ASP H 216 60.75 88.74 100.88
C ASP H 216 61.92 88.12 101.64
N ALA H 217 62.60 87.15 101.02
CA ALA H 217 63.79 86.58 101.63
C ALA H 217 64.94 87.57 101.58
N ILE H 218 65.11 88.29 100.46
CA ILE H 218 66.17 89.28 100.37
C ILE H 218 65.89 90.49 101.28
N PHE H 219 64.65 90.71 101.68
CA PHE H 219 64.27 91.88 102.44
C PHE H 219 64.48 91.72 103.94
N GLN H 220 64.71 90.50 104.43
CA GLN H 220 64.85 90.21 105.85
C GLN H 220 66.18 89.58 106.23
N ASP H 221 67.12 89.47 105.30
CA ASP H 221 68.44 88.93 105.58
C ASP H 221 69.31 90.08 106.08
N GLU H 222 69.82 89.96 107.31
CA GLU H 222 70.55 91.08 107.94
C GLU H 222 71.91 91.38 107.30
N GLU H 223 72.37 90.57 106.34
CA GLU H 223 73.57 90.81 105.56
C GLU H 223 73.29 91.62 104.30
N THR H 224 72.03 91.87 103.94
CA THR H 224 71.74 92.56 102.70
C THR H 224 71.92 94.06 102.92
N GLU H 225 72.28 94.74 101.85
CA GLU H 225 72.64 96.16 101.89
C GLU H 225 71.43 97.03 101.63
N GLY H 226 71.49 98.25 102.18
CA GLY H 226 70.30 99.09 102.31
C GLY H 226 69.70 99.53 100.99
N VAL H 227 70.55 99.83 100.01
CA VAL H 227 70.05 100.35 98.74
C VAL H 227 69.22 99.31 98.02
N VAL H 228 69.54 98.03 98.18
CA VAL H 228 68.73 96.96 97.59
C VAL H 228 67.35 96.94 98.21
N ARG H 229 67.30 97.08 99.55
CA ARG H 229 66.04 97.16 100.26
C ARG H 229 65.23 98.36 99.76
N ARG H 230 65.86 99.52 99.67
CA ARG H 230 65.17 100.72 99.19
C ARG H 230 64.70 100.57 97.76
N PHE H 231 65.45 99.87 96.93
CA PHE H 231 65.05 99.68 95.54
C PHE H 231 63.84 98.77 95.46
N ILE H 232 63.83 97.72 96.27
CA ILE H 232 62.68 96.82 96.36
C ILE H 232 61.47 97.58 96.90
N ALA H 233 61.72 98.44 97.88
CA ALA H 233 60.68 99.30 98.44
C ALA H 233 60.10 100.26 97.41
N GLU H 234 60.89 100.66 96.42
CA GLU H 234 60.57 101.74 95.51
C GLU H 234 60.28 101.29 94.08
N MET H 235 60.28 99.99 93.81
CA MET H 235 59.81 99.51 92.51
C MET H 235 58.35 99.87 92.29
N ARG H 236 58.02 100.07 91.02
CA ARG H 236 56.68 100.48 90.63
C ARG H 236 56.50 100.03 89.19
N GLN H 237 55.58 99.09 88.95
CA GLN H 237 55.21 98.72 87.59
C GLN H 237 54.71 99.94 86.83
N ARG H 238 54.75 99.86 85.50
CA ARG H 238 54.24 100.93 84.63
C ARG H 238 53.19 100.32 83.71
N VAL H 239 51.95 100.37 84.16
CA VAL H 239 50.77 100.02 83.37
C VAL H 239 50.32 101.25 82.61
N GLN H 240 49.87 101.06 81.37
CA GLN H 240 49.39 102.19 80.59
C GLN H 240 48.49 101.68 79.48
N ALA H 241 47.17 101.89 79.64
CA ALA H 241 46.17 101.27 78.77
C ALA H 241 45.82 102.13 77.57
N ASP H 242 45.96 103.46 77.66
CA ASP H 242 45.74 104.30 76.49
C ASP H 242 46.73 104.02 75.35
N ARG H 243 47.89 103.39 75.64
CA ARG H 243 48.82 102.89 74.66
C ARG H 243 48.87 101.37 74.62
N ASN H 244 48.26 100.66 75.59
CA ASN H 244 48.23 99.20 75.69
C ASN H 244 49.65 98.63 75.83
N VAL H 245 50.30 99.02 76.93
CA VAL H 245 51.62 98.47 77.27
C VAL H 245 51.74 98.42 78.78
N VAL H 246 52.36 97.35 79.27
CA VAL H 246 52.64 97.19 80.70
C VAL H 246 54.08 96.72 80.86
N ASN H 247 54.80 97.36 81.77
CA ASN H 247 56.15 96.98 82.19
C ASN H 247 56.07 96.51 83.63
N TYR H 248 56.65 95.33 83.92
CA TYR H 248 56.72 94.73 85.25
C TYR H 248 58.12 94.27 85.62
N PRO H 249 58.57 94.46 86.87
CA PRO H 249 59.86 93.88 87.26
C PRO H 249 59.81 92.36 87.35
N SER H 250 61.00 91.78 87.35
CA SER H 250 61.16 90.34 87.49
C SER H 250 62.57 90.05 87.96
N ILE H 251 62.72 88.90 88.60
CA ILE H 251 64.00 88.40 89.10
C ILE H 251 64.11 86.96 88.63
N LEU H 252 65.14 86.68 87.84
CA LEU H 252 65.33 85.36 87.26
C LEU H 252 66.69 85.33 86.60
N HIS H 253 67.16 84.11 86.33
CA HIS H 253 68.50 83.92 85.82
C HIS H 253 68.59 84.47 84.39
N PRO H 254 69.78 84.94 83.94
CA PRO H 254 69.89 85.47 82.56
C PRO H 254 69.48 84.54 81.43
N ILE H 255 69.71 83.24 81.57
CA ILE H 255 69.29 82.26 80.58
C ILE H 255 67.76 82.28 80.45
N ASP H 256 67.09 82.26 81.58
CA ASP H 256 65.63 82.31 81.57
C ASP H 256 65.13 83.63 81.05
N HIS H 257 65.88 84.72 81.32
CA HIS H 257 65.54 86.01 80.74
C HIS H 257 65.63 85.95 79.23
N ALA H 258 66.63 85.25 78.69
CA ALA H 258 66.75 85.09 77.25
C ALA H 258 65.55 84.37 76.66
N PHE H 259 65.17 83.24 77.27
CA PHE H 259 64.03 82.47 76.76
C PHE H 259 62.73 83.27 76.86
N ASN H 260 62.56 84.00 77.95
CA ASN H 260 61.30 84.68 78.17
C ASN H 260 61.20 85.96 77.35
N GLU H 261 62.29 86.73 77.22
CA GLU H 261 62.24 87.88 76.33
C GLU H 261 62.09 87.43 74.88
N TYR H 262 62.58 86.23 74.52
CA TYR H 262 62.27 85.73 73.18
C TYR H 262 60.77 85.53 73.05
N PHE H 263 60.15 84.76 73.96
CA PHE H 263 58.71 84.48 73.88
C PHE H 263 57.87 85.76 73.93
N LEU H 264 58.34 86.77 74.65
CA LEU H 264 57.64 88.03 74.73
C LEU H 264 57.79 88.83 73.45
N GLN H 265 59.00 88.89 72.91
CA GLN H 265 59.28 89.72 71.75
C GLN H 265 58.92 89.05 70.44
N HIS H 266 58.68 87.73 70.42
CA HIS H 266 58.37 86.98 69.20
C HIS H 266 56.99 86.34 69.28
N GLN H 267 56.03 87.14 69.70
CA GLN H 267 54.62 86.77 69.74
C GLN H 267 54.09 86.81 68.33
N LEU H 268 53.46 85.72 67.91
CA LEU H 268 52.92 85.60 66.55
C LEU H 268 51.43 85.94 66.51
N VAL H 269 51.12 87.11 67.09
CA VAL H 269 49.80 87.72 67.02
C VAL H 269 49.95 89.05 66.32
N GLU H 270 49.11 89.27 65.31
CA GLU H 270 49.14 90.38 64.36
C GLU H 270 47.91 91.27 64.53
N PRO H 271 47.98 92.56 64.21
CA PRO H 271 46.78 93.39 64.32
C PRO H 271 45.74 92.93 63.32
N LEU H 272 44.47 93.04 63.72
CA LEU H 272 43.33 92.58 62.95
C LEU H 272 42.33 93.70 62.65
N ASN H 273 41.56 93.47 61.60
CA ASN H 273 40.68 94.46 60.98
C ASN H 273 39.95 93.77 59.82
N ASN H 274 38.97 94.48 59.26
CA ASN H 274 38.08 93.87 58.27
C ASN H 274 38.79 93.52 56.97
N ASP H 275 39.76 94.35 56.55
CA ASP H 275 40.36 94.15 55.22
C ASP H 275 41.20 92.88 55.17
N ILE H 276 41.87 92.52 56.28
CA ILE H 276 42.61 91.26 56.33
C ILE H 276 41.66 90.09 56.17
N ILE H 277 40.43 90.21 56.66
CA ILE H 277 39.46 89.14 56.50
C ILE H 277 38.93 89.15 55.07
N PHE H 278 38.80 90.34 54.48
CA PHE H 278 38.35 90.48 53.11
C PHE H 278 39.36 89.84 52.15
N ASN H 279 40.65 89.98 52.44
CA ASN H 279 41.71 89.39 51.62
C ASN H 279 42.04 87.97 52.03
N TYR H 280 41.62 87.52 53.20
CA TYR H 280 41.72 86.11 53.56
C TYR H 280 40.82 85.24 52.68
N ILE H 281 39.71 85.80 52.22
CA ILE H 281 38.81 85.17 51.26
C ILE H 281 39.56 85.00 49.93
N PRO H 282 39.36 83.92 49.16
CA PRO H 282 39.97 83.84 47.83
C PRO H 282 39.46 84.93 46.90
N GLU H 283 40.31 85.32 45.96
CA GLU H 283 40.04 86.50 45.14
C GLU H 283 38.82 86.31 44.25
N ARG H 284 38.71 85.18 43.55
CA ARG H 284 37.63 84.96 42.60
C ARG H 284 36.39 84.36 43.25
N ILE H 285 36.20 84.58 44.55
CA ILE H 285 34.91 84.41 45.21
C ILE H 285 34.31 85.75 45.64
N ARG H 286 35.13 86.76 45.92
CA ARG H 286 34.65 88.08 46.31
C ARG H 286 34.62 89.07 45.16
N ASN H 287 35.32 88.78 44.08
CA ASN H 287 35.03 89.40 42.79
C ASN H 287 33.79 88.80 42.12
N ASP H 288 33.29 87.67 42.61
CA ASP H 288 32.09 87.06 42.07
C ASP H 288 30.87 87.80 42.64
N VAL H 289 29.74 87.66 41.93
CA VAL H 289 28.48 88.29 42.28
C VAL H 289 27.44 87.29 42.78
N ASN H 290 27.58 86.01 42.45
CA ASN H 290 26.66 84.98 42.92
C ASN H 290 26.77 84.70 44.42
N TYR H 291 27.82 85.18 45.09
CA TYR H 291 28.08 85.02 46.51
C TYR H 291 28.25 86.42 47.05
N ILE H 292 27.28 86.87 47.81
CA ILE H 292 27.26 88.19 48.39
C ILE H 292 27.92 88.08 49.75
N LEU H 293 28.69 89.09 50.10
CA LEU H 293 29.53 89.08 51.27
C LEU H 293 29.40 90.44 51.93
N ASN H 294 29.23 90.43 53.24
CA ASN H 294 28.99 91.62 54.03
C ASN H 294 29.70 91.43 55.35
N MET H 295 30.34 92.48 55.83
CA MET H 295 30.91 92.50 57.15
C MET H 295 29.85 93.13 58.04
N ASP H 296 29.46 92.43 59.11
CA ASP H 296 28.39 92.86 60.01
C ASP H 296 28.76 92.60 61.45
N ARG H 297 30.05 92.62 61.77
CA ARG H 297 30.54 92.36 63.11
C ARG H 297 31.77 93.24 63.24
N ASN H 298 31.78 94.10 64.24
CA ASN H 298 32.93 94.93 64.54
C ASN H 298 34.00 94.12 65.23
N LEU H 299 35.25 94.56 65.04
CA LEU H 299 36.42 94.03 65.72
C LEU H 299 37.14 95.23 66.34
N PRO H 300 37.47 95.22 67.67
CA PRO H 300 38.14 96.40 68.22
C PRO H 300 39.56 96.58 67.72
N SER H 301 40.25 97.61 68.21
CA SER H 301 41.66 97.76 67.93
C SER H 301 42.48 96.68 68.65
N THR H 302 41.96 96.12 69.75
CA THR H 302 42.68 95.17 70.58
C THR H 302 42.44 93.72 70.15
N ALA H 303 42.06 93.51 68.89
CA ALA H 303 41.84 92.19 68.32
C ALA H 303 43.09 91.68 67.63
N ARG H 304 43.30 90.36 67.72
CA ARG H 304 44.45 89.69 67.16
C ARG H 304 43.99 88.39 66.52
N TYR H 305 44.78 87.95 65.55
CA TYR H 305 44.62 86.67 64.88
C TYR H 305 45.99 86.09 64.73
N ILE H 306 46.07 84.93 64.07
CA ILE H 306 47.33 84.29 63.77
C ILE H 306 47.32 83.98 62.29
N ARG H 307 48.19 84.65 61.57
CA ARG H 307 48.50 84.41 60.18
C ARG H 307 48.97 82.96 60.09
N PRO H 308 48.22 82.02 59.50
CA PRO H 308 48.74 80.64 59.40
C PRO H 308 49.97 80.59 58.50
N ASN H 309 50.58 79.40 58.47
CA ASN H 309 51.80 79.16 57.69
C ASN H 309 51.44 78.40 56.42
N LEU H 310 51.15 79.18 55.38
CA LEU H 310 50.87 78.72 54.02
C LEU H 310 52.16 78.73 53.17
N LEU H 311 53.21 78.14 53.73
CA LEU H 311 54.50 78.07 53.05
C LEU H 311 54.44 76.84 52.18
N GLN H 312 54.69 77.01 50.88
CA GLN H 312 54.41 75.99 49.89
C GLN H 312 55.27 74.74 50.12
N ASP H 313 54.90 73.68 49.41
CA ASP H 313 55.55 72.38 49.50
C ASP H 313 57.03 72.50 49.18
N ARG H 314 57.87 72.28 50.19
CA ARG H 314 59.32 72.26 50.08
C ARG H 314 59.92 70.87 50.24
N LEU H 315 59.10 69.82 50.35
CA LEU H 315 59.55 68.44 50.20
C LEU H 315 59.40 67.92 48.80
N ASN H 316 58.44 68.47 48.04
CA ASN H 316 58.16 68.05 46.67
C ASN H 316 57.82 66.56 46.64
N LEU H 317 56.64 66.27 47.17
CA LEU H 317 56.09 64.93 47.17
C LEU H 317 55.50 64.50 45.82
N HIS H 318 55.62 65.32 44.77
CA HIS H 318 55.08 64.97 43.46
C HIS H 318 56.08 64.26 42.56
N ASP H 319 57.36 64.19 42.95
CA ASP H 319 58.39 63.44 42.23
C ASP H 319 59.06 62.44 43.16
N ASN H 320 58.89 61.15 42.84
CA ASN H 320 59.56 60.06 43.55
C ASN H 320 59.04 59.89 44.98
N PHE H 321 57.78 60.24 45.23
CA PHE H 321 57.07 59.95 46.48
C PHE H 321 55.68 59.45 46.14
N GLU H 322 55.68 58.43 45.28
CA GLU H 322 54.48 57.98 44.58
C GLU H 322 53.37 57.50 45.51
N SER H 323 53.71 56.71 46.51
CA SER H 323 52.69 56.13 47.37
C SER H 323 52.06 57.20 48.27
N LEU H 324 52.92 58.00 48.91
CA LEU H 324 52.45 59.09 49.75
C LEU H 324 51.64 60.10 48.96
N TRP H 325 52.06 60.38 47.72
CA TRP H 325 51.31 61.29 46.87
C TRP H 325 49.97 60.69 46.47
N ASP H 326 49.95 59.38 46.26
CA ASP H 326 48.70 58.69 45.96
C ASP H 326 47.73 58.82 47.12
N THR H 327 48.24 58.71 48.35
CA THR H 327 47.36 58.83 49.49
C THR H 327 46.86 60.26 49.67
N ILE H 328 47.75 61.25 49.50
CA ILE H 328 47.36 62.66 49.54
C ILE H 328 46.28 62.94 48.51
N THR H 329 46.49 62.49 47.28
CA THR H 329 45.56 62.76 46.19
C THR H 329 44.24 62.06 46.44
N THR H 330 44.29 60.85 47.01
CA THR H 330 43.09 60.13 47.38
C THR H 330 42.32 60.88 48.47
N SER H 331 43.04 61.43 49.44
CA SER H 331 42.42 62.18 50.52
C SER H 331 41.71 63.40 49.98
N ASN H 332 42.35 64.10 49.04
CA ASN H 332 41.72 65.26 48.45
C ASN H 332 40.50 64.86 47.63
N TYR H 333 40.55 63.69 46.98
CA TYR H 333 39.39 63.20 46.24
C TYR H 333 38.22 62.92 47.16
N ILE H 334 38.47 62.20 48.26
CA ILE H 334 37.41 61.87 49.21
C ILE H 334 36.91 63.11 49.91
N LEU H 335 37.77 64.11 50.09
CA LEU H 335 37.30 65.36 50.64
C LEU H 335 36.38 66.05 49.65
N ALA H 336 36.74 66.00 48.37
CA ALA H 336 35.99 66.75 47.38
C ALA H 336 34.66 66.11 47.08
N ARG H 337 34.54 64.79 47.24
CA ARG H 337 33.23 64.16 47.03
C ARG H 337 32.19 64.68 48.01
N SER H 338 32.60 65.03 49.23
CA SER H 338 31.68 65.35 50.30
C SER H 338 31.23 66.81 50.31
N VAL H 339 31.61 67.61 49.30
CA VAL H 339 31.27 69.03 49.22
C VAL H 339 30.65 69.42 47.89
N VAL H 340 30.69 68.52 46.89
CA VAL H 340 30.01 68.83 45.64
C VAL H 340 28.51 68.94 45.91
N PRO H 341 27.78 69.89 45.32
CA PRO H 341 26.35 69.91 45.55
C PRO H 341 25.68 68.76 44.83
N ASP H 342 24.82 68.05 45.56
CA ASP H 342 23.86 67.19 44.90
C ASP H 342 22.96 68.03 44.00
N LEU H 343 22.28 67.33 43.09
CA LEU H 343 21.47 67.94 42.04
C LEU H 343 20.06 67.38 42.07
N LYS H 344 19.13 68.18 41.53
CA LYS H 344 17.71 68.05 41.84
C LYS H 344 16.90 68.35 40.58
N GLU H 345 15.58 68.10 40.69
CA GLU H 345 14.62 68.31 39.60
C GLU H 345 15.04 67.60 38.32
N LEU H 346 15.51 66.37 38.47
CA LEU H 346 15.92 65.55 37.36
C LEU H 346 14.74 65.12 36.51
N VAL H 347 15.08 64.63 35.32
CA VAL H 347 14.08 64.09 34.42
C VAL H 347 13.61 62.77 35.02
N SER H 348 12.37 62.39 34.70
CA SER H 348 11.89 61.05 34.99
C SER H 348 12.83 60.02 34.40
N THR H 349 13.41 59.20 35.28
CA THR H 349 14.32 58.15 34.84
C THR H 349 13.64 57.18 33.88
N GLU H 350 12.49 56.63 34.33
CA GLU H 350 11.68 55.72 33.53
C GLU H 350 11.31 56.28 32.16
N ALA H 351 11.11 57.59 32.05
CA ALA H 351 10.73 58.17 30.78
C ALA H 351 11.88 58.13 29.79
N GLN H 352 13.11 58.18 30.29
CA GLN H 352 14.26 57.97 29.43
C GLN H 352 14.46 56.50 29.16
N ILE H 353 14.09 55.62 30.09
CA ILE H 353 14.30 54.20 29.85
C ILE H 353 13.38 53.75 28.73
N GLN H 354 12.09 54.13 28.81
CA GLN H 354 11.16 53.86 27.71
C GLN H 354 11.64 54.48 26.41
N LYS H 355 12.08 55.75 26.44
CA LYS H 355 12.43 56.43 25.19
C LYS H 355 13.66 55.82 24.54
N MET H 356 14.71 55.60 25.33
CA MET H 356 15.92 54.97 24.82
C MET H 356 15.63 53.58 24.31
N SER H 357 14.79 52.82 25.03
CA SER H 357 14.44 51.47 24.61
C SER H 357 13.75 51.47 23.26
N GLN H 358 12.82 52.41 23.04
CA GLN H 358 12.07 52.42 21.78
C GLN H 358 12.82 53.12 20.65
N ASP H 359 13.84 53.93 20.96
CA ASP H 359 14.63 54.59 19.91
C ASP H 359 15.79 53.72 19.44
N LEU H 360 16.40 52.97 20.35
CA LEU H 360 17.48 52.09 19.98
C LEU H 360 16.94 50.81 19.38
N GLN H 361 15.83 50.33 19.95
CA GLN H 361 15.06 49.19 19.45
C GLN H 361 15.94 47.94 19.38
N LEU H 362 16.38 47.52 20.56
CA LEU H 362 17.28 46.40 20.69
C LEU H 362 16.54 45.08 20.61
N GLU H 363 15.32 45.02 21.14
CA GLU H 363 14.48 43.83 21.10
C GLU H 363 14.22 43.33 19.67
N ALA H 364 14.23 44.23 18.69
CA ALA H 364 14.23 43.83 17.28
C ALA H 364 15.45 43.00 16.90
N LEU H 365 16.59 43.21 17.57
CA LEU H 365 17.82 42.50 17.26
C LEU H 365 17.83 41.16 18.00
N THR H 366 18.82 40.33 17.68
CA THR H 366 18.94 38.97 18.21
C THR H 366 20.24 38.79 19.00
N ILE H 367 20.46 39.69 19.96
CA ILE H 367 21.66 39.69 20.79
C ILE H 367 21.23 39.42 22.24
N GLN H 368 22.22 39.26 23.12
CA GLN H 368 22.02 38.85 24.51
C GLN H 368 22.59 39.86 25.49
N SER H 369 22.34 41.16 25.26
CA SER H 369 22.70 42.22 26.20
C SER H 369 21.56 43.21 26.35
N GLU H 370 20.32 42.72 26.38
CA GLU H 370 19.17 43.59 26.24
C GLU H 370 18.95 44.48 27.47
N THR H 371 18.92 43.90 28.66
CA THR H 371 18.79 44.68 29.89
C THR H 371 20.13 45.17 30.42
N GLN H 372 21.25 44.58 29.99
CA GLN H 372 22.53 44.88 30.63
C GLN H 372 23.12 46.18 30.12
N PHE H 373 22.70 46.64 28.94
CA PHE H 373 23.09 47.96 28.46
C PHE H 373 22.61 49.03 29.42
N LEU H 374 21.30 49.07 29.65
CA LEU H 374 20.63 50.14 30.38
C LEU H 374 20.59 49.91 31.88
N THR H 375 21.76 49.61 32.46
CA THR H 375 21.98 49.47 33.89
C THR H 375 22.87 50.64 34.31
N GLY H 376 22.63 51.16 35.50
CA GLY H 376 23.27 52.36 35.94
C GLY H 376 22.70 53.64 35.36
N ILE H 377 21.66 53.55 34.51
CA ILE H 377 21.07 54.74 33.94
C ILE H 377 20.35 55.58 34.99
N ASN H 378 19.99 54.99 36.14
CA ASN H 378 19.23 55.63 37.19
C ASN H 378 19.98 56.82 37.79
N SER H 379 19.26 57.59 38.59
CA SER H 379 19.89 58.45 39.57
C SER H 379 20.56 57.60 40.63
N GLN H 380 21.41 58.24 41.43
CA GLN H 380 22.45 57.74 42.32
C GLN H 380 23.70 57.28 41.56
N ALA H 381 23.69 57.24 40.22
CA ALA H 381 24.86 57.09 39.37
C ALA H 381 25.32 58.41 38.77
N ALA H 382 24.38 59.24 38.31
CA ALA H 382 24.75 60.50 37.67
C ALA H 382 25.38 61.45 38.68
N ASN H 383 24.79 61.54 39.87
CA ASN H 383 25.38 62.38 40.91
C ASN H 383 26.73 61.84 41.35
N ASP H 384 26.90 60.51 41.34
CA ASP H 384 28.19 59.89 41.66
C ASP H 384 29.26 60.36 40.67
N CYS H 385 28.95 60.29 39.37
CA CYS H 385 29.89 60.76 38.36
C CYS H 385 30.16 62.25 38.48
N PHE H 386 29.11 63.02 38.78
CA PHE H 386 29.22 64.47 38.97
C PHE H 386 30.21 64.77 40.08
N LYS H 387 30.16 63.99 41.15
CA LYS H 387 31.12 64.18 42.23
C LYS H 387 32.51 63.72 41.79
N THR H 388 32.57 62.64 41.03
CA THR H 388 33.84 62.01 40.71
C THR H 388 34.69 62.85 39.78
N LEU H 389 34.07 63.41 38.73
CA LEU H 389 34.76 64.31 37.81
C LEU H 389 35.35 65.51 38.51
N ILE H 390 34.53 66.21 39.29
CA ILE H 390 34.96 67.45 39.93
C ILE H 390 36.04 67.15 40.95
N ALA H 391 35.87 66.09 41.74
CA ALA H 391 36.87 65.75 42.74
C ALA H 391 38.18 65.33 42.11
N ALA H 392 38.11 64.61 41.00
CA ALA H 392 39.33 64.12 40.38
C ALA H 392 40.08 65.24 39.69
N MET H 393 39.38 66.22 39.12
CA MET H 393 40.07 67.38 38.57
C MET H 393 40.61 68.28 39.67
N LEU H 394 39.89 68.42 40.79
CA LEU H 394 40.36 69.25 41.89
C LEU H 394 41.52 68.63 42.65
N SER H 395 41.66 67.31 42.60
CA SER H 395 42.71 66.57 43.28
C SER H 395 43.82 66.10 42.35
N GLN H 396 43.63 66.16 41.03
CA GLN H 396 44.50 65.51 40.05
C GLN H 396 44.64 64.01 40.34
N ARG H 397 43.53 63.41 40.75
CA ARG H 397 43.39 61.99 40.93
C ARG H 397 43.08 61.36 39.58
N THR H 398 44.04 60.61 39.06
CA THR H 398 43.86 59.92 37.79
C THR H 398 42.72 58.92 37.94
N MET H 399 41.89 58.84 36.90
CA MET H 399 40.73 57.95 36.86
C MET H 399 40.69 57.19 35.55
N SER H 400 40.04 56.03 35.61
CA SER H 400 40.04 55.03 34.57
C SER H 400 38.74 55.10 33.77
N LEU H 401 38.53 54.11 32.90
CA LEU H 401 37.33 54.00 32.08
C LEU H 401 36.96 52.52 32.01
N ASP H 402 36.09 52.10 32.91
CA ASP H 402 35.54 50.74 32.90
C ASP H 402 34.23 50.76 32.13
N PHE H 403 34.11 49.87 31.17
CA PHE H 403 32.92 49.87 30.33
C PHE H 403 32.82 48.59 29.54
N VAL H 404 31.63 48.37 28.98
CA VAL H 404 31.38 47.35 27.99
C VAL H 404 31.49 48.10 26.67
N THR H 405 32.17 47.51 25.69
CA THR H 405 32.37 48.16 24.41
C THR H 405 31.27 47.86 23.40
N THR H 406 30.44 46.85 23.65
CA THR H 406 29.26 46.64 22.82
C THR H 406 28.16 47.66 23.09
N ASN H 407 28.26 48.45 24.17
CA ASN H 407 27.27 49.45 24.53
C ASN H 407 27.84 50.73 23.94
N TYR H 408 27.43 51.03 22.72
CA TYR H 408 27.93 52.19 21.99
C TYR H 408 27.51 53.52 22.62
N MET H 409 26.48 53.53 23.45
CA MET H 409 26.07 54.76 24.13
C MET H 409 27.13 55.22 25.12
N SER H 410 27.71 54.25 25.84
CA SER H 410 28.82 54.54 26.74
C SER H 410 29.98 55.22 26.03
N LEU H 411 30.25 54.82 24.79
CA LEU H 411 31.36 55.40 24.04
C LEU H 411 31.00 56.77 23.50
N ILE H 412 29.74 56.93 23.07
CA ILE H 412 29.23 58.20 22.59
C ILE H 412 29.20 59.23 23.70
N SER H 413 29.05 58.79 24.95
CA SER H 413 29.18 59.69 26.09
C SER H 413 30.64 59.90 26.47
N GLY H 414 31.47 58.90 26.25
CA GLY H 414 32.88 59.05 26.55
C GLY H 414 33.57 60.04 25.65
N MET H 415 33.07 60.21 24.41
CA MET H 415 33.67 61.23 23.56
C MET H 415 33.33 62.64 24.03
N TRP H 416 32.12 62.85 24.55
CA TRP H 416 31.80 64.10 25.24
C TRP H 416 32.72 64.32 26.42
N LEU H 417 32.98 63.26 27.18
CA LEU H 417 33.87 63.34 28.33
C LEU H 417 35.26 63.77 27.93
N LEU H 418 35.85 63.07 26.95
CA LEU H 418 37.16 63.43 26.42
C LEU H 418 37.19 64.84 25.84
N THR H 419 36.05 65.31 25.30
CA THR H 419 35.97 66.66 24.79
C THR H 419 36.15 67.66 25.92
N VAL H 420 35.31 67.56 26.96
CA VAL H 420 35.33 68.58 28.00
C VAL H 420 36.46 68.34 29.00
N VAL H 421 36.70 67.09 29.38
CA VAL H 421 37.70 66.77 30.39
C VAL H 421 39.02 66.68 29.64
N PRO H 422 40.16 67.18 30.17
CA PRO H 422 41.43 67.00 29.46
C PRO H 422 41.83 65.55 29.30
N ASN H 423 42.64 65.31 28.27
CA ASN H 423 43.09 63.95 27.99
C ASN H 423 44.06 63.47 29.06
N ASP H 424 44.91 64.38 29.56
CA ASP H 424 45.95 63.98 30.50
C ASP H 424 45.43 63.60 31.89
N MET H 425 44.14 63.80 32.18
CA MET H 425 43.56 63.40 33.45
C MET H 425 43.30 61.90 33.53
N PHE H 426 43.27 61.20 32.40
CA PHE H 426 42.98 59.78 32.33
C PHE H 426 44.30 59.05 32.16
N ILE H 427 44.34 57.84 32.75
CA ILE H 427 45.44 56.95 32.47
C ILE H 427 45.46 56.65 30.98
N ARG H 428 46.68 56.47 30.45
CA ARG H 428 46.88 56.50 29.01
C ARG H 428 46.23 55.32 28.33
N GLU H 429 46.36 54.14 28.92
CA GLU H 429 45.93 52.92 28.26
C GLU H 429 44.42 52.89 28.10
N SER H 430 43.68 53.33 29.12
CA SER H 430 42.23 53.37 29.02
C SER H 430 41.78 54.47 28.05
N LEU H 431 42.49 55.60 28.04
CA LEU H 431 42.19 56.67 27.09
C LEU H 431 42.36 56.17 25.67
N VAL H 432 43.50 55.55 25.39
CA VAL H 432 43.77 54.96 24.08
C VAL H 432 42.69 53.95 23.74
N ALA H 433 42.33 53.10 24.69
CA ALA H 433 41.30 52.10 24.47
C ALA H 433 39.98 52.74 24.09
N CYS H 434 39.60 53.80 24.82
CA CYS H 434 38.36 54.50 24.53
C CYS H 434 38.39 55.14 23.14
N GLN H 435 39.48 55.89 22.83
CA GLN H 435 39.57 56.52 21.52
C GLN H 435 39.60 55.50 20.40
N LEU H 436 40.32 54.41 20.61
CA LEU H 436 40.45 53.38 19.58
C LEU H 436 39.11 52.69 19.36
N ALA H 437 38.38 52.45 20.44
CA ALA H 437 37.02 51.93 20.35
C ALA H 437 36.13 52.89 19.58
N ILE H 438 36.25 54.19 19.86
CA ILE H 438 35.49 55.21 19.15
C ILE H 438 35.81 55.17 17.66
N ILE H 439 37.09 55.07 17.32
CA ILE H 439 37.51 55.11 15.94
C ILE H 439 37.05 53.86 15.21
N ASN H 440 37.38 52.70 15.77
CA ASN H 440 37.10 51.41 15.13
C ASN H 440 35.63 51.00 15.14
N THR H 441 34.73 51.79 15.72
CA THR H 441 33.32 51.44 15.87
C THR H 441 32.37 52.51 15.39
N ILE H 442 32.81 53.77 15.30
CA ILE H 442 31.96 54.90 14.90
C ILE H 442 32.53 55.58 13.67
N ILE H 443 33.73 56.12 13.78
CA ILE H 443 34.20 57.15 12.85
C ILE H 443 34.59 56.58 11.49
N TYR H 444 35.64 55.76 11.47
CA TYR H 444 36.16 55.19 10.24
C TYR H 444 35.15 54.35 9.46
N PRO H 445 34.42 53.40 10.06
CA PRO H 445 33.42 52.67 9.27
C PRO H 445 32.30 53.54 8.71
N ALA H 446 32.07 54.73 9.28
CA ALA H 446 31.14 55.68 8.69
C ALA H 446 31.78 56.35 7.48
N PHE H 447 32.96 56.95 7.67
CA PHE H 447 33.67 57.53 6.54
C PHE H 447 34.14 56.49 5.54
N GLY H 448 34.30 55.23 5.96
CA GLY H 448 34.71 54.17 5.06
C GLY H 448 36.21 54.05 4.95
N MET H 449 36.87 53.83 6.07
CA MET H 449 38.32 53.68 6.15
C MET H 449 38.64 52.33 6.76
N GLN H 450 39.87 51.89 6.54
CA GLN H 450 40.36 50.71 7.24
C GLN H 450 40.58 51.04 8.71
N ARG H 451 40.43 50.01 9.54
CA ARG H 451 40.17 50.15 10.96
C ARG H 451 41.31 50.84 11.70
N MET H 452 42.47 50.17 11.82
CA MET H 452 43.74 50.72 12.31
C MET H 452 44.67 49.51 12.33
N HIS H 453 45.95 49.76 12.59
CA HIS H 453 46.87 48.77 13.13
C HIS H 453 47.72 49.55 14.14
N TYR H 454 47.28 49.54 15.40
CA TYR H 454 47.86 50.37 16.43
C TYR H 454 49.04 49.68 17.10
N ARG H 455 50.07 50.46 17.37
CA ARG H 455 51.27 50.01 18.06
C ARG H 455 51.17 50.44 19.52
N ASN H 456 51.43 49.51 20.44
CA ASN H 456 51.17 49.75 21.86
C ASN H 456 51.99 50.92 22.41
N GLY H 457 53.28 50.97 22.07
CA GLY H 457 54.20 51.98 22.54
C GLY H 457 54.25 53.21 21.64
N ASP H 458 53.20 53.46 20.86
CA ASP H 458 53.16 54.65 20.02
C ASP H 458 53.15 55.92 20.87
N PRO H 459 54.01 56.92 20.60
CA PRO H 459 53.80 58.22 21.25
C PRO H 459 52.53 58.91 20.80
N GLN H 460 52.08 58.64 19.57
CA GLN H 460 51.05 59.43 18.92
C GLN H 460 49.68 58.82 19.18
N THR H 461 48.91 59.51 20.01
CA THR H 461 47.59 59.09 20.44
C THR H 461 46.69 58.90 19.20
N PRO H 462 45.67 58.01 19.25
CA PRO H 462 44.86 57.74 18.03
C PRO H 462 44.18 58.92 17.38
N PHE H 463 43.58 59.82 18.17
CA PHE H 463 43.03 61.05 17.61
C PHE H 463 44.06 61.93 16.91
N GLN H 464 45.34 61.82 17.27
CA GLN H 464 46.35 62.61 16.57
C GLN H 464 46.55 62.08 15.16
N ILE H 465 46.56 60.75 14.99
CA ILE H 465 46.57 60.16 13.65
C ILE H 465 45.30 60.56 12.90
N ALA H 466 44.16 60.52 13.58
CA ALA H 466 42.89 60.84 12.94
C ALA H 466 42.83 62.29 12.49
N GLU H 467 43.51 63.20 13.20
CA GLU H 467 43.51 64.61 12.84
C GLU H 467 44.09 64.87 11.44
N GLN H 468 44.97 63.99 10.96
CA GLN H 468 45.56 64.06 9.62
C GLN H 468 44.92 63.11 8.63
N GLN H 469 44.43 61.96 9.11
CA GLN H 469 43.82 60.97 8.23
C GLN H 469 42.35 61.26 7.92
N ILE H 470 41.64 61.95 8.82
CA ILE H 470 40.23 62.25 8.59
C ILE H 470 40.14 63.40 7.59
N GLN H 471 39.45 63.13 6.48
CA GLN H 471 39.19 64.14 5.46
C GLN H 471 37.77 64.66 5.63
N ASN H 472 37.60 65.57 6.58
CA ASN H 472 36.35 66.32 6.81
C ASN H 472 36.66 67.36 7.87
N PHE H 473 36.05 68.55 7.73
CA PHE H 473 36.36 69.65 8.64
C PHE H 473 35.53 69.63 9.92
N GLN H 474 34.24 69.28 9.83
CA GLN H 474 33.31 69.38 10.95
C GLN H 474 33.70 68.51 12.15
N VAL H 475 34.44 67.44 11.90
CA VAL H 475 34.88 66.49 12.92
C VAL H 475 36.37 66.62 13.18
N ALA H 476 37.17 66.94 12.17
CA ALA H 476 38.60 67.05 12.38
C ALA H 476 38.93 68.29 13.19
N ASN H 477 38.11 69.34 13.12
CA ASN H 477 38.37 70.49 13.98
C ASN H 477 38.12 70.13 15.45
N TRP H 478 37.08 69.33 15.70
CA TRP H 478 36.88 68.75 17.03
C TRP H 478 38.06 67.89 17.49
N LEU H 479 38.57 67.05 16.60
CA LEU H 479 39.74 66.25 16.95
C LEU H 479 40.96 67.12 17.22
N HIS H 480 41.09 68.22 16.47
CA HIS H 480 42.16 69.17 16.69
C HIS H 480 42.04 69.79 18.08
N PHE H 481 40.81 70.08 18.47
CA PHE H 481 40.56 70.59 19.82
C PHE H 481 40.97 69.56 20.87
N VAL H 482 40.54 68.31 20.67
CA VAL H 482 40.76 67.25 21.68
C VAL H 482 42.24 66.98 21.86
N ASN H 483 42.96 66.86 20.75
CA ASN H 483 44.39 66.57 20.78
C ASN H 483 45.19 67.65 21.52
N ASN H 484 44.67 68.88 21.57
CA ASN H 484 45.28 70.00 22.28
C ASN H 484 44.28 70.52 23.31
N ASN H 485 43.61 69.60 24.01
CA ASN H 485 42.79 69.87 25.19
C ASN H 485 43.54 69.32 26.39
N GLN H 486 44.45 70.12 26.93
CA GLN H 486 45.20 69.82 28.14
C GLN H 486 44.96 70.93 29.13
N PHE H 487 45.33 70.66 30.38
CA PHE H 487 45.29 71.71 31.38
C PHE H 487 46.29 72.79 31.01
N ARG H 488 46.13 73.95 31.65
CA ARG H 488 47.02 75.09 31.48
C ARG H 488 47.41 75.61 32.84
N GLN H 489 48.70 75.81 33.04
CA GLN H 489 49.25 76.12 34.35
C GLN H 489 49.23 77.61 34.55
N VAL H 490 48.76 78.04 35.71
CA VAL H 490 48.70 79.46 36.04
C VAL H 490 48.78 79.61 37.55
N VAL H 491 49.57 80.57 38.01
CA VAL H 491 49.74 80.86 39.43
C VAL H 491 48.82 82.01 39.77
N ILE H 492 47.77 81.70 40.52
CA ILE H 492 46.74 82.65 40.94
C ILE H 492 46.77 82.67 42.46
N ASP H 493 46.85 83.88 43.03
CA ASP H 493 46.79 84.11 44.48
C ASP H 493 47.93 83.38 45.21
N GLY H 494 49.05 83.15 44.53
CA GLY H 494 50.19 82.49 45.10
C GLY H 494 50.18 80.98 44.97
N VAL H 495 49.07 80.37 44.49
CA VAL H 495 48.96 78.92 44.34
C VAL H 495 48.88 78.59 42.86
N LEU H 496 49.49 77.47 42.49
CA LEU H 496 49.35 76.94 41.15
C LEU H 496 47.93 76.44 40.92
N ASN H 497 47.56 76.39 39.65
CA ASN H 497 46.20 76.07 39.20
C ASN H 497 46.30 75.48 37.81
N GLN H 498 45.54 74.41 37.62
CA GLN H 498 45.41 73.71 36.35
C GLN H 498 44.06 74.11 35.79
N VAL H 499 44.05 75.10 34.91
CA VAL H 499 42.84 75.73 34.41
C VAL H 499 42.52 75.24 33.00
N LEU H 500 41.33 75.58 32.54
CA LEU H 500 40.74 75.11 31.31
C LEU H 500 40.89 76.17 30.21
N ASN H 501 40.23 75.97 29.08
CA ASN H 501 40.62 76.57 27.82
C ASN H 501 39.92 77.90 27.55
N ASP H 502 38.71 78.13 28.11
CA ASP H 502 37.81 79.29 27.95
C ASP H 502 36.99 79.12 26.67
N ASN H 503 37.19 78.05 25.90
CA ASN H 503 36.18 77.50 25.00
C ASN H 503 35.44 76.29 25.59
N ILE H 504 35.71 75.93 26.85
CA ILE H 504 35.01 74.88 27.57
C ILE H 504 34.13 75.45 28.66
N ARG H 505 34.66 76.43 29.41
CA ARG H 505 33.96 77.09 30.51
C ARG H 505 32.60 77.61 30.04
N ASN H 506 32.60 78.33 28.92
CA ASN H 506 31.39 78.45 28.09
C ASN H 506 31.24 77.20 27.22
N GLY H 507 30.00 76.72 27.10
CA GLY H 507 29.76 75.50 26.35
C GLY H 507 29.53 75.86 24.91
N HIS H 508 30.63 75.80 24.17
CA HIS H 508 30.71 76.20 22.76
C HIS H 508 31.32 75.07 21.93
N VAL H 509 32.20 74.27 22.52
CA VAL H 509 32.79 73.15 21.79
C VAL H 509 31.74 72.11 21.47
N VAL H 510 30.70 71.99 22.31
CA VAL H 510 29.68 71.00 22.04
C VAL H 510 28.90 71.35 20.79
N ASN H 511 28.84 72.62 20.38
CA ASN H 511 28.28 72.92 19.07
C ASN H 511 29.06 72.24 17.96
N GLN H 512 30.40 72.33 18.02
CA GLN H 512 31.25 71.61 17.07
C GLN H 512 31.05 70.11 17.17
N LEU H 513 30.92 69.60 18.40
CA LEU H 513 30.66 68.18 18.65
C LEU H 513 29.38 67.74 17.97
N MET H 514 28.29 68.47 18.18
CA MET H 514 27.03 68.04 17.60
C MET H 514 27.00 68.27 16.10
N GLU H 515 27.82 69.19 15.56
CA GLU H 515 27.98 69.24 14.11
C GLU H 515 28.61 67.96 13.58
N ALA H 516 29.70 67.53 14.22
CA ALA H 516 30.34 66.26 13.88
C ALA H 516 29.38 65.08 14.04
N LEU H 517 28.57 65.11 15.08
CA LEU H 517 27.67 64.00 15.36
C LEU H 517 26.50 63.98 14.40
N MET H 518 26.01 65.16 13.99
CA MET H 518 24.99 65.21 12.96
C MET H 518 25.55 64.69 11.65
N GLN H 519 26.84 64.93 11.39
CA GLN H 519 27.44 64.40 10.17
C GLN H 519 27.48 62.88 10.24
N LEU H 520 27.97 62.35 11.35
CA LEU H 520 27.98 60.91 11.57
C LEU H 520 26.59 60.28 11.52
N SER H 521 25.58 61.01 11.99
CA SER H 521 24.20 60.58 11.83
C SER H 521 23.85 60.47 10.36
N ARG H 522 24.15 61.50 9.59
CA ARG H 522 23.65 61.52 8.22
C ARG H 522 24.34 60.54 7.30
N GLN H 523 25.43 59.89 7.72
CA GLN H 523 26.18 59.07 6.78
C GLN H 523 25.59 57.68 6.65
N GLN H 524 25.98 57.08 5.54
CA GLN H 524 25.89 55.66 5.32
C GLN H 524 27.16 55.02 5.87
N PHE H 525 26.98 53.93 6.58
CA PHE H 525 28.07 53.07 7.01
C PHE H 525 28.17 52.01 5.94
N PRO H 526 29.07 52.15 4.92
CA PRO H 526 28.88 51.42 3.64
C PRO H 526 28.85 49.92 3.78
N THR H 527 29.81 49.34 4.49
CA THR H 527 29.90 47.90 4.61
C THR H 527 29.01 47.37 5.73
N MET H 528 28.44 48.25 6.58
CA MET H 528 27.88 47.82 7.85
C MET H 528 26.44 47.31 7.67
N PRO H 529 25.96 46.41 8.54
CA PRO H 529 24.51 46.15 8.60
C PRO H 529 23.69 47.37 8.95
N VAL H 530 22.39 47.19 8.82
CA VAL H 530 21.42 48.28 8.88
C VAL H 530 20.75 48.34 10.24
N ASP H 531 20.46 47.17 10.84
CA ASP H 531 19.89 47.12 12.18
C ASP H 531 20.81 47.74 13.24
N TYR H 532 22.10 47.80 12.98
CA TYR H 532 23.13 48.33 13.84
C TYR H 532 23.45 49.78 13.49
N LYS H 533 23.56 50.07 12.18
CA LYS H 533 23.61 51.44 11.67
C LYS H 533 22.50 52.32 12.22
N ARG H 534 21.26 51.85 12.13
CA ARG H 534 20.12 52.66 12.54
C ARG H 534 20.17 52.94 14.03
N SER H 535 20.47 51.91 14.82
CA SER H 535 20.53 52.07 16.26
C SER H 535 21.63 53.03 16.67
N ILE H 536 22.78 52.98 15.98
CA ILE H 536 23.87 53.90 16.26
C ILE H 536 23.49 55.32 15.89
N GLN H 537 22.91 55.50 14.69
CA GLN H 537 22.50 56.83 14.24
C GLN H 537 21.49 57.44 15.20
N ARG H 538 20.57 56.63 15.71
CA ARG H 538 19.52 57.18 16.56
C ARG H 538 20.07 57.48 17.94
N GLY H 539 20.92 56.60 18.49
CA GLY H 539 21.61 56.91 19.72
C GLY H 539 22.48 58.13 19.65
N ILE H 540 23.06 58.41 18.49
CA ILE H 540 23.78 59.66 18.28
C ILE H 540 22.80 60.83 18.26
N LEU H 541 21.68 60.68 17.56
CA LEU H 541 20.67 61.74 17.46
C LEU H 541 20.13 62.15 18.82
N LEU H 542 20.07 61.20 19.77
CA LEU H 542 19.68 61.48 21.14
C LEU H 542 20.53 62.60 21.72
N LEU H 543 21.84 62.45 21.65
CA LEU H 543 22.73 63.49 22.11
C LEU H 543 22.64 64.73 21.24
N SER H 544 22.36 64.58 19.95
CA SER H 544 22.13 65.77 19.14
C SER H 544 20.89 66.54 19.57
N ASN H 545 19.94 65.90 20.28
CA ASN H 545 18.81 66.58 20.88
C ASN H 545 19.13 67.12 22.27
N ARG H 546 20.20 66.66 22.92
CA ARG H 546 20.61 67.12 24.24
C ARG H 546 21.59 68.30 24.17
N LEU H 547 21.53 69.10 23.09
CA LEU H 547 22.54 70.12 22.85
C LEU H 547 22.57 71.16 23.96
N GLY H 548 21.47 71.90 24.11
CA GLY H 548 21.43 72.98 25.08
C GLY H 548 21.62 72.50 26.51
N GLN H 549 21.03 71.34 26.83
CA GLN H 549 21.16 70.78 28.17
C GLN H 549 22.60 70.39 28.49
N LEU H 550 23.36 69.98 27.49
CA LEU H 550 24.75 69.61 27.71
C LEU H 550 25.66 70.84 27.73
N VAL H 551 25.30 71.89 26.99
CA VAL H 551 25.92 73.20 27.18
C VAL H 551 25.77 73.62 28.64
N ASP H 552 24.54 73.52 29.15
CA ASP H 552 24.23 73.91 30.51
C ASP H 552 25.04 73.08 31.51
N LEU H 553 25.10 71.77 31.27
CA LEU H 553 25.86 70.85 32.12
C LEU H 553 27.33 71.22 32.15
N THR H 554 27.93 71.41 30.97
CA THR H 554 29.35 71.74 30.88
C THR H 554 29.69 73.02 31.60
N ARG H 555 28.86 74.06 31.39
CA ARG H 555 29.09 75.35 32.05
C ARG H 555 28.97 75.19 33.56
N LEU H 556 27.96 74.45 34.01
CA LEU H 556 27.73 74.25 35.43
C LEU H 556 28.90 73.51 36.07
N LEU H 557 29.30 72.40 35.43
CA LEU H 557 30.45 71.61 35.86
C LEU H 557 31.70 72.45 36.01
N ALA H 558 32.06 73.21 34.97
CA ALA H 558 33.24 74.06 35.00
C ALA H 558 33.13 75.12 36.08
N TYR H 559 31.94 75.71 36.23
CA TYR H 559 31.75 76.78 37.20
C TYR H 559 31.95 76.27 38.61
N ASN H 560 31.34 75.12 38.93
CA ASN H 560 31.52 74.56 40.25
C ASN H 560 32.96 74.15 40.48
N TYR H 561 33.61 73.63 39.43
CA TYR H 561 35.01 73.26 39.49
C TYR H 561 35.91 74.44 39.82
N GLU H 562 35.71 75.56 39.13
CA GLU H 562 36.60 76.69 39.33
C GLU H 562 36.31 77.40 40.66
N THR H 563 35.03 77.49 41.05
CA THR H 563 34.70 78.06 42.35
C THR H 563 35.29 77.24 43.48
N LEU H 564 35.28 75.92 43.35
CA LEU H 564 35.90 75.07 44.37
C LEU H 564 37.41 75.13 44.28
N MET H 565 37.96 75.34 43.08
CA MET H 565 39.39 75.51 42.93
C MET H 565 39.89 76.73 43.72
N ALA H 566 39.09 77.80 43.76
CA ALA H 566 39.46 79.02 44.50
C ALA H 566 39.73 78.75 45.98
N CYS H 567 39.09 77.74 46.57
CA CYS H 567 39.20 77.44 47.99
C CYS H 567 40.27 76.38 48.21
N ILE H 568 41.44 76.59 47.63
CA ILE H 568 42.57 75.69 47.72
C ILE H 568 43.79 76.52 48.05
N THR H 569 44.65 75.96 48.86
CA THR H 569 45.84 76.57 49.43
C THR H 569 47.13 75.92 48.95
N MET H 570 47.06 74.64 48.55
CA MET H 570 48.22 73.89 48.13
C MET H 570 48.30 73.86 46.61
N ASN H 571 49.52 73.79 46.10
CA ASN H 571 49.75 73.65 44.67
C ASN H 571 49.15 72.36 44.16
N MET H 572 48.55 72.43 42.97
CA MET H 572 47.81 71.34 42.36
C MET H 572 48.51 70.90 41.08
N GLN H 573 49.30 69.83 41.20
CA GLN H 573 50.22 69.38 40.17
C GLN H 573 49.77 68.00 39.71
N HIS H 574 50.28 67.63 38.54
CA HIS H 574 49.78 66.49 37.79
C HIS H 574 50.82 65.38 37.92
N VAL H 575 50.40 64.27 38.49
CA VAL H 575 51.21 63.06 38.58
C VAL H 575 50.28 61.89 38.36
N GLN H 576 50.75 60.92 37.59
CA GLN H 576 50.03 59.67 37.42
C GLN H 576 50.01 58.90 38.73
N THR H 577 48.86 58.82 39.37
CA THR H 577 48.78 58.05 40.60
C THR H 577 48.79 56.57 40.26
N LEU H 578 49.23 55.77 41.22
CA LEU H 578 49.25 54.33 41.07
C LEU H 578 47.85 53.75 40.93
N THR H 579 47.06 53.83 41.99
CA THR H 579 45.69 53.35 41.96
C THR H 579 44.80 54.46 41.44
N THR H 580 43.63 54.05 40.96
CA THR H 580 42.90 54.84 39.98
C THR H 580 41.42 54.66 40.25
N GLU H 581 40.73 55.79 40.37
CA GLU H 581 39.30 55.78 40.59
C GLU H 581 38.58 55.23 39.37
N LYS H 582 37.62 54.34 39.64
CA LYS H 582 36.80 53.79 38.59
C LYS H 582 35.81 54.83 38.14
N LEU H 583 35.47 54.76 36.86
CA LEU H 583 34.40 55.57 36.28
C LEU H 583 33.59 54.69 35.35
N GLN H 584 32.30 54.59 35.63
CA GLN H 584 31.39 53.78 34.85
C GLN H 584 30.76 54.66 33.80
N LEU H 585 30.92 54.29 32.53
CA LEU H 585 30.35 55.11 31.48
C LEU H 585 28.83 55.06 31.44
N THR H 586 28.21 54.07 32.09
CA THR H 586 26.79 54.15 32.39
C THR H 586 26.48 55.37 33.25
N SER H 587 27.39 55.71 34.16
CA SER H 587 27.18 56.88 35.01
C SER H 587 27.32 58.16 34.19
N VAL H 588 28.26 58.17 33.25
CA VAL H 588 28.41 59.34 32.39
C VAL H 588 27.20 59.47 31.48
N THR H 589 26.65 58.34 31.05
CA THR H 589 25.41 58.32 30.27
C THR H 589 24.26 58.87 31.08
N SER H 590 24.15 58.44 32.35
CA SER H 590 23.15 58.94 33.28
C SER H 590 23.23 60.46 33.40
N LEU H 591 24.45 60.95 33.59
CA LEU H 591 24.66 62.39 33.77
C LEU H 591 24.25 63.15 32.52
N CYS H 592 24.73 62.70 31.36
CA CYS H 592 24.41 63.40 30.12
C CYS H 592 22.94 63.32 29.75
N MET H 593 22.22 62.27 30.20
CA MET H 593 20.83 62.04 29.83
C MET H 593 19.82 62.28 30.94
N LEU H 594 20.23 62.62 32.16
CA LEU H 594 19.28 62.97 33.22
C LEU H 594 19.76 64.21 33.97
N ILE H 595 19.44 65.38 33.42
CA ILE H 595 19.65 66.65 34.07
C ILE H 595 18.94 67.71 33.22
N GLY H 596 18.42 68.75 33.86
CA GLY H 596 18.02 69.93 33.11
C GLY H 596 17.41 71.02 33.96
N ASN H 597 17.93 72.23 33.76
CA ASN H 597 17.41 73.53 34.22
C ASN H 597 16.94 73.50 35.66
N ALA H 598 17.91 73.23 36.53
CA ALA H 598 17.78 73.47 37.96
C ALA H 598 19.22 73.59 38.41
N THR H 599 19.66 74.83 38.63
CA THR H 599 21.04 75.10 38.92
C THR H 599 21.34 74.86 40.38
N VAL H 600 22.49 74.23 40.62
CA VAL H 600 22.96 73.88 41.96
C VAL H 600 24.41 74.31 42.02
N ILE H 601 24.76 75.02 43.09
CA ILE H 601 26.08 75.57 43.32
C ILE H 601 26.37 75.44 44.81
N PRO H 602 27.63 75.50 45.26
CA PRO H 602 27.91 75.31 46.67
C PRO H 602 27.32 76.44 47.50
N SER H 603 26.95 76.10 48.72
CA SER H 603 26.62 77.10 49.69
C SER H 603 27.92 77.72 50.18
N PRO H 604 27.90 78.94 50.71
CA PRO H 604 29.15 79.48 51.27
C PRO H 604 29.67 78.70 52.46
N GLN H 605 28.82 77.97 53.17
CA GLN H 605 29.28 77.18 54.30
C GLN H 605 30.12 76.00 53.82
N THR H 606 29.69 75.34 52.74
CA THR H 606 30.48 74.28 52.16
C THR H 606 31.82 74.78 51.64
N LEU H 607 31.81 75.98 51.05
CA LEU H 607 33.05 76.57 50.55
C LEU H 607 34.00 76.87 51.69
N PHE H 608 33.47 77.49 52.74
CA PHE H 608 34.24 77.78 53.93
C PHE H 608 34.78 76.52 54.58
N HIS H 609 33.97 75.45 54.61
CA HIS H 609 34.42 74.18 55.18
C HIS H 609 35.60 73.63 54.40
N TYR H 610 35.48 73.57 53.08
CA TYR H 610 36.57 73.06 52.25
C TYR H 610 37.80 73.97 52.26
N TYR H 611 37.61 75.25 52.60
CA TYR H 611 38.74 76.15 52.71
C TYR H 611 39.41 76.00 54.05
N ASN H 612 38.62 75.92 55.14
CA ASN H 612 39.20 75.72 56.47
C ASN H 612 39.95 74.41 56.51
N VAL H 613 39.41 73.38 55.86
CA VAL H 613 40.05 72.07 55.86
C VAL H 613 41.38 72.13 55.13
N ASN H 614 41.40 72.77 53.94
CA ASN H 614 42.66 72.87 53.21
C ASN H 614 43.67 73.72 53.97
N VAL H 615 43.22 74.80 54.60
CA VAL H 615 44.09 75.66 55.39
C VAL H 615 44.68 74.89 56.55
N ASN H 616 43.86 74.09 57.23
CA ASN H 616 44.34 73.35 58.38
C ASN H 616 45.30 72.26 57.98
N PHE H 617 45.03 71.59 56.87
CA PHE H 617 45.92 70.55 56.42
C PHE H 617 47.26 71.13 55.98
N HIS H 618 47.23 72.23 55.23
CA HIS H 618 48.46 72.88 54.78
C HIS H 618 49.26 73.42 55.96
N SER H 619 48.58 74.08 56.90
CA SER H 619 49.23 74.60 58.09
C SER H 619 49.82 73.50 58.95
N ASN H 620 49.08 72.40 59.15
CA ASN H 620 49.58 71.29 59.94
C ASN H 620 50.78 70.66 59.26
N TYR H 621 50.71 70.52 57.94
CA TYR H 621 51.81 70.00 57.14
C TYR H 621 53.08 70.82 57.35
N ASN H 622 52.98 72.14 57.23
CA ASN H 622 54.16 72.98 57.34
C ASN H 622 54.71 72.98 58.77
N GLU H 623 53.83 73.02 59.77
CA GLU H 623 54.28 73.06 61.16
C GLU H 623 54.94 71.75 61.55
N ARG H 624 54.40 70.62 61.11
CA ARG H 624 55.02 69.34 61.43
C ARG H 624 56.36 69.19 60.72
N ILE H 625 56.48 69.72 59.49
CA ILE H 625 57.78 69.73 58.82
C ILE H 625 58.78 70.54 59.63
N ASN H 626 58.35 71.70 60.14
CA ASN H 626 59.21 72.55 60.93
C ASN H 626 59.70 71.82 62.18
N ASP H 627 58.78 71.18 62.90
CA ASP H 627 59.16 70.41 64.10
C ASP H 627 60.14 69.30 63.76
N ALA H 628 59.83 68.54 62.70
CA ALA H 628 60.67 67.43 62.25
C ALA H 628 62.08 67.90 61.91
N VAL H 629 62.17 68.96 61.12
CA VAL H 629 63.47 69.47 60.68
C VAL H 629 64.27 69.98 61.87
N ALA H 630 63.59 70.63 62.82
CA ALA H 630 64.29 71.13 64.01
C ALA H 630 64.88 70.00 64.82
N ILE H 631 64.11 68.92 65.01
CA ILE H 631 64.61 67.79 65.79
C ILE H 631 65.74 67.09 65.07
N ILE H 632 65.60 66.88 63.76
CA ILE H 632 66.67 66.27 62.95
C ILE H 632 67.96 67.08 63.03
N THR H 633 67.87 68.39 62.79
CA THR H 633 69.06 69.23 62.79
C THR H 633 69.69 69.28 64.17
N ALA H 634 68.87 69.26 65.22
CA ALA H 634 69.43 69.31 66.57
C ALA H 634 70.11 68.00 66.91
N ALA H 635 69.52 66.88 66.49
CA ALA H 635 70.16 65.59 66.68
C ALA H 635 71.50 65.53 65.93
N ASN H 636 71.57 66.16 64.76
CA ASN H 636 72.81 66.14 63.98
C ASN H 636 73.85 67.12 64.50
N ARG H 637 73.44 68.18 65.20
CA ARG H 637 74.38 69.14 65.79
C ARG H 637 74.83 68.75 67.18
N LEU H 638 74.01 68.03 67.93
CA LEU H 638 74.45 67.42 69.17
C LEU H 638 75.17 66.09 68.98
N ASN H 639 75.39 65.64 67.74
CA ASN H 639 76.18 64.45 67.45
C ASN H 639 75.55 63.22 68.10
N LEU H 640 74.23 63.13 67.99
CA LEU H 640 73.47 62.00 68.48
C LEU H 640 73.33 61.01 67.33
N TYR H 641 73.98 59.84 67.49
CA TYR H 641 74.11 58.83 66.44
C TYR H 641 73.60 57.43 66.78
N GLN H 642 73.35 57.08 68.05
CA GLN H 642 72.61 55.86 68.32
C GLN H 642 71.17 55.92 67.82
N LYS H 643 70.61 57.13 67.69
CA LYS H 643 69.24 57.33 67.26
C LYS H 643 69.00 56.76 65.87
N LYS H 644 67.74 56.39 65.62
CA LYS H 644 67.23 56.14 64.28
C LYS H 644 66.17 57.16 63.98
N MET H 645 66.24 57.71 62.76
CA MET H 645 65.48 58.89 62.41
C MET H 645 64.06 58.60 61.99
N LYS H 646 63.75 57.38 61.55
CA LYS H 646 62.38 57.10 61.10
C LYS H 646 61.37 57.19 62.23
N SER H 647 61.80 56.97 63.47
CA SER H 647 60.93 57.19 64.64
C SER H 647 60.40 58.62 64.71
N ILE H 648 61.16 59.58 64.18
CA ILE H 648 60.68 60.94 64.02
C ILE H 648 59.72 61.01 62.84
N VAL H 649 60.15 60.43 61.70
CA VAL H 649 59.41 60.50 60.45
C VAL H 649 58.02 59.89 60.60
N GLU H 650 57.94 58.72 61.25
CA GLU H 650 56.65 58.09 61.50
C GLU H 650 55.75 59.00 62.31
N ASP H 651 56.32 59.67 63.31
CA ASP H 651 55.55 60.64 64.08
C ASP H 651 55.11 61.78 63.18
N PHE H 652 56.01 62.22 62.29
CA PHE H 652 55.67 63.24 61.30
C PHE H 652 54.53 62.77 60.39
N LEU H 653 54.49 61.47 60.10
CA LEU H 653 53.39 60.88 59.34
C LEU H 653 52.22 60.50 60.23
N LYS H 654 52.43 60.34 61.54
CA LYS H 654 51.33 59.96 62.41
C LYS H 654 50.45 61.16 62.74
N ARG H 655 51.06 62.33 62.92
CA ARG H 655 50.28 63.53 63.23
C ARG H 655 49.40 63.93 62.05
N LEU H 656 49.91 63.79 60.83
CA LEU H 656 49.07 63.88 59.66
C LEU H 656 48.14 62.68 59.58
N GLN H 657 46.84 62.93 59.69
CA GLN H 657 45.86 61.89 60.00
C GLN H 657 45.31 61.27 58.72
N ILE H 658 46.19 60.89 57.79
CA ILE H 658 45.82 60.27 56.51
C ILE H 658 46.69 59.09 56.08
N PHE H 659 47.72 58.76 56.87
CA PHE H 659 48.72 57.75 56.53
C PHE H 659 48.64 56.58 57.49
N ASP H 660 48.73 55.37 56.93
CA ASP H 660 48.94 54.15 57.69
C ASP H 660 50.41 53.78 57.62
N ILE H 661 51.07 53.76 58.76
CA ILE H 661 52.52 53.73 58.79
C ILE H 661 53.08 52.31 58.65
N SER H 662 52.27 51.27 58.92
CA SER H 662 52.71 49.87 58.82
C SER H 662 52.70 49.33 57.38
N ARG H 663 52.53 50.19 56.39
CA ARG H 663 52.06 49.94 55.04
C ARG H 663 52.94 50.61 53.98
N VAL H 664 53.50 51.79 54.26
CA VAL H 664 54.46 52.50 53.45
C VAL H 664 55.73 51.68 53.17
N PRO H 665 56.45 51.91 52.03
CA PRO H 665 57.80 51.35 51.89
C PRO H 665 58.81 51.97 52.82
N ASP H 666 60.06 51.55 52.69
CA ASP H 666 61.18 52.10 53.43
C ASP H 666 62.00 53.11 52.62
N ASP H 667 62.16 52.87 51.31
CA ASP H 667 62.94 53.78 50.46
C ASP H 667 62.36 55.19 50.46
N GLN H 668 61.03 55.30 50.50
CA GLN H 668 60.39 56.60 50.58
C GLN H 668 60.72 57.29 51.90
N MET H 669 60.80 56.53 52.99
CA MET H 669 61.11 57.10 54.29
C MET H 669 62.51 57.71 54.27
N TYR H 670 63.45 57.04 53.60
CA TYR H 670 64.80 57.54 53.54
C TYR H 670 64.95 58.70 52.56
N ARG H 671 64.23 58.67 51.43
CA ARG H 671 64.20 59.84 50.55
C ARG H 671 63.59 61.05 51.24
N LEU H 672 62.61 60.81 52.10
CA LEU H 672 61.97 61.90 52.81
C LEU H 672 62.88 62.48 53.87
N ARG H 673 63.57 61.60 54.60
CA ARG H 673 64.65 61.98 55.49
C ARG H 673 65.70 62.83 54.79
N ASP H 674 66.17 62.35 53.64
CA ASP H 674 67.24 63.03 52.90
C ASP H 674 66.82 64.42 52.47
N ARG H 675 65.60 64.54 51.93
CA ARG H 675 65.14 65.86 51.51
C ARG H 675 64.80 66.75 52.70
N LEU H 676 64.56 66.18 53.89
CA LEU H 676 64.37 66.98 55.09
C LEU H 676 65.68 67.55 55.61
N ARG H 677 66.76 66.77 55.59
CA ARG H 677 68.04 67.28 56.10
C ARG H 677 68.55 68.50 55.36
N LEU H 678 68.23 68.64 54.07
CA LEU H 678 68.79 69.70 53.22
C LEU H 678 67.91 70.95 53.19
N LEU H 679 67.17 71.22 54.28
CA LEU H 679 66.28 72.38 54.42
C LEU H 679 66.72 73.25 55.60
N PRO H 680 66.50 74.61 55.54
CA PRO H 680 66.76 75.42 56.74
C PRO H 680 65.74 75.14 57.83
N VAL H 681 65.85 75.89 58.93
CA VAL H 681 65.04 75.69 60.13
C VAL H 681 64.20 76.94 60.33
N GLU H 682 63.00 76.74 60.87
CA GLU H 682 62.10 77.83 61.23
C GLU H 682 62.67 78.62 62.39
N ILE H 683 62.46 79.95 62.36
CA ILE H 683 63.27 80.89 63.12
C ILE H 683 63.08 80.70 64.62
N ARG H 684 61.87 80.34 65.05
CA ARG H 684 61.66 80.17 66.49
C ARG H 684 62.39 78.93 66.97
N ARG H 685 62.23 77.85 66.22
CA ARG H 685 62.85 76.57 66.55
C ARG H 685 64.37 76.63 66.48
N LEU H 686 64.93 77.59 65.73
CA LEU H 686 66.36 77.81 65.66
C LEU H 686 66.87 78.77 66.71
N ASP H 687 66.12 79.82 67.04
CA ASP H 687 66.59 80.76 68.06
C ASP H 687 66.61 80.10 69.42
N ILE H 688 65.62 79.27 69.71
CA ILE H 688 65.59 78.51 70.96
C ILE H 688 66.79 77.58 71.01
N PHE H 689 67.04 76.90 69.90
CA PHE H 689 68.18 75.99 69.79
C PHE H 689 69.51 76.69 70.00
N ASN H 690 69.71 77.85 69.39
CA ASN H 690 70.94 78.61 69.57
C ASN H 690 71.11 79.08 70.98
N LEU H 691 70.01 79.49 71.63
CA LEU H 691 70.05 79.85 73.04
C LEU H 691 70.49 78.67 73.89
N ILE H 692 70.07 77.47 73.51
CA ILE H 692 70.38 76.29 74.31
C ILE H 692 71.84 75.88 74.14
N LEU H 693 72.36 75.99 72.92
CA LEU H 693 73.74 75.56 72.68
C LEU H 693 74.78 76.46 73.35
N MET H 694 74.54 77.76 73.37
CA MET H 694 75.43 78.70 74.05
C MET H 694 75.31 78.68 75.57
N ASN H 695 74.46 77.81 76.15
CA ASN H 695 74.17 77.75 77.56
C ASN H 695 74.14 76.34 78.13
N MET H 696 74.09 75.30 77.30
CA MET H 696 74.02 73.93 77.79
C MET H 696 75.28 73.52 78.53
N GLU H 697 76.41 74.12 78.20
CA GLU H 697 77.61 73.96 79.01
C GLU H 697 77.46 74.62 80.37
N GLN H 698 76.64 75.66 80.48
CA GLN H 698 76.42 76.41 81.71
C GLN H 698 75.31 75.83 82.59
N ILE H 699 74.39 75.04 82.03
CA ILE H 699 73.37 74.37 82.82
C ILE H 699 73.94 73.11 83.46
N GLU H 700 74.67 72.34 82.66
CA GLU H 700 75.31 71.11 83.08
C GLU H 700 76.33 71.29 84.21
N ARG H 701 76.85 72.50 84.43
CA ARG H 701 77.87 72.80 85.44
C ARG H 701 77.29 73.20 86.79
N ALA H 702 75.99 73.40 86.88
CA ALA H 702 75.25 73.30 88.13
C ALA H 702 74.98 71.81 88.37
N SER H 703 73.98 71.47 89.18
CA SER H 703 73.57 70.07 89.37
C SER H 703 74.61 69.19 90.03
N ASP H 704 74.77 69.32 91.34
CA ASP H 704 75.70 68.47 92.10
C ASP H 704 75.26 67.01 92.18
N LYS H 705 75.25 66.31 91.03
CA LYS H 705 75.27 64.86 90.96
C LYS H 705 76.24 64.31 89.92
N ILE H 706 76.74 65.14 89.00
CA ILE H 706 77.72 64.76 87.99
C ILE H 706 78.91 65.71 88.10
N ALA H 707 80.01 65.28 87.48
CA ALA H 707 81.20 66.09 87.32
C ALA H 707 81.61 65.97 85.85
N GLN H 708 82.27 67.01 85.35
CA GLN H 708 82.59 67.12 83.94
C GLN H 708 83.95 66.53 83.59
N GLY H 709 84.48 65.65 84.43
CA GLY H 709 85.74 64.99 84.18
C GLY H 709 86.44 64.82 85.51
N VAL H 710 87.44 63.94 85.52
CA VAL H 710 88.31 63.74 86.66
C VAL H 710 89.72 63.74 86.10
N ILE H 711 90.69 64.08 86.97
CA ILE H 711 92.09 64.17 86.62
C ILE H 711 92.79 63.16 87.50
N ILE H 712 93.83 62.50 86.98
CA ILE H 712 94.75 61.69 87.76
C ILE H 712 96.13 62.24 87.51
N ALA H 713 96.85 62.53 88.60
CA ALA H 713 98.16 63.16 88.54
C ALA H 713 98.97 62.64 89.72
N TYR H 714 99.80 61.63 89.48
CA TYR H 714 100.51 60.94 90.54
C TYR H 714 101.60 61.78 91.19
N ARG H 715 101.18 62.83 91.90
CA ARG H 715 102.05 63.73 92.62
C ARG H 715 101.22 64.35 93.72
N ASP H 716 101.82 64.49 94.90
CA ASP H 716 101.04 64.83 96.09
C ASP H 716 100.64 66.31 96.05
N MET H 717 99.51 66.58 95.39
CA MET H 717 99.02 67.95 95.24
C MET H 717 98.25 68.38 96.47
N GLN H 718 98.29 69.68 96.75
CA GLN H 718 97.67 70.27 97.93
C GLN H 718 96.22 70.60 97.61
N LEU H 719 95.32 70.23 98.51
CA LEU H 719 93.91 70.53 98.30
C LEU H 719 93.73 72.03 98.39
N GLU H 720 93.00 72.60 97.44
CA GLU H 720 92.72 74.02 97.39
C GLU H 720 91.39 74.32 98.07
N ARG H 721 91.22 75.59 98.41
CA ARG H 721 90.18 76.06 99.30
C ARG H 721 89.11 76.79 98.50
N ASP H 722 87.85 76.49 98.83
CA ASP H 722 86.67 77.12 98.23
C ASP H 722 85.76 77.58 99.35
N GLU H 723 84.70 78.29 98.97
CA GLU H 723 83.73 78.89 99.87
C GLU H 723 82.51 78.03 100.10
N MET H 724 81.94 77.48 99.03
CA MET H 724 80.90 76.47 99.13
C MET H 724 81.37 75.26 99.93
N TYR H 725 82.44 74.64 99.49
CA TYR H 725 83.10 73.58 100.20
C TYR H 725 84.09 74.22 101.16
N GLY H 726 84.88 73.39 101.84
CA GLY H 726 86.10 73.82 102.49
C GLY H 726 87.28 73.39 101.65
N TYR H 727 87.96 72.34 102.09
CA TYR H 727 88.98 71.69 101.29
C TYR H 727 88.37 70.75 100.28
N VAL H 728 88.92 70.77 99.06
CA VAL H 728 88.44 69.94 97.96
C VAL H 728 89.58 69.51 97.06
N ASN H 729 89.41 68.33 96.47
CA ASN H 729 90.27 67.83 95.38
C ASN H 729 89.63 68.20 94.04
N ILE H 730 89.65 69.51 93.78
CA ILE H 730 88.91 70.11 92.67
C ILE H 730 89.89 70.73 91.69
N ALA H 731 89.53 70.65 90.42
CA ALA H 731 90.26 71.24 89.31
C ALA H 731 89.29 72.08 88.52
N ARG H 732 89.80 73.17 87.93
CA ARG H 732 88.98 74.10 87.16
C ARG H 732 89.66 74.61 85.90
N ASN H 733 90.69 73.92 85.39
CA ASN H 733 91.39 74.32 84.18
C ASN H 733 91.55 73.16 83.20
N LEU H 734 91.79 71.94 83.70
CA LEU H 734 91.89 70.72 82.89
C LEU H 734 93.01 70.84 81.85
N ASP H 735 94.10 71.49 82.24
CA ASP H 735 95.22 71.78 81.36
C ASP H 735 96.46 70.98 81.75
N GLY H 736 97.37 70.83 80.80
CA GLY H 736 98.61 70.14 81.09
C GLY H 736 98.45 68.64 81.26
N PHE H 737 97.42 68.05 80.66
CA PHE H 737 97.19 66.60 80.75
C PHE H 737 96.62 66.09 79.45
N GLN H 738 96.72 64.77 79.28
CA GLN H 738 96.27 64.09 78.08
C GLN H 738 94.79 63.75 78.25
N GLN H 739 93.95 64.46 77.50
CA GLN H 739 92.50 64.34 77.61
C GLN H 739 92.03 63.09 76.89
N ILE H 740 91.61 62.08 77.67
CA ILE H 740 90.92 60.90 77.17
C ILE H 740 89.42 61.12 77.36
N ASN H 741 88.66 60.97 76.28
CA ASN H 741 87.21 61.07 76.31
C ASN H 741 86.60 59.70 76.44
N LEU H 742 85.48 59.64 77.16
CA LEU H 742 84.89 58.38 77.61
C LEU H 742 83.81 57.85 76.69
N GLU H 743 83.00 58.71 76.07
CA GLU H 743 81.96 58.21 75.18
C GLU H 743 82.50 57.50 73.95
N GLU H 744 83.75 57.74 73.57
CA GLU H 744 84.44 56.95 72.56
C GLU H 744 85.10 55.72 73.17
N LEU H 745 85.64 55.87 74.37
CA LEU H 745 86.33 54.78 75.03
C LEU H 745 85.41 53.65 75.45
N MET H 746 84.11 53.92 75.58
CA MET H 746 83.12 52.89 75.86
C MET H 746 82.56 52.28 74.58
N ARG H 747 82.42 53.09 73.53
CA ARG H 747 81.84 52.62 72.29
C ARG H 747 82.88 51.96 71.41
N THR H 748 84.12 52.43 71.47
CA THR H 748 85.29 51.66 71.11
C THR H 748 85.82 50.98 72.35
N GLY H 749 85.77 49.66 72.38
CA GLY H 749 86.46 48.95 73.43
C GLY H 749 87.90 48.88 73.00
N ASP H 750 88.70 49.85 73.43
CA ASP H 750 90.11 49.89 73.06
C ASP H 750 90.83 50.53 74.25
N TYR H 751 91.27 49.66 75.15
CA TYR H 751 91.83 50.02 76.44
C TYR H 751 93.34 49.87 76.48
N ALA H 752 93.99 49.62 75.35
CA ALA H 752 95.45 49.59 75.32
C ALA H 752 96.01 50.93 75.75
N GLN H 753 95.39 52.02 75.28
CA GLN H 753 95.91 53.35 75.55
C GLN H 753 95.79 53.73 77.01
N ILE H 754 94.82 53.17 77.73
CA ILE H 754 94.56 53.51 79.12
C ILE H 754 95.19 52.46 80.04
N THR H 755 95.20 51.20 79.60
CA THR H 755 95.90 50.17 80.36
C THR H 755 97.41 50.35 80.31
N ASN H 756 97.95 51.02 79.28
CA ASN H 756 99.37 51.33 79.24
C ASN H 756 99.69 52.62 80.02
N MET H 757 98.75 53.17 80.81
CA MET H 757 98.93 54.40 81.57
C MET H 757 98.52 54.24 83.02
N LEU H 758 97.55 53.37 83.30
CA LEU H 758 97.19 53.02 84.67
C LEU H 758 98.13 51.99 85.26
N LEU H 759 98.65 51.09 84.45
CA LEU H 759 99.63 50.13 84.93
C LEU H 759 100.97 50.82 85.16
N ASN H 760 101.33 51.75 84.29
CA ASN H 760 102.58 52.49 84.41
C ASN H 760 102.43 53.80 85.19
N ASN H 761 101.21 54.17 85.60
CA ASN H 761 100.92 55.34 86.44
C ASN H 761 101.44 56.62 85.80
N GLN H 762 100.81 56.94 84.67
CA GLN H 762 100.98 58.17 83.89
C GLN H 762 99.83 59.14 84.12
N PRO H 763 100.05 60.45 84.33
CA PRO H 763 98.92 61.36 84.53
C PRO H 763 98.02 61.50 83.32
N VAL H 764 96.71 61.52 83.56
CA VAL H 764 95.71 61.67 82.50
C VAL H 764 94.57 62.54 83.01
N ALA H 765 93.61 62.77 82.12
CA ALA H 765 92.35 63.43 82.44
C ALA H 765 91.23 62.71 81.70
N LEU H 766 90.36 62.05 82.46
CA LEU H 766 89.22 61.34 81.91
C LEU H 766 88.04 62.30 81.87
N VAL H 767 87.67 62.77 80.69
CA VAL H 767 86.67 63.81 80.51
C VAL H 767 85.36 63.15 80.09
N GLY H 768 84.26 63.71 80.57
CA GLY H 768 82.93 63.21 80.29
C GLY H 768 82.08 63.37 81.54
N ALA H 769 80.78 63.57 81.34
CA ALA H 769 79.85 63.70 82.45
C ALA H 769 79.74 62.38 83.19
N LEU H 770 80.16 62.37 84.45
CA LEU H 770 80.13 61.20 85.31
C LEU H 770 79.88 61.61 86.76
N PRO H 771 79.47 60.65 87.64
CA PRO H 771 79.11 61.02 89.03
C PRO H 771 80.24 61.45 89.93
N PHE H 772 79.90 61.53 91.23
CA PHE H 772 80.84 61.78 92.30
C PHE H 772 80.09 61.53 93.59
N ILE H 773 80.81 61.51 94.69
CA ILE H 773 80.26 61.46 96.04
C ILE H 773 81.08 62.31 96.98
N THR H 774 80.41 62.79 98.04
CA THR H 774 80.98 63.79 98.94
C THR H 774 81.41 63.08 100.21
N ASP H 775 82.63 62.54 100.18
CA ASP H 775 83.22 61.96 101.38
C ASP H 775 83.49 63.07 102.38
N SER H 776 83.25 62.76 103.65
CA SER H 776 83.32 63.75 104.73
C SER H 776 84.07 63.14 105.90
N SER H 777 85.22 62.53 105.60
CA SER H 777 86.14 62.07 106.63
C SER H 777 87.58 62.24 106.15
N VAL H 778 88.41 62.81 107.02
CA VAL H 778 89.83 62.97 106.77
C VAL H 778 90.54 61.62 106.63
N ILE H 779 90.00 60.58 107.28
CA ILE H 779 90.60 59.24 107.25
C ILE H 779 90.66 58.71 105.83
N SER H 780 89.56 58.81 105.10
CA SER H 780 89.52 58.35 103.71
C SER H 780 90.38 59.19 102.77
N LEU H 781 90.89 60.34 103.19
CA LEU H 781 91.90 61.09 102.45
C LEU H 781 93.30 60.56 102.74
N VAL H 782 93.63 60.40 104.01
CA VAL H 782 94.90 59.82 104.42
C VAL H 782 95.04 58.40 103.89
N ALA H 783 93.97 57.63 103.98
CA ALA H 783 93.99 56.24 103.53
C ALA H 783 94.04 56.09 102.01
N LYS H 784 93.87 57.17 101.25
CA LYS H 784 94.03 57.20 99.80
C LYS H 784 93.02 56.26 99.17
N LEU H 785 91.76 56.57 99.43
CA LEU H 785 90.61 55.85 98.92
C LEU H 785 90.20 56.31 97.53
N ASP H 786 90.56 57.53 97.15
CA ASP H 786 90.15 58.13 95.88
C ASP H 786 90.69 57.39 94.66
N ALA H 787 91.88 56.82 94.77
CA ALA H 787 92.56 56.19 93.66
C ALA H 787 92.15 54.74 93.43
N THR H 788 91.28 54.16 94.28
CA THR H 788 90.90 52.76 94.21
C THR H 788 89.59 52.55 93.45
N VAL H 789 89.32 53.39 92.45
CA VAL H 789 88.04 53.43 91.74
C VAL H 789 88.29 53.31 90.23
N PHE H 790 89.36 52.60 89.84
CA PHE H 790 89.75 52.45 88.44
C PHE H 790 90.13 51.03 88.04
N ALA H 791 90.33 50.12 88.99
CA ALA H 791 90.63 48.75 88.61
C ALA H 791 89.42 48.10 87.93
N GLN H 792 88.21 48.54 88.31
CA GLN H 792 86.99 48.04 87.71
C GLN H 792 86.90 48.36 86.21
N ILE H 793 87.63 49.37 85.73
CA ILE H 793 87.66 49.67 84.30
C ILE H 793 88.37 48.55 83.57
N VAL H 794 89.59 48.23 83.99
CA VAL H 794 90.35 47.19 83.33
C VAL H 794 89.71 45.83 83.54
N LYS H 795 89.01 45.64 84.67
CA LYS H 795 88.27 44.40 84.86
C LYS H 795 87.01 44.39 84.00
N LEU H 796 86.07 45.28 84.27
CA LEU H 796 84.88 45.48 83.46
C LEU H 796 85.14 46.66 82.53
N ARG H 797 85.34 46.36 81.23
CA ARG H 797 85.66 47.39 80.25
C ARG H 797 84.60 48.48 80.17
N LYS H 798 83.34 48.16 80.45
CA LYS H 798 82.30 49.17 80.36
C LYS H 798 82.55 50.20 81.46
N VAL H 799 82.75 51.45 81.07
CA VAL H 799 82.96 52.56 82.01
C VAL H 799 81.60 53.25 82.13
N ASP H 800 80.82 52.74 83.05
CA ASP H 800 79.56 53.30 83.50
C ASP H 800 79.47 53.38 85.01
N THR H 801 80.00 52.39 85.72
CA THR H 801 79.99 52.35 87.19
C THR H 801 81.28 52.92 87.77
N LEU H 802 81.65 54.08 87.24
CA LEU H 802 82.80 54.87 87.67
C LEU H 802 82.29 55.99 88.56
N LYS H 803 82.69 55.97 89.83
CA LYS H 803 82.05 56.74 90.88
C LYS H 803 83.14 57.36 91.73
N PRO H 804 83.77 58.48 91.26
CA PRO H 804 84.89 59.06 91.99
C PRO H 804 84.54 59.63 93.35
N ILE H 805 85.56 60.21 94.00
CA ILE H 805 85.47 60.72 95.35
C ILE H 805 85.67 62.22 95.26
N LEU H 806 84.99 62.96 96.14
CA LEU H 806 85.07 64.42 96.20
C LEU H 806 85.14 64.79 97.68
N TYR H 807 86.34 64.93 98.20
CA TYR H 807 86.52 65.13 99.63
C TYR H 807 86.11 66.54 100.01
N LYS H 808 84.92 66.70 100.62
CA LYS H 808 84.57 67.93 101.32
C LYS H 808 84.72 67.62 102.80
N ILE H 809 85.76 68.19 103.39
CA ILE H 809 86.12 67.99 104.78
C ILE H 809 86.26 69.39 105.38
N ASN H 810 85.69 69.58 106.54
CA ASN H 810 85.37 70.91 107.04
C ASN H 810 85.02 70.78 108.52
N SER H 811 84.51 71.87 109.10
CA SER H 811 84.26 71.94 110.53
C SER H 811 83.21 70.95 111.02
N ASP H 812 82.34 70.45 110.12
CA ASP H 812 81.22 69.59 110.47
C ASP H 812 81.36 68.25 109.76
N SER H 813 82.56 67.68 109.83
CA SER H 813 82.90 66.39 109.22
C SER H 813 83.30 65.32 110.22
N ASN H 814 83.24 65.58 111.53
CA ASN H 814 83.31 64.60 112.62
C ASN H 814 84.71 64.05 112.91
N ASP H 815 85.71 64.40 112.10
CA ASP H 815 87.10 64.05 112.35
C ASP H 815 88.02 65.20 111.96
N PHE H 816 87.55 66.43 112.12
CA PHE H 816 88.30 67.61 111.70
C PHE H 816 89.42 67.97 112.66
N TYR H 817 89.46 67.36 113.86
CA TYR H 817 90.58 67.59 114.78
C TYR H 817 91.91 67.13 114.20
N LEU H 818 91.89 66.16 113.27
CA LEU H 818 93.12 65.66 112.66
C LEU H 818 93.81 66.67 111.74
N VAL H 819 93.18 67.81 111.45
CA VAL H 819 93.70 68.84 110.56
C VAL H 819 94.29 69.96 111.42
N ALA H 820 93.46 70.50 112.30
CA ALA H 820 93.75 71.71 113.05
C ALA H 820 94.62 71.48 114.29
N ASN H 821 95.33 70.35 114.41
CA ASN H 821 96.09 70.02 115.61
C ASN H 821 97.43 69.35 115.32
N TYR H 822 97.81 69.17 114.06
CA TYR H 822 98.89 68.29 113.62
C TYR H 822 99.83 68.90 112.59
N ASP H 823 99.55 70.09 112.06
CA ASP H 823 100.50 70.89 111.28
C ASP H 823 100.96 70.15 110.01
N TRP H 824 99.98 70.02 109.11
CA TRP H 824 100.17 69.28 107.87
C TRP H 824 99.20 69.80 106.83
N VAL H 825 99.67 69.86 105.60
CA VAL H 825 98.84 70.30 104.48
C VAL H 825 97.85 69.19 104.15
N PRO H 826 96.55 69.45 104.02
CA PRO H 826 95.71 68.44 103.36
C PRO H 826 96.12 68.36 101.90
N THR H 827 96.53 67.16 101.49
CA THR H 827 97.04 66.91 100.15
C THR H 827 96.38 65.63 99.66
N SER H 828 96.25 65.54 98.34
CA SER H 828 96.02 64.27 97.66
C SER H 828 96.16 64.48 96.17
N THR H 829 96.38 63.37 95.47
CA THR H 829 96.25 63.32 94.02
C THR H 829 94.77 63.19 93.68
N THR H 830 94.46 62.90 92.42
CA THR H 830 93.10 62.64 91.94
C THR H 830 92.19 63.85 92.16
N LYS H 831 92.46 64.90 91.39
CA LYS H 831 91.54 66.03 91.35
C LYS H 831 90.35 65.70 90.47
N VAL H 832 89.28 66.46 90.71
CA VAL H 832 87.99 66.31 90.04
C VAL H 832 87.71 67.60 89.29
N TYR H 833 87.22 67.47 88.06
CA TYR H 833 86.99 68.63 87.20
C TYR H 833 85.55 69.08 87.41
N LYS H 834 85.41 70.18 88.14
CA LYS H 834 84.11 70.69 88.50
C LYS H 834 84.25 72.18 88.77
N GLN H 835 83.16 72.89 88.52
CA GLN H 835 83.12 74.35 88.53
C GLN H 835 82.23 74.80 89.67
N ILE H 836 82.68 75.84 90.37
CA ILE H 836 81.95 76.46 91.46
C ILE H 836 80.57 76.87 90.94
N PRO H 837 79.51 76.86 91.75
CA PRO H 837 78.25 77.46 91.30
C PRO H 837 78.36 78.95 91.06
N GLN H 838 77.26 79.49 90.55
CA GLN H 838 77.17 80.88 90.12
C GLN H 838 76.46 81.61 91.25
N GLN H 839 77.13 82.65 91.76
CA GLN H 839 76.61 83.42 92.87
C GLN H 839 75.46 84.30 92.44
N PHE H 840 74.56 84.55 93.38
CA PHE H 840 73.37 85.31 93.08
C PHE H 840 73.78 86.76 93.12
N ASP H 841 73.28 87.52 92.15
CA ASP H 841 73.55 88.94 92.03
C ASP H 841 72.30 89.67 91.63
N PHE H 842 71.93 90.68 92.41
CA PHE H 842 70.67 91.36 92.16
C PHE H 842 70.73 92.14 90.86
N ARG H 843 71.86 92.80 90.58
CA ARG H 843 71.89 93.69 89.44
C ARG H 843 71.94 92.92 88.13
N ALA H 844 72.61 91.77 88.12
CA ALA H 844 72.65 90.88 86.96
C ALA H 844 71.45 89.92 86.90
N SER H 845 70.40 90.15 87.69
CA SER H 845 69.18 89.35 87.65
C SER H 845 67.89 90.15 87.63
N MET H 846 67.89 91.39 88.10
CA MET H 846 66.71 92.24 88.03
C MET H 846 66.48 92.69 86.61
N HIS H 847 65.30 92.39 86.08
CA HIS H 847 64.92 92.70 84.71
C HIS H 847 63.53 93.33 84.71
N MET H 848 63.22 93.97 83.59
CA MET H 848 61.95 94.64 83.33
C MET H 848 61.32 94.06 82.08
N LEU H 849 60.19 93.38 82.25
CA LEU H 849 59.54 92.62 81.20
C LEU H 849 58.34 93.40 80.73
N THR H 850 58.23 93.59 79.42
CA THR H 850 57.18 94.35 78.77
C THR H 850 56.20 93.45 78.03
N SER H 851 54.93 93.81 78.06
CA SER H 851 53.91 93.08 77.31
C SER H 851 52.71 93.99 77.08
N ASN H 852 51.61 93.40 76.60
CA ASN H 852 50.40 94.08 76.19
C ASN H 852 49.35 93.92 77.29
N LEU H 853 48.10 94.31 76.98
CA LEU H 853 46.96 94.20 77.89
C LEU H 853 45.85 93.40 77.23
N THR H 854 45.56 92.24 77.82
CA THR H 854 44.31 91.48 77.76
C THR H 854 43.60 91.48 76.40
N PHE H 855 44.37 91.35 75.33
CA PHE H 855 43.78 91.19 74.01
C PHE H 855 43.21 89.79 73.86
N THR H 856 42.69 89.52 72.66
CA THR H 856 42.01 88.29 72.32
C THR H 856 42.63 87.73 71.06
N VAL H 857 42.33 86.47 70.79
CA VAL H 857 42.90 85.70 69.68
C VAL H 857 41.77 84.87 69.10
N TYR H 858 41.26 85.32 67.96
CA TYR H 858 40.18 84.64 67.29
C TYR H 858 40.77 83.64 66.31
N SER H 859 40.31 82.38 66.37
CA SER H 859 40.86 81.29 65.60
C SER H 859 40.02 81.02 64.36
N ASP H 860 38.74 80.71 64.55
CA ASP H 860 37.81 80.63 63.43
C ASP H 860 37.34 82.04 63.17
N LEU H 861 37.61 82.54 61.96
CA LEU H 861 37.41 83.94 61.63
C LEU H 861 36.58 84.18 60.39
N LEU H 862 36.19 83.14 59.65
CA LEU H 862 35.14 83.28 58.66
C LEU H 862 33.77 83.45 59.30
N ALA H 863 33.62 83.19 60.60
CA ALA H 863 32.39 83.52 61.31
C ALA H 863 32.16 85.03 61.41
N PHE H 864 33.18 85.86 61.18
CA PHE H 864 33.04 87.30 61.10
C PHE H 864 32.64 87.78 59.70
N VAL H 865 32.18 86.88 58.84
CA VAL H 865 31.82 87.15 57.46
C VAL H 865 30.39 86.67 57.32
N SER H 866 29.47 87.58 57.01
CA SER H 866 28.11 87.22 56.70
C SER H 866 28.01 87.06 55.21
N ALA H 867 27.84 85.82 54.77
CA ALA H 867 27.71 85.45 53.37
C ALA H 867 26.27 85.10 53.04
N ASP H 868 26.00 85.10 51.74
CA ASP H 868 24.69 84.84 51.20
C ASP H 868 24.93 84.49 49.74
N THR H 869 23.94 83.89 49.10
CA THR H 869 24.05 83.55 47.69
C THR H 869 22.70 83.76 47.03
N VAL H 870 22.74 84.22 45.78
CA VAL H 870 21.55 84.53 45.01
C VAL H 870 20.72 83.28 44.76
N GLU H 871 19.49 83.48 44.30
CA GLU H 871 18.68 82.39 43.78
C GLU H 871 19.44 81.73 42.63
N PRO H 872 19.65 80.39 42.65
CA PRO H 872 20.48 79.80 41.58
C PRO H 872 19.86 79.85 40.18
N ILE H 873 18.57 80.15 40.06
CA ILE H 873 17.92 80.29 38.76
C ILE H 873 18.52 81.45 37.97
N ASN H 874 18.96 82.50 38.65
CA ASN H 874 19.63 83.66 38.05
C ASN H 874 21.00 83.82 38.69
N ALA H 875 21.94 83.04 38.16
CA ALA H 875 23.34 83.09 38.53
C ALA H 875 24.16 83.15 37.27
N VAL H 876 25.35 83.74 37.37
CA VAL H 876 26.15 84.15 36.22
C VAL H 876 27.53 83.51 36.30
N ALA H 877 28.02 83.06 35.15
CA ALA H 877 29.37 82.56 35.00
C ALA H 877 30.31 83.74 34.85
N PHE H 878 31.56 83.44 34.48
CA PHE H 878 32.58 84.46 34.30
C PHE H 878 32.23 85.45 33.19
N ASP H 879 31.48 85.02 32.18
CA ASP H 879 31.24 85.83 30.98
C ASP H 879 30.24 86.96 31.16
N ASN H 880 29.66 87.13 32.36
CA ASN H 880 28.62 88.10 32.75
C ASN H 880 27.22 87.69 32.21
N MET H 881 27.11 86.65 31.38
CA MET H 881 25.87 86.04 30.97
C MET H 881 25.44 85.12 32.10
N ARG H 882 24.16 84.76 32.13
CA ARG H 882 23.76 83.72 33.05
C ARG H 882 24.32 82.36 32.62
N ILE H 883 24.02 81.38 33.46
CA ILE H 883 24.49 80.02 33.36
C ILE H 883 23.26 79.16 33.39
N MET H 884 23.27 78.09 32.59
CA MET H 884 22.08 77.28 32.37
C MET H 884 20.96 78.15 31.80
N ASN H 885 21.21 78.62 30.59
CA ASN H 885 20.41 79.68 30.00
C ASN H 885 19.22 79.13 29.21
N GLU H 886 18.96 77.81 29.27
CA GLU H 886 17.86 77.19 28.57
C GLU H 886 16.63 77.15 29.48
N LEU H 887 16.30 78.30 30.06
CA LEU H 887 15.22 78.38 31.03
C LEU H 887 13.88 78.46 30.34
N GLU I 88 43.29 -36.40 11.55
CA GLU I 88 44.57 -35.92 12.07
C GLU I 88 45.43 -37.11 12.46
N HIS I 89 46.76 -36.95 12.39
CA HIS I 89 47.70 -37.95 12.85
C HIS I 89 48.62 -37.34 13.90
N GLN I 90 49.29 -38.23 14.61
CA GLN I 90 50.25 -37.88 15.65
C GLN I 90 51.65 -37.80 15.06
N LYS I 91 52.31 -36.64 15.18
CA LYS I 91 53.68 -36.47 14.69
C LYS I 91 54.70 -36.82 15.77
N GLU I 92 54.30 -37.58 16.78
CA GLU I 92 55.08 -37.84 17.99
C GLU I 92 55.70 -39.21 17.98
N VAL I 93 55.03 -40.18 17.36
CA VAL I 93 55.56 -41.53 17.23
C VAL I 93 56.83 -41.54 16.39
N GLN I 94 56.93 -40.65 15.40
CA GLN I 94 58.14 -40.64 14.57
C GLN I 94 59.31 -40.09 15.37
N TYR I 95 59.07 -38.97 16.06
CA TYR I 95 60.03 -38.42 17.01
C TYR I 95 60.41 -39.43 18.09
N GLU I 96 59.49 -40.28 18.50
CA GLU I 96 59.79 -41.29 19.51
C GLU I 96 60.55 -42.47 18.94
N ILE I 97 60.28 -42.85 17.69
CA ILE I 97 61.12 -43.85 17.03
C ILE I 97 62.55 -43.34 16.92
N LEU I 98 62.71 -42.04 16.68
CA LEU I 98 64.04 -41.45 16.63
C LEU I 98 64.65 -41.32 18.02
N GLN I 99 63.83 -41.06 19.05
CA GLN I 99 64.32 -40.78 20.39
C GLN I 99 64.58 -42.06 21.16
N LYS I 100 63.89 -43.16 20.82
CA LYS I 100 64.20 -44.48 21.36
C LYS I 100 65.52 -45.07 20.82
N THR I 101 66.23 -44.38 19.93
CA THR I 101 67.53 -44.75 19.41
C THR I 101 68.68 -43.98 20.07
N ILE I 102 68.40 -42.86 20.74
CA ILE I 102 69.42 -41.93 21.22
C ILE I 102 69.59 -42.14 22.73
N PRO I 103 70.77 -42.57 23.24
CA PRO I 103 70.86 -42.87 24.67
C PRO I 103 70.83 -41.73 25.68
N THR I 104 69.85 -40.84 25.58
CA THR I 104 69.71 -39.70 26.47
C THR I 104 68.64 -40.13 27.45
N PHE I 105 68.91 -39.94 28.74
CA PHE I 105 67.92 -40.28 29.75
C PHE I 105 66.64 -39.47 29.57
N GLU I 106 65.59 -39.99 30.18
CA GLU I 106 64.29 -39.32 30.26
C GLU I 106 64.44 -38.20 31.29
N PRO I 107 63.37 -37.42 31.62
CA PRO I 107 63.44 -35.94 31.61
C PRO I 107 64.79 -35.35 31.97
N LYS I 108 65.26 -34.44 31.08
CA LYS I 108 66.67 -34.05 30.98
C LYS I 108 67.30 -33.60 32.29
N GLU I 109 66.51 -32.94 33.15
CA GLU I 109 67.06 -32.36 34.36
C GLU I 109 67.60 -33.39 35.35
N SER I 110 67.12 -34.64 35.27
CA SER I 110 67.70 -35.73 36.05
C SER I 110 69.20 -35.87 35.83
N ILE I 111 69.68 -35.60 34.61
CA ILE I 111 71.11 -35.70 34.30
C ILE I 111 71.91 -34.74 35.17
N LEU I 112 71.33 -33.58 35.52
CA LEU I 112 72.03 -32.63 36.37
C LEU I 112 72.31 -33.19 37.76
N LYS I 113 71.51 -34.16 38.21
CA LYS I 113 71.76 -34.80 39.49
C LYS I 113 72.96 -35.72 39.41
N LYS I 114 73.26 -36.25 38.22
CA LYS I 114 74.15 -37.39 38.01
C LYS I 114 75.57 -36.95 37.71
N LEU I 115 75.74 -35.90 36.90
CA LEU I 115 77.07 -35.33 36.71
C LEU I 115 77.68 -34.80 38.01
N GLU I 116 76.85 -34.40 38.97
CA GLU I 116 77.34 -33.97 40.27
C GLU I 116 77.63 -35.19 41.15
N ASP I 117 76.92 -36.29 40.93
CA ASP I 117 77.20 -37.54 41.60
C ASP I 117 78.43 -38.28 41.06
N ILE I 118 79.11 -37.72 40.05
CA ILE I 118 80.37 -38.24 39.53
C ILE I 118 81.43 -37.73 40.49
N LYS I 119 81.69 -38.52 41.51
CA LYS I 119 82.81 -38.27 42.37
C LYS I 119 84.06 -38.64 41.61
N PRO I 120 85.23 -38.06 41.97
CA PRO I 120 86.46 -38.40 41.24
C PRO I 120 86.85 -39.86 41.42
N GLU I 121 87.93 -40.28 40.77
CA GLU I 121 88.46 -41.60 41.10
C GLU I 121 89.02 -41.46 42.51
N GLN I 122 88.21 -41.92 43.47
CA GLN I 122 88.60 -41.89 44.87
C GLN I 122 89.81 -42.78 45.06
N VAL I 123 90.78 -42.26 45.82
CA VAL I 123 92.09 -42.87 45.90
C VAL I 123 91.97 -44.25 46.50
N LYS I 124 92.89 -45.12 46.12
CA LYS I 124 92.97 -46.48 46.65
C LYS I 124 94.21 -46.57 47.51
N LYS I 125 94.36 -47.72 48.14
CA LYS I 125 95.41 -47.96 49.12
C LYS I 125 95.21 -49.41 49.56
N GLN I 126 96.25 -49.99 50.12
CA GLN I 126 96.15 -51.32 50.72
C GLN I 126 96.99 -51.27 51.98
N THR I 127 96.39 -51.67 53.08
CA THR I 127 97.08 -51.86 54.34
C THR I 127 97.73 -53.24 54.47
N LYS I 128 97.75 -54.03 53.38
CA LYS I 128 98.30 -55.37 53.37
C LYS I 128 99.06 -55.55 52.06
N LEU I 129 100.15 -56.30 52.12
CA LEU I 129 100.88 -56.60 50.90
C LEU I 129 100.12 -57.58 50.03
N PHE I 130 100.52 -57.65 48.77
CA PHE I 130 99.95 -58.58 47.82
C PHE I 130 100.79 -59.84 47.90
N ARG I 131 100.13 -60.97 48.15
CA ARG I 131 100.77 -62.27 48.31
C ARG I 131 100.00 -63.33 47.56
N ILE I 132 100.71 -64.06 46.70
CA ILE I 132 100.18 -65.24 46.08
C ILE I 132 100.49 -66.48 46.92
N PHE I 133 101.75 -66.60 47.34
CA PHE I 133 102.28 -67.76 48.03
C PHE I 133 102.47 -67.49 49.51
N GLU I 134 102.85 -68.54 50.23
CA GLU I 134 103.22 -68.49 51.62
C GLU I 134 104.13 -69.69 51.86
N PRO I 135 105.13 -69.59 52.75
CA PRO I 135 105.84 -70.80 53.13
C PRO I 135 104.94 -71.72 53.93
N ARG I 136 105.16 -73.01 53.74
CA ARG I 136 104.32 -74.04 54.32
C ARG I 136 105.19 -75.24 54.60
N GLN I 137 105.12 -75.72 55.84
CA GLN I 137 105.98 -76.79 56.30
C GLN I 137 105.26 -78.11 56.08
N LEU I 138 105.89 -79.00 55.32
CA LEU I 138 105.27 -80.16 54.70
C LEU I 138 106.12 -81.41 54.86
N PRO I 139 105.52 -82.61 54.72
CA PRO I 139 106.33 -83.83 54.79
C PRO I 139 107.29 -83.96 53.62
N VAL I 140 108.28 -84.81 53.82
CA VAL I 140 109.25 -85.18 52.81
C VAL I 140 109.60 -86.64 53.02
N TYR I 141 109.65 -87.37 51.91
CA TYR I 141 109.90 -88.80 51.88
C TYR I 141 111.19 -89.01 51.13
N ARG I 142 112.14 -89.71 51.75
CA ARG I 142 113.41 -89.98 51.10
C ARG I 142 113.23 -91.14 50.14
N ALA I 143 113.96 -91.08 49.03
CA ALA I 143 113.98 -92.16 48.06
C ALA I 143 114.33 -93.47 48.73
N ASN I 144 113.67 -94.54 48.25
CA ASN I 144 113.19 -95.77 48.91
C ASN I 144 111.80 -95.58 49.52
N GLY I 145 111.18 -94.39 49.40
CA GLY I 145 109.83 -94.12 49.86
C GLY I 145 109.62 -94.01 51.36
N GLU I 146 110.64 -94.27 52.18
CA GLU I 146 110.49 -94.04 53.61
C GLU I 146 110.24 -92.55 53.88
N LYS I 147 109.73 -92.27 55.08
CA LYS I 147 109.52 -90.91 55.54
C LYS I 147 110.69 -90.47 56.42
N GLU I 148 111.03 -89.19 56.30
CA GLU I 148 112.11 -88.59 57.07
C GLU I 148 111.59 -88.09 58.41
N LEU I 149 112.53 -87.78 59.31
CA LEU I 149 112.24 -87.28 60.64
C LEU I 149 112.17 -85.75 60.71
N ARG I 150 111.83 -85.10 59.59
CA ARG I 150 111.76 -83.66 59.49
C ARG I 150 110.65 -83.31 58.50
N ASN I 151 110.44 -82.01 58.33
CA ASN I 151 109.52 -81.48 57.34
C ASN I 151 110.33 -80.46 56.56
N ARG I 152 109.71 -79.72 55.64
CA ARG I 152 110.46 -78.77 54.84
C ARG I 152 109.52 -77.67 54.38
N TRP I 153 110.08 -76.47 54.26
CA TRP I 153 109.33 -75.27 53.94
C TRP I 153 109.32 -75.05 52.43
N TYR I 154 108.12 -75.11 51.85
CA TYR I 154 107.89 -74.91 50.43
C TYR I 154 106.93 -73.75 50.24
N TRP I 155 107.03 -73.13 49.07
CA TRP I 155 106.09 -72.09 48.72
C TRP I 155 104.82 -72.77 48.22
N LYS I 156 103.68 -72.36 48.78
CA LYS I 156 102.38 -72.88 48.40
C LYS I 156 101.39 -71.73 48.39
N LEU I 157 100.50 -71.77 47.42
CA LEU I 157 99.49 -70.75 47.23
C LEU I 157 98.59 -70.52 48.44
N LYS I 158 98.06 -69.31 48.48
CA LYS I 158 96.89 -68.90 49.24
C LYS I 158 95.68 -69.02 48.33
N ARG I 159 94.62 -69.68 48.80
CA ARG I 159 93.35 -69.78 48.08
C ARG I 159 93.51 -70.50 46.74
N ASP I 160 93.83 -71.79 46.83
CA ASP I 160 93.70 -72.65 45.66
C ASP I 160 92.26 -72.61 45.19
N THR I 161 92.00 -71.99 44.03
CA THR I 161 90.67 -71.91 43.47
C THR I 161 90.71 -72.09 41.97
N LEU I 162 91.73 -72.79 41.45
CA LEU I 162 91.88 -72.77 40.00
C LEU I 162 90.92 -73.79 39.38
N PRO I 163 90.29 -73.46 38.25
CA PRO I 163 89.20 -74.29 37.78
C PRO I 163 89.76 -75.39 36.89
N ASP I 164 88.89 -76.19 36.32
CA ASP I 164 89.23 -77.21 35.35
C ASP I 164 89.12 -76.65 33.94
N GLY I 165 89.96 -77.16 33.03
CA GLY I 165 89.94 -76.70 31.65
C GLY I 165 90.69 -75.41 31.47
N ASP I 166 91.51 -75.33 30.41
CA ASP I 166 92.44 -74.22 30.25
C ASP I 166 91.75 -72.89 30.04
N TYR I 167 90.57 -72.89 29.42
CA TYR I 167 89.84 -71.63 29.23
C TYR I 167 89.46 -71.02 30.57
N ASP I 168 88.90 -71.84 31.46
CA ASP I 168 88.48 -71.35 32.76
C ASP I 168 89.69 -70.86 33.56
N VAL I 169 90.85 -71.48 33.35
CA VAL I 169 92.07 -71.06 34.03
C VAL I 169 92.50 -69.70 33.53
N ARG I 170 92.51 -69.50 32.22
CA ARG I 170 92.87 -68.19 31.69
C ARG I 170 91.84 -67.13 32.09
N GLU I 171 90.58 -67.54 32.27
CA GLU I 171 89.58 -66.62 32.78
C GLU I 171 89.84 -66.30 34.24
N TYR I 172 90.34 -67.28 35.01
CA TYR I 172 90.74 -67.01 36.39
C TYR I 172 91.86 -65.99 36.44
N PHE I 173 92.81 -66.08 35.52
CA PHE I 173 93.91 -65.12 35.55
C PHE I 173 93.45 -63.75 35.08
N LEU I 174 92.46 -63.70 34.19
CA LEU I 174 91.86 -62.42 33.84
C LEU I 174 91.10 -61.84 35.03
N ASN I 175 90.43 -62.69 35.80
CA ASN I 175 89.74 -62.27 37.00
C ASN I 175 90.70 -61.94 38.14
N LEU I 176 91.97 -62.35 38.03
CA LEU I 176 93.01 -61.87 38.91
C LEU I 176 93.45 -60.48 38.48
N TYR I 177 93.62 -60.29 37.17
CA TYR I 177 94.04 -59.00 36.63
C TYR I 177 93.07 -57.88 36.97
N ASP I 178 91.77 -58.09 36.71
CA ASP I 178 90.79 -57.02 36.91
C ASP I 178 90.66 -56.66 38.39
N GLN I 179 90.79 -57.65 39.28
CA GLN I 179 90.68 -57.36 40.71
C GLN I 179 91.94 -56.66 41.19
N VAL I 180 93.10 -57.04 40.65
CA VAL I 180 94.35 -56.33 40.93
C VAL I 180 94.21 -54.85 40.56
N LEU I 181 93.55 -54.57 39.42
CA LEU I 181 93.33 -53.17 39.07
C LEU I 181 92.31 -52.56 40.02
N THR I 182 91.38 -53.37 40.57
CA THR I 182 90.38 -52.88 41.49
C THR I 182 91.00 -52.51 42.85
N GLU I 183 92.24 -52.94 43.14
CA GLU I 183 92.98 -52.58 44.34
C GLU I 183 94.42 -52.26 43.99
N MET I 184 94.62 -51.53 42.90
CA MET I 184 95.93 -51.08 42.48
C MET I 184 96.17 -49.74 43.19
N PRO I 185 96.97 -49.68 44.26
CA PRO I 185 97.06 -48.43 45.03
C PRO I 185 97.67 -47.29 44.21
N ASP I 186 97.55 -46.11 44.78
CA ASP I 186 98.09 -44.88 44.22
C ASP I 186 99.19 -44.30 45.09
N TYR I 187 99.23 -44.66 46.36
CA TYR I 187 100.32 -44.28 47.25
C TYR I 187 100.40 -45.36 48.32
N LEU I 188 101.63 -45.72 48.67
CA LEU I 188 101.93 -46.70 49.71
C LEU I 188 102.71 -46.02 50.81
N LEU I 189 102.26 -46.22 52.03
CA LEU I 189 102.98 -45.86 53.24
C LEU I 189 103.22 -47.14 54.02
N LEU I 190 104.49 -47.46 54.25
CA LEU I 190 104.83 -48.76 54.82
C LEU I 190 104.55 -48.78 56.32
N LYS I 191 104.67 -47.63 57.00
CA LYS I 191 104.34 -47.58 58.42
C LYS I 191 102.88 -47.87 58.72
N ASP I 192 101.98 -47.73 57.74
CA ASP I 192 100.60 -48.15 57.89
C ASP I 192 100.43 -49.66 57.96
N MET I 193 101.47 -50.45 57.64
CA MET I 193 101.45 -51.90 57.63
C MET I 193 102.56 -52.58 58.42
N ALA I 194 103.53 -51.83 58.94
CA ALA I 194 104.66 -52.45 59.61
C ALA I 194 104.28 -52.98 60.98
N VAL I 195 105.01 -54.01 61.41
CA VAL I 195 104.83 -54.69 62.69
C VAL I 195 106.20 -54.87 63.32
N GLU I 196 106.23 -55.50 64.49
CA GLU I 196 107.46 -55.76 65.22
C GLU I 196 108.03 -57.13 64.88
N ASN I 197 109.16 -57.45 65.51
CA ASN I 197 109.86 -58.72 65.31
C ASN I 197 110.10 -59.35 66.68
N LYS I 198 109.60 -60.57 66.89
CA LYS I 198 109.71 -61.22 68.19
C LYS I 198 111.15 -61.49 68.60
N ASN I 199 112.07 -61.60 67.64
CA ASN I 199 113.36 -62.24 67.79
C ASN I 199 114.47 -61.32 67.36
N SER I 200 114.32 -60.02 67.60
CA SER I 200 115.31 -59.00 67.25
C SER I 200 115.85 -58.43 68.54
N ARG I 201 117.18 -58.38 68.64
CA ARG I 201 117.86 -57.79 69.78
C ARG I 201 118.17 -56.29 69.61
N ASP I 202 117.57 -55.62 68.61
CA ASP I 202 117.77 -54.18 68.38
C ASP I 202 116.46 -53.45 68.12
N ALA I 203 115.33 -53.98 68.63
CA ALA I 203 114.00 -53.37 68.49
C ALA I 203 113.66 -53.17 67.02
N GLY I 204 113.95 -54.20 66.25
CA GLY I 204 113.73 -54.19 64.83
C GLY I 204 112.29 -54.44 64.44
N LYS I 205 111.96 -53.98 63.24
CA LYS I 205 110.62 -54.07 62.68
C LYS I 205 110.72 -54.64 61.28
N VAL I 206 109.56 -55.05 60.79
CA VAL I 206 109.38 -55.55 59.42
C VAL I 206 108.13 -54.90 58.86
N VAL I 207 107.73 -55.33 57.66
CA VAL I 207 106.79 -54.61 56.83
C VAL I 207 105.36 -55.14 56.99
N ASP I 208 105.19 -56.41 57.37
CA ASP I 208 103.89 -57.05 57.28
C ASP I 208 103.80 -58.07 58.41
N SER I 209 102.59 -58.57 58.67
CA SER I 209 102.35 -59.52 59.73
C SER I 209 102.67 -60.95 59.30
N GLU I 210 102.32 -61.29 58.06
CA GLU I 210 102.61 -62.60 57.51
C GLU I 210 104.10 -62.89 57.30
N THR I 211 105.00 -61.92 57.48
CA THR I 211 106.44 -62.14 57.41
C THR I 211 107.10 -62.27 58.77
N ALA I 212 106.58 -61.59 59.81
CA ALA I 212 107.05 -61.87 61.17
C ALA I 212 106.54 -63.22 61.64
N ALA I 213 105.35 -63.61 61.19
CA ALA I 213 104.84 -64.96 61.42
C ALA I 213 105.64 -66.05 60.70
N ILE I 214 106.49 -65.69 59.75
CA ILE I 214 107.45 -66.61 59.13
C ILE I 214 108.79 -66.56 59.86
N CYS I 215 109.19 -65.35 60.27
CA CYS I 215 110.46 -65.15 60.97
C CYS I 215 110.52 -65.93 62.26
N ASP I 216 109.43 -65.92 63.04
CA ASP I 216 109.43 -66.67 64.31
C ASP I 216 109.62 -68.17 64.05
N ALA I 217 108.97 -68.68 63.01
CA ALA I 217 109.07 -70.09 62.66
C ALA I 217 110.49 -70.44 62.24
N ILE I 218 111.11 -69.60 61.40
CA ILE I 218 112.48 -69.83 60.99
C ILE I 218 113.42 -69.77 62.17
N PHE I 219 113.21 -68.81 63.08
CA PHE I 219 114.10 -68.66 64.23
C PHE I 219 114.02 -69.86 65.16
N GLN I 220 112.83 -70.47 65.28
CA GLN I 220 112.60 -71.58 66.19
C GLN I 220 112.79 -72.94 65.55
N ASP I 221 112.90 -73.01 64.22
CA ASP I 221 113.15 -74.28 63.55
C ASP I 221 114.56 -74.78 63.91
N GLU I 222 114.75 -76.09 63.76
CA GLU I 222 115.98 -76.78 64.14
C GLU I 222 116.90 -77.06 62.96
N GLU I 223 116.42 -76.98 61.72
CA GLU I 223 117.21 -77.27 60.52
C GLU I 223 117.80 -76.03 59.88
N THR I 224 117.31 -74.83 60.22
CA THR I 224 117.88 -73.58 59.75
C THR I 224 119.35 -73.47 60.15
N GLU I 225 120.15 -72.87 59.26
CA GLU I 225 121.56 -72.68 59.53
C GLU I 225 121.79 -71.39 60.32
N GLY I 226 122.84 -71.41 61.14
CA GLY I 226 122.93 -70.49 62.26
C GLY I 226 123.09 -69.04 61.88
N VAL I 227 123.79 -68.76 60.79
CA VAL I 227 123.99 -67.35 60.41
C VAL I 227 122.68 -66.69 60.00
N VAL I 228 121.73 -67.47 59.49
CA VAL I 228 120.40 -66.92 59.20
C VAL I 228 119.70 -66.50 60.47
N ARG I 229 119.80 -67.32 61.52
CA ARG I 229 119.24 -66.96 62.82
C ARG I 229 119.90 -65.72 63.38
N ARG I 230 121.25 -65.71 63.38
CA ARG I 230 121.99 -64.55 63.85
C ARG I 230 121.68 -63.27 63.06
N PHE I 231 121.28 -63.41 61.78
CA PHE I 231 121.01 -62.25 60.94
C PHE I 231 119.62 -61.72 61.13
N ILE I 232 118.64 -62.63 61.23
CA ILE I 232 117.25 -62.28 61.53
C ILE I 232 117.17 -61.49 62.82
N ALA I 233 118.00 -61.86 63.80
CA ALA I 233 118.10 -61.14 65.07
C ALA I 233 119.01 -59.90 64.99
N GLU I 234 119.37 -59.46 63.78
CA GLU I 234 120.12 -58.23 63.58
C GLU I 234 119.62 -57.39 62.40
N MET I 235 118.60 -57.83 61.67
CA MET I 235 117.94 -56.94 60.71
C MET I 235 117.39 -55.72 61.42
N ARG I 236 117.54 -54.58 60.77
CA ARG I 236 117.12 -53.30 61.35
C ARG I 236 116.74 -52.40 60.19
N GLN I 237 115.50 -51.89 60.22
CA GLN I 237 115.07 -50.91 59.25
C GLN I 237 115.95 -49.66 59.28
N ARG I 238 115.76 -48.82 58.28
CA ARG I 238 116.49 -47.54 58.16
C ARG I 238 115.43 -46.51 57.82
N VAL I 239 114.94 -45.83 58.86
CA VAL I 239 113.99 -44.74 58.75
C VAL I 239 114.79 -43.46 58.83
N GLN I 240 114.53 -42.53 57.90
CA GLN I 240 115.41 -41.37 57.75
C GLN I 240 114.58 -40.23 57.16
N ALA I 241 114.13 -39.32 58.04
CA ALA I 241 113.12 -38.34 57.69
C ALA I 241 113.68 -37.02 57.20
N ASP I 242 114.95 -36.72 57.48
CA ASP I 242 115.59 -35.57 56.84
C ASP I 242 115.70 -35.74 55.34
N ARG I 243 115.72 -36.99 54.84
CA ARG I 243 115.62 -37.29 53.41
C ARG I 243 114.25 -37.84 53.00
N ASN I 244 113.38 -38.17 53.96
CA ASN I 244 112.04 -38.72 53.70
C ASN I 244 112.14 -40.06 52.97
N VAL I 245 112.78 -41.02 53.62
CA VAL I 245 112.93 -42.36 53.08
C VAL I 245 112.82 -43.37 54.22
N VAL I 246 112.40 -44.57 53.86
CA VAL I 246 112.30 -45.69 54.79
C VAL I 246 112.64 -46.94 54.01
N ASN I 247 113.54 -47.75 54.56
CA ASN I 247 113.87 -49.07 54.04
C ASN I 247 113.50 -50.08 55.13
N TYR I 248 112.65 -51.06 54.78
CA TYR I 248 112.18 -52.11 55.69
C TYR I 248 112.49 -53.49 55.12
N PRO I 249 112.87 -54.47 55.93
CA PRO I 249 113.03 -55.82 55.39
C PRO I 249 111.69 -56.42 55.03
N SER I 250 111.76 -57.56 54.36
CA SER I 250 110.56 -58.29 54.00
C SER I 250 110.98 -59.65 53.52
N ILE I 251 110.06 -60.61 53.64
CA ILE I 251 110.24 -61.96 53.14
C ILE I 251 108.98 -62.27 52.35
N LEU I 252 109.16 -62.62 51.08
CA LEU I 252 108.04 -62.86 50.18
C LEU I 252 108.58 -63.38 48.85
N HIS I 253 107.70 -64.05 48.11
CA HIS I 253 108.04 -64.74 46.89
C HIS I 253 108.49 -63.71 45.85
N PRO I 254 109.36 -64.08 44.87
CA PRO I 254 109.81 -63.08 43.88
C PRO I 254 108.71 -62.44 43.06
N ILE I 255 107.69 -63.20 42.71
CA ILE I 255 106.54 -62.66 41.99
C ILE I 255 105.85 -61.59 42.84
N ASP I 256 105.69 -61.89 44.12
CA ASP I 256 105.09 -60.93 45.03
C ASP I 256 105.97 -59.72 45.20
N HIS I 257 107.28 -59.92 45.18
CA HIS I 257 108.21 -58.79 45.20
C HIS I 257 108.05 -57.93 43.97
N ALA I 258 107.83 -58.56 42.82
CA ALA I 258 107.63 -57.84 41.57
C ALA I 258 106.40 -56.95 41.64
N PHE I 259 105.26 -57.51 42.07
CA PHE I 259 104.04 -56.72 42.19
C PHE I 259 104.20 -55.59 43.19
N ASN I 260 104.79 -55.90 44.34
CA ASN I 260 104.82 -54.95 45.44
C ASN I 260 105.95 -53.94 45.32
N GLU I 261 106.97 -54.18 44.50
CA GLU I 261 107.92 -53.13 44.14
C GLU I 261 107.44 -52.32 42.97
N TYR I 262 106.66 -52.89 42.05
CA TYR I 262 106.08 -52.09 40.99
C TYR I 262 105.14 -51.04 41.58
N PHE I 263 104.28 -51.45 42.51
CA PHE I 263 103.36 -50.50 43.13
C PHE I 263 104.08 -49.43 43.97
N LEU I 264 105.35 -49.62 44.33
CA LEU I 264 106.14 -48.66 45.10
C LEU I 264 106.96 -47.76 44.19
N GLN I 265 107.68 -48.34 43.23
CA GLN I 265 108.47 -47.53 42.31
C GLN I 265 107.64 -46.66 41.37
N HIS I 266 106.34 -46.94 41.21
CA HIS I 266 105.47 -46.30 40.21
C HIS I 266 104.23 -45.70 40.86
N GLN I 267 104.41 -45.12 42.04
CA GLN I 267 103.39 -44.26 42.63
C GLN I 267 103.16 -43.05 41.74
N LEU I 268 101.90 -42.83 41.37
CA LEU I 268 101.52 -41.69 40.51
C LEU I 268 101.03 -40.49 41.32
N VAL I 269 101.83 -40.13 42.32
CA VAL I 269 101.62 -38.94 43.14
C VAL I 269 102.83 -38.05 42.97
N GLU I 270 102.59 -36.75 43.01
CA GLU I 270 103.53 -35.70 42.64
C GLU I 270 103.51 -34.63 43.71
N PRO I 271 104.61 -33.88 43.92
CA PRO I 271 104.61 -32.92 45.02
C PRO I 271 103.67 -31.76 44.75
N LEU I 272 102.85 -31.43 45.74
CA LEU I 272 101.88 -30.35 45.63
C LEU I 272 102.45 -29.08 46.23
N ASN I 273 102.10 -27.95 45.62
CA ASN I 273 102.60 -26.65 46.05
C ASN I 273 101.71 -25.57 45.40
N ASN I 274 102.02 -24.31 45.70
CA ASN I 274 101.11 -23.24 45.33
C ASN I 274 101.17 -22.91 43.84
N ASP I 275 102.36 -22.93 43.24
CA ASP I 275 102.50 -22.52 41.85
C ASP I 275 101.83 -23.51 40.89
N ILE I 276 101.91 -24.81 41.22
CA ILE I 276 101.18 -25.85 40.48
C ILE I 276 99.69 -25.53 40.51
N ILE I 277 99.18 -25.14 41.68
CA ILE I 277 97.77 -24.79 41.82
C ILE I 277 97.44 -23.56 40.99
N PHE I 278 98.34 -22.57 41.01
CA PHE I 278 98.15 -21.34 40.28
C PHE I 278 98.05 -21.62 38.78
N ASN I 279 98.83 -22.59 38.30
CA ASN I 279 98.82 -22.97 36.89
C ASN I 279 97.73 -23.98 36.55
N TYR I 280 97.17 -24.67 37.55
CA TYR I 280 96.01 -25.53 37.34
C TYR I 280 94.75 -24.74 37.05
N ILE I 281 94.67 -23.50 37.52
CA ILE I 281 93.60 -22.57 37.14
C ILE I 281 93.74 -22.25 35.66
N PRO I 282 92.63 -22.07 34.90
CA PRO I 282 92.79 -21.66 33.50
C PRO I 282 93.47 -20.30 33.36
N GLU I 283 94.09 -20.11 32.20
CA GLU I 283 94.97 -18.97 31.98
C GLU I 283 94.20 -17.67 31.82
N ARG I 284 92.99 -17.70 31.27
CA ARG I 284 92.18 -16.50 31.06
C ARG I 284 91.08 -16.36 32.11
N ILE I 285 91.38 -16.78 33.34
CA ILE I 285 90.62 -16.41 34.52
C ILE I 285 91.49 -15.65 35.51
N ARG I 286 92.75 -16.06 35.65
CA ARG I 286 93.69 -15.38 36.53
C ARG I 286 94.35 -14.17 35.90
N ASN I 287 94.43 -14.12 34.57
CA ASN I 287 94.74 -12.86 33.89
C ASN I 287 93.54 -11.92 33.82
N ASP I 288 92.33 -12.36 34.17
CA ASP I 288 91.12 -11.56 34.10
C ASP I 288 90.95 -10.77 35.39
N VAL I 289 91.07 -9.44 35.29
CA VAL I 289 91.06 -8.57 36.47
C VAL I 289 89.75 -8.64 37.25
N ASN I 290 88.65 -9.03 36.62
CA ASN I 290 87.38 -9.08 37.32
C ASN I 290 87.27 -10.19 38.36
N TYR I 291 88.19 -11.15 38.36
CA TYR I 291 88.25 -12.25 39.32
C TYR I 291 89.56 -12.10 40.06
N ILE I 292 89.48 -12.03 41.39
CA ILE I 292 90.63 -11.91 42.27
C ILE I 292 90.92 -13.27 42.85
N LEU I 293 92.18 -13.68 42.77
CA LEU I 293 92.64 -14.99 43.18
C LEU I 293 93.83 -14.73 44.09
N ASN I 294 93.92 -15.46 45.19
CA ASN I 294 94.96 -15.22 46.18
C ASN I 294 95.23 -16.51 46.92
N MET I 295 96.40 -16.57 47.54
CA MET I 295 96.78 -17.67 48.41
C MET I 295 96.71 -17.17 49.85
N ASP I 296 96.03 -17.93 50.70
CA ASP I 296 95.92 -17.63 52.13
C ASP I 296 96.19 -18.87 52.99
N ARG I 297 96.80 -19.91 52.41
CA ARG I 297 97.10 -21.15 53.09
C ARG I 297 98.50 -21.58 52.68
N ASN I 298 99.27 -22.12 53.62
CA ASN I 298 100.59 -22.66 53.32
C ASN I 298 100.45 -24.16 53.13
N LEU I 299 101.32 -24.70 52.28
CA LEU I 299 101.44 -26.10 51.98
C LEU I 299 102.83 -26.57 52.40
N PRO I 300 102.98 -27.69 53.16
CA PRO I 300 104.36 -28.16 53.40
C PRO I 300 104.90 -28.85 52.17
N SER I 301 106.16 -29.30 52.25
CA SER I 301 106.82 -30.03 51.17
C SER I 301 106.61 -31.54 51.28
N THR I 302 105.50 -31.98 51.89
CA THR I 302 105.14 -33.39 52.04
C THR I 302 103.67 -33.54 51.72
N ALA I 303 103.25 -32.88 50.65
CA ALA I 303 101.86 -32.79 50.21
C ALA I 303 101.79 -33.26 48.77
N ARG I 304 100.76 -34.06 48.49
CA ARG I 304 100.67 -34.82 47.26
C ARG I 304 99.26 -34.71 46.70
N TYR I 305 99.16 -35.03 45.42
CA TYR I 305 97.96 -34.91 44.62
C TYR I 305 98.08 -35.89 43.49
N ILE I 306 96.95 -36.44 43.10
CA ILE I 306 96.86 -37.30 41.93
C ILE I 306 96.50 -36.39 40.76
N ARG I 307 97.40 -36.28 39.81
CA ARG I 307 97.13 -35.46 38.64
C ARG I 307 96.17 -36.26 37.76
N PRO I 308 94.93 -35.79 37.47
CA PRO I 308 94.03 -36.63 36.67
C PRO I 308 94.52 -36.80 35.25
N ASN I 309 93.78 -37.55 34.45
CA ASN I 309 94.13 -37.87 33.07
C ASN I 309 93.26 -37.03 32.15
N LEU I 310 93.75 -35.83 31.83
CA LEU I 310 93.08 -34.89 30.94
C LEU I 310 93.59 -35.06 29.50
N LEU I 311 93.61 -36.31 29.04
CA LEU I 311 94.06 -36.65 27.70
C LEU I 311 92.83 -36.67 26.82
N GLN I 312 92.91 -35.99 25.67
CA GLN I 312 91.72 -35.65 24.91
C GLN I 312 91.08 -36.89 24.29
N ASP I 313 89.94 -36.66 23.65
CA ASP I 313 89.16 -37.73 23.04
C ASP I 313 90.00 -38.36 21.93
N ARG I 314 90.43 -39.59 22.18
CA ARG I 314 91.18 -40.42 21.25
C ARG I 314 90.35 -41.56 20.65
N LEU I 315 89.05 -41.62 20.95
CA LEU I 315 88.09 -42.39 20.19
C LEU I 315 87.49 -41.61 19.03
N ASN I 316 87.43 -40.27 19.14
CA ASN I 316 86.80 -39.41 18.16
C ASN I 316 85.33 -39.78 17.98
N LEU I 317 84.59 -39.54 19.06
CA LEU I 317 83.15 -39.73 19.04
C LEU I 317 82.41 -38.73 18.17
N HIS I 318 83.06 -37.67 17.70
CA HIS I 318 82.37 -36.63 16.94
C HIS I 318 82.03 -37.05 15.52
N ASP I 319 82.56 -38.16 15.00
CA ASP I 319 82.21 -38.69 13.69
C ASP I 319 81.73 -40.13 13.82
N ASN I 320 80.56 -40.41 13.24
CA ASN I 320 80.00 -41.75 13.05
C ASN I 320 79.42 -42.33 14.34
N PHE I 321 79.38 -41.58 15.45
CA PHE I 321 78.80 -41.99 16.73
C PHE I 321 77.78 -40.94 17.16
N GLU I 322 76.87 -40.64 16.24
CA GLU I 322 76.04 -39.45 16.32
C GLU I 322 75.12 -39.45 17.54
N SER I 323 74.64 -40.62 17.94
CA SER I 323 73.74 -40.71 19.08
C SER I 323 74.46 -40.40 20.37
N LEU I 324 75.63 -41.01 20.55
CA LEU I 324 76.47 -40.75 21.71
C LEU I 324 76.90 -39.29 21.76
N TRP I 325 77.24 -38.72 20.60
CA TRP I 325 77.64 -37.33 20.56
C TRP I 325 76.49 -36.42 20.94
N ASP I 326 75.27 -36.80 20.53
CA ASP I 326 74.10 -36.02 20.89
C ASP I 326 73.82 -36.11 22.37
N THR I 327 73.98 -37.30 22.95
CA THR I 327 73.83 -37.47 24.38
C THR I 327 74.82 -36.62 25.16
N ILE I 328 76.11 -36.70 24.79
CA ILE I 328 77.16 -35.92 25.45
C ILE I 328 76.86 -34.43 25.34
N THR I 329 76.50 -34.01 24.14
CA THR I 329 76.27 -32.60 23.86
C THR I 329 75.09 -32.08 24.67
N THR I 330 74.00 -32.86 24.69
CA THR I 330 72.84 -32.55 25.52
C THR I 330 73.23 -32.47 26.98
N SER I 331 74.08 -33.39 27.43
CA SER I 331 74.47 -33.43 28.84
C SER I 331 75.22 -32.17 29.22
N ASN I 332 76.15 -31.74 28.36
CA ASN I 332 76.87 -30.49 28.62
C ASN I 332 75.92 -29.30 28.59
N TYR I 333 74.94 -29.32 27.70
CA TYR I 333 73.91 -28.28 27.66
C TYR I 333 73.17 -28.17 28.98
N ILE I 334 72.69 -29.30 29.50
CA ILE I 334 71.96 -29.32 30.77
C ILE I 334 72.86 -28.83 31.90
N LEU I 335 74.12 -29.28 31.90
CA LEU I 335 75.08 -28.82 32.89
C LEU I 335 75.25 -27.31 32.84
N ALA I 336 75.23 -26.74 31.63
CA ALA I 336 75.58 -25.34 31.46
C ALA I 336 74.38 -24.42 31.62
N ARG I 337 73.16 -24.96 31.57
CA ARG I 337 72.03 -24.15 31.99
C ARG I 337 72.10 -23.85 33.48
N SER I 338 72.68 -24.76 34.27
CA SER I 338 72.62 -24.64 35.71
C SER I 338 73.53 -23.53 36.23
N VAL I 339 74.71 -23.37 35.62
CA VAL I 339 75.72 -22.43 36.12
C VAL I 339 75.63 -21.04 35.52
N VAL I 340 74.83 -20.84 34.49
CA VAL I 340 74.63 -19.49 33.95
C VAL I 340 73.87 -18.67 35.00
N PRO I 341 74.29 -17.46 35.36
CA PRO I 341 73.57 -16.74 36.42
C PRO I 341 72.20 -16.33 35.95
N ASP I 342 71.23 -16.47 36.85
CA ASP I 342 69.97 -15.81 36.64
C ASP I 342 70.20 -14.31 36.70
N LEU I 343 69.52 -13.59 35.82
CA LEU I 343 69.73 -12.16 35.66
C LEU I 343 68.61 -11.41 36.38
N LYS I 344 68.83 -10.11 36.55
CA LYS I 344 68.12 -9.35 37.58
C LYS I 344 67.87 -7.92 37.14
N GLU I 345 66.99 -7.26 37.91
CA GLU I 345 66.64 -5.84 37.75
C GLU I 345 66.12 -5.58 36.33
N LEU I 346 65.32 -6.51 35.84
CA LEU I 346 64.74 -6.36 34.52
C LEU I 346 63.72 -5.24 34.48
N VAL I 347 63.42 -4.82 33.25
CA VAL I 347 62.34 -3.89 32.99
C VAL I 347 61.01 -4.58 33.27
N SER I 348 60.04 -3.80 33.74
CA SER I 348 58.69 -4.29 33.93
C SER I 348 58.10 -4.78 32.61
N THR I 349 57.42 -5.92 32.68
CA THR I 349 56.75 -6.46 31.49
C THR I 349 55.65 -5.54 31.01
N GLU I 350 54.75 -5.15 31.93
CA GLU I 350 53.49 -4.49 31.59
C GLU I 350 53.72 -3.18 30.84
N ALA I 351 54.78 -2.44 31.21
CA ALA I 351 55.11 -1.18 30.56
C ALA I 351 55.37 -1.41 29.08
N GLN I 352 56.27 -2.35 28.78
CA GLN I 352 56.55 -2.70 27.39
C GLN I 352 55.30 -3.21 26.69
N ILE I 353 54.46 -3.98 27.38
CA ILE I 353 53.23 -4.51 26.77
C ILE I 353 52.31 -3.36 26.34
N GLN I 354 52.08 -2.40 27.23
CA GLN I 354 51.23 -1.25 26.88
C GLN I 354 51.81 -0.46 25.71
N LYS I 355 53.12 -0.14 25.77
CA LYS I 355 53.64 0.77 24.76
C LYS I 355 53.75 0.07 23.40
N MET I 356 54.15 -1.20 23.41
CA MET I 356 54.13 -2.01 22.20
C MET I 356 52.72 -2.08 21.61
N SER I 357 51.70 -2.29 22.46
CA SER I 357 50.33 -2.43 21.96
C SER I 357 49.87 -1.16 21.28
N GLN I 358 50.28 0.00 21.81
CA GLN I 358 49.80 1.27 21.27
C GLN I 358 50.67 1.72 20.10
N ASP I 359 51.99 1.49 20.17
CA ASP I 359 52.89 1.73 19.03
C ASP I 359 52.48 0.95 17.80
N LEU I 360 52.27 -0.35 17.96
CA LEU I 360 52.03 -1.22 16.82
C LEU I 360 50.63 -1.10 16.26
N GLN I 361 49.68 -0.60 17.07
CA GLN I 361 48.31 -0.32 16.65
C GLN I 361 47.65 -1.57 16.09
N LEU I 362 47.81 -2.68 16.83
CA LEU I 362 47.36 -3.98 16.35
C LEU I 362 45.84 -4.07 16.19
N GLU I 363 45.09 -3.20 16.86
CA GLU I 363 43.65 -3.28 16.86
C GLU I 363 43.03 -2.67 15.60
N ALA I 364 43.77 -1.79 14.91
CA ALA I 364 43.31 -1.20 13.66
C ALA I 364 43.67 -2.03 12.43
N LEU I 365 44.00 -3.32 12.60
CA LEU I 365 44.31 -4.26 11.54
C LEU I 365 43.24 -5.35 11.58
N THR I 366 43.21 -6.19 10.53
CA THR I 366 42.31 -7.32 10.46
C THR I 366 42.99 -8.65 10.85
N ILE I 367 44.24 -8.60 11.36
CA ILE I 367 44.93 -9.80 11.88
C ILE I 367 44.10 -10.47 12.97
N GLN I 368 44.37 -11.76 13.19
CA GLN I 368 43.85 -12.51 14.34
C GLN I 368 44.92 -12.88 15.35
N SER I 369 46.20 -12.72 15.03
CA SER I 369 47.31 -12.85 15.98
C SER I 369 47.58 -11.57 16.78
N GLU I 370 46.64 -10.62 16.82
CA GLU I 370 46.84 -9.41 17.62
C GLU I 370 46.96 -9.71 19.10
N THR I 371 46.17 -10.67 19.60
CA THR I 371 46.32 -11.13 20.97
C THR I 371 47.64 -11.86 21.21
N GLN I 372 48.27 -12.41 20.16
CA GLN I 372 49.30 -13.44 20.28
C GLN I 372 50.67 -13.02 19.77
N PHE I 373 50.85 -11.76 19.38
CA PHE I 373 52.20 -11.23 19.17
C PHE I 373 52.92 -11.09 20.49
N LEU I 374 52.30 -10.45 21.47
CA LEU I 374 52.93 -10.06 22.74
C LEU I 374 52.73 -11.14 23.78
N THR I 375 53.12 -12.35 23.41
CA THR I 375 53.08 -13.56 24.23
C THR I 375 54.48 -14.14 24.29
N GLY I 376 54.93 -14.46 25.49
CA GLY I 376 56.29 -14.84 25.75
C GLY I 376 57.23 -13.69 26.04
N ILE I 377 56.73 -12.46 26.07
CA ILE I 377 57.55 -11.30 26.43
C ILE I 377 57.93 -11.30 27.92
N ASN I 378 57.29 -12.14 28.75
CA ASN I 378 57.49 -12.18 30.19
C ASN I 378 58.94 -12.45 30.58
N SER I 379 59.21 -12.33 31.88
CA SER I 379 60.34 -13.02 32.47
C SER I 379 60.00 -14.49 32.61
N GLN I 380 61.03 -15.27 32.95
CA GLN I 380 61.19 -16.73 32.87
C GLN I 380 61.52 -17.19 31.46
N ALA I 381 61.47 -16.34 30.43
CA ALA I 381 61.85 -16.68 29.06
C ALA I 381 63.11 -15.96 28.60
N ALA I 382 63.29 -14.69 28.98
CA ALA I 382 64.52 -13.98 28.66
C ALA I 382 65.72 -14.68 29.25
N ASN I 383 65.65 -14.98 30.55
CA ASN I 383 66.73 -15.71 31.21
C ASN I 383 66.84 -17.12 30.65
N ASP I 384 65.73 -17.71 30.20
CA ASP I 384 65.76 -19.04 29.59
C ASP I 384 66.56 -19.00 28.30
N CYS I 385 66.35 -17.96 27.49
CA CYS I 385 67.13 -17.81 26.26
C CYS I 385 68.59 -17.53 26.59
N PHE I 386 68.83 -16.71 27.61
CA PHE I 386 70.18 -16.39 28.05
C PHE I 386 70.95 -17.65 28.43
N LYS I 387 70.26 -18.59 29.06
CA LYS I 387 70.87 -19.88 29.40
C LYS I 387 71.02 -20.78 28.19
N THR I 388 69.99 -20.81 27.35
CA THR I 388 69.95 -21.67 26.16
C THR I 388 71.10 -21.38 25.20
N LEU I 389 71.26 -20.10 24.83
CA LEU I 389 72.27 -19.72 23.85
C LEU I 389 73.67 -20.05 24.32
N ILE I 390 73.98 -19.66 25.56
CA ILE I 390 75.32 -19.83 26.09
C ILE I 390 75.63 -21.31 26.26
N ALA I 391 74.70 -22.07 26.83
CA ALA I 391 74.94 -23.49 27.04
C ALA I 391 75.06 -24.23 25.71
N ALA I 392 74.35 -23.78 24.67
CA ALA I 392 74.47 -24.42 23.38
C ALA I 392 75.74 -24.06 22.65
N MET I 393 76.26 -22.84 22.88
CA MET I 393 77.54 -22.46 22.30
C MET I 393 78.72 -23.04 23.07
N LEU I 394 78.53 -23.44 24.33
CA LEU I 394 79.58 -24.10 25.10
C LEU I 394 79.62 -25.58 24.79
N SER I 395 78.45 -26.20 24.71
CA SER I 395 78.33 -27.61 24.38
C SER I 395 78.41 -27.89 22.88
N GLN I 396 78.28 -26.86 22.03
CA GLN I 396 78.08 -27.01 20.59
C GLN I 396 76.86 -27.87 20.28
N ARG I 397 75.82 -27.69 21.08
CA ARG I 397 74.50 -28.24 20.81
C ARG I 397 73.81 -27.41 19.74
N THR I 398 73.48 -28.05 18.62
CA THR I 398 72.74 -27.38 17.58
C THR I 398 71.35 -27.10 18.12
N MET I 399 70.79 -25.94 17.76
CA MET I 399 69.48 -25.51 18.21
C MET I 399 68.69 -25.04 17.01
N SER I 400 67.40 -25.34 17.02
CA SER I 400 66.47 -25.05 15.95
C SER I 400 65.74 -23.75 16.25
N LEU I 401 64.71 -23.47 15.46
CA LEU I 401 63.89 -22.28 15.63
C LEU I 401 62.42 -22.64 15.46
N ASP I 402 61.61 -22.26 16.43
CA ASP I 402 60.16 -22.25 16.33
C ASP I 402 59.75 -20.80 16.16
N PHE I 403 58.90 -20.52 15.17
CA PHE I 403 58.49 -19.16 14.91
C PHE I 403 57.23 -19.13 14.08
N VAL I 404 56.28 -18.29 14.48
CA VAL I 404 55.11 -17.98 13.68
C VAL I 404 55.49 -16.74 12.88
N THR I 405 55.61 -16.89 11.57
CA THR I 405 56.14 -15.83 10.71
C THR I 405 55.24 -14.60 10.61
N THR I 406 53.97 -14.67 11.04
CA THR I 406 53.13 -13.49 11.11
C THR I 406 53.48 -12.57 12.28
N ASN I 407 54.36 -13.00 13.19
CA ASN I 407 54.85 -12.18 14.30
C ASN I 407 56.21 -11.68 13.84
N TYR I 408 56.18 -10.52 13.19
CA TYR I 408 57.40 -9.88 12.68
C TYR I 408 58.38 -9.48 13.78
N MET I 409 57.94 -9.34 15.02
CA MET I 409 58.88 -9.00 16.09
C MET I 409 59.84 -10.13 16.34
N SER I 410 59.36 -11.36 16.28
CA SER I 410 60.22 -12.52 16.42
C SER I 410 61.29 -12.55 15.34
N LEU I 411 60.95 -12.12 14.12
CA LEU I 411 61.89 -12.13 13.02
C LEU I 411 62.91 -10.99 13.15
N ILE I 412 62.42 -9.82 13.52
CA ILE I 412 63.28 -8.67 13.81
C ILE I 412 64.27 -9.01 14.92
N SER I 413 63.83 -9.79 15.90
CA SER I 413 64.73 -10.25 16.96
C SER I 413 65.65 -11.36 16.48
N GLY I 414 65.20 -12.13 15.49
CA GLY I 414 66.02 -13.20 14.98
C GLY I 414 67.12 -12.74 14.06
N MET I 415 66.95 -11.60 13.39
CA MET I 415 68.07 -11.14 12.57
C MET I 415 69.22 -10.68 13.45
N TRP I 416 68.91 -10.09 14.61
CA TRP I 416 69.91 -9.82 15.64
C TRP I 416 70.56 -11.11 16.10
N LEU I 417 69.75 -12.15 16.31
CA LEU I 417 70.28 -13.43 16.74
C LEU I 417 71.25 -14.00 15.71
N LEU I 418 70.86 -14.03 14.44
CA LEU I 418 71.74 -14.46 13.35
C LEU I 418 73.01 -13.62 13.29
N THR I 419 72.91 -12.34 13.63
CA THR I 419 74.08 -11.48 13.62
C THR I 419 75.08 -11.93 14.67
N VAL I 420 74.66 -11.99 15.93
CA VAL I 420 75.63 -12.23 16.99
C VAL I 420 75.94 -13.72 17.10
N VAL I 421 74.95 -14.58 16.93
CA VAL I 421 75.17 -16.03 17.03
C VAL I 421 75.69 -16.52 15.69
N PRO I 422 76.73 -17.36 15.63
CA PRO I 422 77.17 -17.90 14.34
C PRO I 422 76.08 -18.67 13.62
N ASN I 423 76.05 -18.53 12.28
CA ASN I 423 75.06 -19.23 11.47
C ASN I 423 75.15 -20.73 11.66
N ASP I 424 76.38 -21.27 11.69
CA ASP I 424 76.56 -22.72 11.71
C ASP I 424 76.05 -23.37 13.00
N MET I 425 75.81 -22.61 14.08
CA MET I 425 75.24 -23.19 15.29
C MET I 425 73.80 -23.64 15.08
N PHE I 426 73.10 -23.11 14.09
CA PHE I 426 71.70 -23.40 13.84
C PHE I 426 71.66 -24.42 12.72
N ILE I 427 70.78 -25.42 12.89
CA ILE I 427 70.45 -26.32 11.80
C ILE I 427 70.08 -25.51 10.56
N ARG I 428 70.46 -26.03 9.40
CA ARG I 428 70.43 -25.24 8.16
C ARG I 428 69.02 -24.89 7.77
N GLU I 429 68.10 -25.85 7.90
CA GLU I 429 66.74 -25.65 7.38
C GLU I 429 66.02 -24.57 8.16
N SER I 430 66.20 -24.53 9.48
CA SER I 430 65.56 -23.52 10.29
C SER I 430 66.14 -22.15 10.01
N LEU I 431 67.46 -22.07 9.90
CA LEU I 431 68.15 -20.83 9.56
C LEU I 431 67.68 -20.31 8.21
N VAL I 432 67.55 -21.21 7.23
CA VAL I 432 67.09 -20.84 5.91
C VAL I 432 65.67 -20.32 5.99
N ALA I 433 64.83 -20.98 6.78
CA ALA I 433 63.46 -20.53 6.98
C ALA I 433 63.38 -19.15 7.60
N CYS I 434 64.21 -18.92 8.63
CA CYS I 434 64.25 -17.62 9.29
C CYS I 434 64.69 -16.53 8.32
N GLN I 435 65.79 -16.78 7.58
CA GLN I 435 66.29 -15.80 6.62
C GLN I 435 65.28 -15.54 5.52
N LEU I 436 64.61 -16.59 5.04
CA LEU I 436 63.66 -16.44 3.96
C LEU I 436 62.44 -15.68 4.42
N ALA I 437 62.03 -15.87 5.66
CA ALA I 437 60.94 -15.09 6.20
C ALA I 437 61.34 -13.64 6.39
N ILE I 438 62.60 -13.40 6.75
CA ILE I 438 63.09 -12.03 6.89
C ILE I 438 63.14 -11.33 5.55
N ILE I 439 63.66 -11.99 4.53
CA ILE I 439 63.84 -11.34 3.23
C ILE I 439 62.49 -11.07 2.57
N ASN I 440 61.65 -12.08 2.48
CA ASN I 440 60.37 -11.97 1.80
C ASN I 440 59.28 -11.24 2.57
N THR I 441 59.57 -10.64 3.74
CA THR I 441 58.59 -9.90 4.51
C THR I 441 59.08 -8.51 4.90
N ILE I 442 60.39 -8.33 5.06
CA ILE I 442 60.97 -7.11 5.63
C ILE I 442 61.79 -6.42 4.56
N ILE I 443 62.83 -7.08 4.05
CA ILE I 443 63.86 -6.39 3.29
C ILE I 443 63.38 -6.04 1.89
N TYR I 444 63.07 -7.06 1.11
CA TYR I 444 62.74 -6.85 -0.30
C TYR I 444 61.45 -6.07 -0.52
N PRO I 445 60.36 -6.27 0.23
CA PRO I 445 59.24 -5.33 0.09
C PRO I 445 59.61 -3.90 0.41
N ALA I 446 60.57 -3.67 1.30
CA ALA I 446 61.08 -2.31 1.49
C ALA I 446 61.78 -1.85 0.22
N PHE I 447 62.74 -2.62 -0.26
CA PHE I 447 63.48 -2.24 -1.46
C PHE I 447 62.73 -2.51 -2.77
N GLY I 448 61.48 -2.98 -2.71
CA GLY I 448 60.69 -3.18 -3.91
C GLY I 448 61.26 -4.16 -4.90
N MET I 449 61.28 -5.45 -4.55
CA MET I 449 61.78 -6.50 -5.41
C MET I 449 60.77 -7.62 -5.47
N GLN I 450 60.71 -8.26 -6.64
CA GLN I 450 60.02 -9.54 -6.75
C GLN I 450 60.61 -10.48 -5.72
N ARG I 451 59.73 -11.26 -5.10
CA ARG I 451 59.99 -11.82 -3.77
C ARG I 451 61.19 -12.75 -3.69
N MET I 452 61.13 -13.94 -4.30
CA MET I 452 62.28 -14.84 -4.44
C MET I 452 61.71 -16.09 -5.12
N HIS I 453 62.61 -16.93 -5.60
CA HIS I 453 62.33 -18.32 -5.95
C HIS I 453 63.60 -19.07 -5.52
N TYR I 454 63.59 -19.59 -4.29
CA TYR I 454 64.77 -20.17 -3.67
C TYR I 454 64.77 -21.68 -3.81
N ARG I 455 65.91 -22.22 -4.24
CA ARG I 455 66.10 -23.64 -4.43
C ARG I 455 66.77 -24.19 -3.17
N ASN I 456 66.05 -24.99 -2.42
CA ASN I 456 66.49 -25.40 -1.08
C ASN I 456 67.75 -26.28 -1.08
N GLY I 457 68.16 -26.82 -2.23
CA GLY I 457 69.39 -27.58 -2.38
C GLY I 457 70.55 -26.76 -2.92
N ASP I 458 70.54 -25.47 -2.64
CA ASP I 458 71.59 -24.56 -3.10
C ASP I 458 72.75 -24.59 -2.11
N PRO I 459 74.01 -24.73 -2.55
CA PRO I 459 75.13 -24.50 -1.59
C PRO I 459 75.15 -23.10 -1.02
N GLN I 460 74.64 -22.13 -1.78
CA GLN I 460 74.54 -20.75 -1.36
C GLN I 460 73.24 -20.58 -0.57
N THR I 461 73.21 -19.53 0.23
CA THR I 461 72.30 -19.29 1.34
C THR I 461 71.64 -17.94 1.08
N PRO I 462 70.36 -17.70 1.48
CA PRO I 462 69.65 -16.47 1.04
C PRO I 462 70.31 -15.14 1.32
N PHE I 463 70.95 -14.99 2.48
CA PHE I 463 71.74 -13.78 2.70
C PHE I 463 72.94 -13.72 1.76
N GLN I 464 73.48 -14.87 1.33
CA GLN I 464 74.59 -14.85 0.38
C GLN I 464 74.13 -14.41 -1.01
N ILE I 465 72.85 -14.59 -1.35
CA ILE I 465 72.30 -14.00 -2.57
C ILE I 465 72.06 -12.51 -2.34
N ALA I 466 71.44 -12.17 -1.21
CA ALA I 466 71.06 -10.79 -0.94
C ALA I 466 72.25 -9.88 -0.77
N GLU I 467 73.44 -10.42 -0.48
CA GLU I 467 74.64 -9.58 -0.43
C GLU I 467 74.92 -8.97 -1.80
N GLN I 468 74.63 -9.71 -2.88
CA GLN I 468 74.85 -9.24 -4.23
C GLN I 468 73.62 -8.53 -4.80
N GLN I 469 72.42 -9.07 -4.53
CA GLN I 469 71.20 -8.50 -5.07
C GLN I 469 70.92 -7.11 -4.49
N ILE I 470 71.19 -6.91 -3.21
CA ILE I 470 70.79 -5.67 -2.55
C ILE I 470 71.75 -4.57 -2.97
N GLN I 471 71.22 -3.57 -3.67
CA GLN I 471 71.98 -2.39 -4.05
C GLN I 471 71.85 -1.38 -2.91
N ASN I 472 72.59 -1.64 -1.83
CA ASN I 472 72.70 -0.69 -0.74
C ASN I 472 73.88 -1.10 0.13
N PHE I 473 74.81 -0.15 0.36
CA PHE I 473 76.05 -0.46 1.06
C PHE I 473 75.81 -0.86 2.51
N GLN I 474 74.93 -0.14 3.20
CA GLN I 474 74.79 -0.22 4.65
C GLN I 474 74.34 -1.61 5.09
N VAL I 475 73.24 -2.07 4.53
CA VAL I 475 72.69 -3.37 4.89
C VAL I 475 73.56 -4.47 4.28
N ALA I 476 74.15 -4.23 3.12
CA ALA I 476 74.93 -5.27 2.48
C ALA I 476 76.20 -5.57 3.26
N ASN I 477 76.76 -4.58 3.96
CA ASN I 477 77.92 -4.87 4.78
C ASN I 477 77.52 -5.72 5.98
N TRP I 478 76.32 -5.50 6.50
CA TRP I 478 75.79 -6.37 7.54
C TRP I 478 75.56 -7.78 7.04
N LEU I 479 74.99 -7.92 5.85
CA LEU I 479 74.83 -9.26 5.28
C LEU I 479 76.18 -9.92 5.02
N HIS I 480 77.18 -9.14 4.63
CA HIS I 480 78.52 -9.65 4.43
C HIS I 480 79.10 -10.13 5.75
N PHE I 481 78.79 -9.41 6.83
CA PHE I 481 79.20 -9.85 8.15
C PHE I 481 78.54 -11.17 8.51
N VAL I 482 77.24 -11.27 8.26
CA VAL I 482 76.47 -12.44 8.66
C VAL I 482 76.94 -13.65 7.88
N ASN I 483 77.15 -13.47 6.57
CA ASN I 483 77.55 -14.56 5.70
C ASN I 483 78.94 -15.10 6.04
N ASN I 484 79.76 -14.32 6.78
CA ASN I 484 81.09 -14.69 7.26
C ASN I 484 81.10 -14.64 8.79
N ASN I 485 79.92 -14.85 9.42
CA ASN I 485 79.78 -15.02 10.86
C ASN I 485 79.84 -16.51 11.15
N GLN I 486 81.01 -16.99 11.54
CA GLN I 486 81.20 -18.37 11.91
C GLN I 486 82.19 -18.42 13.04
N PHE I 487 82.23 -19.57 13.71
CA PHE I 487 83.22 -19.74 14.77
C PHE I 487 84.60 -19.70 14.15
N ARG I 488 85.59 -19.50 15.01
CA ARG I 488 87.00 -19.52 14.65
C ARG I 488 87.68 -20.48 15.61
N GLN I 489 88.34 -21.47 15.05
CA GLN I 489 88.88 -22.57 15.82
C GLN I 489 90.28 -22.19 16.24
N VAL I 490 90.60 -22.47 17.50
CA VAL I 490 91.87 -22.00 18.04
C VAL I 490 92.25 -22.88 19.21
N VAL I 491 93.52 -23.27 19.24
CA VAL I 491 94.08 -24.14 20.27
C VAL I 491 94.60 -23.27 21.41
N ILE I 492 94.11 -23.53 22.61
CA ILE I 492 94.47 -22.80 23.82
C ILE I 492 94.76 -23.84 24.87
N ASP I 493 95.97 -23.78 25.46
CA ASP I 493 96.39 -24.66 26.56
C ASP I 493 96.23 -26.16 26.20
N GLY I 494 96.39 -26.50 24.93
CA GLY I 494 96.23 -27.88 24.52
C GLY I 494 94.79 -28.35 24.49
N VAL I 495 93.83 -27.44 24.30
CA VAL I 495 92.43 -27.79 24.06
C VAL I 495 91.91 -26.90 22.96
N LEU I 496 91.14 -27.50 22.05
CA LEU I 496 90.41 -26.72 21.07
C LEU I 496 89.42 -25.79 21.74
N ASN I 497 89.17 -24.66 21.08
CA ASN I 497 88.16 -23.72 21.52
C ASN I 497 87.56 -23.07 20.28
N GLN I 498 86.25 -22.85 20.34
CA GLN I 498 85.49 -22.16 19.30
C GLN I 498 85.23 -20.73 19.75
N VAL I 499 85.89 -19.76 19.13
CA VAL I 499 85.84 -18.36 19.54
C VAL I 499 85.13 -17.55 18.47
N LEU I 500 84.91 -16.27 18.75
CA LEU I 500 84.06 -15.39 17.97
C LEU I 500 84.94 -14.44 17.15
N ASN I 501 84.29 -13.56 16.39
CA ASN I 501 84.94 -12.76 15.38
C ASN I 501 85.78 -11.61 15.95
N ASP I 502 85.47 -11.15 17.16
CA ASP I 502 86.08 -10.03 17.91
C ASP I 502 85.51 -8.68 17.45
N ASN I 503 84.62 -8.66 16.45
CA ASN I 503 83.66 -7.57 16.28
C ASN I 503 82.34 -7.83 17.01
N ILE I 504 82.14 -9.03 17.54
CA ILE I 504 80.97 -9.35 18.36
C ILE I 504 81.29 -9.22 19.83
N ARG I 505 82.52 -9.58 20.23
CA ARG I 505 82.92 -9.53 21.62
C ARG I 505 82.82 -8.13 22.18
N ASN I 506 83.40 -7.16 21.48
CA ASN I 506 82.96 -5.77 21.62
C ASN I 506 81.68 -5.60 20.82
N GLY I 507 80.76 -4.81 21.37
CA GLY I 507 79.54 -4.52 20.66
C GLY I 507 79.76 -3.32 19.77
N HIS I 508 80.10 -3.60 18.52
CA HIS I 508 80.34 -2.57 17.51
C HIS I 508 79.69 -2.89 16.18
N VAL I 509 79.43 -4.16 15.86
CA VAL I 509 78.76 -4.51 14.63
C VAL I 509 77.26 -4.29 14.70
N VAL I 510 76.69 -4.24 15.90
CA VAL I 510 75.27 -3.95 16.05
C VAL I 510 74.97 -2.53 15.62
N ASN I 511 75.94 -1.61 15.70
CA ASN I 511 75.74 -0.26 15.20
C ASN I 511 75.41 -0.27 13.71
N GLN I 512 76.06 -1.16 12.96
CA GLN I 512 75.75 -1.29 11.54
C GLN I 512 74.36 -1.89 11.34
N LEU I 513 73.98 -2.84 12.21
CA LEU I 513 72.63 -3.37 12.19
C LEU I 513 71.59 -2.27 12.39
N MET I 514 71.83 -1.35 13.33
CA MET I 514 70.84 -0.30 13.57
C MET I 514 70.83 0.73 12.46
N GLU I 515 71.98 0.96 11.82
CA GLU I 515 72.01 1.76 10.59
C GLU I 515 71.10 1.15 9.53
N ALA I 516 71.25 -0.15 9.29
CA ALA I 516 70.40 -0.87 8.33
C ALA I 516 68.93 -0.78 8.72
N LEU I 517 68.63 -0.96 9.99
CA LEU I 517 67.25 -0.93 10.47
C LEU I 517 66.62 0.46 10.31
N MET I 518 67.34 1.50 10.75
CA MET I 518 66.84 2.86 10.58
C MET I 518 66.66 3.20 9.11
N GLN I 519 67.50 2.66 8.22
CA GLN I 519 67.24 2.84 6.80
C GLN I 519 65.95 2.15 6.40
N LEU I 520 65.68 0.97 6.97
CA LEU I 520 64.43 0.28 6.66
C LEU I 520 63.22 0.97 7.25
N SER I 521 63.39 1.85 8.24
CA SER I 521 62.30 2.64 8.78
C SER I 521 62.14 3.96 8.04
N ARG I 522 63.23 4.52 7.52
CA ARG I 522 63.17 5.70 6.67
C ARG I 522 62.78 5.40 5.23
N GLN I 523 62.50 4.14 4.89
CA GLN I 523 62.27 3.70 3.52
C GLN I 523 60.82 3.27 3.39
N GLN I 524 60.28 3.43 2.19
CA GLN I 524 58.90 3.07 1.93
C GLN I 524 58.82 1.60 1.56
N PHE I 525 57.59 1.14 1.39
CA PHE I 525 57.27 -0.26 1.10
C PHE I 525 56.26 -0.16 -0.03
N PRO I 526 56.75 -0.04 -1.36
CA PRO I 526 55.94 0.55 -2.45
C PRO I 526 54.50 0.11 -2.61
N THR I 527 54.24 -1.19 -2.74
CA THR I 527 52.89 -1.70 -2.87
C THR I 527 52.20 -1.91 -1.52
N MET I 528 52.96 -1.91 -0.41
CA MET I 528 52.44 -2.36 0.88
C MET I 528 51.37 -1.41 1.42
N PRO I 529 50.39 -1.91 2.19
CA PRO I 529 49.47 -0.99 2.87
C PRO I 529 50.17 -0.14 3.91
N VAL I 530 49.54 1.01 4.20
CA VAL I 530 50.15 1.98 5.11
C VAL I 530 49.94 1.59 6.57
N ASP I 531 48.79 0.97 6.89
CA ASP I 531 48.49 0.57 8.26
C ASP I 531 49.51 -0.43 8.79
N TYR I 532 50.01 -1.27 7.90
CA TYR I 532 51.00 -2.30 8.18
C TYR I 532 52.42 -1.76 8.01
N LYS I 533 52.61 -0.83 7.06
CA LYS I 533 53.89 -0.16 6.89
C LYS I 533 54.32 0.55 8.17
N ARG I 534 53.42 1.37 8.73
CA ARG I 534 53.73 2.08 9.96
C ARG I 534 54.05 1.13 11.09
N SER I 535 53.31 0.03 11.19
CA SER I 535 53.55 -0.94 12.25
C SER I 535 54.93 -1.56 12.14
N ILE I 536 55.32 -1.98 10.93
CA ILE I 536 56.66 -2.56 10.76
C ILE I 536 57.74 -1.52 11.00
N GLN I 537 57.55 -0.30 10.46
CA GLN I 537 58.51 0.78 10.67
C GLN I 537 58.71 1.07 12.15
N ARG I 538 57.61 1.17 12.89
CA ARG I 538 57.72 1.50 14.31
C ARG I 538 58.29 0.34 15.10
N GLY I 539 57.94 -0.90 14.73
CA GLY I 539 58.52 -2.06 15.39
C GLY I 539 60.01 -2.15 15.17
N ILE I 540 60.46 -1.77 13.98
CA ILE I 540 61.90 -1.68 13.72
C ILE I 540 62.51 -0.56 14.55
N LEU I 541 61.83 0.59 14.64
CA LEU I 541 62.35 1.70 15.42
C LEU I 541 62.44 1.35 16.90
N LEU I 542 61.57 0.44 17.38
CA LEU I 542 61.63 -0.02 18.77
C LEU I 542 62.99 -0.63 19.09
N LEU I 543 63.63 -1.29 18.12
CA LEU I 543 64.99 -1.80 18.27
C LEU I 543 66.05 -0.81 17.85
N SER I 544 65.74 0.15 16.96
CA SER I 544 66.70 1.19 16.65
C SER I 544 67.02 2.09 17.84
N ASN I 545 66.17 2.11 18.87
CA ASN I 545 66.36 2.84 20.11
C ASN I 545 67.02 1.99 21.20
N ARG I 546 67.02 0.66 21.09
CA ARG I 546 67.66 -0.25 22.02
C ARG I 546 69.13 -0.49 21.69
N LEU I 547 69.80 0.44 20.98
CA LEU I 547 71.15 0.23 20.49
C LEU I 547 72.13 -0.06 21.62
N GLY I 548 72.29 0.90 22.53
CA GLY I 548 73.25 0.75 23.62
C GLY I 548 72.92 -0.43 24.52
N GLN I 549 71.62 -0.62 24.82
CA GLN I 549 71.17 -1.76 25.62
C GLN I 549 71.58 -3.09 25.00
N LEU I 550 71.53 -3.19 23.68
CA LEU I 550 71.85 -4.43 22.99
C LEU I 550 73.35 -4.58 22.83
N VAL I 551 74.07 -3.47 22.69
CA VAL I 551 75.53 -3.49 22.83
C VAL I 551 75.90 -4.10 24.17
N ASP I 552 75.25 -3.65 25.24
CA ASP I 552 75.53 -4.15 26.58
C ASP I 552 75.25 -5.64 26.68
N LEU I 553 74.10 -6.07 26.16
CA LEU I 553 73.74 -7.49 26.15
C LEU I 553 74.75 -8.31 25.37
N THR I 554 75.18 -7.82 24.21
CA THR I 554 76.06 -8.61 23.36
C THR I 554 77.42 -8.78 23.99
N ARG I 555 77.96 -7.69 24.57
CA ARG I 555 79.22 -7.78 25.30
C ARG I 555 79.08 -8.73 26.48
N LEU I 556 77.94 -8.68 27.17
CA LEU I 556 77.70 -9.52 28.34
C LEU I 556 77.72 -10.98 27.94
N LEU I 557 77.00 -11.28 26.86
CA LEU I 557 76.89 -12.64 26.35
C LEU I 557 78.26 -13.18 26.00
N ALA I 558 79.05 -12.38 25.30
CA ALA I 558 80.39 -12.83 24.92
C ALA I 558 81.31 -13.03 26.13
N TYR I 559 81.28 -12.09 27.08
CA TYR I 559 82.10 -12.21 28.29
C TYR I 559 81.77 -13.45 29.09
N ASN I 560 80.48 -13.66 29.37
CA ASN I 560 80.10 -14.80 30.20
C ASN I 560 80.37 -16.10 29.48
N TYR I 561 80.18 -16.10 28.16
CA TYR I 561 80.48 -17.26 27.34
C TYR I 561 81.95 -17.62 27.39
N GLU I 562 82.85 -16.64 27.27
CA GLU I 562 84.27 -16.98 27.25
C GLU I 562 84.76 -17.37 28.63
N THR I 563 84.24 -16.72 29.68
CA THR I 563 84.69 -17.06 31.02
C THR I 563 84.21 -18.45 31.43
N LEU I 564 83.08 -18.91 30.90
CA LEU I 564 82.67 -20.29 31.12
C LEU I 564 83.35 -21.26 30.16
N MET I 565 83.76 -20.78 28.98
CA MET I 565 84.56 -21.60 28.08
C MET I 565 85.88 -21.98 28.72
N ALA I 566 86.48 -21.04 29.47
CA ALA I 566 87.77 -21.27 30.13
C ALA I 566 87.78 -22.48 31.05
N CYS I 567 86.62 -22.85 31.63
CA CYS I 567 86.48 -23.97 32.54
C CYS I 567 86.00 -25.22 31.80
N ILE I 568 86.68 -25.53 30.69
CA ILE I 568 86.41 -26.70 29.85
C ILE I 568 87.70 -27.45 29.59
N THR I 569 87.62 -28.77 29.65
CA THR I 569 88.75 -29.68 29.55
C THR I 569 88.79 -30.44 28.24
N MET I 570 87.63 -30.71 27.64
CA MET I 570 87.51 -31.48 26.42
C MET I 570 87.37 -30.57 25.22
N ASN I 571 87.78 -31.09 24.06
CA ASN I 571 87.65 -30.35 22.82
C ASN I 571 86.17 -30.15 22.53
N MET I 572 85.87 -29.02 21.88
CA MET I 572 84.51 -28.58 21.62
C MET I 572 84.29 -28.37 20.13
N GLN I 573 83.81 -29.43 19.46
CA GLN I 573 83.72 -29.48 18.01
C GLN I 573 82.28 -29.36 17.56
N HIS I 574 82.12 -29.05 16.28
CA HIS I 574 80.85 -28.66 15.68
C HIS I 574 80.38 -29.77 14.78
N VAL I 575 79.32 -30.47 15.21
CA VAL I 575 78.75 -31.62 14.51
C VAL I 575 77.24 -31.57 14.71
N GLN I 576 76.50 -31.51 13.61
CA GLN I 576 75.05 -31.47 13.65
C GLN I 576 74.46 -32.71 14.31
N THR I 577 73.75 -32.49 15.42
CA THR I 577 73.15 -33.57 16.21
C THR I 577 71.76 -33.93 15.70
N LEU I 578 71.32 -35.15 16.05
CA LEU I 578 70.01 -35.65 15.62
C LEU I 578 68.84 -34.82 16.14
N THR I 579 68.63 -34.86 17.45
CA THR I 579 67.59 -34.08 18.11
C THR I 579 68.20 -32.80 18.63
N THR I 580 67.33 -31.86 19.01
CA THR I 580 67.67 -30.45 18.93
C THR I 580 66.87 -29.66 19.94
N GLU I 581 67.55 -28.78 20.68
CA GLU I 581 66.89 -27.94 21.66
C GLU I 581 66.15 -26.82 20.96
N LYS I 582 64.93 -26.58 21.40
CA LYS I 582 64.12 -25.52 20.83
C LYS I 582 64.52 -24.17 21.37
N LEU I 583 64.09 -23.14 20.64
CA LEU I 583 64.35 -21.75 21.00
C LEU I 583 63.19 -20.91 20.47
N GLN I 584 62.25 -20.60 21.35
CA GLN I 584 61.17 -19.72 20.99
C GLN I 584 61.74 -18.33 20.79
N LEU I 585 61.52 -17.75 19.60
CA LEU I 585 62.00 -16.40 19.35
C LEU I 585 61.28 -15.32 20.15
N THR I 586 60.14 -15.63 20.76
CA THR I 586 59.53 -14.72 21.71
C THR I 586 60.44 -14.55 22.93
N SER I 587 61.17 -15.60 23.30
CA SER I 587 62.18 -15.47 24.33
C SER I 587 63.34 -14.58 23.93
N VAL I 588 63.71 -14.57 22.64
CA VAL I 588 64.76 -13.67 22.20
C VAL I 588 64.26 -12.24 22.27
N THR I 589 63.02 -12.01 21.81
CA THR I 589 62.37 -10.72 21.95
C THR I 589 62.29 -10.28 23.41
N SER I 590 62.05 -11.24 24.31
CA SER I 590 61.98 -10.94 25.73
C SER I 590 63.33 -10.44 26.22
N LEU I 591 64.39 -11.16 25.85
CA LEU I 591 65.74 -10.80 26.27
C LEU I 591 66.14 -9.44 25.71
N CYS I 592 65.74 -9.14 24.48
CA CYS I 592 66.17 -7.93 23.80
C CYS I 592 65.41 -6.72 24.30
N MET I 593 64.11 -6.88 24.60
CA MET I 593 63.25 -5.77 24.97
C MET I 593 63.08 -5.63 26.48
N LEU I 594 63.64 -6.53 27.29
CA LEU I 594 63.65 -6.42 28.75
C LEU I 594 65.07 -6.67 29.25
N ILE I 595 65.89 -5.63 29.24
CA ILE I 595 67.18 -5.61 29.93
C ILE I 595 67.70 -4.17 29.96
N GLY I 596 68.47 -3.83 30.98
CA GLY I 596 69.26 -2.63 31.00
C GLY I 596 70.00 -2.53 32.31
N ASN I 597 71.31 -2.26 32.23
CA ASN I 597 72.19 -1.76 33.31
C ASN I 597 72.00 -2.52 34.62
N ALA I 598 72.28 -3.82 34.54
CA ALA I 598 72.52 -4.60 35.74
C ALA I 598 73.39 -5.79 35.32
N THR I 599 74.68 -5.66 35.56
CA THR I 599 75.63 -6.70 35.21
C THR I 599 75.47 -7.92 36.09
N VAL I 600 75.64 -9.09 35.47
CA VAL I 600 75.63 -10.38 36.15
C VAL I 600 76.75 -11.18 35.52
N ILE I 601 77.53 -11.86 36.35
CA ILE I 601 78.68 -12.65 35.94
C ILE I 601 78.75 -13.90 36.79
N PRO I 602 79.44 -14.96 36.31
CA PRO I 602 79.54 -16.17 37.11
C PRO I 602 80.30 -15.93 38.41
N SER I 603 79.69 -16.35 39.51
CA SER I 603 80.39 -16.39 40.77
C SER I 603 81.58 -17.35 40.65
N PRO I 604 82.66 -17.14 41.43
CA PRO I 604 83.80 -18.09 41.34
C PRO I 604 83.44 -19.51 41.72
N GLN I 605 82.40 -19.70 42.53
CA GLN I 605 82.03 -21.04 42.96
C GLN I 605 81.35 -21.77 41.83
N THR I 606 80.53 -21.08 41.03
CA THR I 606 79.96 -21.69 39.84
C THR I 606 81.05 -22.06 38.84
N LEU I 607 82.05 -21.18 38.68
CA LEU I 607 83.18 -21.47 37.80
C LEU I 607 83.91 -22.71 38.25
N PHE I 608 84.24 -22.76 39.54
CA PHE I 608 84.94 -23.89 40.11
C PHE I 608 84.12 -25.15 39.99
N HIS I 609 82.81 -25.05 40.23
CA HIS I 609 81.94 -26.21 40.17
C HIS I 609 81.88 -26.77 38.76
N TYR I 610 81.73 -25.89 37.76
CA TYR I 610 81.73 -26.30 36.36
C TYR I 610 83.06 -26.95 35.97
N TYR I 611 84.16 -26.34 36.41
CA TYR I 611 85.49 -26.86 36.10
C TYR I 611 85.73 -28.22 36.76
N ASN I 612 85.33 -28.37 38.03
CA ASN I 612 85.51 -29.64 38.71
C ASN I 612 84.66 -30.72 38.07
N VAL I 613 83.44 -30.36 37.65
CA VAL I 613 82.56 -31.32 37.00
C VAL I 613 83.17 -31.79 35.69
N ASN I 614 83.62 -30.85 34.86
CA ASN I 614 84.24 -31.21 33.59
C ASN I 614 85.50 -32.04 33.78
N VAL I 615 86.33 -31.70 34.77
CA VAL I 615 87.55 -32.45 35.03
C VAL I 615 87.22 -33.87 35.45
N ASN I 616 86.29 -34.02 36.40
CA ASN I 616 85.91 -35.33 36.89
C ASN I 616 85.33 -36.18 35.77
N PHE I 617 84.48 -35.58 34.94
CA PHE I 617 83.89 -36.28 33.82
C PHE I 617 84.96 -36.71 32.83
N HIS I 618 85.93 -35.84 32.56
CA HIS I 618 86.97 -36.16 31.59
C HIS I 618 87.89 -37.25 32.11
N SER I 619 88.24 -37.18 33.39
CA SER I 619 89.07 -38.20 34.00
C SER I 619 88.35 -39.54 34.05
N ASN I 620 87.05 -39.53 34.37
CA ASN I 620 86.26 -40.75 34.35
C ASN I 620 86.26 -41.37 32.96
N TYR I 621 86.07 -40.51 31.95
CA TYR I 621 86.09 -40.93 30.55
C TYR I 621 87.40 -41.63 30.21
N ASN I 622 88.53 -40.97 30.50
CA ASN I 622 89.82 -41.55 30.14
C ASN I 622 90.15 -42.81 30.93
N GLU I 623 89.81 -42.84 32.23
CA GLU I 623 90.16 -43.99 33.04
C GLU I 623 89.30 -45.20 32.67
N ARG I 624 88.01 -44.99 32.40
CA ARG I 624 87.20 -46.11 31.95
C ARG I 624 87.63 -46.59 30.57
N ILE I 625 88.07 -45.69 29.69
CA ILE I 625 88.63 -46.10 28.40
C ILE I 625 89.84 -46.99 28.60
N ASN I 626 90.73 -46.58 29.50
CA ASN I 626 91.95 -47.32 29.75
C ASN I 626 91.64 -48.70 30.31
N ASP I 627 90.70 -48.78 31.26
CA ASP I 627 90.35 -50.05 31.88
C ASP I 627 89.68 -50.99 30.88
N ALA I 628 88.71 -50.47 30.12
CA ALA I 628 88.04 -51.28 29.10
C ALA I 628 89.01 -51.80 28.04
N VAL I 629 89.88 -50.92 27.54
CA VAL I 629 90.89 -51.30 26.56
C VAL I 629 91.81 -52.37 27.13
N ALA I 630 92.19 -52.23 28.40
CA ALA I 630 93.05 -53.21 29.05
C ALA I 630 92.39 -54.58 29.09
N ILE I 631 91.14 -54.64 29.55
CA ILE I 631 90.41 -55.92 29.64
C ILE I 631 90.26 -56.54 28.26
N ILE I 632 89.87 -55.72 27.26
CA ILE I 632 89.66 -56.20 25.89
C ILE I 632 90.95 -56.78 25.34
N THR I 633 92.04 -56.04 25.46
CA THR I 633 93.30 -56.48 24.89
C THR I 633 93.82 -57.68 25.63
N ALA I 634 93.57 -57.76 26.94
CA ALA I 634 94.05 -58.89 27.69
C ALA I 634 93.27 -60.14 27.35
N ALA I 635 91.98 -60.00 27.04
CA ALA I 635 91.22 -61.16 26.60
C ALA I 635 91.68 -61.63 25.24
N ASN I 636 91.89 -60.68 24.31
CA ASN I 636 92.35 -61.05 22.98
C ASN I 636 93.75 -61.68 23.01
N ARG I 637 94.62 -61.20 23.89
CA ARG I 637 95.99 -61.70 23.99
C ARG I 637 96.13 -62.96 24.83
N LEU I 638 95.02 -63.54 25.32
CA LEU I 638 95.02 -64.82 26.03
C LEU I 638 94.16 -65.86 25.34
N ASN I 639 93.77 -65.64 24.08
CA ASN I 639 93.05 -66.61 23.27
C ASN I 639 91.71 -66.96 23.93
N LEU I 640 91.08 -65.96 24.54
CA LEU I 640 89.75 -66.09 25.10
C LEU I 640 88.75 -65.68 24.04
N TYR I 641 87.88 -66.61 23.66
CA TYR I 641 86.97 -66.44 22.54
C TYR I 641 85.53 -66.83 22.81
N GLN I 642 85.23 -67.65 23.83
CA GLN I 642 83.82 -67.79 24.23
C GLN I 642 83.24 -66.48 24.75
N LYS I 643 84.06 -65.54 25.21
CA LYS I 643 83.57 -64.26 25.69
C LYS I 643 82.93 -63.50 24.53
N LYS I 644 81.95 -62.68 24.88
CA LYS I 644 81.45 -61.60 24.05
C LYS I 644 81.86 -60.28 24.67
N MET I 645 82.10 -59.30 23.79
CA MET I 645 82.83 -58.09 24.09
C MET I 645 81.95 -56.94 24.53
N LYS I 646 80.67 -56.93 24.13
CA LYS I 646 79.78 -55.85 24.58
C LYS I 646 79.43 -55.91 26.06
N SER I 647 79.73 -57.01 26.76
CA SER I 647 79.65 -57.03 28.22
C SER I 647 80.64 -56.07 28.87
N ILE I 648 81.73 -55.76 28.17
CA ILE I 648 82.71 -54.79 28.65
C ILE I 648 82.25 -53.39 28.30
N VAL I 649 81.72 -53.23 27.10
CA VAL I 649 81.30 -51.93 26.60
C VAL I 649 80.10 -51.43 27.40
N GLU I 650 79.19 -52.32 27.79
CA GLU I 650 78.04 -51.87 28.56
C GLU I 650 78.46 -51.38 29.94
N ASP I 651 79.43 -52.05 30.57
CA ASP I 651 79.94 -51.51 31.83
C ASP I 651 80.63 -50.18 31.61
N PHE I 652 81.41 -50.08 30.54
CA PHE I 652 82.06 -48.82 30.17
C PHE I 652 81.09 -47.66 29.97
N LEU I 653 79.99 -47.89 29.26
CA LEU I 653 78.98 -46.84 29.12
C LEU I 653 78.16 -46.61 30.38
N LYS I 654 77.91 -47.66 31.17
CA LYS I 654 77.12 -47.51 32.40
C LYS I 654 77.85 -46.64 33.42
N ARG I 655 79.15 -46.89 33.62
CA ARG I 655 79.93 -46.15 34.63
C ARG I 655 79.93 -44.66 34.33
N LEU I 656 79.97 -44.30 33.07
CA LEU I 656 79.65 -42.93 32.70
C LEU I 656 78.16 -42.76 32.93
N GLN I 657 77.78 -42.06 34.01
CA GLN I 657 76.39 -42.13 34.47
C GLN I 657 75.46 -41.19 33.70
N ILE I 658 75.47 -41.25 32.37
CA ILE I 658 74.62 -40.43 31.51
C ILE I 658 73.95 -41.21 30.39
N PHE I 659 74.34 -42.47 30.17
CA PHE I 659 73.89 -43.26 29.03
C PHE I 659 72.87 -44.29 29.48
N ASP I 660 71.91 -44.56 28.60
CA ASP I 660 70.97 -45.66 28.72
C ASP I 660 71.36 -46.71 27.68
N ILE I 661 71.62 -47.94 28.13
CA ILE I 661 72.21 -48.95 27.26
C ILE I 661 71.13 -49.82 26.63
N SER I 662 69.90 -49.80 27.14
CA SER I 662 68.74 -50.38 26.48
C SER I 662 68.10 -49.43 25.41
N ARG I 663 68.87 -48.47 24.89
CA ARG I 663 68.38 -47.30 24.18
C ARG I 663 69.34 -46.87 23.06
N VAL I 664 70.41 -47.63 22.80
CA VAL I 664 71.56 -47.28 21.98
C VAL I 664 71.51 -48.21 20.77
N PRO I 665 72.03 -47.84 19.58
CA PRO I 665 72.08 -48.82 18.50
C PRO I 665 73.03 -49.97 18.79
N ASP I 666 73.23 -50.84 17.81
CA ASP I 666 74.17 -51.94 17.88
C ASP I 666 75.32 -51.77 16.90
N ASP I 667 75.14 -50.96 15.85
CA ASP I 667 76.26 -50.69 14.95
C ASP I 667 77.30 -49.83 15.64
N GLN I 668 76.84 -48.89 16.46
CA GLN I 668 77.75 -48.03 17.20
C GLN I 668 78.52 -48.83 18.24
N MET I 669 77.89 -49.86 18.82
CA MET I 669 78.58 -50.71 19.76
C MET I 669 79.76 -51.40 19.12
N TYR I 670 79.58 -51.89 17.90
CA TYR I 670 80.66 -52.57 17.22
C TYR I 670 81.67 -51.59 16.64
N ARG I 671 81.26 -50.39 16.27
CA ARG I 671 82.22 -49.38 15.87
C ARG I 671 83.08 -48.93 17.04
N LEU I 672 82.48 -48.84 18.23
CA LEU I 672 83.23 -48.49 19.42
C LEU I 672 84.18 -49.61 19.81
N ARG I 673 83.72 -50.85 19.68
CA ARG I 673 84.57 -52.04 19.80
C ARG I 673 85.76 -51.96 18.85
N ASP I 674 85.52 -51.54 17.61
CA ASP I 674 86.58 -51.53 16.62
C ASP I 674 87.60 -50.44 16.91
N ARG I 675 87.14 -49.28 17.40
CA ARG I 675 88.03 -48.17 17.70
C ARG I 675 88.73 -48.30 19.04
N LEU I 676 88.31 -49.24 19.89
CA LEU I 676 89.00 -49.50 21.15
C LEU I 676 90.16 -50.47 21.00
N ARG I 677 90.13 -51.34 19.99
CA ARG I 677 91.25 -52.25 19.80
C ARG I 677 92.51 -51.51 19.36
N LEU I 678 92.37 -50.39 18.66
CA LEU I 678 93.48 -49.69 18.04
C LEU I 678 94.20 -48.74 18.98
N LEU I 679 93.62 -48.42 20.13
CA LEU I 679 94.26 -47.48 21.02
C LEU I 679 95.47 -48.17 21.65
N PRO I 680 96.58 -47.46 21.87
CA PRO I 680 97.67 -48.11 22.60
C PRO I 680 97.24 -48.29 24.04
N VAL I 681 97.71 -49.36 24.64
CA VAL I 681 97.36 -49.67 26.01
C VAL I 681 98.20 -48.79 26.92
N GLU I 682 97.60 -48.35 28.00
CA GLU I 682 98.30 -47.55 29.00
C GLU I 682 99.44 -48.36 29.61
N ILE I 683 100.40 -47.64 30.19
CA ILE I 683 101.66 -48.24 30.60
C ILE I 683 101.45 -49.20 31.78
N ARG I 684 100.87 -48.69 32.89
CA ARG I 684 100.76 -49.49 34.10
C ARG I 684 99.92 -50.75 33.88
N ARG I 685 98.76 -50.57 33.24
CA ARG I 685 97.86 -51.68 32.97
C ARG I 685 98.45 -52.69 32.00
N LEU I 686 99.47 -52.30 31.23
CA LEU I 686 100.18 -53.23 30.37
C LEU I 686 101.31 -53.93 31.10
N ASP I 687 102.02 -53.20 31.95
CA ASP I 687 103.09 -53.79 32.75
C ASP I 687 102.59 -54.90 33.67
N ILE I 688 101.42 -54.70 34.26
CA ILE I 688 100.85 -55.73 35.12
C ILE I 688 100.51 -56.97 34.32
N PHE I 689 99.90 -56.77 33.14
CA PHE I 689 99.60 -57.85 32.22
C PHE I 689 100.87 -58.60 31.81
N ASN I 690 101.96 -57.86 31.58
CA ASN I 690 103.23 -58.49 31.23
C ASN I 690 103.71 -59.40 32.33
N LEU I 691 103.69 -58.90 33.58
CA LEU I 691 104.10 -59.69 34.74
C LEU I 691 103.27 -60.96 34.83
N ILE I 692 101.96 -60.80 34.68
CA ILE I 692 101.03 -61.91 34.84
C ILE I 692 101.28 -62.96 33.76
N LEU I 693 101.57 -62.54 32.54
CA LEU I 693 101.84 -63.50 31.49
C LEU I 693 103.16 -64.23 31.70
N MET I 694 104.21 -63.51 32.09
CA MET I 694 105.49 -64.18 32.27
C MET I 694 105.50 -65.09 33.51
N ASN I 695 104.54 -64.91 34.45
CA ASN I 695 104.52 -65.65 35.72
C ASN I 695 103.36 -66.62 35.89
N MET I 696 102.36 -66.63 34.99
CA MET I 696 101.21 -67.51 35.16
C MET I 696 101.60 -68.98 35.09
N GLU I 697 102.48 -69.33 34.16
CA GLU I 697 102.90 -70.70 34.05
C GLU I 697 103.74 -71.17 35.23
N GLN I 698 104.33 -70.24 35.99
CA GLN I 698 104.94 -70.56 37.27
C GLN I 698 103.88 -70.72 38.35
N ILE I 699 102.81 -69.91 38.28
CA ILE I 699 101.72 -70.00 39.24
C ILE I 699 100.96 -71.31 39.04
N GLU I 700 100.47 -71.51 37.82
CA GLU I 700 99.57 -72.62 37.46
C GLU I 700 100.15 -74.01 37.73
N ARG I 701 101.47 -74.13 37.84
CA ARG I 701 102.13 -75.37 38.22
C ARG I 701 102.19 -75.60 39.72
N ALA I 702 101.77 -74.61 40.52
CA ALA I 702 101.34 -74.82 41.90
C ALA I 702 99.88 -75.27 41.86
N SER I 703 99.12 -75.09 42.95
CA SER I 703 97.70 -75.43 42.97
C SER I 703 97.43 -76.91 42.81
N ASP I 704 97.71 -77.71 43.84
CA ASP I 704 97.60 -79.16 43.76
C ASP I 704 96.16 -79.70 43.72
N LYS I 705 95.39 -79.30 42.70
CA LYS I 705 94.13 -79.93 42.32
C LYS I 705 94.00 -80.15 40.82
N ILE I 706 94.80 -79.46 39.99
CA ILE I 706 94.92 -79.70 38.56
C ILE I 706 96.33 -80.15 38.23
N ALA I 707 96.49 -80.64 37.01
CA ALA I 707 97.76 -81.07 36.48
C ALA I 707 97.81 -80.74 35.00
N GLN I 708 99.03 -80.49 34.51
CA GLN I 708 99.24 -79.78 33.26
C GLN I 708 99.35 -80.70 32.06
N GLY I 709 98.90 -81.93 32.18
CA GLY I 709 98.89 -82.89 31.09
C GLY I 709 99.10 -84.28 31.63
N VAL I 710 98.83 -85.25 30.77
CA VAL I 710 98.95 -86.65 31.11
C VAL I 710 99.50 -87.36 29.88
N ILE I 711 100.55 -88.12 30.07
CA ILE I 711 101.15 -88.89 28.99
C ILE I 711 100.47 -90.24 29.08
N ILE I 712 100.29 -90.88 27.93
CA ILE I 712 99.86 -92.28 27.87
C ILE I 712 100.90 -92.91 26.97
N ALA I 713 101.70 -93.80 27.54
CA ALA I 713 102.75 -94.52 26.85
C ALA I 713 102.51 -95.99 27.14
N TYR I 714 101.98 -96.71 26.15
CA TYR I 714 101.60 -98.11 26.35
C TYR I 714 102.79 -99.06 26.46
N ARG I 715 103.56 -98.90 27.52
CA ARG I 715 104.66 -99.77 27.89
C ARG I 715 104.91 -99.48 29.37
N ASP I 716 105.21 -100.52 30.12
CA ASP I 716 105.21 -100.41 31.57
C ASP I 716 106.54 -99.82 32.04
N MET I 717 106.63 -98.50 32.03
CA MET I 717 107.81 -97.81 32.51
C MET I 717 107.84 -97.80 34.04
N GLN I 718 108.99 -97.38 34.58
CA GLN I 718 109.27 -97.45 36.00
C GLN I 718 109.07 -96.09 36.65
N LEU I 719 108.43 -96.07 37.81
CA LEU I 719 108.18 -94.83 38.52
C LEU I 719 109.48 -94.25 39.05
N GLU I 720 109.43 -92.94 39.31
CA GLU I 720 110.56 -92.15 39.78
C GLU I 720 110.23 -91.45 41.07
N ARG I 721 111.27 -91.04 41.77
CA ARG I 721 111.25 -90.79 43.21
C ARG I 721 111.48 -89.30 43.49
N ASP I 722 110.38 -88.57 43.58
CA ASP I 722 110.39 -87.22 44.15
C ASP I 722 110.58 -87.26 45.66
N GLU I 723 110.93 -86.10 46.21
CA GLU I 723 111.07 -85.87 47.63
C GLU I 723 109.77 -85.44 48.30
N MET I 724 108.86 -84.80 47.57
CA MET I 724 107.59 -84.41 48.14
C MET I 724 106.71 -85.62 48.41
N TYR I 725 106.31 -86.28 47.34
CA TYR I 725 105.72 -87.60 47.34
C TYR I 725 106.83 -88.64 47.47
N GLY I 726 106.44 -89.91 47.54
CA GLY I 726 107.38 -91.01 47.38
C GLY I 726 107.52 -91.33 45.91
N TYR I 727 107.34 -92.60 45.54
CA TYR I 727 107.20 -92.96 44.13
C TYR I 727 106.01 -92.25 43.51
N VAL I 728 106.22 -91.70 42.31
CA VAL I 728 105.18 -91.01 41.56
C VAL I 728 105.35 -91.30 40.08
N ASN I 729 104.24 -91.21 39.37
CA ASN I 729 104.19 -91.23 37.91
C ASN I 729 104.26 -89.82 37.30
N ILE I 730 105.31 -89.10 37.67
CA ILE I 730 105.49 -87.71 37.28
C ILE I 730 106.27 -87.68 35.97
N ALA I 731 105.95 -86.67 35.15
CA ALA I 731 106.65 -86.34 33.91
C ALA I 731 107.02 -84.86 33.92
N ARG I 732 108.16 -84.56 33.29
CA ARG I 732 108.75 -83.22 33.31
C ARG I 732 109.20 -82.67 31.96
N ASN I 733 109.48 -83.50 30.95
CA ASN I 733 109.99 -83.05 29.67
C ASN I 733 109.02 -83.11 28.52
N LEU I 734 108.10 -84.07 28.51
CA LEU I 734 107.01 -84.17 27.52
C LEU I 734 107.58 -84.39 26.12
N ASP I 735 108.79 -84.98 26.02
CA ASP I 735 109.46 -85.10 24.74
C ASP I 735 108.88 -86.24 23.93
N GLY I 736 109.08 -86.18 22.62
CA GLY I 736 108.80 -87.31 21.75
C GLY I 736 107.34 -87.54 21.39
N PHE I 737 106.48 -87.62 22.39
CA PHE I 737 105.06 -87.91 22.21
C PHE I 737 104.38 -86.78 21.45
N GLN I 738 103.23 -87.13 20.87
CA GLN I 738 102.45 -86.19 20.05
C GLN I 738 101.57 -85.36 20.97
N GLN I 739 101.75 -84.04 20.97
CA GLN I 739 101.01 -83.16 21.87
C GLN I 739 99.66 -82.91 21.23
N ILE I 740 98.64 -83.60 21.75
CA ILE I 740 97.25 -83.28 21.50
C ILE I 740 96.79 -82.32 22.59
N ASN I 741 96.28 -81.16 22.17
CA ASN I 741 95.64 -80.22 23.07
C ASN I 741 94.16 -80.52 23.13
N LEU I 742 93.56 -80.22 24.29
CA LEU I 742 92.19 -80.63 24.61
C LEU I 742 91.16 -79.53 24.49
N GLU I 743 91.52 -78.28 24.76
CA GLU I 743 90.55 -77.20 24.65
C GLU I 743 90.04 -76.99 23.24
N GLU I 744 90.82 -77.38 22.22
CA GLU I 744 90.33 -77.40 20.85
C GLU I 744 89.66 -78.71 20.48
N LEU I 745 89.97 -79.80 21.19
CA LEU I 745 89.35 -81.09 20.93
C LEU I 745 87.95 -81.19 21.53
N MET I 746 87.78 -80.74 22.77
CA MET I 746 86.48 -80.86 23.42
C MET I 746 85.44 -79.99 22.73
N ARG I 747 85.87 -78.85 22.18
CA ARG I 747 84.98 -77.87 21.60
C ARG I 747 84.64 -78.28 20.17
N THR I 748 85.66 -78.40 19.32
CA THR I 748 85.53 -79.14 18.07
C THR I 748 85.63 -80.63 18.34
N GLY I 749 84.49 -81.22 18.69
CA GLY I 749 84.39 -82.65 18.85
C GLY I 749 84.77 -83.37 17.57
N ASP I 750 85.97 -83.92 17.56
CA ASP I 750 86.48 -84.74 16.45
C ASP I 750 87.43 -85.73 17.09
N TYR I 751 86.87 -86.90 17.41
CA TYR I 751 87.53 -87.89 18.23
C TYR I 751 88.11 -89.05 17.44
N ALA I 752 88.06 -89.02 16.10
CA ALA I 752 88.67 -90.06 15.28
C ALA I 752 90.16 -90.16 15.59
N GLN I 753 90.84 -89.02 15.68
CA GLN I 753 92.27 -88.97 15.89
C GLN I 753 92.70 -89.38 17.30
N ILE I 754 91.77 -89.55 18.26
CA ILE I 754 92.07 -90.09 19.58
C ILE I 754 91.41 -91.44 19.83
N THR I 755 90.19 -91.66 19.32
CA THR I 755 89.60 -92.99 19.34
C THR I 755 90.48 -94.01 18.64
N ASN I 756 91.03 -93.63 17.49
CA ASN I 756 91.92 -94.51 16.74
C ASN I 756 93.13 -94.89 17.58
N MET I 757 93.69 -93.91 18.28
CA MET I 757 94.91 -94.14 19.03
C MET I 757 94.62 -94.96 20.29
N LEU I 758 93.43 -94.79 20.89
CA LEU I 758 93.04 -95.61 22.03
C LEU I 758 92.70 -97.03 21.60
N LEU I 759 92.17 -97.24 20.39
CA LEU I 759 91.87 -98.61 19.98
C LEU I 759 93.16 -99.31 19.64
N ASN I 760 93.94 -98.74 18.73
CA ASN I 760 95.21 -99.33 18.38
C ASN I 760 96.32 -99.02 19.40
N ASN I 761 96.01 -98.34 20.52
CA ASN I 761 96.87 -98.26 21.70
C ASN I 761 98.18 -97.53 21.39
N GLN I 762 98.08 -96.43 20.66
CA GLN I 762 99.20 -95.59 20.27
C GLN I 762 99.54 -94.56 21.36
N PRO I 763 100.82 -94.25 21.63
CA PRO I 763 101.14 -93.27 22.69
C PRO I 763 100.74 -91.85 22.33
N VAL I 764 100.41 -91.08 23.37
CA VAL I 764 100.00 -89.67 23.22
C VAL I 764 100.44 -88.87 24.44
N ALA I 765 100.28 -87.55 24.34
CA ALA I 765 100.53 -86.60 25.43
C ALA I 765 99.38 -85.62 25.48
N LEU I 766 98.34 -85.94 26.24
CA LEU I 766 97.17 -85.09 26.35
C LEU I 766 97.50 -83.92 27.26
N VAL I 767 97.89 -82.79 26.65
CA VAL I 767 98.19 -81.60 27.42
C VAL I 767 96.88 -80.90 27.76
N GLY I 768 96.95 -79.97 28.72
CA GLY I 768 95.77 -79.30 29.23
C GLY I 768 95.73 -79.35 30.74
N ALA I 769 95.06 -78.38 31.33
CA ALA I 769 94.86 -78.32 32.76
C ALA I 769 93.61 -79.10 33.10
N LEU I 770 93.78 -80.16 33.88
CA LEU I 770 92.74 -81.14 34.18
C LEU I 770 92.97 -81.67 35.59
N PRO I 771 91.94 -82.28 36.23
CA PRO I 771 92.09 -82.69 37.62
C PRO I 771 93.01 -83.88 37.85
N PHE I 772 93.03 -84.35 39.09
CA PHE I 772 93.69 -85.59 39.45
C PHE I 772 93.22 -85.96 40.84
N ILE I 773 93.47 -87.22 41.20
CA ILE I 773 93.17 -87.75 42.53
C ILE I 773 94.40 -88.50 43.00
N THR I 774 94.72 -88.33 44.28
CA THR I 774 95.94 -88.87 44.86
C THR I 774 95.59 -90.23 45.44
N ASP I 775 96.14 -91.27 44.82
CA ASP I 775 95.94 -92.63 45.28
C ASP I 775 97.02 -93.02 46.28
N SER I 776 96.60 -93.47 47.46
CA SER I 776 97.52 -93.78 48.55
C SER I 776 97.71 -95.27 48.71
N SER I 777 97.67 -96.01 47.60
CA SER I 777 97.67 -97.46 47.59
C SER I 777 98.58 -97.97 46.49
N VAL I 778 99.04 -99.21 46.70
CA VAL I 778 99.81 -99.96 45.74
C VAL I 778 98.93 -100.92 44.95
N ILE I 779 97.78 -101.31 45.50
CA ILE I 779 96.88 -102.24 44.81
C ILE I 779 96.36 -101.62 43.53
N SER I 780 96.09 -100.32 43.54
CA SER I 780 95.70 -99.66 42.30
C SER I 780 96.85 -99.50 41.33
N LEU I 781 98.10 -99.62 41.80
CA LEU I 781 99.25 -99.63 40.91
C LEU I 781 99.50 -101.01 40.32
N VAL I 782 99.42 -102.05 41.15
CA VAL I 782 99.55 -103.42 40.68
C VAL I 782 98.37 -103.84 39.80
N ALA I 783 97.21 -103.21 39.96
CA ALA I 783 95.99 -103.57 39.26
C ALA I 783 95.73 -102.71 38.03
N LYS I 784 96.50 -101.64 37.83
CA LYS I 784 96.45 -100.83 36.61
C LYS I 784 95.09 -100.14 36.54
N LEU I 785 94.72 -99.52 37.66
CA LEU I 785 93.55 -98.68 37.71
C LEU I 785 93.69 -97.48 36.79
N ASP I 786 94.92 -96.98 36.61
CA ASP I 786 95.17 -95.73 35.88
C ASP I 786 94.68 -95.81 34.44
N ALA I 787 94.73 -96.99 33.84
CA ALA I 787 94.34 -97.20 32.46
C ALA I 787 92.83 -97.24 32.26
N THR I 788 92.03 -97.16 33.34
CA THR I 788 90.60 -97.43 33.26
C THR I 788 89.77 -96.15 33.33
N VAL I 789 90.37 -94.99 33.04
CA VAL I 789 89.74 -93.68 33.16
C VAL I 789 89.56 -93.05 31.80
N PHE I 790 89.45 -93.86 30.73
CA PHE I 790 89.33 -93.37 29.37
C PHE I 790 88.25 -94.05 28.55
N ALA I 791 87.57 -95.07 29.09
CA ALA I 791 86.47 -95.65 28.34
C ALA I 791 85.25 -94.73 28.40
N GLN I 792 85.17 -93.86 29.41
CA GLN I 792 84.09 -92.88 29.43
C GLN I 792 84.19 -91.86 28.30
N ILE I 793 85.35 -91.70 27.66
CA ILE I 793 85.54 -90.63 26.68
C ILE I 793 84.96 -91.01 25.34
N VAL I 794 85.09 -92.27 24.95
CA VAL I 794 84.54 -92.71 23.68
C VAL I 794 83.02 -92.73 23.73
N LYS I 795 82.44 -93.00 24.91
CA LYS I 795 80.99 -92.99 25.05
C LYS I 795 80.51 -91.56 25.20
N LEU I 796 80.88 -90.92 26.30
CA LEU I 796 80.69 -89.49 26.49
C LEU I 796 81.84 -88.75 25.85
N ARG I 797 81.57 -88.20 24.67
CA ARG I 797 82.57 -87.49 23.86
C ARG I 797 83.21 -86.37 24.66
N LYS I 798 82.37 -85.54 25.28
CA LYS I 798 82.80 -84.42 26.10
C LYS I 798 83.72 -84.90 27.21
N VAL I 799 84.75 -84.09 27.49
CA VAL I 799 85.78 -84.38 28.48
C VAL I 799 85.72 -83.37 29.63
N ASP I 800 84.94 -83.72 30.64
CA ASP I 800 84.76 -82.97 31.88
C ASP I 800 84.89 -83.87 33.09
N THR I 801 84.41 -85.10 33.01
CA THR I 801 84.53 -86.12 34.07
C THR I 801 85.78 -86.97 33.86
N LEU I 802 86.90 -86.29 33.62
CA LEU I 802 88.20 -86.91 33.42
C LEU I 802 88.98 -86.81 34.73
N LYS I 803 89.43 -87.96 35.23
CA LYS I 803 89.86 -88.10 36.61
C LYS I 803 91.06 -89.03 36.69
N PRO I 804 92.26 -88.56 36.24
CA PRO I 804 93.45 -89.42 36.25
C PRO I 804 93.88 -89.85 37.65
N ILE I 805 94.90 -90.69 37.72
CA ILE I 805 95.45 -91.19 38.97
C ILE I 805 96.80 -90.53 39.18
N LEU I 806 97.13 -90.27 40.44
CA LEU I 806 98.46 -89.78 40.83
C LEU I 806 98.85 -90.62 42.04
N TYR I 807 99.50 -91.73 41.77
CA TYR I 807 99.95 -92.60 42.85
C TYR I 807 100.96 -91.88 43.73
N LYS I 808 100.69 -91.81 45.03
CA LYS I 808 101.70 -91.52 46.05
C LYS I 808 101.71 -92.70 47.00
N ILE I 809 102.80 -93.46 46.99
CA ILE I 809 102.97 -94.65 47.81
C ILE I 809 104.25 -94.46 48.61
N ASN I 810 104.19 -94.75 49.89
CA ASN I 810 105.23 -94.33 50.83
C ASN I 810 104.97 -95.05 52.15
N SER I 811 105.75 -94.68 53.17
CA SER I 811 105.70 -95.31 54.49
C SER I 811 104.34 -95.21 55.20
N ASP I 812 103.46 -94.31 54.77
CA ASP I 812 102.13 -94.12 55.36
C ASP I 812 101.06 -94.27 54.30
N SER I 813 101.13 -95.39 53.58
CA SER I 813 100.22 -95.75 52.50
C SER I 813 99.41 -97.00 52.77
N ASN I 814 99.61 -97.67 53.93
CA ASN I 814 98.80 -98.76 54.46
C ASN I 814 99.09 -100.11 53.80
N ASP I 815 99.83 -100.16 52.69
CA ASP I 815 100.23 -101.40 52.03
C ASP I 815 101.68 -101.34 51.55
N PHE I 816 102.51 -100.51 52.18
CA PHE I 816 103.90 -100.33 51.80
C PHE I 816 104.77 -101.57 52.02
N TYR I 817 104.30 -102.56 52.78
CA TYR I 817 105.06 -103.80 52.97
C TYR I 817 105.26 -104.57 51.67
N LEU I 818 104.37 -104.39 50.70
CA LEU I 818 104.49 -105.09 49.44
C LEU I 818 105.71 -104.64 48.65
N VAL I 819 106.17 -103.40 48.85
CA VAL I 819 107.33 -102.91 48.14
C VAL I 819 108.62 -103.45 48.75
N ALA I 820 108.77 -103.30 50.06
CA ALA I 820 110.04 -103.47 50.74
C ALA I 820 110.36 -104.91 51.15
N ASN I 821 109.67 -105.90 50.59
CA ASN I 821 109.87 -107.30 50.96
C ASN I 821 109.77 -108.29 49.81
N TYR I 822 109.62 -107.83 48.55
CA TYR I 822 109.29 -108.71 47.43
C TYR I 822 110.14 -108.57 46.16
N ASP I 823 111.12 -107.65 46.12
CA ASP I 823 112.13 -107.60 45.05
C ASP I 823 111.49 -107.40 43.68
N TRP I 824 110.93 -106.20 43.51
CA TRP I 824 110.26 -105.85 42.28
C TRP I 824 110.32 -104.35 42.09
N VAL I 825 110.02 -103.93 40.87
CA VAL I 825 110.11 -102.53 40.46
C VAL I 825 108.70 -101.96 40.47
N PRO I 826 108.45 -100.81 41.12
CA PRO I 826 107.14 -100.18 40.92
C PRO I 826 107.09 -99.58 39.52
N THR I 827 106.17 -100.08 38.70
CA THR I 827 106.13 -99.78 37.28
C THR I 827 104.71 -99.39 36.92
N SER I 828 104.61 -98.44 36.00
CA SER I 828 103.32 -97.99 35.52
C SER I 828 103.43 -97.30 34.17
N THR I 829 102.43 -97.52 33.34
CA THR I 829 102.12 -96.61 32.25
C THR I 829 101.48 -95.35 32.87
N THR I 830 101.02 -94.44 32.00
CA THR I 830 100.23 -93.27 32.37
C THR I 830 100.98 -92.35 33.34
N LYS I 831 102.06 -91.75 32.83
CA LYS I 831 102.70 -90.66 33.56
C LYS I 831 101.78 -89.44 33.60
N VAL I 832 102.14 -88.49 34.46
CA VAL I 832 101.44 -87.21 34.60
C VAL I 832 102.43 -86.08 34.42
N TYR I 833 102.02 -85.04 33.70
CA TYR I 833 102.90 -83.92 33.36
C TYR I 833 102.69 -82.87 34.44
N LYS I 834 103.63 -82.78 35.37
CA LYS I 834 103.49 -81.87 36.49
C LYS I 834 104.87 -81.57 37.05
N GLN I 835 105.03 -80.35 37.55
CA GLN I 835 106.28 -79.83 38.07
C GLN I 835 106.19 -79.78 39.59
N ILE I 836 107.31 -79.43 40.21
CA ILE I 836 107.56 -79.67 41.63
C ILE I 836 107.68 -78.32 42.35
N PRO I 837 107.19 -78.15 43.58
CA PRO I 837 107.19 -76.82 44.19
C PRO I 837 108.58 -76.27 44.48
N GLN I 838 108.62 -74.97 44.69
CA GLN I 838 109.86 -74.22 44.84
C GLN I 838 110.27 -74.21 46.31
N GLN I 839 111.42 -74.81 46.59
CA GLN I 839 111.91 -74.94 47.95
C GLN I 839 112.25 -73.57 48.50
N PHE I 840 111.91 -73.33 49.76
CA PHE I 840 112.15 -72.03 50.36
C PHE I 840 113.64 -71.78 50.52
N ASP I 841 114.12 -70.71 49.88
CA ASP I 841 115.44 -70.15 50.12
C ASP I 841 115.28 -68.77 50.74
N PHE I 842 115.97 -68.54 51.84
CA PHE I 842 115.86 -67.26 52.54
C PHE I 842 116.40 -66.12 51.70
N ARG I 843 117.54 -66.33 51.04
CA ARG I 843 118.20 -65.24 50.33
C ARG I 843 117.42 -64.82 49.10
N ALA I 844 116.86 -65.78 48.36
CA ALA I 844 116.07 -65.46 47.19
C ALA I 844 114.81 -64.66 47.54
N SER I 845 114.28 -64.83 48.75
CA SER I 845 113.01 -64.24 49.16
C SER I 845 113.20 -63.00 50.01
N MET I 846 114.26 -62.94 50.80
CA MET I 846 114.50 -61.80 51.67
C MET I 846 114.88 -60.62 50.81
N HIS I 847 114.13 -59.53 50.94
CA HIS I 847 114.38 -58.29 50.22
C HIS I 847 114.20 -57.13 51.17
N MET I 848 114.52 -55.94 50.66
CA MET I 848 114.44 -54.68 51.38
C MET I 848 113.59 -53.79 50.50
N LEU I 849 112.57 -53.19 51.08
CA LEU I 849 111.55 -52.45 50.38
C LEU I 849 111.64 -50.99 50.79
N THR I 850 111.68 -50.11 49.79
CA THR I 850 111.86 -48.68 50.00
C THR I 850 110.57 -47.92 49.78
N SER I 851 110.45 -46.79 50.48
CA SER I 851 109.26 -45.95 50.37
C SER I 851 109.54 -44.61 51.05
N ASN I 852 108.50 -43.78 51.11
CA ASN I 852 108.53 -42.45 51.69
C ASN I 852 107.96 -42.51 53.11
N LEU I 853 107.84 -41.33 53.74
CA LEU I 853 107.14 -41.15 55.02
C LEU I 853 106.03 -40.13 54.97
N THR I 854 104.93 -40.51 55.65
CA THR I 854 103.93 -39.64 56.31
C THR I 854 103.63 -38.35 55.57
N PHE I 855 103.13 -38.52 54.36
CA PHE I 855 102.53 -37.46 53.58
C PHE I 855 101.02 -37.64 53.48
N THR I 856 100.42 -36.71 52.76
CA THR I 856 98.99 -36.55 52.63
C THR I 856 98.71 -36.47 51.14
N VAL I 857 97.45 -36.72 50.79
CA VAL I 857 97.02 -36.79 49.40
C VAL I 857 95.73 -36.00 49.28
N TYR I 858 95.78 -34.92 48.52
CA TYR I 858 94.65 -34.02 48.34
C TYR I 858 94.12 -34.22 46.92
N SER I 859 92.83 -34.03 46.77
CA SER I 859 92.13 -34.15 45.50
C SER I 859 91.61 -32.79 45.09
N ASP I 860 90.81 -32.15 45.94
CA ASP I 860 90.33 -30.81 45.67
C ASP I 860 91.45 -29.85 46.02
N LEU I 861 92.08 -29.28 44.99
CA LEU I 861 93.22 -28.38 45.12
C LEU I 861 92.93 -27.01 44.53
N LEU I 862 91.64 -26.65 44.44
CA LEU I 862 91.19 -25.29 44.25
C LEU I 862 90.67 -24.66 45.54
N ALA I 863 90.42 -25.46 46.59
CA ALA I 863 90.04 -24.89 47.87
C ALA I 863 91.20 -24.20 48.58
N PHE I 864 92.44 -24.38 48.12
CA PHE I 864 93.59 -23.61 48.58
C PHE I 864 93.69 -22.23 47.93
N VAL I 865 92.69 -21.81 47.15
CA VAL I 865 92.71 -20.60 46.33
C VAL I 865 91.60 -19.73 46.89
N SER I 866 91.97 -18.82 47.79
CA SER I 866 91.01 -17.87 48.30
C SER I 866 90.71 -16.87 47.21
N ALA I 867 89.44 -16.80 46.81
CA ALA I 867 89.00 -16.06 45.65
C ALA I 867 87.84 -15.16 46.02
N ASP I 868 87.69 -14.13 45.20
CA ASP I 868 86.51 -13.27 45.24
C ASP I 868 86.44 -12.59 43.88
N THR I 869 85.39 -11.81 43.66
CA THR I 869 85.21 -11.05 42.43
C THR I 869 84.84 -9.62 42.78
N VAL I 870 85.07 -8.74 41.81
CA VAL I 870 84.77 -7.32 41.94
C VAL I 870 83.25 -7.16 41.93
N GLU I 871 82.78 -5.97 42.28
CA GLU I 871 81.34 -5.73 42.18
C GLU I 871 80.94 -5.82 40.70
N PRO I 872 79.74 -6.34 40.38
CA PRO I 872 79.42 -6.55 38.96
C PRO I 872 79.27 -5.26 38.17
N ILE I 873 78.94 -4.15 38.84
CA ILE I 873 78.72 -2.88 38.16
C ILE I 873 79.97 -2.34 37.49
N ASN I 874 81.15 -2.57 38.08
CA ASN I 874 82.44 -2.11 37.58
C ASN I 874 83.26 -3.32 37.18
N ALA I 875 82.95 -3.84 35.99
CA ALA I 875 83.57 -5.01 35.39
C ALA I 875 83.96 -4.73 33.95
N VAL I 876 85.18 -5.09 33.59
CA VAL I 876 85.76 -4.76 32.29
C VAL I 876 85.91 -6.04 31.49
N ALA I 877 85.83 -5.88 30.17
CA ALA I 877 85.98 -6.94 29.19
C ALA I 877 87.40 -6.97 28.65
N PHE I 878 87.61 -7.75 27.58
CA PHE I 878 88.92 -7.89 26.93
C PHE I 878 89.50 -6.55 26.48
N ASP I 879 88.66 -5.58 26.14
CA ASP I 879 89.08 -4.26 25.70
C ASP I 879 89.51 -3.33 26.82
N ASN I 880 89.47 -3.78 28.09
CA ASN I 880 89.87 -2.98 29.25
C ASN I 880 88.97 -1.74 29.37
N MET I 881 87.70 -1.89 28.97
CA MET I 881 86.66 -0.89 29.12
C MET I 881 85.50 -1.57 29.82
N ARG I 882 84.75 -0.80 30.61
CA ARG I 882 83.71 -1.40 31.43
C ARG I 882 82.55 -1.92 30.63
N ILE I 883 82.08 -3.07 31.01
CA ILE I 883 80.99 -3.72 30.31
C ILE I 883 79.72 -3.11 30.86
N MET I 884 78.72 -2.97 30.01
CA MET I 884 77.48 -2.28 30.36
C MET I 884 77.78 -0.83 30.79
N ASN I 885 78.24 -0.07 29.81
CA ASN I 885 78.77 1.28 30.00
C ASN I 885 77.71 2.37 29.80
N GLU I 886 76.43 2.01 29.88
CA GLU I 886 75.34 3.00 29.76
C GLU I 886 74.90 3.44 31.15
N LEU I 887 75.88 3.94 31.92
CA LEU I 887 75.70 4.26 33.34
C LEU I 887 75.36 5.73 33.49
N ASN J 72 -35.64 -67.33 -4.23
CA ASN J 72 -34.44 -66.48 -4.28
C ASN J 72 -33.42 -66.92 -5.32
N LYS J 73 -32.87 -68.14 -5.18
CA LYS J 73 -31.66 -68.46 -5.92
C LYS J 73 -31.83 -68.61 -7.42
N GLU J 74 -33.04 -68.83 -7.92
CA GLU J 74 -33.25 -68.79 -9.37
C GLU J 74 -32.97 -67.39 -9.91
N GLU J 75 -33.54 -66.39 -9.25
CA GLU J 75 -33.30 -65.01 -9.62
C GLU J 75 -31.86 -64.59 -9.37
N SER J 76 -31.21 -65.17 -8.36
CA SER J 76 -29.82 -64.84 -8.11
C SER J 76 -28.90 -65.35 -9.21
N LYS J 77 -29.12 -66.59 -9.65
CA LYS J 77 -28.32 -67.11 -10.75
C LYS J 77 -28.58 -66.37 -12.06
N GLN J 78 -29.83 -65.95 -12.31
CA GLN J 78 -30.08 -65.12 -13.50
C GLN J 78 -29.38 -63.77 -13.40
N LEU J 79 -29.27 -63.22 -12.20
CA LEU J 79 -28.50 -61.99 -11.98
C LEU J 79 -27.01 -62.23 -12.27
N LEU J 80 -26.47 -63.39 -11.86
CA LEU J 80 -25.10 -63.74 -12.23
C LEU J 80 -24.94 -63.81 -13.75
N GLU J 81 -25.98 -64.28 -14.45
CA GLU J 81 -25.86 -64.54 -15.88
C GLU J 81 -25.91 -63.25 -16.67
N VAL J 82 -26.79 -62.31 -16.31
CA VAL J 82 -26.96 -61.11 -17.15
C VAL J 82 -25.73 -60.20 -17.14
N LEU J 83 -24.79 -60.37 -16.20
CA LEU J 83 -23.52 -59.64 -16.21
C LEU J 83 -22.39 -60.41 -16.92
N LYS J 84 -22.74 -61.30 -17.87
CA LYS J 84 -21.81 -61.98 -18.76
C LYS J 84 -22.06 -61.59 -20.20
N THR J 85 -23.30 -61.75 -20.66
CA THR J 85 -23.71 -61.39 -22.00
C THR J 85 -23.49 -59.90 -22.26
N LYS J 86 -23.72 -59.10 -21.23
CA LYS J 86 -23.60 -57.65 -21.26
C LYS J 86 -22.14 -57.22 -21.16
N GLU J 87 -21.87 -56.06 -21.75
CA GLU J 87 -20.55 -55.41 -21.76
C GLU J 87 -19.53 -56.35 -22.38
N GLU J 88 -19.76 -56.60 -23.67
CA GLU J 88 -18.86 -57.36 -24.52
C GLU J 88 -17.88 -56.45 -25.24
N HIS J 89 -16.62 -56.82 -25.17
CA HIS J 89 -15.53 -56.11 -25.79
C HIS J 89 -15.34 -56.76 -27.14
N GLN J 90 -14.76 -56.02 -28.07
CA GLN J 90 -14.75 -56.41 -29.47
C GLN J 90 -13.53 -57.25 -29.79
N LYS J 91 -12.37 -56.86 -29.27
CA LYS J 91 -11.13 -57.60 -29.46
C LYS J 91 -11.25 -59.02 -28.88
N GLU J 92 -11.97 -59.15 -27.77
CA GLU J 92 -12.13 -60.42 -27.12
C GLU J 92 -12.89 -61.40 -28.00
N VAL J 93 -14.00 -60.94 -28.59
CA VAL J 93 -14.77 -61.81 -29.48
C VAL J 93 -13.99 -62.11 -30.76
N GLN J 94 -13.13 -61.20 -31.20
CA GLN J 94 -12.30 -61.47 -32.37
C GLN J 94 -11.32 -62.60 -32.09
N TYR J 95 -10.49 -62.43 -31.05
CA TYR J 95 -9.55 -63.48 -30.67
C TYR J 95 -10.24 -64.77 -30.27
N GLU J 96 -11.49 -64.70 -29.78
CA GLU J 96 -12.21 -65.90 -29.38
C GLU J 96 -12.74 -66.66 -30.59
N ILE J 97 -13.23 -65.93 -31.61
CA ILE J 97 -13.62 -66.58 -32.86
C ILE J 97 -12.41 -67.26 -33.48
N LEU J 98 -11.25 -66.60 -33.43
CA LEU J 98 -10.05 -67.23 -33.95
C LEU J 98 -9.62 -68.41 -33.09
N GLN J 99 -9.89 -68.36 -31.79
CA GLN J 99 -9.37 -69.36 -30.85
C GLN J 99 -10.38 -70.45 -30.57
N LYS J 100 -11.67 -70.23 -30.89
CA LYS J 100 -12.65 -71.31 -30.98
C LYS J 100 -12.59 -72.04 -32.33
N THR J 101 -11.59 -71.76 -33.17
CA THR J 101 -11.34 -72.42 -34.45
C THR J 101 -10.05 -73.26 -34.45
N ILE J 102 -9.22 -73.12 -33.44
CA ILE J 102 -7.94 -73.83 -33.36
C ILE J 102 -8.11 -74.97 -32.37
N PRO J 103 -7.73 -76.27 -32.73
CA PRO J 103 -7.94 -77.39 -31.79
C PRO J 103 -6.93 -77.55 -30.65
N THR J 104 -6.55 -76.45 -30.02
CA THR J 104 -5.62 -76.46 -28.91
C THR J 104 -6.42 -76.49 -27.63
N PHE J 105 -5.95 -77.31 -26.69
CA PHE J 105 -6.69 -77.50 -25.47
C PHE J 105 -6.60 -76.24 -24.62
N GLU J 106 -7.42 -76.21 -23.58
CA GLU J 106 -7.32 -75.27 -22.47
C GLU J 106 -5.98 -75.51 -21.76
N PRO J 107 -5.59 -74.69 -20.73
CA PRO J 107 -4.18 -74.21 -20.61
C PRO J 107 -3.05 -75.13 -21.04
N LYS J 108 -2.09 -74.51 -21.73
CA LYS J 108 -1.05 -75.19 -22.52
C LYS J 108 -0.27 -76.25 -21.76
N GLU J 109 -0.01 -76.01 -20.46
CA GLU J 109 0.80 -76.93 -19.67
C GLU J 109 0.16 -78.32 -19.59
N SER J 110 -1.18 -78.37 -19.61
CA SER J 110 -1.91 -79.63 -19.64
C SER J 110 -1.50 -80.51 -20.82
N ILE J 111 -1.10 -79.90 -21.95
CA ILE J 111 -0.67 -80.64 -23.13
C ILE J 111 0.51 -81.53 -22.79
N LEU J 112 1.39 -81.06 -21.90
CA LEU J 112 2.55 -81.86 -21.50
C LEU J 112 2.12 -83.14 -20.81
N LYS J 113 0.99 -83.11 -20.12
CA LYS J 113 0.51 -84.34 -19.49
C LYS J 113 0.04 -85.35 -20.53
N LYS J 114 -0.36 -84.89 -21.72
CA LYS J 114 -0.99 -85.74 -22.73
C LYS J 114 -0.04 -86.25 -23.79
N LEU J 115 1.12 -85.62 -23.95
CA LEU J 115 2.17 -86.18 -24.79
C LEU J 115 2.91 -87.27 -24.05
N GLU J 116 3.20 -87.05 -22.77
CA GLU J 116 3.91 -88.06 -21.99
C GLU J 116 3.04 -89.30 -21.79
N ASP J 117 1.72 -89.15 -21.78
CA ASP J 117 0.82 -90.29 -21.60
C ASP J 117 0.69 -91.12 -22.88
N ILE J 118 1.24 -90.68 -24.00
CA ILE J 118 1.31 -91.47 -25.22
C ILE J 118 2.39 -92.50 -24.95
N LYS J 119 1.98 -93.68 -24.51
CA LYS J 119 2.92 -94.76 -24.35
C LYS J 119 3.30 -95.30 -25.72
N PRO J 120 4.39 -96.07 -25.82
CA PRO J 120 4.80 -96.64 -27.12
C PRO J 120 3.74 -97.60 -27.64
N GLU J 121 3.85 -97.94 -28.93
CA GLU J 121 2.94 -98.91 -29.53
C GLU J 121 3.02 -100.21 -28.74
N GLN J 122 1.88 -100.58 -28.16
CA GLN J 122 1.77 -101.67 -27.24
C GLN J 122 2.23 -102.98 -27.85
N VAL J 123 2.83 -103.81 -27.01
CA VAL J 123 3.35 -105.12 -27.40
C VAL J 123 2.30 -106.15 -27.05
N LYS J 124 2.20 -107.16 -27.91
CA LYS J 124 1.05 -108.05 -27.90
C LYS J 124 1.56 -109.47 -28.07
N LYS J 125 0.85 -110.40 -27.46
CA LYS J 125 1.09 -111.82 -27.65
C LYS J 125 -0.25 -112.46 -27.36
N GLN J 126 -0.59 -113.50 -28.11
CA GLN J 126 -1.87 -114.15 -27.95
C GLN J 126 -1.72 -115.45 -27.17
N THR J 127 -2.76 -115.76 -26.43
CA THR J 127 -2.87 -116.94 -25.59
C THR J 127 -3.50 -118.12 -26.33
N LYS J 128 -4.03 -117.91 -27.53
CA LYS J 128 -4.85 -118.90 -28.21
C LYS J 128 -4.61 -118.74 -29.71
N LEU J 129 -4.71 -119.84 -30.44
CA LEU J 129 -4.73 -119.77 -31.89
C LEU J 129 -5.94 -119.00 -32.38
N PHE J 130 -5.83 -118.47 -33.59
CA PHE J 130 -6.97 -117.80 -34.19
C PHE J 130 -7.81 -118.86 -34.87
N ARG J 131 -9.12 -118.86 -34.60
CA ARG J 131 -10.06 -119.85 -35.09
C ARG J 131 -11.34 -119.18 -35.52
N ILE J 132 -11.89 -119.65 -36.65
CA ILE J 132 -13.22 -119.28 -37.11
C ILE J 132 -14.14 -120.49 -37.18
N PHE J 133 -13.62 -121.62 -37.64
CA PHE J 133 -14.38 -122.84 -37.90
C PHE J 133 -14.05 -123.88 -36.85
N GLU J 134 -14.82 -124.96 -36.88
CA GLU J 134 -14.55 -126.13 -36.07
C GLU J 134 -15.25 -127.32 -36.70
N PRO J 135 -14.79 -128.55 -36.43
CA PRO J 135 -15.58 -129.70 -36.85
C PRO J 135 -16.80 -129.81 -35.98
N ARG J 136 -17.87 -130.30 -36.58
CA ARG J 136 -19.16 -130.44 -35.93
C ARG J 136 -19.70 -131.75 -36.44
N GLN J 137 -20.21 -132.57 -35.54
CA GLN J 137 -20.64 -133.93 -35.85
C GLN J 137 -22.15 -133.90 -36.03
N LEU J 138 -22.58 -133.96 -37.28
CA LEU J 138 -23.96 -133.72 -37.69
C LEU J 138 -24.53 -135.00 -38.30
N PRO J 139 -25.84 -135.16 -38.36
CA PRO J 139 -26.39 -136.34 -39.01
C PRO J 139 -26.26 -136.26 -40.52
N VAL J 140 -26.61 -137.37 -41.15
CA VAL J 140 -26.70 -137.46 -42.59
C VAL J 140 -27.87 -138.38 -42.89
N TYR J 141 -28.48 -138.15 -44.04
CA TYR J 141 -29.69 -138.84 -44.46
C TYR J 141 -29.43 -139.37 -45.86
N ARG J 142 -29.43 -140.69 -46.01
CA ARG J 142 -29.23 -141.28 -47.31
C ARG J 142 -30.38 -140.92 -48.26
N ALA J 143 -30.16 -141.14 -49.54
CA ALA J 143 -31.21 -140.99 -50.52
C ALA J 143 -32.32 -141.99 -50.22
N ASN J 144 -33.56 -141.55 -50.46
CA ASN J 144 -34.88 -141.95 -49.91
C ASN J 144 -35.24 -141.19 -48.64
N GLY J 145 -34.38 -140.29 -48.15
CA GLY J 145 -34.69 -139.50 -46.98
C GLY J 145 -34.65 -140.23 -45.66
N GLU J 146 -34.24 -141.49 -45.63
CA GLU J 146 -34.00 -142.19 -44.37
C GLU J 146 -32.68 -141.74 -43.76
N LYS J 147 -32.62 -141.84 -42.45
CA LYS J 147 -31.46 -141.46 -41.67
C LYS J 147 -30.49 -142.64 -41.62
N GLU J 148 -29.20 -142.33 -41.49
CA GLU J 148 -28.19 -143.37 -41.36
C GLU J 148 -27.92 -143.65 -39.88
N LEU J 149 -27.16 -144.70 -39.63
CA LEU J 149 -26.90 -145.19 -38.29
C LEU J 149 -25.57 -144.66 -37.77
N ARG J 150 -25.26 -143.42 -38.12
CA ARG J 150 -23.97 -142.82 -37.82
C ARG J 150 -24.13 -141.30 -37.98
N ASN J 151 -23.00 -140.59 -37.95
CA ASN J 151 -22.97 -139.15 -38.22
C ASN J 151 -21.81 -138.87 -39.14
N ARG J 152 -21.51 -137.60 -39.39
CA ARG J 152 -20.30 -137.23 -40.11
C ARG J 152 -19.87 -135.82 -39.70
N TRP J 153 -18.57 -135.56 -39.84
CA TRP J 153 -17.94 -134.33 -39.41
C TRP J 153 -17.93 -133.32 -40.56
N TYR J 154 -18.42 -132.12 -40.27
CA TYR J 154 -18.50 -131.01 -41.21
C TYR J 154 -17.90 -129.78 -40.57
N TRP J 155 -17.36 -128.90 -41.40
CA TRP J 155 -16.86 -127.62 -40.92
C TRP J 155 -18.00 -126.65 -40.68
N LYS J 156 -18.02 -126.05 -39.49
CA LYS J 156 -19.04 -125.08 -39.11
C LYS J 156 -18.44 -123.99 -38.25
N LEU J 157 -18.94 -122.78 -38.45
CA LEU J 157 -18.40 -121.61 -37.79
C LEU J 157 -18.59 -121.70 -36.28
N LYS J 158 -17.81 -120.88 -35.58
CA LYS J 158 -18.02 -120.56 -34.18
C LYS J 158 -18.78 -119.25 -34.05
N ARG J 159 -19.92 -119.30 -33.37
CA ARG J 159 -20.70 -118.11 -32.99
C ARG J 159 -21.16 -117.34 -34.23
N ASP J 160 -22.09 -117.97 -34.93
CA ASP J 160 -22.88 -117.29 -35.95
C ASP J 160 -23.58 -116.07 -35.38
N THR J 161 -23.13 -114.89 -35.80
CA THR J 161 -23.69 -113.59 -35.43
C THR J 161 -23.78 -112.73 -36.66
N LEU J 162 -24.16 -113.33 -37.79
CA LEU J 162 -24.15 -112.66 -39.07
C LEU J 162 -25.51 -112.00 -39.30
N PRO J 163 -25.60 -110.70 -39.57
CA PRO J 163 -26.92 -110.07 -39.64
C PRO J 163 -27.55 -110.32 -41.00
N ASP J 164 -28.76 -109.78 -41.15
CA ASP J 164 -29.52 -109.88 -42.38
C ASP J 164 -29.27 -108.67 -43.24
N GLY J 165 -29.45 -108.85 -44.55
CA GLY J 165 -29.11 -107.81 -45.50
C GLY J 165 -27.63 -107.82 -45.84
N ASP J 166 -27.28 -107.47 -47.07
CA ASP J 166 -25.90 -107.57 -47.50
C ASP J 166 -25.02 -106.45 -46.96
N TYR J 167 -25.56 -105.23 -46.83
CA TYR J 167 -24.79 -104.12 -46.25
C TYR J 167 -24.35 -104.45 -44.83
N ASP J 168 -25.30 -104.93 -44.03
CA ASP J 168 -25.01 -105.29 -42.65
C ASP J 168 -23.97 -106.41 -42.59
N VAL J 169 -23.97 -107.31 -43.57
CA VAL J 169 -23.03 -108.41 -43.58
C VAL J 169 -21.63 -107.92 -43.94
N ARG J 170 -21.53 -107.03 -44.92
CA ARG J 170 -20.23 -106.44 -45.23
C ARG J 170 -19.72 -105.63 -44.05
N GLU J 171 -20.62 -104.96 -43.33
CA GLU J 171 -20.23 -104.27 -42.12
C GLU J 171 -19.76 -105.26 -41.07
N TYR J 172 -20.37 -106.45 -41.01
CA TYR J 172 -19.89 -107.50 -40.13
C TYR J 172 -18.48 -107.91 -40.48
N PHE J 173 -18.19 -108.06 -41.78
CA PHE J 173 -16.84 -108.47 -42.15
C PHE J 173 -15.85 -107.35 -41.87
N LEU J 174 -16.28 -106.10 -41.97
CA LEU J 174 -15.40 -105.01 -41.56
C LEU J 174 -15.17 -105.02 -40.05
N ASN J 175 -16.20 -105.35 -39.27
CA ASN J 175 -16.05 -105.43 -37.82
C ASN J 175 -15.36 -106.72 -37.39
N LEU J 176 -15.18 -107.67 -38.29
CA LEU J 176 -14.24 -108.75 -38.14
C LEU J 176 -12.82 -108.26 -38.40
N TYR J 177 -12.65 -107.56 -39.53
CA TYR J 177 -11.36 -107.01 -39.93
C TYR J 177 -10.75 -106.11 -38.86
N ASP J 178 -11.56 -105.22 -38.28
CA ASP J 178 -11.01 -104.25 -37.33
C ASP J 178 -10.55 -104.95 -36.07
N GLN J 179 -11.30 -105.95 -35.59
CA GLN J 179 -10.88 -106.63 -34.38
C GLN J 179 -9.70 -107.54 -34.66
N VAL J 180 -9.59 -108.07 -35.88
CA VAL J 180 -8.36 -108.76 -36.31
C VAL J 180 -7.17 -107.83 -36.17
N LEU J 181 -7.28 -106.63 -36.73
CA LEU J 181 -6.21 -105.64 -36.59
C LEU J 181 -5.97 -105.32 -35.12
N THR J 182 -7.04 -105.28 -34.33
CA THR J 182 -6.90 -105.01 -32.91
C THR J 182 -6.15 -106.14 -32.20
N GLU J 183 -6.24 -107.38 -32.72
CA GLU J 183 -5.50 -108.52 -32.17
C GLU J 183 -4.55 -109.15 -33.19
N MET J 184 -4.13 -108.41 -34.24
CA MET J 184 -3.00 -108.85 -35.08
C MET J 184 -1.82 -109.00 -34.12
N PRO J 185 -1.30 -110.21 -33.87
CA PRO J 185 -0.28 -110.34 -32.84
C PRO J 185 1.05 -109.76 -33.29
N ASP J 186 1.86 -109.37 -32.32
CA ASP J 186 3.15 -108.78 -32.57
C ASP J 186 4.24 -109.83 -32.61
N TYR J 187 4.04 -110.96 -31.96
CA TYR J 187 4.97 -112.07 -31.98
C TYR J 187 4.28 -113.25 -31.32
N LEU J 188 4.70 -114.44 -31.71
CA LEU J 188 4.13 -115.70 -31.23
C LEU J 188 5.20 -116.57 -30.61
N LEU J 189 4.81 -117.30 -29.57
CA LEU J 189 5.63 -118.36 -28.98
C LEU J 189 4.72 -119.54 -28.68
N LEU J 190 5.07 -120.69 -29.23
CA LEU J 190 4.15 -121.82 -29.26
C LEU J 190 4.27 -122.72 -28.04
N LYS J 191 5.39 -122.68 -27.32
CA LYS J 191 5.45 -123.40 -26.05
C LYS J 191 4.56 -122.77 -24.98
N ASP J 192 4.13 -121.52 -25.15
CA ASP J 192 3.19 -120.88 -24.25
C ASP J 192 1.76 -121.38 -24.42
N MET J 193 1.48 -122.31 -25.35
CA MET J 193 0.15 -122.84 -25.59
C MET J 193 0.09 -124.34 -25.80
N ALA J 194 1.21 -125.04 -25.95
CA ALA J 194 1.17 -126.44 -26.33
C ALA J 194 0.75 -127.29 -25.15
N VAL J 195 0.17 -128.44 -25.45
CA VAL J 195 -0.28 -129.42 -24.47
C VAL J 195 0.03 -130.79 -25.06
N GLU J 196 -0.36 -131.84 -24.33
CA GLU J 196 0.01 -133.20 -24.64
C GLU J 196 -1.22 -133.92 -25.18
N ASN J 197 -0.97 -134.99 -25.92
CA ASN J 197 -2.01 -135.77 -26.59
C ASN J 197 -2.24 -137.04 -25.79
N LYS J 198 -3.42 -137.14 -25.17
CA LYS J 198 -3.74 -138.27 -24.30
C LYS J 198 -3.81 -139.57 -25.08
N ASN J 199 -4.16 -139.52 -26.37
CA ASN J 199 -4.43 -140.69 -27.18
C ASN J 199 -3.23 -141.07 -28.05
N SER J 200 -2.05 -140.52 -27.75
CA SER J 200 -0.82 -140.78 -28.47
C SER J 200 -0.08 -141.96 -27.83
N ARG J 201 0.91 -142.45 -28.56
CA ARG J 201 1.76 -143.56 -28.15
C ARG J 201 3.20 -143.17 -27.91
N ASP J 202 3.74 -142.18 -28.64
CA ASP J 202 5.12 -141.72 -28.49
C ASP J 202 5.24 -140.39 -27.74
N ALA J 203 4.39 -140.16 -26.75
CA ALA J 203 4.45 -138.99 -25.86
C ALA J 203 4.38 -137.65 -26.61
N GLY J 204 3.68 -137.63 -27.74
CA GLY J 204 3.50 -136.47 -28.58
C GLY J 204 2.82 -135.27 -27.95
N LYS J 205 2.65 -134.21 -28.73
CA LYS J 205 2.06 -132.96 -28.25
C LYS J 205 1.39 -132.28 -29.44
N VAL J 206 0.62 -131.25 -29.12
CA VAL J 206 -0.06 -130.40 -30.09
C VAL J 206 -0.10 -128.97 -29.58
N VAL J 207 -0.43 -128.06 -30.48
CA VAL J 207 -0.25 -126.64 -30.27
C VAL J 207 -1.33 -126.05 -29.36
N ASP J 208 -2.57 -126.52 -29.45
CA ASP J 208 -3.72 -125.85 -28.87
C ASP J 208 -4.62 -126.87 -28.21
N SER J 209 -5.59 -126.38 -27.42
CA SER J 209 -6.52 -127.24 -26.70
C SER J 209 -7.54 -127.87 -27.64
N GLU J 210 -8.17 -127.04 -28.49
CA GLU J 210 -9.23 -127.51 -29.38
C GLU J 210 -8.73 -128.55 -30.37
N THR J 211 -7.48 -128.45 -30.82
CA THR J 211 -6.98 -129.48 -31.73
C THR J 211 -6.83 -130.82 -31.03
N ALA J 212 -6.55 -130.80 -29.72
CA ALA J 212 -6.52 -132.03 -28.95
C ALA J 212 -7.93 -132.55 -28.72
N ALA J 213 -8.86 -131.63 -28.46
CA ALA J 213 -10.28 -131.98 -28.32
C ALA J 213 -10.89 -132.46 -29.63
N ILE J 214 -10.24 -132.23 -30.76
CA ILE J 214 -10.63 -132.83 -32.03
C ILE J 214 -9.95 -134.16 -32.24
N CYS J 215 -8.66 -134.25 -31.88
CA CYS J 215 -7.89 -135.49 -32.03
C CYS J 215 -8.50 -136.63 -31.25
N ASP J 216 -8.86 -136.38 -29.98
CA ASP J 216 -9.42 -137.44 -29.14
C ASP J 216 -10.74 -137.95 -29.71
N ALA J 217 -11.61 -137.03 -30.13
CA ALA J 217 -12.93 -137.41 -30.62
C ALA J 217 -12.85 -138.11 -31.97
N ILE J 218 -11.93 -137.66 -32.83
CA ILE J 218 -11.71 -138.31 -34.11
C ILE J 218 -10.97 -139.64 -33.93
N PHE J 219 -10.29 -139.85 -32.80
CA PHE J 219 -9.58 -141.09 -32.58
C PHE J 219 -10.57 -142.13 -32.06
N GLN J 220 -11.48 -141.70 -31.19
CA GLN J 220 -12.42 -142.56 -30.50
C GLN J 220 -13.72 -142.78 -31.28
N ASP J 221 -13.90 -142.14 -32.43
CA ASP J 221 -15.01 -142.41 -33.33
C ASP J 221 -14.74 -143.60 -34.23
N GLU J 222 -15.80 -144.34 -34.55
CA GLU J 222 -15.63 -145.60 -35.27
C GLU J 222 -15.50 -145.39 -36.78
N GLU J 223 -16.14 -144.35 -37.33
CA GLU J 223 -16.02 -144.07 -38.76
C GLU J 223 -14.61 -143.74 -39.20
N THR J 224 -13.75 -143.27 -38.28
CA THR J 224 -12.39 -142.93 -38.64
C THR J 224 -11.62 -144.18 -39.03
N GLU J 225 -10.95 -144.11 -40.17
CA GLU J 225 -10.11 -145.22 -40.62
C GLU J 225 -8.90 -145.37 -39.70
N GLY J 226 -8.17 -146.47 -39.88
CA GLY J 226 -7.14 -146.83 -38.95
C GLY J 226 -5.84 -146.08 -39.15
N VAL J 227 -5.53 -145.77 -40.42
CA VAL J 227 -4.31 -145.02 -40.75
C VAL J 227 -4.28 -143.68 -40.04
N VAL J 228 -5.44 -143.02 -39.91
CA VAL J 228 -5.45 -141.68 -39.31
C VAL J 228 -5.21 -141.79 -37.81
N ARG J 229 -5.80 -142.80 -37.18
CA ARG J 229 -5.57 -143.02 -35.76
C ARG J 229 -4.12 -143.36 -35.47
N ARG J 230 -3.56 -144.31 -36.21
CA ARG J 230 -2.16 -144.67 -36.09
C ARG J 230 -1.25 -143.48 -36.36
N PHE J 231 -1.65 -142.58 -37.28
CA PHE J 231 -0.85 -141.39 -37.58
C PHE J 231 -0.85 -140.49 -36.37
N ILE J 232 -2.03 -140.29 -35.77
CA ILE J 232 -2.17 -139.46 -34.57
C ILE J 232 -1.33 -140.05 -33.43
N ALA J 233 -1.14 -141.37 -33.43
CA ALA J 233 -0.24 -141.98 -32.46
C ALA J 233 1.22 -141.69 -32.83
N GLU J 234 1.53 -141.56 -34.11
CA GLU J 234 2.89 -141.44 -34.60
C GLU J 234 3.32 -140.02 -34.95
N MET J 235 2.46 -139.02 -34.77
CA MET J 235 2.96 -137.65 -34.83
C MET J 235 4.01 -137.41 -33.75
N ARG J 236 4.89 -136.45 -34.01
CA ARG J 236 5.90 -136.06 -33.03
C ARG J 236 6.43 -134.70 -33.44
N GLN J 237 6.20 -133.68 -32.61
CA GLN J 237 6.79 -132.35 -32.81
C GLN J 237 8.31 -132.38 -32.96
N ARG J 238 8.87 -131.29 -33.51
CA ARG J 238 10.30 -131.15 -33.72
C ARG J 238 10.71 -129.87 -33.03
N VAL J 239 11.16 -130.00 -31.78
CA VAL J 239 11.75 -128.92 -31.02
C VAL J 239 13.25 -128.95 -31.26
N GLN J 240 13.86 -127.76 -31.34
CA GLN J 240 15.29 -127.68 -31.63
C GLN J 240 15.79 -126.33 -31.12
N ALA J 241 16.41 -126.33 -29.96
CA ALA J 241 16.76 -125.09 -29.27
C ALA J 241 18.12 -124.56 -29.65
N ASP J 242 19.02 -125.39 -30.18
CA ASP J 242 20.28 -124.88 -30.71
C ASP J 242 20.14 -124.09 -32.01
N ARG J 243 18.95 -124.08 -32.62
CA ARG J 243 18.61 -123.15 -33.69
C ARG J 243 17.33 -122.38 -33.40
N ASN J 244 16.79 -122.46 -32.17
CA ASN J 244 15.73 -121.62 -31.61
C ASN J 244 14.34 -121.96 -32.13
N VAL J 245 14.17 -123.05 -32.89
CA VAL J 245 12.92 -123.29 -33.63
C VAL J 245 12.14 -124.44 -33.02
N VAL J 246 10.85 -124.46 -33.37
CA VAL J 246 9.91 -125.49 -32.99
C VAL J 246 8.90 -125.64 -34.10
N ASN J 247 8.52 -126.89 -34.37
CA ASN J 247 7.43 -127.25 -35.26
C ASN J 247 6.44 -128.11 -34.50
N TYR J 248 5.16 -127.71 -34.50
CA TYR J 248 4.07 -128.36 -33.78
C TYR J 248 2.95 -128.77 -34.74
N PRO J 249 2.25 -129.88 -34.50
CA PRO J 249 1.06 -130.19 -35.32
C PRO J 249 -0.14 -129.34 -34.96
N SER J 250 -1.04 -129.23 -35.92
CA SER J 250 -2.27 -128.48 -35.75
C SER J 250 -3.29 -129.05 -36.72
N ILE J 251 -4.56 -128.94 -36.31
CA ILE J 251 -5.71 -129.33 -37.11
C ILE J 251 -6.60 -128.10 -37.11
N LEU J 252 -6.68 -127.44 -38.25
CA LEU J 252 -7.48 -126.24 -38.37
C LEU J 252 -7.90 -126.04 -39.81
N HIS J 253 -8.78 -125.09 -40.00
CA HIS J 253 -9.45 -124.82 -41.26
C HIS J 253 -8.48 -124.07 -42.17
N PRO J 254 -8.59 -124.21 -43.51
CA PRO J 254 -7.59 -123.56 -44.40
C PRO J 254 -7.51 -122.04 -44.29
N ILE J 255 -8.64 -121.39 -44.07
CA ILE J 255 -8.67 -119.95 -43.82
C ILE J 255 -7.87 -119.65 -42.57
N ASP J 256 -8.10 -120.42 -41.51
CA ASP J 256 -7.37 -120.23 -40.27
C ASP J 256 -5.89 -120.52 -40.48
N HIS J 257 -5.57 -121.50 -41.34
CA HIS J 257 -4.17 -121.75 -41.67
C HIS J 257 -3.56 -120.54 -42.35
N ALA J 258 -4.33 -119.86 -43.21
CA ALA J 258 -3.83 -118.67 -43.87
C ALA J 258 -3.51 -117.60 -42.84
N PHE J 259 -4.44 -117.37 -41.91
CA PHE J 259 -4.21 -116.39 -40.85
C PHE J 259 -3.00 -116.74 -39.99
N ASN J 260 -2.87 -118.02 -39.63
CA ASN J 260 -1.80 -118.38 -38.72
C ASN J 260 -0.43 -118.47 -39.39
N GLU J 261 -0.36 -118.94 -40.65
CA GLU J 261 0.92 -118.90 -41.34
C GLU J 261 1.31 -117.47 -41.66
N TYR J 262 0.31 -116.60 -41.88
CA TYR J 262 0.59 -115.18 -41.98
C TYR J 262 1.20 -114.63 -40.71
N PHE J 263 0.53 -114.82 -39.57
CA PHE J 263 0.99 -114.26 -38.30
C PHE J 263 2.36 -114.81 -37.91
N LEU J 264 2.68 -116.04 -38.32
CA LEU J 264 3.94 -116.65 -37.96
C LEU J 264 5.07 -116.27 -38.90
N GLN J 265 4.77 -115.98 -40.17
CA GLN J 265 5.77 -115.61 -41.15
C GLN J 265 6.05 -114.11 -41.24
N HIS J 266 5.25 -113.26 -40.59
CA HIS J 266 5.25 -111.82 -40.80
C HIS J 266 5.22 -111.11 -39.46
N GLN J 267 6.14 -111.51 -38.59
CA GLN J 267 6.28 -110.92 -37.27
C GLN J 267 7.09 -109.63 -37.35
N LEU J 268 6.67 -108.63 -36.57
CA LEU J 268 7.33 -107.32 -36.54
C LEU J 268 8.38 -107.24 -35.43
N VAL J 269 9.26 -108.24 -35.39
CA VAL J 269 10.34 -108.34 -34.40
C VAL J 269 11.64 -108.60 -35.15
N GLU J 270 12.74 -108.01 -34.65
CA GLU J 270 14.05 -107.94 -35.28
C GLU J 270 15.13 -108.21 -34.24
N PRO J 271 16.24 -108.89 -34.55
CA PRO J 271 17.27 -109.14 -33.53
C PRO J 271 17.87 -107.85 -32.97
N LEU J 272 17.99 -107.81 -31.65
CA LEU J 272 18.51 -106.68 -30.91
C LEU J 272 19.93 -106.93 -30.44
N ASN J 273 20.70 -105.86 -30.34
CA ASN J 273 22.10 -105.92 -29.96
C ASN J 273 22.58 -104.49 -29.67
N ASN J 274 23.85 -104.36 -29.34
CA ASN J 274 24.36 -103.10 -28.83
C ASN J 274 24.60 -102.07 -29.94
N ASP J 275 25.02 -102.52 -31.12
CA ASP J 275 25.35 -101.58 -32.19
C ASP J 275 24.12 -101.00 -32.88
N ILE J 276 23.02 -101.76 -32.92
CA ILE J 276 21.76 -101.21 -33.40
C ILE J 276 21.33 -100.07 -32.48
N ILE J 277 21.57 -100.22 -31.17
CA ILE J 277 21.27 -99.14 -30.24
C ILE J 277 22.23 -97.98 -30.47
N PHE J 278 23.51 -98.30 -30.72
CA PHE J 278 24.51 -97.27 -30.95
C PHE J 278 24.14 -96.41 -32.16
N ASN J 279 23.56 -97.03 -33.19
CA ASN J 279 23.09 -96.28 -34.35
C ASN J 279 21.70 -95.69 -34.13
N TYR J 280 20.94 -96.21 -33.17
CA TYR J 280 19.64 -95.65 -32.83
C TYR J 280 19.76 -94.25 -32.25
N ILE J 281 20.84 -94.00 -31.52
CA ILE J 281 21.21 -92.70 -30.98
C ILE J 281 21.40 -91.75 -32.16
N PRO J 282 21.16 -90.45 -32.04
CA PRO J 282 21.52 -89.54 -33.13
C PRO J 282 23.02 -89.45 -33.32
N GLU J 283 23.40 -89.08 -34.54
CA GLU J 283 24.80 -89.10 -34.93
C GLU J 283 25.60 -88.07 -34.14
N ARG J 284 25.17 -86.81 -34.12
CA ARG J 284 25.93 -85.75 -33.47
C ARG J 284 25.63 -85.64 -31.97
N ILE J 285 25.15 -86.72 -31.34
CA ILE J 285 25.27 -86.92 -29.90
C ILE J 285 26.33 -87.96 -29.57
N ARG J 286 26.43 -89.02 -30.38
CA ARG J 286 27.50 -90.00 -30.19
C ARG J 286 28.78 -89.62 -30.92
N ASN J 287 28.90 -88.39 -31.42
CA ASN J 287 30.15 -87.77 -31.79
C ASN J 287 30.47 -86.55 -30.96
N ASP J 288 29.50 -86.01 -30.22
CA ASP J 288 29.78 -84.89 -29.33
C ASP J 288 30.62 -85.41 -28.18
N VAL J 289 31.67 -84.66 -27.86
CA VAL J 289 32.61 -85.06 -26.81
C VAL J 289 32.21 -84.60 -25.41
N ASN J 290 31.24 -83.70 -25.27
CA ASN J 290 30.74 -83.36 -23.95
C ASN J 290 29.97 -84.48 -23.28
N TYR J 291 29.44 -85.42 -24.05
CA TYR J 291 28.63 -86.51 -23.52
C TYR J 291 29.44 -87.79 -23.56
N ILE J 292 29.16 -88.65 -22.59
CA ILE J 292 29.85 -89.91 -22.41
C ILE J 292 28.77 -90.97 -22.40
N LEU J 293 28.86 -91.92 -23.32
CA LEU J 293 27.85 -92.96 -23.51
C LEU J 293 28.58 -94.29 -23.51
N ASN J 294 28.03 -95.25 -22.77
CA ASN J 294 28.64 -96.55 -22.60
C ASN J 294 27.55 -97.58 -22.45
N MET J 295 27.91 -98.82 -22.75
CA MET J 295 27.04 -99.96 -22.59
C MET J 295 27.56 -100.75 -21.41
N ASP J 296 26.78 -100.77 -20.32
CA ASP J 296 27.15 -101.47 -19.09
C ASP J 296 26.02 -102.38 -18.63
N ARG J 297 25.21 -102.88 -19.56
CA ARG J 297 24.15 -103.83 -19.26
C ARG J 297 24.11 -104.70 -20.50
N ASN J 298 24.31 -106.01 -20.34
CA ASN J 298 24.38 -106.86 -21.52
C ASN J 298 23.00 -107.25 -22.02
N LEU J 299 22.90 -107.37 -23.34
CA LEU J 299 21.73 -107.78 -24.08
C LEU J 299 22.07 -109.13 -24.73
N PRO J 300 21.39 -110.26 -24.48
CA PRO J 300 21.73 -111.45 -25.26
C PRO J 300 21.35 -111.31 -26.72
N SER J 301 21.80 -112.29 -27.51
CA SER J 301 21.53 -112.27 -28.94
C SER J 301 20.13 -112.76 -29.27
N THR J 302 19.38 -113.30 -28.30
CA THR J 302 18.02 -113.75 -28.50
C THR J 302 16.99 -112.68 -28.14
N ALA J 303 17.42 -111.43 -27.96
CA ALA J 303 16.56 -110.30 -27.67
C ALA J 303 15.91 -109.83 -28.96
N ARG J 304 14.78 -109.14 -28.81
CA ARG J 304 14.10 -108.54 -29.94
C ARG J 304 13.58 -107.17 -29.55
N TYR J 305 13.18 -106.45 -30.59
CA TYR J 305 12.61 -105.13 -30.48
C TYR J 305 11.73 -104.94 -31.70
N ILE J 306 10.95 -103.88 -31.66
CA ILE J 306 9.97 -103.54 -32.69
C ILE J 306 10.43 -102.23 -33.29
N ARG J 307 10.92 -102.31 -34.53
CA ARG J 307 11.47 -101.17 -35.26
C ARG J 307 10.32 -100.18 -35.44
N PRO J 308 10.35 -98.98 -34.84
CA PRO J 308 9.23 -98.06 -35.03
C PRO J 308 9.11 -97.63 -36.49
N ASN J 309 7.99 -96.99 -36.81
CA ASN J 309 7.67 -96.56 -38.17
C ASN J 309 7.86 -95.05 -38.23
N LEU J 310 9.11 -94.67 -38.50
CA LEU J 310 9.52 -93.28 -38.71
C LEU J 310 9.57 -93.01 -40.21
N LEU J 311 8.37 -93.00 -40.78
CA LEU J 311 8.14 -92.57 -42.14
C LEU J 311 7.54 -91.18 -42.06
N GLN J 312 8.12 -90.25 -42.82
CA GLN J 312 7.76 -88.85 -42.66
C GLN J 312 6.32 -88.59 -43.12
N ASP J 313 5.89 -87.37 -42.86
CA ASP J 313 4.50 -86.97 -43.05
C ASP J 313 4.19 -86.99 -44.54
N ARG J 314 3.38 -87.96 -44.95
CA ARG J 314 2.87 -88.10 -46.30
C ARG J 314 1.46 -87.56 -46.46
N LEU J 315 0.86 -87.03 -45.38
CA LEU J 315 -0.31 -86.17 -45.48
C LEU J 315 0.06 -84.73 -45.80
N ASN J 316 1.24 -84.29 -45.36
CA ASN J 316 1.70 -82.91 -45.55
C ASN J 316 0.73 -81.92 -44.90
N LEU J 317 0.73 -81.97 -43.57
CA LEU J 317 -0.06 -81.05 -42.78
C LEU J 317 0.45 -79.60 -42.81
N HIS J 318 1.60 -79.33 -43.44
CA HIS J 318 2.20 -78.01 -43.51
C HIS J 318 1.66 -77.13 -44.63
N ASP J 319 0.69 -77.62 -45.43
CA ASP J 319 -0.04 -76.79 -46.39
C ASP J 319 -1.53 -77.10 -46.29
N ASN J 320 -2.33 -76.04 -46.20
CA ASN J 320 -3.79 -76.09 -46.20
C ASN J 320 -4.36 -76.77 -44.96
N PHE J 321 -3.58 -76.96 -43.90
CA PHE J 321 -4.03 -77.49 -42.62
C PHE J 321 -3.45 -76.63 -41.51
N GLU J 322 -3.65 -75.33 -41.64
CA GLU J 322 -2.94 -74.39 -40.80
C GLU J 322 -3.35 -74.46 -39.33
N SER J 323 -4.58 -74.90 -39.06
CA SER J 323 -5.06 -75.03 -37.69
C SER J 323 -4.37 -76.18 -36.97
N LEU J 324 -4.47 -77.37 -37.57
CA LEU J 324 -3.83 -78.57 -37.05
C LEU J 324 -2.33 -78.38 -36.90
N TRP J 325 -1.72 -77.68 -37.85
CA TRP J 325 -0.28 -77.46 -37.78
C TRP J 325 0.05 -76.52 -36.65
N ASP J 326 -0.78 -75.50 -36.44
CA ASP J 326 -0.61 -74.60 -35.29
C ASP J 326 -0.72 -75.35 -33.98
N THR J 327 -1.68 -76.28 -33.87
CA THR J 327 -1.83 -77.06 -32.66
C THR J 327 -0.60 -77.94 -32.40
N ILE J 328 -0.18 -78.71 -33.41
CA ILE J 328 0.99 -79.57 -33.31
C ILE J 328 2.24 -78.77 -32.94
N THR J 329 2.36 -77.59 -33.53
CA THR J 329 3.55 -76.77 -33.32
C THR J 329 3.57 -76.23 -31.91
N THR J 330 2.40 -75.80 -31.43
CA THR J 330 2.24 -75.41 -30.04
C THR J 330 2.63 -76.55 -29.11
N SER J 331 2.23 -77.79 -29.44
CA SER J 331 2.52 -78.91 -28.56
C SER J 331 4.02 -79.17 -28.47
N ASN J 332 4.70 -79.14 -29.62
CA ASN J 332 6.14 -79.33 -29.60
C ASN J 332 6.86 -78.17 -28.93
N TYR J 333 6.31 -76.97 -29.02
CA TYR J 333 6.84 -75.82 -28.30
C TYR J 333 6.77 -76.02 -26.78
N ILE J 334 5.63 -76.48 -26.29
CA ILE J 334 5.47 -76.70 -24.86
C ILE J 334 6.38 -77.83 -24.40
N LEU J 335 6.59 -78.83 -25.24
CA LEU J 335 7.50 -79.91 -24.88
C LEU J 335 8.93 -79.38 -24.76
N ALA J 336 9.33 -78.52 -25.71
CA ALA J 336 10.70 -78.04 -25.68
C ALA J 336 10.88 -77.09 -24.50
N ARG J 337 9.84 -76.33 -24.13
CA ARG J 337 9.94 -75.54 -22.90
C ARG J 337 10.08 -76.47 -21.71
N SER J 338 9.50 -77.67 -21.78
CA SER J 338 9.48 -78.53 -20.63
C SER J 338 10.84 -79.15 -20.38
N VAL J 339 11.69 -79.27 -21.42
CA VAL J 339 12.92 -80.05 -21.30
C VAL J 339 14.18 -79.19 -21.25
N VAL J 340 14.09 -77.89 -21.53
CA VAL J 340 15.26 -77.02 -21.48
C VAL J 340 15.72 -76.90 -20.02
N PRO J 341 17.02 -76.77 -19.72
CA PRO J 341 17.42 -76.52 -18.33
C PRO J 341 17.07 -75.12 -17.88
N ASP J 342 16.74 -75.00 -16.60
CA ASP J 342 16.63 -73.70 -15.94
C ASP J 342 18.04 -73.28 -15.53
N LEU J 343 18.46 -72.11 -15.99
CA LEU J 343 19.84 -71.67 -15.83
C LEU J 343 20.06 -70.98 -14.48
N LYS J 344 21.33 -70.92 -14.08
CA LYS J 344 21.74 -70.68 -12.70
C LYS J 344 22.96 -69.78 -12.67
N GLU J 345 23.27 -69.31 -11.46
CA GLU J 345 24.43 -68.46 -11.16
C GLU J 345 24.43 -67.17 -11.98
N LEU J 346 23.24 -66.60 -12.12
CA LEU J 346 23.01 -65.34 -12.79
C LEU J 346 23.62 -64.18 -12.01
N VAL J 347 23.67 -63.04 -12.68
CA VAL J 347 24.12 -61.80 -12.06
C VAL J 347 23.07 -61.35 -11.04
N SER J 348 23.54 -60.82 -9.92
CA SER J 348 22.66 -60.19 -8.95
C SER J 348 21.99 -58.98 -9.58
N THR J 349 20.66 -58.91 -9.46
CA THR J 349 19.88 -57.92 -10.21
C THR J 349 20.24 -56.51 -9.78
N GLU J 350 20.38 -56.30 -8.46
CA GLU J 350 20.54 -54.98 -7.87
C GLU J 350 21.77 -54.24 -8.41
N ALA J 351 22.82 -54.98 -8.79
CA ALA J 351 23.99 -54.38 -9.42
C ALA J 351 23.63 -53.74 -10.75
N GLN J 352 22.98 -54.53 -11.62
CA GLN J 352 22.54 -54.03 -12.90
C GLN J 352 21.58 -52.87 -12.76
N ILE J 353 20.66 -52.97 -11.80
CA ILE J 353 19.75 -51.87 -11.48
C ILE J 353 20.52 -50.61 -11.12
N GLN J 354 21.58 -50.76 -10.32
CA GLN J 354 22.43 -49.65 -9.91
C GLN J 354 22.99 -48.94 -11.13
N LYS J 355 23.72 -49.69 -11.96
CA LYS J 355 24.51 -49.01 -12.98
C LYS J 355 23.62 -48.48 -14.09
N MET J 356 22.61 -49.27 -14.48
CA MET J 356 21.61 -48.83 -15.45
C MET J 356 20.88 -47.57 -14.98
N SER J 357 20.31 -47.62 -13.77
CA SER J 357 19.49 -46.51 -13.29
C SER J 357 20.30 -45.25 -13.10
N GLN J 358 21.55 -45.38 -12.67
CA GLN J 358 22.33 -44.20 -12.34
C GLN J 358 22.97 -43.59 -13.59
N ASP J 359 23.39 -44.41 -14.57
CA ASP J 359 24.03 -43.84 -15.77
C ASP J 359 23.03 -43.43 -16.84
N LEU J 360 21.98 -44.23 -17.09
CA LEU J 360 20.93 -43.78 -17.99
C LEU J 360 20.25 -42.55 -17.41
N GLN J 361 20.03 -42.56 -16.10
CA GLN J 361 19.48 -41.44 -15.36
C GLN J 361 18.06 -41.13 -15.87
N LEU J 362 17.20 -42.14 -15.74
CA LEU J 362 15.79 -42.00 -16.09
C LEU J 362 15.08 -40.90 -15.30
N GLU J 363 15.55 -40.62 -14.09
CA GLU J 363 14.83 -39.75 -13.17
C GLU J 363 14.84 -38.30 -13.64
N ALA J 364 15.95 -37.85 -14.21
CA ALA J 364 16.17 -36.43 -14.50
C ALA J 364 15.74 -36.00 -15.90
N LEU J 365 15.15 -36.89 -16.70
CA LEU J 365 14.54 -36.47 -17.95
C LEU J 365 13.37 -35.54 -17.65
N THR J 366 12.34 -36.11 -17.03
CA THR J 366 11.22 -35.41 -16.40
C THR J 366 10.21 -34.81 -17.38
N ILE J 367 10.49 -34.76 -18.69
CA ILE J 367 9.62 -34.00 -19.58
C ILE J 367 8.50 -34.94 -20.02
N GLN J 368 7.60 -35.22 -19.08
CA GLN J 368 6.35 -35.97 -19.17
C GLN J 368 5.80 -35.81 -17.76
N SER J 369 4.69 -36.47 -17.45
CA SER J 369 4.49 -37.07 -16.14
C SER J 369 5.15 -38.45 -16.15
N GLU J 370 6.50 -38.44 -16.14
CA GLU J 370 7.34 -39.58 -16.53
C GLU J 370 7.09 -40.86 -15.75
N THR J 371 7.46 -40.85 -14.47
CA THR J 371 7.44 -42.02 -13.60
C THR J 371 8.16 -43.21 -14.25
N GLN J 372 9.38 -42.95 -14.70
CA GLN J 372 10.18 -43.99 -15.33
C GLN J 372 10.83 -44.87 -14.27
N PHE J 373 11.10 -46.09 -14.69
CA PHE J 373 11.72 -47.10 -13.86
C PHE J 373 12.11 -48.25 -14.77
N LEU J 374 13.21 -48.91 -14.43
CA LEU J 374 13.71 -50.01 -15.23
C LEU J 374 12.75 -51.20 -15.10
N THR J 375 11.73 -51.15 -15.92
CA THR J 375 10.79 -52.23 -16.11
C THR J 375 11.56 -53.45 -16.64
N GLY J 376 10.94 -54.63 -16.52
CA GLY J 376 11.59 -55.89 -16.18
C GLY J 376 13.00 -56.21 -16.64
N ILE J 377 13.87 -56.34 -15.64
CA ILE J 377 15.25 -56.79 -15.81
C ILE J 377 15.53 -58.08 -15.04
N ASN J 378 14.63 -58.52 -14.15
CA ASN J 378 14.74 -59.65 -13.24
C ASN J 378 15.25 -60.99 -13.78
N SER J 379 15.56 -61.92 -12.89
CA SER J 379 15.63 -63.33 -13.23
C SER J 379 14.20 -63.85 -13.42
N GLN J 380 14.05 -65.16 -13.64
CA GLN J 380 12.77 -65.83 -14.07
C GLN J 380 12.08 -65.15 -15.27
N ALA J 381 12.85 -64.41 -16.13
CA ALA J 381 12.61 -63.88 -17.46
C ALA J 381 13.74 -64.23 -18.41
N ALA J 382 14.99 -64.19 -17.93
CA ALA J 382 16.13 -64.64 -18.72
C ALA J 382 15.93 -66.10 -19.11
N ASN J 383 15.57 -66.93 -18.14
CA ASN J 383 15.36 -68.33 -18.46
C ASN J 383 14.06 -68.53 -19.23
N ASP J 384 13.08 -67.63 -19.04
CA ASP J 384 11.88 -67.64 -19.86
C ASP J 384 12.20 -67.42 -21.33
N CYS J 385 13.04 -66.42 -21.62
CA CYS J 385 13.52 -66.19 -22.96
C CYS J 385 14.34 -67.36 -23.47
N PHE J 386 15.18 -67.91 -22.60
CA PHE J 386 16.07 -69.01 -22.95
C PHE J 386 15.27 -70.23 -23.38
N LYS J 387 14.12 -70.47 -22.74
CA LYS J 387 13.23 -71.53 -23.16
C LYS J 387 12.46 -71.17 -24.41
N THR J 388 11.94 -69.94 -24.45
CA THR J 388 11.08 -69.49 -25.55
C THR J 388 11.78 -69.56 -26.89
N LEU J 389 13.00 -69.00 -26.97
CA LEU J 389 13.73 -68.95 -28.23
C LEU J 389 14.03 -70.34 -28.76
N ILE J 390 14.60 -71.19 -27.92
CA ILE J 390 14.99 -72.53 -28.33
C ILE J 390 13.77 -73.32 -28.73
N ALA J 391 12.73 -73.30 -27.90
CA ALA J 391 11.54 -74.07 -28.18
C ALA J 391 10.83 -73.60 -29.44
N ALA J 392 10.87 -72.30 -29.72
CA ALA J 392 10.23 -71.80 -30.93
C ALA J 392 11.02 -72.15 -32.17
N MET J 393 12.35 -72.11 -32.08
CA MET J 393 13.15 -72.48 -33.24
C MET J 393 13.10 -73.98 -33.50
N LEU J 394 13.02 -74.79 -32.45
CA LEU J 394 12.89 -76.23 -32.63
C LEU J 394 11.54 -76.63 -33.17
N SER J 395 10.48 -76.14 -32.53
CA SER J 395 9.12 -76.41 -32.98
C SER J 395 8.75 -75.72 -34.29
N GLN J 396 9.50 -74.70 -34.70
CA GLN J 396 9.09 -73.77 -35.77
C GLN J 396 7.75 -73.13 -35.44
N ARG J 397 7.65 -72.70 -34.19
CA ARG J 397 6.52 -71.94 -33.71
C ARG J 397 6.87 -70.48 -33.97
N THR J 398 6.15 -69.86 -34.90
CA THR J 398 6.29 -68.43 -35.11
C THR J 398 5.94 -67.71 -33.82
N MET J 399 6.77 -66.74 -33.46
CA MET J 399 6.57 -65.93 -32.26
C MET J 399 6.67 -64.46 -32.64
N SER J 400 5.86 -63.65 -31.96
CA SER J 400 5.74 -62.23 -32.22
C SER J 400 6.42 -61.44 -31.12
N LEU J 401 6.60 -60.17 -31.41
CA LEU J 401 7.23 -59.22 -30.50
C LEU J 401 6.18 -58.24 -30.00
N ASP J 402 6.37 -57.79 -28.77
CA ASP J 402 5.42 -56.88 -28.13
C ASP J 402 6.22 -56.02 -27.16
N PHE J 403 6.29 -54.73 -27.45
CA PHE J 403 7.21 -53.83 -26.78
C PHE J 403 6.59 -52.46 -26.68
N VAL J 404 7.35 -51.56 -26.08
CA VAL J 404 7.03 -50.16 -25.99
C VAL J 404 8.29 -49.43 -26.42
N THR J 405 8.15 -48.57 -27.42
CA THR J 405 9.31 -47.97 -28.06
C THR J 405 10.03 -46.99 -27.15
N THR J 406 9.33 -46.39 -26.17
CA THR J 406 9.96 -45.49 -25.22
C THR J 406 11.09 -46.17 -24.48
N ASN J 407 10.90 -47.46 -24.11
CA ASN J 407 11.95 -48.24 -23.48
C ASN J 407 12.87 -48.71 -24.59
N TYR J 408 13.75 -47.79 -25.00
CA TYR J 408 14.73 -48.04 -26.05
C TYR J 408 15.76 -49.12 -25.71
N MET J 409 15.92 -49.46 -24.43
CA MET J 409 16.78 -50.57 -24.08
C MET J 409 16.22 -51.88 -24.60
N SER J 410 14.90 -52.04 -24.55
CA SER J 410 14.25 -53.22 -25.11
C SER J 410 14.60 -53.40 -26.58
N LEU J 411 14.70 -52.30 -27.32
CA LEU J 411 15.05 -52.37 -28.74
C LEU J 411 16.54 -52.62 -28.91
N ILE J 412 17.35 -52.04 -28.03
CA ILE J 412 18.79 -52.31 -28.03
C ILE J 412 19.07 -53.79 -27.77
N SER J 413 18.21 -54.47 -27.03
CA SER J 413 18.33 -55.92 -26.87
C SER J 413 17.68 -56.66 -28.04
N GLY J 414 16.64 -56.08 -28.61
CA GLY J 414 15.99 -56.67 -29.76
C GLY J 414 16.88 -56.73 -30.98
N MET J 415 17.78 -55.76 -31.12
CA MET J 415 18.68 -55.80 -32.27
C MET J 415 19.67 -56.96 -32.17
N TRP J 416 20.17 -57.24 -30.97
CA TRP J 416 20.92 -58.48 -30.72
C TRP J 416 20.09 -59.70 -31.12
N LEU J 417 18.83 -59.73 -30.67
CA LEU J 417 17.94 -60.84 -30.98
C LEU J 417 17.81 -61.05 -32.48
N LEU J 418 17.56 -59.96 -33.22
CA LEU J 418 17.41 -60.06 -34.66
C LEU J 418 18.72 -60.44 -35.33
N THR J 419 19.84 -60.07 -34.72
CA THR J 419 21.13 -60.46 -35.25
C THR J 419 21.29 -61.98 -35.17
N VAL J 420 21.10 -62.54 -33.99
CA VAL J 420 21.41 -63.96 -33.80
C VAL J 420 20.25 -64.84 -34.24
N VAL J 421 19.01 -64.48 -33.88
CA VAL J 421 17.84 -65.29 -34.24
C VAL J 421 17.41 -64.89 -35.65
N PRO J 422 17.06 -65.83 -36.56
CA PRO J 422 16.63 -65.41 -37.91
C PRO J 422 15.38 -64.57 -37.93
N ASN J 423 15.03 -64.10 -39.13
CA ASN J 423 13.95 -63.14 -39.31
C ASN J 423 12.66 -63.79 -39.79
N ASP J 424 12.76 -64.89 -40.53
CA ASP J 424 11.56 -65.61 -40.93
C ASP J 424 10.89 -66.37 -39.79
N MET J 425 11.52 -66.45 -38.62
CA MET J 425 10.88 -66.99 -37.43
C MET J 425 9.91 -66.00 -36.79
N PHE J 426 10.09 -64.71 -37.04
CA PHE J 426 9.25 -63.67 -36.45
C PHE J 426 8.21 -63.34 -37.49
N ILE J 427 6.96 -63.26 -37.04
CA ILE J 427 5.87 -62.74 -37.85
C ILE J 427 6.29 -61.38 -38.40
N ARG J 428 5.94 -61.15 -39.66
CA ARG J 428 6.49 -60.01 -40.40
C ARG J 428 6.07 -58.67 -39.84
N GLU J 429 4.86 -58.58 -39.31
CA GLU J 429 4.35 -57.31 -38.83
C GLU J 429 5.12 -56.81 -37.61
N SER J 430 5.31 -57.68 -36.62
CA SER J 430 6.01 -57.26 -35.42
C SER J 430 7.50 -57.08 -35.66
N LEU J 431 8.10 -57.94 -36.48
CA LEU J 431 9.50 -57.78 -36.89
C LEU J 431 9.71 -56.44 -37.56
N VAL J 432 8.84 -56.11 -38.51
CA VAL J 432 8.92 -54.85 -39.24
C VAL J 432 8.76 -53.69 -38.28
N ALA J 433 7.83 -53.80 -37.34
CA ALA J 433 7.61 -52.77 -36.34
C ALA J 433 8.85 -52.55 -35.49
N CYS J 434 9.48 -53.64 -35.05
CA CYS J 434 10.68 -53.54 -34.23
C CYS J 434 11.80 -52.87 -35.01
N GLN J 435 12.07 -53.35 -36.24
CA GLN J 435 13.09 -52.75 -37.09
C GLN J 435 12.80 -51.28 -37.35
N LEU J 436 11.53 -50.94 -37.52
CA LEU J 436 11.16 -49.59 -37.88
C LEU J 436 11.32 -48.68 -36.69
N ALA J 437 11.00 -49.18 -35.50
CA ALA J 437 11.25 -48.42 -34.27
C ALA J 437 12.74 -48.19 -34.08
N ILE J 438 13.54 -49.23 -34.32
CA ILE J 438 15.01 -49.13 -34.25
C ILE J 438 15.52 -48.05 -35.20
N ILE J 439 15.03 -48.05 -36.44
CA ILE J 439 15.56 -47.11 -37.43
C ILE J 439 15.12 -45.69 -37.08
N ASN J 440 13.82 -45.50 -36.86
CA ASN J 440 13.32 -44.16 -36.62
C ASN J 440 13.77 -43.59 -35.29
N THR J 441 14.17 -44.42 -34.33
CA THR J 441 14.62 -43.97 -33.02
C THR J 441 16.13 -43.88 -32.87
N ILE J 442 16.86 -44.89 -33.35
CA ILE J 442 18.29 -45.01 -33.06
C ILE J 442 19.14 -44.59 -34.25
N ILE J 443 19.00 -45.28 -35.38
CA ILE J 443 20.02 -45.26 -36.43
C ILE J 443 20.05 -43.91 -37.15
N TYR J 444 18.95 -43.57 -37.83
CA TYR J 444 18.91 -42.39 -38.69
C TYR J 444 19.09 -41.12 -37.91
N PRO J 445 18.41 -40.86 -36.77
CA PRO J 445 18.77 -39.67 -36.00
C PRO J 445 20.22 -39.69 -35.45
N ALA J 446 20.91 -40.83 -35.43
CA ALA J 446 22.35 -40.83 -35.15
C ALA J 446 23.12 -40.25 -36.31
N PHE J 447 22.63 -40.43 -37.54
CA PHE J 447 23.33 -39.96 -38.74
C PHE J 447 22.79 -38.64 -39.26
N GLY J 448 21.49 -38.42 -39.14
CA GLY J 448 20.83 -37.16 -39.48
C GLY J 448 19.83 -37.25 -40.61
N MET J 449 19.48 -38.47 -41.04
CA MET J 449 18.51 -38.65 -42.09
C MET J 449 17.11 -38.28 -41.61
N GLN J 450 16.23 -38.03 -42.59
CA GLN J 450 14.81 -38.05 -42.29
C GLN J 450 14.41 -39.45 -41.84
N ARG J 451 13.32 -39.52 -41.07
CA ARG J 451 12.98 -40.68 -40.28
C ARG J 451 12.76 -41.92 -41.13
N MET J 452 11.73 -41.94 -41.97
CA MET J 452 11.46 -42.94 -43.02
C MET J 452 10.09 -42.51 -43.57
N HIS J 453 9.65 -43.16 -44.64
CA HIS J 453 8.24 -43.27 -44.99
C HIS J 453 8.12 -44.68 -45.52
N TYR J 454 7.72 -45.59 -44.64
CA TYR J 454 7.64 -47.01 -44.95
C TYR J 454 6.22 -47.36 -45.35
N ARG J 455 6.12 -48.26 -46.33
CA ARG J 455 4.83 -48.76 -46.80
C ARG J 455 4.73 -50.20 -46.31
N ASN J 456 3.79 -50.44 -45.40
CA ASN J 456 3.71 -51.75 -44.75
C ASN J 456 3.23 -52.88 -45.67
N GLY J 457 2.79 -52.58 -46.90
CA GLY J 457 2.47 -53.58 -47.91
C GLY J 457 3.60 -53.77 -48.90
N ASP J 458 4.87 -53.59 -48.44
CA ASP J 458 6.07 -53.66 -49.25
C ASP J 458 6.73 -55.03 -49.09
N PRO J 459 7.09 -55.77 -50.16
CA PRO J 459 7.89 -56.98 -49.94
C PRO J 459 9.28 -56.70 -49.39
N GLN J 460 9.81 -55.50 -49.58
CA GLN J 460 11.11 -55.12 -49.07
C GLN J 460 10.97 -54.62 -47.64
N THR J 461 12.05 -54.75 -46.88
CA THR J 461 12.10 -54.71 -45.44
C THR J 461 12.93 -53.50 -45.00
N PRO J 462 12.64 -52.87 -43.83
CA PRO J 462 13.35 -51.62 -43.45
C PRO J 462 14.86 -51.70 -43.41
N PHE J 463 15.39 -52.82 -42.91
CA PHE J 463 16.82 -53.04 -42.97
C PHE J 463 17.33 -53.15 -44.40
N GLN J 464 16.50 -53.60 -45.34
CA GLN J 464 16.94 -53.73 -46.72
C GLN J 464 17.00 -52.38 -47.43
N ILE J 465 16.27 -51.38 -46.93
CA ILE J 465 16.45 -50.00 -47.35
C ILE J 465 17.66 -49.40 -46.64
N ALA J 466 17.84 -49.70 -45.36
CA ALA J 466 18.97 -49.11 -44.64
C ALA J 466 20.31 -49.64 -45.13
N GLU J 467 20.33 -50.84 -45.72
CA GLU J 467 21.55 -51.37 -46.29
C GLU J 467 22.05 -50.51 -47.45
N GLN J 468 21.13 -49.83 -48.15
CA GLN J 468 21.46 -48.99 -49.29
C GLN J 468 21.57 -47.53 -48.91
N GLN J 469 20.74 -47.05 -47.98
CA GLN J 469 20.73 -45.63 -47.65
C GLN J 469 21.83 -45.24 -46.70
N ILE J 470 22.24 -46.12 -45.79
CA ILE J 470 23.36 -45.84 -44.92
C ILE J 470 24.65 -45.84 -45.73
N GLN J 471 25.54 -44.92 -45.41
CA GLN J 471 26.89 -44.87 -45.91
C GLN J 471 27.74 -45.10 -44.66
N ASN J 472 27.91 -46.37 -44.30
CA ASN J 472 28.87 -46.79 -43.27
C ASN J 472 29.04 -48.30 -43.35
N PHE J 473 30.28 -48.75 -43.49
CA PHE J 473 30.55 -50.17 -43.76
C PHE J 473 30.18 -51.08 -42.59
N GLN J 474 30.31 -50.59 -41.35
CA GLN J 474 30.08 -51.38 -40.15
C GLN J 474 28.63 -51.85 -40.04
N VAL J 475 27.74 -50.88 -39.87
CA VAL J 475 26.32 -51.16 -39.71
C VAL J 475 25.77 -51.74 -41.00
N ALA J 476 26.31 -51.33 -42.16
CA ALA J 476 25.81 -51.88 -43.41
C ALA J 476 26.11 -53.37 -43.50
N ASN J 477 27.28 -53.80 -43.02
CA ASN J 477 27.58 -55.22 -43.08
C ASN J 477 26.79 -55.98 -42.02
N TRP J 478 26.58 -55.38 -40.85
CA TRP J 478 25.65 -55.95 -39.87
C TRP J 478 24.23 -56.10 -40.41
N LEU J 479 23.68 -55.05 -41.01
CA LEU J 479 22.36 -55.10 -41.60
C LEU J 479 22.29 -56.10 -42.73
N HIS J 480 23.37 -56.19 -43.53
CA HIS J 480 23.47 -57.20 -44.57
C HIS J 480 23.34 -58.58 -43.99
N PHE J 481 24.01 -58.84 -42.86
CA PHE J 481 23.87 -60.11 -42.18
C PHE J 481 22.44 -60.34 -41.74
N VAL J 482 21.81 -59.30 -41.17
CA VAL J 482 20.47 -59.47 -40.59
C VAL J 482 19.49 -59.78 -41.70
N ASN J 483 19.63 -59.10 -42.83
CA ASN J 483 18.72 -59.27 -43.95
C ASN J 483 18.87 -60.68 -44.52
N ASN J 484 20.05 -61.29 -44.39
CA ASN J 484 20.35 -62.62 -44.91
C ASN J 484 20.56 -63.60 -43.75
N ASN J 485 19.92 -63.34 -42.60
CA ASN J 485 19.89 -64.25 -41.47
C ASN J 485 18.59 -65.03 -41.55
N GLN J 486 18.56 -66.02 -42.45
CA GLN J 486 17.46 -66.96 -42.57
C GLN J 486 17.96 -68.37 -42.31
N PHE J 487 17.03 -69.21 -41.87
CA PHE J 487 17.31 -70.63 -41.70
C PHE J 487 17.74 -71.24 -43.02
N ARG J 488 18.41 -72.37 -42.92
CA ARG J 488 18.88 -73.14 -44.06
C ARG J 488 18.39 -74.57 -43.95
N GLN J 489 17.96 -75.13 -45.06
CA GLN J 489 17.24 -76.38 -45.07
C GLN J 489 18.27 -77.44 -45.39
N VAL J 490 18.42 -78.41 -44.49
CA VAL J 490 19.36 -79.52 -44.64
C VAL J 490 18.61 -80.79 -44.28
N VAL J 491 19.15 -81.93 -44.69
CA VAL J 491 18.53 -83.23 -44.51
C VAL J 491 19.57 -84.09 -43.83
N ILE J 492 19.33 -84.40 -42.55
CA ILE J 492 20.28 -85.14 -41.72
C ILE J 492 19.54 -86.37 -41.22
N ASP J 493 20.08 -87.55 -41.51
CA ASP J 493 19.57 -88.83 -41.01
C ASP J 493 18.12 -89.13 -41.44
N GLY J 494 17.59 -88.43 -42.46
CA GLY J 494 16.23 -88.58 -42.92
C GLY J 494 15.24 -87.57 -42.38
N VAL J 495 15.67 -86.61 -41.55
CA VAL J 495 14.84 -85.51 -41.05
C VAL J 495 15.34 -84.21 -41.66
N LEU J 496 14.39 -83.40 -42.14
CA LEU J 496 14.69 -82.02 -42.45
C LEU J 496 15.10 -81.29 -41.20
N ASN J 497 15.89 -80.25 -41.38
CA ASN J 497 16.41 -79.46 -40.28
C ASN J 497 16.66 -78.03 -40.77
N GLN J 498 16.36 -77.10 -39.88
CA GLN J 498 16.53 -75.67 -40.09
C GLN J 498 17.76 -75.26 -39.30
N VAL J 499 18.89 -75.09 -40.01
CA VAL J 499 20.16 -74.78 -39.40
C VAL J 499 20.52 -73.31 -39.61
N LEU J 500 21.59 -72.88 -38.94
CA LEU J 500 22.03 -71.50 -38.84
C LEU J 500 23.22 -71.27 -39.79
N ASN J 501 23.76 -70.06 -39.76
CA ASN J 501 24.69 -69.56 -40.77
C ASN J 501 26.16 -69.83 -40.44
N ASP J 502 26.47 -70.40 -39.27
CA ASP J 502 27.77 -70.89 -38.85
C ASP J 502 28.70 -69.74 -38.41
N ASN J 503 28.32 -68.47 -38.59
CA ASN J 503 28.85 -67.38 -37.79
C ASN J 503 28.02 -67.10 -36.53
N ILE J 504 26.96 -67.89 -36.29
CA ILE J 504 26.14 -67.79 -35.09
C ILE J 504 26.37 -68.99 -34.17
N ARG J 505 26.57 -70.17 -34.74
CA ARG J 505 26.91 -71.36 -33.96
C ARG J 505 28.16 -71.15 -33.12
N ASN J 506 29.14 -70.45 -33.68
CA ASN J 506 30.14 -69.73 -32.91
C ASN J 506 29.69 -68.28 -32.76
N GLY J 507 30.04 -67.65 -31.64
CA GLY J 507 29.76 -66.24 -31.47
C GLY J 507 30.85 -65.35 -32.01
N HIS J 508 30.66 -64.90 -33.24
CA HIS J 508 31.59 -64.01 -33.94
C HIS J 508 30.91 -62.79 -34.55
N VAL J 509 29.65 -62.94 -34.96
CA VAL J 509 28.94 -61.81 -35.55
C VAL J 509 28.64 -60.73 -34.54
N VAL J 510 28.51 -61.09 -33.26
CA VAL J 510 28.24 -60.09 -32.24
C VAL J 510 29.41 -59.13 -32.10
N ASN J 511 30.63 -59.58 -32.40
CA ASN J 511 31.77 -58.66 -32.46
C ASN J 511 31.52 -57.54 -33.45
N GLN J 512 30.98 -57.90 -34.62
CA GLN J 512 30.66 -56.88 -35.63
C GLN J 512 29.52 -55.99 -35.16
N LEU J 513 28.50 -56.59 -34.51
CA LEU J 513 27.43 -55.80 -33.89
C LEU J 513 27.95 -54.77 -32.90
N MET J 514 28.85 -55.17 -32.00
CA MET J 514 29.31 -54.22 -30.99
C MET J 514 30.26 -53.19 -31.58
N GLU J 515 31.01 -53.54 -32.61
CA GLU J 515 31.79 -52.51 -33.31
C GLU J 515 30.87 -51.45 -33.91
N ALA J 516 29.80 -51.89 -34.59
CA ALA J 516 28.81 -50.96 -35.13
C ALA J 516 28.16 -50.13 -34.02
N LEU J 517 27.85 -50.77 -32.90
CA LEU J 517 27.16 -50.08 -31.82
C LEU J 517 28.07 -49.09 -31.13
N MET J 518 29.34 -49.46 -30.92
CA MET J 518 30.31 -48.51 -30.43
C MET J 518 30.43 -47.31 -31.36
N GLN J 519 30.33 -47.53 -32.68
CA GLN J 519 30.38 -46.40 -33.60
C GLN J 519 29.16 -45.50 -33.38
N LEU J 520 27.97 -46.11 -33.26
CA LEU J 520 26.76 -45.33 -32.99
C LEU J 520 26.85 -44.58 -31.68
N SER J 521 27.48 -45.20 -30.67
CA SER J 521 27.73 -44.52 -29.41
C SER J 521 28.63 -43.31 -29.59
N ARG J 522 29.74 -43.47 -30.34
CA ARG J 522 30.67 -42.37 -30.51
C ARG J 522 30.09 -41.20 -31.30
N GLN J 523 28.96 -41.37 -31.98
CA GLN J 523 28.37 -40.35 -32.82
C GLN J 523 27.39 -39.53 -32.01
N GLN J 524 27.26 -38.28 -32.43
CA GLN J 524 26.22 -37.41 -31.89
C GLN J 524 24.89 -37.87 -32.45
N PHE J 525 23.84 -37.18 -32.01
CA PHE J 525 22.47 -37.36 -32.49
C PHE J 525 22.06 -35.91 -32.73
N PRO J 526 22.38 -35.33 -33.91
CA PRO J 526 22.40 -33.86 -34.07
C PRO J 526 21.11 -33.16 -33.73
N THR J 527 20.00 -33.60 -34.29
CA THR J 527 18.72 -33.00 -33.99
C THR J 527 18.31 -33.23 -32.54
N MET J 528 18.78 -34.31 -31.91
CA MET J 528 18.19 -34.83 -30.69
C MET J 528 18.52 -33.91 -29.50
N PRO J 529 17.70 -33.95 -28.41
CA PRO J 529 18.14 -33.32 -27.14
C PRO J 529 19.34 -34.02 -26.51
N VAL J 530 19.73 -33.64 -25.31
CA VAL J 530 20.99 -34.10 -24.72
C VAL J 530 20.79 -35.14 -23.62
N ASP J 531 19.80 -34.97 -22.75
CA ASP J 531 19.60 -35.98 -21.70
C ASP J 531 19.17 -37.32 -22.28
N TYR J 532 18.27 -37.29 -23.27
CA TYR J 532 17.86 -38.52 -23.91
C TYR J 532 18.97 -39.07 -24.81
N LYS J 533 19.95 -38.24 -25.17
CA LYS J 533 21.02 -38.65 -26.05
C LYS J 533 22.09 -39.34 -25.25
N ARG J 534 22.53 -38.68 -24.17
CA ARG J 534 23.52 -39.29 -23.28
C ARG J 534 23.00 -40.60 -22.73
N SER J 535 21.69 -40.64 -22.43
CA SER J 535 21.08 -41.86 -21.94
C SER J 535 21.13 -42.97 -22.98
N ILE J 536 20.83 -42.66 -24.25
CA ILE J 536 20.91 -43.70 -25.28
C ILE J 536 22.34 -44.15 -25.51
N GLN J 537 23.28 -43.20 -25.61
CA GLN J 537 24.68 -43.55 -25.82
C GLN J 537 25.21 -44.46 -24.73
N ARG J 538 24.87 -44.15 -23.49
CA ARG J 538 25.35 -44.98 -22.39
C ARG J 538 24.63 -46.32 -22.39
N GLY J 539 23.34 -46.33 -22.76
CA GLY J 539 22.60 -47.58 -22.89
C GLY J 539 23.13 -48.48 -23.98
N ILE J 540 23.70 -47.89 -25.02
CA ILE J 540 24.33 -48.70 -26.07
C ILE J 540 25.66 -49.23 -25.55
N LEU J 541 26.44 -48.37 -24.89
CA LEU J 541 27.74 -48.79 -24.37
C LEU J 541 27.62 -49.89 -23.32
N LEU J 542 26.47 -49.96 -22.63
CA LEU J 542 26.14 -51.10 -21.78
C LEU J 542 26.28 -52.43 -22.52
N LEU J 543 25.51 -52.62 -23.58
CA LEU J 543 25.60 -53.85 -24.36
C LEU J 543 26.97 -54.00 -24.99
N SER J 544 27.59 -52.88 -25.42
CA SER J 544 28.96 -52.92 -25.91
C SER J 544 29.92 -53.52 -24.90
N ASN J 545 29.68 -53.32 -23.60
CA ASN J 545 30.52 -53.86 -22.54
C ASN J 545 29.97 -55.16 -21.96
N ARG J 546 28.98 -55.79 -22.60
CA ARG J 546 28.58 -57.17 -22.37
C ARG J 546 29.04 -58.08 -23.51
N LEU J 547 30.15 -57.73 -24.16
CA LEU J 547 30.55 -58.33 -25.45
C LEU J 547 30.76 -59.82 -25.32
N GLY J 548 31.74 -60.21 -24.50
CA GLY J 548 32.07 -61.61 -24.33
C GLY J 548 30.92 -62.39 -23.74
N GLN J 549 30.13 -61.77 -22.87
CA GLN J 549 28.98 -62.43 -22.26
C GLN J 549 27.93 -62.80 -23.31
N LEU J 550 27.77 -61.96 -24.32
CA LEU J 550 26.80 -62.22 -25.37
C LEU J 550 27.35 -63.19 -26.42
N VAL J 551 28.66 -63.15 -26.67
CA VAL J 551 29.33 -64.25 -27.38
C VAL J 551 28.99 -65.58 -26.71
N ASP J 552 29.24 -65.66 -25.41
CA ASP J 552 28.98 -66.85 -24.61
C ASP J 552 27.53 -67.30 -24.72
N LEU J 553 26.61 -66.36 -24.53
CA LEU J 553 25.18 -66.60 -24.64
C LEU J 553 24.82 -67.19 -26.00
N THR J 554 25.36 -66.59 -27.07
CA THR J 554 25.02 -67.04 -28.41
C THR J 554 25.50 -68.46 -28.68
N ARG J 555 26.72 -68.77 -28.24
CA ARG J 555 27.25 -70.13 -28.39
C ARG J 555 26.42 -71.13 -27.61
N LEU J 556 26.09 -70.79 -26.36
CA LEU J 556 25.30 -71.66 -25.51
C LEU J 556 23.93 -71.96 -26.08
N LEU J 557 23.25 -70.90 -26.50
CA LEU J 557 21.93 -71.00 -27.09
C LEU J 557 21.94 -71.86 -28.34
N ALA J 558 22.86 -71.58 -29.26
CA ALA J 558 22.98 -72.35 -30.49
C ALA J 558 23.32 -73.80 -30.23
N TYR J 559 24.21 -74.04 -29.25
CA TYR J 559 24.60 -75.41 -28.89
C TYR J 559 23.40 -76.20 -28.43
N ASN J 560 22.64 -75.65 -27.49
CA ASN J 560 21.50 -76.39 -26.95
C ASN J 560 20.45 -76.59 -28.03
N TYR J 561 20.29 -75.59 -28.91
CA TYR J 561 19.38 -75.73 -30.04
C TYR J 561 19.77 -76.89 -30.95
N GLU J 562 21.05 -77.00 -31.31
CA GLU J 562 21.43 -78.07 -32.21
C GLU J 562 21.37 -79.43 -31.52
N THR J 563 21.76 -79.50 -30.25
CA THR J 563 21.74 -80.78 -29.54
C THR J 563 20.34 -81.27 -29.24
N LEU J 564 19.34 -80.38 -29.21
CA LEU J 564 17.96 -80.79 -29.09
C LEU J 564 17.32 -81.04 -30.44
N MET J 565 17.77 -80.34 -31.48
CA MET J 565 17.39 -80.67 -32.84
C MET J 565 17.69 -82.12 -33.17
N ALA J 566 18.85 -82.62 -32.72
CA ALA J 566 19.25 -84.00 -33.00
C ALA J 566 18.26 -85.02 -32.46
N CYS J 567 17.53 -84.69 -31.38
CA CYS J 567 16.53 -85.56 -30.79
C CYS J 567 15.15 -85.25 -31.34
N ILE J 568 15.04 -85.15 -32.67
CA ILE J 568 13.80 -84.90 -33.39
C ILE J 568 13.73 -85.92 -34.52
N THR J 569 12.51 -86.33 -34.84
CA THR J 569 12.20 -87.38 -35.79
C THR J 569 11.29 -86.93 -36.91
N MET J 570 10.52 -85.86 -36.72
CA MET J 570 9.63 -85.29 -37.72
C MET J 570 10.28 -84.09 -38.37
N ASN J 571 10.04 -83.95 -39.68
CA ASN J 571 10.58 -82.83 -40.45
C ASN J 571 10.12 -81.50 -39.87
N MET J 572 11.09 -80.63 -39.57
CA MET J 572 10.82 -79.35 -38.92
C MET J 572 10.69 -78.31 -40.02
N GLN J 573 9.45 -78.00 -40.35
CA GLN J 573 9.06 -77.22 -41.51
C GLN J 573 8.53 -75.87 -41.07
N HIS J 574 8.64 -74.89 -41.96
CA HIS J 574 8.47 -73.49 -41.62
C HIS J 574 7.13 -73.04 -42.18
N VAL J 575 6.27 -72.56 -41.28
CA VAL J 575 4.95 -72.05 -41.63
C VAL J 575 4.65 -70.90 -40.69
N GLN J 576 3.92 -69.90 -41.20
CA GLN J 576 3.33 -68.86 -40.39
C GLN J 576 2.04 -69.39 -39.79
N THR J 577 2.04 -69.64 -38.48
CA THR J 577 0.89 -70.28 -37.84
C THR J 577 -0.21 -69.26 -37.61
N LEU J 578 -1.41 -69.74 -37.25
CA LEU J 578 -2.52 -68.84 -36.96
C LEU J 578 -2.19 -67.96 -35.77
N THR J 579 -2.05 -68.56 -34.59
CA THR J 579 -1.65 -67.82 -33.40
C THR J 579 -0.16 -68.02 -33.18
N THR J 580 0.34 -67.23 -32.24
CA THR J 580 1.74 -66.82 -32.25
C THR J 580 2.14 -66.53 -30.83
N GLU J 581 3.26 -67.08 -30.41
CA GLU J 581 3.76 -66.81 -29.06
C GLU J 581 4.19 -65.36 -28.95
N LYS J 582 3.85 -64.75 -27.83
CA LYS J 582 4.28 -63.41 -27.54
C LYS J 582 5.71 -63.48 -27.02
N LEU J 583 6.43 -62.38 -27.15
CA LEU J 583 7.78 -62.29 -26.63
C LEU J 583 8.05 -60.87 -26.18
N GLN J 584 8.20 -60.70 -24.88
CA GLN J 584 8.56 -59.42 -24.32
C GLN J 584 10.06 -59.24 -24.42
N LEU J 585 10.48 -58.18 -25.11
CA LEU J 585 11.89 -57.86 -25.23
C LEU J 585 12.55 -57.53 -23.91
N THR J 586 11.78 -57.12 -22.90
CA THR J 586 12.32 -56.95 -21.56
C THR J 586 12.91 -58.25 -21.03
N SER J 587 12.32 -59.38 -21.39
CA SER J 587 12.91 -60.67 -21.04
C SER J 587 14.24 -60.86 -21.75
N VAL J 588 14.35 -60.38 -22.98
CA VAL J 588 15.60 -60.49 -23.73
C VAL J 588 16.64 -59.57 -23.12
N THR J 589 16.21 -58.40 -22.66
CA THR J 589 17.11 -57.49 -21.98
C THR J 589 17.54 -58.07 -20.65
N SER J 590 16.65 -58.80 -19.99
CA SER J 590 17.01 -59.49 -18.77
C SER J 590 18.05 -60.55 -19.06
N LEU J 591 17.93 -61.21 -20.20
CA LEU J 591 18.88 -62.26 -20.54
C LEU J 591 20.21 -61.64 -20.95
N CYS J 592 20.15 -60.62 -21.81
CA CYS J 592 21.37 -59.97 -22.29
C CYS J 592 22.04 -59.06 -21.26
N MET J 593 21.57 -58.99 -20.02
CA MET J 593 22.21 -58.24 -18.96
C MET J 593 22.32 -59.03 -17.66
N LEU J 594 21.73 -60.23 -17.57
CA LEU J 594 21.88 -61.13 -16.43
C LEU J 594 22.26 -62.48 -17.01
N ILE J 595 23.55 -62.70 -17.18
CA ILE J 595 24.09 -63.98 -17.61
C ILE J 595 25.59 -63.93 -17.42
N GLY J 596 26.20 -65.08 -17.22
CA GLY J 596 27.63 -65.26 -17.30
C GLY J 596 28.06 -66.42 -16.44
N ASN J 597 28.98 -67.22 -17.00
CA ASN J 597 29.73 -68.20 -16.24
C ASN J 597 28.85 -69.32 -15.71
N ALA J 598 27.92 -69.81 -16.53
CA ALA J 598 27.17 -70.99 -16.15
C ALA J 598 26.66 -71.64 -17.43
N THR J 599 27.34 -72.70 -17.83
CA THR J 599 26.96 -73.49 -18.98
C THR J 599 25.94 -74.52 -18.55
N VAL J 600 24.80 -74.52 -19.23
CA VAL J 600 23.74 -75.47 -19.00
C VAL J 600 23.42 -76.16 -20.32
N ILE J 601 23.52 -77.48 -20.31
CA ILE J 601 23.21 -78.33 -21.46
C ILE J 601 22.15 -79.32 -20.99
N PRO J 602 21.45 -79.99 -21.91
CA PRO J 602 20.50 -81.01 -21.47
C PRO J 602 21.21 -82.17 -20.81
N SER J 603 20.63 -82.65 -19.73
CA SER J 603 21.10 -83.89 -19.14
C SER J 603 20.79 -85.01 -20.14
N PRO J 604 21.56 -86.11 -20.13
CA PRO J 604 21.23 -87.22 -21.03
C PRO J 604 19.87 -87.84 -20.74
N GLN J 605 19.44 -87.83 -19.47
CA GLN J 605 18.12 -88.31 -19.12
C GLN J 605 17.05 -87.49 -19.84
N THR J 606 17.22 -86.16 -19.86
CA THR J 606 16.28 -85.28 -20.55
C THR J 606 16.28 -85.53 -22.05
N LEU J 607 17.47 -85.74 -22.63
CA LEU J 607 17.57 -86.03 -24.05
C LEU J 607 16.86 -87.31 -24.40
N PHE J 608 17.06 -88.34 -23.60
CA PHE J 608 16.40 -89.62 -23.84
C PHE J 608 14.89 -89.48 -23.70
N HIS J 609 14.46 -88.73 -22.69
CA HIS J 609 13.04 -88.42 -22.50
C HIS J 609 12.45 -87.74 -23.74
N TYR J 610 13.10 -86.69 -24.20
CA TYR J 610 12.60 -85.91 -25.32
C TYR J 610 12.68 -86.65 -26.65
N TYR J 611 13.59 -87.62 -26.75
CA TYR J 611 13.68 -88.43 -27.95
C TYR J 611 12.62 -89.52 -27.93
N ASN J 612 12.42 -90.18 -26.77
CA ASN J 612 11.40 -91.22 -26.69
C ASN J 612 10.04 -90.61 -26.93
N VAL J 613 9.81 -89.39 -26.45
CA VAL J 613 8.52 -88.74 -26.62
C VAL J 613 8.29 -88.42 -28.09
N ASN J 614 9.29 -87.83 -28.76
CA ASN J 614 9.14 -87.52 -30.18
C ASN J 614 8.96 -88.78 -31.03
N VAL J 615 9.71 -89.84 -30.69
CA VAL J 615 9.57 -91.14 -31.34
C VAL J 615 8.15 -91.68 -31.19
N ASN J 616 7.63 -91.64 -29.97
CA ASN J 616 6.30 -92.17 -29.69
C ASN J 616 5.24 -91.40 -30.44
N PHE J 617 5.35 -90.08 -30.45
CA PHE J 617 4.41 -89.24 -31.19
C PHE J 617 4.42 -89.59 -32.67
N HIS J 618 5.61 -89.68 -33.26
CA HIS J 618 5.73 -89.96 -34.69
C HIS J 618 5.20 -91.36 -35.02
N SER J 619 5.54 -92.34 -34.19
CA SER J 619 5.09 -93.69 -34.40
C SER J 619 3.58 -93.83 -34.25
N ASN J 620 3.02 -93.20 -33.22
CA ASN J 620 1.56 -93.18 -33.05
C ASN J 620 0.89 -92.53 -34.25
N TYR J 621 1.45 -91.44 -34.74
CA TYR J 621 0.92 -90.75 -35.90
C TYR J 621 0.86 -91.67 -37.11
N ASN J 622 1.98 -92.31 -37.44
CA ASN J 622 2.00 -93.18 -38.63
C ASN J 622 1.12 -94.42 -38.45
N GLU J 623 1.09 -94.99 -37.25
CA GLU J 623 0.28 -96.18 -37.03
C GLU J 623 -1.21 -95.88 -37.14
N ARG J 624 -1.65 -94.77 -36.55
CA ARG J 624 -3.07 -94.44 -36.63
C ARG J 624 -3.45 -94.04 -38.04
N ILE J 625 -2.51 -93.42 -38.77
CA ILE J 625 -2.71 -93.21 -40.21
C ILE J 625 -2.96 -94.53 -40.92
N ASN J 626 -2.10 -95.52 -40.66
CA ASN J 626 -2.23 -96.79 -41.37
C ASN J 626 -3.54 -97.49 -41.04
N ASP J 627 -3.95 -97.45 -39.76
CA ASP J 627 -5.20 -98.07 -39.37
C ASP J 627 -6.40 -97.37 -40.00
N ALA J 628 -6.42 -96.04 -39.92
CA ALA J 628 -7.49 -95.24 -40.51
C ALA J 628 -7.56 -95.44 -42.02
N VAL J 629 -6.41 -95.46 -42.69
CA VAL J 629 -6.35 -95.61 -44.14
C VAL J 629 -6.89 -96.97 -44.53
N ALA J 630 -6.48 -98.02 -43.81
CA ALA J 630 -6.94 -99.36 -44.10
C ALA J 630 -8.45 -99.48 -43.95
N ILE J 631 -9.00 -98.90 -42.88
CA ILE J 631 -10.43 -99.02 -42.64
C ILE J 631 -11.22 -98.22 -43.69
N ILE J 632 -10.72 -97.04 -44.04
CA ILE J 632 -11.33 -96.22 -45.10
C ILE J 632 -11.31 -96.97 -46.42
N THR J 633 -10.15 -97.51 -46.79
CA THR J 633 -10.01 -98.21 -48.06
C THR J 633 -10.90 -99.44 -48.09
N ALA J 634 -11.03 -100.12 -46.96
CA ALA J 634 -11.90 -101.27 -46.89
C ALA J 634 -13.36 -100.88 -46.96
N ALA J 635 -13.69 -99.69 -46.48
CA ALA J 635 -15.07 -99.23 -46.58
C ALA J 635 -15.41 -98.81 -48.00
N ASN J 636 -14.40 -98.38 -48.78
CA ASN J 636 -14.62 -97.96 -50.15
C ASN J 636 -14.44 -99.10 -51.16
N ARG J 637 -13.79 -100.20 -50.78
CA ARG J 637 -13.68 -101.38 -51.63
C ARG J 637 -14.77 -102.39 -51.39
N LEU J 638 -15.29 -102.49 -50.16
CA LEU J 638 -16.44 -103.31 -49.85
C LEU J 638 -17.77 -102.58 -50.06
N ASN J 639 -17.77 -101.47 -50.80
CA ASN J 639 -18.99 -100.82 -51.27
C ASN J 639 -19.88 -100.36 -50.11
N LEU J 640 -19.25 -99.92 -49.01
CA LEU J 640 -19.95 -99.42 -47.83
C LEU J 640 -20.08 -97.92 -48.00
N TYR J 641 -21.28 -97.50 -48.39
CA TYR J 641 -21.59 -96.14 -48.81
C TYR J 641 -22.49 -95.36 -47.87
N GLN J 642 -23.21 -96.01 -46.94
CA GLN J 642 -23.93 -95.24 -45.94
C GLN J 642 -23.04 -94.71 -44.83
N LYS J 643 -21.74 -95.01 -44.83
CA LYS J 643 -20.88 -94.58 -43.75
C LYS J 643 -20.46 -93.14 -43.93
N LYS J 644 -20.47 -92.38 -42.83
CA LYS J 644 -20.02 -90.99 -42.80
C LYS J 644 -18.55 -90.99 -42.45
N MET J 645 -17.69 -90.79 -43.45
CA MET J 645 -16.28 -91.14 -43.38
C MET J 645 -15.54 -90.34 -42.31
N LYS J 646 -15.92 -89.06 -42.08
CA LYS J 646 -15.20 -88.26 -41.10
C LYS J 646 -15.39 -88.77 -39.67
N SER J 647 -16.42 -89.61 -39.41
CA SER J 647 -16.55 -90.31 -38.14
C SER J 647 -15.30 -91.13 -37.81
N ILE J 648 -14.60 -91.63 -38.83
CA ILE J 648 -13.34 -92.30 -38.64
C ILE J 648 -12.27 -91.26 -38.30
N VAL J 649 -12.30 -90.13 -39.01
CA VAL J 649 -11.30 -89.09 -38.88
C VAL J 649 -11.33 -88.51 -37.47
N GLU J 650 -12.52 -88.16 -36.97
CA GLU J 650 -12.63 -87.69 -35.61
C GLU J 650 -12.30 -88.75 -34.55
N ASP J 651 -12.14 -90.02 -34.94
CA ASP J 651 -11.57 -91.03 -34.05
C ASP J 651 -10.05 -91.01 -34.21
N PHE J 652 -9.58 -90.87 -35.45
CA PHE J 652 -8.16 -90.77 -35.74
C PHE J 652 -7.51 -89.59 -35.04
N LEU J 653 -8.20 -88.45 -34.97
CA LEU J 653 -7.68 -87.33 -34.21
C LEU J 653 -7.83 -87.54 -32.71
N LYS J 654 -8.85 -88.29 -32.30
CA LYS J 654 -9.06 -88.56 -30.88
C LYS J 654 -7.90 -89.36 -30.32
N ARG J 655 -7.44 -90.38 -31.05
CA ARG J 655 -6.33 -91.21 -30.58
C ARG J 655 -4.99 -90.50 -30.62
N LEU J 656 -4.89 -89.33 -31.26
CA LEU J 656 -3.77 -88.40 -31.13
C LEU J 656 -4.12 -87.38 -30.06
N GLN J 657 -3.51 -87.50 -28.88
CA GLN J 657 -4.03 -86.88 -27.67
C GLN J 657 -3.69 -85.40 -27.53
N ILE J 658 -3.97 -84.59 -28.55
CA ILE J 658 -3.73 -83.14 -28.53
C ILE J 658 -4.85 -82.29 -29.11
N PHE J 659 -5.81 -82.90 -29.83
CA PHE J 659 -6.83 -82.16 -30.57
C PHE J 659 -8.14 -82.16 -29.79
N ASP J 660 -8.80 -80.99 -29.78
CA ASP J 660 -10.19 -80.84 -29.32
C ASP J 660 -11.09 -80.75 -30.53
N ILE J 661 -11.85 -81.81 -30.80
CA ILE J 661 -12.60 -81.90 -32.05
C ILE J 661 -13.89 -81.07 -31.98
N SER J 662 -14.30 -80.63 -30.78
CA SER J 662 -15.37 -79.64 -30.70
C SER J 662 -14.99 -78.34 -31.43
N ARG J 663 -13.70 -78.00 -31.47
CA ARG J 663 -13.20 -76.72 -31.92
C ARG J 663 -12.74 -76.70 -33.37
N VAL J 664 -12.30 -77.84 -33.90
CA VAL J 664 -11.76 -77.95 -35.26
C VAL J 664 -12.79 -77.56 -36.32
N PRO J 665 -12.39 -76.97 -37.49
CA PRO J 665 -13.37 -76.78 -38.57
C PRO J 665 -13.84 -78.08 -39.19
N ASP J 666 -14.68 -77.96 -40.23
CA ASP J 666 -15.18 -79.08 -41.00
C ASP J 666 -14.57 -79.18 -42.39
N ASP J 667 -13.97 -78.11 -42.91
CA ASP J 667 -13.31 -78.19 -44.20
C ASP J 667 -12.00 -78.99 -44.14
N GLN J 668 -11.30 -78.88 -43.02
CA GLN J 668 -10.07 -79.63 -42.85
C GLN J 668 -10.37 -81.11 -42.72
N MET J 669 -11.49 -81.46 -42.09
CA MET J 669 -11.91 -82.86 -42.01
C MET J 669 -12.09 -83.46 -43.40
N TYR J 670 -12.67 -82.70 -44.34
CA TYR J 670 -12.87 -83.23 -45.69
C TYR J 670 -11.59 -83.22 -46.50
N ARG J 671 -10.74 -82.21 -46.34
CA ARG J 671 -9.44 -82.20 -46.98
C ARG J 671 -8.59 -83.37 -46.49
N LEU J 672 -8.70 -83.68 -45.21
CA LEU J 672 -7.92 -84.76 -44.64
C LEU J 672 -8.45 -86.11 -45.13
N ARG J 673 -9.77 -86.23 -45.24
CA ARG J 673 -10.39 -87.41 -45.83
C ARG J 673 -9.88 -87.64 -47.25
N ASP J 674 -9.89 -86.58 -48.06
CA ASP J 674 -9.43 -86.66 -49.44
C ASP J 674 -7.97 -87.08 -49.52
N ARG J 675 -7.12 -86.54 -48.64
CA ARG J 675 -5.70 -86.91 -48.69
C ARG J 675 -5.48 -88.33 -48.18
N LEU J 676 -6.28 -88.76 -47.21
CA LEU J 676 -6.14 -90.13 -46.71
C LEU J 676 -6.56 -91.16 -47.74
N ARG J 677 -7.55 -90.86 -48.58
CA ARG J 677 -7.93 -91.82 -49.60
C ARG J 677 -6.82 -92.06 -50.62
N LEU J 678 -6.00 -91.04 -50.89
CA LEU J 678 -4.97 -91.15 -51.91
C LEU J 678 -3.74 -91.93 -51.50
N LEU J 679 -3.61 -92.29 -50.21
CA LEU J 679 -2.36 -92.86 -49.73
C LEU J 679 -2.33 -94.36 -49.98
N PRO J 680 -1.15 -94.99 -50.16
CA PRO J 680 -1.14 -96.44 -50.25
C PRO J 680 -1.49 -97.07 -48.91
N VAL J 681 -2.10 -98.23 -48.99
CA VAL J 681 -2.45 -98.98 -47.79
C VAL J 681 -1.19 -99.65 -47.30
N GLU J 682 -1.08 -99.79 -45.98
CA GLU J 682 0.04 -100.48 -45.38
C GLU J 682 -0.01 -101.95 -45.78
N ILE J 683 1.17 -102.57 -45.79
CA ILE J 683 1.34 -103.85 -46.48
C ILE J 683 0.60 -104.94 -45.74
N ARG J 684 0.82 -105.02 -44.42
CA ARG J 684 0.24 -106.10 -43.64
C ARG J 684 -1.29 -106.04 -43.65
N ARG J 685 -1.83 -104.85 -43.42
CA ARG J 685 -3.27 -104.63 -43.43
C ARG J 685 -3.86 -105.02 -44.78
N LEU J 686 -3.13 -104.74 -45.85
CA LEU J 686 -3.58 -105.13 -47.18
C LEU J 686 -3.60 -106.64 -47.32
N ASP J 687 -2.59 -107.32 -46.78
CA ASP J 687 -2.57 -108.77 -46.88
C ASP J 687 -3.74 -109.40 -46.13
N ILE J 688 -4.08 -108.85 -44.96
CA ILE J 688 -5.23 -109.35 -44.21
C ILE J 688 -6.51 -109.07 -44.98
N PHE J 689 -6.61 -107.87 -45.55
CA PHE J 689 -7.73 -107.50 -46.41
C PHE J 689 -7.90 -108.45 -47.59
N ASN J 690 -6.79 -108.86 -48.22
CA ASN J 690 -6.89 -109.80 -49.32
C ASN J 690 -7.40 -111.15 -48.86
N LEU J 691 -6.88 -111.63 -47.72
CA LEU J 691 -7.34 -112.90 -47.15
C LEU J 691 -8.82 -112.85 -46.82
N ILE J 692 -9.31 -111.69 -46.39
CA ILE J 692 -10.70 -111.59 -45.97
C ILE J 692 -11.60 -111.43 -47.18
N LEU J 693 -11.14 -110.77 -48.25
CA LEU J 693 -12.02 -110.59 -49.40
C LEU J 693 -12.14 -111.88 -50.18
N MET J 694 -11.04 -112.64 -50.29
CA MET J 694 -11.12 -113.91 -51.01
C MET J 694 -11.95 -114.96 -50.30
N ASN J 695 -12.30 -114.76 -49.00
CA ASN J 695 -12.93 -115.76 -48.17
C ASN J 695 -14.23 -115.33 -47.51
N MET J 696 -14.53 -114.03 -47.46
CA MET J 696 -15.80 -113.58 -46.91
C MET J 696 -17.00 -114.18 -47.62
N GLU J 697 -16.89 -114.39 -48.94
CA GLU J 697 -17.93 -115.09 -49.66
C GLU J 697 -18.05 -116.53 -49.19
N GLN J 698 -16.92 -117.19 -48.96
CA GLN J 698 -16.91 -118.59 -48.54
C GLN J 698 -17.44 -118.73 -47.12
N ILE J 699 -17.23 -117.72 -46.29
CA ILE J 699 -17.75 -117.71 -44.94
C ILE J 699 -19.24 -117.41 -44.96
N GLU J 700 -19.68 -116.59 -45.90
CA GLU J 700 -21.09 -116.25 -46.00
C GLU J 700 -21.91 -117.39 -46.60
N ARG J 701 -21.34 -118.18 -47.53
CA ARG J 701 -21.93 -119.44 -47.95
C ARG J 701 -22.24 -120.37 -46.79
N ALA J 702 -21.39 -120.34 -45.75
CA ALA J 702 -21.55 -121.10 -44.53
C ALA J 702 -22.56 -120.37 -43.63
N SER J 703 -22.50 -120.58 -42.30
CA SER J 703 -23.32 -119.84 -41.35
C SER J 703 -24.80 -120.16 -41.49
N ASP J 704 -25.22 -121.33 -41.02
CA ASP J 704 -26.58 -121.82 -41.22
C ASP J 704 -27.65 -121.07 -40.43
N LYS J 705 -27.83 -119.79 -40.76
CA LYS J 705 -29.00 -119.00 -40.45
C LYS J 705 -29.60 -118.41 -41.71
N ILE J 706 -28.77 -117.94 -42.62
CA ILE J 706 -29.18 -117.14 -43.77
C ILE J 706 -28.97 -117.93 -45.05
N ALA J 707 -29.84 -117.64 -46.02
CA ALA J 707 -29.72 -118.13 -47.37
C ALA J 707 -29.16 -116.99 -48.21
N GLN J 708 -28.36 -117.36 -49.20
CA GLN J 708 -27.79 -116.40 -50.13
C GLN J 708 -28.74 -116.01 -51.26
N GLY J 709 -29.99 -116.42 -51.21
CA GLY J 709 -30.96 -115.99 -52.20
C GLY J 709 -32.05 -117.03 -52.33
N VAL J 710 -32.92 -116.78 -53.31
CA VAL J 710 -34.06 -117.66 -53.55
C VAL J 710 -34.44 -117.49 -55.00
N ILE J 711 -35.10 -118.50 -55.56
CA ILE J 711 -35.36 -118.64 -56.97
C ILE J 711 -36.81 -119.06 -57.05
N ILE J 712 -37.66 -118.14 -57.50
CA ILE J 712 -39.08 -118.38 -57.72
C ILE J 712 -39.25 -118.79 -59.18
N ALA J 713 -39.78 -119.99 -59.40
CA ALA J 713 -39.96 -120.56 -60.74
C ALA J 713 -41.27 -121.31 -60.85
N TYR J 714 -42.32 -120.67 -61.35
CA TYR J 714 -43.66 -121.21 -61.22
C TYR J 714 -43.91 -122.42 -62.12
N ARG J 715 -43.24 -123.54 -61.81
CA ARG J 715 -43.52 -124.80 -62.49
C ARG J 715 -43.22 -125.92 -61.50
N ASP J 716 -43.28 -127.16 -61.98
CA ASP J 716 -43.35 -128.35 -61.12
C ASP J 716 -41.96 -128.98 -61.11
N MET J 717 -41.05 -128.34 -60.37
CA MET J 717 -39.66 -128.77 -60.27
C MET J 717 -39.48 -129.78 -59.16
N GLN J 718 -38.61 -130.76 -59.38
CA GLN J 718 -38.43 -131.87 -58.45
C GLN J 718 -37.34 -131.55 -57.43
N LEU J 719 -37.66 -131.77 -56.17
CA LEU J 719 -36.70 -131.49 -55.10
C LEU J 719 -35.53 -132.44 -55.19
N GLU J 720 -34.34 -131.90 -55.00
CA GLU J 720 -33.11 -132.68 -55.12
C GLU J 720 -32.74 -133.32 -53.80
N ARG J 721 -32.14 -134.49 -53.91
CA ARG J 721 -31.66 -135.27 -52.78
C ARG J 721 -30.25 -134.83 -52.40
N ASP J 722 -29.99 -134.82 -51.11
CA ASP J 722 -28.73 -134.33 -50.54
C ASP J 722 -28.30 -135.34 -49.48
N GLU J 723 -27.31 -134.97 -48.69
CA GLU J 723 -26.68 -135.83 -47.70
C GLU J 723 -26.81 -135.25 -46.31
N MET J 724 -26.63 -133.94 -46.14
CA MET J 724 -27.01 -133.27 -44.90
C MET J 724 -28.51 -133.26 -44.65
N TYR J 725 -29.31 -133.44 -45.70
CA TYR J 725 -30.76 -133.55 -45.57
C TYR J 725 -31.19 -134.74 -46.39
N GLY J 726 -32.50 -134.93 -46.55
CA GLY J 726 -33.03 -135.80 -47.57
C GLY J 726 -33.44 -134.96 -48.76
N TYR J 727 -34.72 -134.65 -48.85
CA TYR J 727 -35.22 -133.74 -49.88
C TYR J 727 -35.26 -132.33 -49.33
N VAL J 728 -34.84 -131.37 -50.16
CA VAL J 728 -34.87 -129.96 -49.84
C VAL J 728 -35.07 -129.17 -51.12
N ASN J 729 -35.67 -127.99 -50.97
CA ASN J 729 -35.88 -127.04 -52.07
C ASN J 729 -34.70 -126.07 -52.18
N ILE J 730 -33.56 -126.66 -52.49
CA ILE J 730 -32.26 -126.00 -52.49
C ILE J 730 -31.73 -125.97 -53.92
N ALA J 731 -31.11 -124.84 -54.27
CA ALA J 731 -30.38 -124.67 -55.51
C ALA J 731 -28.98 -124.23 -55.15
N ARG J 732 -28.03 -124.51 -56.04
CA ARG J 732 -26.62 -124.23 -55.79
C ARG J 732 -25.85 -123.74 -57.02
N ASN J 733 -26.52 -123.21 -58.04
CA ASN J 733 -25.88 -122.69 -59.24
C ASN J 733 -26.36 -121.30 -59.62
N LEU J 734 -27.66 -121.03 -59.45
CA LEU J 734 -28.26 -119.72 -59.71
C LEU J 734 -28.06 -119.25 -61.16
N ASP J 735 -28.69 -119.97 -62.08
CA ASP J 735 -28.57 -119.70 -63.51
C ASP J 735 -29.88 -119.98 -64.23
N GLY J 736 -30.01 -119.43 -65.43
CA GLY J 736 -31.26 -119.50 -66.15
C GLY J 736 -32.37 -118.65 -65.56
N PHE J 737 -32.06 -117.71 -64.66
CA PHE J 737 -33.03 -116.85 -64.01
C PHE J 737 -32.46 -115.46 -63.84
N GLN J 738 -33.31 -114.46 -64.06
CA GLN J 738 -32.91 -113.08 -63.87
C GLN J 738 -32.53 -112.82 -62.43
N GLN J 739 -31.29 -112.42 -62.21
CA GLN J 739 -30.82 -112.12 -60.87
C GLN J 739 -31.32 -110.72 -60.57
N ILE J 740 -31.95 -110.56 -59.41
CA ILE J 740 -32.46 -109.28 -58.94
C ILE J 740 -31.93 -109.08 -57.54
N ASN J 741 -31.24 -107.97 -57.32
CA ASN J 741 -30.62 -107.70 -56.04
C ASN J 741 -31.56 -106.90 -55.17
N LEU J 742 -31.46 -107.13 -53.88
CA LEU J 742 -32.38 -106.62 -52.88
C LEU J 742 -31.86 -105.37 -52.20
N GLU J 743 -30.55 -105.27 -51.97
CA GLU J 743 -30.06 -104.08 -51.29
C GLU J 743 -30.22 -102.84 -52.16
N GLU J 744 -30.15 -102.98 -53.49
CA GLU J 744 -30.52 -101.88 -54.36
C GLU J 744 -32.02 -101.68 -54.49
N LEU J 745 -32.83 -102.68 -54.16
CA LEU J 745 -34.28 -102.59 -54.19
C LEU J 745 -34.88 -102.11 -52.88
N MET J 746 -34.26 -102.44 -51.75
CA MET J 746 -34.82 -101.97 -50.48
C MET J 746 -34.65 -100.47 -50.31
N ARG J 747 -33.67 -99.87 -50.98
CA ARG J 747 -33.41 -98.44 -50.85
C ARG J 747 -34.12 -97.65 -51.95
N THR J 748 -33.75 -97.91 -53.19
CA THR J 748 -34.53 -97.48 -54.34
C THR J 748 -35.87 -98.18 -54.34
N GLY J 749 -36.94 -97.44 -54.08
CA GLY J 749 -38.27 -97.98 -54.20
C GLY J 749 -38.72 -97.92 -55.63
N ASP J 750 -38.52 -98.98 -56.40
CA ASP J 750 -38.96 -99.04 -57.80
C ASP J 750 -39.28 -100.51 -58.03
N TYR J 751 -40.54 -100.83 -57.80
CA TYR J 751 -41.06 -102.18 -57.79
C TYR J 751 -41.88 -102.55 -59.03
N ALA J 752 -41.93 -101.70 -60.05
CA ALA J 752 -42.66 -102.08 -61.25
C ALA J 752 -42.01 -103.29 -61.92
N GLN J 753 -40.66 -103.29 -61.96
CA GLN J 753 -39.91 -104.38 -62.57
C GLN J 753 -40.17 -105.69 -61.85
N ILE J 754 -40.24 -105.66 -60.52
CA ILE J 754 -40.44 -106.88 -59.74
C ILE J 754 -41.92 -107.21 -59.56
N THR J 755 -42.79 -106.20 -59.38
CA THR J 755 -44.22 -106.48 -59.27
C THR J 755 -44.78 -107.06 -60.54
N ASN J 756 -44.27 -106.65 -61.70
CA ASN J 756 -44.75 -107.22 -62.95
C ASN J 756 -44.42 -108.70 -63.02
N MET J 757 -43.23 -109.08 -62.57
CA MET J 757 -42.82 -110.47 -62.63
C MET J 757 -43.49 -111.32 -61.56
N LEU J 758 -43.89 -110.71 -60.44
CA LEU J 758 -44.63 -111.43 -59.41
C LEU J 758 -46.09 -111.64 -59.78
N LEU J 759 -46.75 -110.57 -60.23
CA LEU J 759 -48.15 -110.67 -60.64
C LEU J 759 -48.32 -111.60 -61.83
N ASN J 760 -47.54 -111.39 -62.88
CA ASN J 760 -47.70 -112.19 -64.09
C ASN J 760 -46.92 -113.50 -64.04
N ASN J 761 -46.29 -113.82 -62.90
CA ASN J 761 -45.75 -115.15 -62.59
C ASN J 761 -44.68 -115.55 -63.61
N GLN J 762 -43.63 -114.72 -63.62
CA GLN J 762 -42.44 -114.91 -64.43
C GLN J 762 -41.30 -115.32 -63.49
N PRO J 763 -40.44 -116.27 -63.86
CA PRO J 763 -39.40 -116.70 -62.90
C PRO J 763 -38.37 -115.63 -62.61
N VAL J 764 -37.95 -115.58 -61.35
CA VAL J 764 -36.94 -114.62 -60.88
C VAL J 764 -36.01 -115.33 -59.93
N ALA J 765 -34.94 -114.60 -59.57
CA ALA J 765 -33.93 -115.08 -58.63
C ALA J 765 -33.51 -113.90 -57.76
N LEU J 766 -34.13 -113.78 -56.60
CA LEU J 766 -33.85 -112.70 -55.68
C LEU J 766 -32.59 -113.05 -54.90
N VAL J 767 -31.52 -112.29 -55.13
CA VAL J 767 -30.24 -112.50 -54.46
C VAL J 767 -30.14 -111.53 -53.29
N GLY J 768 -29.67 -112.04 -52.17
CA GLY J 768 -29.40 -111.24 -51.00
C GLY J 768 -29.36 -112.11 -49.78
N ALA J 769 -28.41 -111.82 -48.88
CA ALA J 769 -28.36 -112.45 -47.57
C ALA J 769 -29.68 -112.24 -46.85
N LEU J 770 -30.42 -113.31 -46.64
CA LEU J 770 -31.72 -113.26 -45.97
C LEU J 770 -31.93 -114.54 -45.18
N PRO J 771 -32.78 -114.50 -44.11
CA PRO J 771 -32.92 -115.69 -43.25
C PRO J 771 -33.65 -116.81 -43.94
N PHE J 772 -33.97 -117.84 -43.17
CA PHE J 772 -34.94 -118.84 -43.61
C PHE J 772 -35.41 -119.57 -42.37
N ILE J 773 -36.41 -120.42 -42.56
CA ILE J 773 -36.92 -121.31 -41.52
C ILE J 773 -36.97 -122.71 -42.07
N THR J 774 -36.47 -123.65 -41.29
CA THR J 774 -36.51 -125.06 -41.66
C THR J 774 -37.92 -125.56 -41.38
N ASP J 775 -38.61 -125.93 -42.45
CA ASP J 775 -39.92 -126.57 -42.37
C ASP J 775 -39.71 -128.07 -42.39
N SER J 776 -39.88 -128.70 -41.24
CA SER J 776 -39.64 -130.13 -41.08
C SER J 776 -40.93 -130.92 -41.24
N SER J 777 -41.80 -130.49 -42.16
CA SER J 777 -43.09 -131.10 -42.42
C SER J 777 -43.24 -131.35 -43.91
N VAL J 778 -44.23 -132.17 -44.21
CA VAL J 778 -44.53 -132.62 -45.57
C VAL J 778 -45.85 -132.05 -46.09
N ILE J 779 -46.74 -131.60 -45.21
CA ILE J 779 -48.00 -131.01 -45.66
C ILE J 779 -47.76 -129.63 -46.22
N SER J 780 -46.87 -128.86 -45.59
CA SER J 780 -46.52 -127.55 -46.11
C SER J 780 -45.84 -127.59 -47.48
N LEU J 781 -45.32 -128.74 -47.90
CA LEU J 781 -44.85 -128.93 -49.26
C LEU J 781 -46.01 -129.24 -50.19
N VAL J 782 -46.82 -130.23 -49.84
CA VAL J 782 -47.96 -130.60 -50.68
C VAL J 782 -48.97 -129.49 -50.75
N ALA J 783 -49.09 -128.68 -49.71
CA ALA J 783 -49.99 -127.55 -49.68
C ALA J 783 -49.39 -126.26 -50.23
N LYS J 784 -48.09 -126.25 -50.55
CA LYS J 784 -47.42 -125.13 -51.22
C LYS J 784 -47.49 -123.87 -50.36
N LEU J 785 -46.88 -123.98 -49.19
CA LEU J 785 -46.71 -122.85 -48.28
C LEU J 785 -45.59 -121.90 -48.71
N ASP J 786 -44.56 -122.43 -49.40
CA ASP J 786 -43.37 -121.65 -49.74
C ASP J 786 -43.66 -120.46 -50.64
N ALA J 787 -44.66 -120.58 -51.51
CA ALA J 787 -44.94 -119.53 -52.47
C ALA J 787 -45.58 -118.31 -51.83
N THR J 788 -46.10 -118.41 -50.60
CA THR J 788 -46.91 -117.35 -50.01
C THR J 788 -46.12 -116.31 -49.24
N VAL J 789 -44.78 -116.40 -49.23
CA VAL J 789 -43.97 -115.57 -48.34
C VAL J 789 -43.46 -114.31 -49.04
N PHE J 790 -44.03 -113.96 -50.21
CA PHE J 790 -43.57 -112.86 -51.05
C PHE J 790 -44.64 -111.82 -51.32
N ALA J 791 -45.92 -112.14 -51.08
CA ALA J 791 -46.99 -111.16 -51.26
C ALA J 791 -46.97 -110.04 -50.22
N GLN J 792 -46.20 -110.18 -49.14
CA GLN J 792 -46.08 -109.12 -48.13
C GLN J 792 -45.06 -108.03 -48.53
N ILE J 793 -44.61 -108.02 -49.79
CA ILE J 793 -43.69 -107.03 -50.33
C ILE J 793 -44.40 -105.98 -51.16
N VAL J 794 -45.30 -106.42 -52.04
CA VAL J 794 -46.03 -105.48 -52.90
C VAL J 794 -46.89 -104.51 -52.11
N LYS J 795 -47.40 -104.91 -50.94
CA LYS J 795 -48.15 -103.98 -50.10
C LYS J 795 -47.19 -103.11 -49.30
N LEU J 796 -46.35 -103.74 -48.48
CA LEU J 796 -45.32 -103.08 -47.69
C LEU J 796 -44.05 -103.24 -48.50
N ARG J 797 -43.63 -102.14 -49.13
CA ARG J 797 -42.49 -102.14 -50.05
C ARG J 797 -41.18 -102.54 -49.39
N LYS J 798 -41.04 -102.37 -48.08
CA LYS J 798 -39.81 -102.80 -47.44
C LYS J 798 -39.68 -104.32 -47.53
N VAL J 799 -38.62 -104.77 -48.20
CA VAL J 799 -38.19 -106.19 -48.17
C VAL J 799 -37.14 -106.32 -47.07
N ASP J 800 -37.64 -106.42 -45.83
CA ASP J 800 -36.82 -106.79 -44.68
C ASP J 800 -37.44 -107.91 -43.85
N THR J 801 -38.77 -107.99 -43.82
CA THR J 801 -39.52 -109.05 -43.12
C THR J 801 -39.79 -110.23 -44.05
N LEU J 802 -38.74 -110.69 -44.72
CA LEU J 802 -38.76 -111.81 -45.65
C LEU J 802 -37.93 -112.96 -45.09
N LYS J 803 -38.59 -114.11 -44.93
CA LYS J 803 -38.08 -115.20 -44.10
C LYS J 803 -38.61 -116.50 -44.70
N PRO J 804 -38.02 -116.94 -45.86
CA PRO J 804 -38.59 -118.06 -46.62
C PRO J 804 -38.54 -119.42 -45.96
N ILE J 805 -38.94 -120.43 -46.74
CA ILE J 805 -39.15 -121.78 -46.29
C ILE J 805 -38.04 -122.65 -46.83
N LEU J 806 -37.62 -123.63 -46.03
CA LEU J 806 -36.62 -124.62 -46.41
C LEU J 806 -37.13 -125.96 -45.93
N TYR J 807 -37.53 -126.82 -46.86
CA TYR J 807 -38.26 -128.04 -46.52
C TYR J 807 -37.26 -129.16 -46.30
N LYS J 808 -36.72 -129.28 -45.07
CA LYS J 808 -35.93 -130.46 -44.70
C LYS J 808 -36.84 -131.59 -44.20
N ILE J 809 -37.60 -132.14 -45.13
CA ILE J 809 -38.36 -133.34 -44.83
C ILE J 809 -37.36 -134.49 -44.74
N ASN J 810 -37.56 -135.37 -43.77
CA ASN J 810 -36.70 -136.52 -43.56
C ASN J 810 -37.39 -137.43 -42.53
N SER J 811 -36.68 -138.51 -42.14
CA SER J 811 -37.26 -139.58 -41.33
C SER J 811 -37.85 -139.12 -39.99
N ASP J 812 -37.36 -137.99 -39.45
CA ASP J 812 -37.80 -137.44 -38.18
C ASP J 812 -38.65 -136.19 -38.38
N SER J 813 -39.55 -136.26 -39.37
CA SER J 813 -40.46 -135.18 -39.72
C SER J 813 -41.93 -135.44 -39.34
N ASN J 814 -42.25 -136.61 -38.78
CA ASN J 814 -43.58 -137.01 -38.26
C ASN J 814 -44.66 -137.27 -39.30
N ASP J 815 -44.40 -136.97 -40.58
CA ASP J 815 -45.32 -137.17 -41.70
C ASP J 815 -44.56 -137.67 -42.92
N PHE J 816 -43.50 -138.45 -42.69
CA PHE J 816 -42.60 -138.92 -43.73
C PHE J 816 -43.12 -140.13 -44.51
N TYR J 817 -44.13 -140.82 -43.97
CA TYR J 817 -44.74 -141.98 -44.63
C TYR J 817 -45.28 -141.63 -46.01
N LEU J 818 -45.79 -140.40 -46.17
CA LEU J 818 -46.31 -139.95 -47.44
C LEU J 818 -45.27 -139.89 -48.54
N VAL J 819 -43.98 -139.78 -48.18
CA VAL J 819 -42.94 -139.84 -49.20
C VAL J 819 -42.78 -141.26 -49.72
N ALA J 820 -42.95 -142.27 -48.85
CA ALA J 820 -42.53 -143.63 -49.15
C ALA J 820 -43.66 -144.50 -49.68
N ASN J 821 -44.80 -144.49 -49.00
CA ASN J 821 -45.86 -145.45 -49.23
C ASN J 821 -46.77 -145.13 -50.41
N TYR J 822 -46.43 -144.14 -51.29
CA TYR J 822 -47.41 -143.61 -52.25
C TYR J 822 -46.89 -143.34 -53.65
N ASP J 823 -45.59 -143.53 -53.93
CA ASP J 823 -45.04 -143.60 -55.29
C ASP J 823 -45.28 -142.29 -56.06
N TRP J 824 -44.57 -141.24 -55.63
CA TRP J 824 -44.68 -139.94 -56.28
C TRP J 824 -43.42 -139.15 -56.00
N VAL J 825 -43.26 -138.07 -56.76
CA VAL J 825 -42.06 -137.24 -56.76
C VAL J 825 -42.33 -136.04 -55.86
N PRO J 826 -41.52 -135.77 -54.83
CA PRO J 826 -41.65 -134.48 -54.15
C PRO J 826 -41.16 -133.35 -55.03
N THR J 827 -42.02 -132.34 -55.19
CA THR J 827 -41.76 -131.22 -56.08
C THR J 827 -42.07 -129.90 -55.38
N SER J 828 -41.46 -128.84 -55.89
CA SER J 828 -41.81 -127.48 -55.50
C SER J 828 -41.18 -126.47 -56.43
N THR J 829 -41.91 -125.41 -56.73
CA THR J 829 -41.28 -124.13 -57.03
C THR J 829 -40.62 -123.55 -55.77
N THR J 830 -40.04 -122.36 -55.93
CA THR J 830 -39.47 -121.59 -54.81
C THR J 830 -38.33 -122.38 -54.16
N LYS J 831 -37.27 -122.56 -54.94
CA LYS J 831 -36.03 -123.13 -54.43
C LYS J 831 -35.16 -122.04 -53.81
N VAL J 832 -34.42 -122.41 -52.77
CA VAL J 832 -33.61 -121.48 -52.00
C VAL J 832 -32.14 -121.61 -52.40
N TYR J 833 -31.48 -120.48 -52.63
CA TYR J 833 -30.07 -120.44 -53.00
C TYR J 833 -29.32 -120.46 -51.68
N LYS J 834 -28.78 -121.63 -51.37
CA LYS J 834 -27.97 -121.94 -50.21
C LYS J 834 -27.01 -123.03 -50.61
N GLN J 835 -25.87 -123.04 -49.94
CA GLN J 835 -24.77 -123.93 -50.26
C GLN J 835 -24.63 -125.01 -49.20
N ILE J 836 -23.81 -125.99 -49.56
CA ILE J 836 -23.72 -127.25 -48.84
C ILE J 836 -22.50 -127.18 -47.94
N PRO J 837 -22.51 -127.73 -46.71
CA PRO J 837 -21.33 -127.64 -45.85
C PRO J 837 -20.16 -128.42 -46.39
N GLN J 838 -19.01 -128.11 -45.82
CA GLN J 838 -17.72 -128.61 -46.27
C GLN J 838 -17.42 -129.84 -45.46
N GLN J 839 -17.44 -131.00 -46.11
CA GLN J 839 -17.14 -132.25 -45.44
C GLN J 839 -15.74 -132.19 -44.85
N PHE J 840 -15.52 -132.97 -43.81
CA PHE J 840 -14.27 -132.93 -43.06
C PHE J 840 -13.32 -133.97 -43.61
N ASP J 841 -12.05 -133.59 -43.68
CA ASP J 841 -10.97 -134.49 -44.05
C ASP J 841 -9.76 -134.10 -43.24
N PHE J 842 -9.05 -135.13 -42.77
CA PHE J 842 -7.90 -134.90 -41.92
C PHE J 842 -6.73 -134.30 -42.70
N ARG J 843 -6.43 -134.90 -43.85
CA ARG J 843 -5.25 -134.55 -44.64
C ARG J 843 -5.28 -133.10 -45.10
N ALA J 844 -6.42 -132.66 -45.66
CA ALA J 844 -6.52 -131.31 -46.19
C ALA J 844 -6.48 -130.22 -45.11
N SER J 845 -6.63 -130.57 -43.82
CA SER J 845 -6.66 -129.65 -42.70
C SER J 845 -5.52 -129.84 -41.72
N MET J 846 -4.90 -131.01 -41.68
CA MET J 846 -3.71 -131.19 -40.85
C MET J 846 -2.57 -130.37 -41.41
N HIS J 847 -1.87 -129.68 -40.51
CA HIS J 847 -0.76 -128.81 -40.86
C HIS J 847 0.25 -128.83 -39.72
N MET J 848 1.42 -128.28 -40.02
CA MET J 848 2.48 -128.06 -39.07
C MET J 848 2.73 -126.56 -39.00
N LEU J 849 2.95 -126.06 -37.79
CA LEU J 849 3.11 -124.64 -37.51
C LEU J 849 4.44 -124.42 -36.83
N THR J 850 5.18 -123.42 -37.33
CA THR J 850 6.57 -123.18 -36.97
C THR J 850 6.75 -121.87 -36.22
N SER J 851 7.71 -121.84 -35.29
CA SER J 851 7.96 -120.61 -34.54
C SER J 851 9.32 -120.68 -33.89
N ASN J 852 9.71 -119.56 -33.26
CA ASN J 852 10.96 -119.44 -32.53
C ASN J 852 10.74 -119.92 -31.08
N LEU J 853 11.72 -119.66 -30.19
CA LEU J 853 11.55 -119.83 -28.74
C LEU J 853 12.05 -118.66 -27.90
N THR J 854 11.27 -118.33 -26.86
CA THR J 854 11.68 -117.65 -25.61
C THR J 854 12.35 -116.28 -25.82
N PHE J 855 12.25 -115.68 -26.99
CA PHE J 855 12.79 -114.35 -27.19
C PHE J 855 11.95 -113.32 -26.43
N THR J 856 12.61 -112.30 -25.90
CA THR J 856 11.96 -111.18 -25.21
C THR J 856 11.88 -110.00 -26.15
N VAL J 857 11.03 -109.04 -25.79
CA VAL J 857 10.77 -107.86 -26.60
C VAL J 857 10.91 -106.66 -25.68
N TYR J 858 11.95 -105.88 -25.90
CA TYR J 858 12.19 -104.63 -25.20
C TYR J 858 11.65 -103.45 -25.98
N SER J 859 11.24 -102.41 -25.25
CA SER J 859 10.51 -101.27 -25.81
C SER J 859 11.19 -99.96 -25.43
N ASP J 860 11.87 -99.91 -24.27
CA ASP J 860 12.54 -98.71 -23.77
C ASP J 860 14.01 -99.10 -23.75
N LEU J 861 14.64 -98.97 -24.91
CA LEU J 861 15.94 -99.57 -25.16
C LEU J 861 17.10 -98.58 -25.10
N LEU J 862 16.83 -97.33 -24.74
CA LEU J 862 17.83 -96.41 -24.22
C LEU J 862 18.06 -96.56 -22.72
N ALA J 863 17.31 -97.40 -22.02
CA ALA J 863 17.59 -97.65 -20.62
C ALA J 863 18.89 -98.43 -20.44
N PHE J 864 19.19 -99.34 -21.37
CA PHE J 864 20.45 -100.08 -21.34
C PHE J 864 21.68 -99.20 -21.48
N VAL J 865 21.55 -98.01 -22.07
CA VAL J 865 22.68 -97.12 -22.30
C VAL J 865 22.92 -96.35 -21.00
N SER J 866 24.13 -96.48 -20.46
CA SER J 866 24.57 -95.64 -19.35
C SER J 866 25.19 -94.38 -19.94
N ALA J 867 24.71 -93.24 -19.46
CA ALA J 867 25.11 -91.92 -19.94
C ALA J 867 25.65 -91.09 -18.80
N ASP J 868 26.48 -90.12 -19.18
CA ASP J 868 27.10 -89.21 -18.23
C ASP J 868 27.55 -88.02 -19.05
N THR J 869 27.84 -86.92 -18.36
CA THR J 869 28.20 -85.65 -18.98
C THR J 869 29.37 -85.06 -18.20
N VAL J 870 30.23 -84.38 -18.93
CA VAL J 870 31.32 -83.66 -18.29
C VAL J 870 30.76 -82.52 -17.45
N GLU J 871 31.59 -81.98 -16.57
CA GLU J 871 31.20 -80.81 -15.82
C GLU J 871 30.98 -79.65 -16.79
N PRO J 872 30.05 -78.73 -16.49
CA PRO J 872 29.74 -77.68 -17.47
C PRO J 872 30.87 -76.69 -17.68
N ILE J 873 31.69 -76.45 -16.66
CA ILE J 873 32.79 -75.48 -16.73
C ILE J 873 33.78 -75.84 -17.82
N ASN J 874 33.97 -77.14 -18.10
CA ASN J 874 34.85 -77.66 -19.14
C ASN J 874 34.02 -78.47 -20.13
N ALA J 875 33.33 -77.74 -20.99
CA ALA J 875 32.59 -78.27 -22.13
C ALA J 875 33.01 -77.49 -23.37
N VAL J 876 32.59 -78.00 -24.53
CA VAL J 876 33.11 -77.54 -25.81
C VAL J 876 31.97 -77.63 -26.81
N ALA J 877 32.08 -76.83 -27.86
CA ALA J 877 31.14 -76.79 -28.97
C ALA J 877 31.71 -77.53 -30.17
N PHE J 878 31.02 -77.39 -31.32
CA PHE J 878 31.40 -78.06 -32.56
C PHE J 878 32.81 -77.67 -33.02
N ASP J 879 33.26 -76.46 -32.71
CA ASP J 879 34.62 -76.02 -33.05
C ASP J 879 35.70 -76.60 -32.15
N ASN J 880 35.34 -77.27 -31.05
CA ASN J 880 36.22 -77.94 -30.08
C ASN J 880 36.86 -76.91 -29.16
N MET J 881 36.63 -75.61 -29.34
CA MET J 881 37.04 -74.62 -28.38
C MET J 881 35.97 -74.54 -27.31
N ARG J 882 36.36 -74.17 -26.10
CA ARG J 882 35.42 -74.27 -25.00
C ARG J 882 34.34 -73.22 -25.13
N ILE J 883 33.12 -73.72 -25.24
CA ILE J 883 31.89 -72.99 -24.97
C ILE J 883 32.09 -72.14 -23.72
N MET J 884 31.74 -70.87 -23.83
CA MET J 884 31.71 -69.91 -22.73
C MET J 884 33.10 -69.72 -22.10
N ASN J 885 34.00 -69.09 -22.88
CA ASN J 885 35.39 -68.94 -22.46
C ASN J 885 35.72 -67.59 -21.83
N GLU J 886 34.74 -66.70 -21.59
CA GLU J 886 35.01 -65.43 -20.90
C GLU J 886 34.89 -65.68 -19.40
N LEU J 887 35.86 -66.42 -18.89
CA LEU J 887 35.88 -66.83 -17.49
C LEU J 887 36.61 -65.78 -16.68
N GLY K 2 -32.04 -15.71 12.28
CA GLY K 2 -33.02 -15.08 13.15
C GLY K 2 -34.27 -15.89 13.41
N LYS K 3 -34.11 -17.22 13.42
CA LYS K 3 -35.20 -18.19 13.55
C LYS K 3 -34.96 -19.15 14.72
N TYR K 4 -33.68 -19.45 14.98
CA TYR K 4 -33.20 -20.22 16.13
C TYR K 4 -33.89 -19.88 17.44
N ASN K 5 -34.03 -18.60 17.73
CA ASN K 5 -34.63 -18.15 18.97
C ASN K 5 -36.09 -18.55 19.10
N LEU K 6 -36.82 -18.63 18.00
CA LEU K 6 -38.20 -19.10 18.08
C LEU K 6 -38.26 -20.58 18.47
N ILE K 7 -37.37 -21.38 17.89
CA ILE K 7 -37.30 -22.80 18.24
C ILE K 7 -36.82 -22.95 19.68
N LEU K 8 -35.95 -22.05 20.14
CA LEU K 8 -35.52 -22.04 21.53
C LEU K 8 -36.71 -21.81 22.46
N SER K 9 -37.55 -20.83 22.13
CA SER K 9 -38.72 -20.53 22.95
C SER K 9 -39.66 -21.73 23.01
N GLU K 10 -39.87 -22.39 21.87
CA GLU K 10 -40.77 -23.53 21.84
C GLU K 10 -40.20 -24.71 22.61
N TYR K 11 -38.88 -24.91 22.52
CA TYR K 11 -38.20 -25.95 23.27
C TYR K 11 -38.34 -25.74 24.77
N LEU K 12 -38.13 -24.50 25.23
CA LEU K 12 -38.29 -24.18 26.64
C LEU K 12 -39.70 -24.44 27.10
N SER K 13 -40.69 -24.00 26.31
CA SER K 13 -42.08 -24.22 26.66
C SER K 13 -42.40 -25.70 26.75
N PHE K 14 -41.79 -26.50 25.87
CA PHE K 14 -42.09 -27.93 25.84
C PHE K 14 -41.44 -28.74 26.95
N ILE K 15 -40.19 -28.44 27.28
CA ILE K 15 -39.45 -29.33 28.18
C ILE K 15 -39.87 -29.18 29.64
N TYR K 16 -40.19 -27.95 30.07
CA TYR K 16 -40.47 -27.64 31.47
C TYR K 16 -41.95 -27.70 31.80
N ASN K 17 -42.79 -26.95 31.09
CA ASN K 17 -44.25 -27.12 31.09
C ASN K 17 -44.96 -26.73 32.39
N SER K 18 -44.22 -26.30 33.41
CA SER K 18 -44.77 -26.13 34.76
C SER K 18 -45.23 -24.70 35.02
N GLN K 19 -46.17 -24.57 35.96
CA GLN K 19 -46.51 -23.27 36.54
C GLN K 19 -45.26 -22.58 37.04
N SER K 20 -44.41 -23.32 37.77
CA SER K 20 -43.16 -22.81 38.30
C SER K 20 -42.14 -22.47 37.22
N ALA K 21 -42.31 -22.96 36.00
CA ALA K 21 -41.37 -22.70 34.91
C ALA K 21 -41.66 -21.34 34.31
N VAL K 22 -40.74 -20.41 34.56
CA VAL K 22 -40.79 -19.02 34.11
C VAL K 22 -39.61 -18.71 33.19
N GLN K 23 -39.80 -17.71 32.31
CA GLN K 23 -38.90 -17.39 31.20
C GLN K 23 -38.57 -15.90 31.22
N ILE K 24 -37.28 -15.58 31.21
CA ILE K 24 -36.73 -14.27 31.56
C ILE K 24 -35.75 -13.82 30.47
N PRO K 25 -36.16 -13.06 29.46
CA PRO K 25 -35.17 -12.53 28.52
C PRO K 25 -34.25 -11.48 29.12
N ILE K 26 -33.14 -11.25 28.41
CA ILE K 26 -32.19 -10.19 28.72
C ILE K 26 -31.74 -9.69 27.35
N TYR K 27 -31.66 -8.37 27.20
CA TYR K 27 -31.41 -7.71 25.92
C TYR K 27 -30.23 -6.76 26.03
N TYR K 28 -29.83 -6.23 24.88
CA TYR K 28 -28.76 -5.25 24.77
C TYR K 28 -28.92 -4.45 23.50
N SER K 29 -28.35 -3.25 23.55
CA SER K 29 -28.34 -2.32 22.45
C SER K 29 -27.11 -1.45 22.59
N SER K 30 -26.51 -1.10 21.47
CA SER K 30 -25.35 -0.23 21.43
C SER K 30 -25.69 1.24 21.65
N ASN K 31 -26.98 1.59 21.72
CA ASN K 31 -27.46 2.95 21.88
C ASN K 31 -27.78 3.13 23.34
N SER K 32 -27.18 4.18 23.91
CA SER K 32 -27.26 4.55 25.32
C SER K 32 -28.67 4.51 25.89
N GLU K 33 -29.56 5.37 25.37
CA GLU K 33 -30.95 5.43 25.84
C GLU K 33 -31.64 4.07 25.84
N LEU K 34 -31.62 3.36 24.70
CA LEU K 34 -32.26 2.05 24.63
C LEU K 34 -31.58 1.06 25.56
N GLU K 35 -30.26 1.21 25.76
CA GLU K 35 -29.56 0.33 26.66
C GLU K 35 -29.97 0.58 28.10
N ASN K 36 -30.15 1.86 28.49
CA ASN K 36 -30.58 2.14 29.84
C ASN K 36 -32.03 1.67 30.05
N ARG K 37 -32.83 1.70 28.98
CA ARG K 37 -34.18 1.17 29.10
C ARG K 37 -34.14 -0.36 29.18
N CYS K 38 -33.11 -0.98 28.62
CA CYS K 38 -32.96 -2.43 28.73
C CYS K 38 -32.59 -2.78 30.16
N ILE K 39 -31.65 -2.01 30.73
CA ILE K 39 -31.25 -2.16 32.14
C ILE K 39 -32.49 -2.09 33.03
N GLU K 40 -33.32 -1.06 32.80
CA GLU K 40 -34.59 -0.87 33.49
C GLU K 40 -35.46 -2.12 33.41
N PHE K 41 -35.76 -2.52 32.16
CA PHE K 41 -36.55 -3.72 31.85
C PHE K 41 -36.05 -4.94 32.63
N HIS K 42 -34.74 -5.15 32.59
CA HIS K 42 -34.06 -6.23 33.33
C HIS K 42 -34.41 -6.20 34.79
N SER K 43 -34.04 -5.09 35.46
CA SER K 43 -34.33 -4.79 36.87
C SER K 43 -35.76 -5.16 37.22
N LYS K 44 -36.73 -4.40 36.68
CA LYS K 44 -38.16 -4.64 36.88
C LYS K 44 -38.59 -6.10 36.66
N CYS K 45 -37.95 -6.81 35.71
CA CYS K 45 -38.32 -8.19 35.45
C CYS K 45 -37.83 -9.09 36.58
N LEU K 46 -36.58 -8.90 37.00
CA LEU K 46 -36.02 -9.65 38.12
C LEU K 46 -36.84 -9.43 39.39
N GLU K 47 -37.12 -8.16 39.70
CA GLU K 47 -37.92 -7.77 40.87
C GLU K 47 -39.27 -8.48 40.87
N ASN K 48 -40.02 -8.32 39.77
CA ASN K 48 -41.34 -8.92 39.61
C ASN K 48 -41.26 -10.44 39.76
N SER K 49 -40.20 -11.05 39.21
CA SER K 49 -39.99 -12.49 39.37
C SER K 49 -39.75 -12.82 40.83
N LYS K 50 -38.92 -12.00 41.50
CA LYS K 50 -38.56 -12.01 42.92
C LYS K 50 -39.61 -11.39 43.85
N ASN K 51 -40.87 -11.50 43.49
CA ASN K 51 -42.00 -10.99 44.28
C ASN K 51 -43.28 -11.75 44.00
N GLY K 52 -43.22 -12.93 43.36
CA GLY K 52 -44.37 -13.77 43.02
C GLY K 52 -45.50 -13.05 42.36
N LEU K 53 -45.17 -12.13 41.46
CA LEU K 53 -46.12 -11.36 40.69
C LEU K 53 -46.17 -11.92 39.28
N SER K 54 -47.32 -11.75 38.62
CA SER K 54 -47.45 -12.24 37.26
C SER K 54 -46.53 -11.40 36.39
N LEU K 55 -45.74 -12.08 35.54
CA LEU K 55 -44.80 -11.41 34.67
C LEU K 55 -45.40 -10.98 33.34
N LYS K 56 -46.57 -11.50 32.96
CA LYS K 56 -47.12 -11.35 31.62
C LYS K 56 -47.61 -9.93 31.28
N LYS K 57 -47.51 -8.96 32.21
CA LYS K 57 -48.19 -7.68 32.10
C LYS K 57 -47.24 -6.65 31.49
N LEU K 58 -46.00 -6.69 31.97
CA LEU K 58 -44.90 -5.81 31.56
C LEU K 58 -44.50 -6.01 30.10
N PHE K 59 -44.65 -7.22 29.56
CA PHE K 59 -44.22 -7.57 28.20
C PHE K 59 -44.81 -6.71 27.08
N VAL K 60 -45.92 -6.02 27.33
CA VAL K 60 -46.54 -5.13 26.34
C VAL K 60 -45.99 -3.72 26.45
N GLU K 61 -45.87 -3.25 27.69
CA GLU K 61 -45.36 -1.92 28.04
C GLU K 61 -44.01 -1.58 27.41
N TYR K 62 -43.09 -2.53 27.37
CA TYR K 62 -41.73 -2.31 26.86
C TYR K 62 -41.53 -2.90 25.46
N SER K 63 -42.52 -2.63 24.60
CA SER K 63 -42.50 -3.04 23.20
C SER K 63 -41.24 -2.60 22.45
N ASP K 64 -40.66 -1.44 22.81
CA ASP K 64 -39.47 -0.89 22.16
C ASP K 64 -38.31 -1.89 22.21
N VAL K 65 -38.10 -2.53 23.36
CA VAL K 65 -37.05 -3.50 23.52
C VAL K 65 -37.33 -4.69 22.60
N ILE K 66 -38.61 -5.05 22.45
CA ILE K 66 -38.99 -6.16 21.59
C ILE K 66 -38.73 -5.84 20.12
N GLU K 67 -38.81 -4.56 19.72
CA GLU K 67 -38.64 -4.23 18.31
C GLU K 67 -37.21 -3.95 17.90
N ASN K 68 -36.49 -3.13 18.67
CA ASN K 68 -35.12 -2.72 18.32
C ASN K 68 -33.99 -3.40 19.07
N ALA K 69 -34.18 -3.87 20.31
CA ALA K 69 -33.06 -4.49 21.00
C ALA K 69 -32.74 -5.89 20.52
N THR K 70 -31.53 -6.34 20.89
CA THR K 70 -30.98 -7.64 20.55
C THR K 70 -31.00 -8.57 21.76
N LEU K 71 -31.51 -9.78 21.60
CA LEU K 71 -31.53 -10.78 22.65
C LEU K 71 -30.14 -11.31 22.95
N LEU K 72 -29.91 -11.73 24.21
CA LEU K 72 -28.72 -12.50 24.58
C LEU K 72 -29.05 -13.95 24.93
N SER K 73 -29.97 -14.13 25.87
CA SER K 73 -30.12 -15.39 26.58
C SER K 73 -31.50 -15.41 27.19
N ILE K 74 -31.84 -16.56 27.76
CA ILE K 74 -33.09 -16.75 28.49
C ILE K 74 -32.72 -17.57 29.71
N LEU K 75 -33.11 -17.08 30.88
CA LEU K 75 -32.97 -17.82 32.13
C LEU K 75 -34.21 -18.66 32.38
N SER K 76 -34.11 -19.55 33.37
CA SER K 76 -35.19 -20.46 33.70
C SER K 76 -35.10 -20.88 35.15
N TYR K 77 -36.16 -20.61 35.90
CA TYR K 77 -36.32 -21.06 37.28
C TYR K 77 -37.35 -22.17 37.16
N SER K 78 -36.90 -23.40 37.35
CA SER K 78 -37.76 -24.56 37.41
C SER K 78 -37.10 -25.55 38.34
N TYR K 79 -37.90 -26.25 39.13
CA TYR K 79 -37.37 -27.11 40.19
C TYR K 79 -36.81 -28.41 39.57
N ASP K 80 -36.54 -29.41 40.43
CA ASP K 80 -35.92 -30.67 40.02
C ASP K 80 -36.72 -31.37 38.93
N LYS K 81 -37.93 -31.79 39.26
CA LYS K 81 -38.84 -32.49 38.36
C LYS K 81 -38.17 -33.72 37.74
N TYR K 82 -37.77 -34.63 38.61
CA TYR K 82 -36.95 -35.75 38.17
C TYR K 82 -37.84 -36.73 37.41
N ASN K 83 -37.23 -37.47 36.48
CA ASN K 83 -37.85 -38.58 35.77
C ASN K 83 -38.87 -38.10 34.74
N ALA K 84 -38.77 -36.86 34.25
CA ALA K 84 -39.74 -36.39 33.28
C ALA K 84 -39.61 -37.02 31.90
N VAL K 85 -38.48 -37.66 31.59
CA VAL K 85 -38.27 -38.27 30.29
C VAL K 85 -39.27 -39.40 30.03
N GLU K 86 -39.42 -40.31 31.00
CA GLU K 86 -40.42 -41.36 30.88
C GLU K 86 -41.84 -40.81 30.84
N ARG K 87 -42.11 -39.83 31.69
CA ARG K 87 -43.40 -39.20 31.84
C ARG K 87 -43.87 -38.52 30.56
N LYS K 88 -42.93 -38.13 29.68
CA LYS K 88 -43.24 -37.74 28.30
C LYS K 88 -43.21 -38.92 27.32
N LEU K 89 -42.27 -39.86 27.52
CA LEU K 89 -41.88 -40.81 26.48
C LEU K 89 -42.79 -42.01 26.31
N VAL K 90 -43.62 -42.35 27.31
CA VAL K 90 -44.50 -43.53 27.23
C VAL K 90 -45.38 -43.57 25.98
N LYS K 91 -45.76 -42.42 25.44
CA LYS K 91 -46.66 -42.39 24.30
C LYS K 91 -45.98 -42.81 23.01
N TYR K 92 -44.69 -42.48 22.85
CA TYR K 92 -43.95 -42.73 21.62
C TYR K 92 -43.25 -44.09 21.64
N ALA K 93 -43.79 -45.05 22.38
CA ALA K 93 -43.16 -46.34 22.67
C ALA K 93 -44.20 -47.46 22.69
N LYS K 94 -45.29 -47.31 21.93
CA LYS K 94 -46.36 -48.30 21.90
C LYS K 94 -46.10 -49.48 20.97
N GLY K 95 -44.97 -49.55 20.27
CA GLY K 95 -44.62 -50.74 19.54
C GLY K 95 -44.01 -51.75 20.49
N LYS K 96 -43.52 -52.86 19.91
CA LYS K 96 -42.94 -53.95 20.71
C LYS K 96 -41.43 -53.72 20.89
N PRO K 97 -40.82 -53.96 22.06
CA PRO K 97 -39.36 -53.86 22.14
C PRO K 97 -38.64 -54.97 21.39
N LEU K 98 -37.32 -54.82 21.34
CA LEU K 98 -36.41 -55.65 20.54
C LEU K 98 -35.58 -56.60 21.37
N GLU K 99 -35.36 -57.79 20.79
CA GLU K 99 -34.54 -58.84 21.39
C GLU K 99 -33.22 -58.96 20.64
N ALA K 100 -32.13 -59.05 21.40
CA ALA K 100 -30.79 -59.27 20.87
C ALA K 100 -30.65 -60.68 20.32
N ASP K 101 -29.44 -60.99 19.82
CA ASP K 101 -29.12 -62.35 19.37
C ASP K 101 -27.63 -62.53 19.64
N LEU K 102 -27.34 -63.20 20.76
CA LEU K 102 -25.99 -63.32 21.31
C LEU K 102 -25.04 -64.16 20.44
N THR K 103 -25.55 -64.99 19.54
CA THR K 103 -24.75 -65.92 18.74
C THR K 103 -24.43 -65.36 17.36
N VAL K 104 -24.17 -64.05 17.28
CA VAL K 104 -23.89 -63.36 16.02
C VAL K 104 -22.42 -62.95 15.92
N ASN K 105 -21.93 -62.20 16.90
CA ASN K 105 -20.53 -61.79 16.91
C ASN K 105 -19.64 -62.93 17.36
N GLU K 106 -18.41 -62.92 16.84
CA GLU K 106 -17.43 -63.97 17.13
C GLU K 106 -17.09 -63.99 18.61
N LEU K 107 -16.73 -62.84 19.17
CA LEU K 107 -16.33 -62.80 20.56
C LEU K 107 -17.56 -62.98 21.45
N ASP K 108 -17.34 -62.92 22.77
CA ASP K 108 -18.40 -63.04 23.77
C ASP K 108 -18.86 -61.69 24.27
N TYR K 109 -17.92 -60.83 24.63
CA TYR K 109 -18.26 -59.52 25.19
C TYR K 109 -18.70 -58.51 24.14
N GLU K 110 -18.46 -58.76 22.86
CA GLU K 110 -18.95 -57.87 21.81
C GLU K 110 -20.42 -58.06 21.47
N ASN K 111 -21.14 -58.93 22.17
CA ASN K 111 -22.58 -59.05 22.03
C ASN K 111 -23.26 -58.08 22.96
N ASN K 112 -24.49 -57.73 22.62
CA ASN K 112 -25.26 -56.72 23.34
C ASN K 112 -26.15 -57.41 24.38
N LYS K 113 -25.48 -58.12 25.28
CA LYS K 113 -26.09 -58.85 26.37
C LYS K 113 -26.03 -57.98 27.62
N ILE K 114 -26.61 -58.48 28.71
CA ILE K 114 -26.72 -57.68 29.92
C ILE K 114 -25.34 -57.55 30.53
N THR K 115 -25.12 -56.40 31.16
CA THR K 115 -23.85 -56.04 31.77
C THR K 115 -23.44 -57.05 32.83
N SER K 116 -24.38 -57.40 33.71
CA SER K 116 -24.10 -58.31 34.83
C SER K 116 -23.65 -59.70 34.36
N GLU K 117 -24.04 -60.11 33.15
CA GLU K 117 -23.53 -61.37 32.59
C GLU K 117 -22.08 -61.27 32.11
N LEU K 118 -21.47 -60.08 32.14
CA LEU K 118 -20.10 -59.84 31.67
C LEU K 118 -19.25 -59.05 32.66
N PHE K 119 -19.86 -58.37 33.63
CA PHE K 119 -19.14 -57.53 34.59
C PHE K 119 -19.91 -57.61 35.89
N PRO K 120 -19.79 -58.72 36.64
CA PRO K 120 -20.50 -58.81 37.93
C PRO K 120 -20.09 -57.78 38.96
N THR K 121 -18.79 -57.50 39.06
CA THR K 121 -18.27 -56.49 39.97
C THR K 121 -18.12 -55.16 39.26
N ALA K 122 -18.45 -54.09 39.98
CA ALA K 122 -18.24 -52.75 39.42
C ALA K 122 -16.75 -52.41 39.37
N GLU K 123 -15.92 -53.02 40.23
CA GLU K 123 -14.49 -52.74 40.22
C GLU K 123 -13.82 -53.23 38.94
N GLU K 124 -14.43 -54.18 38.23
CA GLU K 124 -13.98 -54.66 36.94
C GLU K 124 -14.89 -54.20 35.81
N TYR K 125 -15.84 -53.30 36.08
CA TYR K 125 -16.68 -52.72 35.06
C TYR K 125 -15.88 -51.63 34.36
N THR K 126 -16.20 -51.39 33.10
CA THR K 126 -15.54 -50.36 32.32
C THR K 126 -16.53 -49.96 31.24
N ASP K 127 -16.86 -48.68 31.19
CA ASP K 127 -17.70 -48.14 30.13
C ASP K 127 -16.92 -47.76 28.88
N LEU K 128 -15.65 -48.16 28.78
CA LEU K 128 -14.80 -47.65 27.72
C LEU K 128 -15.02 -48.41 26.43
N LEU K 129 -15.54 -49.64 26.53
CA LEU K 129 -15.88 -50.42 25.35
C LEU K 129 -17.16 -49.95 24.67
N MET K 130 -17.94 -49.05 25.31
CA MET K 130 -19.11 -48.44 24.67
C MET K 130 -19.26 -46.95 25.02
N ASP K 131 -18.21 -46.30 25.50
CA ASP K 131 -18.26 -44.89 25.87
C ASP K 131 -18.67 -43.99 24.70
N PRO K 132 -19.78 -43.24 24.77
CA PRO K 132 -20.05 -42.26 23.71
C PRO K 132 -18.98 -41.19 23.61
N ALA K 133 -18.38 -40.86 24.76
CA ALA K 133 -17.34 -39.85 24.89
C ALA K 133 -17.75 -38.47 24.39
N ILE K 134 -18.80 -37.95 25.01
CA ILE K 134 -19.37 -36.67 24.63
C ILE K 134 -20.15 -36.18 25.83
N LEU K 135 -20.04 -34.88 26.14
CA LEU K 135 -20.72 -34.32 27.31
C LEU K 135 -22.13 -33.89 26.94
N THR K 136 -22.94 -34.91 26.59
CA THR K 136 -24.37 -34.78 26.38
C THR K 136 -24.96 -36.18 26.45
N SER K 137 -26.12 -36.30 27.05
CA SER K 137 -26.70 -37.56 27.47
C SER K 137 -27.60 -38.10 26.35
N LEU K 138 -27.87 -39.40 26.42
CA LEU K 138 -28.90 -39.97 25.56
C LEU K 138 -30.25 -39.33 25.83
N SER K 139 -30.55 -39.02 27.09
CA SER K 139 -31.82 -38.42 27.43
C SER K 139 -31.98 -37.06 26.75
N SER K 140 -30.91 -36.27 26.72
CA SER K 140 -30.86 -35.04 25.92
C SER K 140 -31.27 -35.31 24.47
N ASN K 141 -30.69 -36.35 23.85
CA ASN K 141 -30.97 -36.67 22.46
C ASN K 141 -32.44 -37.02 22.28
N LEU K 142 -32.97 -37.81 23.21
CA LEU K 142 -34.36 -38.24 23.16
C LEU K 142 -35.29 -37.05 23.33
N ASN K 143 -34.98 -36.15 24.27
CA ASN K 143 -35.76 -34.94 24.47
C ASN K 143 -35.81 -34.12 23.19
N ALA K 144 -34.67 -34.00 22.50
CA ALA K 144 -34.62 -33.24 21.25
C ALA K 144 -35.52 -33.87 20.20
N VAL K 145 -35.38 -35.19 20.04
CA VAL K 145 -36.18 -35.96 19.09
C VAL K 145 -37.66 -35.80 19.37
N MET K 146 -38.04 -35.90 20.64
CA MET K 146 -39.46 -35.84 21.00
C MET K 146 -40.01 -34.45 20.78
N PHE K 147 -39.21 -33.41 21.05
CA PHE K 147 -39.66 -32.06 20.76
C PHE K 147 -39.85 -31.82 19.28
N TRP K 148 -38.91 -32.30 18.45
CA TRP K 148 -39.05 -32.23 17.01
C TRP K 148 -40.34 -32.92 16.56
N LEU K 149 -40.54 -34.15 17.04
CA LEU K 149 -41.74 -34.92 16.70
C LEU K 149 -43.02 -34.20 17.14
N GLU K 150 -42.96 -33.50 18.28
CA GLU K 150 -44.16 -32.83 18.79
C GLU K 150 -44.50 -31.63 17.95
N LYS K 151 -43.50 -30.83 17.59
CA LYS K 151 -43.77 -29.64 16.80
C LYS K 151 -44.22 -29.99 15.38
N HIS K 152 -43.68 -31.06 14.80
CA HIS K 152 -44.11 -31.60 13.51
C HIS K 152 -45.21 -32.65 13.64
N GLU K 153 -46.27 -32.30 14.39
CA GLU K 153 -47.41 -33.18 14.66
C GLU K 153 -48.66 -32.80 13.86
N ASN K 154 -48.64 -31.71 13.09
CA ASN K 154 -49.81 -31.17 12.40
C ASN K 154 -49.54 -30.82 10.95
N ASP K 155 -48.33 -31.05 10.44
CA ASP K 155 -48.03 -30.77 9.04
C ASP K 155 -48.61 -31.86 8.15
N VAL K 156 -48.99 -31.46 6.93
CA VAL K 156 -49.57 -32.37 5.93
C VAL K 156 -48.89 -32.09 4.58
N ALA K 157 -47.83 -32.83 4.30
CA ALA K 157 -47.05 -32.72 3.08
C ALA K 157 -46.10 -33.90 3.05
N GLU K 158 -45.09 -33.84 2.18
CA GLU K 158 -43.92 -34.70 2.28
C GLU K 158 -43.31 -34.71 3.68
N LYS K 159 -43.34 -33.55 4.36
CA LYS K 159 -42.93 -33.42 5.76
C LYS K 159 -43.63 -34.43 6.64
N LEU K 160 -44.91 -34.69 6.37
CA LEU K 160 -45.61 -35.70 7.15
C LEU K 160 -45.10 -37.09 6.84
N LYS K 161 -44.69 -37.36 5.59
CA LYS K 161 -44.06 -38.64 5.31
C LYS K 161 -42.75 -38.80 6.06
N ILE K 162 -42.05 -37.68 6.29
CA ILE K 162 -40.85 -37.74 7.12
C ILE K 162 -41.25 -38.02 8.55
N TYR K 163 -42.35 -37.41 9.00
CA TYR K 163 -42.72 -37.53 10.40
C TYR K 163 -43.17 -38.95 10.70
N LYS K 164 -43.95 -39.57 9.79
CA LYS K 164 -44.37 -40.95 9.98
C LYS K 164 -43.19 -41.90 9.99
N ARG K 165 -42.21 -41.67 9.11
CA ARG K 165 -41.04 -42.54 9.03
C ARG K 165 -40.22 -42.46 10.31
N ARG K 166 -39.85 -41.24 10.69
CA ARG K 166 -39.06 -41.07 11.92
C ARG K 166 -39.86 -41.47 13.15
N LEU K 167 -41.19 -41.35 13.13
CA LEU K 167 -41.98 -41.80 14.26
C LEU K 167 -41.93 -43.31 14.41
N ASP K 168 -42.01 -44.04 13.29
CA ASP K 168 -41.87 -45.49 13.37
C ASP K 168 -40.49 -45.91 13.87
N LEU K 169 -39.44 -45.23 13.39
CA LEU K 169 -38.09 -45.53 13.84
C LEU K 169 -37.92 -45.23 15.33
N PHE K 170 -38.38 -44.05 15.75
CA PHE K 170 -38.28 -43.66 17.14
C PHE K 170 -39.17 -44.53 18.02
N THR K 171 -40.26 -45.06 17.47
CA THR K 171 -41.06 -46.05 18.19
C THR K 171 -40.22 -47.30 18.47
N ILE K 172 -39.50 -47.79 17.45
CA ILE K 172 -38.64 -48.96 17.62
C ILE K 172 -37.59 -48.71 18.69
N VAL K 173 -37.05 -47.50 18.71
CA VAL K 173 -36.01 -47.16 19.66
C VAL K 173 -36.62 -47.03 21.06
N ALA K 174 -37.73 -46.31 21.18
CA ALA K 174 -38.25 -46.01 22.50
C ALA K 174 -38.87 -47.27 23.09
N SER K 175 -39.36 -48.16 22.24
CA SER K 175 -39.76 -49.47 22.69
C SER K 175 -38.59 -50.22 23.29
N THR K 176 -37.43 -50.17 22.63
CA THR K 176 -36.25 -50.83 23.18
C THR K 176 -35.80 -50.22 24.52
N VAL K 177 -35.85 -48.90 24.65
CA VAL K 177 -35.36 -48.26 25.88
C VAL K 177 -36.35 -48.51 27.03
N ASN K 178 -37.64 -48.20 26.83
CA ASN K 178 -38.70 -48.34 27.83
C ASN K 178 -38.86 -49.75 28.38
N LYS K 179 -38.35 -50.79 27.70
CA LYS K 179 -38.36 -52.15 28.25
C LYS K 179 -37.68 -52.19 29.62
N TYR K 180 -36.62 -51.37 29.80
CA TYR K 180 -35.84 -51.27 31.03
C TYR K 180 -35.86 -49.87 31.62
N GLY K 181 -35.52 -48.83 30.84
CA GLY K 181 -35.52 -47.46 31.29
C GLY K 181 -34.35 -46.69 30.73
N VAL K 182 -34.20 -45.47 31.24
CA VAL K 182 -33.18 -44.52 30.77
C VAL K 182 -32.04 -44.55 31.79
N PRO K 183 -30.78 -44.70 31.37
CA PRO K 183 -29.67 -44.44 32.28
C PRO K 183 -29.51 -42.96 32.60
N ARG K 184 -29.15 -42.71 33.87
CA ARG K 184 -29.02 -41.36 34.41
C ARG K 184 -27.53 -41.03 34.53
N HIS K 185 -27.15 -39.91 33.92
CA HIS K 185 -25.79 -39.40 33.96
C HIS K 185 -25.42 -38.83 35.32
N ASN K 186 -24.14 -38.97 35.65
CA ASN K 186 -23.53 -38.34 36.81
C ASN K 186 -23.04 -36.95 36.38
N ALA K 187 -22.26 -36.30 37.26
CA ALA K 187 -21.75 -34.96 36.95
C ALA K 187 -20.79 -34.96 35.76
N LYS K 188 -20.09 -36.07 35.51
CA LYS K 188 -19.08 -36.18 34.47
C LYS K 188 -19.63 -36.72 33.14
N TYR K 189 -20.96 -36.88 33.02
CA TYR K 189 -21.63 -37.51 31.87
C TYR K 189 -21.22 -38.98 31.67
N ARG K 190 -20.66 -39.63 32.70
CA ARG K 190 -20.46 -41.05 32.70
C ARG K 190 -21.74 -41.76 33.11
N TYR K 191 -21.73 -43.07 32.90
CA TYR K 191 -22.80 -43.97 33.27
C TYR K 191 -22.12 -45.05 34.11
N GLU K 192 -22.44 -45.08 35.39
CA GLU K 192 -21.77 -45.94 36.35
C GLU K 192 -22.31 -47.36 36.20
N TYR K 193 -21.73 -48.28 36.98
CA TYR K 193 -22.20 -49.66 36.96
C TYR K 193 -23.63 -49.78 37.46
N GLU K 194 -23.96 -49.06 38.53
CA GLU K 194 -25.20 -49.27 39.26
C GLU K 194 -26.46 -48.90 38.48
N VAL K 195 -26.34 -48.22 37.33
CA VAL K 195 -27.46 -47.93 36.43
C VAL K 195 -27.51 -48.91 35.27
N MET K 196 -26.35 -49.30 34.74
CA MET K 196 -26.25 -50.24 33.62
C MET K 196 -26.28 -51.71 34.05
N LYS K 197 -26.37 -51.99 35.35
CA LYS K 197 -26.29 -53.36 35.88
C LYS K 197 -27.37 -54.29 35.32
N ASP K 198 -28.52 -53.74 34.91
CA ASP K 198 -29.70 -54.51 34.55
C ASP K 198 -30.16 -54.18 33.13
N LYS K 199 -29.22 -53.83 32.26
CA LYS K 199 -29.51 -53.33 30.92
C LYS K 199 -28.42 -53.81 29.98
N PRO K 200 -28.65 -53.76 28.66
CA PRO K 200 -27.61 -54.18 27.73
C PRO K 200 -26.45 -53.22 27.73
N TYR K 201 -25.25 -53.77 27.56
CA TYR K 201 -24.05 -52.94 27.65
C TYR K 201 -23.97 -51.95 26.50
N TYR K 202 -24.37 -52.37 25.30
CA TYR K 202 -24.24 -51.57 24.09
C TYR K 202 -25.56 -50.93 23.67
N LEU K 203 -26.41 -50.58 24.64
CA LEU K 203 -27.68 -49.93 24.32
C LEU K 203 -27.51 -48.46 24.05
N VAL K 204 -26.56 -47.80 24.70
CA VAL K 204 -26.44 -46.36 24.58
C VAL K 204 -25.90 -45.97 23.22
N THR K 205 -24.80 -46.60 22.79
CA THR K 205 -24.20 -46.30 21.50
C THR K 205 -25.18 -46.60 20.38
N TRP K 206 -25.88 -47.74 20.49
CA TRP K 206 -26.92 -48.09 19.54
C TRP K 206 -27.99 -47.01 19.49
N ALA K 207 -28.41 -46.53 20.66
CA ALA K 207 -29.41 -45.48 20.75
C ALA K 207 -28.96 -44.22 20.06
N ASN K 208 -27.77 -43.73 20.43
CA ASN K 208 -27.23 -42.48 19.87
C ASN K 208 -27.04 -42.59 18.37
N SER K 209 -26.45 -43.68 17.90
CA SER K 209 -26.23 -43.89 16.48
C SER K 209 -27.56 -43.97 15.74
N SER K 210 -28.56 -44.59 16.36
CA SER K 210 -29.86 -44.75 15.72
C SER K 210 -30.56 -43.40 15.63
N ILE K 211 -30.42 -42.58 16.66
CA ILE K 211 -30.95 -41.22 16.63
C ILE K 211 -30.31 -40.44 15.51
N GLU K 212 -28.98 -40.55 15.39
CA GLU K 212 -28.26 -39.86 14.32
C GLU K 212 -28.72 -40.32 12.94
N MET K 213 -28.98 -41.62 12.78
CA MET K 213 -29.45 -42.10 11.48
C MET K 213 -30.87 -41.63 11.19
N LEU K 214 -31.79 -41.83 12.12
CA LEU K 214 -33.19 -41.49 11.87
C LEU K 214 -33.41 -39.98 11.73
N MET K 215 -32.54 -39.17 12.34
CA MET K 215 -32.53 -37.74 12.07
C MET K 215 -31.95 -37.37 10.70
N SER K 216 -31.49 -38.34 9.89
CA SER K 216 -30.94 -38.13 8.56
C SER K 216 -31.73 -38.91 7.53
N VAL K 217 -33.06 -38.93 7.69
CA VAL K 217 -33.99 -39.64 6.82
C VAL K 217 -34.88 -38.63 6.15
N PHE K 218 -34.83 -38.61 4.82
CA PHE K 218 -35.62 -37.72 3.98
C PHE K 218 -36.37 -38.42 2.85
N SER K 219 -36.24 -39.74 2.71
CA SER K 219 -36.79 -40.47 1.58
C SER K 219 -37.12 -41.90 2.01
N HIS K 220 -37.76 -42.63 1.09
CA HIS K 220 -38.18 -43.99 1.38
C HIS K 220 -36.98 -44.91 1.55
N GLU K 221 -36.03 -44.84 0.62
CA GLU K 221 -34.83 -45.67 0.68
C GLU K 221 -34.02 -45.39 1.94
N ASP K 222 -34.02 -44.14 2.41
CA ASP K 222 -33.42 -43.81 3.69
C ASP K 222 -34.11 -44.55 4.83
N TYR K 223 -35.45 -44.60 4.80
CA TYR K 223 -36.21 -45.34 5.80
C TYR K 223 -35.86 -46.82 5.78
N LEU K 224 -35.73 -47.40 4.57
CA LEU K 224 -35.39 -48.81 4.43
C LEU K 224 -34.04 -49.10 5.07
N ILE K 225 -33.05 -48.29 4.71
CA ILE K 225 -31.69 -48.40 5.23
C ILE K 225 -31.70 -48.28 6.74
N ALA K 226 -32.45 -47.31 7.27
CA ALA K 226 -32.43 -47.07 8.70
C ALA K 226 -33.07 -48.20 9.48
N ARG K 227 -34.22 -48.70 9.01
CA ARG K 227 -34.84 -49.84 9.70
C ARG K 227 -34.00 -51.10 9.57
N GLU K 228 -33.22 -51.22 8.49
CA GLU K 228 -32.47 -52.44 8.25
C GLU K 228 -31.11 -52.42 8.94
N LEU K 229 -30.59 -51.25 9.34
CA LEU K 229 -29.37 -51.13 10.14
C LEU K 229 -29.63 -51.02 11.63
N ILE K 230 -30.68 -50.29 12.01
CA ILE K 230 -30.99 -50.06 13.42
C ILE K 230 -31.32 -51.38 14.12
N VAL K 231 -32.04 -52.28 13.43
CA VAL K 231 -32.44 -53.52 14.07
C VAL K 231 -31.30 -54.54 14.14
N LEU K 232 -30.30 -54.43 13.25
CA LEU K 232 -29.12 -55.29 13.26
C LEU K 232 -27.97 -54.70 14.02
N SER K 233 -27.87 -53.37 14.08
CA SER K 233 -26.84 -52.78 14.93
C SER K 233 -27.10 -52.94 16.42
N TYR K 234 -28.27 -53.46 16.83
CA TYR K 234 -28.54 -53.73 18.23
C TYR K 234 -27.81 -54.99 18.69
N SER K 235 -27.49 -55.91 17.76
CA SER K 235 -26.80 -57.16 18.04
C SER K 235 -25.45 -57.24 17.36
N ASN K 236 -25.41 -57.11 16.03
CA ASN K 236 -24.15 -57.13 15.31
C ASN K 236 -23.41 -55.84 15.56
N ARG K 237 -22.16 -55.98 16.02
CA ARG K 237 -21.29 -54.86 16.35
C ARG K 237 -19.85 -55.13 15.91
N SER K 238 -19.63 -56.11 15.01
CA SER K 238 -18.30 -56.45 14.55
C SER K 238 -18.18 -56.75 13.07
N THR K 239 -19.27 -56.99 12.34
CA THR K 239 -19.22 -57.47 10.96
C THR K 239 -20.27 -56.77 10.13
N LEU K 240 -20.48 -55.47 10.38
CA LEU K 240 -21.55 -54.71 9.74
C LEU K 240 -20.99 -53.59 8.90
N ALA K 241 -20.27 -52.64 9.50
CA ALA K 241 -19.68 -51.59 8.70
C ALA K 241 -18.52 -52.11 7.85
N LYS K 242 -17.74 -53.04 8.42
CA LYS K 242 -16.71 -53.76 7.68
C LYS K 242 -17.27 -54.52 6.48
N LEU K 243 -18.50 -55.02 6.61
CA LEU K 243 -19.08 -55.85 5.56
C LEU K 243 -19.60 -55.01 4.41
N VAL K 244 -20.59 -54.17 4.70
CA VAL K 244 -21.31 -53.41 3.68
C VAL K 244 -20.44 -52.37 3.00
N SER K 245 -19.36 -51.91 3.64
CA SER K 245 -18.47 -50.92 3.05
C SER K 245 -17.40 -51.49 2.14
N SER K 246 -17.30 -52.81 2.03
CA SER K 246 -16.29 -53.53 1.26
C SER K 246 -16.63 -53.66 -0.23
N PRO K 247 -17.88 -53.98 -0.66
CA PRO K 247 -18.14 -54.14 -2.11
C PRO K 247 -17.93 -52.89 -2.94
N MET K 248 -17.93 -51.70 -2.33
CA MET K 248 -17.87 -50.44 -3.05
C MET K 248 -16.62 -50.36 -3.92
N SER K 249 -15.51 -50.89 -3.41
CA SER K 249 -14.24 -50.94 -4.13
C SER K 249 -14.34 -51.63 -5.49
N ILE K 250 -15.29 -52.54 -5.67
CA ILE K 250 -15.50 -53.20 -6.95
C ILE K 250 -16.47 -52.39 -7.81
N LEU K 251 -17.45 -51.72 -7.19
CA LEU K 251 -18.52 -51.05 -7.92
C LEU K 251 -17.99 -49.91 -8.79
N VAL K 252 -16.99 -49.19 -8.29
CA VAL K 252 -16.32 -48.12 -9.03
C VAL K 252 -15.73 -48.57 -10.36
N ALA K 253 -15.47 -49.88 -10.54
CA ALA K 253 -14.97 -50.43 -11.79
C ALA K 253 -16.09 -50.85 -12.73
N LEU K 254 -17.28 -50.24 -12.60
CA LEU K 254 -18.46 -50.58 -13.40
C LEU K 254 -19.14 -49.36 -13.99
N VAL K 255 -18.63 -48.15 -13.75
CA VAL K 255 -19.31 -46.90 -14.08
C VAL K 255 -18.59 -46.28 -15.25
N ASP K 256 -19.29 -46.19 -16.39
CA ASP K 256 -18.69 -45.62 -17.57
C ASP K 256 -18.51 -44.12 -17.36
N ILE K 257 -17.36 -43.61 -17.75
CA ILE K 257 -17.13 -42.17 -17.71
C ILE K 257 -17.82 -41.60 -18.93
N ASN K 258 -18.66 -40.58 -18.74
CA ASN K 258 -19.12 -39.71 -19.83
C ASN K 258 -18.99 -38.27 -19.34
N GLY K 259 -17.83 -37.68 -19.58
CA GLY K 259 -17.51 -36.35 -19.11
C GLY K 259 -16.61 -36.53 -17.92
N THR K 260 -15.56 -35.72 -17.82
CA THR K 260 -14.49 -35.98 -16.86
C THR K 260 -13.96 -34.65 -16.35
N PHE K 261 -13.26 -34.72 -15.21
CA PHE K 261 -12.45 -33.64 -14.69
C PHE K 261 -11.05 -34.21 -14.64
N ILE K 262 -10.08 -33.33 -14.82
CA ILE K 262 -8.68 -33.71 -14.98
C ILE K 262 -7.96 -32.88 -13.92
N THR K 263 -6.67 -33.14 -13.75
CA THR K 263 -5.79 -32.29 -12.98
C THR K 263 -4.44 -32.27 -13.68
N ASN K 264 -3.79 -31.12 -13.69
CA ASN K 264 -2.47 -30.97 -14.30
C ASN K 264 -1.38 -31.45 -13.35
N GLU K 265 -0.17 -31.56 -13.89
CA GLU K 265 1.01 -31.56 -13.03
C GLU K 265 1.14 -30.24 -12.28
N GLU K 266 0.80 -29.15 -12.95
CA GLU K 266 0.73 -27.83 -12.35
C GLU K 266 -0.54 -27.59 -11.53
N LEU K 267 -1.36 -28.64 -11.30
CA LEU K 267 -2.40 -28.66 -10.29
C LEU K 267 -3.51 -27.68 -10.63
N GLU K 268 -4.20 -27.93 -11.74
CA GLU K 268 -5.33 -27.11 -12.18
C GLU K 268 -6.36 -28.03 -12.80
N LEU K 269 -7.64 -27.86 -12.44
CA LEU K 269 -8.69 -28.63 -13.09
C LEU K 269 -8.84 -28.18 -14.54
N GLU K 270 -9.31 -29.10 -15.37
CA GLU K 270 -9.44 -28.84 -16.80
C GLU K 270 -10.35 -29.94 -17.34
N PHE K 271 -11.63 -29.64 -17.54
CA PHE K 271 -12.55 -30.73 -17.89
C PHE K 271 -12.26 -31.34 -19.27
N SER K 272 -12.73 -32.57 -19.43
CA SER K 272 -12.60 -33.34 -20.65
C SER K 272 -13.89 -34.08 -20.95
N ASN K 273 -14.31 -34.03 -22.20
CA ASN K 273 -15.44 -34.81 -22.69
C ASN K 273 -15.12 -36.27 -22.99
N LYS K 274 -13.90 -36.73 -22.68
CA LYS K 274 -13.48 -38.13 -22.83
C LYS K 274 -14.48 -39.13 -22.27
N TYR K 275 -14.78 -40.16 -23.06
CA TYR K 275 -15.56 -41.33 -22.67
C TYR K 275 -14.60 -42.48 -22.45
N VAL K 276 -14.86 -43.25 -21.40
CA VAL K 276 -14.08 -44.42 -21.05
C VAL K 276 -15.04 -45.50 -20.59
N ARG K 277 -14.87 -46.71 -21.10
CA ARG K 277 -15.73 -47.83 -20.75
C ARG K 277 -15.25 -48.38 -19.40
N ALA K 278 -15.75 -49.53 -18.98
CA ALA K 278 -15.45 -50.13 -17.69
C ALA K 278 -15.19 -51.59 -18.00
N ILE K 279 -13.92 -51.91 -18.17
CA ILE K 279 -13.47 -53.24 -18.55
C ILE K 279 -13.25 -53.99 -17.24
N VAL K 280 -14.35 -54.53 -16.75
CA VAL K 280 -14.41 -55.28 -15.49
C VAL K 280 -14.27 -56.77 -15.81
N PRO K 281 -13.43 -57.55 -15.09
CA PRO K 281 -13.41 -58.99 -15.40
C PRO K 281 -14.66 -59.69 -14.87
N ASP K 282 -14.76 -61.01 -15.08
CA ASP K 282 -15.96 -61.76 -14.75
C ASP K 282 -15.96 -62.30 -13.31
N GLN K 283 -14.78 -62.61 -12.78
CA GLN K 283 -14.63 -63.28 -11.49
C GLN K 283 -14.84 -62.35 -10.31
N THR K 284 -14.60 -61.06 -10.50
CA THR K 284 -14.91 -60.09 -9.46
C THR K 284 -16.40 -59.99 -9.23
N PHE K 285 -17.22 -60.27 -10.25
CA PHE K 285 -18.65 -60.37 -10.00
C PHE K 285 -18.99 -61.52 -9.09
N ASP K 286 -18.30 -62.66 -9.24
CA ASP K 286 -18.52 -63.79 -8.34
C ASP K 286 -18.11 -63.45 -6.91
N GLU K 287 -17.00 -62.73 -6.78
CA GLU K 287 -16.57 -62.20 -5.48
C GLU K 287 -17.66 -61.31 -4.88
N LEU K 288 -18.15 -60.36 -5.68
CA LEU K 288 -19.19 -59.43 -5.27
C LEU K 288 -20.45 -60.17 -4.84
N LYS K 289 -20.81 -61.24 -5.55
CA LYS K 289 -21.98 -62.02 -5.16
C LYS K 289 -21.76 -62.69 -3.82
N GLN K 290 -20.56 -63.23 -3.58
CA GLN K 290 -20.27 -63.82 -2.27
C GLN K 290 -20.38 -62.75 -1.18
N MET K 291 -19.97 -61.52 -1.48
CA MET K 291 -20.03 -60.46 -0.50
C MET K 291 -21.49 -60.14 -0.19
N LEU K 292 -22.33 -60.12 -1.23
CA LEU K 292 -23.77 -59.97 -1.01
C LEU K 292 -24.36 -61.19 -0.32
N ASP K 293 -23.77 -62.37 -0.49
CA ASP K 293 -24.27 -63.54 0.20
C ASP K 293 -23.99 -63.42 1.70
N ASN K 294 -22.81 -62.92 2.04
CA ASN K 294 -22.52 -62.60 3.42
C ASN K 294 -23.46 -61.52 3.93
N MET K 295 -23.75 -60.52 3.09
CA MET K 295 -24.66 -59.44 3.44
C MET K 295 -26.05 -59.97 3.79
N ARG K 296 -26.57 -60.89 2.98
CA ARG K 296 -27.87 -61.49 3.27
C ARG K 296 -27.79 -62.45 4.46
N LYS K 297 -26.69 -63.19 4.56
CA LYS K 297 -26.49 -64.13 5.64
C LYS K 297 -26.40 -63.45 6.99
N ALA K 298 -25.95 -62.19 7.02
CA ALA K 298 -25.94 -61.43 8.27
C ALA K 298 -27.34 -60.97 8.68
N GLY K 299 -28.27 -60.83 7.71
CA GLY K 299 -29.63 -60.42 7.98
C GLY K 299 -30.10 -59.15 7.30
N LEU K 300 -29.61 -58.89 6.08
CA LEU K 300 -29.93 -57.69 5.31
C LEU K 300 -30.68 -58.12 4.06
N THR K 301 -31.87 -57.53 3.85
CA THR K 301 -32.78 -57.93 2.78
C THR K 301 -33.01 -56.84 1.75
N ASP K 302 -33.33 -55.60 2.17
CA ASP K 302 -33.68 -54.57 1.20
C ASP K 302 -32.44 -54.01 0.50
N ILE K 303 -31.31 -53.92 1.21
CA ILE K 303 -30.13 -53.24 0.71
C ILE K 303 -29.33 -54.13 -0.25
N PRO K 304 -29.23 -55.47 -0.09
CA PRO K 304 -28.83 -56.29 -1.26
C PRO K 304 -29.73 -56.15 -2.45
N LYS K 305 -31.03 -55.94 -2.22
CA LYS K 305 -31.95 -55.83 -3.34
C LYS K 305 -31.66 -54.56 -4.12
N MET K 306 -31.39 -53.47 -3.41
CA MET K 306 -31.01 -52.24 -4.11
C MET K 306 -29.67 -52.35 -4.82
N ILE K 307 -28.73 -53.12 -4.28
CA ILE K 307 -27.46 -53.26 -4.99
C ILE K 307 -27.54 -54.23 -6.15
N GLN K 308 -28.51 -55.16 -6.17
CA GLN K 308 -28.56 -56.14 -7.26
C GLN K 308 -29.38 -55.57 -8.40
N ASP K 309 -30.51 -54.90 -8.10
CA ASP K 309 -31.31 -54.30 -9.16
C ASP K 309 -30.63 -53.06 -9.73
N TRP K 310 -29.59 -52.50 -9.07
CA TRP K 310 -28.91 -51.37 -9.68
C TRP K 310 -28.02 -51.82 -10.83
N LEU K 311 -27.43 -53.02 -10.72
CA LEU K 311 -26.52 -53.57 -11.72
C LEU K 311 -27.18 -53.90 -13.05
N VAL K 312 -28.51 -53.90 -13.14
CA VAL K 312 -29.20 -54.21 -14.38
C VAL K 312 -28.93 -53.12 -15.42
N ASP K 313 -28.73 -51.88 -14.98
CA ASP K 313 -28.44 -50.72 -15.82
C ASP K 313 -27.04 -50.18 -15.64
N CYS K 314 -26.49 -50.25 -14.42
CA CYS K 314 -25.18 -49.69 -14.07
C CYS K 314 -25.10 -48.19 -14.39
N SER K 315 -26.22 -47.49 -14.26
CA SER K 315 -26.28 -46.06 -14.54
C SER K 315 -25.65 -45.27 -13.41
N ILE K 316 -25.18 -44.06 -13.75
CA ILE K 316 -24.56 -43.15 -12.78
C ILE K 316 -25.56 -42.22 -12.13
N GLU K 317 -26.78 -42.13 -12.63
CA GLU K 317 -27.78 -41.27 -12.00
C GLU K 317 -28.33 -41.91 -10.73
N LYS K 318 -28.57 -43.23 -10.76
CA LYS K 318 -28.92 -43.94 -9.54
C LYS K 318 -27.72 -44.24 -8.65
N PHE K 319 -26.49 -44.03 -9.14
CA PHE K 319 -25.31 -44.42 -8.37
C PHE K 319 -25.07 -43.70 -7.03
N PRO K 320 -25.46 -42.41 -6.79
CA PRO K 320 -25.19 -41.79 -5.47
C PRO K 320 -25.78 -42.53 -4.28
N LEU K 321 -26.86 -43.29 -4.52
CA LEU K 321 -27.42 -44.24 -3.56
C LEU K 321 -26.35 -45.10 -2.93
N MET K 322 -25.52 -45.74 -3.77
CA MET K 322 -24.35 -46.49 -3.30
C MET K 322 -23.50 -45.66 -2.36
N ALA K 323 -23.15 -44.45 -2.80
CA ALA K 323 -22.38 -43.53 -1.98
C ALA K 323 -23.11 -43.19 -0.70
N LYS K 324 -24.42 -42.97 -0.82
CA LYS K 324 -25.27 -42.74 0.33
C LYS K 324 -25.20 -43.94 1.27
N ILE K 325 -25.34 -45.15 0.71
CA ILE K 325 -25.20 -46.38 1.49
C ILE K 325 -23.82 -46.46 2.09
N TYR K 326 -22.80 -46.06 1.31
CA TYR K 326 -21.42 -46.13 1.77
C TYR K 326 -21.19 -45.21 2.96
N SER K 327 -22.02 -44.17 3.12
CA SER K 327 -21.98 -43.29 4.26
C SER K 327 -22.94 -43.73 5.36
N TRP K 328 -24.02 -44.46 5.04
CA TRP K 328 -24.89 -44.95 6.10
C TRP K 328 -24.28 -46.06 6.95
N SER K 329 -23.12 -46.61 6.57
CA SER K 329 -22.51 -47.68 7.34
C SER K 329 -21.66 -47.16 8.49
N PHE K 330 -21.09 -45.98 8.34
CA PHE K 330 -20.16 -45.45 9.32
C PHE K 330 -20.84 -44.56 10.35
N HIS K 331 -22.18 -44.40 10.27
CA HIS K 331 -22.99 -43.67 11.24
C HIS K 331 -23.78 -44.66 12.10
N VAL K 332 -23.14 -45.79 12.42
CA VAL K 332 -23.67 -46.80 13.32
C VAL K 332 -22.91 -46.89 14.63
N GLY K 333 -21.67 -46.42 14.69
CA GLY K 333 -20.87 -46.22 15.87
C GLY K 333 -19.52 -46.86 15.70
N PHE K 334 -18.74 -46.84 16.77
CA PHE K 334 -17.41 -47.43 16.79
C PHE K 334 -17.46 -48.84 17.37
N ARG K 335 -16.49 -49.66 16.97
CA ARG K 335 -16.30 -51.01 17.51
C ARG K 335 -15.20 -51.02 18.57
N LYS K 336 -15.49 -50.28 19.64
CA LYS K 336 -14.54 -50.03 20.72
C LYS K 336 -14.32 -51.32 21.51
N GLN K 337 -13.44 -52.16 20.96
CA GLN K 337 -13.05 -53.41 21.59
C GLN K 337 -11.84 -53.19 22.52
N LYS K 338 -11.25 -54.28 23.00
CA LYS K 338 -10.21 -54.23 24.03
C LYS K 338 -8.82 -53.98 23.47
N MET K 339 -7.95 -53.38 24.30
CA MET K 339 -6.55 -53.15 23.95
C MET K 339 -5.85 -54.42 23.51
N LEU K 340 -6.09 -55.52 24.23
CA LEU K 340 -5.43 -56.79 23.95
C LEU K 340 -5.83 -57.30 22.57
N ASP K 341 -7.13 -57.60 22.41
CA ASP K 341 -7.62 -58.17 21.16
C ASP K 341 -7.45 -57.21 19.99
N ALA K 342 -7.44 -55.90 20.25
CA ALA K 342 -7.18 -54.96 19.17
C ALA K 342 -5.72 -54.99 18.76
N ALA K 343 -4.80 -55.23 19.69
CA ALA K 343 -3.41 -55.39 19.29
C ALA K 343 -3.26 -56.69 18.52
N LEU K 344 -3.89 -57.76 19.02
CA LEU K 344 -3.83 -59.07 18.40
C LEU K 344 -4.57 -59.13 17.06
N ASP K 345 -5.37 -58.13 16.71
CA ASP K 345 -5.78 -58.00 15.31
C ASP K 345 -4.60 -57.74 14.39
N GLN K 346 -3.57 -57.05 14.90
CA GLN K 346 -2.34 -56.75 14.18
C GLN K 346 -1.22 -57.72 14.50
N LEU K 347 -1.12 -58.15 15.75
CA LEU K 347 0.01 -58.97 16.21
C LEU K 347 -0.21 -60.47 15.97
N LYS K 348 -0.58 -60.82 14.75
CA LYS K 348 -0.60 -62.18 14.26
C LYS K 348 0.28 -62.18 13.02
N THR K 349 1.26 -63.07 13.01
CA THR K 349 2.38 -63.01 12.09
C THR K 349 2.58 -64.39 11.49
N GLU K 350 2.96 -64.40 10.21
CA GLU K 350 3.21 -65.63 9.49
C GLU K 350 4.42 -65.36 8.60
N TYR K 351 5.59 -65.63 9.17
CA TYR K 351 6.89 -65.35 8.57
C TYR K 351 7.45 -66.69 8.15
N THR K 352 7.97 -66.74 6.93
CA THR K 352 8.18 -67.99 6.21
C THR K 352 9.52 -67.96 5.50
N GLU K 353 10.16 -69.11 5.46
CA GLU K 353 11.41 -69.33 4.72
C GLU K 353 11.17 -69.92 3.34
N ASP K 354 10.28 -69.29 2.58
CA ASP K 354 9.97 -69.66 1.21
C ASP K 354 9.90 -68.47 0.26
N VAL K 355 10.09 -67.24 0.75
CA VAL K 355 10.12 -66.06 -0.11
C VAL K 355 11.37 -65.97 -0.95
N ASP K 356 11.33 -65.07 -1.93
CA ASP K 356 12.46 -64.74 -2.76
C ASP K 356 13.56 -64.05 -1.95
N ASP K 357 14.76 -63.99 -2.54
CA ASP K 357 15.80 -63.05 -2.15
C ASP K 357 16.07 -62.01 -3.21
N GLU K 358 15.83 -62.33 -4.49
CA GLU K 358 15.87 -61.35 -5.58
C GLU K 358 14.96 -60.14 -5.37
N MET K 359 13.89 -60.28 -4.58
CA MET K 359 12.92 -59.24 -4.34
C MET K 359 13.36 -58.33 -3.22
N TYR K 360 13.77 -58.92 -2.11
CA TYR K 360 14.13 -58.16 -0.93
C TYR K 360 15.38 -57.33 -1.17
N ARG K 361 16.34 -57.85 -1.94
CA ARG K 361 17.55 -57.09 -2.19
C ARG K 361 17.27 -55.85 -3.03
N GLU K 362 16.44 -55.99 -4.07
CA GLU K 362 15.99 -54.83 -4.85
C GLU K 362 15.19 -53.86 -4.01
N TYR K 363 14.30 -54.39 -3.16
CA TYR K 363 13.48 -53.59 -2.24
C TYR K 363 14.37 -52.72 -1.36
N THR K 364 15.34 -53.37 -0.72
CA THR K 364 16.31 -52.70 0.15
C THR K 364 17.04 -51.61 -0.64
N MET K 365 17.46 -51.94 -1.86
CA MET K 365 18.18 -50.97 -2.67
C MET K 365 17.31 -49.78 -3.07
N LEU K 366 16.07 -50.02 -3.44
CA LEU K 366 15.21 -48.90 -3.85
C LEU K 366 14.97 -47.97 -2.67
N ILE K 367 14.81 -48.53 -1.47
CA ILE K 367 14.68 -47.71 -0.28
C ILE K 367 15.94 -46.88 -0.08
N ARG K 368 17.10 -47.52 -0.24
CA ARG K 368 18.40 -46.86 -0.14
C ARG K 368 18.51 -45.70 -1.11
N ASP K 369 18.15 -45.95 -2.38
CA ASP K 369 18.26 -44.95 -3.43
C ASP K 369 17.33 -43.78 -3.18
N GLU K 370 16.12 -44.07 -2.70
CA GLU K 370 15.15 -43.02 -2.43
C GLU K 370 15.64 -42.13 -1.30
N VAL K 371 16.19 -42.75 -0.25
CA VAL K 371 16.80 -42.01 0.85
C VAL K 371 17.91 -41.09 0.35
N VAL K 372 18.75 -41.60 -0.55
CA VAL K 372 19.86 -40.79 -1.04
C VAL K 372 19.35 -39.63 -1.89
N LYS K 373 18.32 -39.87 -2.71
CA LYS K 373 17.72 -38.79 -3.49
C LYS K 373 17.16 -37.71 -2.57
N MET K 374 16.53 -38.12 -1.48
CA MET K 374 16.01 -37.16 -0.50
C MET K 374 17.13 -36.35 0.16
N LEU K 375 18.23 -37.00 0.53
CA LEU K 375 19.21 -36.44 1.47
C LEU K 375 20.53 -36.00 0.83
N GLU K 376 20.67 -36.06 -0.50
CA GLU K 376 21.94 -35.72 -1.14
C GLU K 376 22.32 -34.26 -0.89
N GLU K 377 21.38 -33.34 -1.09
CA GLU K 377 21.74 -31.92 -1.00
C GLU K 377 22.07 -31.48 0.43
N PRO K 378 21.26 -31.77 1.46
CA PRO K 378 21.62 -31.23 2.78
C PRO K 378 22.80 -31.90 3.43
N VAL K 379 22.93 -33.22 3.26
CA VAL K 379 24.08 -33.96 3.78
C VAL K 379 25.38 -33.46 3.19
N LYS K 380 25.35 -32.97 1.95
CA LYS K 380 26.53 -32.54 1.23
C LYS K 380 26.87 -31.10 1.52
N HIS K 381 25.88 -30.20 1.45
CA HIS K 381 26.13 -28.79 1.67
C HIS K 381 26.20 -28.41 3.16
N ASP K 382 26.12 -29.39 4.09
CA ASP K 382 26.38 -29.20 5.53
C ASP K 382 25.44 -28.17 6.15
N ASP K 383 24.16 -28.55 6.17
CA ASP K 383 23.12 -27.68 6.68
C ASP K 383 23.09 -27.66 8.20
N HIS K 384 22.72 -26.49 8.73
CA HIS K 384 22.74 -26.21 10.17
C HIS K 384 21.84 -27.20 10.92
N LEU K 385 20.72 -27.62 10.30
CA LEU K 385 19.71 -28.40 10.98
C LEU K 385 20.17 -29.82 11.26
N LEU K 386 21.20 -30.28 10.56
CA LEU K 386 21.81 -31.57 10.81
C LEU K 386 22.85 -31.39 11.90
N GLN K 387 23.60 -30.28 11.80
CA GLN K 387 24.57 -29.91 12.82
C GLN K 387 23.90 -29.75 14.17
N ASP K 388 22.78 -29.03 14.21
CA ASP K 388 22.04 -28.68 15.41
C ASP K 388 20.73 -29.44 15.53
N SER K 389 20.75 -30.74 15.19
CA SER K 389 19.55 -31.58 15.25
C SER K 389 18.95 -31.66 16.65
N GLU K 390 19.81 -31.70 17.67
CA GLU K 390 19.37 -31.77 19.06
C GLU K 390 18.45 -30.61 19.43
N LEU K 391 18.94 -29.39 19.22
CA LEU K 391 18.18 -28.19 19.58
C LEU K 391 16.92 -28.07 18.75
N ALA K 392 17.01 -28.50 17.49
CA ALA K 392 15.86 -28.50 16.59
C ALA K 392 14.76 -29.37 17.14
N GLY K 393 15.08 -30.63 17.48
CA GLY K 393 14.11 -31.48 18.12
C GLY K 393 13.57 -30.95 19.44
N LEU K 394 14.41 -30.26 20.23
CA LEU K 394 13.92 -29.79 21.55
C LEU K 394 12.93 -28.64 21.41
N LEU K 395 13.08 -27.82 20.35
CA LEU K 395 12.07 -26.80 20.09
C LEU K 395 10.79 -27.40 19.54
N SER K 396 10.90 -28.40 18.67
CA SER K 396 9.73 -28.96 18.00
C SER K 396 9.09 -30.11 18.79
N MET K 397 9.29 -30.16 20.11
CA MET K 397 8.65 -31.17 20.94
C MET K 397 7.16 -30.88 20.99
N SER K 398 6.38 -31.70 20.31
CA SER K 398 4.93 -31.61 20.43
C SER K 398 4.53 -31.95 21.86
N SER K 399 3.71 -31.09 22.45
CA SER K 399 3.33 -31.18 23.86
C SER K 399 2.00 -31.89 24.04
N ALA K 400 1.76 -32.92 23.24
CA ALA K 400 0.80 -33.96 23.59
C ALA K 400 1.45 -35.34 23.44
N SER K 401 2.78 -35.38 23.31
CA SER K 401 3.46 -36.43 22.54
C SER K 401 3.31 -37.82 23.13
N ASN K 402 2.97 -37.95 24.41
CA ASN K 402 2.77 -39.25 25.06
C ASN K 402 3.99 -40.15 25.00
N GLY K 403 4.98 -39.86 25.82
CA GLY K 403 5.94 -40.87 26.22
C GLY K 403 5.87 -41.21 27.70
N GLU K 404 5.31 -42.36 28.09
CA GLU K 404 5.57 -42.94 29.42
C GLU K 404 5.10 -42.08 30.60
N SER K 405 3.81 -42.22 31.02
CA SER K 405 3.26 -41.51 32.20
C SER K 405 4.23 -41.54 33.36
N ARG K 406 4.45 -40.37 33.97
CA ARG K 406 5.43 -40.21 35.02
C ARG K 406 5.04 -39.29 36.15
N GLN K 407 5.49 -39.64 37.35
CA GLN K 407 5.18 -38.86 38.55
C GLN K 407 6.22 -37.75 38.60
N LEU K 408 5.77 -36.49 38.55
CA LEU K 408 6.62 -35.30 38.60
C LEU K 408 6.42 -34.56 39.92
N LYS K 409 7.21 -33.51 40.13
CA LYS K 409 6.89 -32.54 41.18
C LYS K 409 7.45 -31.16 40.83
N PHE K 410 6.56 -30.18 40.72
CA PHE K 410 6.93 -28.76 40.51
C PHE K 410 6.76 -27.98 41.81
N GLY K 411 7.79 -28.02 42.66
CA GLY K 411 7.76 -27.29 43.93
C GLY K 411 6.98 -28.00 45.01
N ARG K 412 5.65 -27.90 44.92
CA ARG K 412 4.71 -28.33 45.95
C ARG K 412 3.51 -28.95 45.26
N LYS K 413 3.74 -29.67 44.16
CA LYS K 413 2.68 -30.38 43.49
C LYS K 413 3.20 -31.72 42.98
N THR K 414 2.28 -32.52 42.48
CA THR K 414 2.54 -33.81 41.85
C THR K 414 1.74 -33.84 40.57
N ILE K 415 2.37 -34.26 39.48
CA ILE K 415 1.76 -34.24 38.16
C ILE K 415 2.07 -35.59 37.53
N PHE K 416 1.13 -36.07 36.72
CA PHE K 416 1.19 -37.40 36.12
C PHE K 416 1.17 -37.23 34.61
N SER K 417 1.97 -36.29 34.12
CA SER K 417 1.94 -35.96 32.71
C SER K 417 2.53 -37.08 31.87
N THR K 418 1.96 -37.25 30.68
CA THR K 418 2.53 -38.09 29.62
C THR K 418 3.30 -37.28 28.59
N LYS K 419 3.31 -35.96 28.71
CA LYS K 419 3.93 -35.07 27.73
C LYS K 419 5.43 -34.94 27.85
N LYS K 420 6.09 -35.08 26.72
CA LYS K 420 7.53 -35.22 26.67
C LYS K 420 8.26 -33.91 26.90
N ASN K 421 7.63 -32.76 26.60
CA ASN K 421 8.23 -31.48 26.93
C ASN K 421 8.43 -31.31 28.43
N MET K 422 7.43 -31.70 29.21
CA MET K 422 7.51 -31.61 30.66
C MET K 422 8.52 -32.60 31.23
N HIS K 423 8.57 -33.78 30.63
CA HIS K 423 9.57 -34.79 30.96
C HIS K 423 10.98 -34.28 30.73
N VAL K 424 11.18 -33.59 29.60
CA VAL K 424 12.49 -33.03 29.29
C VAL K 424 12.88 -31.98 30.30
N MET K 425 11.92 -31.12 30.66
CA MET K 425 12.14 -30.12 31.71
C MET K 425 12.56 -30.79 33.01
N ASP K 426 11.96 -31.94 33.32
CA ASP K 426 12.32 -32.66 34.53
C ASP K 426 13.73 -33.24 34.43
N ASP K 427 14.04 -33.85 33.29
CA ASP K 427 15.29 -34.58 33.13
C ASP K 427 16.50 -33.70 32.95
N MET K 428 16.32 -32.45 32.50
CA MET K 428 17.44 -31.54 32.41
C MET K 428 18.03 -31.26 33.79
N ALA K 429 17.17 -31.10 34.79
CA ALA K 429 17.62 -30.73 36.13
C ALA K 429 18.47 -31.82 36.76
N ASN K 430 17.98 -33.07 36.73
CA ASN K 430 18.63 -34.18 37.43
C ASN K 430 19.76 -34.86 36.63
N GLY K 431 20.35 -34.18 35.64
CA GLY K 431 21.48 -34.74 34.89
C GLY K 431 21.18 -35.91 33.98
N ARG K 432 19.91 -36.25 33.77
CA ARG K 432 19.53 -37.43 33.02
C ARG K 432 19.34 -37.18 31.53
N TYR K 433 19.35 -35.94 31.07
CA TYR K 433 19.18 -35.66 29.67
C TYR K 433 20.44 -36.07 28.91
N THR K 434 20.29 -37.01 27.98
CA THR K 434 21.43 -37.71 27.38
C THR K 434 20.99 -38.19 26.00
N PRO K 435 20.82 -37.27 25.04
CA PRO K 435 20.24 -37.67 23.76
C PRO K 435 21.17 -38.47 22.88
N GLY K 436 22.48 -38.40 23.09
CA GLY K 436 23.39 -39.19 22.27
C GLY K 436 23.32 -40.67 22.61
N ILE K 437 23.05 -40.99 23.87
CA ILE K 437 22.93 -42.38 24.32
C ILE K 437 21.44 -42.71 24.17
N ILE K 438 21.11 -43.42 23.09
CA ILE K 438 19.75 -43.80 22.80
C ILE K 438 19.33 -44.97 23.69
N PRO K 439 18.18 -44.93 24.37
CA PRO K 439 17.82 -46.04 25.26
C PRO K 439 17.53 -47.27 24.44
N PRO K 440 17.72 -48.48 24.97
CA PRO K 440 17.24 -49.66 24.27
C PRO K 440 15.73 -49.80 24.35
N VAL K 441 15.24 -50.72 23.53
CA VAL K 441 13.86 -51.18 23.51
C VAL K 441 13.92 -52.70 23.40
N ASN K 442 13.76 -53.35 24.55
CA ASN K 442 14.13 -54.73 24.72
C ASN K 442 13.27 -55.30 25.84
N VAL K 443 13.68 -56.44 26.39
CA VAL K 443 13.00 -57.04 27.54
C VAL K 443 12.99 -56.06 28.70
N ASP K 444 14.10 -55.33 28.90
CA ASP K 444 14.29 -54.42 30.02
C ASP K 444 13.47 -53.15 29.89
N LYS K 445 12.88 -52.86 28.72
CA LYS K 445 12.10 -51.64 28.55
C LYS K 445 11.16 -51.76 27.35
N PRO K 446 10.08 -52.57 27.43
CA PRO K 446 9.18 -52.69 26.28
C PRO K 446 8.37 -51.41 26.11
N ILE K 447 7.55 -51.34 25.07
CA ILE K 447 6.84 -50.11 24.68
C ILE K 447 5.36 -50.16 25.11
N PRO K 448 4.73 -49.04 25.57
CA PRO K 448 3.27 -49.05 25.77
C PRO K 448 2.46 -49.02 24.48
N LEU K 449 1.15 -48.80 24.59
CA LEU K 449 0.27 -48.71 23.44
C LEU K 449 -0.82 -47.68 23.65
N GLY K 450 -1.31 -47.15 22.52
CA GLY K 450 -2.56 -46.40 22.43
C GLY K 450 -3.46 -47.02 21.38
N ARG K 451 -4.75 -46.70 21.40
CA ARG K 451 -5.75 -47.29 20.50
C ARG K 451 -6.47 -46.26 19.63
N ARG K 452 -6.28 -46.40 18.31
CA ARG K 452 -6.94 -45.63 17.26
C ARG K 452 -8.16 -46.38 16.72
N ASP K 453 -9.37 -45.89 16.99
CA ASP K 453 -10.57 -46.57 16.51
C ASP K 453 -11.07 -45.76 15.33
N VAL K 454 -11.84 -46.42 14.46
CA VAL K 454 -12.45 -45.78 13.29
C VAL K 454 -13.46 -46.78 12.72
N PRO K 455 -14.73 -46.42 12.45
CA PRO K 455 -15.71 -47.46 12.11
C PRO K 455 -15.45 -48.12 10.77
N GLY K 456 -15.99 -49.33 10.66
CA GLY K 456 -15.85 -50.12 9.45
C GLY K 456 -14.49 -50.71 9.19
N ARG K 457 -13.57 -50.62 10.14
CA ARG K 457 -12.19 -51.08 9.97
C ARG K 457 -11.76 -51.65 11.31
N ARG K 458 -10.50 -52.03 11.40
CA ARG K 458 -9.92 -52.57 12.61
C ARG K 458 -9.58 -51.44 13.57
N THR K 459 -9.22 -51.82 14.80
CA THR K 459 -8.71 -50.87 15.76
C THR K 459 -7.23 -50.96 15.48
N ARG K 460 -6.64 -49.83 15.17
CA ARG K 460 -5.21 -49.75 14.93
C ARG K 460 -4.51 -49.35 16.22
N ILE K 461 -3.20 -49.61 16.23
CA ILE K 461 -2.35 -49.41 17.41
C ILE K 461 -1.38 -48.27 17.21
N ILE K 462 -0.90 -47.75 18.35
CA ILE K 462 -0.09 -46.55 18.41
C ILE K 462 1.08 -46.86 19.33
N PHE K 463 2.30 -46.70 18.84
CA PHE K 463 3.45 -46.71 19.72
C PHE K 463 3.50 -45.44 20.55
N ILE K 464 4.00 -45.60 21.77
CA ILE K 464 4.18 -44.51 22.73
C ILE K 464 5.64 -44.60 23.19
N LEU K 465 6.53 -43.86 22.52
CA LEU K 465 7.97 -44.10 22.66
C LEU K 465 8.56 -43.11 23.66
N PRO K 466 9.87 -43.21 23.98
CA PRO K 466 10.53 -42.11 24.68
C PRO K 466 10.72 -40.87 23.83
N TYR K 467 11.42 -39.88 24.39
CA TYR K 467 11.65 -38.59 23.77
C TYR K 467 13.02 -38.42 23.12
N GLU K 468 13.87 -39.45 23.13
CA GLU K 468 15.14 -39.40 22.41
C GLU K 468 14.97 -39.72 20.94
N TYR K 469 14.03 -40.63 20.63
CA TYR K 469 13.80 -41.10 19.28
C TYR K 469 13.35 -39.97 18.39
N PHE K 470 12.44 -39.12 18.89
CA PHE K 470 11.96 -37.95 18.17
C PHE K 470 13.13 -37.03 17.82
N ILE K 471 13.96 -36.72 18.83
CA ILE K 471 15.09 -35.80 18.67
C ILE K 471 16.04 -36.30 17.60
N ALA K 472 16.29 -37.61 17.60
CA ALA K 472 17.16 -38.19 16.58
C ALA K 472 16.55 -38.04 15.19
N GLN K 473 15.27 -38.37 15.05
CA GLN K 473 14.65 -38.45 13.74
C GLN K 473 14.28 -37.09 13.13
N HIS K 474 14.21 -36.02 13.95
CA HIS K 474 13.57 -34.76 13.57
C HIS K 474 14.17 -34.11 12.33
N ALA K 475 15.46 -33.76 12.39
CA ALA K 475 16.09 -32.95 11.35
C ALA K 475 16.07 -33.64 9.99
N VAL K 476 16.42 -34.93 9.99
CA VAL K 476 16.45 -35.67 8.73
C VAL K 476 15.05 -35.79 8.14
N VAL K 477 14.04 -36.02 8.98
CA VAL K 477 12.70 -36.17 8.41
C VAL K 477 12.17 -34.83 7.93
N GLU K 478 12.58 -33.72 8.55
CA GLU K 478 12.12 -32.42 8.06
C GLU K 478 12.73 -32.09 6.72
N LYS K 479 14.02 -32.40 6.53
CA LYS K 479 14.60 -32.23 5.20
C LYS K 479 13.97 -33.16 4.18
N MET K 480 13.60 -34.37 4.59
CA MET K 480 12.95 -35.32 3.69
C MET K 480 11.62 -34.78 3.19
N LEU K 481 10.78 -34.31 4.11
CA LEU K 481 9.48 -33.74 3.75
C LEU K 481 9.65 -32.51 2.86
N ILE K 482 10.53 -31.60 3.26
CA ILE K 482 10.63 -30.33 2.56
C ILE K 482 11.29 -30.50 1.20
N TYR K 483 12.07 -31.58 1.01
CA TYR K 483 12.47 -31.97 -0.33
C TYR K 483 11.28 -32.51 -1.11
N ALA K 484 10.69 -33.60 -0.61
CA ALA K 484 9.82 -34.40 -1.45
C ALA K 484 8.46 -33.75 -1.73
N LYS K 485 8.12 -32.64 -1.05
CA LYS K 485 7.00 -31.82 -1.52
C LYS K 485 7.36 -30.91 -2.69
N HIS K 486 8.59 -30.97 -3.22
CA HIS K 486 8.93 -30.49 -4.55
C HIS K 486 8.89 -31.59 -5.59
N THR K 487 8.31 -32.75 -5.27
CA THR K 487 8.53 -33.98 -6.00
C THR K 487 7.24 -34.78 -5.94
N ARG K 488 7.07 -35.68 -6.90
CA ARG K 488 5.88 -36.51 -7.05
C ARG K 488 5.82 -37.53 -5.91
N GLU K 489 4.78 -38.37 -5.95
CA GLU K 489 4.67 -39.63 -5.23
C GLU K 489 4.32 -39.47 -3.76
N TYR K 490 3.86 -38.31 -3.29
CA TYR K 490 3.58 -38.10 -1.87
C TYR K 490 2.41 -37.13 -1.70
N ALA K 491 1.76 -37.23 -0.54
CA ALA K 491 0.65 -36.34 -0.21
C ALA K 491 1.09 -34.93 0.14
N GLU K 492 2.34 -34.77 0.58
CA GLU K 492 2.82 -33.42 0.86
C GLU K 492 2.90 -32.57 -0.40
N PHE K 493 3.12 -33.20 -1.56
CA PHE K 493 3.09 -32.48 -2.83
C PHE K 493 1.66 -32.22 -3.30
N TYR K 494 0.79 -33.24 -3.17
CA TYR K 494 -0.63 -33.11 -3.45
C TYR K 494 -1.38 -32.90 -2.13
N SER K 495 -1.38 -31.66 -1.63
CA SER K 495 -2.33 -31.30 -0.57
C SER K 495 -2.42 -29.80 -0.34
N GLN K 496 -3.57 -29.18 -0.62
CA GLN K 496 -3.96 -28.00 0.14
C GLN K 496 -5.39 -28.10 0.67
N SER K 497 -6.38 -28.23 -0.21
CA SER K 497 -7.75 -28.46 0.25
C SER K 497 -8.66 -29.28 -0.67
N ASN K 498 -8.38 -29.30 -1.97
CA ASN K 498 -9.44 -29.34 -2.97
C ASN K 498 -9.32 -30.55 -3.88
N GLN K 499 -10.22 -30.59 -4.86
CA GLN K 499 -9.99 -31.26 -6.12
C GLN K 499 -9.13 -30.37 -6.99
N LEU K 500 -8.31 -31.00 -7.83
CA LEU K 500 -6.98 -30.60 -8.34
C LEU K 500 -5.86 -30.99 -7.38
N LEU K 501 -6.15 -31.64 -6.25
CA LEU K 501 -5.19 -31.99 -5.21
C LEU K 501 -5.63 -33.39 -4.80
N SER K 502 -5.47 -33.78 -3.53
CA SER K 502 -4.76 -34.98 -3.10
C SER K 502 -4.47 -36.06 -4.14
N TYR K 503 -5.45 -36.47 -4.97
CA TYR K 503 -5.13 -37.36 -6.07
C TYR K 503 -4.51 -36.61 -7.25
N GLY K 504 -5.32 -35.81 -7.93
CA GLY K 504 -4.93 -35.14 -9.16
C GLY K 504 -4.26 -35.93 -10.28
N ASP K 505 -4.28 -37.26 -10.28
CA ASP K 505 -4.01 -38.00 -11.51
C ASP K 505 -4.67 -39.38 -11.45
N VAL K 506 -5.87 -39.46 -10.87
CA VAL K 506 -6.72 -40.57 -11.25
C VAL K 506 -7.08 -40.49 -12.73
N THR K 507 -7.20 -39.27 -13.28
CA THR K 507 -7.92 -38.96 -14.51
C THR K 507 -7.09 -38.07 -15.42
N ARG K 508 -5.87 -38.48 -15.75
CA ARG K 508 -5.23 -38.10 -17.01
C ARG K 508 -5.00 -39.28 -17.92
N PHE K 509 -4.54 -40.39 -17.34
CA PHE K 509 -4.01 -41.53 -18.07
C PHE K 509 -5.02 -42.67 -18.12
N LEU K 510 -6.29 -42.31 -18.32
CA LEU K 510 -7.40 -43.25 -18.41
C LEU K 510 -7.91 -43.26 -19.85
N SER K 511 -7.97 -44.44 -20.43
CA SER K 511 -8.69 -44.66 -21.68
C SER K 511 -8.83 -46.18 -21.83
N ASN K 512 -9.27 -46.60 -23.01
CA ASN K 512 -9.37 -48.02 -23.34
C ASN K 512 -8.02 -48.64 -23.77
N ASN K 513 -6.89 -47.97 -23.56
CA ASN K 513 -5.55 -48.53 -23.71
C ASN K 513 -4.91 -48.91 -22.38
N SER K 514 -5.15 -48.12 -21.35
CA SER K 514 -4.50 -48.25 -20.06
C SER K 514 -5.42 -48.95 -19.06
N MET K 515 -4.84 -49.28 -17.91
CA MET K 515 -5.59 -49.71 -16.74
C MET K 515 -4.93 -49.06 -15.53
N VAL K 516 -5.54 -49.29 -14.37
CA VAL K 516 -5.03 -48.85 -13.09
C VAL K 516 -5.24 -49.96 -12.09
N LEU K 517 -4.19 -50.29 -11.34
CA LEU K 517 -4.24 -51.26 -10.26
C LEU K 517 -4.16 -50.44 -8.98
N TYR K 518 -5.17 -50.56 -8.14
CA TYR K 518 -5.23 -49.85 -6.87
C TYR K 518 -5.38 -50.88 -5.76
N THR K 519 -4.80 -50.58 -4.61
CA THR K 519 -4.60 -51.61 -3.60
C THR K 519 -4.50 -50.98 -2.23
N ASP K 520 -5.29 -51.54 -1.30
CA ASP K 520 -5.26 -51.16 0.10
C ASP K 520 -4.17 -51.99 0.77
N VAL K 521 -3.31 -51.33 1.51
CA VAL K 521 -2.11 -51.90 2.12
C VAL K 521 -2.08 -51.55 3.60
N SER K 522 -3.25 -51.43 4.23
CA SER K 522 -3.32 -50.97 5.61
C SER K 522 -2.98 -52.05 6.60
N GLN K 523 -3.12 -53.31 6.23
CA GLN K 523 -2.72 -54.39 7.13
C GLN K 523 -1.23 -54.67 7.05
N TRP K 524 -0.45 -53.92 6.23
CA TRP K 524 0.92 -54.30 5.94
C TRP K 524 1.89 -53.54 6.84
N ASP K 525 1.75 -53.83 8.13
CA ASP K 525 2.59 -53.30 9.19
C ASP K 525 3.30 -54.42 9.92
N SER K 526 2.59 -55.51 10.16
CA SER K 526 3.17 -56.74 10.67
C SER K 526 3.78 -57.63 9.59
N SER K 527 3.80 -57.18 8.33
CA SER K 527 4.19 -58.05 7.23
C SER K 527 5.68 -58.33 7.23
N GLN K 528 6.06 -59.38 6.51
CA GLN K 528 7.43 -59.86 6.49
C GLN K 528 8.35 -58.99 5.65
N HIS K 529 7.82 -58.02 4.89
CA HIS K 529 8.61 -57.10 4.07
C HIS K 529 8.81 -55.73 4.69
N ASN K 530 8.16 -55.43 5.83
CA ASN K 530 8.39 -54.23 6.62
C ASN K 530 9.31 -54.43 7.82
N THR K 531 9.70 -55.67 8.13
CA THR K 531 10.73 -56.02 9.09
C THR K 531 12.11 -55.84 8.42
N GLN K 532 13.16 -56.63 8.81
CA GLN K 532 14.61 -56.49 8.57
C GLN K 532 15.07 -55.77 7.29
N PRO K 533 14.53 -56.08 6.08
CA PRO K 533 15.08 -55.44 4.87
C PRO K 533 14.86 -53.94 4.84
N PHE K 534 13.68 -53.49 5.27
CA PHE K 534 13.36 -52.07 5.34
C PHE K 534 14.36 -51.31 6.21
N ARG K 535 14.61 -51.82 7.41
CA ARG K 535 15.51 -51.15 8.34
C ARG K 535 16.93 -51.19 7.80
N LYS K 536 17.33 -52.35 7.27
CA LYS K 536 18.70 -52.47 6.81
C LYS K 536 18.94 -51.62 5.56
N GLY K 537 17.92 -51.46 4.70
CA GLY K 537 18.03 -50.57 3.57
C GLY K 537 18.28 -49.13 3.98
N ILE K 538 17.53 -48.67 4.99
CA ILE K 538 17.72 -47.30 5.46
C ILE K 538 19.09 -47.15 6.10
N ILE K 539 19.50 -48.14 6.88
CA ILE K 539 20.82 -48.18 7.52
C ILE K 539 21.94 -48.07 6.48
N MET K 540 21.82 -48.82 5.38
CA MET K 540 22.78 -48.77 4.30
C MET K 540 22.83 -47.38 3.67
N GLY K 541 21.65 -46.80 3.42
CA GLY K 541 21.60 -45.43 2.89
C GLY K 541 22.28 -44.44 3.79
N LEU K 542 22.11 -44.61 5.09
CA LEU K 542 22.75 -43.74 6.07
C LEU K 542 24.27 -43.89 6.01
N ASP K 543 24.74 -45.12 5.82
CA ASP K 543 26.18 -45.34 5.64
C ASP K 543 26.71 -44.57 4.44
N MET K 544 26.02 -44.68 3.30
CA MET K 544 26.40 -43.93 2.09
C MET K 544 26.42 -42.43 2.35
N LEU K 545 25.36 -41.92 2.99
CA LEU K 545 25.25 -40.49 3.25
C LEU K 545 26.29 -40.04 4.25
N ALA K 546 26.64 -40.89 5.21
CA ALA K 546 27.69 -40.56 6.17
C ALA K 546 29.03 -40.45 5.46
N ASN K 547 29.31 -41.35 4.51
CA ASN K 547 30.50 -41.20 3.69
C ASN K 547 30.39 -40.10 2.64
N MET K 548 29.22 -39.46 2.50
CA MET K 548 29.01 -38.34 1.59
C MET K 548 29.02 -36.99 2.31
N THR K 549 29.59 -36.92 3.52
CA THR K 549 29.78 -35.66 4.25
C THR K 549 31.09 -35.75 5.02
N ASN K 550 31.60 -34.57 5.44
CA ASN K 550 32.83 -34.43 6.20
C ASN K 550 32.70 -33.82 7.59
N ASP K 551 31.60 -33.15 7.92
CA ASP K 551 31.43 -32.52 9.23
C ASP K 551 30.93 -33.57 10.22
N ALA K 552 31.15 -33.32 11.51
CA ALA K 552 31.04 -34.37 12.52
C ALA K 552 29.71 -34.42 13.26
N ARG K 553 29.09 -33.27 13.57
CA ARG K 553 27.74 -33.28 14.15
C ARG K 553 26.76 -33.99 13.23
N VAL K 554 26.93 -33.82 11.92
CA VAL K 554 26.02 -34.42 10.96
C VAL K 554 26.21 -35.93 10.99
N ILE K 555 27.45 -36.38 11.10
CA ILE K 555 27.74 -37.80 11.18
C ILE K 555 27.18 -38.37 12.46
N GLN K 556 27.24 -37.59 13.54
CA GLN K 556 26.66 -38.03 14.80
C GLN K 556 25.16 -38.20 14.70
N THR K 557 24.46 -37.17 14.18
CA THR K 557 23.01 -37.24 13.98
C THR K 557 22.60 -38.42 13.11
N LEU K 558 23.33 -38.63 12.01
CA LEU K 558 23.01 -39.73 11.11
C LEU K 558 23.27 -41.07 11.78
N ASN K 559 24.35 -41.16 12.56
CA ASN K 559 24.66 -42.40 13.25
C ASN K 559 23.62 -42.68 14.34
N LEU K 560 23.03 -41.63 14.92
CA LEU K 560 21.99 -41.80 15.92
C LEU K 560 20.69 -42.27 15.28
N TYR K 561 20.32 -41.68 14.16
CA TYR K 561 19.17 -42.16 13.39
C TYR K 561 19.37 -43.61 12.96
N LYS K 562 20.59 -43.96 12.56
CA LYS K 562 20.91 -45.33 12.21
C LYS K 562 20.74 -46.25 13.41
N GLN K 563 21.30 -45.86 14.56
CA GLN K 563 21.20 -46.67 15.76
C GLN K 563 19.77 -46.80 16.25
N THR K 564 18.97 -45.75 16.06
CA THR K 564 17.53 -45.84 16.31
C THR K 564 16.92 -46.95 15.48
N GLN K 565 17.29 -47.04 14.20
CA GLN K 565 16.76 -48.13 13.39
C GLN K 565 17.30 -49.47 13.84
N ILE K 566 18.53 -49.50 14.37
CA ILE K 566 19.08 -50.74 14.93
C ILE K 566 18.26 -51.18 16.13
N ASN K 567 17.95 -50.25 17.04
CA ASN K 567 17.27 -50.64 18.27
C ASN K 567 15.82 -51.01 17.99
N LEU K 568 15.19 -50.29 17.07
CA LEU K 568 13.81 -50.59 16.67
C LEU K 568 13.67 -51.89 15.89
N MET K 569 14.77 -52.49 15.43
CA MET K 569 14.69 -53.75 14.73
C MET K 569 14.28 -54.89 15.65
N ASP K 570 14.57 -54.78 16.94
CA ASP K 570 14.08 -55.69 17.99
C ASP K 570 13.35 -54.85 19.02
N SER K 571 12.03 -55.06 19.13
CA SER K 571 11.15 -54.16 19.88
C SER K 571 10.01 -54.93 20.52
N TYR K 572 9.91 -54.80 21.84
CA TYR K 572 8.86 -55.40 22.66
C TYR K 572 7.86 -54.34 23.10
N VAL K 573 6.71 -54.80 23.61
CA VAL K 573 5.49 -53.99 23.73
C VAL K 573 4.80 -54.30 25.06
N GLN K 574 4.88 -53.38 26.03
CA GLN K 574 4.10 -53.50 27.26
C GLN K 574 2.60 -53.51 27.02
N ILE K 575 1.94 -54.57 27.51
CA ILE K 575 0.48 -54.63 27.56
C ILE K 575 0.08 -55.34 28.86
N PRO K 576 -0.57 -54.70 29.85
CA PRO K 576 -0.96 -55.47 31.04
C PRO K 576 -2.12 -56.40 30.70
N ASP K 577 -2.36 -57.39 31.57
CA ASP K 577 -3.64 -58.09 31.54
C ASP K 577 -3.95 -58.60 32.95
N GLY K 578 -4.66 -57.77 33.71
CA GLY K 578 -4.88 -58.07 35.10
C GLY K 578 -3.67 -57.76 35.95
N ASN K 579 -2.97 -58.82 36.37
CA ASN K 579 -1.79 -58.72 37.22
C ASN K 579 -0.49 -58.86 36.44
N VAL K 580 -0.41 -59.86 35.57
CA VAL K 580 0.79 -60.10 34.77
C VAL K 580 0.82 -59.15 33.58
N ILE K 581 1.99 -59.03 32.95
CA ILE K 581 2.27 -58.08 31.89
C ILE K 581 2.80 -58.90 30.74
N LYS K 582 2.25 -58.70 29.54
CA LYS K 582 2.78 -59.34 28.34
C LYS K 582 3.69 -58.38 27.60
N LYS K 583 4.73 -58.95 26.99
CA LYS K 583 5.63 -58.25 26.08
C LYS K 583 5.89 -59.15 24.88
N ILE K 584 5.59 -58.65 23.67
CA ILE K 584 5.57 -59.49 22.47
C ILE K 584 6.66 -58.99 21.54
N GLN K 585 7.34 -59.93 20.90
CA GLN K 585 8.31 -59.61 19.87
C GLN K 585 7.61 -59.04 18.63
N TYR K 586 7.92 -57.77 18.31
CA TYR K 586 7.35 -57.10 17.14
C TYR K 586 8.46 -56.26 16.51
N GLY K 587 9.24 -56.88 15.63
CA GLY K 587 10.32 -56.18 14.96
C GLY K 587 9.97 -55.60 13.62
N ALA K 588 9.03 -54.66 13.59
CA ALA K 588 8.48 -54.12 12.35
C ALA K 588 8.10 -52.66 12.60
N VAL K 589 7.23 -52.10 11.73
CA VAL K 589 6.98 -50.67 11.65
C VAL K 589 5.54 -50.36 12.02
N ALA K 590 5.34 -49.21 12.64
CA ALA K 590 4.04 -48.58 12.78
C ALA K 590 4.28 -47.09 13.06
N SER K 591 3.20 -46.37 13.34
CA SER K 591 3.28 -44.95 13.65
C SER K 591 3.74 -44.74 15.10
N GLY K 592 3.61 -43.51 15.57
CA GLY K 592 4.12 -43.13 16.87
C GLY K 592 5.57 -42.73 16.74
N GLU K 593 5.97 -42.23 15.58
CA GLU K 593 7.34 -41.91 15.23
C GLU K 593 7.33 -40.71 14.31
N LYS K 594 8.45 -39.99 14.30
CA LYS K 594 8.63 -38.89 13.35
C LYS K 594 8.77 -39.37 11.91
N GLN K 595 9.08 -40.65 11.70
CA GLN K 595 9.50 -41.21 10.43
C GLN K 595 8.41 -41.91 9.64
N THR K 596 7.34 -42.36 10.30
CA THR K 596 6.42 -43.37 9.77
C THR K 596 5.80 -43.04 8.41
N LYS K 597 5.46 -41.77 8.15
CA LYS K 597 4.66 -41.45 6.97
C LYS K 597 5.51 -41.61 5.71
N ALA K 598 6.56 -40.81 5.63
CA ALA K 598 7.44 -40.82 4.47
C ALA K 598 8.12 -42.16 4.31
N ALA K 599 8.50 -42.78 5.42
CA ALA K 599 9.20 -44.05 5.33
C ALA K 599 8.27 -45.16 4.83
N ASN K 600 7.02 -45.17 5.29
CA ASN K 600 6.05 -46.11 4.74
C ASN K 600 5.80 -45.86 3.27
N SER K 601 5.74 -44.58 2.88
CA SER K 601 5.56 -44.22 1.47
C SER K 601 6.72 -44.73 0.63
N ILE K 602 7.94 -44.55 1.12
CA ILE K 602 9.16 -45.06 0.49
C ILE K 602 9.06 -46.56 0.30
N ALA K 603 8.73 -47.27 1.38
CA ALA K 603 8.76 -48.74 1.33
C ALA K 603 7.70 -49.26 0.39
N ASN K 604 6.52 -48.66 0.39
CA ASN K 604 5.48 -49.05 -0.56
C ASN K 604 5.90 -48.72 -1.99
N LEU K 605 6.59 -47.59 -2.19
CA LEU K 605 7.08 -47.23 -3.51
C LEU K 605 8.09 -48.26 -4.01
N ALA K 606 9.03 -48.64 -3.16
CA ALA K 606 10.01 -49.66 -3.54
C ALA K 606 9.33 -51.00 -3.81
N LEU K 607 8.34 -51.35 -2.98
CA LEU K 607 7.62 -52.61 -3.16
C LEU K 607 6.89 -52.66 -4.48
N ILE K 608 6.17 -51.58 -4.82
CA ILE K 608 5.39 -51.61 -6.04
C ILE K 608 6.31 -51.53 -7.25
N LYS K 609 7.40 -50.76 -7.16
CA LYS K 609 8.41 -50.78 -8.22
C LYS K 609 9.04 -52.15 -8.40
N THR K 610 9.17 -52.93 -7.33
CA THR K 610 9.79 -54.23 -7.40
C THR K 610 8.82 -55.25 -7.99
N VAL K 611 7.56 -55.16 -7.58
CA VAL K 611 6.53 -56.06 -8.09
C VAL K 611 6.33 -55.79 -9.57
N LEU K 612 6.28 -54.51 -9.96
CA LEU K 612 5.95 -54.11 -11.30
C LEU K 612 6.99 -54.54 -12.34
N SER K 613 8.18 -55.00 -11.93
CA SER K 613 9.15 -55.58 -12.83
C SER K 613 8.95 -57.08 -13.04
N ARG K 614 7.76 -57.62 -12.70
CA ARG K 614 7.38 -59.01 -12.92
C ARG K 614 6.22 -59.17 -13.85
N ILE K 615 5.28 -58.21 -13.85
CA ILE K 615 4.26 -58.14 -14.88
C ILE K 615 4.88 -57.96 -16.25
N SER K 616 6.03 -57.26 -16.33
CA SER K 616 6.78 -57.12 -17.57
C SER K 616 7.24 -58.44 -18.19
N ASN K 617 7.29 -59.53 -17.42
CA ASN K 617 7.60 -60.84 -18.00
C ASN K 617 6.46 -61.37 -18.87
N LYS K 618 5.26 -60.78 -18.80
CA LYS K 618 4.07 -61.27 -19.46
C LYS K 618 3.29 -60.17 -20.18
N TYR K 619 3.64 -58.88 -20.01
CA TYR K 619 2.96 -57.77 -20.65
C TYR K 619 3.98 -56.71 -21.04
N SER K 620 3.63 -55.91 -22.06
CA SER K 620 4.42 -54.73 -22.46
C SER K 620 3.64 -53.51 -22.05
N PHE K 621 4.20 -52.70 -21.15
CA PHE K 621 3.56 -51.47 -20.74
C PHE K 621 4.59 -50.42 -20.36
N ALA K 622 4.11 -49.17 -20.31
CA ALA K 622 4.92 -48.01 -19.94
C ALA K 622 4.26 -47.41 -18.71
N THR K 623 4.97 -47.46 -17.59
CA THR K 623 4.43 -46.98 -16.33
C THR K 623 4.37 -45.47 -16.35
N LYS K 624 3.15 -44.90 -16.36
CA LYS K 624 2.99 -43.46 -16.48
C LYS K 624 2.98 -42.82 -15.10
N ILE K 625 2.47 -43.50 -14.08
CA ILE K 625 2.29 -42.90 -12.76
C ILE K 625 2.06 -43.99 -11.73
N ILE K 626 2.67 -43.75 -10.59
CA ILE K 626 2.52 -44.49 -9.36
C ILE K 626 2.30 -43.43 -8.31
N ARG K 627 1.43 -43.71 -7.33
CA ARG K 627 1.24 -42.77 -6.22
C ARG K 627 1.11 -43.63 -4.99
N VAL K 628 1.71 -43.10 -3.93
CA VAL K 628 1.85 -43.70 -2.61
C VAL K 628 1.61 -42.63 -1.57
N ASP K 629 0.69 -42.88 -0.65
CA ASP K 629 0.46 -42.00 0.51
C ASP K 629 0.25 -43.00 1.64
N GLY K 630 1.39 -43.40 2.17
CA GLY K 630 1.55 -44.21 3.34
C GLY K 630 0.99 -45.56 2.95
N ASP K 631 -0.18 -45.87 3.52
CA ASP K 631 -0.73 -47.21 3.50
C ASP K 631 -1.78 -47.47 2.41
N ASP K 632 -1.65 -46.82 1.26
CA ASP K 632 -2.58 -46.97 0.13
C ASP K 632 -1.67 -46.93 -1.08
N ASN K 633 -2.15 -47.34 -2.27
CA ASN K 633 -1.31 -47.18 -3.46
C ASN K 633 -2.10 -47.42 -4.74
N TYR K 634 -1.77 -46.66 -5.80
CA TYR K 634 -2.44 -46.91 -7.08
C TYR K 634 -1.37 -46.67 -8.12
N ALA K 635 -1.35 -47.50 -9.15
CA ALA K 635 -0.45 -47.36 -10.28
C ALA K 635 -1.24 -47.47 -11.58
N VAL K 636 -1.02 -46.52 -12.48
CA VAL K 636 -1.66 -46.49 -13.80
C VAL K 636 -0.61 -47.01 -14.76
N LEU K 637 -1.04 -47.72 -15.79
CA LEU K 637 -0.11 -48.29 -16.74
C LEU K 637 -0.79 -48.43 -18.09
N GLN K 638 -0.02 -48.14 -19.14
CA GLN K 638 -0.50 -47.97 -20.50
C GLN K 638 0.13 -49.05 -21.36
N PHE K 639 -0.64 -49.55 -22.32
CA PHE K 639 -0.28 -50.70 -23.15
C PHE K 639 -0.04 -50.35 -24.62
N ASN K 640 0.60 -51.32 -25.28
CA ASN K 640 0.83 -51.37 -26.71
C ASN K 640 -0.44 -51.64 -27.50
N THR K 641 -1.55 -51.98 -26.84
CA THR K 641 -2.79 -52.36 -27.50
C THR K 641 -3.96 -51.94 -26.62
N GLU K 642 -5.14 -52.45 -26.97
CA GLU K 642 -6.39 -52.17 -26.30
C GLU K 642 -6.65 -53.22 -25.21
N VAL K 643 -7.40 -52.83 -24.19
CA VAL K 643 -7.56 -53.62 -22.97
C VAL K 643 -8.68 -54.63 -23.14
N THR K 644 -8.57 -55.77 -22.42
CA THR K 644 -9.58 -56.81 -22.38
C THR K 644 -9.90 -57.17 -20.93
N LYS K 645 -10.95 -57.99 -20.78
CA LYS K 645 -11.35 -58.52 -19.48
C LYS K 645 -10.33 -59.53 -18.97
N GLN K 646 -9.80 -60.35 -19.88
CA GLN K 646 -8.93 -61.43 -19.43
C GLN K 646 -7.58 -60.88 -18.99
N MET K 647 -7.10 -59.82 -19.64
CA MET K 647 -5.84 -59.23 -19.22
C MET K 647 -5.95 -58.57 -17.84
N VAL K 648 -7.06 -57.88 -17.54
CA VAL K 648 -7.25 -57.33 -16.20
C VAL K 648 -7.28 -58.45 -15.16
N GLN K 649 -8.03 -59.53 -15.43
CA GLN K 649 -8.13 -60.64 -14.49
C GLN K 649 -6.76 -61.27 -14.25
N ASP K 650 -6.02 -61.51 -15.32
CA ASP K 650 -4.75 -62.21 -15.21
C ASP K 650 -3.73 -61.32 -14.52
N VAL K 651 -3.76 -60.01 -14.82
CA VAL K 651 -2.92 -59.04 -14.13
C VAL K 651 -3.21 -59.05 -12.65
N SER K 652 -4.50 -59.14 -12.27
CA SER K 652 -4.86 -59.14 -10.86
C SER K 652 -4.33 -60.40 -10.17
N ASN K 653 -4.50 -61.55 -10.83
CA ASN K 653 -3.99 -62.80 -10.28
C ASN K 653 -2.47 -62.76 -10.16
N ASP K 654 -1.81 -62.14 -11.15
CA ASP K 654 -0.36 -62.04 -11.13
C ASP K 654 0.10 -61.13 -10.00
N VAL K 655 -0.64 -60.06 -9.75
CA VAL K 655 -0.32 -59.18 -8.64
C VAL K 655 -0.46 -59.92 -7.31
N ARG K 656 -1.58 -60.64 -7.14
CA ARG K 656 -1.83 -61.39 -5.92
C ARG K 656 -0.72 -62.42 -5.67
N GLU K 657 -0.35 -63.15 -6.71
CA GLU K 657 0.64 -64.19 -6.54
C GLU K 657 2.04 -63.63 -6.41
N THR K 658 2.32 -62.48 -7.03
CA THR K 658 3.64 -61.88 -6.90
C THR K 658 3.83 -61.22 -5.55
N TYR K 659 2.75 -60.81 -4.89
CA TYR K 659 2.84 -60.45 -3.48
C TYR K 659 2.95 -61.71 -2.61
N ALA K 660 2.24 -62.78 -3.00
CA ALA K 660 2.31 -64.04 -2.25
C ALA K 660 3.71 -64.61 -2.24
N ARG K 661 4.50 -64.37 -3.30
CA ARG K 661 5.88 -64.81 -3.33
C ARG K 661 6.72 -64.12 -2.26
N MET K 662 6.30 -62.95 -1.78
CA MET K 662 6.92 -62.26 -0.65
C MET K 662 6.16 -62.46 0.66
N ASN K 663 5.22 -63.41 0.73
CA ASN K 663 4.43 -63.70 1.93
C ASN K 663 3.68 -62.44 2.39
N THR K 664 2.80 -61.99 1.51
CA THR K 664 2.13 -60.70 1.66
C THR K 664 0.68 -60.84 1.18
N LYS K 665 -0.27 -60.67 2.08
CA LYS K 665 -1.68 -60.78 1.73
C LYS K 665 -2.15 -59.54 0.98
N VAL K 666 -3.13 -59.71 0.12
CA VAL K 666 -3.65 -58.61 -0.67
C VAL K 666 -4.98 -58.99 -1.31
N LYS K 667 -5.88 -58.02 -1.40
CA LYS K 667 -7.05 -58.05 -2.27
C LYS K 667 -6.69 -57.24 -3.49
N ALA K 668 -6.19 -57.90 -4.53
CA ALA K 668 -5.78 -57.18 -5.73
C ALA K 668 -7.02 -56.67 -6.45
N LEU K 669 -6.98 -55.41 -6.85
CA LEU K 669 -8.11 -54.72 -7.47
C LEU K 669 -7.58 -53.93 -8.66
N VAL K 670 -8.09 -54.28 -9.84
CA VAL K 670 -7.71 -53.69 -11.10
C VAL K 670 -8.95 -53.09 -11.72
N SER K 671 -8.81 -51.94 -12.37
CA SER K 671 -9.95 -51.26 -12.94
C SER K 671 -9.45 -50.34 -14.05
N THR K 672 -10.37 -49.52 -14.56
CA THR K 672 -10.15 -48.63 -15.68
C THR K 672 -10.62 -47.20 -15.44
N VAL K 673 -11.51 -46.96 -14.48
CA VAL K 673 -12.12 -45.65 -14.24
C VAL K 673 -12.09 -45.22 -12.78
N GLY K 674 -11.94 -46.14 -11.83
CA GLY K 674 -12.22 -45.88 -10.43
C GLY K 674 -11.17 -46.48 -9.53
N ILE K 675 -11.16 -46.01 -8.29
CA ILE K 675 -10.32 -46.56 -7.22
C ILE K 675 -11.16 -46.48 -5.96
N GLU K 676 -10.71 -47.16 -4.91
CA GLU K 676 -11.21 -46.99 -3.57
C GLU K 676 -10.12 -47.10 -2.51
N ILE K 677 -10.15 -46.14 -1.60
CA ILE K 677 -9.26 -46.05 -0.46
C ILE K 677 -10.16 -45.66 0.70
N ALA K 678 -9.57 -45.46 1.88
CA ALA K 678 -10.38 -45.28 3.09
C ALA K 678 -11.27 -44.04 3.03
N LYS K 679 -10.74 -42.89 2.56
CA LYS K 679 -11.45 -41.62 2.72
C LYS K 679 -12.19 -41.11 1.49
N ARG K 680 -12.01 -41.67 0.30
CA ARG K 680 -12.62 -41.08 -0.89
C ARG K 680 -12.46 -41.98 -2.10
N TYR K 681 -13.21 -41.64 -3.15
CA TYR K 681 -13.23 -42.39 -4.42
C TYR K 681 -13.96 -41.64 -5.53
N ILE K 682 -13.68 -42.03 -6.78
CA ILE K 682 -14.12 -41.37 -8.00
C ILE K 682 -14.84 -42.46 -8.78
N ALA K 683 -15.97 -42.08 -9.37
CA ALA K 683 -16.71 -42.91 -10.29
C ALA K 683 -17.27 -42.04 -11.40
N GLY K 684 -17.05 -42.48 -12.64
CA GLY K 684 -17.54 -41.79 -13.82
C GLY K 684 -17.00 -40.39 -13.95
N GLY K 685 -15.77 -40.18 -13.49
CA GLY K 685 -15.18 -38.86 -13.53
C GLY K 685 -15.88 -37.93 -12.57
N LYS K 686 -16.31 -38.44 -11.42
CA LYS K 686 -17.02 -37.65 -10.41
C LYS K 686 -16.60 -38.12 -9.04
N ILE K 687 -16.09 -37.18 -8.24
CA ILE K 687 -15.57 -37.47 -6.91
C ILE K 687 -16.72 -37.53 -5.90
N PHE K 688 -16.75 -38.61 -5.14
CA PHE K 688 -17.61 -38.77 -3.98
C PHE K 688 -16.67 -38.82 -2.80
N PHE K 689 -17.24 -38.91 -1.60
CA PHE K 689 -16.46 -38.97 -0.37
C PHE K 689 -17.17 -39.81 0.67
N ARG K 690 -16.42 -40.23 1.68
CA ARG K 690 -16.98 -40.99 2.78
C ARG K 690 -17.40 -39.97 3.82
N ALA K 691 -18.67 -40.03 4.22
CA ALA K 691 -19.26 -39.13 5.22
C ALA K 691 -19.34 -39.78 6.59
N GLY K 692 -18.35 -40.59 6.94
CA GLY K 692 -18.40 -41.35 8.17
C GLY K 692 -17.77 -40.68 9.36
N ILE K 693 -18.46 -39.67 9.88
CA ILE K 693 -18.08 -38.97 11.09
C ILE K 693 -19.27 -39.05 12.04
N ASN K 694 -19.16 -39.93 13.04
CA ASN K 694 -20.15 -40.00 14.10
C ASN K 694 -20.21 -38.69 14.88
N LEU K 695 -21.42 -38.17 15.03
CA LEU K 695 -21.67 -36.91 15.71
C LEU K 695 -21.93 -37.13 17.20
N LEU K 696 -22.94 -37.91 17.50
CA LEU K 696 -23.40 -38.18 18.86
C LEU K 696 -22.58 -39.26 19.57
N ASN K 697 -21.57 -39.83 18.90
CA ASN K 697 -20.64 -40.76 19.51
C ASN K 697 -19.26 -40.37 19.02
N ASN K 698 -18.29 -40.38 19.93
CA ASN K 698 -16.91 -40.03 19.61
C ASN K 698 -15.97 -41.21 19.79
N GLU K 699 -14.75 -41.00 19.31
CA GLU K 699 -13.68 -41.99 19.36
C GLU K 699 -13.14 -42.13 20.79
N LYS K 700 -12.69 -41.01 21.34
CA LYS K 700 -12.12 -40.89 22.67
C LYS K 700 -12.66 -39.68 23.41
N LYS K 701 -12.16 -39.51 24.63
CA LYS K 701 -12.61 -38.48 25.56
C LYS K 701 -11.60 -37.36 25.40
N GLY K 702 -12.03 -36.26 24.83
CA GLY K 702 -11.17 -35.10 24.73
C GLY K 702 -11.01 -34.41 26.06
N GLN K 703 -10.85 -33.11 25.97
CA GLN K 703 -10.63 -32.24 27.12
C GLN K 703 -11.48 -30.99 27.06
N SER K 704 -12.12 -30.71 25.93
CA SER K 704 -12.99 -29.58 25.74
C SER K 704 -14.21 -29.62 26.66
N THR K 705 -14.92 -28.50 26.66
CA THR K 705 -16.04 -28.22 27.54
C THR K 705 -17.33 -28.79 26.95
N GLN K 706 -18.44 -28.51 27.61
CA GLN K 706 -19.75 -28.74 26.99
C GLN K 706 -19.93 -27.84 25.78
N TRP K 707 -19.42 -26.61 25.85
CA TRP K 707 -19.58 -25.61 24.82
C TRP K 707 -18.98 -26.05 23.49
N ASP K 708 -17.67 -26.31 23.47
CA ASP K 708 -16.93 -26.52 22.23
C ASP K 708 -17.38 -27.78 21.51
N GLN K 709 -17.89 -28.77 22.25
CA GLN K 709 -18.41 -29.97 21.60
C GLN K 709 -19.61 -29.65 20.72
N ALA K 710 -20.33 -28.58 21.03
CA ALA K 710 -21.39 -28.14 20.14
C ALA K 710 -20.79 -27.63 18.83
N ALA K 711 -19.70 -26.86 18.91
CA ALA K 711 -19.02 -26.40 17.71
C ALA K 711 -18.42 -27.53 16.87
N VAL K 712 -17.78 -28.52 17.50
CA VAL K 712 -17.24 -29.65 16.74
C VAL K 712 -18.37 -30.41 16.08
N LEU K 713 -19.50 -30.56 16.78
CA LEU K 713 -20.61 -31.31 16.24
C LEU K 713 -21.21 -30.57 15.06
N TYR K 714 -21.26 -29.24 15.14
CA TYR K 714 -21.74 -28.46 14.01
C TYR K 714 -20.77 -28.52 12.83
N SER K 715 -19.47 -28.51 13.11
CA SER K 715 -18.49 -28.62 12.02
C SER K 715 -18.61 -29.96 11.32
N ASN K 716 -18.76 -31.03 12.10
CA ASN K 716 -18.94 -32.35 11.51
C ASN K 716 -20.25 -32.46 10.74
N TYR K 717 -21.30 -31.83 11.25
CA TYR K 717 -22.56 -31.74 10.51
C TYR K 717 -22.40 -31.06 9.16
N ILE K 718 -21.72 -29.91 9.15
CA ILE K 718 -21.49 -29.18 7.90
C ILE K 718 -20.71 -30.03 6.93
N VAL K 719 -19.66 -30.68 7.43
CA VAL K 719 -18.82 -31.53 6.58
C VAL K 719 -19.67 -32.63 5.98
N ASN K 720 -20.27 -33.48 6.83
CA ASN K 720 -21.14 -34.58 6.40
C ASN K 720 -22.26 -34.15 5.46
N ARG K 721 -22.81 -32.95 5.66
CA ARG K 721 -23.83 -32.44 4.75
C ARG K 721 -23.24 -32.20 3.37
N LEU K 722 -22.09 -31.50 3.30
CA LEU K 722 -21.43 -31.28 2.01
C LEU K 722 -21.00 -32.58 1.36
N ARG K 723 -20.54 -33.52 2.17
CA ARG K 723 -20.11 -34.82 1.67
C ARG K 723 -21.31 -35.59 1.10
N GLY K 724 -22.51 -35.38 1.66
CA GLY K 724 -23.73 -36.08 1.28
C GLY K 724 -24.66 -36.49 2.40
N PHE K 725 -24.12 -36.87 3.56
CA PHE K 725 -24.95 -37.34 4.66
C PHE K 725 -25.60 -36.15 5.34
N GLU K 726 -26.92 -36.01 5.22
CA GLU K 726 -27.64 -34.84 5.68
C GLU K 726 -28.49 -35.19 6.89
N THR K 727 -28.27 -34.45 7.98
CA THR K 727 -29.03 -34.52 9.21
C THR K 727 -29.90 -33.27 9.34
N ASP K 728 -31.01 -33.41 10.06
CA ASP K 728 -31.96 -32.31 10.19
C ASP K 728 -31.36 -31.18 11.02
N ARG K 729 -31.27 -29.99 10.42
CA ARG K 729 -30.51 -28.90 11.04
C ARG K 729 -31.13 -28.45 12.37
N GLU K 730 -32.45 -28.63 12.50
CA GLU K 730 -33.15 -28.20 13.72
C GLU K 730 -32.70 -29.04 14.90
N PHE K 731 -32.51 -30.34 14.67
CA PHE K 731 -31.94 -31.24 15.66
C PHE K 731 -30.57 -30.76 16.11
N ILE K 732 -29.74 -30.34 15.16
CA ILE K 732 -28.39 -29.87 15.49
C ILE K 732 -28.48 -28.61 16.36
N LEU K 733 -29.41 -27.72 16.04
CA LEU K 733 -29.58 -26.50 16.84
C LEU K 733 -30.09 -26.83 18.22
N THR K 734 -30.98 -27.83 18.31
CA THR K 734 -31.49 -28.29 19.59
C THR K 734 -30.35 -28.83 20.45
N LYS K 735 -29.48 -29.63 19.84
CA LYS K 735 -28.29 -30.11 20.56
C LYS K 735 -27.39 -28.95 20.99
N ILE K 736 -27.25 -27.93 20.14
CA ILE K 736 -26.36 -26.82 20.49
C ILE K 736 -26.90 -26.07 21.70
N MET K 737 -28.22 -25.84 21.74
CA MET K 737 -28.78 -25.15 22.90
C MET K 737 -28.68 -26.04 24.14
N GLN K 738 -28.89 -27.35 23.98
CA GLN K 738 -28.80 -28.23 25.14
C GLN K 738 -27.38 -28.40 25.65
N MET K 739 -26.37 -28.20 24.80
CA MET K 739 -24.97 -28.35 25.20
C MET K 739 -24.35 -27.06 25.67
N THR K 740 -24.87 -25.91 25.21
CA THR K 740 -24.49 -24.62 25.76
C THR K 740 -25.31 -24.23 26.97
N SER K 741 -26.36 -24.98 27.31
CA SER K 741 -27.09 -24.74 28.54
C SER K 741 -26.18 -25.09 29.71
N VAL K 742 -26.25 -24.27 30.76
CA VAL K 742 -25.38 -24.40 31.92
C VAL K 742 -26.25 -24.31 33.16
N ALA K 743 -25.90 -25.11 34.17
CA ALA K 743 -26.64 -25.21 35.41
C ALA K 743 -25.92 -24.36 36.44
N ILE K 744 -26.56 -23.26 36.84
CA ILE K 744 -26.01 -22.38 37.86
C ILE K 744 -26.37 -22.88 39.25
N THR K 745 -27.50 -23.57 39.38
CA THR K 745 -27.89 -24.31 40.58
C THR K 745 -28.58 -25.57 40.11
N GLY K 746 -29.25 -26.26 41.03
CA GLY K 746 -30.05 -27.40 40.68
C GLY K 746 -31.29 -27.04 39.88
N SER K 747 -31.83 -25.83 40.11
CA SER K 747 -33.08 -25.37 39.51
C SER K 747 -32.94 -24.15 38.61
N LEU K 748 -31.90 -23.34 38.78
CA LEU K 748 -31.60 -22.26 37.83
C LEU K 748 -30.88 -22.83 36.61
N ARG K 749 -31.32 -22.44 35.40
CA ARG K 749 -30.59 -22.81 34.18
C ARG K 749 -30.69 -21.69 33.15
N LEU K 750 -29.56 -21.42 32.49
CA LEU K 750 -29.42 -20.37 31.50
C LEU K 750 -29.24 -20.96 30.10
N PHE K 751 -29.77 -20.24 29.09
CA PHE K 751 -29.75 -20.64 27.69
C PHE K 751 -29.35 -19.48 26.78
N PRO K 752 -28.13 -19.42 26.19
CA PRO K 752 -27.81 -18.29 25.30
C PRO K 752 -28.63 -18.29 24.02
N SER K 753 -28.36 -17.32 23.14
CA SER K 753 -29.15 -17.08 21.93
C SER K 753 -28.24 -17.18 20.71
N GLU K 754 -28.86 -16.98 19.55
CA GLU K 754 -28.15 -17.08 18.27
C GLU K 754 -27.07 -16.02 18.14
N ARG K 755 -27.25 -14.86 18.76
CA ARG K 755 -26.34 -13.75 18.55
C ARG K 755 -25.13 -13.79 19.47
N VAL K 756 -24.97 -14.85 20.26
CA VAL K 756 -23.80 -15.09 21.09
C VAL K 756 -22.96 -16.23 20.51
N LEU K 757 -23.61 -17.20 19.90
CA LEU K 757 -23.01 -18.42 19.41
C LEU K 757 -22.50 -18.28 17.99
N THR K 758 -23.01 -17.30 17.23
CA THR K 758 -22.73 -17.11 15.81
C THR K 758 -21.83 -15.90 15.55
N THR K 759 -21.14 -15.40 16.57
CA THR K 759 -20.33 -14.19 16.46
C THR K 759 -18.86 -14.60 16.45
N ASN K 760 -18.09 -13.96 15.56
CA ASN K 760 -16.71 -14.36 15.35
C ASN K 760 -15.92 -14.06 16.61
N SER K 761 -15.56 -15.12 17.34
CA SER K 761 -14.79 -14.97 18.56
C SER K 761 -14.20 -16.34 18.91
N THR K 762 -13.70 -16.44 20.13
CA THR K 762 -13.33 -17.72 20.74
C THR K 762 -14.51 -18.52 21.30
N PHE K 763 -15.74 -18.03 21.12
CA PHE K 763 -16.96 -18.65 21.62
C PHE K 763 -17.89 -19.04 20.48
N LYS K 764 -17.47 -18.88 19.22
CA LYS K 764 -18.28 -19.24 18.08
C LYS K 764 -18.56 -20.74 18.04
N VAL K 765 -19.79 -21.07 17.65
CA VAL K 765 -20.30 -22.43 17.65
C VAL K 765 -20.84 -22.81 16.28
N PHE K 766 -21.57 -21.91 15.64
CA PHE K 766 -22.19 -22.18 14.36
C PHE K 766 -22.36 -20.85 13.64
N ASP K 767 -23.16 -20.85 12.57
CA ASP K 767 -23.46 -19.66 11.79
C ASP K 767 -24.96 -19.62 11.53
N SER K 768 -25.48 -18.38 11.43
CA SER K 768 -26.92 -18.18 11.24
C SER K 768 -27.41 -18.78 9.94
N GLU K 769 -26.56 -18.88 8.92
CA GLU K 769 -26.88 -19.50 7.65
C GLU K 769 -25.72 -20.41 7.30
N ASP K 770 -26.00 -21.70 7.16
CA ASP K 770 -24.97 -22.71 6.98
C ASP K 770 -24.20 -22.47 5.69
N PHE K 771 -22.91 -22.80 5.74
CA PHE K 771 -21.92 -22.73 4.64
C PHE K 771 -21.44 -21.30 4.41
N ILE K 772 -21.70 -20.38 5.34
CA ILE K 772 -21.41 -18.96 5.19
C ILE K 772 -20.95 -18.52 6.57
N ILE K 773 -19.67 -18.17 6.71
CA ILE K 773 -19.35 -17.39 7.90
C ILE K 773 -20.06 -16.05 7.75
N GLU K 774 -20.44 -15.45 8.88
CA GLU K 774 -21.09 -14.15 8.91
C GLU K 774 -20.24 -13.15 9.66
N TYR K 775 -20.24 -11.92 9.15
CA TYR K 775 -19.57 -10.80 9.75
C TYR K 775 -20.68 -9.83 10.17
N GLY K 776 -20.28 -8.64 10.64
CA GLY K 776 -21.17 -7.64 11.18
C GLY K 776 -21.10 -6.23 10.63
N THR K 777 -22.15 -5.82 9.93
CA THR K 777 -22.30 -4.42 9.52
C THR K 777 -22.95 -3.56 10.60
N THR K 778 -23.56 -4.14 11.63
CA THR K 778 -24.38 -3.38 12.56
C THR K 778 -23.52 -2.90 13.71
N ASP K 779 -24.11 -2.04 14.53
CA ASP K 779 -23.53 -1.68 15.82
C ASP K 779 -23.40 -2.88 16.74
N ASP K 780 -24.37 -3.80 16.72
CA ASP K 780 -24.52 -4.71 17.85
C ASP K 780 -23.45 -5.80 17.82
N GLU K 781 -23.11 -6.31 16.63
CA GLU K 781 -22.05 -7.32 16.54
C GLU K 781 -20.72 -6.70 16.92
N VAL K 782 -20.48 -5.47 16.45
CA VAL K 782 -19.33 -4.68 16.89
C VAL K 782 -19.28 -4.60 18.40
N TYR K 783 -20.43 -4.33 19.04
CA TYR K 783 -20.47 -4.13 20.48
C TYR K 783 -20.05 -5.37 21.24
N ILE K 784 -20.68 -6.51 20.92
CA ILE K 784 -20.34 -7.72 21.65
C ILE K 784 -19.00 -8.28 21.21
N GLN K 785 -18.52 -7.98 20.00
CA GLN K 785 -17.21 -8.46 19.60
C GLN K 785 -16.13 -7.71 20.34
N ARG K 786 -16.23 -6.37 20.40
CA ARG K 786 -15.37 -5.59 21.29
C ARG K 786 -15.45 -6.08 22.73
N ALA K 787 -16.65 -6.48 23.19
CA ALA K 787 -16.73 -6.97 24.56
C ALA K 787 -16.02 -8.30 24.73
N PHE K 788 -16.22 -9.25 23.81
CA PHE K 788 -15.66 -10.58 24.00
C PHE K 788 -14.18 -10.66 23.69
N MET K 789 -13.68 -9.81 22.79
CA MET K 789 -12.23 -9.77 22.54
C MET K 789 -11.48 -9.27 23.77
N SER K 790 -12.07 -8.33 24.51
CA SER K 790 -11.50 -7.90 25.78
C SER K 790 -11.35 -9.05 26.79
N LEU K 791 -12.19 -10.10 26.69
CA LEU K 791 -12.24 -11.19 27.65
C LEU K 791 -11.47 -12.44 27.24
N SER K 792 -11.11 -12.60 25.97
CA SER K 792 -10.41 -13.81 25.54
C SER K 792 -9.07 -13.98 26.24
N SER K 793 -8.41 -12.88 26.56
CA SER K 793 -7.08 -12.94 27.16
C SER K 793 -7.28 -13.19 28.65
N GLN K 794 -6.82 -14.34 29.14
CA GLN K 794 -7.07 -14.79 30.50
C GLN K 794 -5.80 -15.44 31.02
N LYS K 795 -5.82 -15.84 32.29
CA LYS K 795 -4.64 -16.32 33.01
C LYS K 795 -4.88 -17.73 33.51
N SER K 796 -3.78 -18.40 33.85
CA SER K 796 -3.79 -19.73 34.43
C SER K 796 -2.76 -19.77 35.54
N GLY K 797 -3.22 -19.82 36.80
CA GLY K 797 -2.28 -19.83 37.91
C GLY K 797 -1.37 -21.04 37.90
N ILE K 798 -1.88 -22.18 37.39
CA ILE K 798 -1.08 -23.39 37.27
C ILE K 798 0.07 -23.13 36.31
N ALA K 799 -0.22 -22.48 35.19
CA ALA K 799 0.82 -22.12 34.23
C ALA K 799 1.79 -21.11 34.82
N ASP K 800 1.27 -20.19 35.64
CA ASP K 800 2.10 -19.15 36.23
C ASP K 800 3.11 -19.76 37.19
N GLU K 801 2.68 -20.75 37.97
CA GLU K 801 3.57 -21.37 38.95
C GLU K 801 4.51 -22.36 38.27
N ILE K 802 4.09 -22.99 37.17
CA ILE K 802 5.00 -23.87 36.45
C ILE K 802 6.07 -23.03 35.78
N ALA K 803 5.68 -21.91 35.17
CA ALA K 803 6.65 -21.03 34.52
C ALA K 803 7.55 -20.27 35.50
N ALA K 804 7.23 -20.29 36.80
CA ALA K 804 8.03 -19.67 37.84
C ALA K 804 8.87 -20.68 38.61
N SER K 805 8.84 -21.96 38.23
CA SER K 805 9.63 -22.98 38.90
C SER K 805 11.08 -22.90 38.42
N SER K 806 11.88 -23.90 38.78
CA SER K 806 13.29 -23.95 38.43
C SER K 806 13.54 -24.68 37.13
N THR K 807 12.76 -25.71 36.84
CA THR K 807 12.98 -26.48 35.63
C THR K 807 12.68 -25.68 34.37
N PHE K 808 11.62 -24.88 34.38
CA PHE K 808 11.33 -24.02 33.22
C PHE K 808 12.44 -23.01 32.96
N LYS K 809 12.92 -22.35 34.02
CA LYS K 809 14.03 -21.41 33.88
C LYS K 809 15.29 -22.11 33.38
N ASN K 810 15.56 -23.28 33.97
CA ASN K 810 16.68 -24.11 33.57
C ASN K 810 16.56 -24.53 32.11
N TYR K 811 15.36 -24.91 31.70
CA TYR K 811 15.09 -25.33 30.34
C TYR K 811 15.37 -24.21 29.35
N VAL K 812 14.93 -23.00 29.67
CA VAL K 812 15.21 -21.87 28.78
C VAL K 812 16.70 -21.60 28.73
N SER K 813 17.36 -21.67 29.88
CA SER K 813 18.81 -21.44 29.94
C SER K 813 19.58 -22.48 29.15
N ARG K 814 19.19 -23.75 29.27
CA ARG K 814 19.89 -24.82 28.58
C ARG K 814 19.67 -24.75 27.07
N LEU K 815 18.44 -24.45 26.63
CA LEU K 815 18.20 -24.13 25.22
C LEU K 815 19.12 -23.01 24.74
N SER K 816 19.20 -21.93 25.53
CA SER K 816 19.99 -20.74 25.23
C SER K 816 21.47 -21.08 25.04
N GLU K 817 22.10 -21.66 26.06
CA GLU K 817 23.54 -21.93 26.15
C GLU K 817 24.07 -22.84 25.06
N GLN K 818 23.22 -23.54 24.30
CA GLN K 818 23.73 -24.24 23.13
C GLN K 818 24.09 -23.26 22.01
N LEU K 819 23.63 -22.00 22.09
CA LEU K 819 23.96 -20.92 21.17
C LEU K 819 24.77 -19.89 21.96
N LEU K 820 25.10 -18.78 21.31
CA LEU K 820 25.84 -17.63 21.86
C LEU K 820 25.25 -17.10 23.16
N PHE K 821 26.02 -16.23 23.85
CA PHE K 821 25.79 -15.84 25.24
C PHE K 821 25.97 -14.32 25.36
N SER K 822 25.20 -13.59 24.53
CA SER K 822 25.12 -12.14 24.67
C SER K 822 23.71 -11.58 24.45
N LYS K 823 22.66 -12.40 24.63
CA LYS K 823 21.28 -11.92 24.65
C LYS K 823 20.52 -12.65 25.74
N ASN K 824 19.86 -11.89 26.61
CA ASN K 824 19.29 -12.40 27.87
C ASN K 824 17.91 -11.87 28.19
N ASN K 825 17.44 -10.80 27.55
CA ASN K 825 16.13 -10.19 27.77
C ASN K 825 15.29 -10.05 26.50
N ILE K 826 15.68 -10.71 25.40
CA ILE K 826 15.06 -10.58 24.08
C ILE K 826 14.61 -11.91 23.50
N VAL K 827 15.30 -13.01 23.86
CA VAL K 827 15.01 -14.34 23.35
C VAL K 827 14.64 -15.30 24.45
N SER K 828 15.33 -15.25 25.61
CA SER K 828 14.99 -16.16 26.69
C SER K 828 13.54 -15.97 27.10
N ARG K 829 13.11 -14.70 27.19
CA ARG K 829 11.69 -14.41 27.38
C ARG K 829 10.89 -14.88 26.16
N GLY K 830 11.45 -14.73 24.96
CA GLY K 830 10.79 -15.21 23.76
C GLY K 830 10.61 -16.71 23.74
N ILE K 831 11.62 -17.45 24.19
CA ILE K 831 11.51 -18.90 24.16
C ILE K 831 10.57 -19.34 25.26
N ALA K 832 10.57 -18.63 26.38
CA ALA K 832 9.59 -18.94 27.43
C ALA K 832 8.18 -18.65 26.96
N LEU K 833 7.95 -17.47 26.36
CA LEU K 833 6.67 -17.13 25.76
C LEU K 833 6.22 -18.12 24.70
N THR K 834 7.16 -18.74 23.98
CA THR K 834 6.78 -19.72 22.97
C THR K 834 6.45 -21.06 23.60
N GLU K 835 7.23 -21.47 24.60
CA GLU K 835 6.91 -22.70 25.33
C GLU K 835 5.56 -22.61 26.02
N LYS K 836 5.21 -21.42 26.55
CA LYS K 836 3.86 -21.17 27.09
C LYS K 836 2.75 -21.52 26.11
N ALA K 837 2.98 -21.29 24.81
CA ALA K 837 1.95 -21.61 23.83
C ALA K 837 1.68 -23.12 23.74
N LYS K 838 2.59 -23.98 24.25
CA LYS K 838 2.45 -25.44 24.24
C LYS K 838 2.47 -26.02 25.65
N LEU K 839 2.55 -25.19 26.71
CA LEU K 839 2.14 -25.68 28.02
C LEU K 839 0.62 -25.79 28.09
N ASN K 840 -0.10 -24.98 27.30
CA ASN K 840 -1.56 -24.94 27.39
C ASN K 840 -2.20 -26.24 26.93
N SER K 841 -1.46 -27.08 26.19
CA SER K 841 -1.87 -28.43 25.84
C SER K 841 -2.19 -29.25 27.08
N TYR K 842 -1.48 -29.00 28.18
CA TYR K 842 -1.78 -29.65 29.44
C TYR K 842 -3.17 -29.27 29.86
N ALA K 843 -3.99 -30.30 30.13
CA ALA K 843 -5.44 -30.11 30.16
C ALA K 843 -5.88 -29.21 31.30
N PRO K 844 -5.45 -29.42 32.56
CA PRO K 844 -5.85 -28.50 33.65
C PRO K 844 -5.55 -27.03 33.42
N ILE K 845 -4.47 -26.70 32.72
CA ILE K 845 -4.22 -25.30 32.35
C ILE K 845 -5.34 -24.76 31.45
N SER K 846 -5.63 -25.49 30.37
CA SER K 846 -6.70 -25.09 29.46
C SER K 846 -8.05 -25.05 30.14
N LEU K 847 -8.32 -26.01 31.03
CA LEU K 847 -9.59 -26.04 31.74
C LEU K 847 -9.71 -24.87 32.71
N GLU K 848 -8.65 -24.59 33.47
CA GLU K 848 -8.63 -23.43 34.36
C GLU K 848 -8.93 -22.16 33.57
N LYS K 849 -8.25 -21.99 32.44
CA LYS K 849 -8.38 -20.78 31.66
C LYS K 849 -9.77 -20.68 31.07
N ARG K 850 -10.28 -21.78 30.54
CA ARG K 850 -11.57 -21.75 29.87
C ARG K 850 -12.73 -21.67 30.85
N ARG K 851 -12.69 -22.41 31.96
CA ARG K 851 -13.71 -22.23 32.99
C ARG K 851 -13.71 -20.81 33.55
N ALA K 852 -12.52 -20.20 33.68
CA ALA K 852 -12.43 -18.81 34.10
C ALA K 852 -13.04 -17.88 33.07
N GLN K 853 -12.75 -18.14 31.81
CA GLN K 853 -13.30 -17.40 30.68
C GLN K 853 -14.83 -17.48 30.65
N ILE K 854 -15.38 -18.67 30.88
CA ILE K 854 -16.84 -18.84 30.89
C ILE K 854 -17.45 -18.10 32.08
N SER K 855 -16.77 -18.11 33.22
CA SER K 855 -17.27 -17.40 34.38
C SER K 855 -17.31 -15.89 34.09
N ALA K 856 -16.26 -15.39 33.44
CA ALA K 856 -16.24 -13.99 33.05
C ALA K 856 -17.36 -13.67 32.07
N LEU K 857 -17.67 -14.62 31.17
CA LEU K 857 -18.82 -14.44 30.29
C LEU K 857 -20.11 -14.38 31.08
N LEU K 858 -20.28 -15.25 32.07
CA LEU K 858 -21.54 -15.34 32.78
C LEU K 858 -21.75 -14.14 33.67
N THR K 859 -20.67 -13.57 34.22
CA THR K 859 -20.85 -12.37 35.04
C THR K 859 -21.17 -11.08 34.21
N MET K 860 -21.36 -11.16 32.87
CA MET K 860 -21.98 -10.11 32.08
C MET K 860 -23.12 -10.62 31.22
N LEU K 861 -23.38 -11.93 31.16
CA LEU K 861 -24.68 -12.44 30.72
C LEU K 861 -25.79 -12.21 31.74
N GLN K 862 -25.53 -12.41 33.04
CA GLN K 862 -26.56 -12.14 34.04
C GLN K 862 -26.93 -10.66 34.04
N LYS K 863 -25.98 -9.81 34.41
CA LYS K 863 -26.24 -8.39 34.58
C LYS K 863 -26.05 -7.70 33.24
N PRO K 864 -26.35 -6.37 33.13
CA PRO K 864 -26.17 -5.71 31.84
C PRO K 864 -24.73 -5.65 31.34
N VAL K 865 -24.54 -4.98 30.21
CA VAL K 865 -23.35 -5.15 29.38
C VAL K 865 -22.41 -3.96 29.49
N THR K 866 -21.21 -4.13 28.92
CA THR K 866 -20.05 -3.25 29.09
C THR K 866 -19.60 -2.83 27.69
N PHE K 867 -19.05 -1.61 27.61
CA PHE K 867 -18.61 -1.05 26.34
C PHE K 867 -17.22 -1.49 25.90
N LYS K 868 -16.34 -1.90 26.82
CA LYS K 868 -15.09 -2.61 26.51
C LYS K 868 -13.97 -1.73 25.97
N SER K 869 -14.20 -0.43 25.80
CA SER K 869 -13.15 0.56 25.58
C SER K 869 -12.40 0.42 24.27
N SER K 870 -13.15 0.49 23.16
CA SER K 870 -12.64 0.81 21.83
C SER K 870 -11.77 -0.23 21.12
N LYS K 871 -11.47 -1.39 21.73
CA LYS K 871 -10.51 -2.34 21.17
C LYS K 871 -11.01 -2.86 19.80
N ILE K 872 -10.23 -2.54 18.77
CA ILE K 872 -10.62 -2.67 17.37
C ILE K 872 -10.57 -4.13 16.91
N THR K 873 -11.50 -4.48 16.02
CA THR K 873 -11.63 -5.82 15.47
C THR K 873 -11.96 -5.69 13.98
N ILE K 874 -12.40 -6.79 13.37
CA ILE K 874 -12.59 -6.87 11.93
C ILE K 874 -13.89 -6.19 11.52
N ASN K 875 -14.97 -6.47 12.25
CA ASN K 875 -16.27 -5.92 11.92
C ASN K 875 -16.31 -4.39 12.02
N ASP K 876 -15.43 -3.79 12.82
CA ASP K 876 -15.23 -2.35 12.78
C ASP K 876 -14.84 -1.88 11.39
N ILE K 877 -13.98 -2.63 10.72
CA ILE K 877 -13.52 -2.27 9.38
C ILE K 877 -14.64 -2.50 8.38
N LEU K 878 -15.28 -3.67 8.46
CA LEU K 878 -16.34 -4.01 7.51
C LEU K 878 -17.52 -3.05 7.61
N ARG K 879 -17.81 -2.57 8.83
CA ARG K 879 -18.81 -1.53 9.05
C ARG K 879 -18.54 -0.30 8.20
N ASP K 880 -17.29 0.05 7.98
CA ASP K 880 -16.91 1.23 7.22
C ASP K 880 -16.80 0.93 5.73
N ILE K 881 -16.47 -0.30 5.36
CA ILE K 881 -16.40 -0.64 3.95
C ILE K 881 -17.79 -0.78 3.32
N LYS K 882 -18.77 -1.28 4.07
CA LYS K 882 -20.09 -1.58 3.47
C LYS K 882 -20.88 -0.42 2.89
N PRO K 883 -20.96 0.81 3.48
CA PRO K 883 -21.94 1.78 2.98
C PRO K 883 -21.65 2.46 1.63
N PHE K 884 -20.67 2.00 0.88
CA PHE K 884 -20.35 2.46 -0.46
C PHE K 884 -20.33 1.29 -1.41
N PHE K 885 -21.38 0.48 -1.31
CA PHE K 885 -21.68 -0.58 -2.25
C PHE K 885 -23.04 -0.25 -2.88
N THR K 886 -23.31 -0.90 -4.01
CA THR K 886 -24.58 -0.73 -4.71
C THR K 886 -24.86 -2.00 -5.48
N VAL K 887 -26.02 -2.58 -5.21
CA VAL K 887 -26.43 -3.86 -5.78
C VAL K 887 -27.39 -3.64 -6.95
N ASN K 888 -27.36 -4.59 -7.88
CA ASN K 888 -28.27 -4.63 -9.02
C ASN K 888 -28.46 -6.09 -9.40
N GLU K 889 -29.68 -6.42 -9.81
CA GLU K 889 -29.97 -7.80 -10.19
C GLU K 889 -29.24 -8.15 -11.48
N ALA K 890 -28.54 -9.27 -11.45
CA ALA K 890 -27.86 -9.85 -12.61
C ALA K 890 -28.43 -11.24 -12.91
N HIS K 891 -27.82 -11.89 -13.89
CA HIS K 891 -28.25 -13.20 -14.35
C HIS K 891 -27.05 -13.87 -15.02
N LEU K 892 -26.37 -14.81 -14.25
CA LEU K 892 -25.31 -15.59 -14.86
C LEU K 892 -25.87 -16.86 -15.49
N PRO K 893 -25.26 -17.38 -16.59
CA PRO K 893 -25.79 -18.61 -17.18
C PRO K 893 -25.13 -19.83 -16.57
N ILE K 894 -25.48 -21.01 -17.07
CA ILE K 894 -24.92 -22.27 -16.63
C ILE K 894 -23.99 -22.74 -17.73
N GLN K 895 -22.69 -22.80 -17.42
CA GLN K 895 -21.66 -23.24 -18.35
C GLN K 895 -20.55 -24.08 -17.73
N TYR K 896 -20.62 -24.41 -16.44
CA TYR K 896 -19.63 -25.23 -15.74
C TYR K 896 -20.23 -26.53 -15.27
N GLN K 897 -19.39 -27.55 -15.23
CA GLN K 897 -19.83 -28.93 -15.13
C GLN K 897 -19.88 -29.37 -13.67
N LYS K 898 -20.83 -30.24 -13.37
CA LYS K 898 -20.90 -30.87 -12.06
C LYS K 898 -19.85 -31.96 -12.00
N PHE K 899 -19.07 -31.95 -10.94
CA PHE K 899 -18.16 -33.05 -10.64
C PHE K 899 -18.12 -33.38 -9.15
N MET K 900 -19.01 -32.80 -8.33
CA MET K 900 -19.22 -33.21 -6.94
C MET K 900 -20.73 -33.30 -6.73
N PRO K 901 -21.38 -34.38 -7.23
CA PRO K 901 -22.85 -34.48 -7.13
C PRO K 901 -23.44 -34.42 -5.73
N THR K 902 -22.79 -34.96 -4.72
CA THR K 902 -23.39 -35.04 -3.38
C THR K 902 -23.58 -33.68 -2.69
N LEU K 903 -23.13 -32.57 -3.28
CA LEU K 903 -23.28 -31.28 -2.66
C LEU K 903 -24.75 -30.85 -2.67
N PRO K 904 -25.14 -29.93 -1.78
CA PRO K 904 -26.43 -29.27 -1.93
C PRO K 904 -26.54 -28.48 -3.22
N ASP K 905 -27.78 -28.34 -3.68
CA ASP K 905 -28.01 -27.83 -5.03
C ASP K 905 -27.65 -26.36 -5.14
N ASN K 906 -27.63 -25.61 -4.04
CA ASN K 906 -27.26 -24.20 -4.13
C ASN K 906 -25.74 -24.04 -4.31
N VAL K 907 -24.95 -24.76 -3.50
CA VAL K 907 -23.51 -24.79 -3.68
C VAL K 907 -23.17 -25.33 -5.07
N GLN K 908 -23.90 -26.35 -5.51
CA GLN K 908 -23.66 -26.94 -6.81
C GLN K 908 -24.05 -25.96 -7.92
N TYR K 909 -25.15 -25.22 -7.71
CA TYR K 909 -25.57 -24.16 -8.62
C TYR K 909 -24.49 -23.11 -8.79
N ILE K 910 -23.77 -22.82 -7.72
CA ILE K 910 -22.64 -21.91 -7.81
C ILE K 910 -21.54 -22.54 -8.65
N ILE K 911 -21.18 -23.78 -8.32
CA ILE K 911 -20.23 -24.55 -9.12
C ILE K 911 -20.72 -24.71 -10.55
N GLN K 912 -22.04 -24.77 -10.76
CA GLN K 912 -22.63 -24.92 -12.08
C GLN K 912 -22.78 -23.58 -12.81
N CYS K 913 -22.29 -22.44 -12.23
CA CYS K 913 -22.34 -21.11 -12.84
C CYS K 913 -20.99 -20.41 -12.87
N ILE K 914 -20.16 -20.59 -11.84
CA ILE K 914 -18.75 -20.21 -11.89
C ILE K 914 -17.92 -21.47 -11.79
N GLY K 915 -16.60 -21.34 -11.87
CA GLY K 915 -15.73 -22.48 -11.91
C GLY K 915 -15.34 -23.00 -10.55
N SER K 916 -14.79 -24.22 -10.57
CA SER K 916 -14.04 -24.77 -9.47
C SER K 916 -12.58 -24.36 -9.63
N ARG K 917 -11.74 -24.78 -8.69
CA ARG K 917 -10.63 -23.94 -8.25
C ARG K 917 -9.53 -23.78 -9.30
N THR K 918 -9.15 -22.53 -9.53
CA THR K 918 -7.83 -22.16 -10.02
C THR K 918 -7.06 -21.63 -8.82
N TYR K 919 -6.19 -22.47 -8.27
CA TYR K 919 -5.67 -22.26 -6.93
C TYR K 919 -4.61 -21.16 -6.94
N GLN K 920 -4.48 -20.47 -5.80
CA GLN K 920 -3.55 -19.36 -5.60
C GLN K 920 -2.82 -19.51 -4.27
N ILE K 921 -1.72 -18.76 -4.17
CA ILE K 921 -0.85 -18.69 -2.99
C ILE K 921 -0.55 -17.22 -2.74
N GLU K 922 -0.46 -16.84 -1.47
CA GLU K 922 -0.02 -15.52 -1.04
C GLU K 922 1.29 -15.55 -0.25
N ASP K 923 1.46 -16.49 0.67
CA ASP K 923 2.71 -16.74 1.36
C ASP K 923 2.74 -18.20 1.81
N ASP K 924 3.83 -18.90 1.49
CA ASP K 924 4.08 -20.25 2.02
C ASP K 924 4.93 -20.19 3.28
N GLY K 925 4.59 -19.30 4.20
CA GLY K 925 5.15 -19.28 5.53
C GLY K 925 6.37 -18.39 5.68
N SER K 926 6.15 -17.17 6.19
CA SER K 926 7.21 -16.24 6.62
C SER K 926 8.22 -15.96 5.52
N LYS K 927 7.72 -15.73 4.31
CA LYS K 927 8.59 -15.71 3.14
C LYS K 927 9.44 -14.45 3.05
N SER K 928 9.04 -13.37 3.73
CA SER K 928 9.28 -12.02 3.24
C SER K 928 10.74 -11.59 3.09
N ALA K 929 11.47 -11.38 4.20
CA ALA K 929 12.87 -10.95 4.15
C ALA K 929 13.80 -11.62 5.13
N ILE K 930 13.34 -12.04 6.32
CA ILE K 930 14.22 -12.19 7.49
C ILE K 930 14.13 -13.58 8.09
N SER K 931 13.00 -14.25 7.94
CA SER K 931 12.91 -15.57 8.53
C SER K 931 13.52 -16.61 7.62
N ARG K 932 13.65 -16.34 6.31
CA ARG K 932 14.31 -17.27 5.43
C ARG K 932 15.83 -17.17 5.51
N LEU K 933 16.37 -16.12 6.17
CA LEU K 933 17.78 -16.09 6.58
C LEU K 933 18.04 -16.87 7.86
N ILE K 934 17.16 -16.68 8.84
CA ILE K 934 17.29 -17.31 10.14
C ILE K 934 17.03 -18.80 10.01
N SER K 935 16.09 -19.18 9.15
CA SER K 935 15.82 -20.58 8.85
C SER K 935 16.93 -21.24 8.03
N LYS K 936 17.93 -20.48 7.56
CA LYS K 936 19.10 -20.98 6.86
C LYS K 936 20.26 -21.13 7.84
N TYR K 937 20.37 -20.22 8.82
CA TYR K 937 21.46 -20.24 9.81
C TYR K 937 21.01 -20.81 11.15
N SER K 938 19.74 -21.19 11.29
CA SER K 938 19.15 -21.61 12.54
C SER K 938 17.82 -22.25 12.14
N VAL K 939 16.99 -22.59 13.12
CA VAL K 939 15.62 -23.01 12.89
C VAL K 939 14.62 -22.09 13.58
N TYR K 940 15.10 -21.10 14.34
CA TYR K 940 14.27 -20.40 15.32
C TYR K 940 13.28 -19.51 14.58
N LYS K 941 12.10 -19.37 15.15
CA LYS K 941 10.94 -18.82 14.45
C LYS K 941 10.39 -17.70 15.32
N PRO K 942 11.08 -16.55 15.36
CA PRO K 942 10.62 -15.47 16.23
C PRO K 942 9.35 -14.84 15.66
N SER K 943 8.33 -14.74 16.52
CA SER K 943 7.01 -14.25 16.16
C SER K 943 7.03 -12.88 15.51
N ILE K 944 6.07 -12.64 14.62
CA ILE K 944 6.07 -11.42 13.82
C ILE K 944 5.78 -10.19 14.69
N GLU K 945 5.18 -10.39 15.87
CA GLU K 945 5.12 -9.35 16.90
C GLU K 945 6.54 -8.94 17.29
N GLU K 946 7.38 -9.94 17.53
CA GLU K 946 8.73 -9.70 17.99
C GLU K 946 9.53 -9.00 16.91
N LEU K 947 9.35 -9.40 15.65
CA LEU K 947 10.05 -8.73 14.56
C LEU K 947 9.55 -7.30 14.38
N TYR K 948 8.23 -7.09 14.43
CA TYR K 948 7.66 -5.75 14.33
C TYR K 948 8.19 -4.81 15.42
N LYS K 949 8.46 -5.36 16.62
CA LYS K 949 9.12 -4.58 17.66
C LYS K 949 10.62 -4.41 17.41
N VAL K 950 11.30 -5.53 17.10
CA VAL K 950 12.76 -5.56 16.94
C VAL K 950 13.24 -4.58 15.87
N ILE K 951 12.52 -4.49 14.75
CA ILE K 951 12.93 -3.58 13.69
C ILE K 951 12.76 -2.13 14.12
N SER K 952 11.84 -1.86 15.05
CA SER K 952 11.62 -0.50 15.51
C SER K 952 12.74 -0.02 16.44
N LEU K 953 13.65 -0.90 16.86
CA LEU K 953 14.72 -0.60 17.81
C LEU K 953 15.90 -0.10 16.98
N HIS K 954 16.97 0.35 17.65
CA HIS K 954 18.15 0.75 16.90
C HIS K 954 18.74 -0.38 16.08
N GLU K 955 19.61 -0.01 15.12
CA GLU K 955 20.31 -0.98 14.30
C GLU K 955 21.51 -1.63 15.00
N ASN K 956 21.77 -1.30 16.26
CA ASN K 956 22.94 -1.81 16.96
C ASN K 956 22.51 -3.08 17.65
N GLU K 957 21.48 -3.03 18.51
CA GLU K 957 21.17 -4.27 19.20
C GLU K 957 20.50 -5.25 18.24
N ILE K 958 19.94 -4.77 17.11
CA ILE K 958 19.55 -5.67 16.02
C ILE K 958 20.79 -6.40 15.49
N GLN K 959 21.91 -5.67 15.34
CA GLN K 959 23.13 -6.27 14.83
C GLN K 959 23.64 -7.31 15.82
N LEU K 960 23.59 -6.97 17.11
CA LEU K 960 23.98 -7.87 18.17
C LEU K 960 23.10 -9.11 18.16
N TYR K 961 21.79 -8.92 17.94
CA TYR K 961 20.84 -10.01 17.94
C TYR K 961 21.08 -10.96 16.77
N LEU K 962 21.46 -10.42 15.62
CA LEU K 962 21.73 -11.29 14.48
C LEU K 962 23.03 -12.02 14.68
N ILE K 963 24.06 -11.32 15.20
CA ILE K 963 25.32 -11.99 15.45
C ILE K 963 25.11 -13.07 16.52
N SER K 964 24.23 -12.81 17.49
CA SER K 964 23.94 -13.78 18.54
C SER K 964 23.27 -15.02 17.99
N LEU K 965 22.60 -14.93 16.83
CA LEU K 965 21.98 -16.10 16.21
C LEU K 965 22.91 -16.84 15.24
N GLY K 966 24.24 -16.68 15.40
CA GLY K 966 25.22 -17.36 14.56
C GLY K 966 25.66 -16.64 13.31
N ILE K 967 24.97 -15.58 12.90
CA ILE K 967 25.26 -14.91 11.64
C ILE K 967 26.59 -14.16 11.76
N PRO K 968 27.38 -13.99 10.68
CA PRO K 968 28.57 -13.14 10.76
C PRO K 968 28.21 -11.66 10.74
N LYS K 969 29.24 -10.81 10.76
CA LYS K 969 29.11 -9.36 10.84
C LYS K 969 28.93 -8.71 9.49
N ILE K 970 29.48 -9.31 8.45
CA ILE K 970 29.50 -8.70 7.12
C ILE K 970 28.08 -8.67 6.56
N ASP K 971 27.30 -9.74 6.74
CA ASP K 971 25.95 -9.75 6.20
C ASP K 971 25.03 -8.82 6.96
N ALA K 972 25.26 -8.66 8.25
CA ALA K 972 24.52 -7.66 9.03
C ALA K 972 24.85 -6.25 8.56
N ASP K 973 26.15 -5.97 8.38
CA ASP K 973 26.59 -4.70 7.82
C ASP K 973 25.94 -4.42 6.47
N THR K 974 25.86 -5.44 5.61
CA THR K 974 25.23 -5.26 4.31
C THR K 974 23.74 -5.01 4.44
N TYR K 975 23.10 -5.68 5.40
CA TYR K 975 21.67 -5.46 5.62
C TYR K 975 21.38 -4.05 6.11
N VAL K 976 22.22 -3.52 6.99
CA VAL K 976 22.00 -2.15 7.48
C VAL K 976 22.31 -1.14 6.40
N GLY K 977 23.30 -1.44 5.54
CA GLY K 977 23.67 -0.50 4.50
C GLY K 977 22.60 -0.45 3.42
N SER K 978 22.03 -1.61 3.09
CA SER K 978 20.96 -1.68 2.11
C SER K 978 19.74 -0.83 2.48
N LYS K 979 19.46 -0.65 3.78
CA LYS K 979 18.24 0.03 4.26
C LYS K 979 16.98 -0.71 3.82
N ILE K 980 16.90 -1.95 4.28
CA ILE K 980 15.77 -2.86 4.11
C ILE K 980 14.83 -2.91 5.33
N TYR K 981 15.21 -2.32 6.48
CA TYR K 981 14.33 -2.41 7.65
C TYR K 981 13.00 -1.67 7.48
N SER K 982 13.02 -0.51 6.85
CA SER K 982 11.78 0.15 6.45
C SER K 982 10.95 -0.68 5.46
N GLN K 983 11.63 -1.47 4.63
CA GLN K 983 10.87 -2.37 3.76
C GLN K 983 10.33 -3.52 4.54
N ASP K 984 11.02 -4.01 5.56
CA ASP K 984 10.44 -5.18 6.14
C ASP K 984 9.39 -4.79 7.17
N LYS K 985 9.30 -3.50 7.58
CA LYS K 985 8.10 -3.07 8.29
C LYS K 985 6.89 -3.25 7.38
N TYR K 986 7.06 -2.87 6.10
CA TYR K 986 5.89 -2.86 5.21
C TYR K 986 5.53 -4.28 4.80
N ARG K 987 6.55 -5.12 4.54
CA ARG K 987 6.29 -6.51 4.20
C ARG K 987 5.63 -7.25 5.36
N ILE K 988 6.12 -7.04 6.60
CA ILE K 988 5.49 -7.68 7.76
C ILE K 988 4.03 -7.24 7.91
N LEU K 989 3.73 -5.95 7.69
CA LEU K 989 2.34 -5.56 7.88
C LEU K 989 1.46 -6.09 6.75
N GLU K 990 2.03 -6.23 5.55
CA GLU K 990 1.36 -6.96 4.47
C GLU K 990 1.11 -8.41 4.86
N SER K 991 2.08 -9.04 5.53
CA SER K 991 1.88 -10.39 6.02
C SER K 991 0.81 -10.46 7.11
N TYR K 992 0.67 -9.40 7.91
CA TYR K 992 -0.38 -9.35 8.92
C TYR K 992 -1.77 -9.37 8.28
N VAL K 993 -1.97 -8.55 7.23
CA VAL K 993 -3.26 -8.63 6.55
C VAL K 993 -3.43 -9.98 5.84
N TYR K 994 -2.33 -10.57 5.34
CA TYR K 994 -2.42 -11.88 4.71
C TYR K 994 -2.75 -13.01 5.67
N ASN K 995 -2.63 -12.80 6.98
CA ASN K 995 -3.02 -13.83 7.95
C ASN K 995 -4.53 -14.08 8.02
N LEU K 996 -5.35 -13.27 7.35
CA LEU K 996 -6.78 -13.53 7.30
C LEU K 996 -7.03 -14.84 6.59
N LEU K 997 -7.36 -15.87 7.35
CA LEU K 997 -7.56 -17.22 6.84
C LEU K 997 -8.97 -17.46 6.31
N SER K 998 -9.79 -16.42 6.17
CA SER K 998 -11.22 -16.59 5.90
C SER K 998 -11.47 -16.75 4.39
N ILE K 999 -10.98 -17.87 3.87
CA ILE K 999 -11.25 -18.34 2.52
C ILE K 999 -11.62 -19.83 2.53
N ASN K 1000 -11.48 -20.52 3.68
CA ASN K 1000 -11.53 -21.98 3.73
C ASN K 1000 -12.22 -22.34 5.05
N TYR K 1001 -13.55 -22.47 4.99
CA TYR K 1001 -14.37 -23.00 6.06
C TYR K 1001 -15.18 -24.22 5.67
N GLY K 1002 -15.38 -24.47 4.38
CA GLY K 1002 -16.11 -25.63 3.90
C GLY K 1002 -16.86 -25.42 2.60
N CYS K 1003 -17.18 -24.18 2.26
CA CYS K 1003 -17.87 -23.80 1.04
C CYS K 1003 -17.11 -22.77 0.25
N TYR K 1004 -16.41 -21.86 0.92
CA TYR K 1004 -15.39 -21.04 0.30
C TYR K 1004 -14.15 -21.87 -0.04
N GLN K 1005 -13.98 -23.04 0.59
CA GLN K 1005 -12.93 -23.99 0.26
C GLN K 1005 -12.88 -24.35 -1.22
N LEU K 1006 -14.04 -24.39 -1.89
CA LEU K 1006 -14.21 -25.00 -3.18
C LEU K 1006 -14.42 -24.02 -4.34
N PHE K 1007 -14.77 -22.78 -4.07
CA PHE K 1007 -15.16 -21.82 -5.10
C PHE K 1007 -13.97 -21.09 -5.68
N ASP K 1008 -14.07 -20.81 -6.98
CA ASP K 1008 -13.04 -20.13 -7.76
C ASP K 1008 -13.36 -18.65 -7.82
N PHE K 1009 -12.58 -17.87 -7.09
CA PHE K 1009 -12.71 -16.43 -7.06
C PHE K 1009 -11.90 -15.72 -8.14
N ASN K 1010 -11.05 -16.44 -8.88
CA ASN K 1010 -10.40 -15.91 -10.07
C ASN K 1010 -11.23 -16.05 -11.34
N SER K 1011 -12.53 -16.30 -11.23
CA SER K 1011 -13.35 -16.62 -12.38
C SER K 1011 -13.56 -15.35 -13.21
N PRO K 1012 -13.82 -15.46 -14.53
CA PRO K 1012 -14.24 -14.26 -15.26
C PRO K 1012 -15.70 -13.89 -15.06
N ASP K 1013 -16.54 -14.85 -14.68
CA ASP K 1013 -17.96 -14.58 -14.58
C ASP K 1013 -18.27 -13.89 -13.27
N LEU K 1014 -17.65 -14.36 -12.19
CA LEU K 1014 -17.78 -13.64 -10.95
C LEU K 1014 -17.11 -12.27 -11.04
N GLU K 1015 -16.06 -12.14 -11.86
CA GLU K 1015 -15.28 -10.91 -11.82
C GLU K 1015 -16.01 -9.80 -12.54
N LYS K 1016 -16.66 -10.10 -13.67
CA LYS K 1016 -17.36 -9.05 -14.41
C LYS K 1016 -18.51 -8.42 -13.61
N LEU K 1017 -19.04 -9.13 -12.62
CA LEU K 1017 -19.96 -8.54 -11.66
C LEU K 1017 -19.27 -7.58 -10.70
N ILE K 1018 -18.00 -7.79 -10.37
CA ILE K 1018 -17.32 -7.02 -9.32
C ILE K 1018 -16.65 -5.85 -10.04
N ARG K 1019 -17.42 -4.78 -10.19
CA ARG K 1019 -16.99 -3.57 -10.90
C ARG K 1019 -16.55 -2.55 -9.87
N ILE K 1020 -15.35 -2.77 -9.33
CA ILE K 1020 -14.66 -1.90 -8.39
C ILE K 1020 -13.52 -1.21 -9.14
N PRO K 1021 -13.54 0.11 -9.35
CA PRO K 1021 -12.42 0.76 -10.05
C PRO K 1021 -11.12 0.72 -9.25
N PHE K 1022 -10.03 0.88 -9.99
CA PHE K 1022 -8.68 0.74 -9.48
C PHE K 1022 -8.15 2.12 -9.12
N LYS K 1023 -7.46 2.21 -7.98
CA LYS K 1023 -6.82 3.43 -7.50
C LYS K 1023 -5.30 3.34 -7.44
N GLY K 1024 -4.74 2.35 -6.76
CA GLY K 1024 -3.32 2.10 -6.84
C GLY K 1024 -2.59 2.64 -5.61
N LYS K 1025 -1.40 2.08 -5.37
CA LYS K 1025 -0.49 2.44 -4.28
C LYS K 1025 -1.03 2.11 -2.90
N ILE K 1026 -2.12 1.35 -2.78
CA ILE K 1026 -2.55 0.77 -1.52
C ILE K 1026 -2.97 -0.64 -1.91
N PRO K 1027 -2.06 -1.63 -1.97
CA PRO K 1027 -2.49 -2.92 -2.53
C PRO K 1027 -3.38 -3.71 -1.60
N ALA K 1028 -3.12 -3.63 -0.28
CA ALA K 1028 -3.86 -4.40 0.70
C ALA K 1028 -5.34 -4.06 0.68
N VAL K 1029 -5.65 -2.77 0.57
CA VAL K 1029 -7.04 -2.34 0.66
C VAL K 1029 -7.83 -2.80 -0.55
N THR K 1030 -7.32 -2.53 -1.76
CA THR K 1030 -8.03 -2.93 -2.98
C THR K 1030 -8.15 -4.45 -3.07
N PHE K 1031 -7.12 -5.16 -2.60
CA PHE K 1031 -7.16 -6.62 -2.50
C PHE K 1031 -8.34 -7.07 -1.63
N ILE K 1032 -8.39 -6.56 -0.41
CA ILE K 1032 -9.43 -6.97 0.54
C ILE K 1032 -10.79 -6.48 0.09
N LEU K 1033 -10.87 -5.34 -0.59
CA LEU K 1033 -12.16 -4.82 -1.05
C LEU K 1033 -12.74 -5.74 -2.11
N HIS K 1034 -11.93 -6.10 -3.11
CA HIS K 1034 -12.38 -7.02 -4.16
C HIS K 1034 -12.77 -8.36 -3.56
N LEU K 1035 -11.97 -8.84 -2.61
CA LEU K 1035 -12.25 -10.10 -1.92
C LEU K 1035 -13.57 -10.04 -1.17
N TYR K 1036 -13.78 -8.99 -0.38
CA TYR K 1036 -14.98 -8.84 0.41
C TYR K 1036 -16.22 -8.69 -0.45
N ALA K 1037 -16.08 -8.04 -1.60
CA ALA K 1037 -17.22 -7.88 -2.50
C ALA K 1037 -17.59 -9.23 -3.09
N LYS K 1038 -16.58 -10.01 -3.44
CA LYS K 1038 -16.80 -11.39 -3.86
C LYS K 1038 -17.55 -12.18 -2.79
N LEU K 1039 -17.13 -12.04 -1.53
CA LEU K 1039 -17.79 -12.77 -0.44
C LEU K 1039 -19.25 -12.35 -0.30
N GLU K 1040 -19.54 -11.05 -0.45
CA GLU K 1040 -20.92 -10.56 -0.45
C GLU K 1040 -21.74 -11.26 -1.53
N VAL K 1041 -21.24 -11.26 -2.77
CA VAL K 1041 -21.96 -11.86 -3.90
C VAL K 1041 -22.20 -13.35 -3.65
N ILE K 1042 -21.16 -14.03 -3.18
CA ILE K 1042 -21.24 -15.47 -2.97
C ILE K 1042 -22.21 -15.80 -1.85
N ASN K 1043 -22.21 -15.02 -0.77
CA ASN K 1043 -23.09 -15.34 0.34
C ASN K 1043 -24.54 -15.09 -0.01
N HIS K 1044 -24.81 -14.01 -0.73
CA HIS K 1044 -26.16 -13.77 -1.25
C HIS K 1044 -26.60 -14.90 -2.17
N ALA K 1045 -25.68 -15.38 -3.03
CA ALA K 1045 -25.97 -16.51 -3.91
C ALA K 1045 -26.32 -17.76 -3.13
N ILE K 1046 -25.54 -18.07 -2.09
CA ILE K 1046 -25.76 -19.29 -1.32
C ILE K 1046 -27.10 -19.24 -0.60
N LYS K 1047 -27.37 -18.11 0.05
CA LYS K 1047 -28.53 -18.01 0.91
C LYS K 1047 -29.82 -17.73 0.13
N ASN K 1048 -29.73 -17.21 -1.10
CA ASN K 1048 -30.91 -16.84 -1.88
C ASN K 1048 -30.91 -17.36 -3.31
N GLY K 1049 -29.83 -17.96 -3.79
CA GLY K 1049 -29.79 -18.48 -5.17
C GLY K 1049 -29.53 -17.47 -6.26
N SER K 1050 -30.22 -16.33 -6.23
CA SER K 1050 -30.05 -15.32 -7.26
C SER K 1050 -28.68 -14.70 -7.18
N TRP K 1051 -28.32 -14.00 -8.25
CA TRP K 1051 -27.05 -13.32 -8.38
C TRP K 1051 -27.24 -11.82 -8.30
N ILE K 1052 -26.13 -11.11 -8.06
CA ILE K 1052 -26.12 -9.66 -8.05
C ILE K 1052 -24.76 -9.18 -8.54
N SER K 1053 -24.72 -7.93 -8.98
CA SER K 1053 -23.51 -7.21 -9.31
C SER K 1053 -23.20 -6.27 -8.16
N LEU K 1054 -22.08 -5.56 -8.29
CA LEU K 1054 -21.66 -4.61 -7.28
C LEU K 1054 -20.91 -3.49 -7.95
N PHE K 1055 -20.67 -2.45 -7.17
CA PHE K 1055 -20.03 -1.22 -7.58
C PHE K 1055 -19.65 -0.48 -6.32
N CYS K 1056 -18.42 -0.03 -6.27
CA CYS K 1056 -17.86 0.68 -5.12
C CYS K 1056 -16.95 1.76 -5.66
N ASN K 1057 -17.50 2.98 -5.78
CA ASN K 1057 -16.72 4.17 -6.09
C ASN K 1057 -16.17 4.67 -4.76
N TYR K 1058 -15.17 3.93 -4.28
CA TYR K 1058 -14.75 4.11 -2.92
C TYR K 1058 -13.99 5.43 -2.80
N PRO K 1059 -14.36 6.33 -1.89
CA PRO K 1059 -13.62 7.60 -1.82
C PRO K 1059 -12.22 7.43 -1.28
N LYS K 1060 -11.31 8.26 -1.82
CA LYS K 1060 -9.91 8.25 -1.43
C LYS K 1060 -9.75 8.55 0.06
N SER K 1061 -10.62 9.44 0.57
CA SER K 1061 -10.66 9.78 1.98
C SER K 1061 -10.85 8.54 2.84
N GLU K 1062 -11.78 7.66 2.48
CA GLU K 1062 -12.01 6.48 3.30
C GLU K 1062 -10.90 5.45 3.15
N MET K 1063 -10.27 5.36 1.96
CA MET K 1063 -9.04 4.57 1.80
C MET K 1063 -8.02 4.97 2.85
N ILE K 1064 -7.82 6.27 3.02
CA ILE K 1064 -6.77 6.72 3.92
C ILE K 1064 -7.21 6.56 5.37
N LYS K 1065 -8.48 6.85 5.67
CA LYS K 1065 -9.02 6.69 7.02
C LYS K 1065 -8.97 5.23 7.47
N LEU K 1066 -9.12 4.31 6.52
CA LEU K 1066 -9.12 2.88 6.79
C LEU K 1066 -7.73 2.27 6.84
N TRP K 1067 -6.80 2.84 6.06
CA TRP K 1067 -5.41 2.40 5.97
C TRP K 1067 -4.71 2.26 7.30
N LYS K 1068 -5.03 3.08 8.29
CA LYS K 1068 -4.33 2.93 9.56
C LYS K 1068 -4.96 1.81 10.39
N LYS K 1069 -6.28 1.60 10.29
CA LYS K 1069 -6.86 0.42 10.94
C LYS K 1069 -6.57 -0.88 10.19
N MET K 1070 -6.13 -0.81 8.93
CA MET K 1070 -5.75 -2.00 8.17
C MET K 1070 -4.68 -2.79 8.89
N TRP K 1071 -3.52 -2.17 9.04
CA TRP K 1071 -2.29 -2.77 9.54
C TRP K 1071 -2.17 -2.62 11.05
N ASN K 1072 -3.25 -2.95 11.76
CA ASN K 1072 -3.28 -3.08 13.19
C ASN K 1072 -4.23 -4.23 13.52
N ILE K 1073 -4.19 -4.67 14.77
CA ILE K 1073 -4.97 -5.81 15.26
C ILE K 1073 -4.65 -7.07 14.45
#